data_8IOX
#
_entry.id   8IOX
#
_cell.length_a   226.750
_cell.length_b   392.760
_cell.length_c   324.648
_cell.angle_alpha   90.000
_cell.angle_beta   90.000
_cell.angle_gamma   90.000
#
_symmetry.space_group_name_H-M   'C 2 2 2'
#
loop_
_entity.id
_entity.type
_entity.pdbx_description
1 polymer 'Glucans biosynthesis protein D'
2 branched alpha-D-glucopyranose-(1-1)-alpha-D-glucopyranose
3 water water
#
_entity_poly.entity_id   1
_entity_poly.type   'polypeptide(L)'
_entity_poly.pdbx_seq_one_letter_code
;MDRRRFIKGSMAMAAVCGTSGIASLFSQAAFAADSDIADGQTQRFDFSILQSMAHDLAQTAWRGAPRPLPDTLATMTPQA
YNSIQYDAEKSLWHNVENRQLDAQFFHMGMGFRRRVRMFSVDPATHLAREIHFRPELFKYNDAGVDTKQLEGQSDLGFAG
FRVFKAPELARRDVVSFLGASYFRAVDDTYQYGLSARGLAIDTYTDSKEEFPDFTAFWFDTVKPGATTFTVYALLDSASI
TGAYKFTIHCEKSQVIMDVENHLYARKDIKQLGIAPMTSMFSCGTNERRMCDTIHPQIHDSDRLSMWRGNGEWICRPLNN
PQKLQFNAYTDNNPKGFGLLQLDRDFSHYQDIMGWYNKRPSLWVEPRNKWGKGTIGLMEIPTTGETLNNIVCFWQPEKAV
KAGDEFAFQYRLYWSAQPPVHCPLARVMATRTGMGGFSEGWAPGEHYPEKWARRFAVDFVGGDLKAAAPKGIEPVITLSS
GEAKQIEILYIEPIDGYRIQFDWYPTSDSTDPVDMRMYLRCQGDAISETWLYQYFPPAPDKRQYVDDRVMSLEHHHHHH
;
_entity_poly.pdbx_strand_id   A,B,C,D,E,F,G,H,I,J,K,L
#
# COMPACT_ATOMS: atom_id res chain seq x y z
N SER A 35 50.83 39.59 -0.63
CA SER A 35 51.14 38.19 -0.16
C SER A 35 50.22 37.19 -0.87
N ASP A 36 48.91 37.35 -0.74
CA ASP A 36 47.91 36.52 -1.45
C ASP A 36 48.09 36.81 -2.96
N ILE A 37 48.12 35.76 -3.79
CA ILE A 37 48.35 35.89 -5.25
C ILE A 37 47.21 36.63 -5.92
N ALA A 38 45.97 36.54 -5.40
CA ALA A 38 44.76 37.15 -6.00
C ALA A 38 44.64 38.63 -5.64
N ASP A 39 45.23 39.54 -6.44
CA ASP A 39 45.30 40.99 -6.10
C ASP A 39 44.77 41.85 -7.26
N GLY A 40 43.83 41.34 -8.04
CA GLY A 40 43.12 42.14 -9.06
C GLY A 40 42.04 43.03 -8.47
N GLN A 41 41.38 43.78 -9.36
CA GLN A 41 40.20 44.63 -9.05
C GLN A 41 39.27 43.73 -8.26
N THR A 42 38.84 44.20 -7.09
CA THR A 42 37.69 43.67 -6.31
C THR A 42 36.36 43.87 -7.07
N GLN A 43 35.53 42.84 -7.08
CA GLN A 43 34.18 42.77 -7.70
C GLN A 43 33.26 41.96 -6.81
N ARG A 44 31.98 42.25 -6.81
CA ARG A 44 31.04 41.39 -6.07
C ARG A 44 30.87 40.10 -6.88
N PHE A 45 30.87 38.95 -6.20
CA PHE A 45 30.62 37.63 -6.82
C PHE A 45 29.73 36.76 -5.93
N ASP A 46 28.74 36.12 -6.55
CA ASP A 46 27.99 35.01 -5.93
C ASP A 46 27.44 34.13 -7.04
N PHE A 47 26.72 33.05 -6.71
CA PHE A 47 26.33 32.02 -7.72
C PHE A 47 25.33 32.64 -8.72
N SER A 48 24.49 33.55 -8.25
CA SER A 48 23.50 34.24 -9.12
C SER A 48 24.19 35.25 -10.05
N ILE A 49 25.27 35.91 -9.61
CA ILE A 49 25.98 36.84 -10.53
C ILE A 49 26.54 36.03 -11.71
N LEU A 50 27.13 34.86 -11.44
CA LEU A 50 27.63 33.93 -12.48
C LEU A 50 26.49 33.46 -13.40
N GLN A 51 25.31 33.20 -12.86
CA GLN A 51 24.17 32.79 -13.71
C GLN A 51 23.81 33.94 -14.64
N SER A 52 23.82 35.15 -14.12
CA SER A 52 23.58 36.37 -14.93
C SER A 52 24.68 36.48 -15.99
N MET A 53 25.97 36.34 -15.61
CA MET A 53 27.11 36.44 -16.55
C MET A 53 26.84 35.46 -17.70
N ALA A 54 26.44 34.24 -17.36
CA ALA A 54 26.26 33.14 -18.32
C ALA A 54 25.02 33.41 -19.18
N HIS A 55 23.97 33.93 -18.57
CA HIS A 55 22.69 34.25 -19.26
C HIS A 55 22.96 35.37 -20.26
N ASP A 56 23.53 36.47 -19.75
CA ASP A 56 23.87 37.67 -20.55
C ASP A 56 24.77 37.23 -21.70
N LEU A 57 25.78 36.40 -21.40
CA LEU A 57 26.80 35.92 -22.38
C LEU A 57 26.14 35.17 -23.53
N ALA A 58 25.16 34.33 -23.22
CA ALA A 58 24.35 33.60 -24.21
C ALA A 58 23.65 34.57 -25.18
N GLN A 59 23.25 35.75 -24.73
CA GLN A 59 22.54 36.74 -25.60
C GLN A 59 23.50 37.37 -26.63
N THR A 60 24.83 37.30 -26.45
CA THR A 60 25.80 37.90 -27.42
C THR A 60 26.41 36.81 -28.30
N ALA A 61 27.14 37.22 -29.33
CA ALA A 61 27.87 36.29 -30.22
C ALA A 61 28.99 35.63 -29.40
N TRP A 62 29.15 34.33 -29.59
CA TRP A 62 30.27 33.53 -29.05
C TRP A 62 31.58 34.27 -29.32
N ARG A 63 32.43 34.31 -28.29
CA ARG A 63 33.79 34.92 -28.33
C ARG A 63 34.67 34.25 -29.40
N GLY A 64 34.39 33.01 -29.74
CA GLY A 64 35.07 32.34 -30.84
C GLY A 64 36.30 31.59 -30.36
N ALA A 65 37.01 30.92 -31.28
CA ALA A 65 38.24 30.16 -31.01
C ALA A 65 39.29 31.06 -30.37
N PRO A 66 40.20 30.52 -29.53
CA PRO A 66 41.20 31.34 -28.86
C PRO A 66 42.18 32.03 -29.81
N ARG A 67 42.57 33.27 -29.47
CA ARG A 67 43.65 34.01 -30.21
C ARG A 67 44.93 33.20 -30.02
N PRO A 68 45.82 33.15 -31.02
CA PRO A 68 47.05 32.37 -30.88
C PRO A 68 47.78 32.78 -29.60
N LEU A 69 48.55 31.86 -29.03
CA LEU A 69 49.41 32.15 -27.85
C LEU A 69 50.64 32.96 -28.27
N PRO A 70 51.30 33.61 -27.31
CA PRO A 70 52.63 34.18 -27.55
C PRO A 70 53.53 33.16 -28.23
N ASP A 71 54.34 33.60 -29.17
CA ASP A 71 55.23 32.75 -29.99
C ASP A 71 56.06 31.81 -29.12
N THR A 72 56.63 32.30 -28.01
CA THR A 72 57.50 31.49 -27.13
C THR A 72 56.74 30.24 -26.69
N LEU A 73 55.41 30.32 -26.52
CA LEU A 73 54.57 29.17 -26.04
C LEU A 73 53.97 28.39 -27.22
N ALA A 74 53.68 29.05 -28.33
CA ALA A 74 53.06 28.46 -29.53
C ALA A 74 53.92 27.31 -30.07
N THR A 75 55.24 27.34 -29.86
CA THR A 75 56.22 26.52 -30.61
C THR A 75 57.11 25.77 -29.61
N MET A 76 56.49 25.30 -28.54
CA MET A 76 57.20 24.68 -27.39
C MET A 76 57.40 23.19 -27.67
N THR A 77 58.61 22.66 -27.46
CA THR A 77 58.79 21.20 -27.25
C THR A 77 58.08 20.81 -25.96
N PRO A 78 57.41 19.64 -25.90
CA PRO A 78 56.98 19.06 -24.62
C PRO A 78 58.00 19.18 -23.48
N GLN A 79 59.29 18.85 -23.70
CA GLN A 79 60.36 18.99 -22.66
C GLN A 79 60.27 20.40 -22.06
N ALA A 80 60.14 21.41 -22.91
CA ALA A 80 60.24 22.84 -22.56
C ALA A 80 59.08 23.19 -21.62
N TYR A 81 57.86 22.81 -22.02
CA TYR A 81 56.59 23.02 -21.26
C TYR A 81 56.72 22.29 -19.93
N ASN A 82 57.12 21.03 -20.00
CA ASN A 82 57.20 20.14 -18.81
C ASN A 82 58.15 20.72 -17.77
N SER A 83 59.09 21.57 -18.16
CA SER A 83 60.14 22.07 -17.24
C SER A 83 59.69 23.42 -16.66
N ILE A 84 58.52 23.91 -17.11
CA ILE A 84 57.80 25.03 -16.42
C ILE A 84 57.11 24.43 -15.21
N GLN A 85 57.24 25.05 -14.03
CA GLN A 85 56.76 24.49 -12.73
C GLN A 85 56.11 25.62 -11.93
N TYR A 86 54.82 25.49 -11.60
CA TYR A 86 54.13 26.49 -10.74
C TYR A 86 54.98 26.67 -9.48
N ASP A 87 55.10 27.88 -8.93
CA ASP A 87 55.87 28.12 -7.69
C ASP A 87 55.05 27.70 -6.46
N ALA A 88 55.47 26.64 -5.80
CA ALA A 88 54.75 26.03 -4.66
C ALA A 88 54.51 27.05 -3.56
N GLU A 89 55.37 28.05 -3.44
CA GLU A 89 55.30 29.07 -2.37
C GLU A 89 54.38 30.23 -2.76
N LYS A 90 53.75 30.18 -3.94
CA LYS A 90 52.71 31.15 -4.42
C LYS A 90 51.41 30.39 -4.72
N SER A 91 51.18 29.31 -3.97
CA SER A 91 49.96 28.47 -4.14
C SER A 91 48.76 29.33 -3.75
N LEU A 92 47.57 28.89 -4.17
CA LEU A 92 46.33 29.68 -4.12
C LEU A 92 45.99 30.06 -2.68
N TRP A 93 46.33 29.19 -1.73
CA TRP A 93 45.85 29.25 -0.32
C TRP A 93 47.06 29.18 0.62
N HIS A 94 48.22 29.68 0.17
CA HIS A 94 49.50 29.69 0.94
C HIS A 94 49.27 30.40 2.28
N ASN A 95 48.36 31.38 2.36
CA ASN A 95 48.19 32.25 3.56
C ASN A 95 47.22 31.63 4.59
N VAL A 96 46.53 30.55 4.26
CA VAL A 96 45.48 29.99 5.17
C VAL A 96 46.18 29.06 6.16
N GLU A 97 46.05 29.29 7.46
CA GLU A 97 46.66 28.46 8.53
C GLU A 97 45.82 27.20 8.76
N ASN A 98 46.49 26.10 9.10
CA ASN A 98 45.88 24.76 9.35
C ASN A 98 45.15 24.32 8.08
N ARG A 99 45.59 24.82 6.92
CA ARG A 99 44.97 24.46 5.61
C ARG A 99 45.19 22.96 5.41
N GLN A 100 44.15 22.28 4.95
CA GLN A 100 44.22 20.83 4.66
C GLN A 100 44.18 20.64 3.15
N LEU A 101 44.15 21.72 2.40
CA LEU A 101 43.98 21.72 0.93
C LEU A 101 44.73 22.92 0.41
N ASP A 102 45.41 22.77 -0.72
CA ASP A 102 46.01 23.90 -1.46
C ASP A 102 45.81 23.64 -2.95
N ALA A 103 46.18 24.59 -3.80
CA ALA A 103 45.98 24.44 -5.25
C ALA A 103 47.03 25.24 -6.02
N GLN A 104 47.38 24.71 -7.18
CA GLN A 104 48.31 25.35 -8.12
C GLN A 104 47.67 25.34 -9.50
N PHE A 105 48.28 26.09 -10.41
CA PHE A 105 47.78 26.37 -11.78
C PHE A 105 48.74 25.75 -12.80
N PHE A 106 48.21 25.17 -13.89
CA PHE A 106 48.94 24.71 -15.10
C PHE A 106 49.22 25.90 -16.04
N HIS A 107 50.44 25.99 -16.58
CA HIS A 107 50.85 27.05 -17.54
C HIS A 107 50.09 26.85 -18.86
N MET A 108 49.65 27.93 -19.51
CA MET A 108 49.11 27.86 -20.90
C MET A 108 50.22 27.27 -21.77
N GLY A 109 49.86 26.57 -22.83
CA GLY A 109 50.81 25.89 -23.73
C GLY A 109 50.30 24.53 -24.23
N MET A 110 50.96 23.93 -25.21
CA MET A 110 50.56 22.62 -25.80
C MET A 110 49.12 22.72 -26.30
N GLY A 111 48.29 21.70 -26.01
CA GLY A 111 46.88 21.64 -26.43
C GLY A 111 45.96 22.57 -25.63
N PHE A 112 46.48 23.20 -24.57
CA PHE A 112 45.75 24.21 -23.77
C PHE A 112 45.89 25.55 -24.49
N ARG A 113 44.88 25.90 -25.25
CA ARG A 113 44.95 27.13 -26.06
C ARG A 113 43.91 28.13 -25.55
N ARG A 114 43.01 27.67 -24.70
CA ARG A 114 41.98 28.58 -24.11
C ARG A 114 42.52 29.16 -22.80
N ARG A 115 42.55 30.49 -22.70
CA ARG A 115 43.05 31.25 -21.54
C ARG A 115 42.00 31.21 -20.44
N VAL A 116 42.17 30.35 -19.44
CA VAL A 116 41.17 30.22 -18.33
C VAL A 116 41.54 31.26 -17.27
N ARG A 117 40.59 32.12 -16.95
CA ARG A 117 40.77 33.15 -15.90
C ARG A 117 40.48 32.54 -14.54
N MET A 118 41.17 33.01 -13.51
CA MET A 118 41.09 32.47 -12.13
C MET A 118 40.88 33.62 -11.12
N PHE A 119 39.99 33.39 -10.17
CA PHE A 119 39.55 34.42 -9.20
C PHE A 119 39.52 33.76 -7.83
N SER A 120 39.76 34.54 -6.80
CA SER A 120 39.64 34.13 -5.38
C SER A 120 38.47 34.90 -4.74
N VAL A 121 37.55 34.18 -4.10
CA VAL A 121 36.32 34.76 -3.49
C VAL A 121 36.41 34.65 -1.98
N ASP A 122 36.22 35.76 -1.24
CA ASP A 122 36.10 35.69 0.23
C ASP A 122 34.63 35.39 0.48
N PRO A 123 34.28 34.18 0.94
CA PRO A 123 32.87 33.80 1.00
C PRO A 123 32.15 34.60 2.09
N ALA A 124 32.88 35.19 3.05
CA ALA A 124 32.34 36.11 4.08
C ALA A 124 31.76 37.38 3.43
N THR A 125 32.50 38.02 2.51
CA THR A 125 32.16 39.35 1.94
C THR A 125 31.57 39.20 0.52
N HIS A 126 31.57 38.01 -0.07
CA HIS A 126 31.12 37.79 -1.47
C HIS A 126 31.92 38.67 -2.46
N LEU A 127 33.20 38.92 -2.16
CA LEU A 127 34.10 39.80 -2.94
C LEU A 127 35.22 38.96 -3.57
N ALA A 128 35.26 38.97 -4.90
CA ALA A 128 36.22 38.20 -5.73
C ALA A 128 37.35 39.11 -6.26
N ARG A 129 38.57 38.59 -6.29
CA ARG A 129 39.72 39.30 -6.90
C ARG A 129 40.35 38.38 -7.94
N GLU A 130 40.71 38.86 -9.13
CA GLU A 130 41.29 38.00 -10.21
C GLU A 130 42.76 37.68 -9.89
N ILE A 131 43.13 36.42 -10.10
CA ILE A 131 44.56 36.01 -10.16
C ILE A 131 45.01 36.17 -11.60
N HIS A 132 45.76 37.25 -11.90
CA HIS A 132 46.20 37.50 -13.29
C HIS A 132 47.44 36.65 -13.53
N PHE A 133 47.59 36.07 -14.71
CA PHE A 133 48.86 35.41 -15.06
C PHE A 133 50.00 36.42 -14.94
N ARG A 134 51.18 35.93 -14.51
CA ARG A 134 52.46 36.71 -14.39
C ARG A 134 53.60 35.67 -14.36
N PRO A 135 54.81 35.87 -14.94
CA PRO A 135 55.82 34.81 -14.93
C PRO A 135 56.31 34.55 -13.49
N GLU A 136 56.15 35.51 -12.57
CA GLU A 136 56.64 35.40 -11.17
C GLU A 136 55.94 34.22 -10.49
N LEU A 137 54.82 33.76 -11.03
CA LEU A 137 53.99 32.68 -10.42
C LEU A 137 54.63 31.33 -10.73
N PHE A 138 55.54 31.29 -11.69
CA PHE A 138 56.10 30.02 -12.20
C PHE A 138 57.61 30.06 -12.13
N LYS A 139 58.21 28.88 -12.29
CA LYS A 139 59.68 28.71 -12.40
C LYS A 139 59.95 28.03 -13.75
N TYR A 140 60.50 28.82 -14.67
CA TYR A 140 60.82 28.31 -16.02
C TYR A 140 62.28 27.92 -15.93
N ASN A 141 62.55 26.62 -15.86
CA ASN A 141 63.94 26.19 -15.62
C ASN A 141 64.62 26.03 -16.97
N ASP A 142 65.04 24.80 -17.27
CA ASP A 142 65.73 24.51 -18.56
C ASP A 142 64.78 24.84 -19.70
N ALA A 143 63.77 25.64 -19.40
CA ALA A 143 62.80 26.03 -20.44
C ALA A 143 63.41 27.17 -21.26
N GLY A 144 63.47 27.00 -22.58
CA GLY A 144 63.94 28.09 -23.44
C GLY A 144 62.77 28.99 -23.75
N VAL A 145 62.13 29.50 -22.71
CA VAL A 145 60.90 30.33 -22.91
C VAL A 145 61.28 31.82 -22.88
N ASP A 146 60.94 32.59 -23.91
CA ASP A 146 61.22 34.05 -23.86
C ASP A 146 60.21 34.69 -22.91
N THR A 147 60.48 34.58 -21.62
CA THR A 147 59.59 35.16 -20.60
C THR A 147 59.39 36.65 -20.90
N LYS A 148 60.38 37.32 -21.51
CA LYS A 148 60.21 38.78 -21.71
C LYS A 148 58.92 39.00 -22.52
N GLN A 149 58.54 38.10 -23.42
CA GLN A 149 57.33 38.36 -24.27
C GLN A 149 56.08 37.97 -23.49
N LEU A 150 56.24 37.31 -22.33
CA LEU A 150 55.12 37.00 -21.41
C LEU A 150 54.85 38.18 -20.46
N GLU A 151 55.73 39.18 -20.38
CA GLU A 151 55.72 40.16 -19.26
C GLU A 151 54.34 40.82 -19.22
N GLY A 152 53.83 41.43 -20.28
CA GLY A 152 52.53 42.11 -20.10
C GLY A 152 51.31 41.26 -20.32
N GLN A 153 51.46 39.94 -20.45
CA GLN A 153 50.33 39.06 -20.84
C GLN A 153 49.49 38.68 -19.63
N SER A 154 48.82 39.64 -19.01
CA SER A 154 47.98 39.39 -17.82
C SER A 154 46.64 38.80 -18.24
N ASP A 155 46.39 38.72 -19.54
CA ASP A 155 45.15 38.11 -20.08
C ASP A 155 45.34 36.62 -20.33
N LEU A 156 46.57 36.11 -20.23
CA LEU A 156 46.89 34.71 -20.60
C LEU A 156 46.20 33.70 -19.70
N GLY A 157 46.00 34.06 -18.45
CA GLY A 157 45.40 33.13 -17.52
C GLY A 157 46.15 31.83 -17.47
N PHE A 158 45.43 30.75 -17.19
CA PHE A 158 46.10 29.46 -17.02
C PHE A 158 45.34 28.38 -17.78
N ALA A 159 45.94 27.19 -17.91
CA ALA A 159 45.36 26.04 -18.62
C ALA A 159 44.29 25.39 -17.75
N GLY A 160 44.47 25.42 -16.44
CA GLY A 160 43.61 24.73 -15.47
C GLY A 160 44.27 24.71 -14.10
N PHE A 161 43.85 23.79 -13.22
CA PHE A 161 44.32 23.81 -11.81
C PHE A 161 44.29 22.40 -11.23
N ARG A 162 45.00 22.24 -10.11
CA ARG A 162 44.98 20.99 -9.34
C ARG A 162 44.93 21.35 -7.87
N VAL A 163 44.25 20.52 -7.09
CA VAL A 163 44.13 20.71 -5.63
C VAL A 163 44.88 19.58 -4.96
N PHE A 164 45.67 19.91 -3.95
CA PHE A 164 46.41 18.89 -3.17
C PHE A 164 45.75 18.80 -1.80
N LYS A 165 45.93 17.66 -1.13
CA LYS A 165 45.37 17.46 0.22
C LYS A 165 46.47 16.94 1.14
N ALA A 166 46.37 17.23 2.43
CA ALA A 166 47.38 16.79 3.41
C ALA A 166 47.30 15.29 3.65
N PRO A 167 48.42 14.58 3.91
CA PRO A 167 49.64 15.21 4.42
C PRO A 167 50.60 15.86 3.41
N GLU A 168 50.20 15.97 2.14
CA GLU A 168 51.09 16.51 1.09
C GLU A 168 50.35 17.56 0.27
N LEU A 169 50.68 18.84 0.45
CA LEU A 169 49.94 19.94 -0.21
C LEU A 169 50.67 20.45 -1.46
N ALA A 170 51.81 19.85 -1.84
CA ALA A 170 52.46 20.27 -3.10
C ALA A 170 52.91 19.04 -3.90
N ARG A 171 52.29 17.89 -3.68
CA ARG A 171 52.65 16.61 -4.35
C ARG A 171 51.42 15.69 -4.36
N ARG A 172 51.21 14.93 -5.43
CA ARG A 172 50.04 14.00 -5.52
C ARG A 172 48.71 14.77 -5.46
N ASP A 173 48.40 15.53 -6.50
CA ASP A 173 47.06 16.17 -6.64
C ASP A 173 45.98 15.06 -6.59
N VAL A 174 44.83 15.41 -6.01
CA VAL A 174 43.61 14.55 -5.92
C VAL A 174 42.47 15.10 -6.81
N VAL A 175 42.49 16.38 -7.15
CA VAL A 175 41.52 16.96 -8.14
C VAL A 175 42.25 17.75 -9.21
N SER A 176 41.84 17.56 -10.46
CA SER A 176 42.45 18.24 -11.64
C SER A 176 41.36 18.67 -12.64
N PHE A 177 41.13 19.98 -12.75
CA PHE A 177 40.44 20.61 -13.90
C PHE A 177 41.50 21.16 -14.85
N LEU A 178 41.57 20.55 -16.03
CA LEU A 178 42.58 20.86 -17.07
C LEU A 178 42.06 20.23 -18.35
N GLY A 179 41.75 21.04 -19.33
CA GLY A 179 41.22 20.48 -20.58
C GLY A 179 40.34 21.47 -21.27
N ALA A 180 39.13 21.08 -21.60
CA ALA A 180 38.15 22.02 -22.13
C ALA A 180 37.17 22.20 -20.97
N SER A 181 36.12 21.36 -20.90
CA SER A 181 35.22 21.17 -19.73
C SER A 181 35.73 19.98 -18.88
N TYR A 182 36.87 19.39 -19.25
CA TYR A 182 37.37 18.09 -18.70
C TYR A 182 37.90 18.29 -17.28
N PHE A 183 37.67 17.28 -16.44
CA PHE A 183 38.19 17.28 -15.06
C PHE A 183 38.26 15.82 -14.60
N ARG A 184 39.08 15.55 -13.60
CA ARG A 184 39.25 14.18 -13.08
C ARG A 184 39.67 14.21 -11.61
N ALA A 185 39.57 13.06 -10.93
CA ALA A 185 39.93 12.96 -9.50
C ALA A 185 40.36 11.53 -9.15
N VAL A 186 40.79 11.31 -7.91
CA VAL A 186 41.39 10.05 -7.40
C VAL A 186 40.84 9.73 -6.00
N ASP A 187 40.72 8.45 -5.69
CA ASP A 187 40.41 7.92 -4.34
C ASP A 187 41.72 7.65 -3.60
N ASP A 188 41.69 6.85 -2.53
CA ASP A 188 42.89 6.72 -1.64
C ASP A 188 44.05 6.00 -2.35
N THR A 189 43.88 5.47 -3.57
CA THR A 189 45.02 4.95 -4.40
C THR A 189 45.88 6.07 -4.98
N TYR A 190 45.33 7.28 -5.12
CA TYR A 190 45.98 8.47 -5.73
C TYR A 190 46.28 8.30 -7.23
N GLN A 191 45.75 7.29 -7.93
CA GLN A 191 45.99 7.05 -9.37
C GLN A 191 44.82 7.59 -10.22
N TYR A 192 45.10 8.43 -11.21
CA TYR A 192 44.04 9.03 -12.05
C TYR A 192 43.63 8.05 -13.15
N GLY A 193 42.33 7.94 -13.45
CA GLY A 193 41.84 6.96 -14.44
C GLY A 193 40.86 7.59 -15.41
N LEU A 194 39.57 7.27 -15.29
CA LEU A 194 38.54 7.88 -16.17
C LEU A 194 38.35 9.35 -15.79
N SER A 195 37.74 10.11 -16.72
CA SER A 195 37.57 11.58 -16.56
C SER A 195 36.11 12.00 -16.76
N ALA A 196 35.81 13.25 -16.40
CA ALA A 196 34.45 13.79 -16.56
C ALA A 196 34.54 15.15 -17.23
N ARG A 197 33.42 15.61 -17.79
CA ARG A 197 33.39 16.96 -18.39
C ARG A 197 32.19 17.74 -17.85
N GLY A 198 32.24 19.05 -17.97
CA GLY A 198 31.08 19.94 -17.68
C GLY A 198 29.90 19.65 -18.59
N LEU A 199 30.18 19.27 -19.83
CA LEU A 199 29.12 19.15 -20.86
C LEU A 199 29.68 18.48 -22.12
N ALA A 200 28.82 17.82 -22.88
CA ALA A 200 29.17 17.29 -24.22
C ALA A 200 28.14 17.83 -25.20
N ILE A 201 28.60 18.13 -26.42
CA ILE A 201 27.75 18.66 -27.51
C ILE A 201 28.11 17.93 -28.81
N ASP A 202 27.13 17.25 -29.40
CA ASP A 202 27.23 16.64 -30.75
C ASP A 202 28.34 15.58 -30.76
N THR A 203 28.43 14.79 -29.68
CA THR A 203 29.49 13.74 -29.55
C THR A 203 29.31 12.71 -30.69
N TYR A 204 28.06 12.49 -31.10
CA TYR A 204 27.62 11.53 -32.16
C TYR A 204 26.45 12.15 -32.97
N THR A 205 26.71 12.68 -34.20
CA THR A 205 25.68 13.27 -35.13
C THR A 205 26.27 13.49 -36.54
N ASP A 206 25.45 13.90 -37.52
CA ASP A 206 25.89 14.27 -38.90
C ASP A 206 27.18 15.13 -38.85
N SER A 207 27.27 16.09 -37.90
CA SER A 207 28.35 17.11 -37.78
C SER A 207 29.46 16.71 -36.78
N LYS A 208 30.57 17.45 -36.79
CA LYS A 208 31.73 17.26 -35.89
C LYS A 208 31.35 17.69 -34.45
N GLU A 209 31.94 17.04 -33.44
CA GLU A 209 31.65 17.23 -32.00
C GLU A 209 32.17 18.62 -31.64
N GLU A 210 31.45 19.34 -30.76
CA GLU A 210 31.83 20.67 -30.21
C GLU A 210 32.15 20.54 -28.71
N PHE A 211 33.28 21.14 -28.30
CA PHE A 211 33.91 20.97 -26.97
C PHE A 211 33.83 22.30 -26.22
N PRO A 212 32.77 22.52 -25.45
CA PRO A 212 32.72 23.65 -24.56
C PRO A 212 33.98 23.69 -23.68
N ASP A 213 34.49 24.92 -23.47
CA ASP A 213 35.55 25.28 -22.51
C ASP A 213 34.94 25.77 -21.20
N PHE A 214 35.53 25.42 -20.07
CA PHE A 214 35.48 26.24 -18.85
C PHE A 214 36.46 27.37 -19.11
N THR A 215 36.01 28.61 -18.96
CA THR A 215 36.82 29.80 -19.34
C THR A 215 37.14 30.65 -18.13
N ALA A 216 36.60 30.30 -16.98
CA ALA A 216 36.89 31.02 -15.72
C ALA A 216 36.43 30.19 -14.52
N PHE A 217 37.19 30.28 -13.43
CA PHE A 217 36.94 29.60 -12.14
C PHE A 217 37.03 30.59 -10.99
N TRP A 218 36.04 30.58 -10.10
CA TRP A 218 36.04 31.37 -8.85
C TRP A 218 36.17 30.39 -7.69
N PHE A 219 37.25 30.49 -6.94
CA PHE A 219 37.56 29.65 -5.75
C PHE A 219 37.21 30.38 -4.45
N ASP A 220 36.23 29.90 -3.69
CA ASP A 220 36.03 30.29 -2.27
C ASP A 220 37.29 29.90 -1.48
N THR A 221 37.93 30.87 -0.85
CA THR A 221 39.07 30.64 0.08
C THR A 221 38.72 29.51 1.06
N VAL A 222 39.52 28.44 1.11
CA VAL A 222 39.26 27.29 2.04
C VAL A 222 39.26 27.81 3.46
N LYS A 223 38.46 27.14 4.28
CA LYS A 223 38.45 27.34 5.76
C LYS A 223 39.58 26.56 6.40
N PRO A 224 40.22 27.13 7.45
CA PRO A 224 41.26 26.42 8.19
C PRO A 224 40.58 25.12 8.61
N GLY A 225 41.26 23.98 8.41
CA GLY A 225 40.79 22.65 8.85
C GLY A 225 40.02 21.90 7.78
N ALA A 226 39.38 22.57 6.82
CA ALA A 226 38.43 21.95 5.87
C ALA A 226 39.17 21.14 4.81
N THR A 227 38.53 20.05 4.42
CA THR A 227 38.85 19.19 3.25
C THR A 227 37.71 19.34 2.24
N THR A 228 36.81 20.30 2.48
CA THR A 228 35.82 20.71 1.47
C THR A 228 36.25 22.07 0.92
N PHE A 229 36.15 22.23 -0.41
CA PHE A 229 36.41 23.53 -1.07
C PHE A 229 35.29 23.78 -2.08
N THR A 230 35.01 25.05 -2.38
CA THR A 230 33.99 25.42 -3.39
C THR A 230 34.63 26.13 -4.57
N VAL A 231 34.29 25.73 -5.79
CA VAL A 231 34.83 26.38 -7.01
C VAL A 231 33.69 26.51 -8.04
N TYR A 232 33.31 27.75 -8.33
CA TYR A 232 32.31 28.11 -9.36
C TYR A 232 33.07 28.16 -10.67
N ALA A 233 32.40 27.87 -11.79
CA ALA A 233 33.00 27.91 -13.13
C ALA A 233 32.03 28.47 -14.18
N LEU A 234 32.59 29.19 -15.16
CA LEU A 234 31.85 29.73 -16.32
C LEU A 234 32.13 28.82 -17.51
N LEU A 235 31.09 28.27 -18.11
CA LEU A 235 31.20 27.43 -19.33
C LEU A 235 30.76 28.28 -20.53
N ASP A 236 31.50 28.20 -21.64
CA ASP A 236 31.31 29.02 -22.86
C ASP A 236 31.66 28.17 -24.09
N SER A 237 30.87 28.30 -25.16
CA SER A 237 30.93 27.44 -26.36
C SER A 237 30.07 28.05 -27.45
N ALA A 238 30.39 27.75 -28.71
CA ALA A 238 29.59 28.23 -29.87
C ALA A 238 28.10 28.07 -29.56
N SER A 239 27.69 26.88 -29.11
CA SER A 239 26.25 26.51 -29.01
C SER A 239 25.60 26.91 -27.69
N ILE A 240 26.35 27.20 -26.61
CA ILE A 240 25.79 27.18 -25.23
C ILE A 240 26.78 27.79 -24.23
N THR A 241 26.23 28.46 -23.21
CA THR A 241 26.98 28.91 -22.00
C THR A 241 26.39 28.22 -20.77
N GLY A 242 27.13 28.21 -19.67
CA GLY A 242 26.63 27.73 -18.37
C GLY A 242 27.31 28.41 -17.19
N ALA A 243 26.61 28.41 -16.05
CA ALA A 243 27.14 28.74 -14.71
C ALA A 243 27.13 27.44 -13.89
N TYR A 244 28.27 27.08 -13.32
CA TYR A 244 28.48 25.83 -12.55
C TYR A 244 28.97 26.20 -11.16
N LYS A 245 28.47 25.49 -10.15
CA LYS A 245 29.05 25.47 -8.79
C LYS A 245 29.42 24.03 -8.46
N PHE A 246 30.63 23.84 -7.96
CA PHE A 246 31.23 22.55 -7.57
C PHE A 246 31.58 22.68 -6.10
N THR A 247 30.96 21.88 -5.24
CA THR A 247 31.30 21.78 -3.80
C THR A 247 31.98 20.42 -3.67
N ILE A 248 33.29 20.43 -3.42
CA ILE A 248 34.19 19.25 -3.57
C ILE A 248 34.75 18.82 -2.19
N HIS A 249 34.45 17.57 -1.83
CA HIS A 249 34.81 16.97 -0.52
C HIS A 249 35.90 15.94 -0.74
N CYS A 250 37.11 16.26 -0.27
CA CYS A 250 38.29 15.38 -0.34
C CYS A 250 38.25 14.51 0.92
N GLU A 251 37.31 13.58 0.92
CA GLU A 251 37.05 12.60 2.03
C GLU A 251 38.27 11.67 2.08
N LYS A 252 38.37 10.85 3.13
CA LYS A 252 39.52 9.95 3.34
C LYS A 252 39.58 8.93 2.22
N SER A 253 38.47 8.30 1.87
CA SER A 253 38.50 7.12 0.97
C SER A 253 38.25 7.49 -0.50
N GLN A 254 37.82 8.71 -0.80
CA GLN A 254 37.32 9.11 -2.15
C GLN A 254 37.16 10.64 -2.23
N VAL A 255 36.80 11.11 -3.42
CA VAL A 255 36.38 12.51 -3.69
C VAL A 255 34.90 12.51 -4.12
N ILE A 256 34.08 13.28 -3.40
CA ILE A 256 32.65 13.54 -3.74
C ILE A 256 32.48 15.00 -4.19
N MET A 257 31.75 15.19 -5.30
CA MET A 257 31.54 16.50 -5.91
C MET A 257 30.04 16.74 -6.00
N ASP A 258 29.54 17.73 -5.24
CA ASP A 258 28.16 18.25 -5.36
C ASP A 258 28.17 19.30 -6.48
N VAL A 259 27.67 18.94 -7.65
CA VAL A 259 27.63 19.82 -8.86
C VAL A 259 26.21 20.39 -9.00
N GLU A 260 26.10 21.69 -9.20
CA GLU A 260 24.87 22.36 -9.68
C GLU A 260 25.24 23.16 -10.92
N ASN A 261 24.45 23.04 -11.99
CA ASN A 261 24.66 23.84 -13.23
C ASN A 261 23.33 24.46 -13.68
N HIS A 262 23.51 25.50 -14.51
CA HIS A 262 22.51 26.37 -15.18
C HIS A 262 23.04 26.59 -16.59
N LEU A 263 22.29 26.20 -17.61
CA LEU A 263 22.78 26.18 -19.01
C LEU A 263 21.90 27.11 -19.86
N TYR A 264 22.50 27.78 -20.83
CA TYR A 264 21.80 28.77 -21.68
C TYR A 264 22.18 28.49 -23.12
N ALA A 265 21.29 27.83 -23.86
CA ALA A 265 21.52 27.51 -25.28
C ALA A 265 21.49 28.81 -26.08
N ARG A 266 22.49 28.97 -26.93
CA ARG A 266 22.60 30.08 -27.90
C ARG A 266 21.86 29.68 -29.16
N LYS A 267 22.09 28.45 -29.62
CA LYS A 267 21.58 27.89 -30.90
C LYS A 267 20.73 26.66 -30.61
N ASP A 268 19.97 26.22 -31.62
CA ASP A 268 19.49 24.81 -31.67
C ASP A 268 20.73 23.94 -31.48
N ILE A 269 20.61 22.87 -30.70
CA ILE A 269 21.68 21.86 -30.44
C ILE A 269 21.15 20.48 -30.84
N LYS A 270 21.87 19.78 -31.72
CA LYS A 270 21.53 18.38 -32.12
C LYS A 270 21.69 17.41 -30.94
N GLN A 271 22.79 17.42 -30.18
CA GLN A 271 22.97 16.48 -29.05
C GLN A 271 23.54 17.21 -27.84
N LEU A 272 22.79 17.24 -26.75
CA LEU A 272 23.20 17.82 -25.45
C LEU A 272 23.53 16.68 -24.49
N GLY A 273 24.72 16.67 -23.89
CA GLY A 273 25.15 15.61 -22.97
C GLY A 273 25.40 16.13 -21.56
N ILE A 274 24.49 15.81 -20.63
CA ILE A 274 24.57 16.25 -19.21
C ILE A 274 25.45 15.26 -18.46
N ALA A 275 26.23 15.74 -17.47
CA ALA A 275 27.08 14.92 -16.55
C ALA A 275 27.94 13.91 -17.33
N PRO A 276 28.58 14.28 -18.45
CA PRO A 276 29.37 13.34 -19.24
C PRO A 276 30.63 12.79 -18.55
N MET A 277 30.95 11.55 -18.93
CA MET A 277 32.12 10.77 -18.49
C MET A 277 32.89 10.37 -19.74
N THR A 278 34.22 10.25 -19.62
CA THR A 278 35.08 9.75 -20.70
C THR A 278 36.10 8.77 -20.09
N SER A 279 36.15 7.53 -20.63
CA SER A 279 37.08 6.47 -20.16
C SER A 279 37.71 5.76 -21.36
N MET A 280 38.42 4.66 -21.09
CA MET A 280 39.02 3.83 -22.15
C MET A 280 38.77 2.35 -21.88
N PHE A 281 38.52 1.58 -22.94
CA PHE A 281 38.43 0.08 -22.88
C PHE A 281 39.05 -0.51 -24.14
N SER A 282 40.18 -1.19 -24.03
CA SER A 282 40.89 -1.79 -25.20
C SER A 282 40.82 -3.32 -25.15
N CYS A 283 41.17 -3.88 -23.98
CA CYS A 283 41.20 -5.35 -23.73
C CYS A 283 40.50 -5.68 -22.41
N GLY A 284 39.43 -6.48 -22.48
CA GLY A 284 38.73 -6.98 -21.29
C GLY A 284 38.54 -8.48 -21.33
N THR A 285 37.58 -8.97 -20.55
CA THR A 285 37.29 -10.41 -20.50
C THR A 285 36.32 -10.72 -21.64
N ASN A 286 35.73 -9.68 -22.23
CA ASN A 286 34.69 -9.86 -23.27
C ASN A 286 35.27 -9.66 -24.67
N GLU A 287 34.76 -10.42 -25.64
CA GLU A 287 35.23 -10.37 -27.04
C GLU A 287 36.63 -9.76 -27.13
N ARG A 288 37.64 -10.55 -26.81
CA ARG A 288 39.04 -10.05 -26.75
C ARG A 288 39.66 -10.03 -28.15
N ARG A 289 39.46 -8.95 -28.89
CA ARG A 289 39.97 -8.80 -30.27
C ARG A 289 41.11 -7.81 -30.32
N MET A 290 41.46 -7.19 -29.20
CA MET A 290 42.64 -6.29 -29.21
C MET A 290 43.48 -6.53 -27.95
N CYS A 291 44.05 -7.71 -27.86
CA CYS A 291 44.65 -8.16 -26.59
C CYS A 291 46.00 -8.83 -26.86
N ASP A 292 46.71 -8.36 -27.88
CA ASP A 292 48.06 -8.86 -28.18
C ASP A 292 49.10 -7.94 -27.55
N THR A 293 49.02 -7.73 -26.23
CA THR A 293 50.04 -6.98 -25.48
C THR A 293 50.63 -7.90 -24.41
N ILE A 294 51.51 -7.42 -23.56
CA ILE A 294 51.98 -8.21 -22.40
C ILE A 294 50.95 -8.07 -21.27
N HIS A 295 49.80 -7.43 -21.54
CA HIS A 295 48.83 -7.02 -20.48
C HIS A 295 47.57 -7.85 -20.64
N PRO A 296 47.25 -8.72 -19.67
CA PRO A 296 46.05 -9.54 -19.76
C PRO A 296 44.81 -8.69 -20.07
N GLN A 297 44.72 -7.47 -19.47
CA GLN A 297 43.60 -6.51 -19.68
C GLN A 297 44.14 -5.09 -19.76
N ILE A 298 43.46 -4.25 -20.55
CA ILE A 298 43.82 -2.80 -20.70
C ILE A 298 42.51 -2.01 -20.78
N HIS A 299 42.16 -1.32 -19.70
CA HIS A 299 40.95 -0.47 -19.64
C HIS A 299 40.99 0.41 -18.39
N ASP A 300 40.42 1.62 -18.52
CA ASP A 300 40.28 2.59 -17.39
C ASP A 300 38.97 2.31 -16.66
N SER A 301 38.04 1.70 -17.38
CA SER A 301 36.69 1.32 -16.90
C SER A 301 36.27 0.05 -17.63
N ASP A 302 35.52 -0.87 -16.99
CA ASP A 302 35.11 -2.16 -17.64
C ASP A 302 33.62 -2.24 -17.93
N ARG A 303 32.79 -1.34 -17.36
CA ARG A 303 31.32 -1.49 -17.53
C ARG A 303 30.59 -0.18 -17.32
N LEU A 304 29.39 -0.09 -17.88
CA LEU A 304 28.38 0.95 -17.52
C LEU A 304 27.42 0.32 -16.52
N SER A 305 27.32 0.85 -15.31
CA SER A 305 26.23 0.51 -14.36
C SER A 305 25.11 1.56 -14.47
N MET A 306 23.86 1.13 -14.52
CA MET A 306 22.70 2.05 -14.51
C MET A 306 21.72 1.62 -13.42
N TRP A 307 21.36 2.54 -12.54
CA TRP A 307 20.19 2.38 -11.64
C TRP A 307 19.04 3.15 -12.28
N ARG A 308 17.98 2.45 -12.71
CA ARG A 308 16.90 3.09 -13.50
C ARG A 308 15.82 3.64 -12.56
N GLY A 309 14.97 4.53 -13.09
CA GLY A 309 13.95 5.27 -12.29
C GLY A 309 12.96 4.31 -11.71
N ASN A 310 12.78 3.14 -12.35
CA ASN A 310 11.91 2.02 -11.89
C ASN A 310 12.62 1.10 -10.89
N GLY A 311 13.89 1.31 -10.53
CA GLY A 311 14.57 0.48 -9.51
C GLY A 311 15.41 -0.63 -10.11
N GLU A 312 15.24 -0.88 -11.41
CA GLU A 312 16.02 -1.90 -12.15
C GLU A 312 17.49 -1.50 -12.17
N TRP A 313 18.40 -2.44 -11.98
CA TRP A 313 19.86 -2.24 -12.12
C TRP A 313 20.32 -2.91 -13.43
N ILE A 314 21.32 -2.35 -14.09
CA ILE A 314 21.85 -2.89 -15.37
C ILE A 314 23.38 -2.89 -15.37
N CYS A 315 23.97 -3.99 -15.82
CA CYS A 315 25.43 -4.09 -16.05
C CYS A 315 25.64 -4.18 -17.55
N ARG A 316 26.19 -3.13 -18.16
CA ARG A 316 26.51 -3.15 -19.62
C ARG A 316 28.04 -3.24 -19.72
N PRO A 317 28.58 -4.46 -19.82
CA PRO A 317 30.00 -4.66 -20.11
C PRO A 317 30.34 -3.82 -21.35
N LEU A 318 31.42 -3.02 -21.23
CA LEU A 318 31.96 -2.16 -22.31
C LEU A 318 32.67 -3.02 -23.35
N ASN A 319 32.71 -2.54 -24.58
CA ASN A 319 33.34 -3.23 -25.73
C ASN A 319 34.44 -2.37 -26.34
N ASN A 320 35.35 -3.02 -27.06
CA ASN A 320 36.23 -2.37 -28.07
C ASN A 320 35.73 -2.87 -29.42
N PRO A 321 34.63 -2.30 -29.96
CA PRO A 321 34.07 -2.73 -31.23
C PRO A 321 35.02 -2.41 -32.38
N GLN A 322 34.94 -3.17 -33.47
CA GLN A 322 35.75 -2.88 -34.68
C GLN A 322 35.05 -1.76 -35.44
N LYS A 323 33.76 -1.53 -35.17
CA LYS A 323 32.95 -0.45 -35.80
C LYS A 323 32.36 0.47 -34.73
N LEU A 324 32.50 1.80 -34.89
CA LEU A 324 31.93 2.78 -33.94
C LEU A 324 30.46 2.48 -33.67
N GLN A 325 30.12 2.47 -32.38
CA GLN A 325 28.77 2.13 -31.86
C GLN A 325 28.29 3.27 -30.98
N PHE A 326 27.02 3.63 -31.12
CA PHE A 326 26.30 4.47 -30.13
C PHE A 326 25.10 3.64 -29.64
N ASN A 327 24.90 3.54 -28.32
CA ASN A 327 23.69 2.93 -27.68
C ASN A 327 23.00 4.02 -26.84
N ALA A 328 21.68 4.08 -26.92
CA ALA A 328 20.85 5.01 -26.11
C ALA A 328 19.89 4.21 -25.21
N TYR A 329 20.15 4.16 -23.90
CA TYR A 329 19.33 3.41 -22.91
C TYR A 329 18.21 4.35 -22.39
N THR A 330 16.99 4.19 -22.89
CA THR A 330 15.83 5.01 -22.47
C THR A 330 15.66 4.89 -20.97
N ASP A 331 15.32 5.99 -20.29
CA ASP A 331 15.08 6.03 -18.83
C ASP A 331 14.19 7.22 -18.54
N ASN A 332 13.67 7.30 -17.31
CA ASN A 332 12.86 8.43 -16.82
C ASN A 332 13.19 8.65 -15.35
N ASN A 333 13.72 9.82 -14.99
CA ASN A 333 14.15 10.11 -13.60
C ASN A 333 15.21 9.08 -13.20
N PRO A 334 16.32 8.98 -13.95
CA PRO A 334 17.39 8.04 -13.64
C PRO A 334 17.82 8.25 -12.19
N LYS A 335 18.13 7.19 -11.45
CA LYS A 335 18.56 7.30 -10.03
C LYS A 335 20.08 7.45 -9.95
N GLY A 336 20.79 6.88 -10.93
CA GLY A 336 22.27 6.79 -10.92
C GLY A 336 22.81 6.10 -12.15
N PHE A 337 24.05 6.42 -12.54
CA PHE A 337 24.77 5.72 -13.64
C PHE A 337 26.26 6.01 -13.47
N GLY A 338 27.09 5.05 -13.86
CA GLY A 338 28.55 5.19 -13.70
C GLY A 338 29.33 4.36 -14.71
N LEU A 339 30.56 4.77 -14.99
CA LEU A 339 31.55 3.89 -15.62
C LEU A 339 32.44 3.34 -14.49
N LEU A 340 32.41 2.02 -14.28
CA LEU A 340 33.11 1.44 -13.10
C LEU A 340 34.34 0.63 -13.51
N GLN A 341 35.36 0.62 -12.63
CA GLN A 341 36.59 -0.20 -12.74
C GLN A 341 36.63 -1.15 -11.53
N LEU A 342 36.04 -2.33 -11.67
CA LEU A 342 35.78 -3.23 -10.53
C LEU A 342 36.83 -4.34 -10.43
N ASP A 343 37.57 -4.60 -11.49
CA ASP A 343 38.71 -5.55 -11.43
C ASP A 343 39.88 -4.78 -10.84
N ARG A 344 40.17 -5.04 -9.56
CA ARG A 344 41.22 -4.29 -8.82
C ARG A 344 42.50 -5.11 -8.73
N ASP A 345 42.69 -6.12 -9.57
CA ASP A 345 43.75 -7.15 -9.45
C ASP A 345 44.88 -6.82 -10.42
N PHE A 346 46.02 -6.39 -9.88
CA PHE A 346 47.20 -5.97 -10.68
C PHE A 346 47.57 -7.04 -11.72
N SER A 347 47.51 -8.32 -11.31
CA SER A 347 47.92 -9.49 -12.12
C SER A 347 47.10 -9.55 -13.39
N HIS A 348 45.90 -8.95 -13.39
CA HIS A 348 44.99 -8.96 -14.56
C HIS A 348 45.34 -7.85 -15.56
N TYR A 349 46.31 -7.00 -15.25
CA TYR A 349 46.67 -5.83 -16.10
C TYR A 349 48.18 -5.81 -16.32
N GLN A 350 48.94 -5.96 -15.25
CA GLN A 350 50.43 -6.02 -15.34
C GLN A 350 50.97 -4.65 -15.77
N ASP A 351 50.27 -3.55 -15.51
CA ASP A 351 50.70 -2.22 -15.98
C ASP A 351 51.35 -1.49 -14.82
N ILE A 352 52.66 -1.28 -14.92
CA ILE A 352 53.51 -0.66 -13.86
C ILE A 352 53.79 0.77 -14.26
N MET A 353 53.11 1.26 -15.29
CA MET A 353 53.21 2.65 -15.77
C MET A 353 51.94 3.40 -15.35
N GLY A 354 50.76 2.91 -15.77
CA GLY A 354 49.45 3.54 -15.52
C GLY A 354 48.65 2.94 -14.36
N TRP A 355 49.00 1.76 -13.85
CA TRP A 355 48.34 1.15 -12.68
C TRP A 355 46.82 1.15 -12.87
N TYR A 356 46.32 0.52 -13.94
CA TYR A 356 44.87 0.45 -14.27
C TYR A 356 44.07 -0.14 -13.10
N ASN A 357 44.68 -0.99 -12.30
CA ASN A 357 44.01 -1.69 -11.18
C ASN A 357 43.72 -0.69 -10.05
N LYS A 358 44.36 0.46 -10.06
CA LYS A 358 44.18 1.47 -8.99
C LYS A 358 43.27 2.60 -9.47
N ARG A 359 42.95 2.59 -10.76
CA ARG A 359 42.18 3.70 -11.40
C ARG A 359 40.75 3.57 -10.96
N PRO A 360 40.06 4.69 -10.72
CA PRO A 360 38.80 4.66 -10.00
C PRO A 360 37.55 4.45 -10.86
N SER A 361 36.43 4.37 -10.14
CA SER A 361 35.07 4.36 -10.72
C SER A 361 34.45 5.75 -10.56
N LEU A 362 33.49 6.09 -11.42
CA LEU A 362 32.77 7.38 -11.41
C LEU A 362 31.28 7.05 -11.35
N TRP A 363 30.60 7.55 -10.32
CA TRP A 363 29.14 7.38 -10.15
C TRP A 363 28.44 8.75 -10.19
N VAL A 364 27.53 8.91 -11.16
CA VAL A 364 26.71 10.15 -11.31
C VAL A 364 25.39 9.89 -10.59
N GLU A 365 25.14 10.61 -9.49
CA GLU A 365 23.85 10.52 -8.75
C GLU A 365 23.05 11.76 -9.06
N PRO A 366 22.07 11.70 -9.99
CA PRO A 366 21.14 12.79 -10.19
C PRO A 366 20.63 13.23 -8.80
N ARG A 367 20.65 14.52 -8.52
CA ARG A 367 20.10 15.06 -7.24
C ARG A 367 18.80 15.83 -7.47
N ASN A 368 18.32 15.92 -8.71
CA ASN A 368 16.96 16.42 -9.01
C ASN A 368 16.33 15.42 -9.98
N LYS A 369 15.01 15.43 -10.12
CA LYS A 369 14.34 14.54 -11.11
C LYS A 369 14.60 15.04 -12.54
N TRP A 370 15.43 14.31 -13.31
CA TRP A 370 15.88 14.73 -14.67
C TRP A 370 14.81 14.38 -15.71
N GLY A 371 13.78 13.65 -15.33
CA GLY A 371 12.68 13.33 -16.25
C GLY A 371 13.07 12.36 -17.35
N LYS A 372 12.45 12.46 -18.52
CA LYS A 372 12.58 11.47 -19.60
C LYS A 372 13.80 11.78 -20.42
N GLY A 373 14.48 10.74 -20.91
CA GLY A 373 15.63 10.91 -21.79
C GLY A 373 16.35 9.60 -21.98
N THR A 374 17.64 9.67 -22.27
CA THR A 374 18.47 8.48 -22.60
C THR A 374 19.85 8.62 -21.98
N ILE A 375 20.42 7.48 -21.58
CA ILE A 375 21.86 7.40 -21.24
C ILE A 375 22.57 6.95 -22.50
N GLY A 376 23.39 7.83 -23.08
CA GLY A 376 24.18 7.61 -24.29
C GLY A 376 25.51 6.96 -23.93
N LEU A 377 25.84 5.87 -24.63
CA LEU A 377 27.19 5.26 -24.58
C LEU A 377 27.73 5.21 -26.00
N MET A 378 28.77 5.98 -26.28
CA MET A 378 29.54 5.87 -27.54
C MET A 378 30.78 5.03 -27.25
N GLU A 379 30.98 4.00 -28.06
CA GLU A 379 32.16 3.13 -27.92
C GLU A 379 32.90 3.20 -29.26
N ILE A 380 34.11 3.76 -29.25
CA ILE A 380 34.88 3.96 -30.49
C ILE A 380 35.91 2.85 -30.64
N PRO A 381 36.16 2.35 -31.86
CA PRO A 381 37.23 1.38 -32.07
C PRO A 381 38.62 1.92 -31.70
N THR A 382 39.39 1.17 -30.91
CA THR A 382 40.78 1.55 -30.54
C THR A 382 41.73 0.38 -30.83
N THR A 383 43.04 0.61 -30.75
CA THR A 383 44.04 -0.45 -31.02
C THR A 383 45.13 -0.36 -29.96
N GLY A 384 44.84 0.31 -28.86
CA GLY A 384 45.79 0.56 -27.77
C GLY A 384 45.15 1.28 -26.62
N GLU A 385 45.91 2.12 -25.94
CA GLU A 385 45.42 2.77 -24.70
C GLU A 385 45.45 4.29 -24.84
N THR A 386 45.95 4.81 -25.95
CA THR A 386 46.13 6.28 -26.12
C THR A 386 44.80 6.97 -26.43
N LEU A 387 43.75 6.22 -26.76
CA LEU A 387 42.49 6.87 -27.18
C LEU A 387 41.39 6.64 -26.16
N ASN A 388 40.83 7.72 -25.63
CA ASN A 388 39.65 7.61 -24.74
C ASN A 388 38.52 7.25 -25.70
N ASN A 389 38.17 5.98 -25.72
CA ASN A 389 37.30 5.48 -26.81
C ASN A 389 35.92 5.21 -26.23
N ILE A 390 35.67 5.71 -25.01
CA ILE A 390 34.39 5.46 -24.28
C ILE A 390 33.85 6.80 -23.79
N VAL A 391 32.60 7.11 -24.13
CA VAL A 391 31.95 8.38 -23.72
C VAL A 391 30.51 8.06 -23.34
N CYS A 392 30.08 8.59 -22.21
CA CYS A 392 28.75 8.29 -21.64
C CYS A 392 28.21 9.58 -21.04
N PHE A 393 26.93 9.85 -21.28
CA PHE A 393 26.27 11.07 -20.76
C PHE A 393 24.78 10.87 -20.75
N TRP A 394 24.05 11.83 -20.18
CA TRP A 394 22.57 11.90 -20.14
C TRP A 394 22.10 12.89 -21.19
N GLN A 395 21.06 12.55 -21.94
CA GLN A 395 20.52 13.40 -23.05
C GLN A 395 19.00 13.49 -22.90
N PRO A 396 18.46 14.68 -22.52
CA PRO A 396 17.03 14.80 -22.25
C PRO A 396 16.25 14.42 -23.52
N GLU A 397 15.06 13.86 -23.33
CA GLU A 397 14.15 13.49 -24.46
C GLU A 397 14.01 14.68 -25.41
N LYS A 398 13.78 15.89 -24.86
CA LYS A 398 13.26 17.04 -25.63
C LYS A 398 14.36 17.68 -26.48
N ALA A 399 14.08 17.89 -27.78
CA ALA A 399 14.98 18.58 -28.72
C ALA A 399 15.36 19.95 -28.12
N VAL A 400 16.65 20.29 -28.18
CA VAL A 400 17.21 21.55 -27.62
C VAL A 400 17.12 22.67 -28.66
N LYS A 401 16.43 23.74 -28.33
CA LYS A 401 16.21 24.87 -29.26
C LYS A 401 16.88 26.13 -28.68
N ALA A 402 17.34 27.03 -29.56
CA ALA A 402 17.92 28.33 -29.14
C ALA A 402 17.07 28.97 -28.03
N GLY A 403 17.68 29.42 -26.94
CA GLY A 403 16.95 30.09 -25.87
C GLY A 403 16.54 29.14 -24.77
N ASP A 404 16.58 27.84 -25.00
CA ASP A 404 16.23 26.88 -23.93
C ASP A 404 17.18 27.10 -22.76
N GLU A 405 16.68 26.92 -21.54
CA GLU A 405 17.49 27.06 -20.30
C GLU A 405 17.30 25.77 -19.52
N PHE A 406 18.31 25.36 -18.76
CA PHE A 406 18.31 24.08 -18.03
C PHE A 406 18.96 24.31 -16.67
N ALA A 407 18.58 23.50 -15.68
CA ALA A 407 19.31 23.38 -14.39
C ALA A 407 19.35 21.90 -13.98
N PHE A 408 20.53 21.35 -13.86
CA PHE A 408 20.79 20.01 -13.32
C PHE A 408 21.63 20.13 -12.07
N GLN A 409 21.32 19.32 -11.06
CA GLN A 409 22.10 19.07 -9.85
C GLN A 409 22.50 17.58 -9.84
N TYR A 410 23.74 17.24 -9.52
CA TYR A 410 24.20 15.83 -9.45
C TYR A 410 25.41 15.70 -8.53
N ARG A 411 25.48 14.59 -7.77
CA ARG A 411 26.70 14.18 -7.02
C ARG A 411 27.55 13.26 -7.92
N LEU A 412 28.86 13.54 -8.02
CA LEU A 412 29.85 12.62 -8.63
C LEU A 412 30.65 12.00 -7.49
N TYR A 413 30.77 10.67 -7.48
CA TYR A 413 31.68 9.93 -6.56
C TYR A 413 32.82 9.30 -7.36
N TRP A 414 34.02 9.86 -7.15
CA TRP A 414 35.33 9.36 -7.63
C TRP A 414 35.84 8.36 -6.59
N SER A 415 35.67 7.06 -6.84
CA SER A 415 36.18 6.00 -5.93
C SER A 415 36.14 4.62 -6.56
N ALA A 416 36.95 3.71 -6.03
CA ALA A 416 37.12 2.33 -6.55
C ALA A 416 35.76 1.67 -6.64
N GLN A 417 35.07 1.59 -5.50
CA GLN A 417 33.71 1.00 -5.43
C GLN A 417 32.67 2.11 -5.55
N PRO A 418 31.62 2.01 -6.40
CA PRO A 418 30.57 3.02 -6.40
C PRO A 418 29.96 3.11 -5.01
N PRO A 419 29.30 4.24 -4.66
CA PRO A 419 28.64 4.39 -3.37
C PRO A 419 27.36 3.54 -3.26
N VAL A 420 26.75 3.13 -4.37
CA VAL A 420 25.57 2.23 -4.32
C VAL A 420 25.72 1.13 -5.38
N HIS A 421 25.09 -0.02 -5.13
CA HIS A 421 25.07 -1.19 -6.05
C HIS A 421 23.80 -1.99 -5.88
N CYS A 422 23.46 -2.84 -6.85
CA CYS A 422 22.26 -3.71 -6.74
C CYS A 422 22.22 -4.39 -5.39
N PRO A 423 21.08 -4.39 -4.65
CA PRO A 423 21.00 -5.14 -3.40
C PRO A 423 20.84 -6.64 -3.68
N LEU A 424 21.02 -7.07 -4.93
CA LEU A 424 20.79 -8.47 -5.32
C LEU A 424 22.03 -9.01 -6.04
N ALA A 425 21.93 -10.22 -6.60
CA ALA A 425 23.08 -10.83 -7.29
C ALA A 425 23.65 -9.84 -8.32
N ARG A 426 24.94 -9.54 -8.24
CA ARG A 426 25.58 -8.61 -9.18
C ARG A 426 26.55 -9.33 -10.12
N VAL A 427 26.52 -8.96 -11.39
CA VAL A 427 27.51 -9.46 -12.40
C VAL A 427 28.92 -9.09 -11.93
N MET A 428 29.82 -10.06 -11.78
CA MET A 428 31.21 -9.74 -11.38
C MET A 428 32.09 -9.66 -12.63
N ALA A 429 31.81 -10.44 -13.67
CA ALA A 429 32.68 -10.53 -14.85
C ALA A 429 31.97 -11.24 -16.00
N THR A 430 32.26 -10.84 -17.24
CA THR A 430 31.60 -11.35 -18.47
C THR A 430 32.67 -11.92 -19.38
N ARG A 431 32.86 -13.22 -19.34
CA ARG A 431 33.91 -13.89 -20.13
C ARG A 431 33.23 -14.40 -21.41
N THR A 432 33.94 -14.31 -22.54
CA THR A 432 33.42 -14.80 -23.83
C THR A 432 34.52 -15.58 -24.54
N GLY A 433 34.15 -16.62 -25.28
CA GLY A 433 35.14 -17.40 -26.05
C GLY A 433 34.49 -18.47 -26.89
N MET A 434 35.30 -19.37 -27.46
CA MET A 434 34.79 -20.48 -28.30
C MET A 434 33.84 -21.34 -27.46
N GLY A 435 32.74 -21.77 -28.07
CA GLY A 435 31.97 -22.95 -27.63
C GLY A 435 31.85 -24.00 -28.70
N GLY A 436 30.90 -24.92 -28.54
CA GLY A 436 30.75 -26.04 -29.48
C GLY A 436 31.40 -27.27 -28.91
N PHE A 437 31.65 -27.24 -27.60
CA PHE A 437 32.34 -28.36 -26.94
C PHE A 437 31.91 -28.41 -25.48
N SER A 438 32.49 -29.34 -24.75
CA SER A 438 32.16 -29.49 -23.31
C SER A 438 33.23 -28.79 -22.49
N GLU A 439 32.81 -28.00 -21.51
CA GLU A 439 33.76 -27.25 -20.68
C GLU A 439 34.66 -28.26 -19.97
N GLY A 440 35.97 -28.12 -20.17
CA GLY A 440 36.94 -29.05 -19.56
C GLY A 440 37.47 -29.99 -20.61
N TRP A 441 36.70 -30.17 -21.68
CA TRP A 441 37.10 -31.14 -22.73
C TRP A 441 37.18 -30.44 -24.09
N ALA A 442 37.80 -29.25 -24.16
CA ALA A 442 38.06 -28.54 -25.43
C ALA A 442 38.99 -29.42 -26.24
N PRO A 443 38.63 -29.83 -27.49
CA PRO A 443 39.42 -30.81 -28.21
C PRO A 443 40.81 -30.27 -28.57
N GLY A 444 41.81 -31.16 -28.50
CA GLY A 444 43.23 -30.81 -28.65
C GLY A 444 43.76 -31.10 -30.03
N GLU A 445 43.09 -31.99 -30.77
CA GLU A 445 43.61 -32.54 -32.05
C GLU A 445 42.89 -31.94 -33.26
N HIS A 446 41.60 -31.68 -33.08
CA HIS A 446 40.75 -30.90 -34.01
C HIS A 446 40.27 -29.65 -33.26
N TYR A 447 39.82 -28.62 -34.01
CA TYR A 447 38.97 -27.52 -33.48
C TYR A 447 37.56 -28.05 -33.29
N PRO A 448 36.64 -27.32 -32.64
CA PRO A 448 35.26 -27.80 -32.54
C PRO A 448 34.52 -28.00 -33.86
N GLU A 449 33.57 -28.94 -33.80
CA GLU A 449 32.74 -29.50 -34.91
C GLU A 449 31.95 -28.33 -35.52
N LYS A 450 31.04 -27.76 -34.74
CA LYS A 450 30.15 -26.62 -35.10
C LYS A 450 30.71 -25.30 -34.56
N TRP A 451 30.41 -24.20 -35.24
CA TRP A 451 30.78 -22.85 -34.73
C TRP A 451 29.71 -22.33 -33.76
N ALA A 452 30.15 -21.87 -32.58
CA ALA A 452 29.32 -21.14 -31.60
C ALA A 452 30.20 -20.18 -30.77
N ARG A 453 29.55 -19.24 -30.06
CA ARG A 453 30.28 -18.29 -29.17
C ARG A 453 29.83 -18.52 -27.72
N ARG A 454 30.80 -18.82 -26.84
CA ARG A 454 30.51 -19.13 -25.41
C ARG A 454 30.47 -17.82 -24.62
N PHE A 455 29.49 -17.71 -23.74
CA PHE A 455 29.30 -16.60 -22.78
C PHE A 455 29.31 -17.17 -21.37
N ALA A 456 30.18 -16.62 -20.55
CA ALA A 456 30.23 -16.96 -19.12
C ALA A 456 30.02 -15.68 -18.31
N VAL A 457 28.95 -15.63 -17.51
CA VAL A 457 28.61 -14.45 -16.67
C VAL A 457 28.64 -14.89 -15.20
N ASP A 458 29.69 -14.56 -14.46
CA ASP A 458 29.74 -14.89 -13.02
C ASP A 458 28.92 -13.84 -12.28
N PHE A 459 28.07 -14.31 -11.36
CA PHE A 459 27.26 -13.50 -10.42
C PHE A 459 27.73 -13.81 -8.99
N VAL A 460 27.76 -12.78 -8.15
CA VAL A 460 28.06 -12.86 -6.69
C VAL A 460 26.99 -11.99 -6.07
N GLY A 461 26.48 -12.23 -4.86
CA GLY A 461 25.47 -11.26 -4.39
C GLY A 461 24.43 -11.81 -3.45
N GLY A 462 23.18 -11.31 -3.51
CA GLY A 462 22.23 -11.55 -2.42
C GLY A 462 21.29 -12.72 -2.67
N ASP A 463 21.09 -13.54 -1.65
CA ASP A 463 20.20 -14.74 -1.63
C ASP A 463 20.66 -15.75 -2.67
N LEU A 464 21.75 -15.52 -3.38
CA LEU A 464 22.27 -16.56 -4.31
C LEU A 464 22.39 -17.88 -3.51
N LYS A 465 22.88 -17.80 -2.27
CA LYS A 465 23.14 -18.99 -1.42
C LYS A 465 21.79 -19.66 -1.09
N ALA A 466 20.86 -18.91 -0.51
CA ALA A 466 19.52 -19.37 -0.06
C ALA A 466 18.60 -19.68 -1.25
N ALA A 467 18.80 -19.01 -2.38
CA ALA A 467 18.03 -19.23 -3.62
C ALA A 467 18.46 -20.51 -4.33
N ALA A 468 19.70 -20.97 -4.13
CA ALA A 468 20.35 -22.03 -4.95
C ALA A 468 19.59 -23.36 -4.84
N PRO A 469 19.40 -23.93 -3.61
CA PRO A 469 18.52 -25.09 -3.44
C PRO A 469 17.11 -24.95 -4.02
N LYS A 470 16.51 -23.76 -3.99
CA LYS A 470 15.11 -23.55 -4.46
C LYS A 470 15.08 -23.57 -5.99
N GLY A 471 16.24 -23.34 -6.64
CA GLY A 471 16.36 -23.42 -8.11
C GLY A 471 16.45 -22.06 -8.77
N ILE A 472 17.64 -21.75 -9.31
CA ILE A 472 18.00 -20.54 -10.09
C ILE A 472 17.86 -20.82 -11.60
N GLU A 473 16.90 -20.19 -12.30
CA GLU A 473 16.85 -20.23 -13.79
C GLU A 473 17.43 -18.93 -14.33
N PRO A 474 18.41 -18.99 -15.24
CA PRO A 474 18.76 -17.82 -16.03
C PRO A 474 17.65 -17.57 -17.04
N VAL A 475 17.16 -16.34 -17.16
CA VAL A 475 16.27 -15.90 -18.27
C VAL A 475 17.13 -15.17 -19.26
N ILE A 476 17.25 -15.72 -20.47
CA ILE A 476 18.08 -15.15 -21.57
C ILE A 476 17.12 -14.68 -22.66
N THR A 477 17.50 -13.61 -23.33
CA THR A 477 16.71 -12.91 -24.36
C THR A 477 17.74 -12.50 -25.39
N LEU A 478 17.54 -12.85 -26.67
CA LEU A 478 18.47 -12.54 -27.77
C LEU A 478 17.71 -11.86 -28.90
N SER A 479 18.29 -10.83 -29.50
CA SER A 479 17.71 -10.15 -30.69
C SER A 479 17.74 -11.13 -31.85
N SER A 480 18.70 -12.04 -31.83
CA SER A 480 18.96 -13.00 -32.92
C SER A 480 19.72 -14.18 -32.32
N GLY A 481 19.63 -15.37 -32.95
CA GLY A 481 20.43 -16.52 -32.52
C GLY A 481 19.73 -17.34 -31.45
N GLU A 482 20.32 -18.46 -31.06
CA GLU A 482 19.71 -19.41 -30.10
C GLU A 482 20.72 -19.63 -28.97
N ALA A 483 20.25 -19.53 -27.73
CA ALA A 483 21.04 -19.89 -26.53
C ALA A 483 20.96 -21.40 -26.38
N LYS A 484 22.10 -22.11 -26.35
CA LYS A 484 22.17 -23.58 -26.15
C LYS A 484 23.22 -23.91 -25.09
N GLN A 485 23.20 -25.12 -24.57
CA GLN A 485 24.16 -25.64 -23.54
C GLN A 485 24.13 -24.66 -22.37
N ILE A 486 22.96 -24.15 -22.00
CA ILE A 486 22.81 -23.28 -20.79
C ILE A 486 23.27 -24.09 -19.59
N GLU A 487 24.21 -23.57 -18.79
CA GLU A 487 24.71 -24.26 -17.57
C GLU A 487 24.71 -23.28 -16.38
N ILE A 488 24.39 -23.75 -15.18
CA ILE A 488 24.54 -23.01 -13.89
C ILE A 488 25.54 -23.78 -13.04
N LEU A 489 26.66 -23.17 -12.68
CA LEU A 489 27.81 -23.88 -12.06
C LEU A 489 28.22 -23.13 -10.83
N TYR A 490 28.48 -23.79 -9.72
CA TYR A 490 29.02 -23.12 -8.52
C TYR A 490 30.51 -22.83 -8.73
N ILE A 491 30.95 -21.62 -8.35
CA ILE A 491 32.35 -21.14 -8.36
C ILE A 491 32.81 -20.90 -6.92
N GLU A 492 33.38 -21.92 -6.26
CA GLU A 492 33.80 -21.80 -4.83
C GLU A 492 34.62 -20.52 -4.63
N PRO A 493 35.69 -20.24 -5.42
CA PRO A 493 36.67 -19.23 -5.02
C PRO A 493 36.09 -17.81 -4.79
N ILE A 494 34.96 -17.48 -5.41
CA ILE A 494 34.26 -16.16 -5.27
C ILE A 494 32.85 -16.40 -4.70
N ASP A 495 32.57 -17.61 -4.22
CA ASP A 495 31.27 -17.99 -3.63
C ASP A 495 30.12 -17.46 -4.49
N GLY A 496 30.20 -17.59 -5.81
CA GLY A 496 29.13 -17.15 -6.71
C GLY A 496 28.62 -18.26 -7.61
N TYR A 497 28.01 -17.88 -8.74
CA TYR A 497 27.41 -18.81 -9.73
C TYR A 497 27.74 -18.35 -11.14
N ARG A 498 28.22 -19.26 -11.99
CA ARG A 498 28.53 -18.91 -13.39
C ARG A 498 27.38 -19.41 -14.26
N ILE A 499 26.82 -18.53 -15.07
CA ILE A 499 25.89 -18.91 -16.16
C ILE A 499 26.72 -18.93 -17.44
N GLN A 500 26.82 -20.10 -18.07
CA GLN A 500 27.41 -20.28 -19.42
C GLN A 500 26.25 -20.55 -20.37
N PHE A 501 26.33 -20.00 -21.58
CA PHE A 501 25.49 -20.46 -22.73
C PHE A 501 26.33 -20.29 -24.00
N ASP A 502 26.05 -21.13 -24.97
CA ASP A 502 26.64 -21.07 -26.32
C ASP A 502 25.63 -20.39 -27.25
N TRP A 503 26.04 -19.31 -27.89
CA TRP A 503 25.18 -18.62 -28.88
C TRP A 503 25.40 -19.29 -30.22
N TYR A 504 24.35 -19.86 -30.79
CA TYR A 504 24.32 -20.40 -32.17
C TYR A 504 23.61 -19.39 -33.07
N PRO A 505 24.20 -18.96 -34.21
CA PRO A 505 23.54 -18.02 -35.09
C PRO A 505 22.31 -18.70 -35.73
N THR A 506 21.34 -17.91 -36.16
CA THR A 506 20.20 -18.41 -36.98
C THR A 506 20.28 -17.76 -38.36
N SER A 507 21.27 -16.90 -38.59
CA SER A 507 21.26 -16.00 -39.78
C SER A 507 22.67 -15.77 -40.33
N ASP A 508 22.74 -15.36 -41.58
CA ASP A 508 23.99 -14.87 -42.23
C ASP A 508 24.25 -13.42 -41.81
N SER A 509 23.39 -12.84 -40.95
CA SER A 509 23.44 -11.40 -40.59
C SER A 509 24.62 -11.13 -39.67
N THR A 510 25.40 -10.07 -39.95
CA THR A 510 26.46 -9.51 -39.07
C THR A 510 25.89 -8.39 -38.18
N ASP A 511 24.57 -8.18 -38.22
CA ASP A 511 23.89 -7.18 -37.34
C ASP A 511 24.21 -7.50 -35.89
N PRO A 512 24.51 -6.44 -35.11
CA PRO A 512 24.64 -6.55 -33.65
C PRO A 512 23.57 -7.42 -33.01
N VAL A 513 23.94 -8.22 -32.02
CA VAL A 513 22.99 -9.06 -31.26
C VAL A 513 22.83 -8.45 -29.86
N ASP A 514 21.63 -7.98 -29.55
CA ASP A 514 21.37 -7.35 -28.25
C ASP A 514 20.93 -8.48 -27.32
N MET A 515 21.80 -8.87 -26.39
CA MET A 515 21.53 -9.96 -25.40
C MET A 515 21.18 -9.38 -24.03
N ARG A 516 20.29 -10.08 -23.33
CA ARG A 516 19.76 -9.63 -22.01
C ARG A 516 19.69 -10.88 -21.12
N MET A 517 20.15 -10.81 -19.86
CA MET A 517 20.09 -11.95 -18.91
C MET A 517 19.84 -11.47 -17.46
N TYR A 518 18.96 -12.15 -16.74
CA TYR A 518 18.89 -12.07 -15.25
C TYR A 518 18.57 -13.44 -14.67
N LEU A 519 18.83 -13.58 -13.37
CA LEU A 519 18.54 -14.80 -12.59
C LEU A 519 17.11 -14.72 -12.02
N ARG A 520 16.36 -15.83 -12.14
CA ARG A 520 14.99 -15.98 -11.60
C ARG A 520 14.98 -17.13 -10.59
N CYS A 521 14.07 -17.05 -9.63
CA CYS A 521 13.92 -18.06 -8.55
C CYS A 521 12.49 -17.99 -8.03
N GLN A 522 11.68 -18.99 -8.36
CA GLN A 522 10.24 -19.04 -7.97
C GLN A 522 9.54 -17.81 -8.52
N GLY A 523 9.89 -17.41 -9.74
CA GLY A 523 9.16 -16.36 -10.48
C GLY A 523 9.71 -14.96 -10.19
N ASP A 524 10.32 -14.72 -9.03
CA ASP A 524 10.95 -13.43 -8.66
C ASP A 524 12.38 -13.32 -9.26
N ALA A 525 12.78 -12.14 -9.72
CA ALA A 525 14.17 -11.83 -10.14
C ALA A 525 15.05 -11.67 -8.88
N ILE A 526 16.28 -12.20 -8.92
CA ILE A 526 17.24 -12.22 -7.77
C ILE A 526 18.60 -11.63 -8.15
N SER A 527 18.72 -11.09 -9.36
CA SER A 527 19.95 -10.46 -9.92
C SER A 527 19.63 -9.14 -10.64
N GLU A 528 20.65 -8.29 -10.81
CA GLU A 528 20.63 -7.19 -11.79
C GLU A 528 20.55 -7.79 -13.19
N THR A 529 20.12 -6.98 -14.13
CA THR A 529 20.05 -7.35 -15.56
C THR A 529 21.41 -7.11 -16.20
N TRP A 530 21.79 -8.03 -17.09
CA TRP A 530 23.07 -7.94 -17.83
C TRP A 530 22.74 -7.67 -19.30
N LEU A 531 23.06 -6.49 -19.81
CA LEU A 531 22.90 -6.18 -21.25
C LEU A 531 24.25 -6.42 -21.88
N TYR A 532 24.30 -7.15 -22.99
CA TYR A 532 25.54 -7.36 -23.76
C TYR A 532 25.26 -7.05 -25.22
N GLN A 533 26.29 -6.57 -25.92
CA GLN A 533 26.22 -6.29 -27.38
C GLN A 533 27.29 -7.10 -28.11
N TYR A 534 26.85 -8.18 -28.75
CA TYR A 534 27.71 -9.11 -29.51
C TYR A 534 27.71 -8.71 -31.00
N PHE A 535 28.87 -8.76 -31.63
CA PHE A 535 29.08 -8.59 -33.09
C PHE A 535 29.45 -9.94 -33.70
N PRO A 536 28.48 -10.69 -34.26
CA PRO A 536 28.78 -11.96 -34.89
C PRO A 536 29.74 -11.69 -36.04
N PRO A 537 30.70 -12.59 -36.25
CA PRO A 537 31.58 -12.50 -37.41
C PRO A 537 30.77 -12.73 -38.69
N ALA A 538 31.34 -12.30 -39.82
CA ALA A 538 30.95 -12.66 -41.20
C ALA A 538 30.74 -14.18 -41.28
N PRO A 539 29.76 -14.69 -42.05
CA PRO A 539 29.47 -16.12 -42.07
C PRO A 539 30.65 -16.91 -42.65
N ASP A 540 31.43 -16.30 -43.55
CA ASP A 540 32.63 -16.96 -44.12
C ASP A 540 33.66 -17.20 -43.00
N LYS A 541 33.66 -16.43 -41.90
CA LYS A 541 34.59 -16.64 -40.77
C LYS A 541 33.89 -17.27 -39.56
N ARG A 542 32.77 -17.99 -39.72
CA ARG A 542 32.19 -18.77 -38.59
C ARG A 542 32.68 -20.21 -38.67
N GLN A 543 34.00 -20.38 -38.57
CA GLN A 543 34.71 -21.67 -38.72
C GLN A 543 36.18 -21.45 -38.34
N TYR A 544 36.91 -22.53 -38.04
CA TYR A 544 38.32 -22.43 -37.55
C TYR A 544 39.24 -22.97 -38.66
N VAL A 545 40.39 -22.32 -38.83
CA VAL A 545 41.42 -22.69 -39.84
C VAL A 545 42.53 -23.43 -39.08
N ASP A 546 42.69 -24.73 -39.33
CA ASP A 546 43.63 -25.61 -38.58
C ASP A 546 45.00 -25.66 -39.28
N ASP A 547 45.95 -24.80 -38.86
CA ASP A 547 47.20 -24.54 -39.64
C ASP A 547 48.38 -25.32 -39.03
N ARG A 548 48.13 -26.33 -38.18
CA ARG A 548 49.21 -27.04 -37.43
C ARG A 548 50.06 -27.83 -38.46
N VAL A 549 51.31 -28.18 -38.12
CA VAL A 549 52.14 -29.17 -38.87
C VAL A 549 52.84 -30.10 -37.87
N MET A 550 52.92 -31.38 -38.21
CA MET A 550 53.43 -32.46 -37.32
C MET A 550 54.63 -33.15 -38.00
N SER A 551 55.78 -32.48 -38.12
CA SER A 551 56.94 -32.95 -38.93
C SER A 551 58.24 -33.04 -38.11
N LEU A 552 59.17 -33.89 -38.59
CA LEU A 552 60.58 -34.03 -38.12
C LEU A 552 61.46 -32.98 -38.81
N GLU A 553 61.00 -31.73 -38.91
CA GLU A 553 61.75 -30.59 -39.52
C GLU A 553 62.44 -29.77 -38.43
N HIS A 554 61.91 -29.80 -37.20
CA HIS A 554 62.35 -28.93 -36.08
C HIS A 554 62.83 -29.78 -34.90
N HIS A 555 64.06 -30.34 -35.02
CA HIS A 555 64.92 -30.91 -33.94
C HIS A 555 66.03 -29.87 -33.66
N HIS A 556 66.32 -29.61 -32.37
CA HIS A 556 67.31 -28.60 -31.88
C HIS A 556 68.20 -29.22 -30.77
N HIS A 557 69.52 -29.04 -30.84
CA HIS A 557 70.53 -29.59 -29.87
C HIS A 557 71.32 -28.42 -29.25
N HIS A 558 71.44 -28.42 -27.92
CA HIS A 558 72.12 -27.31 -27.21
C HIS A 558 73.24 -27.88 -26.31
N SER B 35 39.70 -63.76 4.33
CA SER B 35 39.41 -62.31 4.60
C SER B 35 40.17 -61.39 3.61
N ASP B 36 41.51 -61.48 3.57
CA ASP B 36 42.41 -60.81 2.59
C ASP B 36 41.99 -61.19 1.15
N ILE B 37 42.24 -60.35 0.15
CA ILE B 37 41.79 -60.59 -1.26
C ILE B 37 42.86 -61.38 -1.99
N ALA B 38 44.10 -61.37 -1.50
CA ALA B 38 45.23 -62.10 -2.14
C ALA B 38 45.02 -63.60 -1.94
N ASP B 39 44.70 -64.36 -2.99
CA ASP B 39 44.42 -65.79 -2.75
C ASP B 39 44.89 -66.70 -3.90
N GLY B 40 45.88 -66.29 -4.68
CA GLY B 40 46.61 -67.20 -5.60
C GLY B 40 47.71 -67.96 -4.88
N GLN B 41 48.57 -68.61 -5.66
CA GLN B 41 49.62 -69.52 -5.19
C GLN B 41 50.72 -68.71 -4.48
N THR B 42 51.16 -69.13 -3.28
CA THR B 42 52.35 -68.54 -2.57
C THR B 42 53.60 -68.68 -3.44
N GLN B 43 54.33 -67.60 -3.64
CA GLN B 43 55.60 -67.53 -4.42
C GLN B 43 56.59 -66.57 -3.75
N ARG B 44 57.85 -66.97 -3.59
CA ARG B 44 58.88 -66.06 -3.03
C ARG B 44 59.07 -64.86 -3.95
N PHE B 45 59.18 -63.66 -3.38
CA PHE B 45 59.33 -62.39 -4.13
C PHE B 45 60.15 -61.39 -3.33
N ASP B 46 61.00 -60.69 -4.07
CA ASP B 46 61.79 -59.54 -3.57
C ASP B 46 62.29 -58.77 -4.80
N PHE B 47 63.05 -57.69 -4.60
CA PHE B 47 63.48 -56.84 -5.74
C PHE B 47 64.39 -57.66 -6.68
N SER B 48 65.30 -58.46 -6.13
CA SER B 48 66.23 -59.32 -6.92
C SER B 48 65.45 -60.27 -7.84
N ILE B 49 64.51 -61.00 -7.24
CA ILE B 49 63.64 -61.97 -7.96
C ILE B 49 62.95 -61.29 -9.15
N LEU B 50 62.60 -60.00 -9.04
CA LEU B 50 61.85 -59.31 -10.14
C LEU B 50 62.84 -58.97 -11.26
N GLN B 51 64.01 -58.47 -10.88
CA GLN B 51 65.11 -58.20 -11.84
C GLN B 51 65.41 -59.49 -12.61
N SER B 52 65.36 -60.64 -11.94
CA SER B 52 65.54 -61.96 -12.61
C SER B 52 64.41 -62.20 -13.61
N MET B 53 63.14 -61.97 -13.21
CA MET B 53 61.96 -62.21 -14.09
C MET B 53 62.14 -61.37 -15.35
N ALA B 54 62.56 -60.13 -15.14
CA ALA B 54 62.63 -59.08 -16.16
C ALA B 54 63.73 -59.44 -17.18
N HIS B 55 64.91 -59.80 -16.65
CA HIS B 55 66.10 -60.15 -17.46
C HIS B 55 65.81 -61.46 -18.21
N ASP B 56 65.23 -62.44 -17.54
CA ASP B 56 64.83 -63.72 -18.19
C ASP B 56 63.80 -63.40 -19.27
N LEU B 57 62.86 -62.51 -18.98
CA LEU B 57 61.78 -62.17 -19.93
C LEU B 57 62.40 -61.60 -21.22
N ALA B 58 63.44 -60.78 -21.08
CA ALA B 58 64.20 -60.14 -22.18
C ALA B 58 64.83 -61.17 -23.11
N GLN B 59 65.31 -62.29 -22.54
CA GLN B 59 65.90 -63.41 -23.33
C GLN B 59 64.84 -63.99 -24.28
N THR B 60 63.55 -63.87 -23.98
CA THR B 60 62.52 -64.47 -24.85
C THR B 60 61.87 -63.40 -25.73
N ALA B 61 60.96 -63.80 -26.61
CA ALA B 61 60.24 -62.89 -27.53
C ALA B 61 59.24 -62.08 -26.73
N TRP B 62 58.97 -60.85 -27.16
CA TRP B 62 57.89 -60.04 -26.57
C TRP B 62 56.56 -60.83 -26.59
N ARG B 63 55.83 -60.80 -25.47
CA ARG B 63 54.49 -61.46 -25.35
C ARG B 63 53.50 -60.94 -26.39
N GLY B 64 53.77 -59.80 -27.01
CA GLY B 64 52.90 -59.19 -28.04
C GLY B 64 51.71 -58.41 -27.50
N ALA B 65 51.00 -57.73 -28.40
CA ALA B 65 49.78 -56.93 -28.15
C ALA B 65 48.73 -57.75 -27.39
N PRO B 66 47.95 -57.15 -26.46
CA PRO B 66 47.02 -57.92 -25.63
C PRO B 66 45.93 -58.68 -26.42
N ARG B 67 45.52 -59.83 -25.91
CA ARG B 67 44.39 -60.62 -26.47
C ARG B 67 43.11 -59.81 -26.34
N PRO B 68 42.16 -59.90 -27.29
CA PRO B 68 40.86 -59.24 -27.13
C PRO B 68 40.24 -59.53 -25.76
N LEU B 69 39.61 -58.53 -25.12
CA LEU B 69 38.90 -58.66 -23.81
C LEU B 69 37.66 -59.51 -24.00
N PRO B 70 37.04 -60.03 -22.92
CA PRO B 70 35.73 -60.69 -23.03
C PRO B 70 34.78 -59.75 -23.77
N ASP B 71 33.81 -60.31 -24.49
CA ASP B 71 32.95 -59.57 -25.45
C ASP B 71 32.13 -58.50 -24.71
N THR B 72 31.71 -58.78 -23.48
CA THR B 72 30.90 -57.84 -22.69
C THR B 72 31.70 -56.54 -22.44
N LEU B 73 33.04 -56.58 -22.33
CA LEU B 73 33.86 -55.40 -21.94
C LEU B 73 34.41 -54.68 -23.19
N ALA B 74 34.50 -55.42 -24.29
CA ALA B 74 35.07 -54.97 -25.59
C ALA B 74 34.20 -53.86 -26.18
N THR B 75 32.90 -53.90 -25.90
CA THR B 75 31.85 -53.15 -26.67
C THR B 75 31.08 -52.28 -25.68
N MET B 76 31.79 -51.54 -24.84
CA MET B 76 31.25 -50.88 -23.62
C MET B 76 31.01 -49.40 -23.89
N THR B 77 29.88 -48.86 -23.43
CA THR B 77 29.67 -47.40 -23.35
C THR B 77 30.44 -46.86 -22.16
N PRO B 78 31.11 -45.69 -22.27
CA PRO B 78 31.71 -45.04 -21.11
C PRO B 78 30.78 -44.88 -19.90
N GLN B 79 29.46 -44.87 -20.08
CA GLN B 79 28.48 -44.93 -18.95
C GLN B 79 28.71 -46.26 -18.23
N ALA B 80 28.61 -47.36 -18.99
CA ALA B 80 28.61 -48.76 -18.49
C ALA B 80 29.87 -49.00 -17.64
N TYR B 81 31.05 -48.62 -18.16
CA TYR B 81 32.36 -48.73 -17.48
C TYR B 81 32.35 -47.91 -16.19
N ASN B 82 31.89 -46.65 -16.27
CA ASN B 82 31.94 -45.72 -15.11
C ASN B 82 31.02 -46.17 -13.98
N SER B 83 30.01 -47.00 -14.26
CA SER B 83 29.05 -47.48 -13.24
C SER B 83 29.59 -48.77 -12.59
N ILE B 84 30.78 -49.22 -13.00
CA ILE B 84 31.58 -50.30 -12.32
C ILE B 84 32.38 -49.64 -11.19
N GLN B 85 32.23 -50.12 -9.95
CA GLN B 85 32.85 -49.57 -8.72
C GLN B 85 33.52 -50.71 -7.98
N TYR B 86 34.86 -50.69 -7.87
CA TYR B 86 35.59 -51.61 -6.98
C TYR B 86 34.86 -51.57 -5.62
N ASP B 87 34.70 -52.71 -4.92
CA ASP B 87 33.94 -52.74 -3.64
C ASP B 87 34.91 -52.37 -2.51
N ALA B 88 34.73 -51.21 -1.90
CA ALA B 88 35.66 -50.59 -0.92
C ALA B 88 35.89 -51.52 0.28
N GLU B 89 34.99 -52.48 0.48
CA GLU B 89 35.05 -53.49 1.57
C GLU B 89 35.96 -54.66 1.18
N LYS B 90 36.37 -54.73 -0.09
CA LYS B 90 37.38 -55.70 -0.60
C LYS B 90 38.67 -54.95 -0.97
N SER B 91 38.94 -53.81 -0.35
CA SER B 91 40.17 -53.03 -0.63
C SER B 91 41.42 -53.84 -0.24
N LEU B 92 42.54 -53.59 -0.92
CA LEU B 92 43.84 -54.30 -0.75
C LEU B 92 44.22 -54.48 0.72
N TRP B 93 44.09 -53.45 1.55
CA TRP B 93 44.64 -53.46 2.93
C TRP B 93 43.50 -53.34 3.94
N HIS B 94 42.31 -53.84 3.58
CA HIS B 94 41.08 -53.83 4.43
C HIS B 94 41.37 -54.37 5.84
N ASN B 95 42.32 -55.31 5.99
CA ASN B 95 42.56 -56.09 7.24
C ASN B 95 43.67 -55.46 8.09
N VAL B 96 44.42 -54.49 7.57
CA VAL B 96 45.48 -53.83 8.39
C VAL B 96 44.84 -52.86 9.40
N GLU B 97 45.28 -52.88 10.64
CA GLU B 97 44.70 -52.03 11.72
C GLU B 97 45.47 -50.72 11.80
N ASN B 98 44.75 -49.59 11.95
CA ASN B 98 45.34 -48.22 12.00
C ASN B 98 45.85 -47.91 10.58
N ARG B 99 45.21 -48.50 9.58
CA ARG B 99 45.53 -48.27 8.15
C ARG B 99 45.46 -46.75 7.85
N GLN B 100 46.59 -46.13 7.53
CA GLN B 100 46.59 -44.72 7.06
C GLN B 100 46.54 -44.68 5.54
N LEU B 101 46.62 -45.84 4.89
CA LEU B 101 46.65 -45.94 3.41
C LEU B 101 45.78 -47.11 3.01
N ASP B 102 45.09 -47.06 1.88
CA ASP B 102 44.44 -48.28 1.35
C ASP B 102 44.47 -48.15 -0.17
N ALA B 103 44.05 -49.19 -0.90
CA ALA B 103 44.13 -49.19 -2.37
C ALA B 103 43.00 -50.00 -2.98
N GLN B 104 42.67 -49.67 -4.22
CA GLN B 104 41.61 -50.30 -5.01
C GLN B 104 42.11 -50.45 -6.43
N PHE B 105 41.40 -51.24 -7.24
CA PHE B 105 41.82 -51.58 -8.63
C PHE B 105 40.82 -50.95 -9.59
N PHE B 106 41.29 -50.62 -10.79
CA PHE B 106 40.47 -50.20 -11.93
C PHE B 106 40.15 -51.46 -12.73
N HIS B 107 38.92 -51.54 -13.20
CA HIS B 107 38.41 -52.65 -14.03
C HIS B 107 38.98 -52.56 -15.45
N MET B 108 39.13 -53.71 -16.08
CA MET B 108 39.59 -53.73 -17.48
C MET B 108 38.45 -53.26 -18.36
N GLY B 109 38.78 -52.61 -19.48
CA GLY B 109 37.75 -52.09 -20.39
C GLY B 109 38.25 -50.87 -21.13
N MET B 110 37.44 -50.33 -22.05
CA MET B 110 37.85 -49.14 -22.84
C MET B 110 39.28 -49.34 -23.36
N GLY B 111 40.14 -48.35 -23.15
CA GLY B 111 41.52 -48.41 -23.67
C GLY B 111 42.43 -49.13 -22.72
N PHE B 112 41.88 -49.65 -21.64
CA PHE B 112 42.68 -50.50 -20.75
C PHE B 112 42.61 -51.89 -21.36
N ARG B 113 43.60 -52.27 -22.18
CA ARG B 113 43.51 -53.55 -22.91
C ARG B 113 44.57 -54.54 -22.41
N ARG B 114 45.63 -54.06 -21.75
CA ARG B 114 46.67 -54.93 -21.14
C ARG B 114 46.18 -55.44 -19.79
N ARG B 115 46.22 -56.75 -19.59
CA ARG B 115 45.78 -57.36 -18.31
C ARG B 115 46.89 -57.20 -17.29
N VAL B 116 46.77 -56.26 -16.37
CA VAL B 116 47.81 -56.04 -15.32
C VAL B 116 47.50 -57.02 -14.19
N ARG B 117 48.49 -57.84 -13.84
CA ARG B 117 48.38 -58.80 -12.71
C ARG B 117 48.78 -58.07 -11.44
N MET B 118 48.09 -58.34 -10.35
CA MET B 118 48.33 -57.67 -9.04
C MET B 118 48.64 -58.71 -7.95
N PHE B 119 49.61 -58.42 -7.09
CA PHE B 119 50.06 -59.36 -6.05
C PHE B 119 50.19 -58.62 -4.73
N SER B 120 49.90 -59.33 -3.64
CA SER B 120 50.24 -58.89 -2.27
C SER B 120 51.49 -59.62 -1.79
N VAL B 121 52.46 -58.87 -1.25
CA VAL B 121 53.70 -59.40 -0.62
C VAL B 121 53.63 -59.19 0.89
N ASP B 122 53.96 -60.22 1.68
CA ASP B 122 54.36 -60.09 3.11
C ASP B 122 55.85 -59.74 3.15
N PRO B 123 56.25 -58.48 3.48
CA PRO B 123 57.67 -58.14 3.46
C PRO B 123 58.47 -58.92 4.51
N ALA B 124 57.83 -59.40 5.59
CA ALA B 124 58.45 -60.21 6.68
C ALA B 124 58.99 -61.54 6.12
N THR B 125 58.18 -62.22 5.30
CA THR B 125 58.45 -63.62 4.85
C THR B 125 58.86 -63.66 3.38
N HIS B 126 58.87 -62.55 2.67
CA HIS B 126 59.26 -62.46 1.25
C HIS B 126 58.38 -63.40 0.41
N LEU B 127 57.14 -63.64 0.84
CA LEU B 127 56.15 -64.49 0.11
C LEU B 127 55.06 -63.61 -0.50
N ALA B 128 54.68 -63.92 -1.72
CA ALA B 128 53.77 -63.11 -2.55
C ALA B 128 52.62 -63.96 -3.06
N ARG B 129 51.39 -63.51 -2.82
CA ARG B 129 50.19 -64.21 -3.36
C ARG B 129 49.52 -63.32 -4.40
N GLU B 130 49.22 -63.87 -5.58
CA GLU B 130 48.48 -63.12 -6.65
C GLU B 130 47.08 -62.77 -6.14
N ILE B 131 46.58 -61.59 -6.52
CA ILE B 131 45.14 -61.20 -6.45
C ILE B 131 44.56 -61.44 -7.85
N HIS B 132 43.83 -62.54 -8.01
CA HIS B 132 43.22 -62.91 -9.31
C HIS B 132 41.97 -62.05 -9.49
N PHE B 133 41.73 -61.59 -10.70
CA PHE B 133 40.45 -60.94 -11.00
C PHE B 133 39.32 -61.92 -10.67
N ARG B 134 38.31 -61.41 -10.00
CA ARG B 134 37.03 -62.09 -9.65
C ARG B 134 35.95 -61.02 -9.78
N PRO B 135 34.77 -61.26 -10.42
CA PRO B 135 33.74 -60.22 -10.50
C PRO B 135 33.29 -59.69 -9.13
N GLU B 136 33.38 -60.53 -8.10
CA GLU B 136 32.95 -60.24 -6.70
C GLU B 136 33.71 -59.03 -6.11
N LEU B 137 34.80 -58.56 -6.75
CA LEU B 137 35.64 -57.46 -6.21
C LEU B 137 35.02 -56.13 -6.65
N PHE B 138 34.00 -56.19 -7.50
CA PHE B 138 33.44 -54.97 -8.10
C PHE B 138 31.92 -54.94 -7.98
N LYS B 139 31.36 -53.73 -7.96
CA LYS B 139 29.89 -53.53 -8.03
C LYS B 139 29.61 -53.04 -9.44
N TYR B 140 28.84 -53.79 -10.22
CA TYR B 140 28.66 -53.48 -11.65
C TYR B 140 27.48 -52.54 -11.84
N ASN B 141 26.51 -52.58 -10.93
CA ASN B 141 25.41 -51.58 -10.95
C ASN B 141 24.75 -51.55 -12.33
N ASP B 142 24.48 -50.37 -12.87
CA ASP B 142 23.80 -50.23 -14.19
C ASP B 142 24.80 -50.47 -15.32
N ALA B 143 25.68 -51.45 -15.19
CA ALA B 143 26.80 -51.62 -16.15
C ALA B 143 26.29 -52.25 -17.45
N GLY B 144 25.21 -53.04 -17.41
CA GLY B 144 24.81 -53.81 -18.61
C GLY B 144 25.97 -54.68 -19.05
N VAL B 145 26.45 -55.55 -18.17
CA VAL B 145 27.65 -56.41 -18.43
C VAL B 145 27.27 -57.83 -18.06
N ASP B 146 27.54 -58.81 -18.94
CA ASP B 146 27.25 -60.23 -18.63
C ASP B 146 28.32 -60.73 -17.67
N THR B 147 28.12 -60.46 -16.39
CA THR B 147 29.07 -60.91 -15.35
C THR B 147 29.36 -62.41 -15.55
N LYS B 148 28.43 -63.13 -16.15
CA LYS B 148 28.59 -64.60 -16.28
C LYS B 148 29.77 -64.93 -17.21
N GLN B 149 30.09 -64.07 -18.18
CA GLN B 149 31.30 -64.36 -19.02
C GLN B 149 32.56 -63.72 -18.40
N LEU B 150 32.49 -63.31 -17.13
CA LEU B 150 33.64 -62.85 -16.31
C LEU B 150 33.93 -63.85 -15.16
N GLU B 151 33.24 -64.99 -15.08
CA GLU B 151 33.33 -65.98 -13.97
C GLU B 151 34.67 -66.72 -13.99
N GLY B 152 35.00 -67.32 -15.12
CA GLY B 152 36.20 -68.16 -15.28
C GLY B 152 37.49 -67.37 -15.30
N GLN B 153 37.41 -66.05 -15.54
CA GLN B 153 38.52 -65.23 -16.08
C GLN B 153 39.52 -64.80 -14.98
N SER B 154 40.39 -65.70 -14.53
CA SER B 154 41.34 -65.44 -13.40
C SER B 154 42.57 -64.67 -13.88
N ASP B 155 42.78 -64.67 -15.19
CA ASP B 155 43.97 -64.11 -15.88
C ASP B 155 43.61 -62.72 -16.40
N LEU B 156 42.41 -62.21 -16.09
CA LEU B 156 41.91 -60.93 -16.64
C LEU B 156 42.68 -59.76 -16.04
N GLY B 157 43.01 -59.91 -14.76
CA GLY B 157 43.59 -58.85 -13.91
C GLY B 157 42.78 -57.58 -13.98
N PHE B 158 43.50 -56.45 -13.90
CA PHE B 158 42.93 -55.10 -13.70
C PHE B 158 43.69 -54.13 -14.60
N ALA B 159 43.14 -52.93 -14.77
CA ALA B 159 43.74 -51.90 -15.62
C ALA B 159 44.85 -51.17 -14.86
N GLY B 160 44.76 -51.15 -13.54
CA GLY B 160 45.62 -50.28 -12.71
C GLY B 160 45.15 -50.26 -11.27
N PHE B 161 45.75 -49.38 -10.47
CA PHE B 161 45.42 -49.25 -9.03
C PHE B 161 45.49 -47.80 -8.60
N ARG B 162 44.84 -47.49 -7.49
CA ARG B 162 44.96 -46.19 -6.82
C ARG B 162 45.04 -46.41 -5.30
N VAL B 163 45.71 -45.48 -4.63
CA VAL B 163 45.94 -45.46 -3.16
C VAL B 163 45.18 -44.26 -2.59
N PHE B 164 44.52 -44.47 -1.45
CA PHE B 164 43.79 -43.40 -0.76
C PHE B 164 44.47 -43.25 0.60
N LYS B 165 44.39 -42.07 1.19
CA LYS B 165 45.08 -41.79 2.47
C LYS B 165 44.05 -41.25 3.44
N ALA B 166 44.23 -41.54 4.72
CA ALA B 166 43.29 -41.06 5.73
C ALA B 166 43.36 -39.54 5.82
N PRO B 167 42.22 -38.84 5.94
CA PRO B 167 41.02 -39.40 6.52
C PRO B 167 39.96 -39.89 5.52
N GLU B 168 40.36 -40.12 4.27
CA GLU B 168 39.42 -40.58 3.22
C GLU B 168 40.07 -41.74 2.48
N LEU B 169 39.91 -42.96 2.98
CA LEU B 169 40.58 -44.15 2.41
C LEU B 169 39.70 -44.83 1.37
N ALA B 170 38.57 -44.21 1.00
CA ALA B 170 37.75 -44.80 -0.07
C ALA B 170 37.37 -43.75 -1.09
N ARG B 171 37.80 -42.49 -0.93
CA ARG B 171 37.32 -41.42 -1.86
C ARG B 171 38.45 -40.64 -2.55
N ARG B 172 39.04 -39.65 -1.90
CA ARG B 172 40.02 -38.78 -2.61
C ARG B 172 41.34 -39.54 -2.77
N ASP B 173 41.63 -39.99 -3.99
CA ASP B 173 42.84 -40.82 -4.20
C ASP B 173 44.06 -39.89 -4.24
N VAL B 174 45.25 -40.43 -3.94
CA VAL B 174 46.46 -39.57 -3.86
C VAL B 174 47.46 -40.08 -4.88
N VAL B 175 47.37 -41.37 -5.22
CA VAL B 175 48.32 -41.99 -6.19
C VAL B 175 47.51 -42.89 -7.12
N SER B 176 47.82 -42.86 -8.41
CA SER B 176 47.09 -43.66 -9.41
C SER B 176 48.04 -44.16 -10.50
N PHE B 177 48.24 -45.47 -10.59
CA PHE B 177 48.96 -46.09 -11.73
C PHE B 177 47.89 -46.70 -12.64
N LEU B 178 47.68 -46.11 -13.82
CA LEU B 178 46.64 -46.58 -14.76
C LEU B 178 47.01 -46.03 -16.12
N GLY B 179 47.09 -46.89 -17.13
CA GLY B 179 47.56 -46.47 -18.45
C GLY B 179 48.48 -47.51 -18.99
N ALA B 180 49.71 -47.16 -19.30
CA ALA B 180 50.69 -48.16 -19.73
C ALA B 180 51.80 -48.16 -18.69
N SER B 181 52.81 -47.32 -18.88
CA SER B 181 53.86 -47.08 -17.87
C SER B 181 53.46 -45.80 -17.13
N TYR B 182 52.20 -45.37 -17.30
CA TYR B 182 51.74 -44.03 -16.83
C TYR B 182 51.27 -44.06 -15.38
N PHE B 183 51.53 -42.97 -14.66
CA PHE B 183 51.11 -42.83 -13.25
C PHE B 183 51.11 -41.34 -12.89
N ARG B 184 50.38 -41.00 -11.83
CA ARG B 184 50.29 -39.58 -11.38
C ARG B 184 49.99 -39.53 -9.87
N ALA B 185 50.31 -38.41 -9.24
CA ALA B 185 50.00 -38.16 -7.83
C ALA B 185 49.68 -36.67 -7.61
N VAL B 186 49.32 -36.34 -6.36
CA VAL B 186 48.72 -35.03 -5.96
C VAL B 186 49.36 -34.54 -4.66
N ASP B 187 49.43 -33.21 -4.48
CA ASP B 187 49.78 -32.58 -3.18
C ASP B 187 48.50 -32.30 -2.38
N ASP B 188 48.61 -31.43 -1.38
CA ASP B 188 47.50 -31.17 -0.43
C ASP B 188 46.32 -30.51 -1.16
N THR B 189 46.48 -30.05 -2.40
CA THR B 189 45.32 -29.65 -3.24
C THR B 189 44.47 -30.86 -3.64
N TYR B 190 45.04 -32.08 -3.69
CA TYR B 190 44.33 -33.34 -4.03
C TYR B 190 43.82 -33.30 -5.46
N GLN B 191 44.33 -32.37 -6.27
CA GLN B 191 43.90 -32.23 -7.69
C GLN B 191 44.94 -32.93 -8.57
N TYR B 192 44.48 -33.88 -9.37
CA TYR B 192 45.33 -34.60 -10.36
C TYR B 192 45.68 -33.63 -11.51
N GLY B 193 46.90 -33.70 -12.03
CA GLY B 193 47.28 -32.91 -13.22
C GLY B 193 48.22 -33.68 -14.14
N LEU B 194 49.47 -33.21 -14.24
CA LEU B 194 50.44 -33.82 -15.18
C LEU B 194 50.75 -35.26 -14.72
N SER B 195 51.26 -36.01 -15.68
CA SER B 195 51.57 -37.46 -15.59
C SER B 195 53.08 -37.70 -15.58
N ALA B 196 53.48 -38.85 -15.04
CA ALA B 196 54.83 -39.45 -15.24
C ALA B 196 54.67 -40.76 -16.01
N ARG B 197 55.80 -41.35 -16.43
CA ARG B 197 55.82 -42.78 -16.86
C ARG B 197 57.05 -43.48 -16.26
N GLY B 198 56.99 -44.82 -16.29
CA GLY B 198 58.15 -45.70 -16.05
C GLY B 198 59.22 -45.43 -17.11
N LEU B 199 58.79 -45.35 -18.37
CA LEU B 199 59.73 -45.30 -19.50
C LEU B 199 59.07 -44.72 -20.75
N ALA B 200 59.89 -44.05 -21.58
CA ALA B 200 59.51 -43.55 -22.91
C ALA B 200 60.42 -44.17 -23.99
N ILE B 201 59.83 -44.62 -25.10
CA ILE B 201 60.54 -45.27 -26.23
C ILE B 201 60.12 -44.61 -27.54
N ASP B 202 61.07 -44.03 -28.27
CA ASP B 202 60.83 -43.49 -29.63
C ASP B 202 59.69 -42.47 -29.66
N THR B 203 59.78 -41.42 -28.84
CA THR B 203 58.70 -40.41 -28.77
C THR B 203 58.87 -39.46 -29.97
N TYR B 204 60.09 -39.32 -30.48
CA TYR B 204 60.39 -38.42 -31.63
C TYR B 204 61.46 -39.08 -32.52
N THR B 205 61.06 -39.81 -33.57
CA THR B 205 62.01 -40.47 -34.55
C THR B 205 61.30 -40.91 -35.85
N ASP B 206 62.06 -41.47 -36.82
CA ASP B 206 61.57 -42.00 -38.14
C ASP B 206 60.36 -42.91 -37.90
N SER B 207 60.36 -43.73 -36.85
CA SER B 207 59.29 -44.71 -36.53
C SER B 207 58.23 -44.04 -35.64
N LYS B 208 57.12 -44.73 -35.41
CA LYS B 208 56.04 -44.38 -34.45
C LYS B 208 56.51 -44.68 -33.02
N GLU B 209 55.97 -43.96 -32.04
CA GLU B 209 56.27 -44.16 -30.60
C GLU B 209 55.77 -45.54 -30.13
N GLU B 210 56.52 -46.14 -29.19
CA GLU B 210 56.29 -47.44 -28.50
C GLU B 210 55.97 -47.19 -27.03
N PHE B 211 54.89 -47.79 -26.56
CA PHE B 211 54.31 -47.57 -25.21
C PHE B 211 54.46 -48.83 -24.36
N PRO B 212 55.60 -48.96 -23.65
CA PRO B 212 55.75 -50.03 -22.66
C PRO B 212 54.56 -50.04 -21.70
N ASP B 213 54.25 -51.21 -21.17
CA ASP B 213 53.11 -51.35 -20.24
C ASP B 213 53.61 -51.89 -18.90
N PHE B 214 53.00 -51.46 -17.80
CA PHE B 214 53.29 -52.07 -16.48
C PHE B 214 52.34 -53.25 -16.50
N THR B 215 52.86 -54.47 -16.45
CA THR B 215 52.05 -55.69 -16.70
C THR B 215 51.81 -56.40 -15.38
N ALA B 216 52.54 -56.03 -14.34
CA ALA B 216 52.34 -56.60 -13.01
C ALA B 216 52.80 -55.61 -11.94
N PHE B 217 52.11 -55.63 -10.81
CA PHE B 217 52.46 -54.85 -9.59
C PHE B 217 52.45 -55.79 -8.39
N TRP B 218 53.41 -55.58 -7.50
CA TRP B 218 53.55 -56.32 -6.23
C TRP B 218 53.49 -55.26 -5.14
N PHE B 219 52.69 -55.49 -4.10
CA PHE B 219 52.41 -54.49 -3.06
C PHE B 219 52.82 -55.01 -1.68
N ASP B 220 53.99 -54.61 -1.18
CA ASP B 220 54.30 -54.78 0.26
C ASP B 220 53.04 -54.31 1.00
N THR B 221 52.42 -55.20 1.78
CA THR B 221 51.39 -54.87 2.79
C THR B 221 51.85 -53.72 3.67
N VAL B 222 51.02 -52.66 3.82
CA VAL B 222 51.34 -51.45 4.66
C VAL B 222 51.41 -51.81 6.14
N LYS B 223 52.33 -51.17 6.84
CA LYS B 223 52.41 -51.28 8.31
C LYS B 223 51.22 -50.52 8.89
N PRO B 224 50.71 -50.93 10.07
CA PRO B 224 49.83 -50.07 10.85
C PRO B 224 50.51 -48.71 11.09
N GLY B 225 49.80 -47.62 10.83
CA GLY B 225 50.24 -46.25 11.15
C GLY B 225 51.02 -45.60 10.02
N ALA B 226 51.42 -46.37 9.01
CA ALA B 226 52.36 -45.92 7.97
C ALA B 226 51.57 -45.26 6.83
N THR B 227 52.17 -44.19 6.33
CA THR B 227 51.84 -43.40 5.10
C THR B 227 52.89 -43.62 4.01
N THR B 228 53.94 -44.41 4.27
CA THR B 228 54.83 -44.94 3.21
C THR B 228 54.31 -46.33 2.79
N PHE B 229 54.21 -46.60 1.49
CA PHE B 229 54.01 -47.96 0.97
C PHE B 229 55.01 -48.18 -0.15
N THR B 230 55.24 -49.46 -0.45
CA THR B 230 56.27 -49.92 -1.44
C THR B 230 55.58 -50.79 -2.47
N VAL B 231 55.72 -50.46 -3.75
CA VAL B 231 55.06 -51.22 -4.86
C VAL B 231 56.16 -51.49 -5.89
N TYR B 232 56.29 -52.75 -6.31
CA TYR B 232 57.27 -53.20 -7.33
C TYR B 232 56.45 -53.33 -8.62
N ALA B 233 57.10 -53.13 -9.76
CA ALA B 233 56.40 -53.17 -11.06
C ALA B 233 57.30 -53.80 -12.12
N LEU B 234 56.69 -54.68 -12.92
CA LEU B 234 57.30 -55.28 -14.13
C LEU B 234 56.90 -54.48 -15.36
N LEU B 235 57.89 -53.97 -16.08
CA LEU B 235 57.69 -53.26 -17.37
C LEU B 235 58.00 -54.28 -18.46
N ASP B 236 57.21 -54.23 -19.54
CA ASP B 236 57.31 -55.13 -20.70
C ASP B 236 56.89 -54.38 -21.97
N SER B 237 57.71 -54.48 -23.00
CA SER B 237 57.50 -53.79 -24.29
C SER B 237 58.24 -54.53 -25.40
N ALA B 238 57.83 -54.34 -26.66
CA ALA B 238 58.52 -54.96 -27.81
C ALA B 238 60.04 -54.83 -27.65
N SER B 239 60.51 -53.65 -27.29
CA SER B 239 61.96 -53.31 -27.35
C SER B 239 62.71 -53.56 -26.04
N ILE B 240 62.00 -53.76 -24.91
CA ILE B 240 62.65 -53.64 -23.57
C ILE B 240 61.77 -54.22 -22.47
N THR B 241 62.43 -54.74 -21.43
CA THR B 241 61.79 -55.14 -20.14
C THR B 241 62.40 -54.33 -19.00
N GLY B 242 61.76 -54.33 -17.82
CA GLY B 242 62.32 -53.64 -16.63
C GLY B 242 61.72 -54.08 -15.32
N ALA B 243 62.53 -53.95 -14.26
CA ALA B 243 62.11 -54.16 -12.87
C ALA B 243 62.18 -52.83 -12.12
N TYR B 244 61.04 -52.39 -11.61
CA TYR B 244 60.85 -51.10 -10.92
C TYR B 244 60.53 -51.36 -9.44
N LYS B 245 61.18 -50.61 -8.55
CA LYS B 245 60.74 -50.45 -7.14
C LYS B 245 60.32 -48.99 -6.90
N PHE B 246 59.12 -48.81 -6.36
CA PHE B 246 58.58 -47.49 -5.96
C PHE B 246 58.37 -47.49 -4.45
N THR B 247 59.28 -46.86 -3.69
CA THR B 247 59.02 -46.56 -2.25
C THR B 247 58.29 -45.22 -2.20
N ILE B 248 56.98 -45.20 -1.96
CA ILE B 248 56.12 -43.99 -2.12
C ILE B 248 55.70 -43.42 -0.77
N HIS B 249 56.19 -42.20 -0.46
CA HIS B 249 55.87 -41.47 0.79
C HIS B 249 54.73 -40.48 0.57
N CYS B 250 53.54 -40.77 1.10
CA CYS B 250 52.39 -39.84 1.07
C CYS B 250 52.49 -38.88 2.27
N GLU B 251 53.33 -37.85 2.14
CA GLU B 251 53.59 -36.85 3.22
C GLU B 251 52.33 -36.00 3.42
N LYS B 252 52.40 -35.08 4.38
CA LYS B 252 51.28 -34.17 4.70
C LYS B 252 51.03 -33.23 3.51
N SER B 253 52.11 -32.68 2.94
CA SER B 253 52.04 -31.57 1.94
C SER B 253 52.34 -32.05 0.51
N GLN B 254 52.72 -33.30 0.27
CA GLN B 254 53.16 -33.77 -1.08
C GLN B 254 53.28 -35.29 -1.12
N VAL B 255 53.54 -35.86 -2.30
CA VAL B 255 53.95 -37.27 -2.46
C VAL B 255 55.40 -37.29 -2.96
N ILE B 256 56.27 -37.99 -2.24
CA ILE B 256 57.66 -38.29 -2.69
C ILE B 256 57.73 -39.77 -3.09
N MET B 257 58.32 -40.05 -4.25
CA MET B 257 58.54 -41.43 -4.78
C MET B 257 60.04 -41.69 -4.93
N ASP B 258 60.58 -42.62 -4.13
CA ASP B 258 61.93 -43.19 -4.35
C ASP B 258 61.78 -44.26 -5.42
N VAL B 259 62.35 -44.02 -6.60
CA VAL B 259 62.23 -44.92 -7.77
C VAL B 259 63.61 -45.50 -8.02
N GLU B 260 63.67 -46.83 -8.15
CA GLU B 260 64.82 -47.59 -8.69
C GLU B 260 64.26 -48.49 -9.80
N ASN B 261 64.92 -48.49 -10.97
CA ASN B 261 64.65 -49.45 -12.06
C ASN B 261 65.95 -50.16 -12.50
N HIS B 262 65.76 -51.30 -13.16
CA HIS B 262 66.75 -52.07 -13.96
C HIS B 262 66.12 -52.36 -15.33
N LEU B 263 66.81 -52.05 -16.42
CA LEU B 263 66.24 -52.12 -17.79
C LEU B 263 67.08 -53.05 -18.65
N TYR B 264 66.42 -53.87 -19.44
CA TYR B 264 67.03 -54.95 -20.25
C TYR B 264 66.56 -54.80 -21.70
N ALA B 265 67.43 -54.30 -22.56
CA ALA B 265 67.12 -54.01 -23.98
C ALA B 265 67.01 -55.32 -24.79
N ARG B 266 65.85 -55.57 -25.39
CA ARG B 266 65.64 -56.73 -26.31
C ARG B 266 66.14 -56.38 -27.71
N LYS B 267 66.01 -55.12 -28.13
CA LYS B 267 66.39 -54.64 -29.48
C LYS B 267 67.25 -53.41 -29.37
N ASP B 268 67.95 -53.09 -30.45
CA ASP B 268 68.44 -51.71 -30.72
C ASP B 268 67.25 -50.77 -30.51
N ILE B 269 67.49 -49.60 -29.92
CA ILE B 269 66.44 -48.59 -29.56
C ILE B 269 66.93 -47.22 -30.01
N LYS B 270 66.09 -46.54 -30.79
CA LYS B 270 66.45 -45.26 -31.44
C LYS B 270 66.45 -44.15 -30.38
N GLN B 271 65.48 -44.17 -29.46
CA GLN B 271 65.34 -43.15 -28.38
C GLN B 271 64.84 -43.79 -27.08
N LEU B 272 65.71 -43.82 -26.08
CA LEU B 272 65.36 -44.29 -24.72
C LEU B 272 65.19 -43.06 -23.82
N GLY B 273 63.98 -42.88 -23.26
CA GLY B 273 63.63 -41.78 -22.36
C GLY B 273 63.41 -42.23 -20.92
N ILE B 274 64.29 -41.80 -20.02
CA ILE B 274 64.27 -42.19 -18.59
C ILE B 274 63.47 -41.16 -17.79
N ALA B 275 62.72 -41.61 -16.79
CA ALA B 275 62.03 -40.73 -15.82
C ALA B 275 61.15 -39.72 -16.56
N PRO B 276 60.46 -40.13 -17.64
CA PRO B 276 59.67 -39.19 -18.45
C PRO B 276 58.50 -38.57 -17.69
N MET B 277 58.14 -37.38 -18.16
CA MET B 277 56.95 -36.62 -17.69
C MET B 277 56.05 -36.35 -18.89
N THR B 278 54.74 -36.33 -18.66
CA THR B 278 53.76 -35.91 -19.68
C THR B 278 52.82 -34.86 -19.06
N SER B 279 52.85 -33.64 -19.62
CA SER B 279 51.98 -32.51 -19.22
C SER B 279 51.24 -31.98 -20.45
N MET B 280 50.61 -30.82 -20.26
CA MET B 280 49.81 -30.09 -21.27
C MET B 280 50.06 -28.58 -21.11
N PHE B 281 50.05 -27.86 -22.23
CA PHE B 281 50.24 -26.40 -22.26
C PHE B 281 49.60 -25.90 -23.54
N SER B 282 48.47 -25.21 -23.38
CA SER B 282 47.58 -24.73 -24.47
C SER B 282 47.72 -23.21 -24.63
N CYS B 283 47.62 -22.50 -23.52
CA CYS B 283 47.58 -21.02 -23.51
C CYS B 283 48.20 -20.53 -22.21
N GLY B 284 49.35 -19.86 -22.29
CA GLY B 284 49.99 -19.24 -21.10
C GLY B 284 50.04 -17.73 -21.26
N THR B 285 51.16 -17.15 -20.84
CA THR B 285 51.37 -15.68 -20.94
C THR B 285 52.30 -15.41 -22.12
N ASN B 286 52.84 -16.46 -22.74
CA ASN B 286 53.83 -16.32 -23.84
C ASN B 286 53.24 -16.78 -25.17
N GLU B 287 53.40 -15.96 -26.21
CA GLU B 287 52.89 -16.29 -27.57
C GLU B 287 51.47 -16.85 -27.48
N ARG B 288 50.51 -15.98 -27.20
CA ARG B 288 49.11 -16.37 -26.95
C ARG B 288 48.38 -16.66 -28.27
N ARG B 289 48.78 -17.73 -28.97
CA ARG B 289 48.23 -18.06 -30.31
C ARG B 289 46.98 -18.96 -30.18
N MET B 290 46.74 -19.65 -29.03
CA MET B 290 45.50 -20.47 -28.84
C MET B 290 44.84 -20.13 -27.50
N CYS B 291 44.32 -18.91 -27.40
CA CYS B 291 43.86 -18.31 -26.12
C CYS B 291 42.44 -17.77 -26.25
N ASP B 292 41.65 -18.27 -27.21
CA ASP B 292 40.26 -17.79 -27.45
C ASP B 292 39.28 -18.64 -26.66
N THR B 293 39.47 -18.68 -25.35
CA THR B 293 38.56 -19.42 -24.46
C THR B 293 38.11 -18.45 -23.39
N ILE B 294 37.23 -18.89 -22.51
CA ILE B 294 36.77 -18.03 -21.39
C ILE B 294 37.86 -18.09 -20.34
N HIS B 295 38.97 -18.77 -20.65
CA HIS B 295 40.05 -18.98 -19.66
C HIS B 295 41.28 -18.20 -20.08
N PRO B 296 41.73 -17.22 -19.28
CA PRO B 296 42.94 -16.47 -19.63
C PRO B 296 44.17 -17.37 -19.82
N GLN B 297 44.22 -18.51 -19.13
CA GLN B 297 45.35 -19.46 -19.21
C GLN B 297 44.83 -20.90 -19.10
N ILE B 298 45.35 -21.80 -19.92
CA ILE B 298 45.01 -23.26 -19.88
C ILE B 298 46.32 -24.04 -20.01
N HIS B 299 46.75 -24.67 -18.92
CA HIS B 299 47.98 -25.53 -18.88
C HIS B 299 48.03 -26.31 -17.57
N ASP B 300 48.67 -27.49 -17.58
CA ASP B 300 48.93 -28.36 -16.40
C ASP B 300 50.33 -28.07 -15.80
N SER B 301 51.13 -27.36 -16.60
CA SER B 301 52.55 -26.99 -16.38
C SER B 301 52.88 -25.77 -17.25
N ASP B 302 53.84 -24.94 -16.84
CA ASP B 302 54.15 -23.70 -17.59
C ASP B 302 55.61 -23.66 -18.01
N ARG B 303 56.46 -24.43 -17.33
CA ARG B 303 57.90 -24.30 -17.62
C ARG B 303 58.70 -25.58 -17.47
N LEU B 304 59.84 -25.66 -18.16
CA LEU B 304 60.80 -26.75 -17.95
C LEU B 304 61.90 -26.15 -17.08
N SER B 305 62.02 -26.60 -15.85
CA SER B 305 63.06 -26.15 -14.88
C SER B 305 64.17 -27.19 -14.85
N MET B 306 65.43 -26.78 -15.08
CA MET B 306 66.61 -27.67 -15.14
C MET B 306 67.68 -27.12 -14.20
N TRP B 307 68.27 -27.99 -13.40
CA TRP B 307 69.44 -27.73 -12.54
C TRP B 307 70.56 -28.61 -13.11
N ARG B 308 71.53 -27.99 -13.75
CA ARG B 308 72.52 -28.73 -14.59
C ARG B 308 73.67 -29.26 -13.72
N GLY B 309 74.47 -30.18 -14.26
CA GLY B 309 75.64 -30.76 -13.56
C GLY B 309 76.59 -29.69 -13.09
N ASN B 310 76.81 -28.65 -13.91
CA ASN B 310 77.75 -27.54 -13.57
C ASN B 310 77.19 -26.62 -12.46
N GLY B 311 75.88 -26.66 -12.13
CA GLY B 311 75.24 -25.86 -11.04
C GLY B 311 74.35 -24.74 -11.57
N GLU B 312 74.37 -24.51 -12.88
CA GLU B 312 73.54 -23.51 -13.59
C GLU B 312 72.07 -23.93 -13.52
N TRP B 313 71.18 -22.95 -13.34
CA TRP B 313 69.71 -23.17 -13.31
C TRP B 313 69.09 -22.69 -14.61
N ILE B 314 68.13 -23.41 -15.18
CA ILE B 314 67.45 -22.95 -16.42
C ILE B 314 65.94 -22.99 -16.27
N CYS B 315 65.31 -21.91 -16.72
CA CYS B 315 63.85 -21.75 -16.82
C CYS B 315 63.48 -21.67 -18.30
N ARG B 316 62.96 -22.75 -18.86
CA ARG B 316 62.50 -22.77 -20.27
C ARG B 316 60.98 -22.75 -20.24
N PRO B 317 60.35 -21.58 -20.43
CA PRO B 317 58.90 -21.54 -20.61
C PRO B 317 58.43 -22.42 -21.78
N LEU B 318 57.37 -23.18 -21.54
CA LEU B 318 56.78 -24.12 -22.53
C LEU B 318 56.01 -23.33 -23.59
N ASN B 319 56.03 -23.84 -24.83
CA ASN B 319 55.32 -23.21 -25.98
C ASN B 319 54.16 -24.13 -26.38
N ASN B 320 53.09 -23.56 -26.94
CA ASN B 320 52.08 -24.29 -27.74
C ASN B 320 52.35 -23.85 -29.18
N PRO B 321 53.35 -24.47 -29.84
CA PRO B 321 53.79 -24.05 -31.17
C PRO B 321 52.80 -24.55 -32.23
N GLN B 322 52.73 -23.92 -33.40
CA GLN B 322 51.86 -24.42 -34.48
C GLN B 322 52.57 -25.54 -35.24
N LYS B 323 53.89 -25.64 -35.03
CA LYS B 323 54.71 -26.74 -35.60
C LYS B 323 55.36 -27.54 -34.47
N LEU B 324 55.23 -28.87 -34.56
CA LEU B 324 55.85 -29.86 -33.63
C LEU B 324 57.33 -29.55 -33.50
N GLN B 325 57.78 -29.39 -32.25
CA GLN B 325 59.18 -29.11 -31.89
C GLN B 325 59.73 -30.21 -30.99
N PHE B 326 60.99 -30.60 -31.20
CA PHE B 326 61.80 -31.35 -30.20
C PHE B 326 63.02 -30.49 -29.83
N ASN B 327 63.35 -30.43 -28.55
CA ASN B 327 64.59 -29.77 -28.09
C ASN B 327 65.33 -30.76 -27.17
N ALA B 328 66.65 -30.79 -27.29
CA ALA B 328 67.59 -31.63 -26.50
C ALA B 328 68.62 -30.73 -25.80
N TYR B 329 68.53 -30.63 -24.47
CA TYR B 329 69.38 -29.76 -23.63
C TYR B 329 70.50 -30.67 -23.15
N THR B 330 71.68 -30.48 -23.70
CA THR B 330 72.89 -31.27 -23.34
C THR B 330 73.14 -31.09 -21.84
N ASP B 331 73.65 -32.12 -21.17
CA ASP B 331 73.99 -32.02 -19.72
C ASP B 331 74.83 -33.22 -19.33
N ASN B 332 75.44 -33.16 -18.17
CA ASN B 332 76.31 -34.23 -17.63
C ASN B 332 76.05 -34.29 -16.13
N ASN B 333 75.56 -35.42 -15.61
CA ASN B 333 75.21 -35.56 -14.17
C ASN B 333 74.21 -34.48 -13.80
N PRO B 334 73.05 -34.47 -14.50
CA PRO B 334 72.00 -33.52 -14.21
C PRO B 334 71.63 -33.61 -12.73
N LYS B 335 71.44 -32.49 -12.06
CA LYS B 335 71.16 -32.42 -10.60
C LYS B 335 69.67 -32.52 -10.35
N GLY B 336 68.88 -32.02 -11.28
CA GLY B 336 67.41 -32.16 -11.24
C GLY B 336 66.74 -31.63 -12.48
N PHE B 337 65.48 -31.99 -12.70
CA PHE B 337 64.66 -31.32 -13.72
C PHE B 337 63.20 -31.68 -13.51
N GLY B 338 62.29 -30.78 -13.93
CA GLY B 338 60.84 -30.94 -13.71
C GLY B 338 60.01 -30.10 -14.66
N LEU B 339 58.74 -30.45 -14.80
CA LEU B 339 57.71 -29.53 -15.33
C LEU B 339 56.95 -28.95 -14.15
N LEU B 340 57.09 -27.63 -13.94
CA LEU B 340 56.52 -26.89 -12.80
C LEU B 340 55.23 -26.18 -13.25
N GLN B 341 54.23 -26.16 -12.36
CA GLN B 341 53.01 -25.31 -12.48
C GLN B 341 53.12 -24.23 -11.39
N LEU B 342 53.76 -23.11 -11.70
CA LEU B 342 54.11 -22.10 -10.68
C LEU B 342 53.10 -20.96 -10.62
N ASP B 343 52.13 -20.86 -11.54
CA ASP B 343 51.01 -19.88 -11.42
C ASP B 343 49.86 -20.52 -10.66
N ARG B 344 49.77 -20.22 -9.36
CA ARG B 344 48.80 -20.87 -8.41
C ARG B 344 47.47 -20.12 -8.35
N ASP B 345 47.27 -19.13 -9.23
CA ASP B 345 46.21 -18.11 -9.10
C ASP B 345 44.97 -18.54 -9.92
N PHE B 346 43.92 -18.97 -9.21
CA PHE B 346 42.61 -19.38 -9.79
C PHE B 346 42.16 -18.37 -10.86
N SER B 347 42.24 -17.06 -10.59
CA SER B 347 41.69 -16.02 -11.49
C SER B 347 42.36 -16.04 -12.87
N HIS B 348 43.59 -16.54 -12.97
CA HIS B 348 44.37 -16.57 -14.23
C HIS B 348 43.91 -17.74 -15.13
N TYR B 349 43.11 -18.65 -14.61
CA TYR B 349 42.65 -19.84 -15.38
C TYR B 349 41.11 -19.88 -15.44
N GLN B 350 40.41 -19.60 -14.33
CA GLN B 350 38.92 -19.57 -14.31
C GLN B 350 38.38 -20.96 -14.63
N ASP B 351 39.16 -22.03 -14.41
CA ASP B 351 38.68 -23.41 -14.68
C ASP B 351 38.20 -23.99 -13.36
N ILE B 352 36.92 -24.33 -13.31
CA ILE B 352 36.20 -24.89 -12.12
C ILE B 352 35.82 -26.34 -12.43
N MET B 353 36.24 -26.85 -13.60
CA MET B 353 36.14 -28.28 -13.96
C MET B 353 37.43 -28.99 -13.51
N GLY B 354 38.57 -28.57 -14.06
CA GLY B 354 39.87 -29.28 -13.90
C GLY B 354 40.83 -28.62 -12.91
N TRP B 355 40.51 -27.39 -12.44
CA TRP B 355 41.25 -26.67 -11.37
C TRP B 355 42.76 -26.58 -11.68
N TYR B 356 43.12 -26.11 -12.87
CA TYR B 356 44.54 -25.98 -13.31
C TYR B 356 45.41 -25.34 -12.20
N ASN B 357 44.88 -24.35 -11.50
CA ASN B 357 45.66 -23.62 -10.46
C ASN B 357 46.08 -24.56 -9.31
N LYS B 358 45.38 -25.68 -9.13
CA LYS B 358 45.61 -26.61 -7.99
C LYS B 358 46.53 -27.76 -8.42
N ARG B 359 46.75 -27.88 -9.73
CA ARG B 359 47.54 -29.00 -10.29
C ARG B 359 49.00 -28.81 -9.93
N PRO B 360 49.75 -29.93 -9.73
CA PRO B 360 51.08 -29.85 -9.18
C PRO B 360 52.24 -29.74 -10.18
N SER B 361 53.38 -29.36 -9.61
CA SER B 361 54.72 -29.46 -10.25
C SER B 361 55.24 -30.88 -10.05
N LEU B 362 56.13 -31.35 -10.94
CA LEU B 362 56.83 -32.64 -10.78
C LEU B 362 58.33 -32.40 -10.92
N TRP B 363 59.12 -32.77 -9.91
CA TRP B 363 60.60 -32.70 -9.88
C TRP B 363 61.20 -34.12 -9.94
N VAL B 364 62.10 -34.35 -10.91
CA VAL B 364 62.98 -35.55 -11.03
C VAL B 364 64.34 -35.22 -10.45
N GLU B 365 64.74 -35.89 -9.38
CA GLU B 365 66.09 -35.71 -8.77
C GLU B 365 66.87 -37.00 -8.99
N PRO B 366 67.77 -37.07 -9.98
CA PRO B 366 68.67 -38.22 -10.10
C PRO B 366 69.36 -38.48 -8.75
N ARG B 367 69.47 -39.76 -8.35
CA ARG B 367 70.09 -40.16 -7.04
C ARG B 367 71.49 -40.71 -7.29
N ASN B 368 71.82 -40.92 -8.55
CA ASN B 368 73.20 -41.29 -8.87
C ASN B 368 73.67 -40.35 -9.96
N LYS B 369 74.95 -40.38 -10.28
CA LYS B 369 75.51 -39.53 -11.36
C LYS B 369 75.09 -40.08 -12.73
N TRP B 370 74.16 -39.46 -13.46
CA TRP B 370 73.64 -40.10 -14.70
C TRP B 370 74.59 -39.91 -15.90
N GLY B 371 75.70 -39.20 -15.74
CA GLY B 371 76.66 -39.01 -16.84
C GLY B 371 76.10 -38.23 -18.02
N LYS B 372 76.70 -38.38 -19.19
CA LYS B 372 76.41 -37.49 -20.34
C LYS B 372 75.12 -37.91 -21.06
N GLY B 373 74.38 -36.90 -21.52
CA GLY B 373 73.24 -37.05 -22.44
C GLY B 373 72.46 -35.77 -22.56
N THR B 374 71.17 -35.88 -22.88
CA THR B 374 70.33 -34.69 -23.14
C THR B 374 68.97 -34.78 -22.42
N ILE B 375 68.48 -33.65 -21.92
CA ILE B 375 67.07 -33.52 -21.45
C ILE B 375 66.23 -33.15 -22.67
N GLY B 376 65.27 -34.00 -23.02
CA GLY B 376 64.51 -33.89 -24.26
C GLY B 376 63.14 -33.31 -24.00
N LEU B 377 62.73 -32.34 -24.81
CA LEU B 377 61.44 -31.64 -24.63
C LEU B 377 60.72 -31.63 -25.97
N MET B 378 59.64 -32.39 -26.06
CA MET B 378 58.79 -32.37 -27.29
C MET B 378 57.54 -31.57 -26.99
N GLU B 379 57.26 -30.57 -27.81
CA GLU B 379 56.05 -29.73 -27.64
C GLU B 379 55.21 -29.91 -28.91
N ILE B 380 54.04 -30.52 -28.78
CA ILE B 380 53.17 -30.80 -29.95
C ILE B 380 52.10 -29.73 -30.05
N PRO B 381 51.68 -29.30 -31.25
CA PRO B 381 50.58 -28.36 -31.39
C PRO B 381 49.23 -28.83 -30.81
N THR B 382 48.52 -27.96 -30.09
CA THR B 382 47.18 -28.27 -29.51
C THR B 382 46.20 -27.13 -29.80
N THR B 383 44.90 -27.40 -29.71
CA THR B 383 43.85 -26.37 -29.98
C THR B 383 42.84 -26.37 -28.83
N GLY B 384 43.25 -26.96 -27.68
CA GLY B 384 42.44 -27.24 -26.48
C GLY B 384 43.25 -27.89 -25.37
N GLU B 385 42.57 -28.65 -24.51
CA GLU B 385 43.14 -29.16 -23.24
C GLU B 385 43.22 -30.69 -23.31
N THR B 386 42.54 -31.29 -24.29
CA THR B 386 42.38 -32.76 -24.35
C THR B 386 43.65 -33.52 -24.75
N LEU B 387 44.61 -32.86 -25.39
CA LEU B 387 45.82 -33.55 -25.91
C LEU B 387 46.98 -33.12 -25.02
N ASN B 388 47.64 -34.10 -24.40
CA ASN B 388 48.85 -33.87 -23.58
C ASN B 388 49.93 -33.65 -24.62
N ASN B 389 50.38 -32.41 -24.73
CA ASN B 389 51.21 -31.99 -25.88
C ASN B 389 52.64 -31.71 -25.40
N ILE B 390 52.97 -32.01 -24.15
CA ILE B 390 54.32 -31.80 -23.57
C ILE B 390 54.85 -33.14 -23.06
N VAL B 391 56.01 -33.55 -23.57
CA VAL B 391 56.73 -34.74 -23.09
C VAL B 391 58.17 -34.35 -22.84
N CYS B 392 58.67 -34.73 -21.67
CA CYS B 392 60.06 -34.41 -21.25
C CYS B 392 60.68 -35.66 -20.62
N PHE B 393 61.97 -35.90 -20.89
CA PHE B 393 62.70 -37.08 -20.35
C PHE B 393 64.21 -36.88 -20.46
N TRP B 394 64.95 -37.70 -19.72
CA TRP B 394 66.43 -37.86 -19.87
C TRP B 394 66.71 -38.91 -20.94
N GLN B 395 67.68 -38.66 -21.81
CA GLN B 395 68.07 -39.61 -22.89
C GLN B 395 69.57 -39.68 -22.94
N PRO B 396 70.17 -40.81 -22.46
CA PRO B 396 71.62 -40.90 -22.28
C PRO B 396 72.35 -40.76 -23.62
N GLU B 397 73.59 -40.26 -23.58
CA GLU B 397 74.41 -40.00 -24.80
C GLU B 397 74.48 -41.25 -25.68
N LYS B 398 74.80 -42.40 -25.05
CA LYS B 398 75.12 -43.69 -25.70
C LYS B 398 73.89 -44.29 -26.39
N ALA B 399 74.02 -44.61 -27.68
CA ALA B 399 73.03 -45.34 -28.49
C ALA B 399 72.73 -46.69 -27.83
N VAL B 400 71.46 -47.03 -27.70
CA VAL B 400 71.00 -48.27 -27.01
C VAL B 400 70.99 -49.42 -28.01
N LYS B 401 71.72 -50.50 -27.71
CA LYS B 401 71.79 -51.72 -28.58
C LYS B 401 71.20 -52.89 -27.80
N ALA B 402 70.77 -53.96 -28.47
CA ALA B 402 70.17 -55.14 -27.83
C ALA B 402 71.14 -55.75 -26.80
N GLY B 403 70.60 -56.26 -25.70
CA GLY B 403 71.38 -56.85 -24.59
C GLY B 403 71.78 -55.84 -23.54
N ASP B 404 71.78 -54.55 -23.89
CA ASP B 404 72.19 -53.46 -22.95
C ASP B 404 71.37 -53.58 -21.66
N GLU B 405 72.01 -53.34 -20.53
CA GLU B 405 71.32 -53.27 -19.21
C GLU B 405 71.58 -51.88 -18.66
N PHE B 406 70.56 -51.28 -18.06
CA PHE B 406 70.65 -49.94 -17.43
C PHE B 406 70.13 -50.03 -16.00
N ALA B 407 70.52 -49.08 -15.15
CA ALA B 407 69.98 -48.92 -13.79
C ALA B 407 69.92 -47.43 -13.46
N PHE B 408 68.71 -46.90 -13.18
CA PHE B 408 68.50 -45.51 -12.72
C PHE B 408 67.81 -45.52 -11.36
N GLN B 409 68.22 -44.61 -10.50
CA GLN B 409 67.51 -44.25 -9.26
C GLN B 409 67.19 -42.75 -9.32
N TYR B 410 65.95 -42.39 -9.03
CA TYR B 410 65.53 -40.98 -8.96
C TYR B 410 64.39 -40.81 -7.99
N ARG B 411 64.35 -39.63 -7.39
CA ARG B 411 63.26 -39.26 -6.47
C ARG B 411 62.33 -38.39 -7.29
N LEU B 412 61.03 -38.65 -7.21
CA LEU B 412 59.97 -37.79 -7.78
C LEU B 412 59.27 -37.04 -6.63
N TYR B 413 59.14 -35.72 -6.78
CA TYR B 413 58.37 -34.84 -5.87
C TYR B 413 57.15 -34.31 -6.62
N TRP B 414 55.98 -34.86 -6.31
CA TRP B 414 54.67 -34.32 -6.72
C TRP B 414 54.26 -33.23 -5.72
N SER B 415 54.44 -31.97 -6.07
CA SER B 415 53.96 -30.85 -5.22
C SER B 415 53.95 -29.54 -5.99
N ALA B 416 53.10 -28.62 -5.57
CA ALA B 416 52.97 -27.23 -6.09
C ALA B 416 54.36 -26.62 -6.33
N GLN B 417 55.14 -26.48 -5.26
CA GLN B 417 56.52 -25.94 -5.34
C GLN B 417 57.49 -27.12 -5.47
N PRO B 418 58.48 -27.12 -6.40
CA PRO B 418 59.52 -28.15 -6.39
C PRO B 418 60.24 -28.10 -5.05
N PRO B 419 60.98 -29.15 -4.63
CA PRO B 419 61.71 -29.10 -3.36
C PRO B 419 62.96 -28.22 -3.40
N VAL B 420 63.46 -27.86 -4.58
CA VAL B 420 64.67 -27.00 -4.68
C VAL B 420 64.47 -26.05 -5.86
N HIS B 421 65.07 -24.86 -5.76
CA HIS B 421 64.97 -23.80 -6.78
C HIS B 421 66.25 -22.98 -6.80
N CYS B 422 66.37 -22.03 -7.72
CA CYS B 422 67.60 -21.23 -7.84
C CYS B 422 67.80 -20.41 -6.57
N PRO B 423 69.02 -20.35 -5.97
CA PRO B 423 69.24 -19.47 -4.83
C PRO B 423 69.42 -18.05 -5.37
N LEU B 424 69.30 -17.85 -6.67
CA LEU B 424 69.54 -16.52 -7.24
C LEU B 424 68.17 -15.95 -7.61
N ALA B 425 68.11 -14.99 -8.51
CA ALA B 425 66.82 -14.44 -8.94
C ALA B 425 66.14 -15.48 -9.82
N ARG B 426 64.82 -15.57 -9.71
CA ARG B 426 64.10 -16.62 -10.46
C ARG B 426 63.06 -15.97 -11.37
N VAL B 427 62.91 -16.52 -12.57
CA VAL B 427 61.85 -16.02 -13.48
C VAL B 427 60.51 -16.34 -12.85
N MET B 428 59.59 -15.39 -12.85
CA MET B 428 58.24 -15.61 -12.29
C MET B 428 57.26 -15.70 -13.45
N ALA B 429 57.49 -14.94 -14.52
CA ALA B 429 56.62 -15.05 -15.71
C ALA B 429 57.31 -14.52 -16.96
N THR B 430 56.99 -15.13 -18.11
CA THR B 430 57.51 -14.70 -19.42
C THR B 430 56.30 -14.24 -20.23
N ARG B 431 56.19 -12.95 -20.45
CA ARG B 431 55.04 -12.38 -21.19
C ARG B 431 55.53 -11.85 -22.52
N THR B 432 54.81 -12.16 -23.60
CA THR B 432 55.18 -11.68 -24.97
C THR B 432 53.97 -10.97 -25.57
N GLY B 433 54.23 -9.98 -26.42
CA GLY B 433 53.14 -9.28 -27.13
C GLY B 433 53.67 -8.26 -28.11
N MET B 434 52.82 -7.36 -28.57
CA MET B 434 53.21 -6.34 -29.58
C MET B 434 54.27 -5.40 -29.03
N GLY B 435 55.08 -4.83 -29.92
CA GLY B 435 56.11 -3.87 -29.53
C GLY B 435 56.25 -2.81 -30.60
N GLY B 436 57.16 -1.87 -30.43
CA GLY B 436 57.30 -0.78 -31.40
C GLY B 436 56.64 0.51 -30.90
N PHE B 437 56.26 0.53 -29.63
CA PHE B 437 55.64 1.73 -29.03
C PHE B 437 56.25 1.91 -27.65
N SER B 438 55.96 3.04 -27.01
CA SER B 438 56.46 3.30 -25.65
C SER B 438 55.52 2.62 -24.65
N GLU B 439 56.08 1.97 -23.64
CA GLU B 439 55.21 1.21 -22.71
C GLU B 439 54.23 2.15 -22.03
N GLY B 440 52.96 1.80 -22.07
CA GLY B 440 51.89 2.59 -21.42
C GLY B 440 51.27 3.59 -22.38
N TRP B 441 51.82 3.75 -23.58
CA TRP B 441 51.30 4.71 -24.60
C TRP B 441 51.10 3.97 -25.92
N ALA B 442 50.57 2.76 -25.87
CA ALA B 442 50.24 1.99 -27.09
C ALA B 442 49.23 2.77 -27.91
N PRO B 443 49.55 3.18 -29.16
CA PRO B 443 48.64 3.99 -29.97
C PRO B 443 47.22 3.43 -30.11
N GLY B 444 46.23 4.33 -30.00
CA GLY B 444 44.79 4.00 -30.06
C GLY B 444 44.19 4.20 -31.45
N GLU B 445 44.71 5.18 -32.21
CA GLU B 445 44.12 5.66 -33.48
C GLU B 445 44.77 4.95 -34.67
N HIS B 446 45.98 4.46 -34.48
CA HIS B 446 46.76 3.62 -35.43
C HIS B 446 47.39 2.48 -34.65
N TYR B 447 47.80 1.43 -35.37
CA TYR B 447 48.76 0.40 -34.90
C TYR B 447 50.17 0.97 -34.93
N PRO B 448 51.17 0.30 -34.31
CA PRO B 448 52.53 0.81 -34.32
C PRO B 448 53.14 0.86 -35.72
N GLU B 449 54.02 1.85 -35.91
CA GLU B 449 54.65 2.18 -37.21
C GLU B 449 55.45 0.94 -37.65
N LYS B 450 56.29 0.42 -36.76
CA LYS B 450 57.20 -0.71 -37.11
C LYS B 450 56.86 -2.00 -36.35
N TRP B 451 57.14 -3.16 -36.96
CA TRP B 451 56.83 -4.47 -36.34
C TRP B 451 57.96 -4.98 -35.47
N ALA B 452 57.63 -5.34 -34.23
CA ALA B 452 58.61 -5.90 -33.29
C ALA B 452 57.84 -6.78 -32.32
N ARG B 453 58.53 -7.74 -31.71
CA ARG B 453 57.89 -8.57 -30.66
C ARG B 453 58.45 -8.20 -29.30
N ARG B 454 57.56 -7.78 -28.39
CA ARG B 454 57.91 -7.40 -27.01
C ARG B 454 58.03 -8.67 -26.15
N PHE B 455 59.14 -8.78 -25.39
CA PHE B 455 59.37 -9.81 -24.35
C PHE B 455 59.48 -9.10 -23.01
N ALA B 456 58.73 -9.60 -22.02
CA ALA B 456 58.79 -9.10 -20.64
C ALA B 456 58.96 -10.27 -19.67
N VAL B 457 60.16 -10.41 -19.14
CA VAL B 457 60.53 -11.48 -18.17
C VAL B 457 60.56 -10.83 -16.79
N ASP B 458 59.71 -11.28 -15.88
CA ASP B 458 59.68 -10.76 -14.49
C ASP B 458 60.60 -11.64 -13.65
N PHE B 459 61.48 -11.06 -12.86
CA PHE B 459 62.39 -11.78 -11.94
C PHE B 459 61.97 -11.45 -10.51
N VAL B 460 61.98 -12.45 -9.61
CA VAL B 460 61.51 -12.25 -8.22
C VAL B 460 62.45 -13.00 -7.28
N GLY B 461 63.73 -12.68 -7.31
CA GLY B 461 64.68 -13.47 -6.51
C GLY B 461 65.50 -12.67 -5.54
N GLY B 462 66.69 -13.17 -5.21
CA GLY B 462 67.48 -12.54 -4.14
C GLY B 462 68.60 -11.65 -4.60
N ASP B 463 68.94 -10.68 -3.77
CA ASP B 463 70.01 -9.70 -4.08
C ASP B 463 69.53 -8.79 -5.20
N LEU B 464 68.31 -8.97 -5.69
CA LEU B 464 67.89 -7.99 -6.73
C LEU B 464 67.81 -6.59 -6.12
N LYS B 465 67.38 -6.45 -4.86
CA LYS B 465 67.17 -5.13 -4.20
C LYS B 465 68.55 -4.49 -3.96
N ALA B 466 69.47 -5.24 -3.35
CA ALA B 466 70.86 -4.82 -3.06
C ALA B 466 71.63 -4.52 -4.36
N ALA B 467 71.32 -5.25 -5.43
CA ALA B 467 72.05 -5.21 -6.72
C ALA B 467 71.58 -4.05 -7.59
N ALA B 468 70.36 -3.54 -7.40
CA ALA B 468 69.77 -2.54 -8.32
C ALA B 468 70.64 -1.28 -8.36
N PRO B 469 71.01 -0.66 -7.20
CA PRO B 469 71.92 0.49 -7.15
C PRO B 469 73.26 0.25 -7.84
N LYS B 470 73.80 -0.96 -7.67
CA LYS B 470 75.12 -1.36 -8.22
C LYS B 470 75.00 -1.47 -9.74
N GLY B 471 73.81 -1.77 -10.25
CA GLY B 471 73.51 -1.79 -11.69
C GLY B 471 73.30 -3.21 -12.18
N ILE B 472 72.08 -3.52 -12.63
CA ILE B 472 71.67 -4.86 -13.12
C ILE B 472 71.74 -4.86 -14.64
N GLU B 473 72.77 -5.50 -15.24
CA GLU B 473 72.89 -5.68 -16.72
C GLU B 473 72.15 -6.93 -17.16
N PRO B 474 71.09 -6.85 -17.99
CA PRO B 474 70.53 -8.01 -18.64
C PRO B 474 71.46 -8.39 -19.79
N VAL B 475 71.97 -9.61 -19.79
CA VAL B 475 72.76 -10.20 -20.90
C VAL B 475 71.82 -11.03 -21.77
N ILE B 476 71.51 -10.53 -22.95
CA ILE B 476 70.60 -11.19 -23.92
C ILE B 476 71.42 -11.81 -25.04
N THR B 477 71.09 -13.03 -25.43
CA THR B 477 71.78 -13.75 -26.54
C THR B 477 70.70 -14.12 -27.55
N LEU B 478 70.87 -13.84 -28.83
CA LEU B 478 69.79 -14.12 -29.79
C LEU B 478 70.37 -14.94 -30.94
N SER B 479 69.73 -16.07 -31.27
CA SER B 479 70.06 -16.86 -32.48
C SER B 479 70.01 -15.94 -33.71
N SER B 480 68.97 -15.10 -33.81
CA SER B 480 68.69 -14.19 -34.95
C SER B 480 68.10 -12.88 -34.42
N GLY B 481 68.02 -11.83 -35.25
CA GLY B 481 67.36 -10.58 -34.84
C GLY B 481 68.19 -9.83 -33.81
N GLU B 482 67.71 -8.68 -33.34
CA GLU B 482 68.44 -7.81 -32.38
C GLU B 482 67.44 -7.37 -31.30
N ALA B 483 67.93 -7.23 -30.08
CA ALA B 483 67.15 -6.75 -28.92
C ALA B 483 67.26 -5.23 -28.79
N LYS B 484 66.22 -4.50 -29.16
CA LYS B 484 66.17 -3.02 -28.98
C LYS B 484 65.25 -2.68 -27.79
N GLN B 485 65.29 -1.40 -27.36
CA GLN B 485 64.47 -0.79 -26.27
C GLN B 485 64.58 -1.66 -25.01
N ILE B 486 65.78 -2.07 -24.64
CA ILE B 486 65.99 -2.95 -23.44
C ILE B 486 65.73 -2.11 -22.20
N GLU B 487 64.76 -2.49 -21.34
CA GLU B 487 64.41 -1.74 -20.11
C GLU B 487 64.38 -2.63 -18.86
N ILE B 488 64.74 -2.05 -17.71
CA ILE B 488 64.74 -2.73 -16.37
C ILE B 488 63.78 -1.96 -15.48
N LEU B 489 62.65 -2.55 -15.09
CA LEU B 489 61.58 -1.78 -14.41
C LEU B 489 61.20 -2.48 -13.12
N TYR B 490 61.18 -1.75 -12.01
CA TYR B 490 60.81 -2.28 -10.67
C TYR B 490 59.31 -2.54 -10.68
N ILE B 491 58.87 -3.66 -10.09
CA ILE B 491 57.44 -4.08 -10.04
C ILE B 491 57.04 -4.23 -8.59
N GLU B 492 56.51 -3.16 -7.97
CA GLU B 492 56.23 -3.11 -6.51
C GLU B 492 55.43 -4.35 -6.07
N PRO B 493 54.33 -4.71 -6.77
CA PRO B 493 53.41 -5.74 -6.27
C PRO B 493 54.00 -7.15 -6.09
N ILE B 494 55.15 -7.47 -6.69
CA ILE B 494 55.86 -8.77 -6.48
C ILE B 494 57.32 -8.53 -6.09
N ASP B 495 57.61 -7.34 -5.61
CA ASP B 495 58.94 -6.93 -5.11
C ASP B 495 60.05 -7.45 -6.04
N GLY B 496 59.90 -7.23 -7.34
CA GLY B 496 60.75 -7.83 -8.40
C GLY B 496 61.15 -6.82 -9.47
N TYR B 497 61.79 -7.28 -10.55
CA TYR B 497 62.22 -6.45 -11.69
C TYR B 497 61.78 -7.08 -13.02
N ARG B 498 61.24 -6.23 -13.90
CA ARG B 498 60.80 -6.68 -15.24
C ARG B 498 61.84 -6.25 -16.27
N ILE B 499 62.36 -7.21 -16.99
CA ILE B 499 63.27 -6.91 -18.12
C ILE B 499 62.42 -7.03 -19.37
N GLN B 500 62.23 -5.91 -20.08
CA GLN B 500 61.53 -5.88 -21.39
C GLN B 500 62.57 -5.66 -22.48
N PHE B 501 62.35 -6.26 -23.64
CA PHE B 501 63.06 -5.90 -24.87
C PHE B 501 62.08 -6.09 -26.05
N ASP B 502 62.17 -5.18 -27.02
CA ASP B 502 61.64 -5.41 -28.39
C ASP B 502 62.65 -6.23 -29.19
N TRP B 503 62.18 -7.33 -29.79
CA TRP B 503 62.92 -8.13 -30.79
C TRP B 503 62.57 -7.62 -32.19
N TYR B 504 63.56 -7.13 -32.94
CA TYR B 504 63.44 -6.79 -34.38
C TYR B 504 64.10 -7.89 -35.20
N PRO B 505 63.42 -8.35 -36.26
CA PRO B 505 63.99 -9.34 -37.16
C PRO B 505 65.19 -8.72 -37.88
N THR B 506 66.19 -9.53 -38.23
CA THR B 506 67.26 -9.10 -39.16
C THR B 506 67.10 -9.86 -40.47
N SER B 507 66.22 -10.87 -40.52
CA SER B 507 66.15 -11.82 -41.65
C SER B 507 64.69 -12.13 -41.99
N ASP B 508 64.44 -12.44 -43.27
CA ASP B 508 63.11 -12.92 -43.77
C ASP B 508 62.88 -14.36 -43.30
N SER B 509 63.80 -14.97 -42.55
CA SER B 509 63.72 -16.39 -42.16
C SER B 509 62.56 -16.61 -41.17
N THR B 510 61.81 -17.71 -41.30
CA THR B 510 60.87 -18.20 -40.24
C THR B 510 61.57 -19.24 -39.36
N ASP B 511 62.90 -19.32 -39.36
CA ASP B 511 63.60 -20.34 -38.53
C ASP B 511 63.44 -19.96 -37.07
N PRO B 512 63.08 -20.92 -36.20
CA PRO B 512 63.07 -20.72 -34.75
C PRO B 512 64.27 -19.91 -34.28
N VAL B 513 64.06 -19.09 -33.25
CA VAL B 513 65.07 -18.15 -32.67
C VAL B 513 65.31 -18.59 -31.24
N ASP B 514 66.53 -19.06 -30.92
CA ASP B 514 66.85 -19.42 -29.53
C ASP B 514 67.28 -18.13 -28.85
N MET B 515 66.60 -17.78 -27.76
CA MET B 515 66.93 -16.62 -26.95
C MET B 515 67.38 -17.11 -25.58
N ARG B 516 68.22 -16.33 -24.93
CA ARG B 516 68.93 -16.73 -23.71
C ARG B 516 69.12 -15.41 -22.94
N MET B 517 68.74 -15.34 -21.67
CA MET B 517 68.91 -14.10 -20.87
C MET B 517 69.28 -14.49 -19.44
N TYR B 518 70.23 -13.77 -18.84
CA TYR B 518 70.46 -13.79 -17.37
C TYR B 518 70.81 -12.38 -16.91
N LEU B 519 70.62 -12.10 -15.61
CA LEU B 519 70.96 -10.80 -15.00
C LEU B 519 72.39 -10.84 -14.47
N ARG B 520 73.22 -9.87 -14.85
CA ARG B 520 74.62 -9.76 -14.38
C ARG B 520 74.74 -8.51 -13.52
N CYS B 521 75.54 -8.59 -12.46
CA CYS B 521 75.89 -7.39 -11.66
C CYS B 521 77.35 -7.49 -11.25
N GLN B 522 78.18 -6.54 -11.69
CA GLN B 522 79.62 -6.47 -11.36
C GLN B 522 80.27 -7.82 -11.73
N GLY B 523 80.08 -8.26 -12.98
CA GLY B 523 80.76 -9.45 -13.52
C GLY B 523 80.15 -10.78 -13.06
N ASP B 524 79.28 -10.79 -12.04
CA ASP B 524 78.64 -12.02 -11.50
C ASP B 524 77.19 -12.19 -11.99
N ALA B 525 76.78 -13.42 -12.30
CA ALA B 525 75.38 -13.78 -12.62
C ALA B 525 74.59 -13.76 -11.31
N ILE B 526 73.42 -13.12 -11.32
CA ILE B 526 72.60 -12.92 -10.09
C ILE B 526 71.20 -13.48 -10.35
N SER B 527 71.01 -14.16 -11.48
CA SER B 527 69.71 -14.81 -11.81
C SER B 527 69.93 -16.17 -12.47
N GLU B 528 68.93 -17.04 -12.44
CA GLU B 528 68.89 -18.25 -13.29
C GLU B 528 68.85 -17.79 -14.74
N THR B 529 69.21 -18.67 -15.68
CA THR B 529 69.18 -18.37 -17.13
C THR B 529 67.77 -18.65 -17.65
N TRP B 530 67.20 -17.71 -18.40
CA TRP B 530 65.93 -17.87 -19.14
C TRP B 530 66.26 -18.34 -20.56
N LEU B 531 65.81 -19.54 -20.97
CA LEU B 531 65.84 -20.02 -22.38
C LEU B 531 64.45 -19.84 -22.95
N TYR B 532 64.33 -19.21 -24.09
CA TYR B 532 63.03 -19.05 -24.79
C TYR B 532 63.24 -19.51 -26.23
N GLN B 533 62.18 -20.04 -26.85
CA GLN B 533 62.19 -20.37 -28.30
C GLN B 533 61.02 -19.67 -28.98
N TYR B 534 61.36 -18.69 -29.83
CA TYR B 534 60.38 -17.80 -30.51
C TYR B 534 60.20 -18.28 -31.94
N PHE B 535 58.97 -18.24 -32.44
CA PHE B 535 58.58 -18.54 -33.85
C PHE B 535 58.20 -17.25 -34.55
N PRO B 536 59.15 -16.61 -35.27
CA PRO B 536 58.82 -15.42 -36.03
C PRO B 536 57.72 -15.83 -37.00
N PRO B 537 56.83 -14.86 -37.32
CA PRO B 537 55.83 -15.06 -38.37
C PRO B 537 56.44 -14.81 -39.76
N ALA B 538 55.73 -15.31 -40.78
CA ALA B 538 56.04 -15.13 -42.21
C ALA B 538 56.25 -13.65 -42.53
N PRO B 539 57.20 -13.27 -43.41
CA PRO B 539 57.57 -11.85 -43.55
C PRO B 539 56.36 -10.98 -43.92
N ASP B 540 55.45 -11.53 -44.74
CA ASP B 540 54.24 -10.85 -45.25
C ASP B 540 53.28 -10.53 -44.08
N LYS B 541 53.41 -11.20 -42.94
CA LYS B 541 52.57 -10.91 -41.74
C LYS B 541 53.37 -10.19 -40.66
N ARG B 542 54.49 -9.54 -40.96
CA ARG B 542 55.22 -8.73 -39.93
C ARG B 542 54.73 -7.30 -40.07
N GLN B 543 53.42 -7.12 -39.88
CA GLN B 543 52.66 -5.87 -40.14
C GLN B 543 51.23 -6.05 -39.63
N TYR B 544 50.50 -4.96 -39.34
CA TYR B 544 49.15 -5.05 -38.73
C TYR B 544 48.05 -4.58 -39.72
N VAL B 545 46.91 -5.29 -39.75
CA VAL B 545 45.79 -4.96 -40.68
C VAL B 545 44.78 -4.09 -39.93
N ASP B 546 44.54 -2.87 -40.41
CA ASP B 546 43.68 -1.87 -39.72
C ASP B 546 42.26 -1.84 -40.31
N ASP B 547 41.39 -2.74 -39.83
CA ASP B 547 40.02 -3.00 -40.38
C ASP B 547 38.95 -2.24 -39.57
N ARG B 548 39.34 -1.16 -38.90
CA ARG B 548 38.38 -0.39 -38.06
C ARG B 548 37.43 0.34 -39.04
N VAL B 549 36.22 0.68 -38.60
CA VAL B 549 35.32 1.61 -39.33
C VAL B 549 34.70 2.61 -38.32
N MET B 550 34.66 3.88 -38.74
CA MET B 550 34.18 5.06 -37.97
C MET B 550 32.95 5.60 -38.72
N SER B 551 31.80 4.93 -38.62
CA SER B 551 30.54 5.32 -39.33
C SER B 551 29.37 5.50 -38.35
N LEU B 552 28.43 6.35 -38.76
CA LEU B 552 27.12 6.61 -38.10
C LEU B 552 26.15 5.46 -38.40
N GLU B 553 26.59 4.36 -39.02
CA GLU B 553 25.76 3.20 -39.44
C GLU B 553 25.15 2.47 -38.22
N HIS B 554 25.77 2.52 -37.02
CA HIS B 554 25.37 1.67 -35.85
C HIS B 554 24.99 2.51 -34.62
N HIS B 555 23.83 3.20 -34.68
CA HIS B 555 23.04 3.81 -33.56
C HIS B 555 21.94 2.81 -33.13
N HIS B 556 21.67 2.65 -31.83
CA HIS B 556 20.69 1.69 -31.22
C HIS B 556 19.96 2.34 -30.03
N HIS B 557 18.63 2.36 -30.06
CA HIS B 557 17.73 2.98 -29.04
C HIS B 557 17.03 1.86 -28.22
N HIS B 558 17.10 1.89 -26.88
CA HIS B 558 16.51 0.87 -25.95
C HIS B 558 15.51 1.55 -24.98
N SER C 35 -43.63 -46.02 47.49
CA SER C 35 -42.46 -45.09 47.67
C SER C 35 -42.74 -43.72 46.99
N ASP C 36 -43.14 -43.71 45.71
CA ASP C 36 -43.64 -42.51 44.98
C ASP C 36 -44.85 -41.94 45.75
N ILE C 37 -45.15 -40.68 45.56
CA ILE C 37 -46.28 -39.99 46.26
C ILE C 37 -47.52 -40.01 45.37
N ALA C 38 -47.40 -40.48 44.12
CA ALA C 38 -48.53 -40.61 43.17
C ALA C 38 -49.39 -41.83 43.54
N ASP C 39 -50.58 -41.58 44.08
CA ASP C 39 -51.46 -42.62 44.69
C ASP C 39 -52.76 -42.74 43.88
N GLY C 40 -52.95 -41.87 42.90
CA GLY C 40 -54.25 -41.72 42.22
C GLY C 40 -54.44 -42.74 41.11
N GLN C 41 -55.54 -42.59 40.38
CA GLN C 41 -55.88 -43.47 39.24
C GLN C 41 -54.99 -43.09 38.04
N THR C 42 -54.31 -44.08 37.43
CA THR C 42 -53.65 -44.03 36.09
C THR C 42 -54.61 -43.46 35.06
N GLN C 43 -54.14 -42.55 34.22
CA GLN C 43 -54.89 -41.86 33.14
C GLN C 43 -53.89 -41.43 32.07
N ARG C 44 -54.18 -41.66 30.79
CA ARG C 44 -53.22 -41.26 29.74
C ARG C 44 -53.10 -39.74 29.76
N PHE C 45 -51.91 -39.23 29.47
CA PHE C 45 -51.64 -37.77 29.50
C PHE C 45 -50.51 -37.41 28.54
N ASP C 46 -50.75 -36.35 27.80
CA ASP C 46 -49.74 -35.70 26.96
C ASP C 46 -50.29 -34.33 26.54
N PHE C 47 -49.49 -33.52 25.86
CA PHE C 47 -49.83 -32.10 25.65
C PHE C 47 -51.13 -31.99 24.86
N SER C 48 -51.34 -32.94 23.93
CA SER C 48 -52.59 -33.06 23.14
C SER C 48 -53.79 -33.25 24.08
N ILE C 49 -53.67 -34.23 24.93
CA ILE C 49 -54.77 -34.59 25.84
C ILE C 49 -55.09 -33.35 26.66
N LEU C 50 -54.09 -32.57 27.06
CA LEU C 50 -54.36 -31.36 27.89
C LEU C 50 -55.12 -30.34 27.05
N GLN C 51 -54.82 -30.22 25.76
CA GLN C 51 -55.49 -29.24 24.88
C GLN C 51 -56.97 -29.60 24.77
N SER C 52 -57.29 -30.88 24.62
CA SER C 52 -58.69 -31.38 24.63
C SER C 52 -59.38 -31.04 25.96
N MET C 53 -58.76 -31.41 27.11
CA MET C 53 -59.32 -31.17 28.47
C MET C 53 -59.75 -29.72 28.54
N ALA C 54 -58.92 -28.85 28.00
CA ALA C 54 -59.09 -27.39 28.09
C ALA C 54 -60.20 -26.93 27.16
N HIS C 55 -60.12 -27.27 25.88
CA HIS C 55 -61.08 -26.87 24.82
C HIS C 55 -62.47 -27.43 25.14
N ASP C 56 -62.51 -28.64 25.69
CA ASP C 56 -63.71 -29.29 26.26
C ASP C 56 -64.20 -28.48 27.46
N LEU C 57 -63.30 -28.18 28.39
CA LEU C 57 -63.68 -27.38 29.59
C LEU C 57 -64.32 -26.05 29.16
N ALA C 58 -63.87 -25.50 28.02
CA ALA C 58 -64.31 -24.20 27.48
C ALA C 58 -65.76 -24.30 27.03
N GLN C 59 -66.21 -25.51 26.70
CA GLN C 59 -67.54 -25.76 26.10
C GLN C 59 -68.59 -25.66 27.21
N THR C 60 -68.18 -25.90 28.45
CA THR C 60 -69.09 -25.88 29.63
C THR C 60 -68.95 -24.52 30.37
N ALA C 61 -69.93 -24.18 31.24
CA ALA C 61 -69.89 -23.11 32.27
C ALA C 61 -68.63 -23.23 33.13
N TRP C 62 -67.98 -22.08 33.40
CA TRP C 62 -66.87 -21.93 34.40
C TRP C 62 -67.22 -22.62 35.72
N ARG C 63 -66.29 -23.37 36.29
CA ARG C 63 -66.46 -24.07 37.60
C ARG C 63 -66.86 -23.12 38.77
N GLY C 64 -66.66 -21.82 38.64
CA GLY C 64 -66.89 -20.83 39.70
C GLY C 64 -65.77 -20.72 40.74
N ALA C 65 -66.00 -19.84 41.72
CA ALA C 65 -65.09 -19.49 42.83
C ALA C 65 -64.83 -20.72 43.68
N PRO C 66 -63.64 -20.87 44.27
CA PRO C 66 -63.36 -22.06 45.07
C PRO C 66 -64.40 -22.24 46.19
N ARG C 67 -64.88 -23.45 46.45
CA ARG C 67 -65.64 -23.79 47.69
C ARG C 67 -64.81 -23.40 48.90
N PRO C 68 -65.44 -23.05 50.04
CA PRO C 68 -64.70 -22.70 51.26
C PRO C 68 -63.73 -23.79 51.72
N LEU C 69 -62.58 -23.42 52.27
CA LEU C 69 -61.61 -24.40 52.81
C LEU C 69 -62.16 -24.99 54.10
N PRO C 70 -61.67 -26.16 54.58
CA PRO C 70 -61.99 -26.60 55.93
C PRO C 70 -61.80 -25.45 56.95
N ASP C 71 -62.58 -25.40 58.02
CA ASP C 71 -62.56 -24.33 59.05
C ASP C 71 -61.14 -24.14 59.62
N THR C 72 -60.42 -25.23 59.93
CA THR C 72 -59.04 -25.17 60.51
C THR C 72 -58.13 -24.31 59.59
N LEU C 73 -58.36 -24.32 58.28
CA LEU C 73 -57.55 -23.58 57.27
C LEU C 73 -58.23 -22.25 56.91
N ALA C 74 -59.56 -22.18 56.98
CA ALA C 74 -60.40 -21.11 56.36
C ALA C 74 -59.82 -19.75 56.71
N THR C 75 -59.86 -19.41 57.99
CA THR C 75 -59.22 -18.20 58.56
C THR C 75 -58.16 -18.73 59.52
N MET C 76 -56.89 -18.50 59.23
CA MET C 76 -55.78 -19.01 60.09
C MET C 76 -54.72 -17.93 60.16
N THR C 77 -53.86 -18.02 61.16
CA THR C 77 -52.84 -16.98 61.44
C THR C 77 -51.67 -17.30 60.53
N PRO C 78 -50.99 -16.28 59.95
CA PRO C 78 -49.71 -16.50 59.28
C PRO C 78 -48.70 -17.35 60.08
N GLN C 79 -48.55 -17.13 61.38
CA GLN C 79 -47.70 -17.99 62.27
C GLN C 79 -48.12 -19.46 62.06
N ALA C 80 -49.43 -19.72 62.18
CA ALA C 80 -50.05 -21.06 62.01
C ALA C 80 -49.65 -21.62 60.63
N TYR C 81 -50.04 -20.94 59.55
CA TYR C 81 -49.72 -21.33 58.16
C TYR C 81 -48.21 -21.59 58.04
N ASN C 82 -47.37 -20.66 58.49
CA ASN C 82 -45.92 -20.68 58.18
C ASN C 82 -45.21 -21.78 58.96
N SER C 83 -45.88 -22.37 59.95
CA SER C 83 -45.33 -23.53 60.72
C SER C 83 -45.65 -24.85 60.00
N ILE C 84 -46.52 -24.86 58.98
CA ILE C 84 -46.78 -26.06 58.13
C ILE C 84 -45.62 -26.20 57.14
N GLN C 85 -44.98 -27.36 57.08
CA GLN C 85 -43.75 -27.65 56.28
C GLN C 85 -43.97 -28.88 55.41
N TYR C 86 -43.93 -28.75 54.09
CA TYR C 86 -43.88 -29.97 53.26
C TYR C 86 -42.76 -30.87 53.81
N ASP C 87 -42.99 -32.18 53.84
CA ASP C 87 -42.05 -33.20 54.36
C ASP C 87 -41.04 -33.50 53.26
N ALA C 88 -39.80 -33.01 53.44
CA ALA C 88 -38.68 -33.13 52.47
C ALA C 88 -38.52 -34.58 52.02
N GLU C 89 -38.95 -35.54 52.84
CA GLU C 89 -38.70 -36.99 52.60
C GLU C 89 -39.80 -37.55 51.68
N LYS C 90 -40.85 -36.77 51.44
CA LYS C 90 -41.92 -37.15 50.48
C LYS C 90 -41.88 -36.17 49.31
N SER C 91 -40.68 -35.72 48.94
CA SER C 91 -40.51 -34.77 47.80
C SER C 91 -40.98 -35.48 46.54
N LEU C 92 -41.37 -34.69 45.53
CA LEU C 92 -41.98 -35.21 44.27
C LEU C 92 -41.08 -36.29 43.69
N TRP C 93 -39.78 -36.08 43.64
CA TRP C 93 -38.86 -36.98 42.89
C TRP C 93 -37.86 -37.63 43.86
N HIS C 94 -38.25 -37.88 45.12
CA HIS C 94 -37.41 -38.54 46.15
C HIS C 94 -36.70 -39.78 45.58
N ASN C 95 -37.37 -40.57 44.73
CA ASN C 95 -36.94 -41.92 44.25
C ASN C 95 -36.03 -41.85 43.00
N VAL C 96 -35.80 -40.70 42.40
CA VAL C 96 -34.97 -40.64 41.16
C VAL C 96 -33.51 -40.59 41.61
N GLU C 97 -32.65 -41.46 41.06
CA GLU C 97 -31.21 -41.50 41.44
C GLU C 97 -30.44 -40.43 40.66
N ASN C 98 -29.38 -39.89 41.29
CA ASN C 98 -28.51 -38.85 40.69
C ASN C 98 -29.40 -37.67 40.27
N ARG C 99 -30.43 -37.44 41.08
CA ARG C 99 -31.39 -36.30 40.97
C ARG C 99 -30.68 -34.95 41.08
N GLN C 100 -30.83 -34.08 40.08
CA GLN C 100 -30.31 -32.68 40.12
C GLN C 100 -31.42 -31.70 40.53
N LEU C 101 -32.69 -32.09 40.47
CA LEU C 101 -33.85 -31.22 40.77
C LEU C 101 -34.77 -31.99 41.69
N ASP C 102 -35.52 -31.29 42.54
CA ASP C 102 -36.62 -31.94 43.28
C ASP C 102 -37.69 -30.87 43.48
N ALA C 103 -38.83 -31.23 44.05
CA ALA C 103 -39.97 -30.32 44.16
C ALA C 103 -40.83 -30.72 45.36
N GLN C 104 -41.42 -29.70 45.98
CA GLN C 104 -42.33 -29.81 47.14
C GLN C 104 -43.57 -28.98 46.84
N PHE C 105 -44.64 -29.21 47.59
CA PHE C 105 -45.96 -28.56 47.40
C PHE C 105 -46.18 -27.61 48.58
N PHE C 106 -46.92 -26.52 48.34
CA PHE C 106 -47.36 -25.54 49.34
C PHE C 106 -48.76 -25.91 49.82
N HIS C 107 -48.98 -25.96 51.13
CA HIS C 107 -50.28 -26.31 51.75
C HIS C 107 -51.34 -25.29 51.29
N MET C 108 -52.61 -25.72 51.25
CA MET C 108 -53.80 -24.83 51.05
C MET C 108 -53.95 -24.01 52.33
N GLY C 109 -54.48 -22.81 52.22
CA GLY C 109 -54.64 -21.90 53.37
C GLY C 109 -54.40 -20.47 52.95
N MET C 110 -54.69 -19.54 53.85
CA MET C 110 -54.41 -18.08 53.65
C MET C 110 -55.02 -17.60 52.33
N GLY C 111 -54.24 -16.85 51.54
CA GLY C 111 -54.65 -16.24 50.27
C GLY C 111 -55.01 -17.31 49.25
N PHE C 112 -54.49 -18.52 49.42
CA PHE C 112 -54.59 -19.62 48.44
C PHE C 112 -55.86 -20.41 48.74
N ARG C 113 -56.91 -20.20 47.94
CA ARG C 113 -58.23 -20.84 48.21
C ARG C 113 -58.59 -21.80 47.07
N ARG C 114 -58.00 -21.61 45.89
CA ARG C 114 -58.23 -22.56 44.75
C ARG C 114 -57.44 -23.86 44.96
N ARG C 115 -58.12 -25.00 44.89
CA ARG C 115 -57.46 -26.31 45.10
C ARG C 115 -56.72 -26.72 43.81
N VAL C 116 -55.39 -26.62 43.79
CA VAL C 116 -54.61 -27.01 42.58
C VAL C 116 -54.36 -28.51 42.65
N ARG C 117 -54.75 -29.23 41.62
CA ARG C 117 -54.52 -30.70 41.57
C ARG C 117 -53.16 -30.94 40.93
N MET C 118 -52.54 -32.06 41.27
CA MET C 118 -51.09 -32.26 41.10
C MET C 118 -50.85 -33.71 40.64
N PHE C 119 -50.29 -33.90 39.44
CA PHE C 119 -50.06 -35.22 38.84
C PHE C 119 -48.57 -35.46 38.53
N SER C 120 -48.18 -36.73 38.55
CA SER C 120 -46.87 -37.20 38.09
C SER C 120 -47.10 -38.04 36.82
N VAL C 121 -46.57 -37.56 35.69
CA VAL C 121 -46.57 -38.26 34.37
C VAL C 121 -45.31 -39.13 34.28
N ASP C 122 -45.43 -40.34 33.74
CA ASP C 122 -44.28 -41.11 33.19
C ASP C 122 -44.13 -40.75 31.71
N PRO C 123 -43.09 -40.01 31.27
CA PRO C 123 -43.06 -39.53 29.89
C PRO C 123 -42.83 -40.71 28.92
N ALA C 124 -42.21 -41.79 29.40
CA ALA C 124 -42.00 -43.06 28.66
C ALA C 124 -43.35 -43.63 28.22
N THR C 125 -44.30 -43.73 29.14
CA THR C 125 -45.54 -44.55 28.98
C THR C 125 -46.78 -43.68 28.78
N HIS C 126 -46.62 -42.37 28.84
CA HIS C 126 -47.70 -41.38 28.68
C HIS C 126 -48.81 -41.61 29.73
N LEU C 127 -48.48 -42.13 30.90
CA LEU C 127 -49.49 -42.38 31.97
C LEU C 127 -49.25 -41.47 33.18
N ALA C 128 -50.27 -40.72 33.56
CA ALA C 128 -50.20 -39.74 34.69
C ALA C 128 -51.00 -40.28 35.87
N ARG C 129 -50.45 -40.25 37.07
CA ARG C 129 -51.21 -40.59 38.32
C ARG C 129 -51.34 -39.33 39.17
N GLU C 130 -52.52 -39.00 39.67
CA GLU C 130 -52.75 -37.85 40.59
C GLU C 130 -52.00 -38.08 41.90
N ILE C 131 -51.47 -37.00 42.48
CA ILE C 131 -50.99 -36.94 43.88
C ILE C 131 -52.12 -36.30 44.68
N HIS C 132 -52.82 -37.09 45.49
CA HIS C 132 -53.95 -36.54 46.29
C HIS C 132 -53.35 -35.89 47.53
N PHE C 133 -53.92 -34.78 47.96
CA PHE C 133 -53.53 -34.18 49.26
C PHE C 133 -53.78 -35.20 50.37
N ARG C 134 -52.85 -35.26 51.31
CA ARG C 134 -53.02 -35.97 52.59
C ARG C 134 -52.06 -35.39 53.61
N PRO C 135 -52.42 -35.38 54.92
CA PRO C 135 -51.61 -34.70 55.91
C PRO C 135 -50.26 -35.41 56.16
N GLU C 136 -50.12 -36.68 55.79
CA GLU C 136 -48.84 -37.42 55.90
C GLU C 136 -47.78 -36.67 55.07
N LEU C 137 -48.22 -35.81 54.13
CA LEU C 137 -47.30 -35.14 53.16
C LEU C 137 -46.66 -33.92 53.83
N PHE C 138 -47.21 -33.43 54.92
CA PHE C 138 -46.73 -32.23 55.62
C PHE C 138 -46.39 -32.53 57.08
N LYS C 139 -45.52 -31.70 57.66
CA LYS C 139 -45.28 -31.57 59.13
C LYS C 139 -46.00 -30.32 59.61
N TYR C 140 -46.95 -30.47 60.55
CA TYR C 140 -47.78 -29.30 60.95
C TYR C 140 -47.16 -28.62 62.17
N ASN C 141 -46.23 -29.28 62.84
CA ASN C 141 -45.50 -28.61 63.93
C ASN C 141 -46.45 -27.80 64.82
N ASP C 142 -45.97 -26.66 65.32
CA ASP C 142 -46.80 -25.89 66.28
C ASP C 142 -48.19 -25.70 65.70
N ALA C 143 -48.28 -25.25 64.45
CA ALA C 143 -49.59 -25.01 63.82
C ALA C 143 -50.70 -25.76 64.54
N GLY C 144 -51.65 -25.05 65.12
CA GLY C 144 -52.81 -25.70 65.75
C GLY C 144 -53.85 -26.00 64.70
N VAL C 145 -53.50 -26.86 63.74
CA VAL C 145 -54.44 -27.22 62.66
C VAL C 145 -55.06 -28.57 63.03
N ASP C 146 -56.37 -28.70 62.85
CA ASP C 146 -57.05 -29.99 63.15
C ASP C 146 -56.72 -30.98 62.03
N THR C 147 -55.56 -31.63 62.14
CA THR C 147 -55.18 -32.67 61.16
C THR C 147 -56.38 -33.58 60.92
N LYS C 148 -57.15 -33.85 61.96
CA LYS C 148 -58.30 -34.78 61.83
C LYS C 148 -59.24 -34.29 60.73
N GLN C 149 -59.58 -33.01 60.72
CA GLN C 149 -60.57 -32.61 59.66
C GLN C 149 -59.86 -32.39 58.30
N LEU C 150 -58.62 -32.87 58.14
CA LEU C 150 -57.95 -32.94 56.82
C LEU C 150 -57.86 -34.40 56.35
N GLU C 151 -58.26 -35.37 57.19
CA GLU C 151 -58.02 -36.83 56.97
C GLU C 151 -58.66 -37.27 55.66
N GLY C 152 -59.93 -36.91 55.47
CA GLY C 152 -60.73 -37.44 54.36
C GLY C 152 -60.49 -36.71 53.07
N GLN C 153 -59.68 -35.64 53.08
CA GLN C 153 -59.76 -34.51 52.12
C GLN C 153 -58.83 -34.71 50.91
N SER C 154 -59.17 -35.65 50.02
CA SER C 154 -58.39 -36.02 48.80
C SER C 154 -58.54 -35.00 47.67
N ASP C 155 -59.56 -34.16 47.75
CA ASP C 155 -59.91 -33.20 46.67
C ASP C 155 -59.28 -31.82 46.99
N LEU C 156 -58.78 -31.64 48.23
CA LEU C 156 -58.19 -30.36 48.72
C LEU C 156 -56.99 -29.94 47.88
N GLY C 157 -56.22 -30.88 47.37
CA GLY C 157 -55.00 -30.55 46.61
C GLY C 157 -54.10 -29.56 47.35
N PHE C 158 -53.39 -28.72 46.59
CA PHE C 158 -52.28 -27.85 47.08
C PHE C 158 -52.40 -26.45 46.46
N ALA C 159 -51.63 -25.50 47.00
CA ALA C 159 -51.68 -24.09 46.59
C ALA C 159 -50.77 -23.84 45.40
N GLY C 160 -49.76 -24.69 45.25
CA GLY C 160 -48.71 -24.53 44.23
C GLY C 160 -47.51 -25.40 44.56
N PHE C 161 -46.37 -25.14 43.91
CA PHE C 161 -45.16 -25.97 44.05
C PHE C 161 -43.90 -25.09 43.98
N ARG C 162 -42.76 -25.63 44.42
CA ARG C 162 -41.45 -25.03 44.13
C ARG C 162 -40.51 -26.16 43.72
N VAL C 163 -39.44 -25.80 43.01
CA VAL C 163 -38.39 -26.73 42.50
C VAL C 163 -37.04 -26.30 43.10
N PHE C 164 -36.30 -27.26 43.64
CA PHE C 164 -34.96 -27.03 44.22
C PHE C 164 -33.94 -27.60 43.24
N LYS C 165 -32.70 -27.12 43.27
CA LYS C 165 -31.65 -27.60 42.36
C LYS C 165 -30.44 -27.92 43.22
N ALA C 166 -29.75 -29.01 42.91
CA ALA C 166 -28.54 -29.36 43.65
C ALA C 166 -27.56 -28.21 43.57
N PRO C 167 -26.79 -27.91 44.63
CA PRO C 167 -26.61 -28.83 45.74
C PRO C 167 -27.69 -28.74 46.82
N GLU C 168 -28.52 -27.70 46.79
CA GLU C 168 -29.59 -27.51 47.79
C GLU C 168 -30.93 -28.02 47.22
N LEU C 169 -31.34 -29.23 47.58
CA LEU C 169 -32.56 -29.90 47.04
C LEU C 169 -33.72 -29.78 48.03
N ALA C 170 -33.52 -29.10 49.16
CA ALA C 170 -34.59 -28.87 50.15
C ALA C 170 -34.59 -27.42 50.67
N ARG C 171 -33.72 -26.57 50.14
CA ARG C 171 -33.57 -25.17 50.62
C ARG C 171 -33.29 -24.27 49.41
N ARG C 172 -33.64 -22.99 49.47
CA ARG C 172 -33.29 -22.08 48.36
C ARG C 172 -33.92 -22.64 47.09
N ASP C 173 -35.24 -22.47 46.94
CA ASP C 173 -35.95 -22.92 45.72
C ASP C 173 -35.60 -21.96 44.61
N VAL C 174 -35.68 -22.41 43.36
CA VAL C 174 -35.22 -21.62 42.18
C VAL C 174 -36.40 -21.31 41.27
N VAL C 175 -37.45 -22.13 41.31
CA VAL C 175 -38.73 -21.94 40.56
C VAL C 175 -39.87 -22.17 41.55
N SER C 176 -40.88 -21.30 41.45
CA SER C 176 -42.06 -21.26 42.36
C SER C 176 -43.31 -20.83 41.58
N PHE C 177 -44.23 -21.76 41.34
CA PHE C 177 -45.63 -21.47 40.89
C PHE C 177 -46.49 -21.44 42.15
N LEU C 178 -47.10 -20.29 42.46
CA LEU C 178 -47.98 -20.13 43.66
C LEU C 178 -48.80 -18.85 43.54
N GLY C 179 -50.13 -19.00 43.43
CA GLY C 179 -51.08 -17.88 43.35
C GLY C 179 -51.66 -17.72 41.97
N ALA C 180 -52.90 -18.12 41.76
CA ALA C 180 -53.57 -17.92 40.46
C ALA C 180 -52.71 -18.49 39.32
N SER C 181 -52.40 -17.66 38.31
CA SER C 181 -51.55 -18.05 37.16
C SER C 181 -50.12 -17.55 37.41
N TYR C 182 -49.82 -17.16 38.64
CA TYR C 182 -48.52 -16.48 38.97
C TYR C 182 -47.38 -17.48 39.23
N PHE C 183 -46.19 -17.13 38.78
CA PHE C 183 -44.96 -17.91 39.03
C PHE C 183 -43.73 -17.00 38.98
N ARG C 184 -42.65 -17.48 39.58
CA ARG C 184 -41.40 -16.69 39.58
C ARG C 184 -40.18 -17.60 39.59
N ALA C 185 -39.01 -17.06 39.24
CA ALA C 185 -37.74 -17.78 39.34
C ALA C 185 -36.59 -16.81 39.66
N VAL C 186 -35.44 -17.41 39.94
CA VAL C 186 -34.27 -16.63 40.41
C VAL C 186 -33.06 -16.99 39.55
N ASP C 187 -31.97 -16.26 39.72
CA ASP C 187 -30.72 -16.53 38.97
C ASP C 187 -29.63 -16.99 39.94
N ASP C 188 -28.37 -16.79 39.59
CA ASP C 188 -27.24 -17.25 40.42
C ASP C 188 -27.24 -16.48 41.73
N THR C 189 -28.12 -15.49 41.86
CA THR C 189 -28.24 -14.76 43.17
C THR C 189 -29.18 -15.48 44.13
N TYR C 190 -30.06 -16.35 43.60
CA TYR C 190 -31.06 -17.14 44.37
C TYR C 190 -32.04 -16.19 45.10
N GLN C 191 -32.15 -14.94 44.69
CA GLN C 191 -33.11 -13.96 45.28
C GLN C 191 -34.30 -13.77 44.32
N TYR C 192 -35.49 -14.08 44.82
CA TYR C 192 -36.75 -13.90 44.08
C TYR C 192 -37.01 -12.42 44.02
N GLY C 193 -37.57 -11.95 42.90
CA GLY C 193 -38.06 -10.57 42.77
C GLY C 193 -39.38 -10.54 42.02
N LEU C 194 -39.30 -10.07 40.78
CA LEU C 194 -40.48 -9.92 39.89
C LEU C 194 -41.22 -11.22 39.60
N SER C 195 -42.46 -11.09 39.22
CA SER C 195 -43.39 -12.22 38.91
C SER C 195 -43.73 -12.28 37.43
N ALA C 196 -44.09 -13.48 36.99
CA ALA C 196 -44.77 -13.70 35.69
C ALA C 196 -46.14 -14.29 35.98
N ARG C 197 -47.02 -14.27 34.99
CA ARG C 197 -48.30 -15.00 35.04
C ARG C 197 -48.48 -15.81 33.76
N GLY C 198 -49.44 -16.73 33.79
CA GLY C 198 -49.91 -17.48 32.62
C GLY C 198 -50.67 -16.57 31.71
N LEU C 199 -51.56 -15.79 32.30
CA LEU C 199 -52.45 -14.89 31.52
C LEU C 199 -52.90 -13.68 32.36
N ALA C 200 -53.21 -12.59 31.67
CA ALA C 200 -53.84 -11.42 32.27
C ALA C 200 -55.16 -11.18 31.53
N ILE C 201 -56.22 -10.83 32.27
CA ILE C 201 -57.55 -10.52 31.69
C ILE C 201 -58.01 -9.22 32.31
N ASP C 202 -58.33 -8.20 31.49
CA ASP C 202 -59.10 -7.01 31.93
C ASP C 202 -58.33 -6.34 33.07
N THR C 203 -57.02 -6.16 32.92
CA THR C 203 -56.12 -5.54 33.94
C THR C 203 -56.43 -4.04 34.05
N TYR C 204 -56.98 -3.46 32.98
CA TYR C 204 -57.24 -2.01 32.83
C TYR C 204 -58.44 -1.83 31.89
N THR C 205 -59.62 -1.54 32.46
CA THR C 205 -60.89 -1.34 31.70
C THR C 205 -62.08 -0.99 32.62
N ASP C 206 -63.28 -0.75 32.02
CA ASP C 206 -64.57 -0.42 32.70
C ASP C 206 -64.81 -1.38 33.88
N SER C 207 -64.59 -2.70 33.73
CA SER C 207 -64.87 -3.74 34.77
C SER C 207 -63.66 -3.99 35.66
N LYS C 208 -63.85 -4.77 36.71
CA LYS C 208 -62.77 -5.25 37.62
C LYS C 208 -61.92 -6.32 36.91
N GLU C 209 -60.66 -6.48 37.36
CA GLU C 209 -59.65 -7.37 36.77
C GLU C 209 -60.08 -8.81 37.05
N GLU C 210 -59.91 -9.71 36.07
CA GLU C 210 -60.10 -11.19 36.18
C GLU C 210 -58.72 -11.85 36.38
N PHE C 211 -58.65 -12.74 37.34
CA PHE C 211 -57.43 -13.51 37.71
C PHE C 211 -57.64 -15.00 37.43
N PRO C 212 -57.28 -15.48 36.23
CA PRO C 212 -57.23 -16.90 35.97
C PRO C 212 -56.32 -17.62 36.97
N ASP C 213 -56.71 -18.87 37.30
CA ASP C 213 -55.99 -19.85 38.16
C ASP C 213 -55.37 -20.94 37.28
N PHE C 214 -54.16 -21.31 37.62
CA PHE C 214 -53.63 -22.65 37.28
C PHE C 214 -54.36 -23.57 38.24
N THR C 215 -55.16 -24.49 37.69
CA THR C 215 -56.03 -25.38 38.50
C THR C 215 -55.46 -26.78 38.55
N ALA C 216 -54.44 -27.05 37.76
CA ALA C 216 -53.76 -28.36 37.82
C ALA C 216 -52.42 -28.29 37.13
N PHE C 217 -51.47 -29.06 37.64
CA PHE C 217 -50.10 -29.25 37.11
C PHE C 217 -49.75 -30.75 36.96
N TRP C 218 -49.27 -31.13 35.78
CA TRP C 218 -48.69 -32.46 35.49
C TRP C 218 -47.17 -32.32 35.33
N PHE C 219 -46.40 -33.06 36.14
CA PHE C 219 -44.91 -33.05 36.16
C PHE C 219 -44.33 -34.33 35.55
N ASP C 220 -43.75 -34.25 34.36
CA ASP C 220 -42.87 -35.33 33.83
C ASP C 220 -41.81 -35.70 34.87
N THR C 221 -41.62 -36.99 35.17
CA THR C 221 -40.58 -37.42 36.15
C THR C 221 -39.22 -36.98 35.64
N VAL C 222 -38.40 -36.28 36.45
CA VAL C 222 -37.03 -35.84 36.04
C VAL C 222 -36.16 -37.05 35.72
N LYS C 223 -35.30 -36.85 34.73
CA LYS C 223 -34.24 -37.81 34.37
C LYS C 223 -33.08 -37.62 35.34
N PRO C 224 -32.43 -38.74 35.74
CA PRO C 224 -31.18 -38.70 36.49
C PRO C 224 -30.23 -37.78 35.71
N GLY C 225 -29.57 -36.86 36.43
CA GLY C 225 -28.54 -35.96 35.87
C GLY C 225 -29.09 -34.68 35.29
N ALA C 226 -30.41 -34.58 35.07
CA ALA C 226 -31.03 -33.47 34.30
C ALA C 226 -31.38 -32.31 35.23
N THR C 227 -31.14 -31.10 34.71
CA THR C 227 -31.49 -29.78 35.30
C THR C 227 -32.61 -29.12 34.48
N THR C 228 -33.21 -29.91 33.58
CA THR C 228 -34.45 -29.55 32.83
C THR C 228 -35.59 -30.43 33.33
N PHE C 229 -36.74 -29.82 33.55
CA PHE C 229 -37.98 -30.53 33.97
C PHE C 229 -39.10 -29.94 33.14
N THR C 230 -40.12 -30.75 32.87
CA THR C 230 -41.31 -30.35 32.08
C THR C 230 -42.51 -30.39 33.04
N VAL C 231 -43.26 -29.30 33.11
CA VAL C 231 -44.54 -29.25 33.89
C VAL C 231 -45.60 -28.71 32.93
N TYR C 232 -46.72 -29.43 32.79
CA TYR C 232 -47.92 -28.97 32.02
C TYR C 232 -48.88 -28.37 33.04
N ALA C 233 -49.75 -27.49 32.58
CA ALA C 233 -50.69 -26.76 33.45
C ALA C 233 -51.99 -26.45 32.72
N LEU C 234 -53.09 -26.67 33.44
CA LEU C 234 -54.46 -26.28 33.02
C LEU C 234 -54.77 -24.90 33.59
N LEU C 235 -55.24 -23.99 32.73
CA LEU C 235 -55.67 -22.63 33.14
C LEU C 235 -57.19 -22.55 33.01
N ASP C 236 -57.85 -22.05 34.07
CA ASP C 236 -59.33 -21.97 34.14
C ASP C 236 -59.73 -20.61 34.70
N SER C 237 -60.61 -19.93 34.00
CA SER C 237 -61.13 -18.59 34.39
C SER C 237 -62.55 -18.46 33.85
N ALA C 238 -63.31 -17.53 34.44
CA ALA C 238 -64.70 -17.23 34.01
C ALA C 238 -64.74 -17.12 32.47
N SER C 239 -63.75 -16.48 31.84
CA SER C 239 -63.82 -16.08 30.39
C SER C 239 -62.94 -16.95 29.51
N ILE C 240 -62.05 -17.77 30.05
CA ILE C 240 -61.01 -18.39 29.19
C ILE C 240 -60.46 -19.65 29.87
N THR C 241 -60.12 -20.63 29.05
CA THR C 241 -59.43 -21.86 29.49
C THR C 241 -58.13 -21.93 28.69
N GLY C 242 -57.17 -22.70 29.18
CA GLY C 242 -55.90 -22.83 28.45
C GLY C 242 -55.13 -24.07 28.85
N ALA C 243 -54.41 -24.60 27.87
CA ALA C 243 -53.44 -25.69 28.04
C ALA C 243 -52.04 -25.05 27.91
N TYR C 244 -51.14 -25.37 28.84
CA TYR C 244 -49.81 -24.74 28.94
C TYR C 244 -48.77 -25.82 29.10
N LYS C 245 -47.69 -25.70 28.33
CA LYS C 245 -46.47 -26.51 28.53
C LYS C 245 -45.30 -25.58 28.83
N PHE C 246 -44.67 -25.82 29.97
CA PHE C 246 -43.39 -25.21 30.43
C PHE C 246 -42.25 -26.26 30.31
N THR C 247 -41.32 -26.03 29.39
CA THR C 247 -40.01 -26.73 29.46
C THR C 247 -39.02 -25.77 30.17
N ILE C 248 -38.61 -26.11 31.40
CA ILE C 248 -37.85 -25.20 32.30
C ILE C 248 -36.42 -25.73 32.48
N HIS C 249 -35.46 -24.95 31.99
CA HIS C 249 -34.01 -25.23 32.09
C HIS C 249 -33.41 -24.46 33.26
N CYS C 250 -33.08 -25.13 34.36
CA CYS C 250 -32.36 -24.54 35.51
C CYS C 250 -30.87 -24.56 35.22
N GLU C 251 -30.43 -23.66 34.32
CA GLU C 251 -29.03 -23.45 33.83
C GLU C 251 -28.19 -22.92 35.00
N LYS C 252 -26.87 -22.77 34.81
CA LYS C 252 -25.92 -22.42 35.90
C LYS C 252 -26.13 -20.99 36.37
N SER C 253 -26.37 -20.09 35.42
CA SER C 253 -26.39 -18.61 35.63
C SER C 253 -27.82 -18.06 35.56
N GLN C 254 -28.78 -18.85 35.08
CA GLN C 254 -30.18 -18.37 34.94
C GLN C 254 -31.15 -19.56 34.85
N VAL C 255 -32.43 -19.23 34.76
CA VAL C 255 -33.54 -20.18 34.48
C VAL C 255 -34.18 -19.75 33.18
N ILE C 256 -34.25 -20.64 32.20
CA ILE C 256 -34.97 -20.37 30.93
C ILE C 256 -36.21 -21.26 30.93
N MET C 257 -37.35 -20.69 30.52
CA MET C 257 -38.61 -21.45 30.35
C MET C 257 -39.03 -21.35 28.88
N ASP C 258 -39.03 -22.49 28.20
CA ASP C 258 -39.68 -22.66 26.88
C ASP C 258 -41.18 -22.82 27.17
N VAL C 259 -41.99 -21.81 26.81
CA VAL C 259 -43.45 -21.81 27.12
C VAL C 259 -44.24 -21.92 25.81
N GLU C 260 -45.27 -22.76 25.84
CA GLU C 260 -46.29 -22.92 24.77
C GLU C 260 -47.65 -22.94 25.44
N ASN C 261 -48.63 -22.31 24.81
CA ASN C 261 -50.01 -22.32 25.35
C ASN C 261 -50.98 -22.38 24.17
N HIS C 262 -52.17 -22.93 24.47
CA HIS C 262 -53.40 -22.86 23.63
C HIS C 262 -54.51 -22.31 24.49
N LEU C 263 -55.17 -21.25 24.03
CA LEU C 263 -56.20 -20.53 24.82
C LEU C 263 -57.54 -20.64 24.10
N TYR C 264 -58.61 -20.87 24.87
CA TYR C 264 -59.99 -21.13 24.39
C TYR C 264 -60.94 -20.19 25.12
N ALA C 265 -61.44 -19.19 24.39
CA ALA C 265 -62.19 -18.04 24.93
C ALA C 265 -63.64 -18.46 25.22
N ARG C 266 -64.03 -18.52 26.49
CA ARG C 266 -65.45 -18.80 26.86
C ARG C 266 -66.36 -17.61 26.47
N LYS C 267 -66.01 -16.37 26.80
CA LYS C 267 -66.87 -15.18 26.54
C LYS C 267 -66.10 -14.20 25.66
N ASP C 268 -66.73 -13.10 25.29
CA ASP C 268 -66.01 -11.87 24.84
C ASP C 268 -65.10 -11.41 25.99
N ILE C 269 -63.91 -10.92 25.64
CA ILE C 269 -62.93 -10.41 26.62
C ILE C 269 -62.52 -9.00 26.22
N LYS C 270 -62.68 -8.03 27.12
CA LYS C 270 -62.29 -6.62 26.84
C LYS C 270 -60.76 -6.45 26.69
N GLN C 271 -59.94 -7.16 27.46
CA GLN C 271 -58.46 -7.01 27.42
C GLN C 271 -57.74 -8.33 27.70
N LEU C 272 -57.16 -8.93 26.66
CA LEU C 272 -56.37 -10.18 26.77
C LEU C 272 -54.90 -9.82 26.83
N GLY C 273 -54.22 -10.25 27.89
CA GLY C 273 -52.79 -10.01 28.13
C GLY C 273 -51.97 -11.28 28.08
N ILE C 274 -51.16 -11.43 27.04
CA ILE C 274 -50.27 -12.61 26.79
C ILE C 274 -48.92 -12.38 27.49
N ALA C 275 -48.34 -13.43 28.07
CA ALA C 275 -46.95 -13.44 28.59
C ALA C 275 -46.77 -12.28 29.57
N PRO C 276 -47.74 -12.06 30.47
CA PRO C 276 -47.69 -10.95 31.42
C PRO C 276 -46.55 -11.09 32.43
N MET C 277 -46.11 -9.92 32.89
CA MET C 277 -45.12 -9.70 33.99
C MET C 277 -45.72 -8.74 35.02
N THR C 278 -45.27 -8.86 36.26
CA THR C 278 -45.71 -8.00 37.38
C THR C 278 -44.53 -7.72 38.28
N SER C 279 -44.16 -6.45 38.41
CA SER C 279 -42.97 -6.00 39.18
C SER C 279 -43.43 -4.86 40.08
N MET C 280 -42.48 -4.27 40.80
CA MET C 280 -42.71 -3.11 41.69
C MET C 280 -41.72 -2.01 41.35
N PHE C 281 -42.15 -0.76 41.45
CA PHE C 281 -41.24 0.39 41.26
C PHE C 281 -41.75 1.49 42.18
N SER C 282 -41.03 1.74 43.28
CA SER C 282 -41.44 2.72 44.32
C SER C 282 -40.64 4.02 44.16
N CYS C 283 -39.29 3.90 44.14
CA CYS C 283 -38.33 5.03 44.12
C CYS C 283 -37.10 4.68 43.28
N GLY C 284 -36.90 5.38 42.16
CA GLY C 284 -35.71 5.20 41.32
C GLY C 284 -34.95 6.50 41.19
N THR C 285 -34.25 6.72 40.08
CA THR C 285 -33.46 7.96 39.83
C THR C 285 -34.37 8.99 39.15
N ASN C 286 -35.54 8.55 38.69
CA ASN C 286 -36.45 9.42 37.89
C ASN C 286 -37.66 9.90 38.69
N GLU C 287 -37.96 11.19 38.65
CA GLU C 287 -39.12 11.79 39.35
C GLU C 287 -39.24 11.21 40.75
N ARG C 288 -38.26 11.47 41.61
CA ARG C 288 -38.20 10.87 42.97
C ARG C 288 -39.24 11.49 43.89
N ARG C 289 -40.50 11.08 43.77
CA ARG C 289 -41.61 11.66 44.57
C ARG C 289 -41.95 10.76 45.76
N MET C 290 -41.36 9.56 45.82
CA MET C 290 -41.71 8.64 46.93
C MET C 290 -40.44 8.00 47.48
N CYS C 291 -39.53 8.84 47.97
CA CYS C 291 -38.13 8.44 48.27
C CYS C 291 -37.78 8.80 49.71
N ASP C 292 -38.76 8.94 50.58
CA ASP C 292 -38.51 9.38 51.98
C ASP C 292 -38.31 8.15 52.86
N THR C 293 -37.53 7.16 52.42
CA THR C 293 -37.09 6.01 53.28
C THR C 293 -35.57 6.13 53.46
N ILE C 294 -34.94 5.18 54.16
CA ILE C 294 -33.46 5.08 54.32
C ILE C 294 -32.81 4.44 53.09
N HIS C 295 -33.59 4.13 52.06
CA HIS C 295 -33.10 3.43 50.85
C HIS C 295 -33.07 4.38 49.67
N PRO C 296 -31.88 4.67 49.09
CA PRO C 296 -31.81 5.58 47.94
C PRO C 296 -32.80 5.21 46.82
N GLN C 297 -32.99 3.92 46.58
CA GLN C 297 -33.90 3.39 45.53
C GLN C 297 -34.63 2.18 46.10
N ILE C 298 -35.89 1.98 45.68
CA ILE C 298 -36.69 0.76 46.01
C ILE C 298 -37.49 0.37 44.78
N HIS C 299 -37.09 -0.75 44.16
CA HIS C 299 -37.77 -1.37 43.00
C HIS C 299 -37.26 -2.79 42.75
N ASP C 300 -38.15 -3.63 42.22
CA ASP C 300 -37.89 -5.00 41.68
C ASP C 300 -37.45 -4.91 40.21
N SER C 301 -37.81 -3.84 39.53
CA SER C 301 -37.45 -3.53 38.12
C SER C 301 -37.34 -2.00 37.97
N ASP C 302 -36.54 -1.47 37.03
CA ASP C 302 -36.42 0.00 36.81
C ASP C 302 -36.92 0.41 35.43
N ARG C 303 -37.10 -0.55 34.50
CA ARG C 303 -37.42 -0.20 33.09
C ARG C 303 -38.17 -1.30 32.33
N LEU C 304 -39.01 -0.88 31.39
CA LEU C 304 -39.50 -1.73 30.28
C LEU C 304 -38.50 -1.61 29.10
N SER C 305 -37.87 -2.70 28.69
CA SER C 305 -37.08 -2.75 27.44
C SER C 305 -37.93 -3.43 26.36
N MET C 306 -38.00 -2.84 25.15
CA MET C 306 -38.72 -3.43 24.01
C MET C 306 -37.79 -3.46 22.78
N TRP C 307 -37.72 -4.63 22.15
CA TRP C 307 -37.08 -4.88 20.82
C TRP C 307 -38.19 -5.13 19.79
N ARG C 308 -38.45 -4.10 19.00
CA ARG C 308 -39.69 -4.02 18.18
C ARG C 308 -39.51 -4.86 16.92
N GLY C 309 -40.59 -5.09 16.18
CA GLY C 309 -40.63 -5.80 14.89
C GLY C 309 -39.72 -5.19 13.84
N ASN C 310 -39.72 -3.87 13.66
CA ASN C 310 -38.78 -3.16 12.75
C ASN C 310 -37.33 -3.06 13.29
N GLY C 311 -36.94 -3.73 14.39
CA GLY C 311 -35.54 -3.78 14.88
C GLY C 311 -35.14 -2.57 15.76
N GLU C 312 -36.03 -1.59 15.93
CA GLU C 312 -35.82 -0.44 16.85
C GLU C 312 -35.81 -0.95 18.30
N TRP C 313 -34.83 -0.53 19.10
CA TRP C 313 -34.78 -0.81 20.57
C TRP C 313 -35.37 0.37 21.33
N ILE C 314 -36.10 0.09 22.40
CA ILE C 314 -36.70 1.12 23.29
C ILE C 314 -36.35 0.81 24.74
N CYS C 315 -36.05 1.89 25.47
CA CYS C 315 -35.84 1.89 26.94
C CYS C 315 -36.84 2.87 27.54
N ARG C 316 -37.82 2.33 28.27
CA ARG C 316 -38.92 3.13 28.90
C ARG C 316 -38.75 2.96 30.40
N PRO C 317 -38.09 3.91 31.08
CA PRO C 317 -37.95 3.83 32.52
C PRO C 317 -39.34 3.96 33.19
N LEU C 318 -39.57 3.05 34.12
CA LEU C 318 -40.82 2.91 34.90
C LEU C 318 -41.00 4.13 35.78
N ASN C 319 -42.26 4.54 36.01
CA ASN C 319 -42.62 5.62 36.99
C ASN C 319 -43.35 5.01 38.19
N ASN C 320 -43.37 5.77 39.28
CA ASN C 320 -44.32 5.60 40.41
C ASN C 320 -45.17 6.85 40.36
N PRO C 321 -46.22 6.89 39.50
CA PRO C 321 -46.95 8.12 39.21
C PRO C 321 -47.91 8.50 40.34
N GLN C 322 -48.35 9.76 40.38
CA GLN C 322 -49.37 10.19 41.36
C GLN C 322 -50.70 9.57 40.96
N LYS C 323 -50.94 9.39 39.67
CA LYS C 323 -52.22 8.89 39.11
C LYS C 323 -51.99 7.66 38.22
N LEU C 324 -52.79 6.62 38.42
CA LEU C 324 -52.78 5.38 37.60
C LEU C 324 -52.70 5.76 36.12
N GLN C 325 -51.69 5.20 35.45
CA GLN C 325 -51.40 5.37 34.01
C GLN C 325 -51.35 4.01 33.31
N PHE C 326 -51.92 3.96 32.11
CA PHE C 326 -51.81 2.83 31.16
C PHE C 326 -51.20 3.34 29.86
N ASN C 327 -50.10 2.76 29.43
CA ASN C 327 -49.53 3.07 28.11
C ASN C 327 -49.60 1.80 27.29
N ALA C 328 -49.96 1.94 26.00
CA ALA C 328 -49.96 0.87 24.99
C ALA C 328 -49.03 1.23 23.84
N TYR C 329 -47.88 0.52 23.73
CA TYR C 329 -46.83 0.72 22.69
C TYR C 329 -47.17 -0.16 21.51
N THR C 330 -47.68 0.43 20.43
CA THR C 330 -47.96 -0.30 19.17
C THR C 330 -46.69 -1.03 18.69
N ASP C 331 -46.86 -2.24 18.17
CA ASP C 331 -45.75 -3.05 17.57
C ASP C 331 -46.40 -4.00 16.54
N ASN C 332 -45.56 -4.71 15.80
CA ASN C 332 -45.97 -5.75 14.85
C ASN C 332 -44.85 -6.77 14.79
N ASN C 333 -45.11 -7.99 15.26
CA ASN C 333 -44.09 -9.07 15.31
C ASN C 333 -42.97 -8.68 16.26
N PRO C 334 -43.31 -8.36 17.53
CA PRO C 334 -42.32 -7.97 18.50
C PRO C 334 -41.32 -9.13 18.60
N LYS C 335 -40.05 -8.78 18.73
CA LYS C 335 -38.89 -9.71 18.84
C LYS C 335 -38.59 -10.01 20.30
N GLY C 336 -38.94 -9.08 21.19
CA GLY C 336 -38.74 -9.28 22.63
C GLY C 336 -39.16 -8.07 23.42
N PHE C 337 -39.36 -8.25 24.72
CA PHE C 337 -39.76 -7.18 25.66
C PHE C 337 -39.59 -7.73 27.07
N GLY C 338 -39.21 -6.89 28.02
CA GLY C 338 -38.77 -7.32 29.36
C GLY C 338 -38.90 -6.20 30.39
N LEU C 339 -39.06 -6.57 31.67
CA LEU C 339 -38.90 -5.65 32.82
C LEU C 339 -37.54 -5.96 33.44
N LEU C 340 -36.58 -5.07 33.25
CA LEU C 340 -35.17 -5.29 33.65
C LEU C 340 -34.85 -4.62 34.99
N GLN C 341 -33.90 -5.22 35.73
CA GLN C 341 -33.32 -4.66 36.97
C GLN C 341 -31.82 -4.53 36.71
N LEU C 342 -31.40 -3.45 36.05
CA LEU C 342 -29.99 -3.29 35.59
C LEU C 342 -29.17 -2.56 36.65
N ASP C 343 -29.75 -2.03 37.72
CA ASP C 343 -28.89 -1.41 38.77
C ASP C 343 -28.48 -2.50 39.75
N ARG C 344 -27.27 -3.00 39.63
CA ARG C 344 -26.84 -4.18 40.43
C ARG C 344 -26.14 -3.76 41.72
N ASP C 345 -26.16 -2.48 42.10
CA ASP C 345 -25.26 -1.91 43.14
C ASP C 345 -25.96 -1.83 44.51
N PHE C 346 -25.55 -2.70 45.44
CA PHE C 346 -26.15 -2.79 46.79
C PHE C 346 -26.38 -1.39 47.38
N SER C 347 -25.33 -0.56 47.34
CA SER C 347 -25.24 0.76 48.04
C SER C 347 -26.31 1.72 47.55
N HIS C 348 -26.91 1.47 46.39
CA HIS C 348 -28.01 2.30 45.80
C HIS C 348 -29.36 1.87 46.37
N TYR C 349 -29.42 0.79 47.15
CA TYR C 349 -30.68 0.23 47.68
C TYR C 349 -30.62 0.07 49.19
N GLN C 350 -29.48 -0.44 49.70
CA GLN C 350 -29.25 -0.56 51.17
C GLN C 350 -30.31 -1.47 51.80
N ASP C 351 -30.92 -2.40 51.08
CA ASP C 351 -31.99 -3.28 51.60
C ASP C 351 -31.39 -4.64 51.96
N ILE C 352 -31.33 -4.98 53.24
CA ILE C 352 -30.73 -6.26 53.71
C ILE C 352 -31.85 -7.25 54.09
N MET C 353 -33.10 -6.86 53.86
CA MET C 353 -34.31 -7.71 53.98
C MET C 353 -34.52 -8.37 52.62
N GLY C 354 -34.78 -7.57 51.58
CA GLY C 354 -35.25 -8.03 50.26
C GLY C 354 -34.16 -8.09 49.20
N TRP C 355 -33.05 -7.43 49.42
CA TRP C 355 -31.87 -7.51 48.53
C TRP C 355 -32.23 -7.14 47.10
N TYR C 356 -32.80 -5.97 46.90
CA TYR C 356 -33.28 -5.52 45.57
C TYR C 356 -32.18 -5.63 44.50
N ASN C 357 -30.92 -5.36 44.86
CA ASN C 357 -29.75 -5.39 43.93
C ASN C 357 -29.57 -6.78 43.31
N LYS C 358 -30.05 -7.84 43.98
CA LYS C 358 -29.85 -9.25 43.58
C LYS C 358 -31.03 -9.78 42.73
N ARG C 359 -32.16 -9.08 42.79
CA ARG C 359 -33.41 -9.46 42.07
C ARG C 359 -33.23 -9.42 40.55
N PRO C 360 -33.84 -10.39 39.82
CA PRO C 360 -33.54 -10.59 38.42
C PRO C 360 -34.34 -9.68 37.49
N SER C 361 -33.89 -9.65 36.23
CA SER C 361 -34.67 -9.21 35.04
C SER C 361 -35.46 -10.41 34.49
N LEU C 362 -36.53 -10.12 33.74
CA LEU C 362 -37.32 -11.09 32.95
C LEU C 362 -37.37 -10.61 31.51
N TRP C 363 -36.89 -11.44 30.57
CA TRP C 363 -37.04 -11.20 29.11
C TRP C 363 -38.07 -12.19 28.50
N VAL C 364 -39.09 -11.69 27.81
CA VAL C 364 -40.05 -12.48 26.98
C VAL C 364 -39.58 -12.46 25.53
N GLU C 365 -39.28 -13.62 24.96
CA GLU C 365 -38.90 -13.79 23.53
C GLU C 365 -39.99 -14.59 22.79
N PRO C 366 -40.91 -13.93 22.05
CA PRO C 366 -41.84 -14.65 21.19
C PRO C 366 -41.02 -15.59 20.30
N ARG C 367 -41.51 -16.82 20.12
CA ARG C 367 -40.85 -17.89 19.31
C ARG C 367 -41.55 -18.01 17.97
N ASN C 368 -42.62 -17.27 17.79
CA ASN C 368 -43.22 -17.19 16.44
C ASN C 368 -43.52 -15.71 16.21
N LYS C 369 -44.10 -15.41 15.06
CA LYS C 369 -44.48 -14.02 14.67
C LYS C 369 -45.83 -13.68 15.31
N TRP C 370 -45.92 -12.85 16.35
CA TRP C 370 -47.19 -12.56 17.07
C TRP C 370 -48.11 -11.56 16.34
N GLY C 371 -47.64 -11.02 15.22
CA GLY C 371 -48.35 -10.01 14.42
C GLY C 371 -48.67 -8.73 15.19
N LYS C 372 -49.79 -8.14 14.86
CA LYS C 372 -50.11 -6.74 15.25
C LYS C 372 -50.78 -6.72 16.61
N GLY C 373 -50.46 -5.69 17.37
CA GLY C 373 -50.97 -5.49 18.74
C GLY C 373 -50.15 -4.46 19.46
N THR C 374 -50.24 -4.47 20.78
CA THR C 374 -49.56 -3.46 21.63
C THR C 374 -48.91 -4.14 22.84
N ILE C 375 -47.76 -3.63 23.26
CA ILE C 375 -47.19 -3.94 24.59
C ILE C 375 -47.80 -2.95 25.59
N GLY C 376 -48.45 -3.50 26.63
CA GLY C 376 -49.24 -2.73 27.58
C GLY C 376 -48.47 -2.58 28.88
N LEU C 377 -48.45 -1.36 29.41
CA LEU C 377 -47.78 -1.05 30.71
C LEU C 377 -48.76 -0.27 31.59
N MET C 378 -49.13 -0.85 32.73
CA MET C 378 -49.98 -0.14 33.72
C MET C 378 -49.07 0.23 34.88
N GLU C 379 -49.04 1.51 35.22
CA GLU C 379 -48.22 1.99 36.36
C GLU C 379 -49.18 2.49 37.43
N ILE C 380 -49.23 1.80 38.56
CA ILE C 380 -50.16 2.13 39.67
C ILE C 380 -49.40 2.92 40.72
N PRO C 381 -50.00 3.95 41.34
CA PRO C 381 -49.34 4.65 42.44
C PRO C 381 -49.07 3.83 43.71
N THR C 382 -47.83 3.80 44.21
CA THR C 382 -47.45 3.11 45.48
C THR C 382 -46.87 4.17 46.41
N THR C 383 -46.83 3.86 47.69
CA THR C 383 -46.23 4.72 48.75
C THR C 383 -45.15 3.93 49.47
N GLY C 384 -44.90 2.68 49.04
CA GLY C 384 -43.85 1.80 49.55
C GLY C 384 -43.56 0.60 48.65
N GLU C 385 -43.20 -0.53 49.26
CA GLU C 385 -42.75 -1.71 48.49
C GLU C 385 -43.70 -2.90 48.58
N THR C 386 -44.83 -2.76 49.25
CA THR C 386 -45.72 -3.92 49.49
C THR C 386 -46.66 -4.19 48.30
N LEU C 387 -46.80 -3.23 47.37
CA LEU C 387 -47.77 -3.40 46.27
C LEU C 387 -47.05 -3.57 44.95
N ASN C 388 -47.34 -4.66 44.24
CA ASN C 388 -46.80 -4.79 42.86
C ASN C 388 -47.60 -3.80 42.04
N ASN C 389 -46.97 -2.72 41.62
CA ASN C 389 -47.64 -1.53 41.02
C ASN C 389 -47.28 -1.42 39.53
N ILE C 390 -46.65 -2.45 38.96
CA ILE C 390 -46.17 -2.50 37.54
C ILE C 390 -46.60 -3.83 36.91
N VAL C 391 -47.43 -3.73 35.88
CA VAL C 391 -47.93 -4.88 35.08
C VAL C 391 -47.62 -4.63 33.60
N CYS C 392 -47.04 -5.60 32.93
CA CYS C 392 -46.77 -5.49 31.48
C CYS C 392 -47.20 -6.80 30.79
N PHE C 393 -47.75 -6.69 29.57
CA PHE C 393 -48.21 -7.84 28.76
C PHE C 393 -48.31 -7.45 27.30
N TRP C 394 -48.53 -8.46 26.45
CA TRP C 394 -48.81 -8.31 25.00
C TRP C 394 -50.30 -8.48 24.80
N GLN C 395 -50.90 -7.58 24.02
CA GLN C 395 -52.35 -7.56 23.74
C GLN C 395 -52.55 -7.55 22.23
N PRO C 396 -53.04 -8.66 21.63
CA PRO C 396 -53.23 -8.69 20.19
C PRO C 396 -54.20 -7.59 19.74
N GLU C 397 -53.99 -7.11 18.52
CA GLU C 397 -54.77 -5.99 17.96
C GLU C 397 -56.24 -6.38 18.00
N LYS C 398 -56.54 -7.60 17.57
CA LYS C 398 -57.94 -8.05 17.32
C LYS C 398 -58.73 -8.15 18.62
N ALA C 399 -60.00 -7.77 18.59
CA ALA C 399 -60.93 -7.90 19.74
C ALA C 399 -61.23 -9.37 20.00
N VAL C 400 -61.09 -9.82 21.24
CA VAL C 400 -61.29 -11.26 21.61
C VAL C 400 -62.80 -11.51 21.76
N LYS C 401 -63.30 -12.42 20.94
CA LYS C 401 -64.74 -12.81 20.94
C LYS C 401 -64.87 -14.24 21.49
N ALA C 402 -66.08 -14.60 21.94
CA ALA C 402 -66.39 -15.95 22.46
C ALA C 402 -66.11 -16.98 21.37
N GLY C 403 -65.40 -18.05 21.72
CA GLY C 403 -65.08 -19.15 20.79
C GLY C 403 -63.71 -18.98 20.15
N ASP C 404 -63.08 -17.83 20.30
CA ASP C 404 -61.72 -17.59 19.75
C ASP C 404 -60.74 -18.61 20.38
N GLU C 405 -59.83 -19.12 19.54
CA GLU C 405 -58.69 -19.99 19.92
C GLU C 405 -57.39 -19.24 19.69
N PHE C 406 -56.43 -19.37 20.59
CA PHE C 406 -55.10 -18.73 20.47
C PHE C 406 -54.02 -19.77 20.71
N ALA C 407 -52.82 -19.52 20.19
CA ALA C 407 -51.59 -20.28 20.52
C ALA C 407 -50.39 -19.32 20.53
N PHE C 408 -49.70 -19.27 21.65
CA PHE C 408 -48.45 -18.48 21.76
C PHE C 408 -47.35 -19.40 22.22
N GLN C 409 -46.16 -19.20 21.65
CA GLN C 409 -44.90 -19.79 22.11
C GLN C 409 -43.96 -18.63 22.45
N TYR C 410 -43.32 -18.66 23.62
CA TYR C 410 -42.34 -17.63 24.05
C TYR C 410 -41.32 -18.24 25.00
N ARG C 411 -40.07 -17.74 24.94
CA ARG C 411 -39.00 -18.06 25.93
C ARG C 411 -38.94 -16.93 26.97
N LEU C 412 -39.04 -17.28 28.26
CA LEU C 412 -38.78 -16.42 29.44
C LEU C 412 -37.36 -16.66 29.95
N TYR C 413 -36.60 -15.57 30.10
CA TYR C 413 -35.25 -15.61 30.71
C TYR C 413 -35.28 -14.85 32.03
N TRP C 414 -35.19 -15.60 33.10
CA TRP C 414 -35.01 -15.12 34.49
C TRP C 414 -33.52 -14.96 34.75
N SER C 415 -32.98 -13.76 34.53
CA SER C 415 -31.53 -13.48 34.66
C SER C 415 -31.34 -11.99 34.91
N ALA C 416 -30.30 -11.62 35.65
CA ALA C 416 -29.95 -10.20 35.93
C ALA C 416 -29.84 -9.48 34.60
N GLN C 417 -28.99 -9.99 33.71
CA GLN C 417 -28.82 -9.40 32.36
C GLN C 417 -29.80 -10.10 31.43
N PRO C 418 -30.60 -9.37 30.63
CA PRO C 418 -31.40 -10.03 29.60
C PRO C 418 -30.46 -10.72 28.61
N PRO C 419 -30.94 -11.72 27.85
CA PRO C 419 -30.06 -12.48 26.96
C PRO C 419 -29.65 -11.65 25.73
N VAL C 420 -30.39 -10.57 25.41
CA VAL C 420 -30.14 -9.68 24.24
C VAL C 420 -30.47 -8.23 24.65
N HIS C 421 -29.74 -7.32 24.01
CA HIS C 421 -29.83 -5.88 24.31
C HIS C 421 -29.41 -5.11 23.06
N CYS C 422 -29.60 -3.79 23.04
CA CYS C 422 -29.27 -3.00 21.82
C CYS C 422 -27.80 -3.14 21.47
N PRO C 423 -27.43 -3.17 20.18
CA PRO C 423 -26.03 -3.18 19.79
C PRO C 423 -25.46 -1.77 19.65
N LEU C 424 -26.24 -0.75 19.95
CA LEU C 424 -25.82 0.67 19.79
C LEU C 424 -25.65 1.27 21.17
N ALA C 425 -25.70 2.61 21.34
CA ALA C 425 -25.51 3.10 22.72
C ALA C 425 -26.75 2.71 23.48
N ARG C 426 -26.55 2.34 24.73
CA ARG C 426 -27.70 1.95 25.57
C ARG C 426 -27.86 2.89 26.76
N VAL C 427 -29.09 3.32 27.04
CA VAL C 427 -29.40 4.10 28.27
C VAL C 427 -28.90 3.31 29.48
N MET C 428 -28.15 3.90 30.39
CA MET C 428 -27.76 3.17 31.63
C MET C 428 -28.58 3.68 32.83
N ALA C 429 -28.98 4.96 32.85
CA ALA C 429 -29.84 5.53 33.91
C ALA C 429 -30.51 6.82 33.42
N THR C 430 -31.70 7.09 33.96
CA THR C 430 -32.49 8.32 33.66
C THR C 430 -32.65 9.10 34.97
N ARG C 431 -31.97 10.20 35.12
CA ARG C 431 -32.05 10.99 36.36
C ARG C 431 -32.83 12.25 36.07
N THR C 432 -33.71 12.66 36.99
CA THR C 432 -34.49 13.91 36.83
C THR C 432 -34.36 14.75 38.10
N GLY C 433 -34.46 16.06 37.99
CA GLY C 433 -34.40 16.96 39.14
C GLY C 433 -34.60 18.41 38.76
N MET C 434 -34.23 19.34 39.63
CA MET C 434 -34.39 20.80 39.36
C MET C 434 -33.44 21.24 38.27
N GLY C 435 -33.93 22.06 37.35
CA GLY C 435 -33.07 22.81 36.42
C GLY C 435 -33.27 24.30 36.54
N GLY C 436 -32.74 25.05 35.58
CA GLY C 436 -32.88 26.51 35.60
C GLY C 436 -31.60 27.15 36.09
N PHE C 437 -30.56 26.36 36.20
CA PHE C 437 -29.26 26.86 36.71
C PHE C 437 -28.14 26.21 35.92
N SER C 438 -26.90 26.49 36.30
CA SER C 438 -25.72 25.95 35.58
C SER C 438 -25.24 24.67 36.26
N GLU C 439 -25.05 23.59 35.49
CA GLU C 439 -24.66 22.32 36.15
C GLU C 439 -23.42 22.61 37.00
N GLY C 440 -23.53 22.32 38.30
CA GLY C 440 -22.41 22.45 39.26
C GLY C 440 -22.34 23.81 39.92
N TRP C 441 -23.30 24.70 39.67
CA TRP C 441 -23.44 26.01 40.36
C TRP C 441 -24.92 26.22 40.76
N ALA C 442 -25.55 25.17 41.29
CA ALA C 442 -26.92 25.25 41.84
C ALA C 442 -26.89 26.26 42.96
N PRO C 443 -27.61 27.40 42.87
CA PRO C 443 -27.49 28.49 43.84
C PRO C 443 -27.90 28.11 45.28
N GLY C 444 -27.18 28.63 46.27
CA GLY C 444 -27.32 28.25 47.69
C GLY C 444 -28.10 29.27 48.51
N GLU C 445 -28.12 30.54 48.09
CA GLU C 445 -28.75 31.63 48.88
C GLU C 445 -30.22 31.77 48.45
N HIS C 446 -30.49 31.51 47.18
CA HIS C 446 -31.85 31.52 46.59
C HIS C 446 -32.06 30.22 45.80
N TYR C 447 -33.31 29.85 45.57
CA TYR C 447 -33.69 28.82 44.57
C TYR C 447 -33.45 29.38 43.17
N PRO C 448 -33.44 28.54 42.12
CA PRO C 448 -33.40 29.04 40.74
C PRO C 448 -34.61 29.98 40.53
N GLU C 449 -34.49 30.97 39.67
CA GLU C 449 -35.59 31.95 39.44
C GLU C 449 -36.58 31.41 38.40
N LYS C 450 -36.11 30.98 37.24
CA LYS C 450 -36.96 30.31 36.22
C LYS C 450 -37.28 28.87 36.66
N TRP C 451 -38.53 28.42 36.52
CA TRP C 451 -38.89 27.01 36.82
C TRP C 451 -38.73 26.13 35.58
N ALA C 452 -38.03 25.00 35.75
CA ALA C 452 -37.77 23.99 34.70
C ALA C 452 -37.37 22.64 35.31
N ARG C 453 -37.48 21.58 34.53
CA ARG C 453 -37.17 20.21 35.03
C ARG C 453 -35.98 19.64 34.26
N ARG C 454 -34.95 19.19 34.97
CA ARG C 454 -33.69 18.71 34.35
C ARG C 454 -33.83 17.21 34.11
N PHE C 455 -33.50 16.78 32.90
CA PHE C 455 -33.37 15.35 32.54
C PHE C 455 -31.91 15.06 32.19
N ALA C 456 -31.35 14.05 32.85
CA ALA C 456 -30.01 13.54 32.56
C ALA C 456 -30.14 12.07 32.13
N VAL C 457 -29.84 11.78 30.86
CA VAL C 457 -29.82 10.38 30.35
C VAL C 457 -28.36 9.98 30.09
N ASP C 458 -27.90 8.93 30.74
CA ASP C 458 -26.51 8.45 30.63
C ASP C 458 -26.51 7.31 29.63
N PHE C 459 -25.70 7.45 28.58
CA PHE C 459 -25.64 6.41 27.52
C PHE C 459 -24.28 5.74 27.57
N VAL C 460 -24.30 4.43 27.66
CA VAL C 460 -23.04 3.64 27.62
C VAL C 460 -23.23 2.77 26.38
N GLY C 461 -22.18 2.44 25.65
CA GLY C 461 -22.48 1.66 24.44
C GLY C 461 -21.46 1.77 23.34
N GLY C 462 -21.80 1.31 22.14
CA GLY C 462 -20.80 1.20 21.06
C GLY C 462 -20.66 2.40 20.17
N ASP C 463 -19.42 2.79 19.88
CA ASP C 463 -19.07 3.85 18.90
C ASP C 463 -19.39 5.23 19.45
N LEU C 464 -19.80 5.35 20.71
CA LEU C 464 -19.93 6.71 21.28
C LEU C 464 -18.53 7.32 21.30
N LYS C 465 -17.49 6.51 21.59
CA LYS C 465 -16.08 6.95 21.55
C LYS C 465 -15.73 7.53 20.16
N ALA C 466 -15.94 6.75 19.10
CA ALA C 466 -15.62 7.11 17.72
C ALA C 466 -16.57 8.21 17.25
N ALA C 467 -17.82 8.17 17.67
CA ALA C 467 -18.87 9.11 17.20
C ALA C 467 -18.69 10.52 17.77
N ALA C 468 -18.10 10.63 18.95
CA ALA C 468 -18.02 11.92 19.68
C ALA C 468 -17.33 12.99 18.80
N PRO C 469 -16.08 12.76 18.33
CA PRO C 469 -15.44 13.68 17.39
C PRO C 469 -16.19 13.94 16.07
N LYS C 470 -16.97 12.98 15.57
CA LYS C 470 -17.81 13.19 14.35
C LYS C 470 -19.05 14.02 14.71
N GLY C 471 -19.45 14.06 15.99
CA GLY C 471 -20.50 14.96 16.49
C GLY C 471 -21.78 14.21 16.79
N ILE C 472 -22.10 14.06 18.07
CA ILE C 472 -23.26 13.28 18.62
C ILE C 472 -24.46 14.22 18.82
N GLU C 473 -25.46 14.23 17.94
CA GLU C 473 -26.67 15.10 18.06
C GLU C 473 -27.76 14.37 18.83
N PRO C 474 -28.24 14.90 19.98
CA PRO C 474 -29.46 14.38 20.60
C PRO C 474 -30.68 14.78 19.78
N VAL C 475 -31.51 13.83 19.38
CA VAL C 475 -32.80 14.13 18.70
C VAL C 475 -33.91 14.00 19.75
N ILE C 476 -34.41 15.14 20.24
CA ILE C 476 -35.38 15.18 21.36
C ILE C 476 -36.76 15.52 20.79
N THR C 477 -37.74 14.68 21.03
CA THR C 477 -39.14 14.96 20.57
C THR C 477 -39.98 15.12 21.84
N LEU C 478 -40.81 16.16 21.92
CA LEU C 478 -41.64 16.42 23.13
C LEU C 478 -43.12 16.60 22.74
N SER C 479 -44.03 15.98 23.46
CA SER C 479 -45.49 16.15 23.19
C SER C 479 -45.90 17.58 23.47
N SER C 480 -45.34 18.17 24.53
CA SER C 480 -45.55 19.59 24.96
C SER C 480 -44.22 20.13 25.54
N GLY C 481 -44.10 21.43 25.74
CA GLY C 481 -42.89 22.02 26.36
C GLY C 481 -41.76 22.17 25.37
N GLU C 482 -40.66 22.81 25.81
CA GLU C 482 -39.44 23.05 25.00
C GLU C 482 -38.24 22.46 25.74
N ALA C 483 -37.31 21.84 25.00
CA ALA C 483 -35.99 21.39 25.50
C ALA C 483 -35.01 22.56 25.37
N LYS C 484 -34.41 23.03 26.46
CA LYS C 484 -33.38 24.11 26.43
C LYS C 484 -32.10 23.67 27.15
N GLN C 485 -31.01 24.40 26.96
CA GLN C 485 -29.72 24.15 27.65
C GLN C 485 -29.34 22.70 27.42
N ILE C 486 -29.52 22.20 26.20
CA ILE C 486 -29.17 20.79 25.86
C ILE C 486 -27.65 20.66 25.98
N GLU C 487 -27.15 19.63 26.67
CA GLU C 487 -25.68 19.43 26.90
C GLU C 487 -25.27 17.97 26.69
N ILE C 488 -24.12 17.72 26.06
CA ILE C 488 -23.55 16.35 25.85
C ILE C 488 -22.25 16.29 26.65
N LEU C 489 -22.15 15.44 27.68
CA LEU C 489 -21.03 15.51 28.66
C LEU C 489 -20.41 14.12 28.86
N TYR C 490 -19.12 13.97 28.58
CA TYR C 490 -18.37 12.72 28.85
C TYR C 490 -18.42 12.39 30.34
N ILE C 491 -18.67 11.13 30.69
CA ILE C 491 -18.67 10.61 32.08
C ILE C 491 -17.53 9.58 32.21
N GLU C 492 -16.33 10.01 32.61
CA GLU C 492 -15.14 9.11 32.68
C GLU C 492 -15.52 7.82 33.41
N PRO C 493 -16.12 7.88 34.62
CA PRO C 493 -16.31 6.68 35.44
C PRO C 493 -17.12 5.58 34.76
N ILE C 494 -17.97 5.88 33.78
CA ILE C 494 -18.68 4.81 33.02
C ILE C 494 -18.31 4.84 31.53
N ASP C 495 -17.28 5.60 31.16
CA ASP C 495 -16.79 5.70 29.76
C ASP C 495 -18.02 5.84 28.87
N GLY C 496 -18.92 6.75 29.24
CA GLY C 496 -20.17 7.04 28.54
C GLY C 496 -20.36 8.53 28.34
N TYR C 497 -21.52 8.93 27.82
CA TYR C 497 -21.91 10.34 27.62
C TYR C 497 -23.28 10.60 28.28
N ARG C 498 -23.35 11.76 28.94
CA ARG C 498 -24.60 12.21 29.58
C ARG C 498 -25.24 13.30 28.75
N ILE C 499 -26.50 13.10 28.40
CA ILE C 499 -27.34 14.10 27.68
C ILE C 499 -28.29 14.72 28.70
N GLN C 500 -28.14 16.02 28.96
CA GLN C 500 -28.99 16.77 29.92
C GLN C 500 -29.81 17.76 29.10
N PHE C 501 -31.09 17.93 29.43
CA PHE C 501 -31.90 19.06 28.92
C PHE C 501 -32.86 19.54 30.00
N ASP C 502 -33.15 20.83 29.97
CA ASP C 502 -34.12 21.51 30.86
C ASP C 502 -35.44 21.62 30.11
N TRP C 503 -36.47 20.94 30.59
CA TRP C 503 -37.85 21.03 30.04
C TRP C 503 -38.51 22.30 30.59
N TYR C 504 -38.88 23.22 29.71
CA TYR C 504 -39.69 24.42 30.08
C TYR C 504 -41.13 24.22 29.61
N PRO C 505 -42.13 24.42 30.48
CA PRO C 505 -43.53 24.31 30.08
C PRO C 505 -43.82 25.42 29.07
N THR C 506 -44.62 25.09 28.06
CA THR C 506 -45.22 26.07 27.12
C THR C 506 -46.68 26.32 27.52
N SER C 507 -47.27 25.43 28.31
CA SER C 507 -48.73 25.45 28.62
C SER C 507 -49.01 25.23 30.10
N ASP C 508 -50.15 25.73 30.59
CA ASP C 508 -50.69 25.43 31.94
C ASP C 508 -51.09 23.96 32.08
N SER C 509 -51.10 23.20 30.99
CA SER C 509 -51.68 21.83 31.00
C SER C 509 -50.91 20.92 31.97
N THR C 510 -51.61 20.18 32.82
CA THR C 510 -51.01 19.10 33.66
C THR C 510 -51.05 17.78 32.88
N ASP C 511 -51.25 17.81 31.56
CA ASP C 511 -51.28 16.55 30.77
C ASP C 511 -49.92 15.89 30.84
N PRO C 512 -49.86 14.55 30.94
CA PRO C 512 -48.64 13.80 30.72
C PRO C 512 -47.88 14.40 29.52
N VAL C 513 -46.55 14.43 29.61
CA VAL C 513 -45.69 14.85 28.47
C VAL C 513 -44.96 13.60 27.98
N ASP C 514 -45.23 13.16 26.75
CA ASP C 514 -44.50 12.01 26.15
C ASP C 514 -43.18 12.59 25.59
N MET C 515 -42.04 12.05 26.02
CA MET C 515 -40.69 12.48 25.57
C MET C 515 -39.99 11.33 24.85
N ARG C 516 -39.29 11.65 23.76
CA ARG C 516 -38.60 10.65 22.94
C ARG C 516 -37.21 11.23 22.66
N MET C 517 -36.12 10.47 22.92
CA MET C 517 -34.72 10.89 22.62
C MET C 517 -33.92 9.74 22.01
N TYR C 518 -33.20 9.99 20.91
CA TYR C 518 -32.09 9.12 20.46
C TYR C 518 -30.90 9.97 20.01
N LEU C 519 -29.73 9.31 20.00
CA LEU C 519 -28.45 9.92 19.58
C LEU C 519 -28.25 9.65 18.08
N ARG C 520 -27.86 10.70 17.33
CA ARG C 520 -27.65 10.64 15.87
C ARG C 520 -26.25 11.15 15.58
N CYS C 521 -25.53 10.48 14.69
CA CYS C 521 -24.17 10.88 14.24
C CYS C 521 -24.16 10.73 12.73
N GLN C 522 -23.96 11.82 12.01
CA GLN C 522 -23.99 11.85 10.53
C GLN C 522 -25.21 11.06 10.03
N GLY C 523 -26.41 11.51 10.40
CA GLY C 523 -27.67 11.05 9.76
C GLY C 523 -28.06 9.62 10.10
N ASP C 524 -27.24 8.88 10.85
CA ASP C 524 -27.59 7.53 11.38
C ASP C 524 -27.85 7.56 12.88
N ALA C 525 -28.75 6.70 13.36
CA ALA C 525 -29.01 6.49 14.80
C ALA C 525 -27.89 5.63 15.39
N ILE C 526 -27.34 6.03 16.53
CA ILE C 526 -26.19 5.36 17.19
C ILE C 526 -26.55 5.00 18.62
N SER C 527 -27.84 5.04 18.99
CA SER C 527 -28.37 4.62 20.34
C SER C 527 -29.79 4.05 20.25
N GLU C 528 -30.21 3.32 21.30
CA GLU C 528 -31.60 2.83 21.47
C GLU C 528 -32.46 4.07 21.71
N THR C 529 -33.77 3.97 21.51
CA THR C 529 -34.69 5.12 21.72
C THR C 529 -35.11 5.17 23.18
N TRP C 530 -35.02 6.34 23.79
CA TRP C 530 -35.49 6.61 25.17
C TRP C 530 -36.90 7.19 25.08
N LEU C 531 -37.91 6.45 25.57
CA LEU C 531 -39.27 6.98 25.87
C LEU C 531 -39.38 7.32 27.35
N TYR C 532 -39.79 8.54 27.67
CA TYR C 532 -40.09 9.01 29.05
C TYR C 532 -41.53 9.56 29.07
N GLN C 533 -42.28 9.27 30.14
CA GLN C 533 -43.55 9.95 30.43
C GLN C 533 -43.41 10.81 31.70
N TYR C 534 -43.48 12.13 31.51
CA TYR C 534 -43.33 13.18 32.55
C TYR C 534 -44.72 13.70 32.96
N PHE C 535 -44.89 13.98 34.24
CA PHE C 535 -46.11 14.63 34.81
C PHE C 535 -45.77 16.03 35.29
N PRO C 536 -46.02 17.09 34.50
CA PRO C 536 -45.66 18.43 34.92
C PRO C 536 -46.55 18.74 36.11
N PRO C 537 -46.02 19.47 37.12
CA PRO C 537 -46.84 19.91 38.24
C PRO C 537 -47.85 20.97 37.81
N ALA C 538 -48.87 21.16 38.63
CA ALA C 538 -49.89 22.24 38.59
C ALA C 538 -49.21 23.59 38.42
N PRO C 539 -49.77 24.53 37.62
CA PRO C 539 -49.05 25.76 37.28
C PRO C 539 -48.66 26.55 38.55
N ASP C 540 -49.43 26.40 39.63
CA ASP C 540 -49.20 27.11 40.92
C ASP C 540 -48.03 26.47 41.69
N LYS C 541 -47.66 25.21 41.39
CA LYS C 541 -46.47 24.56 41.98
C LYS C 541 -45.30 24.60 41.01
N ARG C 542 -45.34 25.41 39.95
CA ARG C 542 -44.15 25.64 39.08
C ARG C 542 -43.35 26.79 39.67
N GLN C 543 -42.89 26.61 40.91
CA GLN C 543 -42.16 27.62 41.70
C GLN C 543 -41.64 26.96 42.98
N TYR C 544 -40.68 27.59 43.66
CA TYR C 544 -40.08 27.00 44.89
C TYR C 544 -40.45 27.87 46.09
N VAL C 545 -40.70 27.26 47.25
CA VAL C 545 -41.07 27.99 48.49
C VAL C 545 -39.85 27.96 49.42
N ASP C 546 -39.22 29.11 49.61
CA ASP C 546 -38.01 29.29 50.48
C ASP C 546 -38.44 29.49 51.95
N ASP C 547 -38.41 28.42 52.76
CA ASP C 547 -38.85 28.49 54.19
C ASP C 547 -37.62 28.63 55.13
N ARG C 548 -36.44 28.99 54.60
CA ARG C 548 -35.20 29.09 55.42
C ARG C 548 -35.44 30.15 56.51
N VAL C 549 -34.62 30.15 57.57
CA VAL C 549 -34.56 31.25 58.58
C VAL C 549 -33.08 31.44 59.01
N MET C 550 -32.63 32.71 59.07
CA MET C 550 -31.25 33.14 59.44
C MET C 550 -31.29 33.83 60.81
N SER C 551 -31.45 33.05 61.87
CA SER C 551 -31.65 33.59 63.24
C SER C 551 -30.57 33.09 64.20
N LEU C 552 -30.30 33.87 65.24
CA LEU C 552 -29.34 33.46 66.28
C LEU C 552 -30.11 32.79 67.43
N GLU C 553 -31.22 32.11 67.11
CA GLU C 553 -32.08 31.47 68.12
C GLU C 553 -31.60 30.06 68.43
N HIS C 554 -30.75 29.48 67.57
CA HIS C 554 -30.36 28.05 67.71
C HIS C 554 -28.86 27.90 68.05
N HIS C 555 -28.47 28.25 69.28
CA HIS C 555 -27.12 28.05 69.86
C HIS C 555 -27.19 26.91 70.89
N HIS C 556 -26.32 25.89 70.77
CA HIS C 556 -26.29 24.68 71.65
C HIS C 556 -24.88 24.48 72.22
N HIS C 557 -24.78 24.19 73.52
CA HIS C 557 -23.51 24.08 74.26
C HIS C 557 -23.45 22.69 74.93
N HIS C 558 -22.40 21.90 74.66
CA HIS C 558 -22.25 20.46 75.06
C HIS C 558 -21.02 20.28 75.97
N SER D 35 16.93 38.12 36.32
CA SER D 35 16.20 36.83 36.16
C SER D 35 15.22 36.60 37.33
N ASP D 36 15.69 36.30 38.55
CA ASP D 36 14.80 35.95 39.68
C ASP D 36 13.79 37.10 39.82
N ILE D 37 12.48 36.83 39.91
CA ILE D 37 11.42 37.90 39.90
C ILE D 37 11.47 38.73 41.20
N ALA D 38 12.12 38.21 42.23
CA ALA D 38 12.22 38.86 43.55
C ALA D 38 13.40 39.84 43.56
N ASP D 39 13.21 41.04 43.02
CA ASP D 39 14.28 42.04 42.88
C ASP D 39 13.90 43.35 43.58
N GLY D 40 13.15 43.28 44.68
CA GLY D 40 12.83 44.46 45.50
C GLY D 40 13.98 44.82 46.42
N GLN D 41 13.77 45.81 47.30
CA GLN D 41 14.77 46.29 48.27
C GLN D 41 15.10 45.09 49.17
N THR D 42 16.38 44.76 49.31
CA THR D 42 16.84 43.70 50.26
C THR D 42 16.66 44.16 51.72
N GLN D 43 16.06 43.35 52.58
CA GLN D 43 15.72 43.66 53.98
C GLN D 43 15.92 42.43 54.84
N ARG D 44 16.30 42.58 56.10
CA ARG D 44 16.40 41.38 56.97
C ARG D 44 14.97 40.90 57.22
N PHE D 45 14.79 39.58 57.29
CA PHE D 45 13.49 38.92 57.61
C PHE D 45 13.76 37.58 58.26
N ASP D 46 12.99 37.30 59.32
CA ASP D 46 12.81 35.95 59.91
C ASP D 46 11.49 35.95 60.70
N PHE D 47 11.11 34.79 61.24
CA PHE D 47 9.81 34.62 61.96
C PHE D 47 9.73 35.63 63.11
N SER D 48 10.85 35.91 63.78
CA SER D 48 10.90 36.92 64.89
C SER D 48 10.57 38.34 64.40
N ILE D 49 11.28 38.83 63.39
CA ILE D 49 10.94 40.13 62.77
C ILE D 49 9.43 40.18 62.47
N LEU D 50 8.86 39.15 61.81
CA LEU D 50 7.42 39.09 61.46
C LEU D 50 6.55 39.22 62.72
N GLN D 51 6.90 38.53 63.80
CA GLN D 51 6.16 38.62 65.08
C GLN D 51 6.14 40.08 65.57
N SER D 52 7.29 40.76 65.61
CA SER D 52 7.34 42.23 65.86
C SER D 52 6.44 42.97 64.86
N MET D 53 6.64 42.82 63.54
CA MET D 53 5.82 43.60 62.57
C MET D 53 4.38 43.55 63.06
N ALA D 54 3.92 42.33 63.41
CA ALA D 54 2.52 41.99 63.68
C ALA D 54 2.09 42.52 65.05
N HIS D 55 2.98 42.41 66.03
CA HIS D 55 2.77 42.99 67.38
C HIS D 55 2.66 44.51 67.27
N ASP D 56 3.65 45.14 66.62
CA ASP D 56 3.74 46.60 66.41
C ASP D 56 2.52 47.01 65.60
N LEU D 57 2.15 46.22 64.61
CA LEU D 57 1.03 46.61 63.71
C LEU D 57 -0.27 46.73 64.53
N ALA D 58 -0.46 45.89 65.55
CA ALA D 58 -1.68 45.86 66.39
C ALA D 58 -1.71 47.05 67.36
N GLN D 59 -0.57 47.67 67.64
CA GLN D 59 -0.47 48.91 68.46
C GLN D 59 -1.07 50.09 67.66
N THR D 60 -0.84 50.17 66.36
CA THR D 60 -1.40 51.26 65.49
C THR D 60 -2.83 50.96 65.03
N ALA D 61 -3.48 51.95 64.41
CA ALA D 61 -4.87 51.85 63.91
C ALA D 61 -4.87 50.91 62.72
N TRP D 62 -5.89 50.07 62.61
CA TRP D 62 -6.14 49.21 61.44
C TRP D 62 -5.96 50.03 60.17
N ARG D 63 -5.28 49.49 59.18
CA ARG D 63 -5.13 50.11 57.83
C ARG D 63 -6.49 50.37 57.14
N GLY D 64 -7.56 49.70 57.57
CA GLY D 64 -8.91 49.84 56.98
C GLY D 64 -9.08 49.10 55.66
N ALA D 65 -10.32 49.12 55.13
CA ALA D 65 -10.71 48.50 53.83
C ALA D 65 -9.75 48.95 52.74
N PRO D 66 -9.56 48.19 51.64
CA PRO D 66 -8.62 48.57 50.57
C PRO D 66 -9.06 49.78 49.73
N ARG D 67 -8.12 50.66 49.37
CA ARG D 67 -8.31 51.70 48.32
C ARG D 67 -8.92 51.04 47.09
N PRO D 68 -9.78 51.75 46.31
CA PRO D 68 -10.35 51.16 45.10
C PRO D 68 -9.21 50.73 44.17
N LEU D 69 -9.38 49.63 43.45
CA LEU D 69 -8.43 49.21 42.42
C LEU D 69 -8.39 50.26 41.30
N PRO D 70 -7.40 50.22 40.39
CA PRO D 70 -7.45 51.02 39.18
C PRO D 70 -8.70 50.69 38.36
N ASP D 71 -9.27 51.69 37.67
CA ASP D 71 -10.52 51.56 36.87
C ASP D 71 -10.56 50.31 35.98
N THR D 72 -9.50 50.02 35.23
CA THR D 72 -9.44 48.91 34.23
C THR D 72 -9.70 47.59 34.95
N LEU D 73 -9.34 47.50 36.24
CA LEU D 73 -9.55 46.30 37.08
C LEU D 73 -10.88 46.38 37.83
N ALA D 74 -11.30 47.59 38.21
CA ALA D 74 -12.49 47.85 39.04
C ALA D 74 -13.75 47.38 38.32
N THR D 75 -13.72 47.39 36.98
CA THR D 75 -14.93 47.30 36.11
C THR D 75 -14.70 46.23 35.05
N MET D 76 -14.30 45.03 35.50
CA MET D 76 -13.88 43.89 34.64
C MET D 76 -15.00 42.86 34.58
N THR D 77 -15.42 42.47 33.38
CA THR D 77 -16.22 41.22 33.19
C THR D 77 -15.40 40.06 33.69
N PRO D 78 -15.98 38.96 34.22
CA PRO D 78 -15.19 37.77 34.52
C PRO D 78 -14.34 37.31 33.32
N GLN D 79 -14.87 37.34 32.08
CA GLN D 79 -14.15 36.85 30.85
C GLN D 79 -12.82 37.61 30.75
N ALA D 80 -12.89 38.92 30.95
CA ALA D 80 -11.72 39.84 30.95
C ALA D 80 -10.72 39.36 32.02
N TYR D 81 -11.17 39.19 33.27
CA TYR D 81 -10.34 38.70 34.39
C TYR D 81 -9.75 37.33 34.07
N ASN D 82 -10.55 36.45 33.46
CA ASN D 82 -10.18 35.03 33.27
C ASN D 82 -9.21 34.92 32.10
N SER D 83 -9.06 35.95 31.29
CA SER D 83 -8.15 35.87 30.13
C SER D 83 -6.77 36.42 30.53
N ILE D 84 -6.62 36.92 31.76
CA ILE D 84 -5.32 37.31 32.37
C ILE D 84 -4.64 36.05 32.92
N GLN D 85 -3.42 35.75 32.49
CA GLN D 85 -2.71 34.49 32.86
C GLN D 85 -1.31 34.87 33.32
N TYR D 86 -0.91 34.44 34.52
CA TYR D 86 0.47 34.66 35.02
C TYR D 86 1.42 34.05 33.98
N ASP D 87 2.56 34.67 33.69
CA ASP D 87 3.50 34.15 32.67
C ASP D 87 4.28 33.01 33.33
N ALA D 88 4.07 31.78 32.87
CA ALA D 88 4.64 30.55 33.48
C ALA D 88 6.17 30.63 33.53
N GLU D 89 6.76 31.51 32.70
CA GLU D 89 8.23 31.60 32.56
C GLU D 89 8.81 32.57 33.60
N LYS D 90 7.97 33.34 34.29
CA LYS D 90 8.44 34.21 35.40
C LYS D 90 7.83 33.65 36.69
N SER D 91 7.84 32.32 36.83
CA SER D 91 7.36 31.64 38.06
C SER D 91 8.32 31.92 39.21
N LEU D 92 7.86 31.70 40.43
CA LEU D 92 8.58 32.14 41.64
C LEU D 92 9.96 31.48 41.71
N TRP D 93 10.12 30.23 41.33
CA TRP D 93 11.38 29.49 41.58
C TRP D 93 11.91 28.96 40.25
N HIS D 94 11.63 29.70 39.17
CA HIS D 94 12.03 29.36 37.77
C HIS D 94 13.55 29.17 37.68
N ASN D 95 14.35 29.72 38.59
CA ASN D 95 15.83 29.65 38.53
C ASN D 95 16.37 28.48 39.35
N VAL D 96 15.54 27.84 40.16
CA VAL D 96 16.00 26.75 41.05
C VAL D 96 16.03 25.44 40.26
N GLU D 97 17.20 24.84 40.09
CA GLU D 97 17.36 23.59 39.29
C GLU D 97 16.98 22.39 40.14
N ASN D 98 16.48 21.33 39.49
CA ASN D 98 15.97 20.08 40.12
C ASN D 98 14.79 20.46 41.01
N ARG D 99 14.19 21.61 40.73
CA ARG D 99 12.97 22.13 41.40
C ARG D 99 11.89 21.04 41.41
N GLN D 100 11.27 20.74 42.56
CA GLN D 100 10.13 19.78 42.58
C GLN D 100 8.80 20.51 42.85
N LEU D 101 8.86 21.82 43.02
CA LEU D 101 7.69 22.68 43.31
C LEU D 101 7.91 23.99 42.58
N ASP D 102 6.85 24.67 42.19
CA ASP D 102 6.98 26.06 41.69
C ASP D 102 5.69 26.77 42.09
N ALA D 103 5.61 28.06 41.82
CA ALA D 103 4.48 28.88 42.30
C ALA D 103 4.14 29.96 41.26
N GLN D 104 2.90 30.38 41.27
CA GLN D 104 2.41 31.47 40.41
C GLN D 104 1.46 32.33 41.25
N PHE D 105 1.18 33.54 40.78
CA PHE D 105 0.39 34.54 41.52
C PHE D 105 -0.90 34.80 40.77
N PHE D 106 -1.98 35.07 41.51
CA PHE D 106 -3.29 35.48 40.96
C PHE D 106 -3.34 37.00 40.80
N HIS D 107 -3.90 37.49 39.70
CA HIS D 107 -4.03 38.94 39.42
C HIS D 107 -5.05 39.57 40.36
N MET D 108 -4.83 40.83 40.76
CA MET D 108 -5.88 41.63 41.45
C MET D 108 -7.07 41.79 40.48
N GLY D 109 -8.29 41.83 41.03
CA GLY D 109 -9.53 41.94 40.26
C GLY D 109 -10.66 41.11 40.87
N MET D 110 -11.88 41.26 40.35
CA MET D 110 -13.06 40.51 40.82
C MET D 110 -13.18 40.70 42.34
N GLY D 111 -13.53 39.66 43.08
CA GLY D 111 -13.69 39.76 44.54
C GLY D 111 -12.40 40.10 45.27
N PHE D 112 -11.23 40.02 44.62
CA PHE D 112 -9.92 40.21 45.32
C PHE D 112 -9.61 41.70 45.34
N ARG D 113 -9.91 42.35 46.47
CA ARG D 113 -9.82 43.83 46.56
C ARG D 113 -8.63 44.24 47.44
N ARG D 114 -8.09 43.30 48.21
CA ARG D 114 -6.93 43.55 49.10
C ARG D 114 -5.64 43.22 48.36
N ARG D 115 -4.74 44.20 48.26
CA ARG D 115 -3.41 44.05 47.63
C ARG D 115 -2.52 43.19 48.55
N VAL D 116 -2.15 42.00 48.12
CA VAL D 116 -1.32 41.09 48.96
C VAL D 116 0.10 41.21 48.48
N ARG D 117 0.97 41.76 49.31
CA ARG D 117 2.40 41.87 48.97
C ARG D 117 3.00 40.48 49.05
N MET D 118 4.10 40.26 48.35
CA MET D 118 4.64 38.93 48.04
C MET D 118 6.18 39.01 48.07
N PHE D 119 6.88 38.37 49.00
CA PHE D 119 8.36 38.48 49.13
C PHE D 119 9.01 37.10 48.94
N SER D 120 10.27 37.06 48.55
CA SER D 120 11.05 35.79 48.50
C SER D 120 12.20 35.90 49.48
N VAL D 121 12.38 34.91 50.36
CA VAL D 121 13.45 34.94 51.39
C VAL D 121 14.54 33.94 50.99
N ASP D 122 15.81 34.32 51.16
CA ASP D 122 16.97 33.40 51.15
C ASP D 122 17.19 32.93 52.57
N PRO D 123 16.90 31.65 52.89
CA PRO D 123 16.91 31.21 54.28
C PRO D 123 18.35 31.11 54.83
N ALA D 124 19.34 31.01 53.93
CA ALA D 124 20.81 31.03 54.26
C ALA D 124 21.19 32.37 54.91
N THR D 125 20.74 33.48 54.33
CA THR D 125 21.16 34.87 54.66
C THR D 125 20.10 35.61 55.49
N HIS D 126 18.89 35.09 55.66
CA HIS D 126 17.78 35.79 56.37
C HIS D 126 17.46 37.15 55.72
N LEU D 127 17.56 37.22 54.39
CA LEU D 127 17.39 38.43 53.57
C LEU D 127 16.23 38.19 52.61
N ALA D 128 15.26 39.10 52.62
CA ALA D 128 14.01 39.03 51.84
C ALA D 128 13.98 40.17 50.81
N ARG D 129 13.54 39.86 49.59
CA ARG D 129 13.37 40.86 48.52
C ARG D 129 11.91 40.80 48.05
N GLU D 130 11.23 41.93 47.90
CA GLU D 130 9.82 41.99 47.45
C GLU D 130 9.70 41.66 45.95
N ILE D 131 8.66 40.90 45.64
CA ILE D 131 8.12 40.76 44.27
C ILE D 131 7.10 41.88 44.11
N HIS D 132 7.48 42.96 43.43
CA HIS D 132 6.54 44.07 43.16
C HIS D 132 5.65 43.68 41.99
N PHE D 133 4.36 43.98 42.06
CA PHE D 133 3.48 43.81 40.88
C PHE D 133 4.07 44.58 39.70
N ARG D 134 3.81 44.07 38.51
CA ARG D 134 4.09 44.73 37.21
C ARG D 134 3.42 43.91 36.10
N PRO D 135 2.96 44.52 34.98
CA PRO D 135 2.21 43.77 33.98
C PRO D 135 3.10 42.74 33.24
N GLU D 136 4.43 42.92 33.27
CA GLU D 136 5.40 42.01 32.58
C GLU D 136 5.26 40.62 33.19
N LEU D 137 4.83 40.52 34.46
CA LEU D 137 4.60 39.22 35.16
C LEU D 137 3.39 38.48 34.61
N PHE D 138 2.54 39.11 33.80
CA PHE D 138 1.33 38.45 33.28
C PHE D 138 1.21 38.60 31.77
N LYS D 139 0.41 37.73 31.19
CA LYS D 139 0.11 37.81 29.76
C LYS D 139 -1.39 38.13 29.69
N TYR D 140 -1.72 39.42 29.61
CA TYR D 140 -3.13 39.82 29.45
C TYR D 140 -3.47 39.57 27.99
N ASN D 141 -4.55 38.86 27.71
CA ASN D 141 -4.79 38.48 26.30
C ASN D 141 -5.97 39.28 25.79
N ASP D 142 -6.97 38.60 25.23
CA ASP D 142 -8.18 39.31 24.76
C ASP D 142 -8.61 40.27 25.86
N ALA D 143 -8.22 40.01 27.11
CA ALA D 143 -8.53 40.99 28.16
C ALA D 143 -8.31 42.39 27.61
N GLY D 144 -9.34 43.22 27.62
CA GLY D 144 -9.17 44.63 27.22
C GLY D 144 -8.81 45.43 28.45
N VAL D 145 -7.65 45.15 29.03
CA VAL D 145 -7.20 45.86 30.26
C VAL D 145 -6.23 46.94 29.81
N ASP D 146 -6.38 48.18 30.28
CA ASP D 146 -5.37 49.22 29.95
C ASP D 146 -4.13 48.90 30.77
N THR D 147 -3.26 48.06 30.22
CA THR D 147 -2.04 47.64 30.95
C THR D 147 -1.19 48.87 31.26
N LYS D 148 -1.45 49.97 30.59
CA LYS D 148 -0.72 51.23 30.88
C LYS D 148 -1.23 51.77 32.20
N GLN D 149 -2.52 51.69 32.43
CA GLN D 149 -3.11 52.12 33.74
C GLN D 149 -2.34 51.43 34.89
N LEU D 150 -1.75 50.26 34.63
CA LEU D 150 -1.24 49.34 35.69
C LEU D 150 0.26 49.56 35.90
N GLU D 151 0.93 50.26 34.99
CA GLU D 151 2.40 50.48 35.04
C GLU D 151 2.66 51.55 36.10
N GLY D 152 3.61 51.28 36.98
CA GLY D 152 3.88 52.17 38.12
C GLY D 152 3.10 51.75 39.34
N GLN D 153 2.05 50.92 39.17
CA GLN D 153 1.18 50.38 40.24
C GLN D 153 1.93 49.24 40.97
N SER D 154 3.12 49.51 41.48
CA SER D 154 4.01 48.48 42.11
C SER D 154 3.56 48.13 43.52
N ASP D 155 2.52 48.81 44.03
CA ASP D 155 1.93 48.55 45.37
C ASP D 155 0.69 47.66 45.21
N LEU D 156 0.41 47.22 43.99
CA LEU D 156 -0.85 46.51 43.64
C LEU D 156 -0.80 45.08 44.16
N GLY D 157 0.42 44.53 44.23
CA GLY D 157 0.64 43.12 44.62
C GLY D 157 -0.29 42.19 43.86
N PHE D 158 -0.77 41.16 44.57
CA PHE D 158 -1.44 39.98 43.97
C PHE D 158 -2.63 39.61 44.84
N ALA D 159 -3.53 38.78 44.32
CA ALA D 159 -4.72 38.33 45.08
C ALA D 159 -4.33 37.15 45.97
N GLY D 160 -3.29 36.44 45.60
CA GLY D 160 -2.97 35.17 46.24
C GLY D 160 -1.91 34.50 45.42
N PHE D 161 -1.67 33.22 45.70
CA PHE D 161 -0.68 32.38 44.97
C PHE D 161 -1.15 30.93 44.95
N ARG D 162 -0.56 30.16 44.04
CA ARG D 162 -0.82 28.71 43.98
C ARG D 162 0.52 28.02 43.75
N VAL D 163 0.66 26.81 44.26
CA VAL D 163 1.93 26.03 44.20
C VAL D 163 1.66 24.78 43.38
N PHE D 164 2.61 24.42 42.53
CA PHE D 164 2.49 23.23 41.68
C PHE D 164 3.60 22.26 42.06
N LYS D 165 3.41 20.99 41.74
CA LYS D 165 4.37 19.95 42.12
C LYS D 165 4.64 19.07 40.90
N ALA D 166 5.88 18.63 40.74
CA ALA D 166 6.25 17.77 39.60
C ALA D 166 5.44 16.49 39.68
N PRO D 167 5.07 15.87 38.55
CA PRO D 167 5.62 16.18 37.23
C PRO D 167 5.05 17.43 36.54
N GLU D 168 4.05 18.08 37.14
CA GLU D 168 3.39 19.26 36.52
C GLU D 168 3.68 20.54 37.33
N LEU D 169 4.70 21.31 36.94
CA LEU D 169 5.17 22.55 37.60
C LEU D 169 4.36 23.78 37.18
N ALA D 170 3.52 23.71 36.14
CA ALA D 170 2.71 24.87 35.77
C ALA D 170 1.29 24.48 35.40
N ARG D 171 0.73 23.37 35.92
CA ARG D 171 -0.59 22.92 35.42
C ARG D 171 -1.52 22.52 36.58
N ARG D 172 -1.23 21.49 37.35
CA ARG D 172 -2.26 21.12 38.37
C ARG D 172 -1.79 21.63 39.72
N ASP D 173 -2.39 22.72 40.19
CA ASP D 173 -1.92 23.32 41.47
C ASP D 173 -2.43 22.42 42.60
N VAL D 174 -1.60 22.25 43.64
CA VAL D 174 -1.89 21.39 44.82
C VAL D 174 -2.16 22.26 46.06
N VAL D 175 -1.64 23.48 46.08
CA VAL D 175 -1.92 24.44 47.19
C VAL D 175 -2.36 25.77 46.58
N SER D 176 -3.28 26.43 47.26
CA SER D 176 -3.86 27.71 46.79
C SER D 176 -4.26 28.54 48.01
N PHE D 177 -3.60 29.67 48.22
CA PHE D 177 -4.02 30.76 49.14
C PHE D 177 -4.59 31.89 48.27
N LEU D 178 -5.89 32.14 48.38
CA LEU D 178 -6.56 33.19 47.58
C LEU D 178 -7.91 33.52 48.22
N GLY D 179 -8.01 34.65 48.89
CA GLY D 179 -9.27 35.06 49.52
C GLY D 179 -9.11 35.29 51.01
N ALA D 180 -9.11 36.53 51.45
CA ALA D 180 -8.96 36.84 52.88
C ALA D 180 -7.86 35.98 53.50
N SER D 181 -8.18 35.26 54.56
CA SER D 181 -7.24 34.34 55.23
C SER D 181 -7.57 32.95 54.73
N TYR D 182 -8.17 32.86 53.55
CA TYR D 182 -8.68 31.56 53.01
C TYR D 182 -7.60 30.84 52.17
N PHE D 183 -7.42 29.54 52.39
CA PHE D 183 -6.53 28.70 51.55
C PHE D 183 -7.13 27.29 51.42
N ARG D 184 -6.60 26.51 50.48
CA ARG D 184 -7.05 25.12 50.28
C ARG D 184 -5.94 24.27 49.66
N ALA D 185 -6.00 22.95 49.81
CA ALA D 185 -5.07 22.02 49.14
C ALA D 185 -5.79 20.75 48.69
N VAL D 186 -5.05 19.87 48.01
CA VAL D 186 -5.55 18.61 47.40
C VAL D 186 -4.65 17.42 47.74
N ASP D 187 -5.27 16.23 47.74
CA ASP D 187 -4.54 14.95 47.83
C ASP D 187 -4.33 14.42 46.40
N ASP D 188 -4.05 13.13 46.25
CA ASP D 188 -3.57 12.56 44.96
C ASP D 188 -4.70 12.50 43.93
N THR D 189 -5.90 13.00 44.25
CA THR D 189 -7.03 13.14 43.29
C THR D 189 -6.93 14.48 42.55
N TYR D 190 -6.30 15.47 43.16
CA TYR D 190 -6.07 16.80 42.54
C TYR D 190 -7.35 17.62 42.47
N GLN D 191 -8.39 17.20 43.19
CA GLN D 191 -9.65 17.96 43.25
C GLN D 191 -9.66 18.83 44.49
N TYR D 192 -9.93 20.13 44.36
CA TYR D 192 -10.03 21.02 45.54
C TYR D 192 -11.41 20.85 46.16
N GLY D 193 -11.48 20.72 47.49
CA GLY D 193 -12.78 20.46 48.16
C GLY D 193 -13.05 21.47 49.26
N LEU D 194 -13.21 21.01 50.50
CA LEU D 194 -13.40 21.93 51.65
C LEU D 194 -12.26 22.94 51.68
N SER D 195 -12.31 23.87 52.62
CA SER D 195 -11.15 24.80 52.72
C SER D 195 -10.77 25.11 54.17
N ALA D 196 -9.78 25.98 54.35
CA ALA D 196 -9.28 26.36 55.70
C ALA D 196 -9.15 27.88 55.74
N ARG D 197 -8.93 28.46 56.92
CA ARG D 197 -8.62 29.92 57.04
C ARG D 197 -7.51 30.14 58.09
N GLY D 198 -6.88 31.30 58.04
CA GLY D 198 -5.90 31.67 59.08
C GLY D 198 -6.63 31.83 60.40
N LEU D 199 -7.81 32.43 60.31
CA LEU D 199 -8.60 32.87 61.49
C LEU D 199 -10.04 33.21 61.06
N ALA D 200 -10.96 33.02 62.00
CA ALA D 200 -12.36 33.45 61.89
C ALA D 200 -12.65 34.37 63.06
N ILE D 201 -13.52 35.37 62.87
CA ILE D 201 -13.85 36.39 63.90
C ILE D 201 -15.34 36.65 63.80
N ASP D 202 -16.08 36.42 64.88
CA ASP D 202 -17.51 36.80 64.94
C ASP D 202 -18.26 36.10 63.78
N THR D 203 -18.01 34.81 63.59
CA THR D 203 -18.75 34.01 62.57
C THR D 203 -20.24 33.91 62.96
N TYR D 204 -20.55 33.94 64.25
CA TYR D 204 -21.93 33.76 64.81
C TYR D 204 -22.11 34.62 66.07
N THR D 205 -22.84 35.76 66.03
CA THR D 205 -22.99 36.71 67.18
C THR D 205 -23.90 37.91 66.83
N ASP D 206 -24.12 38.85 67.80
CA ASP D 206 -24.95 40.09 67.66
C ASP D 206 -24.54 40.82 66.36
N SER D 207 -23.24 41.02 66.14
CA SER D 207 -22.65 41.83 65.02
C SER D 207 -22.50 40.96 63.74
N LYS D 208 -22.04 41.55 62.66
CA LYS D 208 -21.73 40.89 61.37
C LYS D 208 -20.34 40.24 61.53
N GLU D 209 -19.96 39.29 60.64
CA GLU D 209 -18.66 38.53 60.69
C GLU D 209 -17.53 39.43 60.18
N GLU D 210 -16.34 39.31 60.77
CA GLU D 210 -15.11 40.01 60.33
C GLU D 210 -14.18 39.01 59.64
N PHE D 211 -13.72 39.35 58.43
CA PHE D 211 -12.86 38.53 57.55
C PHE D 211 -11.44 39.08 57.51
N PRO D 212 -10.56 38.55 58.40
CA PRO D 212 -9.17 38.94 58.39
C PRO D 212 -8.59 38.63 57.01
N ASP D 213 -7.53 39.32 56.66
CA ASP D 213 -6.92 39.13 55.33
C ASP D 213 -5.42 38.85 55.52
N PHE D 214 -4.87 37.94 54.71
CA PHE D 214 -3.39 37.77 54.70
C PHE D 214 -2.92 38.92 53.82
N THR D 215 -2.08 39.80 54.35
CA THR D 215 -1.70 41.04 53.63
C THR D 215 -0.33 40.90 53.01
N ALA D 216 0.41 39.87 53.38
CA ALA D 216 1.76 39.64 52.84
C ALA D 216 2.13 38.19 53.05
N PHE D 217 2.85 37.62 52.08
CA PHE D 217 3.46 36.28 52.20
C PHE D 217 4.96 36.40 51.85
N TRP D 218 5.78 35.73 52.66
CA TRP D 218 7.25 35.62 52.51
C TRP D 218 7.54 34.16 52.24
N PHE D 219 8.21 33.84 51.13
CA PHE D 219 8.47 32.48 50.64
C PHE D 219 9.95 32.15 50.68
N ASP D 220 10.39 31.32 51.61
CA ASP D 220 11.76 30.70 51.57
C ASP D 220 11.96 30.14 50.17
N THR D 221 13.11 30.37 49.55
CA THR D 221 13.46 29.77 48.23
C THR D 221 13.44 28.26 48.41
N VAL D 222 12.75 27.52 47.52
CA VAL D 222 12.69 26.04 47.62
C VAL D 222 14.08 25.46 47.33
N LYS D 223 14.41 24.36 48.00
CA LYS D 223 15.68 23.64 47.78
C LYS D 223 15.51 22.70 46.59
N PRO D 224 16.62 22.46 45.83
CA PRO D 224 16.62 21.49 44.75
C PRO D 224 16.18 20.14 45.31
N GLY D 225 15.24 19.49 44.64
CA GLY D 225 14.79 18.14 45.00
C GLY D 225 13.72 18.13 46.07
N ALA D 226 13.57 19.18 46.86
CA ALA D 226 12.60 19.21 47.99
C ALA D 226 11.17 19.36 47.50
N THR D 227 10.26 18.70 48.22
CA THR D 227 8.78 18.82 48.09
C THR D 227 8.21 19.46 49.36
N THR D 228 9.06 19.97 50.25
CA THR D 228 8.63 20.87 51.35
C THR D 228 8.98 22.32 50.96
N PHE D 229 8.05 23.25 51.18
CA PHE D 229 8.34 24.70 51.10
C PHE D 229 7.85 25.36 52.39
N THR D 230 8.43 26.52 52.71
CA THR D 230 8.04 27.33 53.87
C THR D 230 7.55 28.69 53.38
N VAL D 231 6.36 29.10 53.81
CA VAL D 231 5.79 30.43 53.48
C VAL D 231 5.31 31.05 54.81
N TYR D 232 5.84 32.24 55.14
CA TYR D 232 5.34 33.07 56.27
C TYR D 232 4.21 33.97 55.75
N ALA D 233 3.30 34.36 56.64
CA ALA D 233 2.14 35.21 56.31
C ALA D 233 1.89 36.22 57.42
N LEU D 234 1.60 37.46 57.02
CA LEU D 234 1.11 38.52 57.93
C LEU D 234 -0.40 38.57 57.77
N LEU D 235 -1.14 38.45 58.87
CA LEU D 235 -2.62 38.59 58.96
C LEU D 235 -2.91 39.92 59.63
N ASP D 236 -3.93 40.62 59.15
CA ASP D 236 -4.28 42.01 59.54
C ASP D 236 -5.78 42.18 59.35
N SER D 237 -6.44 42.71 60.37
CA SER D 237 -7.92 42.79 60.46
C SER D 237 -8.28 43.87 61.48
N ALA D 238 -9.46 44.50 61.35
CA ALA D 238 -9.95 45.55 62.29
C ALA D 238 -9.59 45.15 63.73
N SER D 239 -9.92 43.92 64.11
CA SER D 239 -9.84 43.45 65.52
C SER D 239 -8.47 42.87 65.88
N ILE D 240 -7.65 42.45 64.92
CA ILE D 240 -6.54 41.51 65.25
C ILE D 240 -5.49 41.47 64.14
N THR D 241 -4.24 41.34 64.53
CA THR D 241 -3.11 41.02 63.62
C THR D 241 -2.56 39.65 64.01
N GLY D 242 -1.80 39.03 63.10
CA GLY D 242 -1.14 37.75 63.40
C GLY D 242 0.10 37.55 62.55
N ALA D 243 1.03 36.77 63.09
CA ALA D 243 2.21 36.28 62.35
C ALA D 243 2.10 34.76 62.21
N TYR D 244 2.17 34.26 61.00
CA TYR D 244 1.97 32.83 60.65
C TYR D 244 3.21 32.28 59.92
N LYS D 245 3.54 31.03 60.21
CA LYS D 245 4.58 30.25 59.50
C LYS D 245 3.97 28.90 59.10
N PHE D 246 3.79 28.70 57.81
CA PHE D 246 3.35 27.41 57.19
C PHE D 246 4.59 26.67 56.67
N THR D 247 4.82 25.46 57.19
CA THR D 247 5.81 24.49 56.62
C THR D 247 4.99 23.46 55.85
N ILE D 248 5.02 23.53 54.53
CA ILE D 248 4.03 22.79 53.70
C ILE D 248 4.77 21.66 53.00
N HIS D 249 4.32 20.44 53.30
CA HIS D 249 4.85 19.17 52.77
C HIS D 249 3.92 18.61 51.72
N CYS D 250 4.30 18.72 50.45
CA CYS D 250 3.60 18.11 49.30
C CYS D 250 4.11 16.66 49.20
N GLU D 251 3.55 15.81 50.04
CA GLU D 251 3.84 14.35 50.13
C GLU D 251 3.18 13.66 48.92
N LYS D 252 3.42 12.35 48.75
CA LYS D 252 2.95 11.58 47.57
C LYS D 252 1.42 11.56 47.52
N SER D 253 0.77 11.25 48.65
CA SER D 253 -0.67 10.93 48.67
C SER D 253 -1.49 12.05 49.32
N GLN D 254 -0.84 13.04 49.95
CA GLN D 254 -1.52 14.16 50.66
C GLN D 254 -0.61 15.39 50.75
N VAL D 255 -1.20 16.52 51.13
CA VAL D 255 -0.48 17.73 51.62
C VAL D 255 -0.69 17.82 53.13
N ILE D 256 0.40 17.97 53.86
CA ILE D 256 0.47 18.23 55.33
C ILE D 256 1.08 19.63 55.53
N MET D 257 0.34 20.50 56.19
CA MET D 257 0.82 21.84 56.60
C MET D 257 1.05 21.86 58.11
N ASP D 258 2.29 22.02 58.52
CA ASP D 258 2.66 22.47 59.89
C ASP D 258 2.35 23.97 59.99
N VAL D 259 1.49 24.39 60.91
CA VAL D 259 1.16 25.83 61.10
C VAL D 259 1.65 26.25 62.47
N GLU D 260 2.38 27.36 62.54
CA GLU D 260 2.63 28.11 63.81
C GLU D 260 2.09 29.53 63.64
N ASN D 261 1.25 29.99 64.57
CA ASN D 261 0.78 31.39 64.53
C ASN D 261 1.03 32.07 65.90
N HIS D 262 1.06 33.40 65.84
CA HIS D 262 1.09 34.39 66.94
C HIS D 262 0.09 35.49 66.60
N LEU D 263 -0.90 35.65 67.48
CA LEU D 263 -2.04 36.58 67.32
C LEU D 263 -1.95 37.67 68.40
N TYR D 264 -2.38 38.87 68.03
CA TYR D 264 -2.31 40.11 68.83
C TYR D 264 -3.66 40.85 68.69
N ALA D 265 -4.49 40.80 69.74
CA ALA D 265 -5.82 41.45 69.71
C ALA D 265 -5.63 42.97 69.83
N ARG D 266 -6.18 43.69 68.84
CA ARG D 266 -6.36 45.17 68.84
C ARG D 266 -7.50 45.53 69.81
N LYS D 267 -8.69 44.98 69.57
CA LYS D 267 -9.92 45.24 70.34
C LYS D 267 -10.35 43.98 71.11
N ASP D 268 -11.30 44.17 72.01
CA ASP D 268 -12.25 43.15 72.51
C ASP D 268 -12.84 42.43 71.29
N ILE D 269 -13.01 41.12 71.38
CA ILE D 269 -13.53 40.26 70.29
C ILE D 269 -14.59 39.33 70.86
N LYS D 270 -15.79 39.35 70.29
CA LYS D 270 -16.90 38.48 70.75
C LYS D 270 -16.59 37.01 70.48
N GLN D 271 -16.10 36.65 69.29
CA GLN D 271 -15.82 35.23 68.96
C GLN D 271 -14.50 35.08 68.17
N LEU D 272 -13.53 34.41 68.78
CA LEU D 272 -12.22 34.08 68.14
C LEU D 272 -12.23 32.63 67.70
N GLY D 273 -12.11 32.36 66.39
CA GLY D 273 -12.03 31.01 65.81
C GLY D 273 -10.61 30.59 65.42
N ILE D 274 -9.99 29.65 66.13
CA ILE D 274 -8.64 29.10 65.79
C ILE D 274 -8.81 27.97 64.76
N ALA D 275 -7.88 27.89 63.80
CA ALA D 275 -7.75 26.81 62.79
C ALA D 275 -9.08 26.50 62.11
N PRO D 276 -9.87 27.52 61.71
CA PRO D 276 -11.16 27.28 61.07
C PRO D 276 -11.08 26.48 59.77
N MET D 277 -12.25 25.93 59.46
CA MET D 277 -12.54 25.16 58.23
C MET D 277 -13.86 25.69 57.69
N THR D 278 -13.98 25.71 56.37
CA THR D 278 -15.22 26.06 55.63
C THR D 278 -15.45 24.98 54.57
N SER D 279 -16.63 24.36 54.62
CA SER D 279 -17.04 23.28 53.70
C SER D 279 -18.48 23.55 53.27
N MET D 280 -19.10 22.56 52.64
CA MET D 280 -20.47 22.69 52.12
C MET D 280 -21.19 21.37 52.33
N PHE D 281 -22.48 21.44 52.65
CA PHE D 281 -23.34 20.24 52.80
C PHE D 281 -24.75 20.60 52.38
N SER D 282 -25.20 20.08 51.24
CA SER D 282 -26.53 20.38 50.65
C SER D 282 -27.47 19.18 50.86
N CYS D 283 -27.01 17.99 50.50
CA CYS D 283 -27.81 16.75 50.45
C CYS D 283 -26.92 15.56 50.77
N GLY D 284 -27.22 14.87 51.88
CA GLY D 284 -26.51 13.63 52.28
C GLY D 284 -27.49 12.46 52.39
N THR D 285 -27.18 11.51 53.26
CA THR D 285 -28.05 10.35 53.52
C THR D 285 -29.02 10.68 54.65
N ASN D 286 -28.69 11.76 55.37
CA ASN D 286 -29.40 12.17 56.60
C ASN D 286 -30.31 13.38 56.39
N GLU D 287 -31.58 13.21 56.69
CA GLU D 287 -32.66 14.24 56.68
C GLU D 287 -32.60 14.95 55.33
N ARG D 288 -32.94 14.18 54.30
CA ARG D 288 -32.77 14.58 52.88
C ARG D 288 -33.85 15.59 52.53
N ARG D 289 -33.78 16.83 53.01
CA ARG D 289 -34.81 17.88 52.73
C ARG D 289 -34.52 18.71 51.47
N MET D 290 -33.28 18.68 50.96
CA MET D 290 -32.88 19.54 49.81
C MET D 290 -32.19 18.67 48.74
N CYS D 291 -32.89 17.63 48.28
CA CYS D 291 -32.28 16.58 47.44
C CYS D 291 -33.01 16.45 46.11
N ASP D 292 -33.56 17.54 45.61
CA ASP D 292 -34.33 17.52 44.35
C ASP D 292 -33.43 17.94 43.17
N THR D 293 -32.24 17.33 43.03
CA THR D 293 -31.34 17.49 41.85
C THR D 293 -31.15 16.10 41.24
N ILE D 294 -30.36 15.99 40.18
CA ILE D 294 -30.00 14.70 39.53
C ILE D 294 -28.94 13.99 40.38
N HIS D 295 -28.46 14.66 41.40
CA HIS D 295 -27.35 14.15 42.26
C HIS D 295 -27.91 13.50 43.51
N PRO D 296 -27.68 12.18 43.69
CA PRO D 296 -28.13 11.50 44.90
C PRO D 296 -27.64 12.26 46.15
N GLN D 297 -26.41 12.80 46.10
CA GLN D 297 -25.76 13.56 47.21
C GLN D 297 -24.95 14.73 46.64
N ILE D 298 -24.83 15.80 47.44
CA ILE D 298 -24.09 17.04 47.13
C ILE D 298 -23.48 17.53 48.44
N HIS D 299 -22.16 17.37 48.60
CA HIS D 299 -21.43 17.87 49.80
C HIS D 299 -19.92 17.80 49.57
N ASP D 300 -19.19 18.77 50.15
CA ASP D 300 -17.69 18.81 50.11
C ASP D 300 -17.11 18.01 51.29
N SER D 301 -17.96 17.88 52.30
CA SER D 301 -17.71 17.17 53.58
C SER D 301 -19.03 16.58 54.08
N ASP D 302 -19.01 15.49 54.86
CA ASP D 302 -20.26 14.82 55.35
C ASP D 302 -20.33 14.80 56.88
N ARG D 303 -19.21 14.99 57.58
CA ARG D 303 -19.25 14.83 59.05
C ARG D 303 -18.20 15.72 59.72
N LEU D 304 -18.42 16.02 60.99
CA LEU D 304 -17.34 16.55 61.86
C LEU D 304 -16.82 15.37 62.69
N SER D 305 -15.53 15.05 62.62
CA SER D 305 -14.91 14.04 63.51
C SER D 305 -14.16 14.78 64.62
N MET D 306 -14.30 14.36 65.86
CA MET D 306 -13.59 14.98 66.99
C MET D 306 -12.92 13.89 67.79
N TRP D 307 -11.61 14.04 67.99
CA TRP D 307 -10.83 13.30 68.98
C TRP D 307 -10.67 14.21 70.20
N ARG D 308 -11.33 13.85 71.29
CA ARG D 308 -11.44 14.71 72.51
C ARG D 308 -10.20 14.53 73.40
N GLY D 309 -9.98 15.44 74.35
CA GLY D 309 -8.79 15.42 75.23
C GLY D 309 -8.76 14.19 76.10
N ASN D 310 -9.93 13.66 76.45
CA ASN D 310 -10.07 12.45 77.30
C ASN D 310 -9.92 11.15 76.48
N GLY D 311 -9.68 11.21 75.16
CA GLY D 311 -9.50 10.04 74.27
C GLY D 311 -10.75 9.61 73.47
N GLU D 312 -11.93 10.18 73.77
CA GLU D 312 -13.24 9.80 73.18
C GLU D 312 -13.32 10.28 71.72
N TRP D 313 -13.89 9.47 70.84
CA TRP D 313 -14.07 9.83 69.41
C TRP D 313 -15.52 10.20 69.17
N ILE D 314 -15.79 11.18 68.32
CA ILE D 314 -17.19 11.58 68.01
C ILE D 314 -17.35 11.73 66.51
N CYS D 315 -18.47 11.22 66.01
CA CYS D 315 -18.90 11.36 64.60
C CYS D 315 -20.16 12.20 64.60
N ARG D 316 -20.12 13.41 64.04
CA ARG D 316 -21.31 14.31 64.06
C ARG D 316 -21.66 14.53 62.60
N PRO D 317 -22.53 13.71 62.00
CA PRO D 317 -23.02 14.01 60.66
C PRO D 317 -23.53 15.46 60.56
N LEU D 318 -23.12 16.15 59.51
CA LEU D 318 -23.48 17.56 59.17
C LEU D 318 -24.93 17.60 58.68
N ASN D 319 -25.65 18.68 58.97
CA ASN D 319 -27.04 18.82 58.49
C ASN D 319 -27.04 19.98 57.51
N ASN D 320 -28.02 20.02 56.61
CA ASN D 320 -28.49 21.22 55.88
C ASN D 320 -29.82 21.54 56.51
N PRO D 321 -29.83 22.25 57.66
CA PRO D 321 -31.05 22.52 58.44
C PRO D 321 -31.87 23.67 57.84
N GLN D 322 -33.17 23.75 58.14
CA GLN D 322 -34.02 24.81 57.52
C GLN D 322 -33.79 26.13 58.26
N LYS D 323 -33.19 26.07 59.45
CA LYS D 323 -32.88 27.26 60.30
C LYS D 323 -31.41 27.24 60.72
N LEU D 324 -30.75 28.39 60.65
CA LEU D 324 -29.33 28.55 61.05
C LEU D 324 -29.15 28.03 62.47
N GLN D 325 -28.17 27.14 62.62
CA GLN D 325 -27.77 26.46 63.88
C GLN D 325 -26.31 26.79 64.16
N PHE D 326 -25.97 26.88 65.44
CA PHE D 326 -24.57 26.90 65.91
C PHE D 326 -24.45 25.89 67.06
N ASN D 327 -23.38 25.11 67.07
CA ASN D 327 -23.16 24.06 68.08
C ASN D 327 -21.74 24.23 68.61
N ALA D 328 -21.61 24.14 69.92
CA ALA D 328 -20.34 24.32 70.64
C ALA D 328 -20.07 23.03 71.43
N TYR D 329 -19.13 22.23 70.96
CA TYR D 329 -18.76 20.96 71.63
C TYR D 329 -17.67 21.27 72.66
N THR D 330 -18.03 21.28 73.96
CA THR D 330 -17.03 21.53 75.03
C THR D 330 -15.89 20.54 74.94
N ASP D 331 -14.65 20.97 75.13
CA ASP D 331 -13.49 20.04 75.15
C ASP D 331 -12.36 20.69 75.95
N ASN D 332 -11.28 19.94 76.10
CA ASN D 332 -10.12 20.37 76.88
C ASN D 332 -8.87 19.65 76.38
N ASN D 333 -7.99 20.40 75.73
CA ASN D 333 -6.80 19.90 75.00
C ASN D 333 -7.23 18.90 73.95
N PRO D 334 -8.09 19.34 73.01
CA PRO D 334 -8.52 18.51 71.89
C PRO D 334 -7.31 17.88 71.21
N LYS D 335 -7.35 16.56 70.95
CA LYS D 335 -6.29 15.80 70.24
C LYS D 335 -6.37 16.04 68.73
N GLY D 336 -7.59 16.31 68.22
CA GLY D 336 -7.82 16.48 66.78
C GLY D 336 -9.26 16.70 66.46
N PHE D 337 -9.53 17.27 65.31
CA PHE D 337 -10.92 17.47 64.81
C PHE D 337 -10.83 17.78 63.31
N GLY D 338 -11.85 17.38 62.57
CA GLY D 338 -11.86 17.47 61.09
C GLY D 338 -13.25 17.51 60.48
N LEU D 339 -13.34 18.14 59.31
CA LEU D 339 -14.46 17.97 58.37
C LEU D 339 -14.00 16.96 57.31
N LEU D 340 -14.59 15.77 57.37
CA LEU D 340 -14.23 14.57 56.57
C LEU D 340 -15.26 14.37 55.44
N GLN D 341 -14.73 13.92 54.29
CA GLN D 341 -15.51 13.46 53.11
C GLN D 341 -15.23 11.97 52.98
N LEU D 342 -16.01 11.12 53.66
CA LEU D 342 -15.72 9.65 53.72
C LEU D 342 -16.51 8.85 52.67
N ASP D 343 -17.49 9.44 51.96
CA ASP D 343 -18.16 8.75 50.82
C ASP D 343 -17.34 8.99 49.55
N ARG D 344 -16.56 8.00 49.11
CA ARG D 344 -15.56 8.18 48.03
C ARG D 344 -16.12 7.76 46.66
N ASP D 345 -17.42 7.49 46.59
CA ASP D 345 -18.02 6.65 45.53
C ASP D 345 -18.79 7.55 44.57
N PHE D 346 -18.31 7.61 43.34
CA PHE D 346 -18.81 8.53 42.29
C PHE D 346 -20.32 8.36 42.09
N SER D 347 -20.82 7.11 42.10
CA SER D 347 -22.25 6.83 41.75
C SER D 347 -23.24 7.52 42.72
N HIS D 348 -22.73 7.95 43.88
CA HIS D 348 -23.49 8.51 45.03
C HIS D 348 -23.72 10.02 44.85
N TYR D 349 -22.94 10.67 43.99
CA TYR D 349 -22.98 12.13 43.75
C TYR D 349 -23.35 12.41 42.30
N GLN D 350 -22.71 11.67 41.39
CA GLN D 350 -22.95 11.79 39.93
C GLN D 350 -22.53 13.18 39.46
N ASP D 351 -21.59 13.86 40.14
CA ASP D 351 -21.18 15.23 39.73
C ASP D 351 -19.92 15.15 38.89
N ILE D 352 -20.04 15.50 37.61
CA ILE D 352 -18.92 15.42 36.62
C ILE D 352 -18.33 16.82 36.41
N MET D 353 -18.89 17.84 37.07
CA MET D 353 -18.34 19.22 37.09
C MET D 353 -17.31 19.36 38.21
N GLY D 354 -17.69 19.06 39.45
CA GLY D 354 -16.87 19.34 40.66
C GLY D 354 -16.40 18.09 41.42
N TRP D 355 -16.80 16.89 41.01
CA TRP D 355 -16.16 15.63 41.45
C TRP D 355 -16.14 15.56 42.99
N TYR D 356 -17.31 15.68 43.61
CA TYR D 356 -17.49 15.70 45.09
C TYR D 356 -16.82 14.48 45.73
N ASN D 357 -16.73 13.38 45.01
CA ASN D 357 -16.23 12.05 45.50
C ASN D 357 -14.70 12.10 45.63
N LYS D 358 -14.05 13.00 44.91
CA LYS D 358 -12.58 13.14 44.90
C LYS D 358 -12.12 14.22 45.90
N ARG D 359 -13.05 14.98 46.45
CA ARG D 359 -12.76 16.13 47.35
C ARG D 359 -12.26 15.61 48.69
N PRO D 360 -11.25 16.30 49.28
CA PRO D 360 -10.55 15.75 50.43
C PRO D 360 -11.25 15.95 51.76
N SER D 361 -10.68 15.28 52.74
CA SER D 361 -10.91 15.51 54.18
C SER D 361 -9.85 16.48 54.71
N LEU D 362 -10.20 17.21 55.75
CA LEU D 362 -9.28 18.10 56.48
C LEU D 362 -9.25 17.70 57.95
N TRP D 363 -8.05 17.40 58.47
CA TRP D 363 -7.80 17.05 59.89
C TRP D 363 -6.87 18.09 60.53
N VAL D 364 -7.34 18.71 61.60
CA VAL D 364 -6.59 19.68 62.45
C VAL D 364 -5.97 18.89 63.61
N GLU D 365 -4.65 18.83 63.70
CA GLU D 365 -3.94 18.21 64.83
C GLU D 365 -3.23 19.30 65.63
N PRO D 366 -3.81 19.72 66.78
CA PRO D 366 -3.08 20.59 67.70
C PRO D 366 -1.72 19.99 68.05
N ARG D 367 -0.70 20.83 68.09
CA ARG D 367 0.67 20.38 68.43
C ARG D 367 1.04 20.83 69.84
N ASN D 368 0.34 21.81 70.38
CA ASN D 368 0.48 22.25 71.80
C ASN D 368 -0.85 21.90 72.47
N LYS D 369 -0.92 22.05 73.79
CA LYS D 369 -2.18 21.81 74.54
C LYS D 369 -3.01 23.09 74.50
N TRP D 370 -4.18 23.03 73.88
CA TRP D 370 -5.03 24.23 73.64
C TRP D 370 -5.94 24.48 74.83
N GLY D 371 -5.90 23.64 75.86
CA GLY D 371 -6.70 23.79 77.08
C GLY D 371 -8.21 23.87 76.84
N LYS D 372 -8.90 24.62 77.68
CA LYS D 372 -10.38 24.54 77.75
C LYS D 372 -10.93 25.41 76.64
N GLY D 373 -11.96 24.93 75.97
CA GLY D 373 -12.68 25.68 74.95
C GLY D 373 -13.83 24.89 74.40
N THR D 374 -14.30 25.25 73.23
CA THR D 374 -15.37 24.53 72.53
C THR D 374 -14.98 24.41 71.05
N ILE D 375 -15.38 23.32 70.43
CA ILE D 375 -15.36 23.18 68.95
C ILE D 375 -16.69 23.70 68.45
N GLY D 376 -16.63 24.72 67.60
CA GLY D 376 -17.82 25.42 67.10
C GLY D 376 -18.17 24.93 65.72
N LEU D 377 -19.43 24.61 65.53
CA LEU D 377 -19.94 24.17 64.21
C LEU D 377 -21.15 25.02 63.86
N MET D 378 -21.01 25.86 62.84
CA MET D 378 -22.17 26.65 62.34
C MET D 378 -22.67 26.01 61.05
N GLU D 379 -23.95 25.68 61.01
CA GLU D 379 -24.56 25.04 59.82
C GLU D 379 -25.61 26.01 59.29
N ILE D 380 -25.35 26.61 58.14
CA ILE D 380 -26.27 27.61 57.53
C ILE D 380 -27.15 26.88 56.52
N PRO D 381 -28.43 27.27 56.37
CA PRO D 381 -29.27 26.68 55.35
C PRO D 381 -28.91 27.01 53.88
N THR D 382 -28.73 26.00 53.03
CA THR D 382 -28.45 26.14 51.59
C THR D 382 -29.61 25.52 50.83
N THR D 383 -29.75 25.93 49.57
CA THR D 383 -30.70 25.36 48.59
C THR D 383 -29.92 24.79 47.39
N GLY D 384 -28.62 24.53 47.55
CA GLY D 384 -27.73 23.99 46.49
C GLY D 384 -26.27 24.00 46.88
N GLU D 385 -25.37 24.22 45.93
CA GLU D 385 -23.92 24.08 46.23
C GLU D 385 -23.15 25.40 46.27
N THR D 386 -23.74 26.51 45.84
CA THR D 386 -22.98 27.78 45.70
C THR D 386 -22.61 28.38 47.07
N LEU D 387 -23.23 27.91 48.15
CA LEU D 387 -22.98 28.54 49.46
C LEU D 387 -22.16 27.62 50.35
N ASN D 388 -20.99 28.07 50.78
CA ASN D 388 -20.21 27.29 51.78
C ASN D 388 -20.98 27.54 53.05
N ASN D 389 -21.71 26.54 53.53
CA ASN D 389 -22.74 26.70 54.56
C ASN D 389 -22.32 25.96 55.82
N ILE D 390 -21.06 25.53 55.91
CA ILE D 390 -20.50 24.76 57.06
C ILE D 390 -19.22 25.47 57.48
N VAL D 391 -19.18 25.98 58.72
CA VAL D 391 -17.96 26.61 59.30
C VAL D 391 -17.65 25.87 60.58
N CYS D 392 -16.38 25.57 60.83
CA CYS D 392 -15.99 24.86 62.07
C CYS D 392 -14.63 25.42 62.53
N PHE D 393 -14.46 25.62 63.84
CA PHE D 393 -13.25 26.22 64.46
C PHE D 393 -13.19 25.87 65.95
N TRP D 394 -12.00 26.02 66.54
CA TRP D 394 -11.75 26.04 68.01
C TRP D 394 -11.92 27.45 68.55
N GLN D 395 -12.62 27.57 69.67
CA GLN D 395 -12.84 28.86 70.35
C GLN D 395 -12.43 28.73 71.80
N PRO D 396 -11.33 29.39 72.24
CA PRO D 396 -10.89 29.30 73.62
C PRO D 396 -12.01 29.76 74.56
N GLU D 397 -12.13 29.07 75.69
CA GLU D 397 -13.09 29.37 76.79
C GLU D 397 -13.03 30.86 77.19
N LYS D 398 -11.83 31.38 77.43
CA LYS D 398 -11.57 32.74 77.96
C LYS D 398 -11.94 33.81 76.92
N ALA D 399 -12.82 34.74 77.30
CA ALA D 399 -13.24 35.90 76.49
C ALA D 399 -12.00 36.66 76.03
N VAL D 400 -11.97 37.03 74.75
CA VAL D 400 -10.78 37.69 74.15
C VAL D 400 -10.89 39.19 74.42
N LYS D 401 -10.09 39.67 75.36
CA LYS D 401 -9.97 41.12 75.70
C LYS D 401 -8.81 41.68 74.86
N ALA D 402 -8.83 42.99 74.64
CA ALA D 402 -7.86 43.69 73.76
C ALA D 402 -6.50 43.77 74.41
N GLY D 403 -5.44 43.66 73.61
CA GLY D 403 -4.05 43.55 74.08
C GLY D 403 -3.67 42.12 74.33
N ASP D 404 -4.61 41.18 74.20
CA ASP D 404 -4.33 39.74 74.41
C ASP D 404 -3.43 39.21 73.29
N GLU D 405 -2.49 38.32 73.63
CA GLU D 405 -1.57 37.61 72.70
C GLU D 405 -1.89 36.13 72.80
N PHE D 406 -1.62 35.38 71.75
CA PHE D 406 -1.99 33.95 71.63
C PHE D 406 -0.92 33.30 70.80
N ALA D 407 -0.68 31.99 70.95
CA ALA D 407 0.20 31.20 70.05
C ALA D 407 -0.37 29.79 69.88
N PHE D 408 -0.79 29.43 68.67
CA PHE D 408 -1.30 28.08 68.35
C PHE D 408 -0.40 27.41 67.33
N GLN D 409 -0.02 26.18 67.60
CA GLN D 409 0.67 25.29 66.64
C GLN D 409 -0.32 24.19 66.24
N TYR D 410 -0.46 23.90 64.95
CA TYR D 410 -1.34 22.80 64.50
C TYR D 410 -0.83 22.22 63.19
N ARG D 411 -1.06 20.92 62.98
CA ARG D 411 -0.80 20.26 61.69
C ARG D 411 -2.14 20.15 60.95
N LEU D 412 -2.24 20.62 59.72
CA LEU D 412 -3.38 20.33 58.81
C LEU D 412 -3.03 19.17 57.87
N TYR D 413 -3.96 18.21 57.73
CA TYR D 413 -3.88 17.08 56.77
C TYR D 413 -5.00 17.21 55.75
N TRP D 414 -4.57 17.51 54.52
CA TRP D 414 -5.41 17.53 53.31
C TRP D 414 -5.32 16.16 52.67
N SER D 415 -6.23 15.25 52.99
CA SER D 415 -6.24 13.90 52.37
C SER D 415 -7.62 13.24 52.50
N ALA D 416 -7.98 12.40 51.54
CA ALA D 416 -9.25 11.62 51.54
C ALA D 416 -9.52 11.06 52.94
N GLN D 417 -8.59 10.30 53.47
CA GLN D 417 -8.74 9.70 54.83
C GLN D 417 -7.95 10.55 55.80
N PRO D 418 -8.50 10.86 57.00
CA PRO D 418 -7.72 11.56 58.01
C PRO D 418 -6.53 10.69 58.36
N PRO D 419 -5.47 11.24 58.97
CA PRO D 419 -4.33 10.41 59.36
C PRO D 419 -4.59 9.57 60.62
N VAL D 420 -5.70 9.81 61.30
CA VAL D 420 -6.04 9.09 62.57
C VAL D 420 -7.54 8.94 62.62
N HIS D 421 -7.98 7.82 63.19
CA HIS D 421 -9.41 7.44 63.27
C HIS D 421 -9.62 6.57 64.51
N CYS D 422 -10.87 6.40 64.94
CA CYS D 422 -11.18 5.54 66.12
C CYS D 422 -10.61 4.14 65.96
N PRO D 423 -9.91 3.56 66.97
CA PRO D 423 -9.46 2.18 66.88
C PRO D 423 -10.65 1.23 67.03
N LEU D 424 -11.79 1.74 67.51
CA LEU D 424 -12.99 0.89 67.74
C LEU D 424 -13.91 0.96 66.52
N ALA D 425 -15.17 0.53 66.68
CA ALA D 425 -16.14 0.62 65.57
C ALA D 425 -16.30 2.07 65.14
N ARG D 426 -16.48 2.32 63.84
CA ARG D 426 -16.60 3.68 63.31
C ARG D 426 -17.92 3.81 62.56
N VAL D 427 -18.62 4.93 62.74
CA VAL D 427 -19.86 5.17 61.95
C VAL D 427 -19.50 5.23 60.46
N MET D 428 -20.03 4.35 59.63
CA MET D 428 -19.78 4.47 58.17
C MET D 428 -20.81 5.42 57.54
N ALA D 429 -22.10 5.34 57.87
CA ALA D 429 -23.13 6.27 57.34
C ALA D 429 -24.28 6.48 58.34
N THR D 430 -25.04 7.57 58.16
CA THR D 430 -26.22 7.90 58.99
C THR D 430 -27.41 8.13 58.07
N ARG D 431 -28.31 7.14 58.01
CA ARG D 431 -29.47 7.19 57.08
C ARG D 431 -30.71 7.56 57.88
N THR D 432 -31.62 8.32 57.27
CA THR D 432 -32.88 8.71 57.95
C THR D 432 -34.05 8.58 56.98
N GLY D 433 -35.25 8.31 57.48
CA GLY D 433 -36.43 8.23 56.62
C GLY D 433 -37.70 7.91 57.39
N MET D 434 -38.78 7.63 56.66
CA MET D 434 -40.08 7.28 57.29
C MET D 434 -39.92 6.07 58.20
N GLY D 435 -40.75 5.99 59.24
CA GLY D 435 -40.75 4.83 60.15
C GLY D 435 -42.18 4.50 60.53
N GLY D 436 -42.36 3.48 61.37
CA GLY D 436 -43.71 3.05 61.76
C GLY D 436 -44.14 1.85 60.97
N PHE D 437 -43.16 1.12 60.43
CA PHE D 437 -43.45 -0.09 59.64
C PHE D 437 -42.35 -1.10 59.89
N SER D 438 -42.47 -2.28 59.28
CA SER D 438 -41.46 -3.34 59.45
C SER D 438 -40.47 -3.26 58.29
N GLU D 439 -39.18 -3.23 58.58
CA GLU D 439 -38.20 -3.07 57.49
C GLU D 439 -38.49 -4.12 56.42
N GLY D 440 -38.54 -3.69 55.16
CA GLY D 440 -38.85 -4.59 54.03
C GLY D 440 -40.32 -4.55 53.66
N TRP D 441 -41.22 -4.15 54.56
CA TRP D 441 -42.69 -4.31 54.35
C TRP D 441 -43.33 -2.94 54.47
N ALA D 442 -42.68 -1.94 53.89
CA ALA D 442 -43.19 -0.55 53.82
C ALA D 442 -44.48 -0.58 53.02
N PRO D 443 -45.63 -0.16 53.59
CA PRO D 443 -46.93 -0.38 52.95
C PRO D 443 -47.09 0.36 51.63
N GLY D 444 -47.69 -0.32 50.65
CA GLY D 444 -47.82 0.18 49.27
C GLY D 444 -49.13 0.90 49.05
N GLU D 445 -50.19 0.46 49.74
CA GLU D 445 -51.58 0.84 49.40
C GLU D 445 -52.01 2.02 50.29
N HIS D 446 -51.49 2.06 51.51
CA HIS D 446 -51.62 3.21 52.45
C HIS D 446 -50.22 3.70 52.87
N TYR D 447 -50.13 4.94 53.37
CA TYR D 447 -48.94 5.43 54.13
C TYR D 447 -48.92 4.74 55.50
N PRO D 448 -47.82 4.76 56.27
CA PRO D 448 -47.84 4.16 57.58
C PRO D 448 -48.85 4.80 58.53
N GLU D 449 -49.43 3.99 59.40
CA GLU D 449 -50.48 4.48 60.33
C GLU D 449 -49.91 5.45 61.36
N LYS D 450 -48.78 5.14 61.97
CA LYS D 450 -48.30 6.08 63.03
C LYS D 450 -47.11 6.89 62.50
N TRP D 451 -46.95 8.14 62.94
CA TRP D 451 -45.81 9.00 62.51
C TRP D 451 -44.59 8.74 63.40
N ALA D 452 -43.45 8.39 62.78
CA ALA D 452 -42.15 8.17 63.47
C ALA D 452 -40.97 8.43 62.52
N ARG D 453 -39.77 8.66 63.03
CA ARG D 453 -38.62 8.97 62.14
C ARG D 453 -37.58 7.89 62.29
N ARG D 454 -37.24 7.19 61.20
CA ARG D 454 -36.34 6.03 61.26
C ARG D 454 -34.92 6.55 61.16
N PHE D 455 -34.02 6.00 61.96
CA PHE D 455 -32.56 6.26 61.98
C PHE D 455 -31.85 4.94 61.76
N ALA D 456 -30.97 4.89 60.77
CA ALA D 456 -30.08 3.72 60.53
C ALA D 456 -28.62 4.19 60.49
N VAL D 457 -27.82 3.69 61.43
CA VAL D 457 -26.40 4.09 61.60
C VAL D 457 -25.58 2.82 61.40
N ASP D 458 -24.83 2.75 60.30
CA ASP D 458 -24.04 1.56 59.93
C ASP D 458 -22.67 1.73 60.59
N PHE D 459 -22.24 0.71 61.32
CA PHE D 459 -20.94 0.74 62.01
C PHE D 459 -20.07 -0.34 61.43
N VAL D 460 -18.87 0.04 61.06
CA VAL D 460 -17.88 -0.92 60.54
C VAL D 460 -16.68 -0.71 61.44
N GLY D 461 -15.86 -1.72 61.69
CA GLY D 461 -14.77 -1.44 62.62
C GLY D 461 -14.28 -2.62 63.41
N GLY D 462 -13.48 -2.36 64.44
CA GLY D 462 -12.79 -3.44 65.16
C GLY D 462 -13.55 -4.17 66.23
N ASP D 463 -13.46 -5.51 66.23
CA ASP D 463 -14.05 -6.38 67.29
C ASP D 463 -15.57 -6.51 67.11
N LEU D 464 -16.18 -5.78 66.20
CA LEU D 464 -17.61 -6.02 65.97
C LEU D 464 -17.76 -7.51 65.61
N LYS D 465 -16.73 -8.07 64.98
CA LYS D 465 -16.75 -9.49 64.54
C LYS D 465 -16.78 -10.36 65.81
N ALA D 466 -15.75 -10.25 66.65
CA ALA D 466 -15.66 -10.90 67.99
C ALA D 466 -16.88 -10.56 68.89
N ALA D 467 -17.19 -9.27 69.05
CA ALA D 467 -18.20 -8.72 69.97
C ALA D 467 -19.62 -9.21 69.65
N ALA D 468 -19.92 -9.50 68.39
CA ALA D 468 -21.28 -9.89 67.92
C ALA D 468 -21.89 -11.01 68.78
N PRO D 469 -21.26 -12.22 68.87
CA PRO D 469 -21.74 -13.31 69.73
C PRO D 469 -21.92 -13.01 71.23
N LYS D 470 -21.06 -12.16 71.80
CA LYS D 470 -21.09 -11.82 73.26
C LYS D 470 -22.25 -10.86 73.58
N GLY D 471 -22.95 -10.32 72.57
CA GLY D 471 -24.00 -9.30 72.71
C GLY D 471 -23.48 -7.89 72.45
N ILE D 472 -24.02 -7.22 71.42
CA ILE D 472 -23.78 -5.77 71.10
C ILE D 472 -25.03 -4.95 71.45
N GLU D 473 -24.92 -4.02 72.40
CA GLU D 473 -26.09 -3.23 72.88
C GLU D 473 -25.92 -1.81 72.35
N PRO D 474 -26.88 -1.27 71.58
CA PRO D 474 -26.87 0.17 71.30
C PRO D 474 -27.34 0.92 72.54
N VAL D 475 -26.53 1.83 73.05
CA VAL D 475 -26.90 2.76 74.14
C VAL D 475 -27.33 4.08 73.49
N ILE D 476 -28.62 4.33 73.42
CA ILE D 476 -29.17 5.55 72.75
C ILE D 476 -29.60 6.54 73.82
N THR D 477 -29.17 7.80 73.72
CA THR D 477 -29.58 8.93 74.61
C THR D 477 -30.38 9.90 73.75
N LEU D 478 -31.44 10.50 74.29
CA LEU D 478 -32.31 11.45 73.54
C LEU D 478 -32.70 12.61 74.47
N SER D 479 -32.52 13.84 74.02
CA SER D 479 -32.96 15.06 74.76
C SER D 479 -34.48 15.00 74.90
N SER D 480 -35.15 14.37 73.94
CA SER D 480 -36.62 14.28 73.89
C SER D 480 -37.03 13.00 73.17
N GLY D 481 -38.31 12.62 73.23
CA GLY D 481 -38.81 11.50 72.42
C GLY D 481 -38.37 10.15 72.97
N GLU D 482 -38.72 9.09 72.26
CA GLU D 482 -38.47 7.69 72.66
C GLU D 482 -37.92 6.92 71.46
N ALA D 483 -36.83 6.18 71.69
CA ALA D 483 -36.27 5.22 70.72
C ALA D 483 -37.03 3.90 70.81
N LYS D 484 -37.77 3.54 69.75
CA LYS D 484 -38.59 2.30 69.68
C LYS D 484 -38.19 1.44 68.47
N GLN D 485 -38.48 0.15 68.53
CA GLN D 485 -38.21 -0.82 67.44
C GLN D 485 -36.69 -0.87 67.25
N ILE D 486 -35.89 -0.87 68.30
CA ILE D 486 -34.41 -0.88 68.16
C ILE D 486 -33.96 -2.23 67.59
N GLU D 487 -33.16 -2.23 66.52
CA GLU D 487 -32.67 -3.48 65.88
C GLU D 487 -31.17 -3.41 65.58
N ILE D 488 -30.49 -4.54 65.68
CA ILE D 488 -29.04 -4.70 65.34
C ILE D 488 -28.97 -5.72 64.21
N LEU D 489 -28.61 -5.30 63.00
CA LEU D 489 -28.66 -6.15 61.78
C LEU D 489 -27.26 -6.24 61.17
N TYR D 490 -26.86 -7.43 60.74
CA TYR D 490 -25.59 -7.64 60.02
C TYR D 490 -25.77 -7.21 58.57
N ILE D 491 -24.75 -6.53 58.04
CA ILE D 491 -24.72 -6.00 56.65
C ILE D 491 -23.58 -6.68 55.93
N GLU D 492 -23.85 -7.75 55.18
CA GLU D 492 -22.76 -8.54 54.55
C GLU D 492 -21.91 -7.59 53.71
N PRO D 493 -22.47 -6.81 52.78
CA PRO D 493 -21.66 -6.06 51.83
C PRO D 493 -20.55 -5.17 52.42
N ILE D 494 -20.72 -4.64 53.64
CA ILE D 494 -19.68 -3.79 54.30
C ILE D 494 -19.09 -4.52 55.52
N ASP D 495 -19.53 -5.72 55.84
CA ASP D 495 -19.03 -6.55 56.97
C ASP D 495 -19.19 -5.73 58.25
N GLY D 496 -20.31 -5.03 58.36
CA GLY D 496 -20.62 -4.23 59.54
C GLY D 496 -21.99 -4.57 60.08
N TYR D 497 -22.50 -3.68 60.94
CA TYR D 497 -23.77 -3.82 61.70
C TYR D 497 -24.50 -2.49 61.63
N ARG D 498 -25.79 -2.58 61.29
CA ARG D 498 -26.67 -1.39 61.24
C ARG D 498 -27.48 -1.39 62.54
N ILE D 499 -27.47 -0.26 63.25
CA ILE D 499 -28.42 -0.01 64.36
C ILE D 499 -29.55 0.85 63.81
N GLN D 500 -30.76 0.30 63.76
CA GLN D 500 -31.97 1.07 63.37
C GLN D 500 -32.75 1.35 64.63
N PHE D 501 -33.44 2.50 64.65
CA PHE D 501 -34.45 2.81 65.69
C PHE D 501 -35.47 3.77 65.08
N ASP D 502 -36.75 3.62 65.44
CA ASP D 502 -37.79 4.65 65.18
C ASP D 502 -37.79 5.65 66.35
N TRP D 503 -37.76 6.95 66.05
CA TRP D 503 -37.93 8.05 67.04
C TRP D 503 -39.40 8.43 67.03
N TYR D 504 -40.06 8.35 68.18
CA TYR D 504 -41.47 8.78 68.38
C TYR D 504 -41.44 10.04 69.25
N PRO D 505 -42.16 11.11 68.86
CA PRO D 505 -42.18 12.33 69.65
C PRO D 505 -42.91 12.05 70.97
N THR D 506 -42.52 12.73 72.05
CA THR D 506 -43.28 12.79 73.33
C THR D 506 -43.97 14.15 73.48
N SER D 507 -43.63 15.15 72.64
CA SER D 507 -44.07 16.57 72.81
C SER D 507 -44.58 17.18 71.49
N ASP D 508 -45.31 18.28 71.56
CA ASP D 508 -45.65 19.13 70.38
C ASP D 508 -44.45 20.04 70.03
N SER D 509 -43.35 19.94 70.76
CA SER D 509 -42.17 20.82 70.57
C SER D 509 -41.51 20.57 69.20
N THR D 510 -41.27 21.65 68.45
CA THR D 510 -40.28 21.66 67.33
C THR D 510 -38.86 22.01 67.83
N ASP D 511 -38.55 21.91 69.12
CA ASP D 511 -37.15 22.10 69.59
C ASP D 511 -36.23 21.04 69.00
N PRO D 512 -35.02 21.42 68.56
CA PRO D 512 -33.98 20.46 68.21
C PRO D 512 -33.87 19.29 69.20
N VAL D 513 -33.62 18.10 68.66
CA VAL D 513 -33.48 16.85 69.46
C VAL D 513 -32.03 16.38 69.39
N ASP D 514 -31.35 16.35 70.54
CA ASP D 514 -29.91 16.01 70.62
C ASP D 514 -29.87 14.51 70.88
N MET D 515 -29.45 13.73 69.89
CA MET D 515 -29.31 12.26 69.97
C MET D 515 -27.84 11.90 70.15
N ARG D 516 -27.60 10.77 70.80
CA ARG D 516 -26.25 10.29 71.16
C ARG D 516 -26.36 8.76 71.08
N MET D 517 -25.37 8.06 70.50
CA MET D 517 -25.40 6.58 70.42
C MET D 517 -23.99 6.00 70.37
N TYR D 518 -23.69 5.04 71.23
CA TYR D 518 -22.51 4.15 71.09
C TYR D 518 -22.91 2.69 71.28
N LEU D 519 -22.00 1.80 70.92
CA LEU D 519 -22.19 0.34 70.97
C LEU D 519 -21.49 -0.19 72.21
N ARG D 520 -22.23 -0.91 73.06
CA ARG D 520 -21.69 -1.50 74.31
C ARG D 520 -21.64 -3.02 74.19
N CYS D 521 -20.63 -3.63 74.79
CA CYS D 521 -20.46 -5.10 74.82
C CYS D 521 -19.80 -5.49 76.15
N GLN D 522 -20.56 -6.08 77.06
CA GLN D 522 -20.07 -6.50 78.40
C GLN D 522 -19.51 -5.26 79.13
N GLY D 523 -20.31 -4.19 79.25
CA GLY D 523 -19.93 -3.01 80.05
C GLY D 523 -19.04 -2.03 79.30
N ASP D 524 -18.16 -2.49 78.41
CA ASP D 524 -17.22 -1.64 77.61
C ASP D 524 -17.88 -1.07 76.35
N ALA D 525 -17.49 0.16 76.01
CA ALA D 525 -17.82 0.85 74.74
C ALA D 525 -16.95 0.22 73.65
N ILE D 526 -17.52 -0.15 72.51
CA ILE D 526 -16.75 -0.84 71.41
C ILE D 526 -16.90 -0.06 70.08
N SER D 527 -17.41 1.17 70.16
CA SER D 527 -17.55 2.11 69.01
C SER D 527 -17.27 3.55 69.45
N GLU D 528 -17.00 4.43 68.48
CA GLU D 528 -16.98 5.89 68.65
C GLU D 528 -18.41 6.32 69.03
N THR D 529 -18.61 7.53 69.52
CA THR D 529 -19.96 8.06 69.85
C THR D 529 -20.51 8.78 68.63
N TRP D 530 -21.71 8.40 68.21
CA TRP D 530 -22.56 9.11 67.21
C TRP D 530 -23.35 10.23 67.90
N LEU D 531 -23.10 11.52 67.59
CA LEU D 531 -23.97 12.68 67.97
C LEU D 531 -24.83 13.04 66.76
N TYR D 532 -26.14 13.22 66.93
CA TYR D 532 -27.02 13.68 65.83
C TYR D 532 -27.90 14.80 66.37
N GLN D 533 -28.23 15.76 65.50
CA GLN D 533 -29.19 16.84 65.83
C GLN D 533 -30.37 16.75 64.85
N TYR D 534 -31.53 16.30 65.35
CA TYR D 534 -32.78 16.10 64.57
C TYR D 534 -33.69 17.32 64.76
N PHE D 535 -34.42 17.74 63.72
CA PHE D 535 -35.40 18.85 63.74
C PHE D 535 -36.80 18.28 63.49
N PRO D 536 -37.54 17.94 64.57
CA PRO D 536 -38.88 17.37 64.40
C PRO D 536 -39.78 18.33 63.66
N PRO D 537 -40.63 17.84 62.74
CA PRO D 537 -41.54 18.74 62.03
C PRO D 537 -42.55 19.35 63.00
N ALA D 538 -43.25 20.40 62.55
CA ALA D 538 -44.47 20.97 63.19
C ALA D 538 -45.48 19.86 63.50
N PRO D 539 -46.24 19.91 64.62
CA PRO D 539 -47.19 18.85 64.95
C PRO D 539 -48.33 18.69 63.95
N ASP D 540 -48.70 19.73 63.21
CA ASP D 540 -49.72 19.66 62.13
C ASP D 540 -49.13 18.87 60.95
N LYS D 541 -47.81 18.71 60.87
CA LYS D 541 -47.11 18.01 59.75
C LYS D 541 -46.55 16.64 60.19
N ARG D 542 -46.98 16.07 61.32
CA ARG D 542 -46.53 14.70 61.74
C ARG D 542 -47.59 13.69 61.28
N GLN D 543 -47.73 13.59 59.96
CA GLN D 543 -48.73 12.76 59.26
C GLN D 543 -48.41 12.87 57.76
N TYR D 544 -48.93 11.95 56.94
CA TYR D 544 -48.64 11.92 55.48
C TYR D 544 -49.93 12.32 54.75
N VAL D 545 -49.82 13.00 53.61
CA VAL D 545 -50.99 13.35 52.74
C VAL D 545 -51.02 12.41 51.53
N ASP D 546 -52.10 11.64 51.36
CA ASP D 546 -52.21 10.60 50.29
C ASP D 546 -52.97 11.15 49.07
N ASP D 547 -52.26 11.75 48.14
CA ASP D 547 -52.90 12.47 47.02
C ASP D 547 -52.97 11.54 45.79
N ARG D 548 -52.85 10.21 45.95
CA ARG D 548 -52.90 9.25 44.79
C ARG D 548 -54.28 9.40 44.11
N VAL D 549 -54.45 9.00 42.84
CA VAL D 549 -55.79 8.88 42.17
C VAL D 549 -55.80 7.60 41.31
N MET D 550 -56.84 6.78 41.47
CA MET D 550 -56.96 5.43 40.85
C MET D 550 -58.08 5.49 39.79
N SER D 551 -57.84 6.17 38.67
CA SER D 551 -58.88 6.42 37.62
C SER D 551 -58.45 5.93 36.22
N LEU D 552 -59.45 5.70 35.39
CA LEU D 552 -59.29 5.28 33.98
C LEU D 552 -59.12 6.51 33.05
N GLU D 553 -58.51 7.59 33.54
CA GLU D 553 -58.42 8.89 32.82
C GLU D 553 -57.16 8.96 31.94
N HIS D 554 -56.14 8.12 32.19
CA HIS D 554 -54.81 8.26 31.53
C HIS D 554 -54.41 6.97 30.80
N HIS D 555 -55.14 6.58 29.75
CA HIS D 555 -54.74 5.65 28.65
C HIS D 555 -53.88 6.46 27.66
N HIS D 556 -52.82 5.88 27.08
CA HIS D 556 -51.95 6.50 26.04
C HIS D 556 -51.62 5.45 24.98
N HIS D 557 -51.97 5.70 23.71
CA HIS D 557 -51.65 4.85 22.52
C HIS D 557 -50.40 5.41 21.80
N HIS D 558 -49.55 4.52 21.28
CA HIS D 558 -48.30 4.95 20.61
C HIS D 558 -48.11 4.14 19.33
N SER E 35 -59.38 -75.08 21.59
CA SER E 35 -58.59 -73.82 21.82
C SER E 35 -57.12 -74.01 21.41
N ASP E 36 -56.30 -74.74 22.17
CA ASP E 36 -54.85 -74.91 21.90
C ASP E 36 -54.72 -75.30 20.42
N ILE E 37 -53.86 -74.67 19.62
CA ILE E 37 -53.76 -74.92 18.15
C ILE E 37 -53.15 -76.29 17.86
N ALA E 38 -52.47 -76.88 18.83
CA ALA E 38 -51.84 -78.22 18.70
C ALA E 38 -52.90 -79.31 18.91
N ASP E 39 -53.66 -79.64 17.86
CA ASP E 39 -54.79 -80.59 17.97
C ASP E 39 -54.65 -81.76 16.98
N GLY E 40 -53.43 -82.14 16.57
CA GLY E 40 -53.18 -83.33 15.73
C GLY E 40 -53.25 -84.60 16.55
N GLN E 41 -53.03 -85.76 15.90
CA GLN E 41 -52.97 -87.10 16.53
C GLN E 41 -51.91 -87.01 17.63
N THR E 42 -52.23 -87.48 18.84
CA THR E 42 -51.27 -87.61 19.99
C THR E 42 -50.26 -88.74 19.73
N GLN E 43 -48.99 -88.55 20.05
CA GLN E 43 -47.90 -89.54 19.84
C GLN E 43 -46.89 -89.45 20.98
N ARG E 44 -46.17 -90.52 21.31
CA ARG E 44 -45.03 -90.38 22.26
C ARG E 44 -43.99 -89.54 21.51
N PHE E 45 -43.25 -88.70 22.24
CA PHE E 45 -42.07 -87.95 21.72
C PHE E 45 -41.17 -87.60 22.89
N ASP E 46 -39.87 -87.85 22.71
CA ASP E 46 -38.77 -87.30 23.55
C ASP E 46 -37.52 -87.21 22.67
N PHE E 47 -36.45 -86.63 23.21
CA PHE E 47 -35.20 -86.42 22.45
C PHE E 47 -34.73 -87.78 21.90
N SER E 48 -34.92 -88.82 22.70
CA SER E 48 -34.55 -90.22 22.37
C SER E 48 -35.28 -90.72 21.10
N ILE E 49 -36.60 -90.65 21.08
CA ILE E 49 -37.40 -90.98 19.87
C ILE E 49 -36.89 -90.16 18.67
N LEU E 50 -36.67 -88.83 18.84
CA LEU E 50 -36.24 -87.95 17.72
C LEU E 50 -34.89 -88.45 17.17
N GLN E 51 -33.98 -88.90 18.03
CA GLN E 51 -32.67 -89.45 17.61
C GLN E 51 -32.90 -90.69 16.72
N SER E 52 -33.77 -91.61 17.17
CA SER E 52 -34.22 -92.76 16.33
C SER E 52 -34.81 -92.25 14.99
N MET E 53 -35.81 -91.37 15.01
CA MET E 53 -36.40 -90.91 13.72
C MET E 53 -35.27 -90.59 12.75
N ALA E 54 -34.30 -89.79 13.26
CA ALA E 54 -33.21 -89.15 12.47
C ALA E 54 -32.22 -90.23 12.02
N HIS E 55 -31.89 -91.18 12.91
CA HIS E 55 -31.02 -92.34 12.56
C HIS E 55 -31.69 -93.15 11.45
N ASP E 56 -32.94 -93.56 11.71
CA ASP E 56 -33.76 -94.39 10.80
C ASP E 56 -33.88 -93.63 9.48
N LEU E 57 -34.06 -92.33 9.55
CA LEU E 57 -34.33 -91.51 8.33
C LEU E 57 -33.11 -91.58 7.41
N ALA E 58 -31.90 -91.57 7.96
CA ALA E 58 -30.61 -91.62 7.23
C ALA E 58 -30.41 -92.97 6.55
N GLN E 59 -30.98 -94.04 7.13
CA GLN E 59 -30.96 -95.41 6.56
C GLN E 59 -31.79 -95.42 5.27
N THR E 60 -32.77 -94.55 5.11
CA THR E 60 -33.63 -94.55 3.88
C THR E 60 -33.14 -93.48 2.88
N ALA E 61 -33.73 -93.43 1.69
CA ALA E 61 -33.30 -92.51 0.61
C ALA E 61 -33.82 -91.13 0.98
N TRP E 62 -33.06 -90.09 0.65
CA TRP E 62 -33.42 -88.69 0.98
C TRP E 62 -34.79 -88.41 0.41
N ARG E 63 -35.62 -87.65 1.12
CA ARG E 63 -36.98 -87.28 0.65
C ARG E 63 -36.91 -86.44 -0.65
N GLY E 64 -35.75 -85.88 -0.96
CA GLY E 64 -35.53 -85.01 -2.14
C GLY E 64 -36.12 -83.62 -2.01
N ALA E 65 -35.86 -82.78 -3.02
CA ALA E 65 -36.32 -81.38 -3.11
C ALA E 65 -37.83 -81.30 -2.88
N PRO E 66 -38.38 -80.16 -2.41
CA PRO E 66 -39.81 -80.06 -2.06
C PRO E 66 -40.75 -80.10 -3.27
N ARG E 67 -41.87 -80.83 -3.15
CA ARG E 67 -43.00 -80.78 -4.13
C ARG E 67 -43.36 -79.32 -4.35
N PRO E 68 -43.74 -78.91 -5.59
CA PRO E 68 -44.05 -77.51 -5.86
C PRO E 68 -45.21 -77.06 -4.95
N LEU E 69 -45.20 -75.82 -4.49
CA LEU E 69 -46.28 -75.27 -3.65
C LEU E 69 -47.60 -75.25 -4.43
N PRO E 70 -48.76 -75.01 -3.79
CA PRO E 70 -49.99 -74.73 -4.51
C PRO E 70 -49.79 -73.52 -5.42
N ASP E 71 -50.55 -73.42 -6.52
CA ASP E 71 -50.39 -72.34 -7.52
C ASP E 71 -50.51 -70.94 -6.88
N THR E 72 -51.52 -70.70 -6.04
CA THR E 72 -51.80 -69.36 -5.48
C THR E 72 -50.56 -68.89 -4.69
N LEU E 73 -49.81 -69.81 -4.07
CA LEU E 73 -48.62 -69.46 -3.25
C LEU E 73 -47.39 -69.38 -4.14
N ALA E 74 -47.34 -70.21 -5.18
CA ALA E 74 -46.16 -70.40 -6.06
C ALA E 74 -45.95 -69.15 -6.91
N THR E 75 -46.98 -68.32 -7.06
CA THR E 75 -47.04 -67.26 -8.10
C THR E 75 -47.36 -65.94 -7.40
N MET E 76 -46.68 -65.67 -6.28
CA MET E 76 -47.01 -64.57 -5.34
C MET E 76 -46.01 -63.42 -5.51
N THR E 77 -46.52 -62.20 -5.65
CA THR E 77 -45.71 -60.96 -5.51
C THR E 77 -45.29 -60.84 -4.06
N PRO E 78 -44.11 -60.27 -3.72
CA PRO E 78 -43.79 -59.99 -2.32
C PRO E 78 -44.96 -59.31 -1.58
N GLN E 79 -45.66 -58.34 -2.18
CA GLN E 79 -46.72 -57.53 -1.49
C GLN E 79 -47.80 -58.49 -0.99
N ALA E 80 -48.24 -59.38 -1.89
CA ALA E 80 -49.18 -60.49 -1.62
C ALA E 80 -48.69 -61.30 -0.41
N TYR E 81 -47.47 -61.88 -0.45
CA TYR E 81 -46.87 -62.63 0.68
C TYR E 81 -46.89 -61.78 1.96
N ASN E 82 -46.49 -60.52 1.82
CA ASN E 82 -46.21 -59.63 2.97
C ASN E 82 -47.52 -59.23 3.63
N SER E 83 -48.65 -59.42 2.96
CA SER E 83 -49.94 -58.99 3.53
C SER E 83 -50.59 -60.18 4.25
N ILE E 84 -50.01 -61.37 4.13
CA ILE E 84 -50.41 -62.56 4.95
C ILE E 84 -49.84 -62.39 6.35
N GLN E 85 -50.67 -62.39 7.39
CA GLN E 85 -50.26 -62.15 8.79
C GLN E 85 -50.78 -63.30 9.64
N TYR E 86 -49.92 -64.00 10.37
CA TYR E 86 -50.34 -65.02 11.37
C TYR E 86 -51.36 -64.35 12.32
N ASP E 87 -52.38 -65.06 12.76
CA ASP E 87 -53.41 -64.48 13.65
C ASP E 87 -52.85 -64.49 15.07
N ALA E 88 -52.55 -63.31 15.62
CA ALA E 88 -51.90 -63.14 16.93
C ALA E 88 -52.69 -63.86 18.03
N GLU E 89 -53.98 -64.10 17.79
CA GLU E 89 -54.91 -64.70 18.78
C GLU E 89 -54.86 -66.25 18.72
N LYS E 90 -54.15 -66.84 17.78
CA LYS E 90 -53.95 -68.30 17.72
C LYS E 90 -52.44 -68.54 17.80
N SER E 91 -51.79 -67.81 18.70
CA SER E 91 -50.34 -67.98 18.97
C SER E 91 -50.14 -69.33 19.64
N LEU E 92 -48.92 -69.84 19.59
CA LEU E 92 -48.57 -71.20 20.06
C LEU E 92 -48.97 -71.38 21.53
N TRP E 93 -48.85 -70.38 22.38
CA TRP E 93 -48.96 -70.58 23.85
C TRP E 93 -50.02 -69.63 24.40
N HIS E 94 -51.02 -69.32 23.55
CA HIS E 94 -52.12 -68.37 23.85
C HIS E 94 -52.88 -68.78 25.12
N ASN E 95 -52.90 -70.06 25.49
CA ASN E 95 -53.68 -70.55 26.66
C ASN E 95 -52.84 -70.56 27.94
N VAL E 96 -51.54 -70.39 27.84
CA VAL E 96 -50.64 -70.48 29.04
C VAL E 96 -50.72 -69.16 29.79
N GLU E 97 -51.24 -69.15 31.01
CA GLU E 97 -51.37 -67.91 31.83
C GLU E 97 -50.02 -67.56 32.45
N ASN E 98 -49.75 -66.26 32.63
CA ASN E 98 -48.47 -65.69 33.14
C ASN E 98 -47.37 -66.02 32.13
N ARG E 99 -47.78 -66.34 30.92
CA ARG E 99 -46.88 -66.59 29.76
C ARG E 99 -45.86 -65.45 29.65
N GLN E 100 -44.56 -65.72 29.59
CA GLN E 100 -43.54 -64.64 29.42
C GLN E 100 -42.91 -64.71 28.02
N LEU E 101 -43.33 -65.68 27.22
CA LEU E 101 -42.86 -65.91 25.84
C LEU E 101 -44.07 -66.37 25.03
N ASP E 102 -44.11 -66.08 23.75
CA ASP E 102 -45.12 -66.71 22.87
C ASP E 102 -44.48 -66.84 21.48
N ALA E 103 -45.19 -67.42 20.52
CA ALA E 103 -44.63 -67.79 19.21
C ALA E 103 -45.67 -67.66 18.11
N GLN E 104 -45.20 -67.41 16.90
CA GLN E 104 -46.05 -67.38 15.71
C GLN E 104 -45.28 -68.04 14.56
N PHE E 105 -46.00 -68.44 13.54
CA PHE E 105 -45.45 -69.20 12.39
C PHE E 105 -45.45 -68.26 11.20
N PHE E 106 -44.46 -68.44 10.32
CA PHE E 106 -44.36 -67.77 9.01
C PHE E 106 -45.08 -68.61 7.94
N HIS E 107 -45.77 -67.96 7.01
CA HIS E 107 -46.53 -68.65 5.93
C HIS E 107 -45.57 -69.21 4.88
N MET E 108 -45.90 -70.37 4.31
CA MET E 108 -45.16 -70.90 3.13
C MET E 108 -45.31 -69.88 1.99
N GLY E 109 -44.30 -69.78 1.13
CA GLY E 109 -44.26 -68.83 -0.01
C GLY E 109 -42.87 -68.24 -0.23
N MET E 110 -42.69 -67.49 -1.33
CA MET E 110 -41.40 -66.81 -1.66
C MET E 110 -40.30 -67.87 -1.68
N GLY E 111 -39.15 -67.61 -1.04
CA GLY E 111 -38.03 -68.55 -1.01
C GLY E 111 -38.29 -69.75 -0.12
N PHE E 112 -39.35 -69.75 0.68
CA PHE E 112 -39.62 -70.87 1.62
C PHE E 112 -40.38 -71.96 0.86
N ARG E 113 -39.66 -73.00 0.46
CA ARG E 113 -40.24 -74.07 -0.40
C ARG E 113 -40.35 -75.38 0.37
N ARG E 114 -39.68 -75.50 1.51
CA ARG E 114 -39.72 -76.71 2.37
C ARG E 114 -40.82 -76.51 3.40
N ARG E 115 -41.72 -77.50 3.45
CA ARG E 115 -42.84 -77.56 4.42
C ARG E 115 -42.30 -78.03 5.77
N VAL E 116 -42.21 -77.11 6.71
CA VAL E 116 -41.68 -77.43 8.06
C VAL E 116 -42.88 -77.76 8.92
N ARG E 117 -42.96 -79.01 9.34
CA ARG E 117 -44.03 -79.45 10.26
C ARG E 117 -43.74 -78.85 11.64
N MET E 118 -44.78 -78.53 12.39
CA MET E 118 -44.67 -77.92 13.74
C MET E 118 -45.51 -78.72 14.74
N PHE E 119 -44.94 -79.10 15.88
CA PHE E 119 -45.65 -79.90 16.92
C PHE E 119 -45.54 -79.19 18.26
N SER E 120 -46.44 -79.49 19.19
CA SER E 120 -46.35 -78.96 20.58
C SER E 120 -46.24 -80.15 21.53
N VAL E 121 -45.22 -80.20 22.37
CA VAL E 121 -45.02 -81.33 23.33
C VAL E 121 -45.49 -80.89 24.72
N ASP E 122 -46.25 -81.75 25.40
CA ASP E 122 -46.46 -81.71 26.87
C ASP E 122 -45.30 -82.43 27.54
N PRO E 123 -44.37 -81.70 28.21
CA PRO E 123 -43.15 -82.31 28.71
C PRO E 123 -43.48 -83.21 29.92
N ALA E 124 -44.59 -82.95 30.63
CA ALA E 124 -45.12 -83.75 31.75
C ALA E 124 -45.41 -85.20 31.30
N THR E 125 -45.98 -85.38 30.12
CA THR E 125 -46.54 -86.67 29.63
C THR E 125 -45.75 -87.22 28.45
N HIS E 126 -44.74 -86.51 27.93
CA HIS E 126 -43.94 -86.95 26.75
C HIS E 126 -44.85 -87.23 25.55
N LEU E 127 -45.89 -86.42 25.37
CA LEU E 127 -46.94 -86.58 24.35
C LEU E 127 -46.98 -85.33 23.48
N ALA E 128 -46.85 -85.52 22.18
CA ALA E 128 -46.70 -84.46 21.16
C ALA E 128 -47.91 -84.47 20.21
N ARG E 129 -48.48 -83.30 19.94
CA ARG E 129 -49.61 -83.16 18.99
C ARG E 129 -49.21 -82.18 17.87
N GLU E 130 -49.48 -82.54 16.60
CA GLU E 130 -49.10 -81.71 15.43
C GLU E 130 -49.99 -80.47 15.33
N ILE E 131 -49.37 -79.33 15.09
CA ILE E 131 -50.07 -78.13 14.60
C ILE E 131 -50.15 -78.28 13.09
N HIS E 132 -51.27 -78.74 12.53
CA HIS E 132 -51.38 -78.86 11.06
C HIS E 132 -51.62 -77.47 10.49
N PHE E 133 -50.99 -77.14 9.36
CA PHE E 133 -51.35 -75.91 8.60
C PHE E 133 -52.85 -75.89 8.36
N ARG E 134 -53.39 -74.68 8.28
CA ARG E 134 -54.80 -74.37 7.90
C ARG E 134 -54.96 -72.86 7.78
N PRO E 135 -55.80 -72.32 6.87
CA PRO E 135 -55.84 -70.87 6.62
C PRO E 135 -56.44 -70.07 7.80
N GLU E 136 -57.19 -70.73 8.67
CA GLU E 136 -57.79 -70.10 9.89
C GLU E 136 -56.67 -69.55 10.77
N LEU E 137 -55.47 -70.16 10.73
CA LEU E 137 -54.29 -69.72 11.55
C LEU E 137 -53.75 -68.39 11.06
N PHE E 138 -54.09 -67.97 9.83
CA PHE E 138 -53.61 -66.68 9.27
C PHE E 138 -54.77 -65.75 8.89
N LYS E 139 -54.45 -64.47 8.78
CA LYS E 139 -55.31 -63.40 8.21
C LYS E 139 -54.70 -63.02 6.85
N TYR E 140 -55.25 -63.52 5.76
CA TYR E 140 -54.79 -63.11 4.42
C TYR E 140 -55.57 -61.85 4.09
N ASN E 141 -54.89 -60.76 3.83
CA ASN E 141 -55.64 -59.49 3.67
C ASN E 141 -55.77 -59.15 2.20
N ASP E 142 -55.28 -57.98 1.80
CA ASP E 142 -55.35 -57.56 0.37
C ASP E 142 -54.68 -58.63 -0.48
N ALA E 143 -54.04 -59.58 0.17
CA ALA E 143 -53.43 -60.71 -0.58
C ALA E 143 -54.49 -61.33 -1.48
N GLY E 144 -54.15 -61.60 -2.73
CA GLY E 144 -55.08 -62.27 -3.64
C GLY E 144 -54.77 -63.74 -3.63
N VAL E 145 -54.91 -64.37 -2.46
CA VAL E 145 -54.59 -65.80 -2.31
C VAL E 145 -55.92 -66.55 -2.27
N ASP E 146 -56.04 -67.62 -3.04
CA ASP E 146 -57.33 -68.35 -3.11
C ASP E 146 -57.80 -68.70 -1.72
N THR E 147 -56.92 -69.21 -0.86
CA THR E 147 -57.32 -69.65 0.50
C THR E 147 -58.33 -70.78 0.39
N LYS E 148 -58.79 -71.06 -0.82
CA LYS E 148 -59.71 -72.20 -1.04
C LYS E 148 -58.90 -73.34 -1.61
N GLN E 149 -57.74 -73.02 -2.18
CA GLN E 149 -56.84 -74.06 -2.72
C GLN E 149 -55.84 -74.45 -1.62
N LEU E 150 -55.89 -73.79 -0.48
CA LEU E 150 -54.99 -74.14 0.65
C LEU E 150 -55.83 -74.78 1.75
N GLU E 151 -57.04 -75.21 1.43
CA GLU E 151 -57.97 -75.69 2.48
C GLU E 151 -57.63 -77.10 2.90
N GLY E 152 -57.68 -78.05 1.97
CA GLY E 152 -57.46 -79.45 2.36
C GLY E 152 -56.02 -79.73 2.77
N GLN E 153 -55.17 -78.70 2.70
CA GLN E 153 -53.70 -78.77 2.47
C GLN E 153 -52.96 -78.84 3.83
N SER E 154 -53.26 -79.85 4.64
CA SER E 154 -52.83 -79.94 6.07
C SER E 154 -51.37 -80.36 6.21
N ASP E 155 -50.66 -80.58 5.09
CA ASP E 155 -49.26 -81.09 5.09
C ASP E 155 -48.34 -79.95 4.63
N LEU E 156 -48.89 -78.75 4.53
CA LEU E 156 -48.21 -77.56 3.97
C LEU E 156 -47.25 -77.01 5.00
N GLY E 157 -47.62 -77.17 6.27
CA GLY E 157 -46.88 -76.61 7.41
C GLY E 157 -46.56 -75.15 7.20
N PHE E 158 -45.36 -74.75 7.66
CA PHE E 158 -44.98 -73.34 7.84
C PHE E 158 -43.57 -73.18 7.31
N ALA E 159 -43.12 -71.95 7.10
CA ALA E 159 -41.73 -71.67 6.67
C ALA E 159 -40.80 -71.66 7.88
N GLY E 160 -41.34 -71.35 9.04
CA GLY E 160 -40.50 -71.23 10.23
C GLY E 160 -41.35 -70.70 11.34
N PHE E 161 -40.71 -70.22 12.40
CA PHE E 161 -41.40 -69.62 13.55
C PHE E 161 -40.57 -68.47 14.11
N ARG E 162 -41.21 -67.67 14.95
CA ARG E 162 -40.50 -66.63 15.75
C ARG E 162 -41.14 -66.56 17.12
N VAL E 163 -40.32 -66.23 18.12
CA VAL E 163 -40.69 -66.20 19.55
C VAL E 163 -40.66 -64.75 20.01
N PHE E 164 -41.62 -64.36 20.84
CA PHE E 164 -41.70 -62.99 21.38
C PHE E 164 -41.58 -63.09 22.90
N LYS E 165 -41.25 -61.98 23.55
CA LYS E 165 -41.03 -61.97 25.01
C LYS E 165 -41.67 -60.71 25.57
N ALA E 166 -42.21 -60.80 26.79
CA ALA E 166 -42.88 -59.65 27.42
C ALA E 166 -41.87 -58.51 27.60
N PRO E 167 -42.29 -57.24 27.64
CA PRO E 167 -43.72 -56.86 27.66
C PRO E 167 -44.49 -57.01 26.34
N GLU E 168 -43.79 -57.22 25.23
CA GLU E 168 -44.42 -57.31 23.90
C GLU E 168 -44.39 -58.77 23.40
N LEU E 169 -45.52 -59.47 23.42
CA LEU E 169 -45.58 -60.92 23.09
C LEU E 169 -46.12 -61.14 21.68
N ALA E 170 -46.47 -60.08 20.95
CA ALA E 170 -46.86 -60.26 19.54
C ALA E 170 -46.27 -59.19 18.65
N ARG E 171 -45.12 -58.58 19.00
CA ARG E 171 -44.61 -57.44 18.21
C ARG E 171 -43.09 -57.54 18.03
N ARG E 172 -42.25 -57.52 19.07
CA ARG E 172 -40.81 -57.46 18.68
C ARG E 172 -40.17 -58.81 18.91
N ASP E 173 -40.03 -59.61 17.85
CA ASP E 173 -39.59 -61.02 17.99
C ASP E 173 -38.11 -61.02 18.37
N VAL E 174 -37.72 -61.94 19.27
CA VAL E 174 -36.33 -62.06 19.80
C VAL E 174 -35.63 -63.30 19.20
N VAL E 175 -36.39 -64.30 18.80
CA VAL E 175 -35.80 -65.51 18.16
C VAL E 175 -36.56 -65.78 16.86
N SER E 176 -35.86 -66.26 15.85
CA SER E 176 -36.47 -66.46 14.51
C SER E 176 -35.71 -67.58 13.80
N PHE E 177 -36.33 -68.75 13.66
CA PHE E 177 -35.88 -69.85 12.77
C PHE E 177 -36.68 -69.75 11.47
N LEU E 178 -36.03 -69.41 10.37
CA LEU E 178 -36.71 -69.30 9.06
C LEU E 178 -35.67 -69.35 7.95
N GLY E 179 -35.68 -70.41 7.15
CA GLY E 179 -34.75 -70.56 6.04
C GLY E 179 -33.81 -71.74 6.21
N ALA E 180 -34.10 -72.85 5.58
CA ALA E 180 -33.23 -74.05 5.62
C ALA E 180 -32.95 -74.46 7.06
N SER E 181 -31.68 -74.41 7.47
CA SER E 181 -31.25 -74.73 8.85
C SER E 181 -30.89 -73.42 9.51
N TYR E 182 -31.34 -72.30 8.96
CA TYR E 182 -30.91 -70.96 9.40
C TYR E 182 -31.78 -70.40 10.51
N PHE E 183 -31.17 -69.87 11.55
CA PHE E 183 -31.90 -69.13 12.63
C PHE E 183 -31.10 -67.89 13.03
N ARG E 184 -31.75 -67.05 13.84
CA ARG E 184 -31.14 -65.79 14.32
C ARG E 184 -31.78 -65.33 15.63
N ALA E 185 -31.08 -64.53 16.44
CA ALA E 185 -31.65 -63.87 17.62
C ALA E 185 -31.04 -62.47 17.81
N VAL E 186 -31.49 -61.81 18.89
CA VAL E 186 -31.21 -60.39 19.24
C VAL E 186 -30.96 -60.26 20.76
N ASP E 187 -30.11 -59.28 21.10
CA ASP E 187 -29.94 -58.82 22.50
C ASP E 187 -30.91 -57.67 22.78
N ASP E 188 -30.65 -56.89 23.84
CA ASP E 188 -31.59 -55.86 24.34
C ASP E 188 -31.73 -54.68 23.36
N THR E 189 -31.03 -54.70 22.22
CA THR E 189 -31.22 -53.68 21.13
C THR E 189 -32.38 -54.08 20.23
N TYR E 190 -32.72 -55.38 20.20
CA TYR E 190 -33.87 -55.99 19.46
C TYR E 190 -33.62 -56.01 17.95
N GLN E 191 -32.46 -55.56 17.47
CA GLN E 191 -32.09 -55.52 16.04
C GLN E 191 -31.43 -56.84 15.61
N TYR E 192 -32.02 -57.48 14.61
CA TYR E 192 -31.52 -58.75 14.01
C TYR E 192 -30.29 -58.40 13.17
N GLY E 193 -29.32 -59.30 13.18
CA GLY E 193 -28.13 -59.13 12.33
C GLY E 193 -27.67 -60.45 11.77
N LEU E 194 -26.53 -60.90 12.29
CA LEU E 194 -25.89 -62.14 11.82
C LEU E 194 -26.76 -63.37 12.04
N SER E 195 -26.43 -64.43 11.34
CA SER E 195 -27.20 -65.70 11.36
C SER E 195 -26.34 -66.86 11.89
N ALA E 196 -27.03 -67.85 12.43
CA ALA E 196 -26.42 -69.17 12.73
C ALA E 196 -27.10 -70.17 11.80
N ARG E 197 -26.62 -71.41 11.80
CA ARG E 197 -27.29 -72.54 11.08
C ARG E 197 -27.18 -73.81 11.92
N GLY E 198 -28.01 -74.80 11.60
CA GLY E 198 -27.93 -76.12 12.26
C GLY E 198 -26.65 -76.80 11.84
N LEU E 199 -26.33 -76.63 10.56
CA LEU E 199 -25.21 -77.33 9.88
C LEU E 199 -24.93 -76.65 8.56
N ALA E 200 -23.70 -76.82 8.09
CA ALA E 200 -23.25 -76.41 6.73
C ALA E 200 -22.58 -77.63 6.09
N ILE E 201 -22.78 -77.78 4.78
CA ILE E 201 -22.22 -78.93 4.00
C ILE E 201 -21.62 -78.37 2.73
N ASP E 202 -20.35 -78.64 2.47
CA ASP E 202 -19.72 -78.36 1.16
C ASP E 202 -19.81 -76.84 0.88
N THR E 203 -19.57 -76.02 1.88
CA THR E 203 -19.63 -74.52 1.73
C THR E 203 -18.57 -74.06 0.72
N TYR E 204 -17.37 -74.63 0.77
CA TYR E 204 -16.22 -74.29 -0.10
C TYR E 204 -15.53 -75.59 -0.55
N THR E 205 -15.78 -76.07 -1.77
CA THR E 205 -15.23 -77.36 -2.30
C THR E 205 -15.34 -77.43 -3.82
N ASP E 206 -15.02 -78.61 -4.40
CA ASP E 206 -15.12 -78.90 -5.87
C ASP E 206 -16.58 -78.71 -6.33
N SER E 207 -17.55 -78.89 -5.43
CA SER E 207 -19.00 -79.04 -5.78
C SER E 207 -19.80 -77.83 -5.29
N LYS E 208 -21.09 -77.79 -5.56
CA LYS E 208 -21.99 -76.74 -5.05
C LYS E 208 -22.32 -77.04 -3.57
N GLU E 209 -22.70 -76.03 -2.79
CA GLU E 209 -22.99 -76.16 -1.34
C GLU E 209 -24.34 -76.86 -1.18
N GLU E 210 -24.46 -77.77 -0.22
CA GLU E 210 -25.75 -78.40 0.14
C GLU E 210 -26.29 -77.68 1.37
N PHE E 211 -27.56 -77.26 1.31
CA PHE E 211 -28.24 -76.53 2.39
C PHE E 211 -29.20 -77.49 3.08
N PRO E 212 -28.77 -78.12 4.19
CA PRO E 212 -29.68 -78.90 5.02
C PRO E 212 -30.90 -78.04 5.37
N ASP E 213 -32.03 -78.68 5.61
CA ASP E 213 -33.30 -78.01 6.02
C ASP E 213 -33.69 -78.53 7.40
N PHE E 214 -34.19 -77.67 8.28
CA PHE E 214 -34.95 -78.12 9.47
C PHE E 214 -36.33 -78.46 8.92
N THR E 215 -36.74 -79.74 9.00
CA THR E 215 -37.99 -80.23 8.35
C THR E 215 -39.12 -80.29 9.38
N ALA E 216 -38.81 -80.14 10.66
CA ALA E 216 -39.83 -80.17 11.71
C ALA E 216 -39.27 -79.63 12.99
N PHE E 217 -40.15 -79.08 13.82
CA PHE E 217 -39.81 -78.49 15.13
C PHE E 217 -40.86 -78.96 16.15
N TRP E 218 -40.40 -79.44 17.30
CA TRP E 218 -41.28 -79.84 18.43
C TRP E 218 -41.06 -78.84 19.55
N PHE E 219 -42.13 -78.24 20.07
CA PHE E 219 -42.07 -77.13 21.04
C PHE E 219 -42.67 -77.55 22.38
N ASP E 220 -41.84 -77.71 23.41
CA ASP E 220 -42.35 -77.97 24.78
C ASP E 220 -43.21 -76.78 25.18
N THR E 221 -44.39 -77.03 25.79
CA THR E 221 -45.29 -75.94 26.23
C THR E 221 -44.56 -75.09 27.26
N VAL E 222 -44.55 -73.78 27.07
CA VAL E 222 -43.81 -72.86 27.96
C VAL E 222 -44.46 -72.92 29.34
N LYS E 223 -43.62 -72.85 30.37
CA LYS E 223 -44.10 -72.81 31.77
C LYS E 223 -44.51 -71.37 32.09
N PRO E 224 -45.52 -71.20 32.97
CA PRO E 224 -45.93 -69.86 33.40
C PRO E 224 -44.77 -69.15 34.07
N GLY E 225 -44.44 -67.93 33.62
CA GLY E 225 -43.43 -67.08 34.25
C GLY E 225 -42.05 -67.35 33.71
N ALA E 226 -41.88 -68.34 32.82
CA ALA E 226 -40.56 -68.77 32.35
C ALA E 226 -40.14 -67.96 31.12
N THR E 227 -38.85 -67.67 31.02
CA THR E 227 -38.22 -66.98 29.87
C THR E 227 -37.29 -67.99 29.18
N THR E 228 -37.41 -69.27 29.53
CA THR E 228 -36.69 -70.35 28.82
C THR E 228 -37.74 -71.23 28.11
N PHE E 229 -37.46 -71.62 26.87
CA PHE E 229 -38.31 -72.58 26.13
C PHE E 229 -37.41 -73.65 25.52
N THR E 230 -37.93 -74.85 25.31
CA THR E 230 -37.16 -75.91 24.62
C THR E 230 -37.82 -76.21 23.28
N VAL E 231 -37.05 -76.19 22.20
CA VAL E 231 -37.55 -76.60 20.86
C VAL E 231 -36.63 -77.72 20.35
N TYR E 232 -37.22 -78.85 19.92
CA TYR E 232 -36.49 -79.92 19.22
C TYR E 232 -36.61 -79.70 17.70
N ALA E 233 -35.68 -80.26 16.94
CA ALA E 233 -35.66 -80.03 15.47
C ALA E 233 -35.13 -81.26 14.73
N LEU E 234 -35.70 -81.52 13.56
CA LEU E 234 -35.20 -82.58 12.66
C LEU E 234 -34.50 -81.91 11.48
N LEU E 235 -33.24 -82.27 11.22
CA LEU E 235 -32.48 -81.77 10.05
C LEU E 235 -32.52 -82.89 9.02
N ASP E 236 -32.76 -82.57 7.75
CA ASP E 236 -32.78 -83.57 6.65
C ASP E 236 -32.12 -82.93 5.44
N SER E 237 -31.02 -83.52 4.99
CA SER E 237 -30.34 -83.09 3.76
C SER E 237 -30.03 -84.35 2.97
N ALA E 238 -29.53 -84.18 1.74
CA ALA E 238 -29.24 -85.31 0.84
C ALA E 238 -28.16 -86.18 1.46
N SER E 239 -27.20 -85.60 2.18
CA SER E 239 -26.05 -86.36 2.68
C SER E 239 -26.16 -86.61 4.18
N ILE E 240 -27.09 -85.97 4.88
CA ILE E 240 -27.03 -86.02 6.38
C ILE E 240 -28.42 -85.81 6.97
N THR E 241 -28.70 -86.48 8.08
CA THR E 241 -29.90 -86.22 8.89
C THR E 241 -29.37 -85.81 10.25
N GLY E 242 -30.22 -85.18 11.08
CA GLY E 242 -29.77 -84.75 12.41
C GLY E 242 -30.91 -84.63 13.38
N ALA E 243 -30.61 -84.86 14.65
CA ALA E 243 -31.55 -84.62 15.76
C ALA E 243 -31.01 -83.48 16.63
N TYR E 244 -31.78 -82.41 16.80
CA TYR E 244 -31.33 -81.20 17.54
C TYR E 244 -32.29 -80.90 18.70
N LYS E 245 -31.72 -80.42 19.80
CA LYS E 245 -32.49 -79.88 20.96
C LYS E 245 -31.92 -78.50 21.31
N PHE E 246 -32.76 -77.48 21.26
CA PHE E 246 -32.35 -76.12 21.65
C PHE E 246 -33.08 -75.78 22.95
N THR E 247 -32.33 -75.50 24.01
CA THR E 247 -32.89 -74.92 25.26
C THR E 247 -32.55 -73.43 25.19
N ILE E 248 -33.54 -72.60 24.90
CA ILE E 248 -33.29 -71.18 24.51
C ILE E 248 -33.68 -70.31 25.70
N HIS E 249 -32.70 -69.60 26.25
CA HIS E 249 -32.86 -68.70 27.43
C HIS E 249 -32.94 -67.27 26.96
N CYS E 250 -34.11 -66.68 27.01
CA CYS E 250 -34.33 -65.27 26.59
C CYS E 250 -34.11 -64.40 27.83
N GLU E 251 -32.87 -63.98 28.04
CA GLU E 251 -32.44 -63.29 29.27
C GLU E 251 -32.66 -61.80 29.07
N LYS E 252 -32.39 -61.01 30.10
CA LYS E 252 -32.63 -59.54 30.09
C LYS E 252 -31.77 -58.87 29.01
N SER E 253 -30.51 -59.23 28.88
CA SER E 253 -29.57 -58.51 27.98
C SER E 253 -29.17 -59.36 26.76
N GLN E 254 -29.55 -60.63 26.71
CA GLN E 254 -29.05 -61.54 25.64
C GLN E 254 -29.98 -62.74 25.49
N VAL E 255 -29.83 -63.45 24.39
CA VAL E 255 -30.43 -64.81 24.21
C VAL E 255 -29.26 -65.78 24.26
N ILE E 256 -29.30 -66.74 25.19
CA ILE E 256 -28.31 -67.86 25.27
C ILE E 256 -29.03 -69.14 24.83
N MET E 257 -28.58 -69.73 23.73
CA MET E 257 -29.14 -71.00 23.20
C MET E 257 -28.18 -72.14 23.55
N ASP E 258 -28.61 -73.06 24.39
CA ASP E 258 -27.85 -74.31 24.67
C ASP E 258 -28.25 -75.32 23.60
N VAL E 259 -27.30 -75.83 22.81
CA VAL E 259 -27.61 -76.72 21.66
C VAL E 259 -27.01 -78.11 21.89
N GLU E 260 -27.83 -79.15 21.75
CA GLU E 260 -27.36 -80.56 21.69
C GLU E 260 -27.76 -81.10 20.30
N ASN E 261 -26.82 -81.65 19.54
CA ASN E 261 -27.13 -82.20 18.19
C ASN E 261 -26.59 -83.64 18.09
N HIS E 262 -27.29 -84.47 17.34
CA HIS E 262 -26.90 -85.86 16.96
C HIS E 262 -27.01 -86.00 15.45
N LEU E 263 -25.90 -86.17 14.76
CA LEU E 263 -25.86 -86.17 13.28
C LEU E 263 -25.55 -87.57 12.74
N TYR E 264 -26.14 -87.90 11.59
CA TYR E 264 -26.07 -89.25 10.94
C TYR E 264 -25.81 -89.07 9.44
N ALA E 265 -24.61 -89.47 8.99
CA ALA E 265 -24.22 -89.30 7.58
C ALA E 265 -24.83 -90.43 6.75
N ARG E 266 -25.53 -90.06 5.66
CA ARG E 266 -26.10 -91.01 4.67
C ARG E 266 -25.03 -91.33 3.63
N LYS E 267 -24.22 -90.33 3.32
CA LYS E 267 -23.22 -90.38 2.22
C LYS E 267 -21.90 -89.82 2.76
N ASP E 268 -20.89 -89.83 1.91
CA ASP E 268 -19.57 -89.22 2.21
C ASP E 268 -19.71 -87.72 1.99
N ILE E 269 -19.09 -86.91 2.85
CA ILE E 269 -19.22 -85.44 2.78
C ILE E 269 -17.82 -84.86 2.63
N LYS E 270 -17.63 -84.01 1.60
CA LYS E 270 -16.34 -83.33 1.38
C LYS E 270 -16.06 -82.35 2.53
N GLN E 271 -17.10 -81.66 3.03
CA GLN E 271 -16.91 -80.63 4.09
C GLN E 271 -18.15 -80.56 5.00
N LEU E 272 -17.96 -81.00 6.25
CA LEU E 272 -18.96 -80.94 7.35
C LEU E 272 -18.63 -79.72 8.22
N GLY E 273 -19.54 -78.74 8.30
CA GLY E 273 -19.40 -77.54 9.15
C GLY E 273 -20.28 -77.60 10.39
N ILE E 274 -19.70 -77.74 11.58
CA ILE E 274 -20.44 -77.72 12.88
C ILE E 274 -20.64 -76.26 13.33
N ALA E 275 -21.79 -75.98 13.96
CA ALA E 275 -22.11 -74.69 14.64
C ALA E 275 -21.79 -73.49 13.73
N PRO E 276 -22.14 -73.56 12.43
CA PRO E 276 -21.88 -72.44 11.53
C PRO E 276 -22.56 -71.13 11.92
N MET E 277 -21.95 -70.07 11.39
CA MET E 277 -22.40 -68.68 11.45
C MET E 277 -22.30 -68.12 10.04
N THR E 278 -23.19 -67.19 9.75
CA THR E 278 -23.22 -66.43 8.47
C THR E 278 -23.44 -64.96 8.82
N SER E 279 -22.51 -64.10 8.38
CA SER E 279 -22.55 -62.64 8.62
C SER E 279 -22.25 -61.94 7.30
N MET E 280 -21.96 -60.65 7.41
CA MET E 280 -21.68 -59.80 6.23
C MET E 280 -20.61 -58.79 6.59
N PHE E 281 -19.70 -58.53 5.65
CA PHE E 281 -18.66 -57.49 5.81
C PHE E 281 -18.41 -56.85 4.44
N SER E 282 -18.74 -55.58 4.30
CA SER E 282 -18.63 -54.84 3.01
C SER E 282 -17.51 -53.80 3.12
N CYS E 283 -17.56 -52.97 4.16
CA CYS E 283 -16.62 -51.85 4.39
C CYS E 283 -16.37 -51.68 5.89
N GLY E 284 -15.11 -51.90 6.32
CA GLY E 284 -14.65 -51.65 7.70
C GLY E 284 -13.55 -50.59 7.73
N THR E 285 -12.68 -50.66 8.72
CA THR E 285 -11.53 -49.74 8.89
C THR E 285 -10.33 -50.26 8.08
N ASN E 286 -10.34 -51.56 7.75
CA ASN E 286 -9.22 -52.33 7.13
C ASN E 286 -9.45 -52.55 5.63
N GLU E 287 -8.51 -52.06 4.83
CA GLU E 287 -8.39 -52.28 3.36
C GLU E 287 -9.73 -51.89 2.75
N ARG E 288 -10.01 -50.59 2.86
CA ARG E 288 -11.32 -50.02 2.52
C ARG E 288 -11.46 -49.95 1.01
N ARG E 289 -11.62 -51.09 0.32
CA ARG E 289 -11.73 -51.12 -1.18
C ARG E 289 -13.19 -50.92 -1.66
N MET E 290 -14.19 -51.10 -0.81
CA MET E 290 -15.61 -51.09 -1.23
C MET E 290 -16.41 -50.14 -0.33
N CYS E 291 -15.99 -48.88 -0.26
CA CYS E 291 -16.48 -47.91 0.75
C CYS E 291 -17.05 -46.67 0.05
N ASP E 292 -17.59 -46.83 -1.14
CA ASP E 292 -18.07 -45.66 -1.91
C ASP E 292 -19.59 -45.46 -1.71
N THR E 293 -20.06 -45.50 -0.45
CA THR E 293 -21.48 -45.22 -0.05
C THR E 293 -21.46 -44.05 0.94
N ILE E 294 -22.61 -43.61 1.42
CA ILE E 294 -22.73 -42.51 2.43
C ILE E 294 -22.39 -43.04 3.82
N HIS E 295 -22.13 -44.33 3.91
CA HIS E 295 -21.84 -45.04 5.19
C HIS E 295 -20.33 -45.19 5.38
N PRO E 296 -19.77 -44.59 6.45
CA PRO E 296 -18.35 -44.80 6.73
C PRO E 296 -18.02 -46.31 6.78
N GLN E 297 -18.94 -47.12 7.33
CA GLN E 297 -18.77 -48.60 7.51
C GLN E 297 -20.11 -49.32 7.25
N ILE E 298 -20.00 -50.54 6.74
CA ILE E 298 -21.13 -51.46 6.42
C ILE E 298 -20.66 -52.87 6.76
N HIS E 299 -21.23 -53.47 7.80
CA HIS E 299 -20.92 -54.86 8.26
C HIS E 299 -21.89 -55.27 9.37
N ASP E 300 -22.22 -56.57 9.41
CA ASP E 300 -23.00 -57.23 10.50
C ASP E 300 -22.08 -57.73 11.61
N SER E 301 -20.80 -57.86 11.27
CA SER E 301 -19.68 -58.40 12.08
C SER E 301 -18.38 -57.77 11.55
N ASP E 302 -17.34 -57.69 12.37
CA ASP E 302 -16.07 -57.05 11.94
C ASP E 302 -14.91 -58.00 12.15
N ARG E 303 -15.11 -59.08 12.91
CA ARG E 303 -13.95 -59.90 13.25
C ARG E 303 -14.31 -61.33 13.64
N LEU E 304 -13.36 -62.24 13.52
CA LEU E 304 -13.54 -63.61 14.06
C LEU E 304 -12.68 -63.69 15.31
N SER E 305 -13.28 -64.00 16.46
CA SER E 305 -12.50 -64.18 17.69
C SER E 305 -12.39 -65.67 17.97
N MET E 306 -11.20 -66.10 18.34
CA MET E 306 -10.99 -67.53 18.65
C MET E 306 -10.29 -67.65 20.01
N TRP E 307 -10.90 -68.39 20.92
CA TRP E 307 -10.24 -68.94 22.13
C TRP E 307 -9.78 -70.34 21.74
N ARG E 308 -8.47 -70.61 21.79
CA ARG E 308 -7.90 -71.89 21.30
C ARG E 308 -7.81 -72.89 22.47
N GLY E 309 -7.55 -74.16 22.16
CA GLY E 309 -7.49 -75.25 23.17
C GLY E 309 -6.35 -75.00 24.14
N ASN E 310 -5.26 -74.40 23.64
CA ASN E 310 -4.05 -74.13 24.46
C ASN E 310 -4.20 -72.87 25.32
N GLY E 311 -5.29 -72.09 25.18
CA GLY E 311 -5.55 -70.84 25.94
C GLY E 311 -5.37 -69.55 25.14
N GLU E 312 -4.67 -69.61 23.99
CA GLU E 312 -4.33 -68.45 23.14
C GLU E 312 -5.60 -67.77 22.62
N TRP E 313 -5.61 -66.45 22.51
CA TRP E 313 -6.74 -65.67 21.96
C TRP E 313 -6.34 -65.08 20.63
N ILE E 314 -7.23 -65.06 19.65
CA ILE E 314 -6.90 -64.55 18.30
C ILE E 314 -8.00 -63.61 17.84
N CYS E 315 -7.59 -62.45 17.33
CA CYS E 315 -8.47 -61.46 16.67
C CYS E 315 -8.15 -61.48 15.18
N ARG E 316 -9.10 -61.88 14.34
CA ARG E 316 -8.88 -61.94 12.88
C ARG E 316 -9.88 -60.98 12.26
N PRO E 317 -9.50 -59.70 12.05
CA PRO E 317 -10.37 -58.77 11.32
C PRO E 317 -10.79 -59.42 10.00
N LEU E 318 -12.09 -59.37 9.70
CA LEU E 318 -12.73 -59.89 8.46
C LEU E 318 -12.34 -58.98 7.29
N ASN E 319 -12.20 -59.54 6.09
CA ASN E 319 -11.90 -58.73 4.89
C ASN E 319 -13.12 -58.81 3.96
N ASN E 320 -13.26 -57.85 3.06
CA ASN E 320 -14.08 -57.94 1.82
C ASN E 320 -13.08 -58.01 0.66
N PRO E 321 -12.54 -59.21 0.36
CA PRO E 321 -11.43 -59.37 -0.59
C PRO E 321 -11.94 -59.36 -2.03
N GLN E 322 -11.09 -59.08 -3.04
CA GLN E 322 -11.59 -58.98 -4.43
C GLN E 322 -11.67 -60.40 -5.01
N LYS E 323 -11.09 -61.39 -4.33
CA LYS E 323 -11.11 -62.82 -4.75
C LYS E 323 -11.55 -63.70 -3.58
N LEU E 324 -12.37 -64.71 -3.87
CA LEU E 324 -12.91 -65.61 -2.83
C LEU E 324 -11.73 -66.29 -2.14
N GLN E 325 -11.75 -66.19 -0.81
CA GLN E 325 -10.76 -66.76 0.14
C GLN E 325 -11.45 -67.76 1.07
N PHE E 326 -10.72 -68.82 1.43
CA PHE E 326 -11.09 -69.73 2.53
C PHE E 326 -9.87 -69.85 3.45
N ASN E 327 -10.09 -69.82 4.76
CA ASN E 327 -9.03 -69.93 5.77
C ASN E 327 -9.44 -71.01 6.77
N ALA E 328 -8.50 -71.88 7.09
CA ALA E 328 -8.70 -72.97 8.06
C ALA E 328 -7.70 -72.79 9.22
N TYR E 329 -8.20 -72.42 10.40
CA TYR E 329 -7.36 -72.19 11.61
C TYR E 329 -7.28 -73.51 12.38
N THR E 330 -6.13 -74.17 12.35
CA THR E 330 -5.97 -75.47 13.07
C THR E 330 -6.21 -75.26 14.56
N ASP E 331 -6.90 -76.17 15.22
CA ASP E 331 -7.09 -76.08 16.69
C ASP E 331 -7.44 -77.47 17.22
N ASN E 332 -7.54 -77.57 18.53
CA ASN E 332 -7.71 -78.85 19.22
C ASN E 332 -8.43 -78.58 20.53
N ASN E 333 -9.69 -79.00 20.59
CA ASN E 333 -10.61 -78.72 21.73
C ASN E 333 -10.80 -77.22 21.87
N PRO E 334 -11.32 -76.55 20.82
CA PRO E 334 -11.50 -75.10 20.84
C PRO E 334 -12.37 -74.70 22.04
N LYS E 335 -11.88 -73.74 22.84
CA LYS E 335 -12.60 -73.25 24.05
C LYS E 335 -13.82 -72.44 23.62
N GLY E 336 -13.73 -71.75 22.49
CA GLY E 336 -14.78 -70.85 21.98
C GLY E 336 -14.34 -70.16 20.72
N PHE E 337 -15.29 -69.58 19.98
CA PHE E 337 -15.02 -68.83 18.73
C PHE E 337 -16.33 -68.16 18.31
N GLY E 338 -16.22 -66.99 17.67
CA GLY E 338 -17.38 -66.11 17.40
C GLY E 338 -17.13 -65.09 16.29
N LEU E 339 -18.23 -64.62 15.69
CA LEU E 339 -18.23 -63.46 14.78
C LEU E 339 -18.83 -62.28 15.55
N LEU E 340 -17.94 -61.34 15.90
CA LEU E 340 -18.23 -60.20 16.83
C LEU E 340 -18.43 -58.92 16.02
N GLN E 341 -19.36 -58.09 16.51
CA GLN E 341 -19.62 -56.69 16.04
C GLN E 341 -19.28 -55.77 17.20
N LEU E 342 -18.02 -55.33 17.29
CA LEU E 342 -17.53 -54.62 18.52
C LEU E 342 -17.53 -53.09 18.34
N ASP E 343 -17.82 -52.58 17.13
CA ASP E 343 -18.02 -51.13 16.88
C ASP E 343 -19.50 -50.79 17.09
N ARG E 344 -19.81 -50.18 18.23
CA ARG E 344 -21.21 -50.03 18.69
C ARG E 344 -21.76 -48.63 18.36
N ASP E 345 -21.01 -47.86 17.59
CA ASP E 345 -21.08 -46.39 17.53
C ASP E 345 -21.75 -46.02 16.20
N PHE E 346 -22.95 -45.48 16.31
CA PHE E 346 -23.87 -45.21 15.18
C PHE E 346 -23.21 -44.30 14.14
N SER E 347 -22.42 -43.30 14.58
CA SER E 347 -21.80 -42.31 13.65
C SER E 347 -20.87 -42.99 12.63
N HIS E 348 -20.39 -44.21 12.93
CA HIS E 348 -19.40 -44.98 12.15
C HIS E 348 -20.09 -45.70 10.98
N TYR E 349 -21.41 -45.87 11.05
CA TYR E 349 -22.19 -46.63 10.03
C TYR E 349 -23.19 -45.71 9.34
N GLN E 350 -23.87 -44.86 10.11
CA GLN E 350 -24.89 -43.90 9.63
C GLN E 350 -26.04 -44.66 8.95
N ASP E 351 -26.34 -45.91 9.33
CA ASP E 351 -27.41 -46.69 8.67
C ASP E 351 -28.65 -46.64 9.54
N ILE E 352 -29.71 -45.96 9.07
CA ILE E 352 -30.99 -45.76 9.80
C ILE E 352 -32.02 -46.77 9.30
N MET E 353 -31.70 -47.55 8.25
CA MET E 353 -32.52 -48.70 7.78
C MET E 353 -32.25 -49.92 8.66
N GLY E 354 -31.01 -50.41 8.71
CA GLY E 354 -30.66 -51.70 9.33
C GLY E 354 -29.81 -51.60 10.59
N TRP E 355 -29.45 -50.40 11.04
CA TRP E 355 -28.92 -50.15 12.41
C TRP E 355 -27.77 -51.10 12.73
N TYR E 356 -26.75 -51.13 11.87
CA TYR E 356 -25.55 -52.02 11.96
C TYR E 356 -24.92 -51.97 13.35
N ASN E 357 -24.97 -50.82 14.00
CA ASN E 357 -24.33 -50.52 15.32
C ASN E 357 -25.03 -51.31 16.44
N LYS E 358 -26.28 -51.71 16.22
CA LYS E 358 -27.13 -52.38 17.22
C LYS E 358 -27.12 -53.91 17.00
N ARG E 359 -26.54 -54.36 15.88
CA ARG E 359 -26.51 -55.80 15.52
C ARG E 359 -25.56 -56.56 16.44
N PRO E 360 -25.91 -57.80 16.80
CA PRO E 360 -25.22 -58.51 17.85
C PRO E 360 -23.95 -59.20 17.38
N SER E 361 -23.23 -59.67 18.39
CA SER E 361 -22.13 -60.65 18.26
C SER E 361 -22.70 -62.05 18.50
N LEU E 362 -21.97 -63.05 18.02
CA LEU E 362 -22.33 -64.47 18.22
C LEU E 362 -21.10 -65.20 18.73
N TRP E 363 -21.23 -65.85 19.90
CA TRP E 363 -20.18 -66.68 20.55
C TRP E 363 -20.64 -68.13 20.61
N VAL E 364 -19.83 -69.03 20.04
CA VAL E 364 -20.00 -70.50 20.11
C VAL E 364 -19.10 -71.01 21.24
N GLU E 365 -19.69 -71.60 22.29
CA GLU E 365 -18.95 -72.26 23.38
C GLU E 365 -19.22 -73.75 23.30
N PRO E 366 -18.26 -74.54 22.77
CA PRO E 366 -18.34 -75.99 22.88
C PRO E 366 -18.51 -76.37 24.36
N ARG E 367 -19.32 -77.39 24.61
CA ARG E 367 -19.60 -77.89 25.98
C ARG E 367 -18.99 -79.27 26.14
N ASN E 368 -18.64 -79.92 25.05
CA ASN E 368 -17.85 -81.18 25.04
C ASN E 368 -16.53 -80.87 24.34
N LYS E 369 -15.54 -81.73 24.48
CA LYS E 369 -14.21 -81.51 23.86
C LYS E 369 -14.31 -81.97 22.41
N TRP E 370 -14.14 -81.05 21.47
CA TRP E 370 -14.37 -81.34 20.02
C TRP E 370 -13.09 -81.87 19.35
N GLY E 371 -11.99 -82.01 20.08
CA GLY E 371 -10.74 -82.59 19.54
C GLY E 371 -10.22 -81.87 18.30
N LYS E 372 -9.52 -82.60 17.44
CA LYS E 372 -8.69 -81.96 16.40
C LYS E 372 -9.58 -81.56 15.25
N GLY E 373 -9.22 -80.43 14.62
CA GLY E 373 -9.96 -79.92 13.46
C GLY E 373 -9.49 -78.53 13.09
N THR E 374 -10.34 -77.79 12.41
CA THR E 374 -10.01 -76.42 11.95
C THR E 374 -11.27 -75.55 12.02
N ILE E 375 -11.09 -74.31 12.42
CA ILE E 375 -12.11 -73.24 12.28
C ILE E 375 -11.95 -72.70 10.87
N GLY E 376 -13.01 -72.82 10.09
CA GLY E 376 -13.06 -72.46 8.68
C GLY E 376 -13.72 -71.11 8.54
N LEU E 377 -13.09 -70.24 7.77
CA LEU E 377 -13.63 -68.90 7.50
C LEU E 377 -13.58 -68.66 5.99
N MET E 378 -14.76 -68.58 5.38
CA MET E 378 -14.85 -68.24 3.94
C MET E 378 -15.28 -66.79 3.81
N GLU E 379 -14.56 -66.01 3.02
CA GLU E 379 -14.89 -64.59 2.80
C GLU E 379 -15.13 -64.42 1.30
N ILE E 380 -16.35 -64.05 0.94
CA ILE E 380 -16.72 -63.91 -0.50
C ILE E 380 -16.69 -62.44 -0.87
N PRO E 381 -16.26 -62.08 -2.08
CA PRO E 381 -16.33 -60.68 -2.53
C PRO E 381 -17.74 -60.07 -2.66
N THR E 382 -18.06 -59.02 -1.89
CA THR E 382 -19.33 -58.29 -2.01
C THR E 382 -19.02 -56.91 -2.58
N THR E 383 -20.10 -56.27 -3.02
CA THR E 383 -20.17 -54.97 -3.71
C THR E 383 -21.15 -54.06 -2.91
N GLY E 384 -21.65 -54.53 -1.75
CA GLY E 384 -22.75 -53.89 -0.97
C GLY E 384 -23.17 -54.73 0.23
N GLU E 385 -24.45 -54.67 0.59
CA GLU E 385 -24.90 -55.34 1.83
C GLU E 385 -25.83 -56.52 1.59
N THR E 386 -26.29 -56.73 0.36
CA THR E 386 -27.31 -57.76 0.07
C THR E 386 -26.74 -59.19 0.13
N LEU E 387 -25.41 -59.34 0.18
CA LEU E 387 -24.81 -60.69 0.16
C LEU E 387 -24.19 -61.03 1.51
N ASN E 388 -24.55 -62.16 2.09
CA ASN E 388 -23.88 -62.60 3.34
C ASN E 388 -22.58 -63.24 2.89
N ASN E 389 -21.50 -62.46 2.87
CA ASN E 389 -20.21 -62.89 2.29
C ASN E 389 -19.27 -63.53 3.31
N ILE E 390 -19.72 -63.75 4.53
CA ILE E 390 -18.85 -64.31 5.60
C ILE E 390 -19.56 -65.55 6.15
N VAL E 391 -18.89 -66.70 6.06
CA VAL E 391 -19.36 -67.98 6.66
C VAL E 391 -18.24 -68.50 7.55
N CYS E 392 -18.56 -68.98 8.75
CA CYS E 392 -17.55 -69.54 9.67
C CYS E 392 -18.15 -70.79 10.34
N PHE E 393 -17.36 -71.83 10.55
CA PHE E 393 -17.81 -73.12 11.16
C PHE E 393 -16.60 -73.92 11.66
N TRP E 394 -16.84 -74.88 12.55
CA TRP E 394 -15.87 -75.95 12.95
C TRP E 394 -15.98 -77.11 11.98
N GLN E 395 -14.83 -77.60 11.53
CA GLN E 395 -14.74 -78.78 10.64
C GLN E 395 -13.82 -79.83 11.23
N PRO E 396 -14.34 -81.01 11.66
CA PRO E 396 -13.48 -82.06 12.21
C PRO E 396 -12.36 -82.47 11.26
N GLU E 397 -11.18 -82.72 11.83
CA GLU E 397 -10.00 -83.22 11.11
C GLU E 397 -10.36 -84.43 10.23
N LYS E 398 -11.13 -85.37 10.79
CA LYS E 398 -11.40 -86.70 10.22
C LYS E 398 -12.46 -86.59 9.11
N ALA E 399 -12.09 -87.02 7.90
CA ALA E 399 -12.95 -87.03 6.69
C ALA E 399 -14.23 -87.81 7.04
N VAL E 400 -15.36 -87.34 6.52
CA VAL E 400 -16.70 -87.85 6.90
C VAL E 400 -17.16 -88.87 5.85
N LYS E 401 -17.55 -90.05 6.32
CA LYS E 401 -17.94 -91.21 5.46
C LYS E 401 -19.35 -91.64 5.83
N ALA E 402 -20.09 -92.24 4.88
CA ALA E 402 -21.44 -92.82 5.10
C ALA E 402 -21.45 -93.67 6.36
N GLY E 403 -22.47 -93.52 7.20
CA GLY E 403 -22.66 -94.30 8.42
C GLY E 403 -22.05 -93.60 9.61
N ASP E 404 -21.26 -92.55 9.41
CA ASP E 404 -20.63 -91.80 10.53
C ASP E 404 -21.73 -91.13 11.36
N GLU E 405 -21.61 -91.24 12.69
CA GLU E 405 -22.48 -90.56 13.69
C GLU E 405 -21.62 -89.58 14.46
N PHE E 406 -22.24 -88.48 14.90
CA PHE E 406 -21.57 -87.33 15.53
C PHE E 406 -22.49 -86.84 16.64
N ALA E 407 -21.94 -86.22 17.68
CA ALA E 407 -22.72 -85.52 18.73
C ALA E 407 -21.95 -84.30 19.21
N PHE E 408 -22.47 -83.10 18.95
CA PHE E 408 -21.86 -81.83 19.41
C PHE E 408 -22.83 -81.12 20.34
N GLN E 409 -22.33 -80.69 21.50
CA GLN E 409 -23.04 -79.82 22.45
C GLN E 409 -22.37 -78.45 22.36
N TYR E 410 -23.13 -77.37 22.26
CA TYR E 410 -22.52 -76.02 22.29
C TYR E 410 -23.53 -74.99 22.77
N ARG E 411 -23.04 -73.95 23.42
CA ARG E 411 -23.85 -72.79 23.87
C ARG E 411 -23.63 -71.69 22.82
N LEU E 412 -24.70 -71.13 22.27
CA LEU E 412 -24.63 -69.86 21.50
C LEU E 412 -25.08 -68.67 22.37
N TYR E 413 -24.32 -67.57 22.32
CA TYR E 413 -24.62 -66.30 22.99
C TYR E 413 -24.82 -65.23 21.91
N TRP E 414 -26.06 -64.75 21.84
CA TRP E 414 -26.47 -63.60 21.01
C TRP E 414 -26.44 -62.36 21.89
N SER E 415 -25.31 -61.66 21.95
CA SER E 415 -25.17 -60.38 22.70
C SER E 415 -24.20 -59.46 21.95
N ALA E 416 -24.35 -58.16 22.11
CA ALA E 416 -23.36 -57.17 21.64
C ALA E 416 -21.94 -57.63 21.97
N GLN E 417 -21.70 -57.99 23.22
CA GLN E 417 -20.33 -58.29 23.69
C GLN E 417 -20.29 -59.76 24.01
N PRO E 418 -19.27 -60.52 23.55
CA PRO E 418 -19.20 -61.95 23.82
C PRO E 418 -19.27 -62.14 25.32
N PRO E 419 -19.59 -63.32 25.85
CA PRO E 419 -19.56 -63.53 27.29
C PRO E 419 -18.14 -63.74 27.83
N VAL E 420 -17.16 -63.85 26.95
CA VAL E 420 -15.74 -64.07 27.34
C VAL E 420 -14.85 -63.35 26.33
N HIS E 421 -13.69 -62.90 26.80
CA HIS E 421 -12.73 -62.12 25.98
C HIS E 421 -11.34 -62.23 26.62
N CYS E 422 -10.30 -61.96 25.84
CA CYS E 422 -8.91 -62.04 26.37
C CYS E 422 -8.77 -61.30 27.70
N PRO E 423 -8.14 -61.90 28.73
CA PRO E 423 -7.89 -61.19 29.97
C PRO E 423 -6.72 -60.21 29.75
N LEU E 424 -6.13 -60.21 28.56
CA LEU E 424 -4.94 -59.35 28.32
C LEU E 424 -5.32 -58.17 27.44
N ALA E 425 -4.37 -57.55 26.75
CA ALA E 425 -4.69 -56.46 25.81
C ALA E 425 -5.50 -57.03 24.66
N ARG E 426 -6.56 -56.33 24.31
CA ARG E 426 -7.45 -56.77 23.22
C ARG E 426 -7.35 -55.80 22.04
N VAL E 427 -7.32 -56.33 20.82
CA VAL E 427 -7.34 -55.44 19.63
C VAL E 427 -8.66 -54.67 19.65
N MET E 428 -8.65 -53.35 19.62
CA MET E 428 -9.92 -52.59 19.53
C MET E 428 -10.23 -52.31 18.06
N ALA E 429 -9.26 -51.94 17.23
CA ALA E 429 -9.48 -51.70 15.77
C ALA E 429 -8.25 -52.00 14.93
N THR E 430 -8.47 -52.26 13.64
CA THR E 430 -7.39 -52.52 12.65
C THR E 430 -7.59 -51.56 11.47
N ARG E 431 -6.72 -50.57 11.36
CA ARG E 431 -6.85 -49.56 10.28
C ARG E 431 -5.69 -49.73 9.29
N THR E 432 -5.99 -49.59 8.00
CA THR E 432 -4.95 -49.71 6.94
C THR E 432 -5.03 -48.49 6.03
N GLY E 433 -3.91 -48.09 5.45
CA GLY E 433 -3.92 -46.98 4.49
C GLY E 433 -2.55 -46.69 3.91
N MET E 434 -2.44 -45.61 3.11
CA MET E 434 -1.16 -45.20 2.52
C MET E 434 -0.09 -45.12 3.61
N GLY E 435 1.13 -45.54 3.30
CA GLY E 435 2.32 -45.25 4.10
C GLY E 435 3.45 -44.68 3.26
N GLY E 436 4.62 -44.51 3.87
CA GLY E 436 5.76 -43.91 3.15
C GLY E 436 5.97 -42.47 3.58
N PHE E 437 5.31 -42.06 4.65
CA PHE E 437 5.41 -40.68 5.15
C PHE E 437 5.45 -40.69 6.67
N SER E 438 5.56 -39.51 7.26
CA SER E 438 5.60 -39.38 8.74
C SER E 438 4.21 -39.05 9.25
N GLU E 439 3.66 -39.91 10.11
CA GLU E 439 2.26 -39.69 10.57
C GLU E 439 2.12 -38.22 10.98
N GLY E 440 1.07 -37.56 10.47
CA GLY E 440 0.80 -36.12 10.66
C GLY E 440 1.28 -35.27 9.49
N TRP E 441 2.23 -35.73 8.69
CA TRP E 441 2.89 -34.87 7.67
C TRP E 441 2.73 -35.53 6.31
N ALA E 442 1.55 -36.10 6.08
CA ALA E 442 1.17 -36.70 4.78
C ALA E 442 1.28 -35.62 3.74
N PRO E 443 2.11 -35.78 2.68
CA PRO E 443 2.40 -34.68 1.77
C PRO E 443 1.18 -34.25 0.96
N GLY E 444 1.03 -32.94 0.76
CA GLY E 444 -0.14 -32.33 0.11
C GLY E 444 0.13 -32.00 -1.34
N GLU E 445 1.38 -31.75 -1.73
CA GLU E 445 1.72 -31.18 -3.06
C GLU E 445 2.06 -32.32 -4.01
N HIS E 446 2.71 -33.35 -3.49
CA HIS E 446 3.02 -34.63 -4.18
C HIS E 446 2.43 -35.80 -3.36
N TYR E 447 2.18 -36.94 -4.00
CA TYR E 447 1.93 -38.23 -3.31
C TYR E 447 3.22 -38.70 -2.63
N PRO E 448 3.21 -39.71 -1.76
CA PRO E 448 4.46 -40.19 -1.20
C PRO E 448 5.39 -40.74 -2.29
N GLU E 449 6.68 -40.69 -2.02
CA GLU E 449 7.71 -41.12 -2.99
C GLU E 449 7.81 -42.65 -3.01
N LYS E 450 7.87 -43.31 -1.86
CA LYS E 450 7.97 -44.79 -1.91
C LYS E 450 6.58 -45.40 -1.64
N TRP E 451 6.29 -46.56 -2.22
CA TRP E 451 5.00 -47.27 -2.03
C TRP E 451 5.09 -48.21 -0.81
N ALA E 452 4.16 -48.12 0.12
CA ALA E 452 4.11 -48.97 1.32
C ALA E 452 2.69 -48.98 1.92
N ARG E 453 2.33 -49.98 2.74
CA ARG E 453 0.95 -50.07 3.25
C ARG E 453 0.98 -49.91 4.78
N ARG E 454 0.32 -48.86 5.28
CA ARG E 454 0.37 -48.55 6.72
C ARG E 454 -0.67 -49.42 7.40
N PHE E 455 -0.31 -50.01 8.54
CA PHE E 455 -1.20 -50.79 9.43
C PHE E 455 -1.17 -50.12 10.80
N ALA E 456 -2.34 -49.81 11.34
CA ALA E 456 -2.49 -49.27 12.72
C ALA E 456 -3.43 -50.17 13.51
N VAL E 457 -2.92 -50.78 14.57
CA VAL E 457 -3.70 -51.76 15.39
C VAL E 457 -3.77 -51.18 16.79
N ASP E 458 -4.96 -50.75 17.22
CA ASP E 458 -5.15 -50.10 18.53
C ASP E 458 -5.47 -51.22 19.52
N PHE E 459 -4.70 -51.31 20.62
CA PHE E 459 -4.92 -52.24 21.75
C PHE E 459 -5.46 -51.45 22.92
N VAL E 460 -6.25 -52.11 23.76
CA VAL E 460 -6.87 -51.49 24.94
C VAL E 460 -6.95 -52.58 26.01
N GLY E 461 -6.85 -52.21 27.29
CA GLY E 461 -7.00 -53.16 28.41
C GLY E 461 -5.76 -53.95 28.72
N GLY E 462 -5.75 -54.65 29.85
CA GLY E 462 -4.65 -55.58 30.18
C GLY E 462 -3.32 -55.00 30.57
N ASP E 463 -3.15 -54.58 31.82
CA ASP E 463 -1.83 -54.10 32.33
C ASP E 463 -0.99 -53.39 31.27
N LEU E 464 -1.60 -52.75 30.28
CA LEU E 464 -0.80 -51.95 29.32
C LEU E 464 -0.39 -50.71 30.09
N LYS E 465 -1.19 -50.33 31.09
CA LYS E 465 -0.88 -49.16 31.95
C LYS E 465 0.44 -49.44 32.67
N ALA E 466 0.49 -50.53 33.44
CA ALA E 466 1.72 -51.02 34.13
C ALA E 466 2.87 -51.23 33.14
N ALA E 467 2.62 -51.93 32.04
CA ALA E 467 3.62 -52.48 31.09
C ALA E 467 4.32 -51.40 30.27
N ALA E 468 3.72 -50.23 30.09
CA ALA E 468 4.24 -49.12 29.24
C ALA E 468 5.64 -48.68 29.68
N PRO E 469 5.87 -48.29 30.96
CA PRO E 469 7.22 -47.97 31.46
C PRO E 469 8.28 -49.08 31.38
N LYS E 470 7.89 -50.36 31.55
CA LYS E 470 8.83 -51.52 31.53
C LYS E 470 9.26 -51.87 30.10
N GLY E 471 8.60 -51.32 29.08
CA GLY E 471 8.88 -51.59 27.65
C GLY E 471 7.87 -52.55 27.02
N ILE E 472 7.09 -52.07 26.04
CA ILE E 472 6.10 -52.85 25.22
C ILE E 472 6.65 -53.04 23.81
N GLU E 473 6.95 -54.27 23.42
CA GLU E 473 7.57 -54.58 22.09
C GLU E 473 6.49 -55.22 21.22
N PRO E 474 6.19 -54.67 20.03
CA PRO E 474 5.38 -55.40 19.08
C PRO E 474 6.21 -56.49 18.39
N VAL E 475 5.77 -57.74 18.50
CA VAL E 475 6.39 -58.91 17.81
C VAL E 475 5.58 -59.16 16.53
N ILE E 476 6.09 -58.70 15.40
CA ILE E 476 5.37 -58.78 14.10
C ILE E 476 5.96 -59.89 13.25
N THR E 477 5.16 -60.86 12.82
CA THR E 477 5.58 -61.93 11.89
C THR E 477 4.92 -61.68 10.54
N LEU E 478 5.63 -61.88 9.42
CA LEU E 478 5.08 -61.69 8.05
C LEU E 478 5.48 -62.90 7.18
N SER E 479 4.57 -63.40 6.36
CA SER E 479 4.85 -64.49 5.39
C SER E 479 5.71 -63.90 4.29
N SER E 480 5.61 -62.60 4.06
CA SER E 480 6.35 -61.90 2.99
C SER E 480 6.52 -60.43 3.36
N GLY E 481 7.45 -59.72 2.71
CA GLY E 481 7.62 -58.28 2.93
C GLY E 481 8.33 -57.98 4.24
N GLU E 482 8.43 -56.69 4.58
CA GLU E 482 9.21 -56.15 5.71
C GLU E 482 8.38 -55.11 6.46
N ALA E 483 8.30 -55.26 7.78
CA ALA E 483 7.70 -54.26 8.67
C ALA E 483 8.75 -53.16 8.98
N LYS E 484 8.56 -51.97 8.44
CA LYS E 484 9.42 -50.78 8.69
C LYS E 484 8.64 -49.67 9.40
N GLN E 485 9.36 -48.72 10.00
CA GLN E 485 8.78 -47.54 10.69
C GLN E 485 7.84 -48.02 11.80
N ILE E 486 8.22 -49.01 12.59
CA ILE E 486 7.32 -49.53 13.67
C ILE E 486 7.23 -48.48 14.79
N GLU E 487 6.03 -48.02 15.15
CA GLU E 487 5.84 -47.07 16.28
C GLU E 487 4.86 -47.62 17.31
N ILE E 488 5.02 -47.21 18.57
CA ILE E 488 4.09 -47.53 19.70
C ILE E 488 3.62 -46.20 20.27
N LEU E 489 2.37 -45.82 20.03
CA LEU E 489 1.85 -44.48 20.37
C LEU E 489 0.71 -44.59 21.39
N TYR E 490 0.68 -43.72 22.37
CA TYR E 490 -0.43 -43.68 23.33
C TYR E 490 -1.58 -42.89 22.73
N ILE E 491 -2.79 -43.42 22.96
CA ILE E 491 -4.07 -42.85 22.45
C ILE E 491 -4.90 -42.44 23.67
N GLU E 492 -4.85 -41.16 24.05
CA GLU E 492 -5.57 -40.68 25.26
C GLU E 492 -7.04 -41.09 25.16
N PRO E 493 -7.75 -40.80 24.07
CA PRO E 493 -9.20 -40.98 24.02
C PRO E 493 -9.70 -42.38 24.35
N ILE E 494 -8.94 -43.45 24.10
CA ILE E 494 -9.33 -44.86 24.42
C ILE E 494 -8.42 -45.46 25.50
N ASP E 495 -7.44 -44.71 26.00
CA ASP E 495 -6.52 -45.15 27.07
C ASP E 495 -5.89 -46.46 26.62
N GLY E 496 -5.44 -46.46 25.38
CA GLY E 496 -4.77 -47.62 24.79
C GLY E 496 -3.54 -47.18 24.03
N TYR E 497 -2.95 -48.14 23.29
CA TYR E 497 -1.70 -47.96 22.51
C TYR E 497 -1.95 -48.41 21.08
N ARG E 498 -1.47 -47.61 20.15
CA ARG E 498 -1.55 -47.92 18.70
C ARG E 498 -0.18 -48.41 18.25
N ILE E 499 -0.10 -49.64 17.75
CA ILE E 499 1.09 -50.15 17.00
C ILE E 499 0.88 -49.82 15.52
N GLN E 500 1.70 -48.93 14.98
CA GLN E 500 1.71 -48.65 13.52
C GLN E 500 2.93 -49.32 12.93
N PHE E 501 2.82 -49.83 11.71
CA PHE E 501 3.98 -50.23 10.88
C PHE E 501 3.65 -49.96 9.40
N ASP E 502 4.65 -49.58 8.60
CA ASP E 502 4.56 -49.60 7.12
C ASP E 502 5.02 -50.99 6.63
N TRP E 503 4.30 -51.58 5.68
CA TRP E 503 4.66 -52.88 5.04
C TRP E 503 5.27 -52.55 3.69
N TYR E 504 6.51 -52.98 3.45
CA TYR E 504 7.21 -52.81 2.15
C TYR E 504 7.29 -54.18 1.48
N PRO E 505 6.91 -54.28 0.19
CA PRO E 505 6.99 -55.56 -0.51
C PRO E 505 8.47 -55.96 -0.63
N THR E 506 8.75 -57.27 -0.61
CA THR E 506 10.08 -57.81 -0.99
C THR E 506 9.97 -58.47 -2.37
N SER E 507 8.74 -58.70 -2.86
CA SER E 507 8.48 -59.50 -4.09
C SER E 507 7.51 -58.83 -5.06
N ASP E 508 7.54 -59.22 -6.34
CA ASP E 508 6.50 -58.87 -7.36
C ASP E 508 5.24 -59.70 -7.11
N SER E 509 5.25 -60.58 -6.12
CA SER E 509 4.14 -61.53 -5.83
C SER E 509 2.88 -60.77 -5.40
N THR E 510 1.73 -61.11 -6.00
CA THR E 510 0.39 -60.75 -5.45
C THR E 510 -0.18 -61.85 -4.54
N ASP E 511 0.60 -62.86 -4.16
CA ASP E 511 0.20 -63.86 -3.13
C ASP E 511 -0.20 -63.17 -1.84
N PRO E 512 -1.33 -63.57 -1.22
CA PRO E 512 -1.69 -63.14 0.13
C PRO E 512 -0.52 -63.10 1.12
N VAL E 513 -0.52 -62.07 1.97
CA VAL E 513 0.45 -61.91 3.08
C VAL E 513 -0.26 -62.23 4.40
N ASP E 514 0.17 -63.29 5.08
CA ASP E 514 -0.37 -63.67 6.40
C ASP E 514 0.47 -62.89 7.39
N MET E 515 -0.17 -62.03 8.19
CA MET E 515 0.52 -61.21 9.22
C MET E 515 0.05 -61.69 10.60
N ARG E 516 0.91 -61.51 11.58
CA ARG E 516 0.68 -61.97 12.97
C ARG E 516 1.28 -60.84 13.83
N MET E 517 0.65 -60.47 14.95
CA MET E 517 1.22 -59.46 15.88
C MET E 517 0.72 -59.71 17.30
N TYR E 518 1.60 -59.75 18.29
CA TYR E 518 1.23 -59.62 19.72
C TYR E 518 2.18 -58.63 20.40
N LEU E 519 1.86 -58.29 21.63
CA LEU E 519 2.61 -57.29 22.41
C LEU E 519 3.39 -58.03 23.48
N ARG E 520 4.72 -57.83 23.48
CA ARG E 520 5.61 -58.50 24.47
C ARG E 520 6.13 -57.47 25.46
N CYS E 521 6.25 -57.88 26.71
CA CYS E 521 6.81 -57.08 27.82
C CYS E 521 7.62 -58.00 28.74
N GLN E 522 8.94 -57.88 28.72
CA GLN E 522 9.83 -58.68 29.59
C GLN E 522 9.56 -60.16 29.30
N GLY E 523 9.70 -60.60 28.05
CA GLY E 523 9.63 -62.03 27.67
C GLY E 523 8.20 -62.55 27.54
N ASP E 524 7.23 -62.02 28.29
CA ASP E 524 5.81 -62.48 28.31
C ASP E 524 4.97 -61.72 27.28
N ALA E 525 4.01 -62.44 26.67
CA ALA E 525 2.94 -61.87 25.82
C ALA E 525 1.94 -61.15 26.73
N ILE E 526 1.54 -59.91 26.40
CA ILE E 526 0.62 -59.11 27.25
C ILE E 526 -0.62 -58.68 26.46
N SER E 527 -0.82 -59.29 25.28
CA SER E 527 -1.96 -59.04 24.37
C SER E 527 -2.42 -60.33 23.67
N GLU E 528 -3.62 -60.31 23.14
CA GLU E 528 -4.16 -61.37 22.26
C GLU E 528 -3.35 -61.28 20.96
N THR E 529 -3.43 -62.28 20.10
CA THR E 529 -2.69 -62.32 18.81
C THR E 529 -3.60 -61.76 17.72
N TRP E 530 -3.16 -60.70 17.08
CA TRP E 530 -3.74 -60.14 15.83
C TRP E 530 -3.26 -60.97 14.61
N LEU E 531 -4.16 -61.70 13.92
CA LEU E 531 -3.91 -62.34 12.58
C LEU E 531 -4.50 -61.45 11.49
N TYR E 532 -3.72 -61.11 10.47
CA TYR E 532 -4.25 -60.31 9.34
C TYR E 532 -3.91 -61.02 8.04
N GLN E 533 -4.77 -60.86 7.04
CA GLN E 533 -4.51 -61.35 5.66
C GLN E 533 -4.60 -60.15 4.71
N TYR E 534 -3.43 -59.71 4.22
CA TYR E 534 -3.30 -58.55 3.31
C TYR E 534 -3.18 -59.07 1.87
N PHE E 535 -3.75 -58.37 0.88
CA PHE E 535 -3.63 -58.67 -0.58
C PHE E 535 -2.82 -57.55 -1.25
N PRO E 536 -1.51 -57.77 -1.47
CA PRO E 536 -0.68 -56.75 -2.11
C PRO E 536 -1.22 -56.48 -3.50
N PRO E 537 -1.25 -55.23 -3.96
CA PRO E 537 -1.72 -54.93 -5.31
C PRO E 537 -0.70 -55.50 -6.29
N ALA E 538 -1.11 -55.58 -7.57
CA ALA E 538 -0.23 -55.82 -8.73
C ALA E 538 1.01 -54.91 -8.67
N PRO E 539 2.20 -55.34 -9.18
CA PRO E 539 3.40 -54.50 -9.16
C PRO E 539 3.27 -53.25 -10.06
N ASP E 540 2.50 -53.35 -11.13
CA ASP E 540 2.21 -52.18 -12.01
C ASP E 540 1.36 -51.15 -11.24
N LYS E 541 0.76 -51.52 -10.10
CA LYS E 541 -0.12 -50.63 -9.28
C LYS E 541 0.49 -50.30 -7.90
N ARG E 542 1.78 -50.53 -7.65
CA ARG E 542 2.43 -50.09 -6.37
C ARG E 542 3.07 -48.72 -6.60
N GLN E 543 2.22 -47.74 -6.89
CA GLN E 543 2.59 -46.34 -7.19
C GLN E 543 1.28 -45.56 -7.28
N TYR E 544 1.29 -44.23 -7.17
CA TYR E 544 0.07 -43.38 -7.16
C TYR E 544 0.01 -42.59 -8.48
N VAL E 545 -1.18 -42.37 -9.04
CA VAL E 545 -1.38 -41.54 -10.27
C VAL E 545 -1.88 -40.14 -9.86
N ASP E 546 -1.12 -39.07 -10.14
CA ASP E 546 -1.44 -37.67 -9.72
C ASP E 546 -2.20 -36.91 -10.83
N ASP E 547 -3.51 -37.09 -10.90
CA ASP E 547 -4.34 -36.48 -11.96
C ASP E 547 -4.81 -35.08 -11.57
N ARG E 548 -4.17 -34.38 -10.60
CA ARG E 548 -4.58 -32.99 -10.19
C ARG E 548 -4.47 -32.06 -11.42
N VAL E 549 -5.16 -30.91 -11.45
CA VAL E 549 -4.91 -29.82 -12.45
C VAL E 549 -4.99 -28.45 -11.73
N MET E 550 -4.01 -27.57 -12.01
CA MET E 550 -3.82 -26.29 -11.28
C MET E 550 -4.04 -25.12 -12.25
N SER E 551 -5.25 -25.04 -12.85
CA SER E 551 -5.60 -24.04 -13.91
C SER E 551 -6.66 -23.01 -13.45
N LEU E 552 -6.66 -21.88 -14.15
CA LEU E 552 -7.60 -20.75 -13.96
C LEU E 552 -8.90 -21.00 -14.75
N GLU E 553 -9.27 -22.25 -15.02
CA GLU E 553 -10.41 -22.59 -15.93
C GLU E 553 -11.75 -22.62 -15.17
N HIS E 554 -11.76 -22.62 -13.83
CA HIS E 554 -12.99 -22.85 -13.04
C HIS E 554 -13.21 -21.74 -12.01
N HIS E 555 -13.42 -20.49 -12.47
CA HIS E 555 -14.06 -19.36 -11.71
C HIS E 555 -15.59 -19.58 -11.75
N HIS E 556 -16.33 -19.18 -10.70
CA HIS E 556 -17.81 -19.31 -10.57
C HIS E 556 -18.37 -18.12 -9.78
N HIS E 557 -19.28 -17.35 -10.39
CA HIS E 557 -19.93 -16.15 -9.80
C HIS E 557 -21.38 -16.48 -9.39
N HIS E 558 -21.88 -15.96 -8.25
CA HIS E 558 -23.21 -16.27 -7.65
C HIS E 558 -23.91 -14.99 -7.17
N SER F 35 15.84 -3.66 33.01
CA SER F 35 15.02 -4.87 33.35
C SER F 35 14.06 -5.19 32.17
N ASP F 36 13.26 -4.20 31.78
CA ASP F 36 12.48 -4.20 30.51
C ASP F 36 13.43 -4.57 29.36
N ILE F 37 12.97 -5.34 28.38
CA ILE F 37 13.78 -5.73 27.19
C ILE F 37 13.74 -4.61 26.14
N ALA F 38 12.82 -3.66 26.24
CA ALA F 38 12.67 -2.54 25.28
C ALA F 38 13.74 -1.50 25.60
N ASP F 39 14.62 -1.23 24.64
CA ASP F 39 15.84 -0.43 24.91
C ASP F 39 16.27 0.44 23.73
N GLY F 40 15.43 0.60 22.70
CA GLY F 40 15.70 1.54 21.60
C GLY F 40 15.35 2.97 21.98
N GLN F 41 15.40 3.84 20.98
CA GLN F 41 15.05 5.27 21.09
C GLN F 41 13.53 5.40 21.36
N THR F 42 13.15 6.24 22.33
CA THR F 42 11.76 6.73 22.63
C THR F 42 11.21 7.43 21.39
N GLN F 43 9.95 7.20 21.09
CA GLN F 43 9.24 7.74 19.89
C GLN F 43 7.75 7.76 20.19
N ARG F 44 7.08 8.86 19.94
CA ARG F 44 5.63 8.93 20.21
C ARG F 44 4.94 7.91 19.30
N PHE F 45 3.88 7.28 19.80
CA PHE F 45 3.14 6.25 19.03
C PHE F 45 1.70 6.13 19.51
N ASP F 46 0.83 6.07 18.53
CA ASP F 46 -0.60 5.75 18.71
C ASP F 46 -1.18 5.38 17.34
N PHE F 47 -2.44 4.96 17.29
CA PHE F 47 -3.04 4.35 16.08
C PHE F 47 -2.98 5.34 14.92
N SER F 48 -3.18 6.63 15.21
CA SER F 48 -3.02 7.75 14.25
C SER F 48 -1.61 7.77 13.67
N ILE F 49 -0.63 7.76 14.54
CA ILE F 49 0.77 7.88 14.12
C ILE F 49 1.04 6.71 13.17
N LEU F 50 0.47 5.55 13.43
CA LEU F 50 0.72 4.35 12.57
C LEU F 50 0.00 4.54 11.21
N GLN F 51 -1.12 5.22 11.16
CA GLN F 51 -1.84 5.46 9.87
C GLN F 51 -0.99 6.37 8.99
N SER F 52 -0.38 7.40 9.57
CA SER F 52 0.56 8.33 8.88
C SER F 52 1.77 7.54 8.35
N MET F 53 2.44 6.74 9.21
CA MET F 53 3.63 5.94 8.85
C MET F 53 3.28 5.14 7.61
N ALA F 54 2.08 4.56 7.62
CA ALA F 54 1.61 3.67 6.54
C ALA F 54 1.28 4.48 5.29
N HIS F 55 0.51 5.55 5.41
CA HIS F 55 0.02 6.35 4.25
C HIS F 55 1.19 7.12 3.63
N ASP F 56 2.14 7.56 4.46
CA ASP F 56 3.45 8.10 4.04
C ASP F 56 4.24 7.01 3.30
N LEU F 57 4.36 5.84 3.91
CA LEU F 57 5.11 4.72 3.30
C LEU F 57 4.54 4.43 1.90
N ALA F 58 3.23 4.61 1.73
CA ALA F 58 2.47 4.32 0.49
C ALA F 58 2.98 5.25 -0.61
N GLN F 59 3.43 6.44 -0.21
CA GLN F 59 3.83 7.52 -1.13
C GLN F 59 5.19 7.18 -1.77
N THR F 60 5.98 6.33 -1.12
CA THR F 60 7.33 5.93 -1.63
C THR F 60 7.24 4.55 -2.31
N ALA F 61 8.29 4.16 -3.05
CA ALA F 61 8.50 2.83 -3.67
C ALA F 61 8.59 1.76 -2.58
N TRP F 62 7.95 0.61 -2.80
CA TRP F 62 8.06 -0.60 -1.92
C TRP F 62 9.51 -0.87 -1.54
N ARG F 63 9.75 -1.20 -0.27
CA ARG F 63 11.10 -1.50 0.29
C ARG F 63 11.80 -2.67 -0.42
N GLY F 64 11.05 -3.54 -1.08
CA GLY F 64 11.58 -4.73 -1.75
C GLY F 64 11.76 -5.95 -0.83
N ALA F 65 12.16 -7.06 -1.47
CA ALA F 65 12.43 -8.38 -0.87
C ALA F 65 13.43 -8.25 0.25
N PRO F 66 13.31 -9.03 1.34
CA PRO F 66 14.27 -8.93 2.44
C PRO F 66 15.71 -9.11 1.94
N ARG F 67 16.66 -8.35 2.48
CA ARG F 67 18.11 -8.58 2.29
C ARG F 67 18.47 -9.96 2.85
N PRO F 68 19.49 -10.63 2.28
CA PRO F 68 19.90 -11.96 2.76
C PRO F 68 20.19 -12.03 4.26
N LEU F 69 19.85 -13.12 4.91
CA LEU F 69 20.09 -13.25 6.38
C LEU F 69 21.58 -13.46 6.59
N PRO F 70 22.11 -13.25 7.82
CA PRO F 70 23.47 -13.69 8.13
C PRO F 70 23.65 -15.15 7.69
N ASP F 71 24.85 -15.57 7.28
CA ASP F 71 25.10 -16.93 6.73
C ASP F 71 24.73 -18.02 7.73
N THR F 72 25.11 -17.89 8.99
CA THR F 72 24.78 -18.88 10.05
C THR F 72 23.25 -19.17 10.10
N LEU F 73 22.40 -18.26 9.60
CA LEU F 73 20.91 -18.37 9.63
C LEU F 73 20.35 -18.75 8.25
N ALA F 74 21.01 -18.38 7.15
CA ALA F 74 20.45 -18.48 5.77
C ALA F 74 20.21 -19.93 5.37
N THR F 75 21.03 -20.87 5.83
CA THR F 75 20.80 -22.33 5.62
C THR F 75 20.90 -22.90 7.01
N MET F 76 19.82 -23.44 7.52
CA MET F 76 19.72 -23.81 8.95
C MET F 76 19.03 -25.16 8.94
N THR F 77 19.75 -26.24 9.25
CA THR F 77 19.01 -27.49 9.52
C THR F 77 17.84 -27.15 10.44
N PRO F 78 16.58 -27.52 10.08
CA PRO F 78 15.46 -27.46 11.02
C PRO F 78 15.79 -27.87 12.47
N GLN F 79 16.60 -28.91 12.69
CA GLN F 79 17.14 -29.29 14.03
C GLN F 79 17.80 -28.05 14.65
N ALA F 80 18.70 -27.41 13.90
CA ALA F 80 19.43 -26.19 14.30
C ALA F 80 18.40 -25.14 14.73
N TYR F 81 17.53 -24.71 13.82
CA TYR F 81 16.53 -23.66 14.11
C TYR F 81 15.76 -24.04 15.38
N ASN F 82 15.26 -25.27 15.44
CA ASN F 82 14.29 -25.68 16.50
C ASN F 82 14.98 -25.86 17.85
N SER F 83 16.32 -25.79 17.91
CA SER F 83 17.07 -25.80 19.20
C SER F 83 17.24 -24.37 19.73
N ILE F 84 16.98 -23.33 18.91
CA ILE F 84 16.98 -21.90 19.35
C ILE F 84 15.68 -21.64 20.13
N GLN F 85 15.79 -21.15 21.36
CA GLN F 85 14.67 -20.97 22.33
C GLN F 85 14.67 -19.55 22.87
N TYR F 86 13.62 -18.77 22.66
CA TYR F 86 13.51 -17.47 23.35
C TYR F 86 13.72 -17.74 24.85
N ASP F 87 14.46 -16.86 25.55
CA ASP F 87 14.77 -16.97 27.00
C ASP F 87 13.53 -16.47 27.77
N ALA F 88 12.79 -17.42 28.35
CA ALA F 88 11.54 -17.16 29.10
C ALA F 88 11.72 -15.99 30.07
N GLU F 89 12.94 -15.76 30.55
CA GLU F 89 13.21 -14.79 31.64
C GLU F 89 13.36 -13.38 31.05
N LYS F 90 13.45 -13.28 29.73
CA LYS F 90 13.45 -11.97 29.03
C LYS F 90 12.14 -11.83 28.24
N SER F 91 11.03 -12.36 28.78
CA SER F 91 9.71 -12.29 28.11
C SER F 91 9.29 -10.82 28.04
N LEU F 92 8.39 -10.50 27.11
CA LEU F 92 8.02 -9.09 26.80
C LEU F 92 7.52 -8.40 28.08
N TRP F 93 6.76 -9.07 28.93
CA TRP F 93 6.08 -8.38 30.07
C TRP F 93 6.55 -9.00 31.40
N HIS F 94 7.79 -9.51 31.45
CA HIS F 94 8.40 -10.13 32.65
C HIS F 94 8.14 -9.27 33.92
N ASN F 95 8.22 -7.94 33.80
CA ASN F 95 8.18 -6.96 34.92
C ASN F 95 6.76 -6.58 35.36
N VAL F 96 5.71 -7.03 34.69
CA VAL F 96 4.32 -6.65 35.07
C VAL F 96 3.85 -7.57 36.19
N GLU F 97 3.40 -7.03 37.32
CA GLU F 97 2.97 -7.83 38.50
C GLU F 97 1.53 -8.30 38.26
N ASN F 98 1.22 -9.53 38.69
CA ASN F 98 -0.13 -10.17 38.57
C ASN F 98 -0.47 -10.26 37.08
N ARG F 99 0.56 -10.30 36.26
CA ARG F 99 0.50 -10.68 34.82
C ARG F 99 -0.37 -11.91 34.53
N GLN F 100 -1.43 -11.77 33.73
CA GLN F 100 -2.21 -12.93 33.18
C GLN F 100 -1.71 -13.33 31.77
N LEU F 101 -0.91 -12.50 31.10
CA LEU F 101 -0.44 -12.76 29.72
C LEU F 101 1.05 -12.54 29.68
N ASP F 102 1.76 -13.18 28.77
CA ASP F 102 3.16 -12.82 28.47
C ASP F 102 3.41 -13.15 27.00
N ALA F 103 4.55 -12.75 26.46
CA ALA F 103 4.87 -12.95 25.05
C ALA F 103 6.36 -13.17 24.87
N GLN F 104 6.70 -13.97 23.87
CA GLN F 104 8.07 -14.29 23.45
C GLN F 104 8.16 -14.08 21.95
N PHE F 105 9.38 -14.01 21.42
CA PHE F 105 9.67 -13.72 19.99
C PHE F 105 10.24 -15.00 19.36
N PHE F 106 9.97 -15.21 18.07
CA PHE F 106 10.55 -16.30 17.25
C PHE F 106 11.76 -15.77 16.51
N HIS F 107 12.89 -16.49 16.58
CA HIS F 107 14.17 -16.10 15.92
C HIS F 107 13.96 -16.01 14.41
N MET F 108 14.74 -15.14 13.75
CA MET F 108 14.84 -15.07 12.26
C MET F 108 15.51 -16.36 11.81
N GLY F 109 15.19 -16.83 10.62
CA GLY F 109 15.72 -18.10 10.11
C GLY F 109 14.71 -18.81 9.24
N MET F 110 15.14 -19.87 8.57
CA MET F 110 14.25 -20.80 7.83
C MET F 110 13.38 -20.03 6.84
N GLY F 111 12.07 -20.29 6.84
CA GLY F 111 11.09 -19.69 5.91
C GLY F 111 10.97 -18.19 6.16
N PHE F 112 11.33 -17.75 7.36
CA PHE F 112 11.10 -16.37 7.84
C PHE F 112 12.31 -15.52 7.51
N ARG F 113 12.22 -14.69 6.48
CA ARG F 113 13.37 -13.89 5.99
C ARG F 113 13.11 -12.40 6.17
N ARG F 114 11.84 -11.99 6.28
CA ARG F 114 11.49 -10.56 6.56
C ARG F 114 11.80 -10.24 8.03
N ARG F 115 12.55 -9.17 8.27
CA ARG F 115 12.96 -8.76 9.63
C ARG F 115 11.81 -7.97 10.25
N VAL F 116 11.09 -8.54 11.21
CA VAL F 116 9.92 -7.85 11.83
C VAL F 116 10.47 -7.04 12.99
N ARG F 117 10.23 -5.73 12.99
CA ARG F 117 10.64 -4.88 14.13
C ARG F 117 9.53 -4.89 15.19
N MET F 118 9.93 -4.73 16.45
CA MET F 118 9.14 -5.12 17.63
C MET F 118 9.28 -4.01 18.70
N PHE F 119 8.20 -3.32 19.05
CA PHE F 119 8.21 -2.18 19.98
C PHE F 119 7.29 -2.45 21.17
N SER F 120 7.70 -1.91 22.32
CA SER F 120 6.86 -1.74 23.53
C SER F 120 6.33 -0.29 23.60
N VAL F 121 5.02 -0.13 23.73
CA VAL F 121 4.34 1.19 23.92
C VAL F 121 3.94 1.30 25.39
N ASP F 122 4.09 2.49 25.99
CA ASP F 122 3.44 2.83 27.28
C ASP F 122 2.12 3.54 26.98
N PRO F 123 0.95 2.90 27.15
CA PRO F 123 -0.30 3.50 26.65
C PRO F 123 -0.65 4.77 27.44
N ALA F 124 -0.15 4.88 28.69
CA ALA F 124 -0.21 6.10 29.53
C ALA F 124 0.38 7.31 28.80
N THR F 125 1.64 7.18 28.35
CA THR F 125 2.49 8.32 27.90
C THR F 125 2.60 8.40 26.39
N HIS F 126 2.01 7.45 25.67
CA HIS F 126 2.04 7.38 24.18
C HIS F 126 3.48 7.31 23.68
N LEU F 127 4.40 6.73 24.45
CA LEU F 127 5.83 6.60 24.03
C LEU F 127 6.21 5.13 23.81
N ALA F 128 6.67 4.82 22.61
CA ALA F 128 7.12 3.48 22.18
C ALA F 128 8.64 3.43 22.16
N ARG F 129 9.23 2.36 22.69
CA ARG F 129 10.69 2.07 22.55
C ARG F 129 10.83 0.75 21.79
N GLU F 130 11.71 0.70 20.78
CA GLU F 130 12.01 -0.53 19.99
C GLU F 130 12.70 -1.54 20.89
N ILE F 131 12.34 -2.82 20.73
CA ILE F 131 13.14 -3.98 21.21
C ILE F 131 14.03 -4.39 20.04
N HIS F 132 15.33 -4.12 20.13
CA HIS F 132 16.28 -4.53 19.05
C HIS F 132 16.57 -6.01 19.24
N PHE F 133 16.70 -6.77 18.16
CA PHE F 133 17.22 -8.14 18.28
C PHE F 133 18.59 -8.12 18.93
N ARG F 134 18.86 -9.07 19.82
CA ARG F 134 20.22 -9.40 20.32
C ARG F 134 20.26 -10.85 20.81
N PRO F 135 21.41 -11.53 20.71
CA PRO F 135 21.45 -12.96 21.04
C PRO F 135 21.28 -13.22 22.54
N GLU F 136 21.44 -12.22 23.39
CA GLU F 136 21.18 -12.35 24.85
C GLU F 136 19.69 -12.68 25.04
N LEU F 137 18.87 -12.56 24.00
CA LEU F 137 17.38 -12.72 24.12
C LEU F 137 17.03 -14.20 23.92
N PHE F 138 17.96 -14.99 23.39
CA PHE F 138 17.62 -16.40 23.05
C PHE F 138 18.66 -17.37 23.59
N LYS F 139 18.26 -18.62 23.81
CA LYS F 139 19.22 -19.69 24.19
C LYS F 139 19.44 -20.50 22.92
N TYR F 140 20.67 -20.55 22.41
CA TYR F 140 20.91 -21.21 21.10
C TYR F 140 21.16 -22.70 21.29
N ASN F 141 21.52 -23.11 22.50
CA ASN F 141 21.66 -24.56 22.81
C ASN F 141 22.41 -25.29 21.70
N ASP F 142 22.07 -26.56 21.51
CA ASP F 142 22.74 -27.40 20.48
C ASP F 142 22.44 -26.81 19.10
N ALA F 143 23.18 -25.78 18.71
CA ALA F 143 22.96 -25.27 17.35
C ALA F 143 24.28 -24.74 16.78
N GLY F 144 24.50 -24.93 15.48
CA GLY F 144 25.73 -24.46 14.85
C GLY F 144 25.54 -23.04 14.39
N VAL F 145 25.08 -22.19 15.29
CA VAL F 145 24.82 -20.77 14.93
C VAL F 145 25.98 -19.95 15.48
N ASP F 146 26.72 -19.27 14.60
CA ASP F 146 27.83 -18.40 15.05
C ASP F 146 27.20 -17.18 15.72
N THR F 147 26.92 -17.29 17.01
CA THR F 147 26.38 -16.15 17.78
C THR F 147 27.13 -14.89 17.38
N LYS F 148 28.42 -15.03 17.05
CA LYS F 148 29.25 -13.87 16.69
C LYS F 148 28.61 -13.11 15.54
N GLN F 149 28.18 -13.82 14.49
CA GLN F 149 27.64 -13.10 13.30
C GLN F 149 26.28 -12.47 13.65
N LEU F 150 25.86 -12.56 14.92
CA LEU F 150 24.53 -12.04 15.32
C LEU F 150 24.71 -10.95 16.37
N GLU F 151 25.95 -10.58 16.68
CA GLU F 151 26.21 -9.62 17.78
C GLU F 151 25.95 -8.17 17.35
N GLY F 152 26.42 -7.77 16.19
CA GLY F 152 26.27 -6.38 15.74
C GLY F 152 24.87 -6.08 15.25
N GLN F 153 23.99 -7.09 15.17
CA GLN F 153 22.83 -7.12 14.23
C GLN F 153 21.53 -6.63 14.89
N SER F 154 21.45 -5.33 15.21
CA SER F 154 20.28 -4.68 15.85
C SER F 154 19.11 -4.49 14.88
N ASP F 155 19.37 -4.64 13.59
CA ASP F 155 18.40 -4.38 12.51
C ASP F 155 17.73 -5.72 12.13
N LEU F 156 18.21 -6.85 12.69
CA LEU F 156 17.78 -8.22 12.33
C LEU F 156 16.34 -8.47 12.75
N GLY F 157 15.89 -7.83 13.83
CA GLY F 157 14.54 -8.05 14.37
C GLY F 157 14.24 -9.53 14.61
N PHE F 158 12.97 -9.90 14.42
CA PHE F 158 12.41 -11.24 14.76
C PHE F 158 11.41 -11.68 13.70
N ALA F 159 11.09 -12.98 13.69
CA ALA F 159 10.21 -13.59 12.67
C ALA F 159 8.74 -13.35 13.01
N GLY F 160 8.44 -13.16 14.29
CA GLY F 160 7.05 -13.04 14.79
C GLY F 160 7.02 -13.16 16.31
N PHE F 161 5.84 -13.34 16.88
CA PHE F 161 5.65 -13.41 18.35
C PHE F 161 4.57 -14.42 18.69
N ARG F 162 4.55 -14.89 19.93
CA ARG F 162 3.41 -15.64 20.49
C ARG F 162 3.10 -15.07 21.87
N VAL F 163 1.87 -15.28 22.32
CA VAL F 163 1.31 -14.84 23.64
C VAL F 163 0.86 -16.07 24.43
N PHE F 164 1.25 -16.12 25.70
CA PHE F 164 0.88 -17.23 26.60
C PHE F 164 -0.06 -16.65 27.63
N LYS F 165 -0.91 -17.50 28.21
CA LYS F 165 -1.92 -17.04 29.18
C LYS F 165 -1.78 -17.88 30.44
N ALA F 166 -2.02 -17.27 31.59
CA ALA F 166 -1.97 -18.02 32.86
C ALA F 166 -2.98 -19.17 32.79
N PRO F 167 -2.65 -20.35 33.35
CA PRO F 167 -1.53 -20.51 34.26
C PRO F 167 -0.21 -20.87 33.59
N GLU F 168 -0.23 -21.12 32.28
CA GLU F 168 0.99 -21.49 31.51
C GLU F 168 1.46 -20.25 30.75
N LEU F 169 2.40 -19.48 31.31
CA LEU F 169 2.86 -18.18 30.75
C LEU F 169 4.12 -18.37 29.94
N ALA F 170 4.50 -19.63 29.71
CA ALA F 170 5.67 -19.93 28.88
C ALA F 170 5.54 -21.30 28.22
N ARG F 171 4.32 -21.84 28.07
CA ARG F 171 4.17 -23.21 27.53
C ARG F 171 3.02 -23.32 26.52
N ARG F 172 1.78 -23.14 26.93
CA ARG F 172 0.71 -23.20 25.91
C ARG F 172 0.53 -21.85 25.26
N ASP F 173 0.96 -21.69 24.00
CA ASP F 173 0.69 -20.42 23.31
C ASP F 173 -0.81 -20.40 23.00
N VAL F 174 -1.41 -19.21 22.92
CA VAL F 174 -2.86 -19.07 22.63
C VAL F 174 -3.00 -18.21 21.38
N VAL F 175 -2.03 -17.34 21.11
CA VAL F 175 -1.98 -16.42 19.94
C VAL F 175 -0.56 -16.44 19.38
N SER F 176 -0.47 -16.54 18.06
CA SER F 176 0.80 -16.66 17.31
C SER F 176 0.69 -15.90 15.99
N PHE F 177 1.36 -14.74 15.87
CA PHE F 177 1.64 -14.05 14.58
C PHE F 177 3.01 -14.48 14.11
N LEU F 178 3.11 -15.06 12.92
CA LEU F 178 4.39 -15.62 12.36
C LEU F 178 4.19 -15.98 10.89
N GLY F 179 4.95 -15.31 10.00
CA GLY F 179 5.01 -15.55 8.55
C GLY F 179 4.16 -14.53 7.80
N ALA F 180 4.75 -13.69 6.95
CA ALA F 180 3.99 -12.70 6.16
C ALA F 180 2.98 -11.94 7.05
N SER F 181 1.70 -11.90 6.65
CA SER F 181 0.55 -11.27 7.37
C SER F 181 -0.19 -12.30 8.24
N TYR F 182 0.35 -13.52 8.38
CA TYR F 182 -0.37 -14.72 8.92
C TYR F 182 -0.39 -14.72 10.45
N PHE F 183 -1.48 -15.19 11.02
CA PHE F 183 -1.61 -15.37 12.48
C PHE F 183 -2.68 -16.42 12.79
N ARG F 184 -2.62 -16.94 14.00
CA ARG F 184 -3.58 -17.99 14.42
C ARG F 184 -3.80 -17.95 15.93
N ALA F 185 -4.90 -18.53 16.40
CA ALA F 185 -5.16 -18.68 17.84
C ALA F 185 -5.94 -19.97 18.08
N VAL F 186 -6.10 -20.32 19.37
CA VAL F 186 -6.66 -21.63 19.77
C VAL F 186 -7.85 -21.47 20.73
N ASP F 187 -8.47 -22.59 21.11
CA ASP F 187 -9.64 -22.55 22.03
C ASP F 187 -9.25 -23.20 23.36
N ASP F 188 -10.24 -23.54 24.19
CA ASP F 188 -9.95 -24.27 25.46
C ASP F 188 -9.25 -25.58 25.11
N THR F 189 -9.14 -25.90 23.82
CA THR F 189 -8.44 -27.12 23.37
C THR F 189 -6.96 -26.84 23.30
N TYR F 190 -6.58 -25.57 23.21
CA TYR F 190 -5.16 -25.16 23.11
C TYR F 190 -4.49 -25.76 21.85
N GLN F 191 -5.29 -26.31 20.93
CA GLN F 191 -4.77 -26.90 19.67
C GLN F 191 -4.94 -25.89 18.52
N TYR F 192 -3.81 -25.52 17.92
CA TYR F 192 -3.78 -24.65 16.72
C TYR F 192 -4.31 -25.45 15.55
N GLY F 193 -5.11 -24.80 14.72
CA GLY F 193 -5.52 -25.37 13.42
C GLY F 193 -5.38 -24.34 12.32
N LEU F 194 -6.52 -23.87 11.81
CA LEU F 194 -6.57 -22.94 10.66
C LEU F 194 -5.97 -21.58 11.03
N SER F 195 -5.65 -20.84 9.97
CA SER F 195 -4.91 -19.54 9.96
C SER F 195 -5.81 -18.39 9.50
N ALA F 196 -5.46 -17.19 9.97
CA ALA F 196 -5.96 -15.92 9.43
C ALA F 196 -4.77 -15.18 8.80
N ARG F 197 -5.07 -14.15 8.01
CA ARG F 197 -4.04 -13.20 7.54
C ARG F 197 -4.57 -11.78 7.74
N GLY F 198 -3.64 -10.83 7.66
CA GLY F 198 -3.93 -9.39 7.64
C GLY F 198 -4.57 -9.02 6.33
N LEU F 199 -4.01 -9.55 5.25
CA LEU F 199 -4.50 -9.22 3.89
C LEU F 199 -4.17 -10.34 2.88
N ALA F 200 -4.97 -10.36 1.82
CA ALA F 200 -4.77 -11.25 0.66
C ALA F 200 -4.70 -10.39 -0.60
N ILE F 201 -3.73 -10.65 -1.47
CA ILE F 201 -3.59 -9.93 -2.77
C ILE F 201 -3.45 -10.98 -3.86
N ASP F 202 -4.32 -10.92 -4.89
CA ASP F 202 -4.10 -11.67 -6.16
C ASP F 202 -3.97 -13.17 -5.85
N THR F 203 -4.85 -13.73 -5.03
CA THR F 203 -4.80 -15.17 -4.60
C THR F 203 -5.19 -16.06 -5.79
N TYR F 204 -6.01 -15.52 -6.69
CA TYR F 204 -6.55 -16.24 -7.87
C TYR F 204 -6.74 -15.22 -9.00
N THR F 205 -5.73 -15.10 -9.86
CA THR F 205 -5.75 -14.20 -11.05
C THR F 205 -4.72 -14.75 -12.05
N ASP F 206 -4.54 -14.07 -13.18
CA ASP F 206 -3.57 -14.48 -14.22
C ASP F 206 -2.14 -14.11 -13.80
N SER F 207 -1.93 -13.69 -12.55
CA SER F 207 -0.56 -13.35 -12.04
C SER F 207 -0.26 -14.20 -10.81
N LYS F 208 0.98 -14.18 -10.36
CA LYS F 208 1.40 -14.85 -9.12
C LYS F 208 0.79 -14.11 -7.91
N GLU F 209 0.54 -14.86 -6.83
CA GLU F 209 -0.06 -14.33 -5.58
C GLU F 209 0.99 -13.47 -4.90
N GLU F 210 0.56 -12.31 -4.38
CA GLU F 210 1.37 -11.36 -3.54
C GLU F 210 1.07 -11.63 -2.06
N PHE F 211 2.13 -11.76 -1.27
CA PHE F 211 2.07 -12.02 0.19
C PHE F 211 2.59 -10.80 0.94
N PRO F 212 1.71 -9.86 1.34
CA PRO F 212 2.09 -8.81 2.26
C PRO F 212 2.68 -9.39 3.56
N ASP F 213 3.64 -8.65 4.14
CA ASP F 213 4.31 -8.90 5.45
C ASP F 213 3.80 -7.90 6.51
N PHE F 214 3.57 -8.40 7.70
CA PHE F 214 3.63 -7.57 8.92
C PHE F 214 5.12 -7.30 9.14
N THR F 215 5.51 -6.03 9.00
CA THR F 215 6.94 -5.61 9.06
C THR F 215 7.26 -4.99 10.40
N ALA F 216 6.26 -4.78 11.25
CA ALA F 216 6.52 -4.27 12.60
C ALA F 216 5.27 -4.40 13.46
N PHE F 217 5.49 -4.65 14.76
CA PHE F 217 4.44 -4.76 15.79
C PHE F 217 4.77 -3.87 17.00
N TRP F 218 3.77 -3.15 17.49
CA TRP F 218 3.84 -2.31 18.72
C TRP F 218 2.86 -2.92 19.73
N PHE F 219 3.34 -3.22 20.94
CA PHE F 219 2.60 -3.93 22.02
C PHE F 219 2.34 -3.02 23.23
N ASP F 220 1.13 -2.50 23.38
CA ASP F 220 0.69 -1.82 24.63
C ASP F 220 1.06 -2.72 25.81
N THR F 221 1.78 -2.18 26.80
CA THR F 221 2.18 -2.97 28.01
C THR F 221 0.91 -3.45 28.71
N VAL F 222 0.83 -4.76 29.02
CA VAL F 222 -0.40 -5.40 29.56
C VAL F 222 -0.66 -4.91 30.99
N LYS F 223 -1.92 -4.69 31.33
CA LYS F 223 -2.30 -4.27 32.70
C LYS F 223 -2.21 -5.49 33.61
N PRO F 224 -1.83 -5.31 34.91
CA PRO F 224 -1.93 -6.37 35.91
C PRO F 224 -3.37 -6.85 35.90
N GLY F 225 -3.56 -8.19 35.95
CA GLY F 225 -4.88 -8.83 36.01
C GLY F 225 -5.53 -9.05 34.65
N ALA F 226 -5.08 -8.36 33.59
CA ALA F 226 -5.81 -8.30 32.30
C ALA F 226 -5.42 -9.48 31.41
N THR F 227 -6.42 -9.98 30.68
CA THR F 227 -6.37 -11.06 29.66
C THR F 227 -6.70 -10.47 28.28
N THR F 228 -6.73 -9.14 28.19
CA THR F 228 -6.76 -8.38 26.92
C THR F 228 -5.42 -7.68 26.72
N PHE F 229 -4.91 -7.74 25.50
CA PHE F 229 -3.66 -7.02 25.12
C PHE F 229 -3.95 -6.39 23.77
N THR F 230 -3.34 -5.24 23.53
CA THR F 230 -3.46 -4.49 22.26
C THR F 230 -2.11 -4.59 21.56
N VAL F 231 -2.11 -5.01 20.29
CA VAL F 231 -0.89 -5.00 19.43
C VAL F 231 -1.31 -4.29 18.14
N TYR F 232 -0.55 -3.25 17.74
CA TYR F 232 -0.65 -2.53 16.43
C TYR F 232 0.36 -3.18 15.49
N ALA F 233 0.10 -3.09 14.18
CA ALA F 233 0.95 -3.71 13.14
C ALA F 233 0.99 -2.85 11.87
N LEU F 234 2.20 -2.74 11.33
CA LEU F 234 2.45 -2.14 10.01
C LEU F 234 2.44 -3.26 8.96
N LEU F 235 1.66 -3.07 7.89
CA LEU F 235 1.60 -4.00 6.74
C LEU F 235 2.26 -3.32 5.53
N ASP F 236 3.21 -4.01 4.90
CA ASP F 236 3.99 -3.49 3.74
C ASP F 236 4.05 -4.58 2.67
N SER F 237 3.56 -4.27 1.48
CA SER F 237 3.63 -5.13 0.28
C SER F 237 3.97 -4.24 -0.90
N ALA F 238 4.35 -4.83 -2.03
CA ALA F 238 4.64 -4.09 -3.28
C ALA F 238 3.46 -3.21 -3.63
N SER F 239 2.23 -3.69 -3.43
CA SER F 239 1.01 -3.01 -3.97
C SER F 239 0.28 -2.23 -2.89
N ILE F 240 0.57 -2.44 -1.60
CA ILE F 240 -0.35 -1.87 -0.57
C ILE F 240 0.37 -1.76 0.78
N THR F 241 0.03 -0.74 1.54
CA THR F 241 0.54 -0.54 2.91
C THR F 241 -0.68 -0.55 3.82
N GLY F 242 -0.49 -0.76 5.11
CA GLY F 242 -1.63 -0.75 6.03
C GLY F 242 -1.21 -0.50 7.46
N ALA F 243 -2.09 0.19 8.17
CA ALA F 243 -2.06 0.32 9.64
C ALA F 243 -3.15 -0.60 10.18
N TYR F 244 -2.84 -1.37 11.23
CA TYR F 244 -3.71 -2.39 11.81
C TYR F 244 -3.65 -2.26 13.32
N LYS F 245 -4.83 -2.29 13.94
CA LYS F 245 -4.95 -2.41 15.41
C LYS F 245 -5.73 -3.69 15.71
N PHE F 246 -5.14 -4.55 16.51
CA PHE F 246 -5.72 -5.78 17.12
C PHE F 246 -5.95 -5.59 18.64
N THR F 247 -7.21 -5.48 19.05
CA THR F 247 -7.55 -5.64 20.50
C THR F 247 -7.97 -7.11 20.73
N ILE F 248 -7.11 -7.88 21.43
CA ILE F 248 -7.21 -9.36 21.57
C ILE F 248 -7.60 -9.75 23.01
N HIS F 249 -8.78 -10.34 23.14
CA HIS F 249 -9.39 -10.83 24.41
C HIS F 249 -9.16 -12.34 24.54
N CYS F 250 -8.22 -12.75 25.40
CA CYS F 250 -7.95 -14.17 25.68
C CYS F 250 -8.92 -14.61 26.77
N GLU F 251 -10.20 -14.72 26.39
CA GLU F 251 -11.37 -15.15 27.22
C GLU F 251 -11.16 -16.61 27.66
N LYS F 252 -12.07 -17.14 28.48
CA LYS F 252 -11.91 -18.46 29.13
C LYS F 252 -12.08 -19.57 28.10
N SER F 253 -13.06 -19.44 27.21
CA SER F 253 -13.49 -20.50 26.27
C SER F 253 -13.00 -20.20 24.85
N GLN F 254 -12.54 -18.99 24.56
CA GLN F 254 -12.11 -18.61 23.18
C GLN F 254 -11.16 -17.41 23.20
N VAL F 255 -10.72 -17.01 22.01
CA VAL F 255 -9.94 -15.77 21.75
C VAL F 255 -10.77 -14.92 20.79
N ILE F 256 -11.06 -13.68 21.18
CA ILE F 256 -11.78 -12.71 20.32
C ILE F 256 -10.77 -11.62 19.97
N MET F 257 -10.71 -11.23 18.70
CA MET F 257 -9.86 -10.13 18.20
C MET F 257 -10.78 -9.07 17.61
N ASP F 258 -10.77 -7.88 18.22
CA ASP F 258 -11.34 -6.64 17.64
C ASP F 258 -10.27 -6.10 16.71
N VAL F 259 -10.54 -6.14 15.40
CA VAL F 259 -9.55 -5.74 14.36
C VAL F 259 -10.06 -4.50 13.64
N GLU F 260 -9.16 -3.53 13.47
CA GLU F 260 -9.36 -2.30 12.65
C GLU F 260 -8.14 -2.19 11.76
N ASN F 261 -8.36 -1.81 10.50
CA ASN F 261 -7.25 -1.54 9.56
C ASN F 261 -7.59 -0.30 8.74
N HIS F 262 -6.53 0.38 8.27
CA HIS F 262 -6.54 1.36 7.15
C HIS F 262 -5.55 0.91 6.10
N LEU F 263 -5.98 0.90 4.84
CA LEU F 263 -5.21 0.32 3.71
C LEU F 263 -4.99 1.41 2.67
N TYR F 264 -3.77 1.48 2.14
CA TYR F 264 -3.27 2.57 1.25
C TYR F 264 -2.61 1.89 0.05
N ALA F 265 -3.27 1.98 -1.11
CA ALA F 265 -2.95 1.19 -2.32
C ALA F 265 -1.81 1.86 -3.07
N ARG F 266 -0.63 1.23 -3.15
CA ARG F 266 0.45 1.79 -4.00
C ARG F 266 0.12 1.66 -5.50
N LYS F 267 -0.30 0.50 -5.98
CA LYS F 267 -0.59 0.28 -7.42
C LYS F 267 -2.06 -0.08 -7.60
N ASP F 268 -2.50 -0.20 -8.85
CA ASP F 268 -3.69 -1.00 -9.22
C ASP F 268 -3.52 -2.42 -8.67
N ILE F 269 -4.62 -3.01 -8.18
CA ILE F 269 -4.62 -4.38 -7.63
C ILE F 269 -5.73 -5.21 -8.29
N LYS F 270 -5.37 -6.36 -8.86
CA LYS F 270 -6.33 -7.27 -9.55
C LYS F 270 -7.34 -7.90 -8.57
N GLN F 271 -6.94 -8.24 -7.34
CA GLN F 271 -7.83 -8.93 -6.36
C GLN F 271 -7.41 -8.57 -4.93
N LEU F 272 -8.24 -7.77 -4.26
CA LEU F 272 -8.04 -7.38 -2.83
C LEU F 272 -8.89 -8.30 -1.95
N GLY F 273 -8.26 -9.01 -1.03
CA GLY F 273 -8.93 -9.91 -0.07
C GLY F 273 -8.89 -9.43 1.36
N ILE F 274 -10.03 -8.96 1.86
CA ILE F 274 -10.18 -8.47 3.26
C ILE F 274 -10.50 -9.64 4.20
N ALA F 275 -9.91 -9.64 5.40
CA ALA F 275 -10.23 -10.57 6.51
C ALA F 275 -10.02 -12.00 6.04
N PRO F 276 -8.94 -12.29 5.30
CA PRO F 276 -8.72 -13.64 4.79
C PRO F 276 -8.53 -14.69 5.88
N MET F 277 -8.91 -15.91 5.51
CA MET F 277 -8.72 -17.17 6.27
C MET F 277 -8.05 -18.23 5.37
N THR F 278 -7.29 -19.12 5.99
CA THR F 278 -6.58 -20.21 5.27
C THR F 278 -6.67 -21.47 6.11
N SER F 279 -7.32 -22.50 5.57
CA SER F 279 -7.53 -23.80 6.26
C SER F 279 -7.07 -24.89 5.32
N MET F 280 -7.30 -26.14 5.71
CA MET F 280 -7.01 -27.34 4.90
C MET F 280 -8.23 -28.26 4.89
N PHE F 281 -8.42 -28.97 3.80
CA PHE F 281 -9.55 -29.94 3.67
C PHE F 281 -9.09 -31.00 2.68
N SER F 282 -8.76 -32.18 3.21
CA SER F 282 -8.20 -33.31 2.41
C SER F 282 -9.28 -34.37 2.19
N CYS F 283 -9.91 -34.82 3.28
CA CYS F 283 -10.90 -35.93 3.27
C CYS F 283 -12.02 -35.66 4.28
N GLY F 284 -13.25 -35.53 3.80
CA GLY F 284 -14.43 -35.38 4.67
C GLY F 284 -15.48 -36.42 4.33
N THR F 285 -16.75 -36.10 4.59
CA THR F 285 -17.87 -37.04 4.31
C THR F 285 -18.32 -36.82 2.87
N ASN F 286 -17.89 -35.71 2.25
CA ASN F 286 -18.31 -35.34 0.88
C ASN F 286 -17.28 -35.77 -0.17
N GLU F 287 -17.75 -36.25 -1.32
CA GLU F 287 -16.88 -36.74 -2.43
C GLU F 287 -15.52 -37.20 -1.90
N ARG F 288 -15.46 -38.40 -1.34
CA ARG F 288 -14.23 -38.91 -0.70
C ARG F 288 -13.27 -39.49 -1.76
N ARG F 289 -12.44 -38.64 -2.35
CA ARG F 289 -11.50 -39.07 -3.42
C ARG F 289 -10.07 -39.06 -2.90
N MET F 290 -9.82 -38.48 -1.73
CA MET F 290 -8.45 -38.54 -1.15
C MET F 290 -8.57 -39.01 0.30
N CYS F 291 -8.99 -40.26 0.49
CA CYS F 291 -9.29 -40.77 1.85
C CYS F 291 -8.62 -42.13 2.07
N ASP F 292 -7.53 -42.40 1.38
CA ASP F 292 -6.84 -43.71 1.50
C ASP F 292 -5.76 -43.60 2.59
N THR F 293 -6.07 -43.04 3.76
CA THR F 293 -5.17 -43.07 4.95
C THR F 293 -5.88 -43.87 6.04
N ILE F 294 -5.26 -44.03 7.22
CA ILE F 294 -5.88 -44.70 8.40
C ILE F 294 -6.87 -43.75 9.08
N HIS F 295 -7.07 -42.54 8.56
CA HIS F 295 -7.90 -41.48 9.20
C HIS F 295 -9.21 -41.32 8.44
N PRO F 296 -10.37 -41.67 9.03
CA PRO F 296 -11.64 -41.53 8.34
C PRO F 296 -11.85 -40.14 7.70
N GLN F 297 -11.36 -39.10 8.37
CA GLN F 297 -11.47 -37.70 7.89
C GLN F 297 -10.16 -36.99 8.21
N ILE F 298 -9.69 -36.12 7.30
CA ILE F 298 -8.53 -35.21 7.53
C ILE F 298 -8.88 -33.81 7.03
N HIS F 299 -9.12 -32.88 7.96
CA HIS F 299 -9.38 -31.44 7.67
C HIS F 299 -9.25 -30.59 8.94
N ASP F 300 -8.84 -29.33 8.73
CA ASP F 300 -8.76 -28.24 9.73
C ASP F 300 -10.09 -27.50 9.82
N SER F 301 -10.86 -27.52 8.73
CA SER F 301 -12.21 -26.95 8.57
C SER F 301 -13.01 -27.89 7.63
N ASP F 302 -14.36 -27.91 7.72
CA ASP F 302 -15.23 -28.74 6.83
C ASP F 302 -16.18 -27.87 6.01
N ARG F 303 -16.43 -26.62 6.43
CA ARG F 303 -17.46 -25.82 5.73
C ARG F 303 -17.12 -24.33 5.73
N LEU F 304 -17.69 -23.61 4.78
CA LEU F 304 -17.80 -22.14 4.85
C LEU F 304 -19.23 -21.81 5.29
N SER F 305 -19.41 -21.11 6.41
CA SER F 305 -20.74 -20.58 6.80
C SER F 305 -20.80 -19.10 6.40
N MET F 306 -21.89 -18.69 5.74
CA MET F 306 -22.13 -17.27 5.42
C MET F 306 -23.50 -16.84 5.95
N TRP F 307 -23.51 -15.72 6.68
CA TRP F 307 -24.72 -14.97 7.11
C TRP F 307 -24.80 -13.68 6.29
N ARG F 308 -25.69 -13.65 5.30
CA ARG F 308 -25.70 -12.59 4.28
C ARG F 308 -26.51 -11.41 4.79
N GLY F 309 -26.41 -10.25 4.11
CA GLY F 309 -27.18 -9.03 4.38
C GLY F 309 -28.69 -9.20 4.26
N ASN F 310 -29.21 -9.94 3.28
CA ASN F 310 -30.66 -10.33 3.22
C ASN F 310 -31.07 -11.15 4.47
N GLY F 311 -30.16 -11.53 5.38
CA GLY F 311 -30.46 -12.40 6.56
C GLY F 311 -30.45 -13.89 6.27
N GLU F 312 -30.18 -14.31 5.03
CA GLU F 312 -30.12 -15.73 4.64
C GLU F 312 -28.86 -16.36 5.21
N TRP F 313 -28.92 -17.60 5.70
CA TRP F 313 -27.75 -18.41 6.11
C TRP F 313 -27.39 -19.38 5.02
N ILE F 314 -26.09 -19.59 4.83
CA ILE F 314 -25.55 -20.59 3.85
C ILE F 314 -24.55 -21.49 4.57
N CYS F 315 -24.63 -22.78 4.23
CA CYS F 315 -23.64 -23.83 4.58
C CYS F 315 -23.08 -24.37 3.27
N ARG F 316 -21.82 -24.07 2.97
CA ARG F 316 -21.13 -24.55 1.74
C ARG F 316 -20.04 -25.49 2.21
N PRO F 317 -20.26 -26.82 2.17
CA PRO F 317 -19.22 -27.76 2.54
C PRO F 317 -18.04 -27.71 1.55
N LEU F 318 -16.86 -27.62 2.11
CA LEU F 318 -15.58 -27.49 1.37
C LEU F 318 -15.36 -28.77 0.58
N ASN F 319 -14.69 -28.69 -0.57
CA ASN F 319 -14.27 -29.86 -1.40
C ASN F 319 -12.75 -30.00 -1.37
N ASN F 320 -12.24 -31.16 -1.77
CA ASN F 320 -10.82 -31.38 -2.16
C ASN F 320 -10.88 -31.77 -3.62
N PRO F 321 -11.03 -30.79 -4.55
CA PRO F 321 -11.35 -31.06 -5.94
C PRO F 321 -10.10 -31.58 -6.67
N GLN F 322 -10.28 -32.22 -7.82
CA GLN F 322 -9.08 -32.67 -8.56
C GLN F 322 -8.60 -31.51 -9.43
N LYS F 323 -9.43 -30.48 -9.61
CA LYS F 323 -9.04 -29.25 -10.35
C LYS F 323 -9.29 -27.98 -9.51
N LEU F 324 -8.27 -27.14 -9.40
CA LEU F 324 -8.34 -25.82 -8.72
C LEU F 324 -9.64 -25.12 -9.11
N GLN F 325 -10.42 -24.76 -8.08
CA GLN F 325 -11.71 -24.04 -8.16
C GLN F 325 -11.66 -22.74 -7.36
N PHE F 326 -12.21 -21.68 -7.94
CA PHE F 326 -12.53 -20.41 -7.25
C PHE F 326 -14.02 -20.14 -7.35
N ASN F 327 -14.67 -19.89 -6.23
CA ASN F 327 -16.12 -19.51 -6.21
C ASN F 327 -16.21 -18.15 -5.53
N ALA F 328 -17.00 -17.25 -6.12
CA ALA F 328 -17.32 -15.91 -5.57
C ALA F 328 -18.82 -15.80 -5.29
N TYR F 329 -19.19 -15.66 -4.01
CA TYR F 329 -20.60 -15.64 -3.50
C TYR F 329 -20.99 -14.18 -3.32
N THR F 330 -21.76 -13.65 -4.27
CA THR F 330 -22.23 -12.24 -4.21
C THR F 330 -22.92 -11.98 -2.87
N ASP F 331 -22.67 -10.83 -2.26
CA ASP F 331 -23.35 -10.37 -1.02
C ASP F 331 -23.35 -8.82 -1.04
N ASN F 332 -24.09 -8.24 -0.10
CA ASN F 332 -24.15 -6.78 0.14
C ASN F 332 -24.34 -6.57 1.64
N ASN F 333 -23.34 -6.00 2.29
CA ASN F 333 -23.34 -5.81 3.76
C ASN F 333 -23.42 -7.15 4.47
N PRO F 334 -22.43 -8.04 4.22
CA PRO F 334 -22.36 -9.32 4.91
C PRO F 334 -22.37 -9.07 6.41
N LYS F 335 -23.06 -9.95 7.15
CA LYS F 335 -23.19 -9.93 8.63
C LYS F 335 -22.15 -10.84 9.27
N GLY F 336 -21.72 -11.87 8.56
CA GLY F 336 -20.68 -12.78 9.06
C GLY F 336 -20.35 -13.83 8.05
N PHE F 337 -19.15 -14.40 8.17
CA PHE F 337 -18.72 -15.57 7.37
C PHE F 337 -17.54 -16.23 8.08
N GLY F 338 -17.44 -17.55 8.01
CA GLY F 338 -16.42 -18.31 8.75
C GLY F 338 -16.10 -19.63 8.08
N LEU F 339 -14.89 -20.16 8.34
CA LEU F 339 -14.52 -21.56 8.05
C LEU F 339 -14.63 -22.29 9.38
N LEU F 340 -15.62 -23.19 9.49
CA LEU F 340 -15.98 -23.91 10.75
C LEU F 340 -15.45 -25.36 10.74
N GLN F 341 -15.12 -25.86 11.93
CA GLN F 341 -14.74 -27.27 12.20
C GLN F 341 -15.76 -27.81 13.20
N LEU F 342 -16.91 -28.26 12.70
CA LEU F 342 -18.06 -28.64 13.57
C LEU F 342 -18.01 -30.13 13.89
N ASP F 343 -17.20 -30.96 13.23
CA ASP F 343 -17.10 -32.38 13.63
C ASP F 343 -16.08 -32.49 14.77
N ARG F 344 -16.57 -32.63 15.99
CA ARG F 344 -15.72 -32.55 17.21
C ARG F 344 -15.30 -33.95 17.67
N ASP F 345 -15.60 -35.00 16.91
CA ASP F 345 -15.53 -36.42 17.38
C ASP F 345 -14.19 -37.05 16.99
N PHE F 346 -13.33 -37.31 17.98
CA PHE F 346 -11.97 -37.86 17.79
C PHE F 346 -12.01 -39.04 16.80
N SER F 347 -12.92 -39.98 17.07
CA SER F 347 -13.00 -41.29 16.35
C SER F 347 -13.27 -41.09 14.86
N HIS F 348 -13.67 -39.88 14.42
CA HIS F 348 -13.90 -39.58 12.98
C HIS F 348 -12.58 -39.19 12.30
N TYR F 349 -11.53 -38.99 13.09
CA TYR F 349 -10.24 -38.44 12.61
C TYR F 349 -9.10 -39.39 12.98
N GLN F 350 -9.08 -39.85 14.24
CA GLN F 350 -8.04 -40.81 14.73
C GLN F 350 -6.63 -40.22 14.61
N ASP F 351 -6.48 -38.89 14.62
CA ASP F 351 -5.14 -38.23 14.49
C ASP F 351 -4.63 -37.83 15.88
N ILE F 352 -3.58 -38.49 16.36
CA ILE F 352 -2.98 -38.23 17.70
C ILE F 352 -1.71 -37.38 17.55
N MET F 353 -1.39 -36.97 16.33
CA MET F 353 -0.31 -36.02 16.02
C MET F 353 -0.92 -34.62 16.11
N GLY F 354 -1.88 -34.33 15.23
CA GLY F 354 -2.41 -32.97 14.97
C GLY F 354 -3.74 -32.70 15.64
N TRP F 355 -4.46 -33.73 16.04
CA TRP F 355 -5.72 -33.62 16.82
C TRP F 355 -6.77 -32.78 16.09
N TYR F 356 -7.12 -33.14 14.87
CA TYR F 356 -8.05 -32.34 14.04
C TYR F 356 -9.38 -32.05 14.78
N ASN F 357 -9.88 -32.99 15.59
CA ASN F 357 -11.14 -32.84 16.36
C ASN F 357 -11.07 -31.63 17.33
N LYS F 358 -9.88 -31.24 17.78
CA LYS F 358 -9.68 -30.15 18.78
C LYS F 358 -9.46 -28.77 18.12
N ARG F 359 -9.23 -28.75 16.82
CA ARG F 359 -8.91 -27.53 16.05
C ARG F 359 -10.14 -26.62 15.92
N PRO F 360 -9.96 -25.29 16.03
CA PRO F 360 -11.08 -24.38 16.14
C PRO F 360 -11.71 -24.00 14.79
N SER F 361 -12.92 -23.45 14.90
CA SER F 361 -13.58 -22.59 13.87
C SER F 361 -13.06 -21.14 13.99
N LEU F 362 -13.24 -20.37 12.92
CA LEU F 362 -12.98 -18.91 12.82
C LEU F 362 -14.21 -18.22 12.25
N TRP F 363 -14.79 -17.27 12.99
CA TRP F 363 -15.91 -16.41 12.52
C TRP F 363 -15.42 -14.97 12.29
N VAL F 364 -15.60 -14.43 11.08
CA VAL F 364 -15.36 -13.00 10.76
C VAL F 364 -16.68 -12.24 10.89
N GLU F 365 -16.78 -11.31 11.84
CA GLU F 365 -17.96 -10.41 12.02
C GLU F 365 -17.62 -8.97 11.59
N PRO F 366 -18.01 -8.52 10.37
CA PRO F 366 -17.85 -7.11 10.01
C PRO F 366 -18.53 -6.22 11.07
N ARG F 367 -17.90 -5.10 11.42
CA ARG F 367 -18.40 -4.19 12.50
C ARG F 367 -18.99 -2.93 11.85
N ASN F 368 -18.80 -2.83 10.56
CA ASN F 368 -19.49 -1.74 9.85
C ASN F 368 -20.08 -2.38 8.61
N LYS F 369 -20.87 -1.62 7.89
CA LYS F 369 -21.54 -2.11 6.65
C LYS F 369 -20.50 -2.20 5.52
N TRP F 370 -20.08 -3.37 5.04
CA TRP F 370 -18.98 -3.48 4.01
C TRP F 370 -19.47 -3.25 2.57
N GLY F 371 -20.76 -2.98 2.40
CA GLY F 371 -21.41 -2.80 1.08
C GLY F 371 -21.24 -3.98 0.14
N LYS F 372 -21.18 -3.70 -1.15
CA LYS F 372 -21.29 -4.71 -2.21
C LYS F 372 -19.94 -5.35 -2.50
N GLY F 373 -19.97 -6.64 -2.82
CA GLY F 373 -18.78 -7.42 -3.13
C GLY F 373 -19.07 -8.89 -3.09
N THR F 374 -18.05 -9.71 -2.94
CA THR F 374 -18.20 -11.18 -2.95
C THR F 374 -17.36 -11.83 -1.84
N ILE F 375 -17.85 -12.95 -1.33
CA ILE F 375 -17.03 -13.85 -0.48
C ILE F 375 -16.35 -14.87 -1.39
N GLY F 376 -15.03 -14.83 -1.41
CA GLY F 376 -14.20 -15.65 -2.30
C GLY F 376 -13.74 -16.88 -1.57
N LEU F 377 -13.86 -18.03 -2.26
CA LEU F 377 -13.37 -19.35 -1.79
C LEU F 377 -12.55 -19.98 -2.93
N MET F 378 -11.25 -20.12 -2.67
CA MET F 378 -10.34 -20.91 -3.52
C MET F 378 -10.20 -22.29 -2.88
N GLU F 379 -10.39 -23.33 -3.68
CA GLU F 379 -10.21 -24.71 -3.21
C GLU F 379 -9.13 -25.34 -4.09
N ILE F 380 -7.97 -25.64 -3.52
CA ILE F 380 -6.83 -26.21 -4.28
C ILE F 380 -6.78 -27.71 -4.05
N PRO F 381 -6.44 -28.51 -5.07
CA PRO F 381 -6.27 -29.95 -4.86
C PRO F 381 -5.11 -30.36 -3.94
N THR F 382 -5.36 -31.22 -2.94
CA THR F 382 -4.33 -31.76 -2.02
C THR F 382 -4.39 -33.28 -2.17
N THR F 383 -3.35 -33.96 -1.72
CA THR F 383 -3.23 -35.43 -1.70
C THR F 383 -2.88 -35.85 -0.27
N GLY F 384 -2.85 -34.87 0.66
CA GLY F 384 -2.62 -35.10 2.11
C GLY F 384 -2.94 -33.88 2.97
N GLU F 385 -2.15 -33.68 4.02
CA GLU F 385 -2.45 -32.62 5.02
C GLU F 385 -1.40 -31.51 5.05
N THR F 386 -0.34 -31.61 4.27
CA THR F 386 0.79 -30.64 4.38
C THR F 386 0.46 -29.31 3.70
N LEU F 387 -0.57 -29.27 2.85
CA LEU F 387 -0.87 -28.04 2.08
C LEU F 387 -2.16 -27.40 2.54
N ASN F 388 -2.10 -26.13 2.92
CA ASN F 388 -3.35 -25.40 3.22
C ASN F 388 -3.96 -25.11 1.85
N ASN F 389 -4.98 -25.86 1.47
CA ASN F 389 -5.58 -25.86 0.12
C ASN F 389 -6.91 -25.07 0.12
N ILE F 390 -7.26 -24.42 1.23
CA ILE F 390 -8.52 -23.62 1.37
C ILE F 390 -8.20 -22.20 1.80
N VAL F 391 -8.59 -21.23 0.98
CA VAL F 391 -8.44 -19.76 1.24
C VAL F 391 -9.79 -19.07 1.04
N CYS F 392 -10.20 -18.26 2.00
CA CYS F 392 -11.47 -17.50 1.90
C CYS F 392 -11.25 -16.05 2.38
N PHE F 393 -11.90 -15.09 1.72
CA PHE F 393 -11.78 -13.64 2.01
C PHE F 393 -12.96 -12.87 1.42
N TRP F 394 -13.05 -11.58 1.76
CA TRP F 394 -14.06 -10.61 1.25
C TRP F 394 -13.39 -9.72 0.24
N GLN F 395 -13.98 -9.59 -0.95
CA GLN F 395 -13.42 -8.79 -2.07
C GLN F 395 -14.45 -7.74 -2.43
N PRO F 396 -14.19 -6.44 -2.16
CA PRO F 396 -15.17 -5.41 -2.47
C PRO F 396 -15.46 -5.37 -3.98
N GLU F 397 -16.67 -4.95 -4.32
CA GLU F 397 -17.15 -4.96 -5.72
C GLU F 397 -16.18 -4.14 -6.55
N LYS F 398 -15.89 -2.90 -6.12
CA LYS F 398 -15.15 -1.94 -6.97
C LYS F 398 -13.71 -2.39 -7.19
N ALA F 399 -13.20 -2.11 -8.39
CA ALA F 399 -11.80 -2.38 -8.80
C ALA F 399 -10.84 -1.48 -8.01
N VAL F 400 -9.79 -2.07 -7.44
CA VAL F 400 -8.82 -1.33 -6.57
C VAL F 400 -7.81 -0.64 -7.48
N LYS F 401 -7.73 0.68 -7.34
CA LYS F 401 -6.83 1.53 -8.17
C LYS F 401 -5.78 2.18 -7.28
N ALA F 402 -4.70 2.67 -7.89
CA ALA F 402 -3.58 3.30 -7.16
C ALA F 402 -4.09 4.54 -6.43
N GLY F 403 -3.71 4.68 -5.16
CA GLY F 403 -4.12 5.82 -4.31
C GLY F 403 -5.41 5.55 -3.58
N ASP F 404 -6.05 4.41 -3.82
CA ASP F 404 -7.28 4.03 -3.09
C ASP F 404 -6.93 3.87 -1.61
N GLU F 405 -7.85 4.29 -0.75
CA GLU F 405 -7.73 4.18 0.72
C GLU F 405 -8.94 3.39 1.21
N PHE F 406 -8.72 2.43 2.11
CA PHE F 406 -9.79 1.58 2.69
C PHE F 406 -9.67 1.61 4.20
N ALA F 407 -10.77 1.28 4.88
CA ALA F 407 -10.83 1.00 6.34
C ALA F 407 -11.85 -0.12 6.61
N PHE F 408 -11.40 -1.18 7.25
CA PHE F 408 -12.31 -2.27 7.66
C PHE F 408 -12.17 -2.45 9.16
N GLN F 409 -13.30 -2.70 9.81
CA GLN F 409 -13.38 -3.13 11.21
C GLN F 409 -14.11 -4.47 11.19
N TYR F 410 -13.58 -5.48 11.89
CA TYR F 410 -14.20 -6.83 11.99
C TYR F 410 -13.77 -7.50 13.29
N ARG F 411 -14.69 -8.26 13.91
CA ARG F 411 -14.38 -9.16 15.05
C ARG F 411 -14.08 -10.57 14.53
N LEU F 412 -12.98 -11.16 14.98
CA LEU F 412 -12.59 -12.57 14.74
C LEU F 412 -12.84 -13.38 16.00
N TYR F 413 -13.54 -14.50 15.85
CA TYR F 413 -13.80 -15.46 16.94
C TYR F 413 -13.12 -16.78 16.62
N TRP F 414 -12.10 -17.06 17.41
CA TRP F 414 -11.30 -18.30 17.43
C TRP F 414 -11.95 -19.22 18.47
N SER F 415 -12.89 -20.05 18.03
CA SER F 415 -13.66 -20.93 18.94
C SER F 415 -14.21 -22.10 18.15
N ALA F 416 -14.36 -23.25 18.79
CA ALA F 416 -14.93 -24.48 18.20
C ALA F 416 -16.27 -24.14 17.58
N GLN F 417 -17.17 -23.57 18.37
CA GLN F 417 -18.52 -23.15 17.88
C GLN F 417 -18.44 -21.69 17.49
N PRO F 418 -18.94 -21.29 16.31
CA PRO F 418 -19.01 -19.86 15.98
C PRO F 418 -19.94 -19.19 16.99
N PRO F 419 -19.85 -17.86 17.19
CA PRO F 419 -20.64 -17.20 18.21
C PRO F 419 -22.11 -17.06 17.79
N VAL F 420 -22.41 -17.21 16.49
CA VAL F 420 -23.78 -17.14 15.88
C VAL F 420 -23.92 -18.19 14.76
N HIS F 421 -25.16 -18.53 14.45
CA HIS F 421 -25.52 -19.66 13.56
C HIS F 421 -27.00 -19.57 13.20
N CYS F 422 -27.42 -20.12 12.07
CA CYS F 422 -28.85 -20.08 11.69
C CYS F 422 -29.76 -20.36 12.88
N PRO F 423 -30.78 -19.51 13.16
CA PRO F 423 -31.73 -19.80 14.23
C PRO F 423 -32.72 -20.89 13.79
N LEU F 424 -32.52 -21.48 12.62
CA LEU F 424 -33.46 -22.50 12.10
C LEU F 424 -32.77 -23.85 11.97
N ALA F 425 -33.33 -24.77 11.17
CA ALA F 425 -32.69 -26.09 10.93
C ALA F 425 -31.28 -25.86 10.36
N ARG F 426 -30.31 -26.67 10.82
CA ARG F 426 -28.92 -26.50 10.39
C ARG F 426 -28.29 -27.77 9.84
N VAL F 427 -27.73 -27.69 8.64
CA VAL F 427 -26.89 -28.79 8.07
C VAL F 427 -25.90 -29.28 9.14
N MET F 428 -25.83 -30.57 9.40
CA MET F 428 -24.91 -31.16 10.39
C MET F 428 -23.77 -31.89 9.67
N ALA F 429 -24.05 -32.39 8.47
CA ALA F 429 -23.11 -33.16 7.63
C ALA F 429 -23.68 -33.35 6.23
N THR F 430 -22.80 -33.34 5.23
CA THR F 430 -23.12 -33.64 3.83
C THR F 430 -22.38 -34.93 3.44
N ARG F 431 -23.12 -36.05 3.37
CA ARG F 431 -22.56 -37.35 2.94
C ARG F 431 -22.82 -37.55 1.44
N THR F 432 -21.86 -38.11 0.71
CA THR F 432 -22.07 -38.43 -0.72
C THR F 432 -21.51 -39.82 -1.02
N GLY F 433 -22.15 -40.55 -1.93
CA GLY F 433 -21.72 -41.90 -2.31
C GLY F 433 -22.48 -42.43 -3.50
N MET F 434 -22.53 -43.78 -3.61
CA MET F 434 -23.19 -44.43 -4.78
C MET F 434 -24.71 -44.41 -4.62
N GLY F 435 -25.42 -44.20 -5.75
CA GLY F 435 -26.89 -44.26 -5.73
C GLY F 435 -27.35 -45.23 -6.78
N GLY F 436 -28.66 -45.34 -6.97
CA GLY F 436 -29.19 -46.24 -8.02
C GLY F 436 -29.70 -47.51 -7.38
N PHE F 437 -29.78 -47.51 -6.06
CA PHE F 437 -30.25 -48.69 -5.33
C PHE F 437 -31.17 -48.23 -4.21
N SER F 438 -31.74 -49.18 -3.48
CA SER F 438 -32.63 -48.85 -2.35
C SER F 438 -31.81 -48.72 -1.08
N GLU F 439 -32.05 -47.67 -0.30
CA GLU F 439 -31.25 -47.44 0.92
C GLU F 439 -31.32 -48.67 1.82
N GLY F 440 -30.17 -49.30 2.06
CA GLY F 440 -30.08 -50.47 2.96
C GLY F 440 -30.21 -51.79 2.22
N TRP F 441 -30.29 -51.76 0.89
CA TRP F 441 -30.26 -52.96 0.01
C TRP F 441 -29.29 -52.73 -1.16
N ALA F 442 -28.15 -52.08 -0.89
CA ALA F 442 -27.05 -51.94 -1.87
C ALA F 442 -26.69 -53.36 -2.29
N PRO F 443 -26.84 -53.73 -3.56
CA PRO F 443 -26.65 -55.12 -4.00
C PRO F 443 -25.20 -55.60 -3.83
N GLY F 444 -25.04 -56.89 -3.55
CA GLY F 444 -23.73 -57.48 -3.19
C GLY F 444 -23.18 -58.36 -4.29
N GLU F 445 -24.06 -58.92 -5.12
CA GLU F 445 -23.67 -59.87 -6.19
C GLU F 445 -23.21 -59.07 -7.41
N HIS F 446 -23.86 -57.95 -7.69
CA HIS F 446 -23.56 -57.04 -8.83
C HIS F 446 -23.54 -55.60 -8.32
N TYR F 447 -22.83 -54.71 -9.01
CA TYR F 447 -22.95 -53.23 -8.79
C TYR F 447 -24.36 -52.79 -9.17
N PRO F 448 -24.76 -51.54 -8.83
CA PRO F 448 -26.04 -51.02 -9.30
C PRO F 448 -26.13 -50.94 -10.84
N GLU F 449 -27.34 -51.14 -11.34
CA GLU F 449 -27.67 -51.19 -12.78
C GLU F 449 -27.47 -49.79 -13.38
N LYS F 450 -28.05 -48.75 -12.77
CA LYS F 450 -27.96 -47.37 -13.29
C LYS F 450 -26.90 -46.56 -12.53
N TRP F 451 -26.22 -45.62 -13.20
CA TRP F 451 -25.22 -44.74 -12.52
C TRP F 451 -25.91 -43.46 -12.04
N ALA F 452 -25.73 -43.17 -10.75
CA ALA F 452 -26.24 -41.94 -10.10
C ALA F 452 -25.39 -41.64 -8.85
N ARG F 453 -25.44 -40.41 -8.36
CA ARG F 453 -24.64 -40.04 -7.17
C ARG F 453 -25.58 -39.66 -6.04
N ARG F 454 -25.43 -40.30 -4.87
CA ARG F 454 -26.35 -40.11 -3.71
C ARG F 454 -25.82 -38.93 -2.91
N PHE F 455 -26.71 -38.01 -2.55
CA PHE F 455 -26.44 -36.94 -1.57
C PHE F 455 -27.34 -37.17 -0.36
N ALA F 456 -26.72 -37.15 0.81
CA ALA F 456 -27.41 -37.24 2.10
C ALA F 456 -27.07 -36.00 2.93
N VAL F 457 -28.04 -35.11 3.13
CA VAL F 457 -27.82 -33.90 3.97
C VAL F 457 -28.61 -34.08 5.27
N ASP F 458 -27.92 -34.07 6.41
CA ASP F 458 -28.54 -34.29 7.73
C ASP F 458 -28.80 -32.90 8.31
N PHE F 459 -30.04 -32.63 8.69
CA PHE F 459 -30.42 -31.31 9.22
C PHE F 459 -30.85 -31.47 10.67
N VAL F 460 -30.19 -30.75 11.55
CA VAL F 460 -30.57 -30.75 12.98
C VAL F 460 -31.05 -29.32 13.22
N GLY F 461 -31.91 -29.06 14.18
CA GLY F 461 -32.31 -27.66 14.29
C GLY F 461 -33.73 -27.43 14.74
N GLY F 462 -34.21 -26.19 14.62
CA GLY F 462 -35.51 -25.84 15.23
C GLY F 462 -36.77 -26.07 14.44
N ASP F 463 -37.78 -26.64 15.08
CA ASP F 463 -39.14 -26.81 14.50
C ASP F 463 -39.18 -27.91 13.45
N LEU F 464 -38.10 -28.64 13.25
CA LEU F 464 -38.21 -29.79 12.33
C LEU F 464 -39.16 -30.78 12.98
N LYS F 465 -39.12 -30.90 14.31
CA LYS F 465 -40.05 -31.78 15.08
C LYS F 465 -41.52 -31.42 14.75
N ALA F 466 -41.89 -30.16 14.94
CA ALA F 466 -43.26 -29.65 14.72
C ALA F 466 -43.54 -29.55 13.22
N ALA F 467 -42.53 -29.29 12.41
CA ALA F 467 -42.73 -29.09 10.95
C ALA F 467 -43.01 -30.44 10.26
N ALA F 468 -42.52 -31.53 10.81
CA ALA F 468 -42.59 -32.86 10.17
C ALA F 468 -44.05 -33.23 9.85
N PRO F 469 -44.95 -33.35 10.85
CA PRO F 469 -46.38 -33.57 10.57
C PRO F 469 -47.05 -32.57 9.62
N LYS F 470 -46.61 -31.31 9.60
CA LYS F 470 -47.16 -30.30 8.65
C LYS F 470 -46.60 -30.55 7.25
N GLY F 471 -45.42 -31.17 7.10
CA GLY F 471 -44.89 -31.61 5.79
C GLY F 471 -43.66 -30.80 5.38
N ILE F 472 -42.49 -31.41 5.46
CA ILE F 472 -41.15 -30.80 5.19
C ILE F 472 -40.79 -31.04 3.72
N GLU F 473 -40.91 -30.02 2.84
CA GLU F 473 -40.56 -30.11 1.39
C GLU F 473 -39.11 -29.71 1.15
N PRO F 474 -38.22 -30.60 0.69
CA PRO F 474 -36.91 -30.17 0.22
C PRO F 474 -37.10 -29.37 -1.07
N VAL F 475 -36.46 -28.21 -1.21
CA VAL F 475 -36.46 -27.43 -2.47
C VAL F 475 -35.06 -27.52 -3.07
N ILE F 476 -34.89 -28.41 -4.05
CA ILE F 476 -33.55 -28.74 -4.62
C ILE F 476 -33.41 -27.99 -5.95
N THR F 477 -32.33 -27.24 -6.13
CA THR F 477 -32.05 -26.50 -7.38
C THR F 477 -30.73 -27.04 -7.92
N LEU F 478 -30.67 -27.41 -9.19
CA LEU F 478 -29.46 -28.01 -9.81
C LEU F 478 -29.12 -27.24 -11.09
N SER F 479 -27.85 -26.95 -11.32
CA SER F 479 -27.42 -26.24 -12.53
C SER F 479 -27.56 -27.19 -13.73
N SER F 480 -27.35 -28.48 -13.50
CA SER F 480 -27.45 -29.59 -14.49
C SER F 480 -27.99 -30.86 -13.80
N GLY F 481 -28.45 -31.85 -14.55
CA GLY F 481 -28.86 -33.14 -13.96
C GLY F 481 -30.24 -33.05 -13.33
N GLU F 482 -30.73 -34.18 -12.80
CA GLU F 482 -32.08 -34.29 -12.17
C GLU F 482 -31.91 -34.93 -10.80
N ALA F 483 -32.67 -34.45 -9.80
CA ALA F 483 -32.81 -35.10 -8.47
C ALA F 483 -33.93 -36.14 -8.54
N LYS F 484 -33.64 -37.39 -8.23
CA LYS F 484 -34.64 -38.48 -8.19
C LYS F 484 -34.63 -39.17 -6.83
N GLN F 485 -35.58 -40.06 -6.56
CA GLN F 485 -35.63 -40.89 -5.33
C GLN F 485 -35.40 -39.98 -4.13
N ILE F 486 -36.03 -38.81 -4.11
CA ILE F 486 -35.88 -37.84 -3.00
C ILE F 486 -36.53 -38.44 -1.76
N GLU F 487 -35.85 -38.48 -0.61
CA GLU F 487 -36.37 -39.11 0.64
C GLU F 487 -36.14 -38.19 1.86
N ILE F 488 -37.11 -38.05 2.76
CA ILE F 488 -36.95 -37.37 4.08
C ILE F 488 -36.99 -38.43 5.19
N LEU F 489 -35.92 -38.61 5.97
CA LEU F 489 -35.83 -39.75 6.92
C LEU F 489 -35.41 -39.25 8.32
N TYR F 490 -36.19 -39.58 9.34
CA TYR F 490 -35.89 -39.22 10.75
C TYR F 490 -34.61 -39.95 11.19
N ILE F 491 -33.69 -39.25 11.86
CA ILE F 491 -32.44 -39.84 12.43
C ILE F 491 -32.51 -39.74 13.94
N GLU F 492 -32.97 -40.81 14.61
CA GLU F 492 -33.18 -40.75 16.10
C GLU F 492 -31.87 -40.27 16.75
N PRO F 493 -30.69 -40.86 16.45
CA PRO F 493 -29.47 -40.58 17.21
C PRO F 493 -29.10 -39.08 17.26
N ILE F 494 -29.52 -38.28 16.29
CA ILE F 494 -29.27 -36.81 16.31
C ILE F 494 -30.60 -36.03 16.31
N ASP F 495 -31.72 -36.69 16.61
CA ASP F 495 -33.07 -36.05 16.70
C ASP F 495 -33.17 -35.03 15.56
N GLY F 496 -32.88 -35.48 14.33
CA GLY F 496 -32.84 -34.68 13.09
C GLY F 496 -33.48 -35.41 11.92
N TYR F 497 -33.34 -34.85 10.71
CA TYR F 497 -33.90 -35.40 9.46
C TYR F 497 -32.84 -35.42 8.34
N ARG F 498 -32.79 -36.57 7.65
CA ARG F 498 -31.86 -36.75 6.52
C ARG F 498 -32.62 -36.60 5.20
N ILE F 499 -32.16 -35.69 4.38
CA ILE F 499 -32.67 -35.48 2.99
C ILE F 499 -31.68 -36.13 2.02
N GLN F 500 -32.10 -37.22 1.37
CA GLN F 500 -31.26 -37.98 0.41
C GLN F 500 -31.84 -37.72 -0.96
N PHE F 501 -31.01 -37.57 -1.98
CA PHE F 501 -31.49 -37.60 -3.38
C PHE F 501 -30.39 -38.19 -4.26
N ASP F 502 -30.82 -38.86 -5.33
CA ASP F 502 -29.91 -39.43 -6.34
C ASP F 502 -29.81 -38.44 -7.51
N TRP F 503 -28.62 -37.91 -7.76
CA TRP F 503 -28.35 -37.05 -8.93
C TRP F 503 -28.11 -37.94 -10.16
N TYR F 504 -28.93 -37.77 -11.19
CA TYR F 504 -28.77 -38.45 -12.51
C TYR F 504 -28.26 -37.43 -13.52
N PRO F 505 -27.17 -37.73 -14.26
CA PRO F 505 -26.69 -36.82 -15.29
C PRO F 505 -27.76 -36.70 -16.38
N THR F 506 -27.95 -35.50 -16.90
CA THR F 506 -28.73 -35.29 -18.16
C THR F 506 -27.78 -35.10 -19.34
N SER F 507 -26.51 -34.77 -19.09
CA SER F 507 -25.55 -34.35 -20.13
C SER F 507 -24.21 -35.08 -20.01
N ASP F 508 -23.44 -35.13 -21.11
CA ASP F 508 -22.04 -35.63 -21.13
C ASP F 508 -21.11 -34.65 -20.41
N SER F 509 -21.58 -33.46 -20.07
CA SER F 509 -20.68 -32.37 -19.59
C SER F 509 -20.00 -32.75 -18.27
N THR F 510 -18.69 -32.52 -18.15
CA THR F 510 -17.95 -32.65 -16.87
C THR F 510 -17.95 -31.30 -16.14
N ASP F 511 -18.77 -30.35 -16.57
CA ASP F 511 -18.87 -29.02 -15.91
C ASP F 511 -19.28 -29.22 -14.45
N PRO F 512 -18.67 -28.45 -13.52
CA PRO F 512 -19.16 -28.38 -12.15
C PRO F 512 -20.69 -28.29 -12.17
N VAL F 513 -21.35 -28.96 -11.23
CA VAL F 513 -22.81 -28.80 -11.01
C VAL F 513 -22.99 -28.00 -9.72
N ASP F 514 -23.58 -26.80 -9.81
CA ASP F 514 -23.94 -26.01 -8.60
C ASP F 514 -25.27 -26.57 -8.09
N MET F 515 -25.36 -26.93 -6.81
CA MET F 515 -26.58 -27.50 -6.17
C MET F 515 -27.02 -26.62 -5.00
N ARG F 516 -28.32 -26.49 -4.83
CA ARG F 516 -28.89 -25.58 -3.81
C ARG F 516 -30.08 -26.31 -3.20
N MET F 517 -30.12 -26.47 -1.87
CA MET F 517 -31.25 -27.12 -1.14
C MET F 517 -31.62 -26.32 0.12
N TYR F 518 -32.91 -26.06 0.33
CA TYR F 518 -33.47 -25.68 1.65
C TYR F 518 -34.79 -26.40 1.91
N LEU F 519 -35.17 -26.41 3.18
CA LEU F 519 -36.37 -27.13 3.69
C LEU F 519 -37.51 -26.11 3.80
N ARG F 520 -38.64 -26.40 3.16
CA ARG F 520 -39.81 -25.50 3.15
C ARG F 520 -40.97 -26.22 3.81
N CYS F 521 -41.68 -25.55 4.71
CA CYS F 521 -42.90 -26.07 5.36
C CYS F 521 -43.98 -25.01 5.24
N GLN F 522 -45.07 -25.34 4.56
CA GLN F 522 -46.18 -24.39 4.31
C GLN F 522 -45.60 -23.05 3.85
N GLY F 523 -44.81 -23.04 2.77
CA GLY F 523 -44.40 -21.80 2.07
C GLY F 523 -43.35 -20.97 2.79
N ASP F 524 -42.96 -21.32 4.02
CA ASP F 524 -41.83 -20.69 4.74
C ASP F 524 -40.59 -21.58 4.72
N ALA F 525 -39.42 -20.96 4.60
CA ALA F 525 -38.12 -21.67 4.73
C ALA F 525 -37.88 -21.95 6.21
N ILE F 526 -37.48 -23.18 6.55
CA ILE F 526 -37.33 -23.66 7.96
C ILE F 526 -35.93 -24.21 8.20
N SER F 527 -35.00 -24.01 7.23
CA SER F 527 -33.57 -24.42 7.31
C SER F 527 -32.66 -23.39 6.63
N GLU F 528 -31.36 -23.44 6.95
CA GLU F 528 -30.31 -22.63 6.26
C GLU F 528 -30.21 -23.15 4.83
N THR F 529 -29.53 -22.44 3.95
CA THR F 529 -29.43 -22.89 2.53
C THR F 529 -28.17 -23.72 2.37
N TRP F 530 -28.29 -24.89 1.80
CA TRP F 530 -27.15 -25.79 1.50
C TRP F 530 -26.70 -25.50 0.07
N LEU F 531 -25.46 -25.04 -0.11
CA LEU F 531 -24.79 -24.92 -1.43
C LEU F 531 -23.75 -26.04 -1.55
N TYR F 532 -23.82 -26.81 -2.64
CA TYR F 532 -22.84 -27.87 -2.96
C TYR F 532 -22.32 -27.61 -4.38
N GLN F 533 -21.03 -27.82 -4.59
CA GLN F 533 -20.45 -27.91 -5.96
C GLN F 533 -19.92 -29.33 -6.20
N TYR F 534 -20.62 -30.04 -7.10
CA TYR F 534 -20.35 -31.43 -7.51
C TYR F 534 -19.54 -31.45 -8.83
N PHE F 535 -18.63 -32.40 -8.97
CA PHE F 535 -17.82 -32.66 -10.19
C PHE F 535 -18.23 -34.00 -10.79
N PRO F 536 -19.14 -34.04 -11.80
CA PRO F 536 -19.53 -35.30 -12.40
C PRO F 536 -18.29 -35.92 -13.02
N PRO F 537 -18.15 -37.26 -12.97
CA PRO F 537 -17.08 -37.93 -13.67
C PRO F 537 -17.32 -37.88 -15.19
N ALA F 538 -16.23 -38.05 -15.93
CA ALA F 538 -16.18 -38.30 -17.39
C ALA F 538 -17.25 -39.32 -17.76
N PRO F 539 -17.94 -39.16 -18.92
CA PRO F 539 -19.05 -40.06 -19.25
C PRO F 539 -18.55 -41.51 -19.28
N ASP F 540 -17.30 -41.70 -19.71
CA ASP F 540 -16.64 -43.04 -19.82
C ASP F 540 -16.48 -43.67 -18.41
N LYS F 541 -16.49 -42.88 -17.32
CA LYS F 541 -16.42 -43.41 -15.93
C LYS F 541 -17.77 -43.30 -15.22
N ARG F 542 -18.88 -43.15 -15.93
CA ARG F 542 -20.22 -43.22 -15.28
C ARG F 542 -20.70 -44.67 -15.34
N GLN F 543 -19.97 -45.55 -14.66
CA GLN F 543 -20.19 -47.02 -14.67
C GLN F 543 -19.26 -47.64 -13.66
N TYR F 544 -19.50 -48.89 -13.25
CA TYR F 544 -18.61 -49.56 -12.25
C TYR F 544 -17.90 -50.75 -12.92
N VAL F 545 -16.65 -50.98 -12.54
CA VAL F 545 -15.85 -52.13 -13.05
C VAL F 545 -15.86 -53.22 -11.98
N ASP F 546 -16.47 -54.37 -12.28
CA ASP F 546 -16.55 -55.54 -11.36
C ASP F 546 -15.35 -56.48 -11.58
N ASP F 547 -14.29 -56.33 -10.76
CA ASP F 547 -13.02 -57.10 -10.92
C ASP F 547 -12.99 -58.32 -9.97
N ARG F 548 -14.14 -58.71 -9.39
CA ARG F 548 -14.18 -59.84 -8.41
C ARG F 548 -13.76 -61.13 -9.14
N VAL F 549 -13.34 -62.12 -8.37
CA VAL F 549 -13.01 -63.47 -8.89
C VAL F 549 -13.54 -64.48 -7.84
N MET F 550 -14.24 -65.51 -8.29
CA MET F 550 -14.74 -66.57 -7.38
C MET F 550 -13.98 -67.85 -7.68
N SER F 551 -12.74 -67.94 -7.22
CA SER F 551 -11.87 -69.10 -7.54
C SER F 551 -11.66 -69.95 -6.27
N LEU F 552 -11.44 -71.25 -6.47
CA LEU F 552 -11.07 -72.12 -5.34
C LEU F 552 -9.53 -72.18 -5.28
N GLU F 553 -8.87 -71.07 -5.61
CA GLU F 553 -7.39 -71.02 -5.67
C GLU F 553 -6.80 -70.51 -4.36
N HIS F 554 -7.62 -69.93 -3.49
CA HIS F 554 -7.12 -69.30 -2.24
C HIS F 554 -7.71 -69.99 -1.00
N HIS F 555 -7.16 -71.17 -0.67
CA HIS F 555 -7.33 -71.97 0.57
C HIS F 555 -6.02 -71.89 1.39
N HIS F 556 -6.10 -71.49 2.67
CA HIS F 556 -4.95 -71.36 3.61
C HIS F 556 -5.21 -72.22 4.85
N HIS F 557 -4.18 -72.95 5.32
CA HIS F 557 -4.24 -73.86 6.50
C HIS F 557 -3.21 -73.36 7.53
N HIS F 558 -3.56 -73.29 8.83
CA HIS F 558 -2.73 -72.70 9.93
C HIS F 558 -2.59 -73.71 11.09
N SER G 35 -54.86 -51.95 31.07
CA SER G 35 -55.33 -53.13 30.27
C SER G 35 -56.42 -52.67 29.28
N ASP G 36 -57.51 -52.09 29.78
CA ASP G 36 -58.62 -51.53 28.96
C ASP G 36 -58.05 -50.35 28.16
N ILE G 37 -58.36 -50.24 26.88
CA ILE G 37 -57.79 -49.18 25.98
C ILE G 37 -58.32 -47.80 26.37
N ALA G 38 -59.50 -47.71 26.99
CA ALA G 38 -60.14 -46.42 27.32
C ALA G 38 -59.61 -45.88 28.65
N ASP G 39 -58.50 -45.12 28.64
CA ASP G 39 -57.77 -44.69 29.87
C ASP G 39 -57.59 -43.16 29.88
N GLY G 40 -58.49 -42.42 29.26
CA GLY G 40 -58.50 -40.94 29.35
C GLY G 40 -59.16 -40.42 30.62
N GLN G 41 -59.22 -39.10 30.72
CA GLN G 41 -59.83 -38.35 31.85
C GLN G 41 -61.23 -38.94 32.01
N THR G 42 -61.63 -39.27 33.25
CA THR G 42 -63.02 -39.69 33.58
C THR G 42 -63.97 -38.49 33.55
N GLN G 43 -65.14 -38.64 32.96
CA GLN G 43 -66.18 -37.59 32.86
C GLN G 43 -67.55 -38.22 33.02
N ARG G 44 -68.48 -37.52 33.65
CA ARG G 44 -69.87 -38.04 33.71
C ARG G 44 -70.44 -37.99 32.29
N PHE G 45 -71.13 -39.06 31.87
CA PHE G 45 -71.82 -39.13 30.56
C PHE G 45 -73.15 -39.86 30.67
N ASP G 46 -74.18 -39.28 30.06
CA ASP G 46 -75.46 -39.95 29.79
C ASP G 46 -76.13 -39.26 28.60
N PHE G 47 -77.28 -39.77 28.15
CA PHE G 47 -77.94 -39.31 26.88
C PHE G 47 -78.34 -37.85 27.04
N SER G 48 -78.74 -37.53 28.26
CA SER G 48 -79.05 -36.17 28.74
C SER G 48 -77.90 -35.19 28.45
N ILE G 49 -76.68 -35.57 28.87
CA ILE G 49 -75.47 -34.72 28.72
C ILE G 49 -75.14 -34.56 27.24
N LEU G 50 -75.25 -35.62 26.43
CA LEU G 50 -74.99 -35.53 24.97
C LEU G 50 -75.98 -34.55 24.32
N GLN G 51 -77.24 -34.56 24.72
CA GLN G 51 -78.26 -33.63 24.16
C GLN G 51 -77.83 -32.21 24.50
N SER G 52 -77.36 -32.00 25.72
CA SER G 52 -76.81 -30.68 26.14
C SER G 52 -75.59 -30.34 25.28
N MET G 53 -74.63 -31.27 25.09
CA MET G 53 -73.41 -31.01 24.29
C MET G 53 -73.87 -30.52 22.91
N ALA G 54 -74.86 -31.21 22.35
CA ALA G 54 -75.31 -30.95 20.97
C ALA G 54 -76.07 -29.63 20.92
N HIS G 55 -76.89 -29.36 21.93
CA HIS G 55 -77.66 -28.10 22.04
C HIS G 55 -76.67 -26.94 22.15
N ASP G 56 -75.79 -27.01 23.14
CA ASP G 56 -74.75 -25.98 23.40
C ASP G 56 -73.98 -25.77 22.11
N LEU G 57 -73.59 -26.86 21.45
CA LEU G 57 -72.72 -26.84 20.24
C LEU G 57 -73.38 -26.04 19.10
N ALA G 58 -74.68 -26.22 18.90
CA ALA G 58 -75.51 -25.47 17.93
C ALA G 58 -75.42 -23.96 18.19
N GLN G 59 -75.36 -23.53 19.45
CA GLN G 59 -75.31 -22.09 19.81
C GLN G 59 -73.99 -21.45 19.36
N THR G 60 -72.90 -22.20 19.17
CA THR G 60 -71.59 -21.63 18.72
C THR G 60 -71.41 -21.78 17.21
N ALA G 61 -70.39 -21.12 16.66
CA ALA G 61 -69.96 -21.27 15.26
C ALA G 61 -69.50 -22.71 15.03
N TRP G 62 -69.89 -23.28 13.89
CA TRP G 62 -69.45 -24.59 13.38
C TRP G 62 -67.93 -24.63 13.40
N ARG G 63 -67.39 -25.76 13.88
CA ARG G 63 -65.93 -26.05 13.97
C ARG G 63 -65.26 -25.96 12.60
N GLY G 64 -65.98 -26.24 11.53
CA GLY G 64 -65.46 -26.08 10.16
C GLY G 64 -64.89 -27.37 9.60
N ALA G 65 -64.42 -27.33 8.36
CA ALA G 65 -63.81 -28.48 7.67
C ALA G 65 -62.60 -28.93 8.47
N PRO G 66 -62.25 -30.24 8.47
CA PRO G 66 -61.12 -30.72 9.26
C PRO G 66 -59.76 -30.09 8.93
N ARG G 67 -58.93 -29.86 9.96
CA ARG G 67 -57.46 -29.61 9.80
C ARG G 67 -56.92 -30.74 8.91
N PRO G 68 -55.95 -30.45 8.01
CA PRO G 68 -55.32 -31.50 7.22
C PRO G 68 -54.71 -32.55 8.15
N LEU G 69 -54.52 -33.77 7.65
CA LEU G 69 -53.92 -34.88 8.43
C LEU G 69 -52.41 -34.72 8.50
N PRO G 70 -51.75 -35.36 9.48
CA PRO G 70 -50.32 -35.59 9.39
C PRO G 70 -49.95 -36.03 7.98
N ASP G 71 -48.92 -35.37 7.43
CA ASP G 71 -48.36 -35.59 6.09
C ASP G 71 -48.18 -37.08 5.76
N THR G 72 -47.67 -37.89 6.68
CA THR G 72 -47.49 -39.34 6.45
C THR G 72 -48.82 -39.96 6.00
N LEU G 73 -49.96 -39.45 6.49
CA LEU G 73 -51.31 -40.00 6.21
C LEU G 73 -51.98 -39.27 5.05
N ALA G 74 -51.65 -37.99 4.85
CA ALA G 74 -52.23 -37.14 3.80
C ALA G 74 -51.90 -37.68 2.41
N THR G 75 -50.79 -38.42 2.27
CA THR G 75 -50.16 -38.74 0.95
C THR G 75 -49.94 -40.25 0.87
N MET G 76 -50.98 -41.01 1.20
CA MET G 76 -50.90 -42.47 1.40
C MET G 76 -51.38 -43.14 0.11
N THR G 77 -50.60 -44.08 -0.45
CA THR G 77 -51.17 -45.08 -1.38
C THR G 77 -52.26 -45.86 -0.65
N PRO G 78 -53.40 -46.20 -1.30
CA PRO G 78 -54.28 -47.24 -0.77
C PRO G 78 -53.55 -48.49 -0.21
N GLN G 79 -52.53 -49.02 -0.90
CA GLN G 79 -51.74 -50.20 -0.38
C GLN G 79 -51.32 -49.87 1.05
N ALA G 80 -50.72 -48.69 1.24
CA ALA G 80 -50.07 -48.27 2.50
C ALA G 80 -51.14 -48.32 3.61
N TYR G 81 -52.28 -47.65 3.38
CA TYR G 81 -53.43 -47.55 4.32
C TYR G 81 -53.94 -48.97 4.62
N ASN G 82 -54.17 -49.75 3.57
CA ASN G 82 -54.75 -51.11 3.70
C ASN G 82 -53.86 -52.02 4.55
N SER G 83 -52.57 -51.74 4.66
CA SER G 83 -51.65 -52.65 5.39
C SER G 83 -51.54 -52.18 6.85
N ILE G 84 -52.20 -51.07 7.18
CA ILE G 84 -52.45 -50.68 8.60
C ILE G 84 -53.57 -51.59 9.11
N GLN G 85 -53.45 -52.15 10.31
CA GLN G 85 -54.40 -53.15 10.87
C GLN G 85 -54.57 -52.89 12.36
N TYR G 86 -55.80 -52.60 12.80
CA TYR G 86 -56.12 -52.45 14.24
C TYR G 86 -55.58 -53.70 14.96
N ASP G 87 -54.95 -53.56 16.13
CA ASP G 87 -54.45 -54.73 16.92
C ASP G 87 -55.62 -55.45 17.60
N ALA G 88 -55.93 -56.67 17.13
CA ALA G 88 -57.09 -57.47 17.60
C ALA G 88 -57.04 -57.69 19.13
N GLU G 89 -55.85 -57.67 19.71
CA GLU G 89 -55.63 -57.89 21.16
C GLU G 89 -55.80 -56.59 21.95
N LYS G 90 -56.11 -55.47 21.31
CA LYS G 90 -56.42 -54.16 21.95
C LYS G 90 -57.83 -53.74 21.52
N SER G 91 -58.67 -54.73 21.29
CA SER G 91 -60.07 -54.47 20.87
C SER G 91 -60.78 -53.75 22.03
N LEU G 92 -61.90 -53.11 21.72
CA LEU G 92 -62.63 -52.23 22.64
C LEU G 92 -63.04 -52.96 23.92
N TRP G 93 -63.34 -54.25 23.84
CA TRP G 93 -64.02 -55.02 24.91
C TRP G 93 -63.20 -56.28 25.20
N HIS G 94 -61.88 -56.24 24.96
CA HIS G 94 -60.95 -57.37 25.17
C HIS G 94 -61.10 -57.91 26.59
N ASN G 95 -61.43 -57.07 27.58
CA ASN G 95 -61.44 -57.46 29.02
C ASN G 95 -62.78 -58.04 29.45
N VAL G 96 -63.82 -58.03 28.61
CA VAL G 96 -65.16 -58.54 29.06
C VAL G 96 -65.19 -60.05 28.87
N GLU G 97 -65.41 -60.84 29.94
CA GLU G 97 -65.53 -62.32 29.89
C GLU G 97 -66.88 -62.70 29.30
N ASN G 98 -66.92 -63.80 28.53
CA ASN G 98 -68.13 -64.35 27.86
C ASN G 98 -68.70 -63.29 26.90
N ARG G 99 -67.87 -62.36 26.46
CA ARG G 99 -68.31 -61.31 25.50
C ARG G 99 -68.80 -62.04 24.23
N GLN G 100 -69.90 -61.57 23.66
CA GLN G 100 -70.45 -62.15 22.42
C GLN G 100 -70.25 -61.15 21.27
N LEU G 101 -69.60 -60.03 21.58
CA LEU G 101 -69.43 -58.88 20.67
C LEU G 101 -68.10 -58.25 21.02
N ASP G 102 -67.36 -57.78 20.02
CA ASP G 102 -66.17 -56.94 20.22
C ASP G 102 -66.17 -55.86 19.14
N ALA G 103 -65.23 -54.92 19.21
CA ALA G 103 -65.16 -53.82 18.23
C ALA G 103 -63.72 -53.39 18.03
N GLN G 104 -63.46 -52.91 16.82
CA GLN G 104 -62.18 -52.33 16.42
C GLN G 104 -62.45 -51.02 15.72
N PHE G 105 -61.39 -50.23 15.57
CA PHE G 105 -61.42 -48.86 15.01
C PHE G 105 -60.68 -48.83 13.67
N PHE G 106 -61.19 -48.10 12.68
CA PHE G 106 -60.54 -47.79 11.37
C PHE G 106 -59.54 -46.62 11.53
N HIS G 107 -58.34 -46.72 10.96
CA HIS G 107 -57.29 -45.66 11.02
C HIS G 107 -57.74 -44.45 10.20
N MET G 108 -57.46 -43.24 10.69
CA MET G 108 -57.65 -41.99 9.89
C MET G 108 -56.79 -42.15 8.64
N GLY G 109 -57.23 -41.59 7.51
CA GLY G 109 -56.55 -41.67 6.20
C GLY G 109 -57.54 -41.74 5.04
N MET G 110 -57.04 -41.68 3.79
CA MET G 110 -57.87 -41.73 2.56
C MET G 110 -58.93 -40.64 2.64
N GLY G 111 -60.19 -40.98 2.32
CA GLY G 111 -61.34 -40.05 2.36
C GLY G 111 -61.83 -39.76 3.78
N PHE G 112 -61.32 -40.47 4.79
CA PHE G 112 -61.69 -40.23 6.20
C PHE G 112 -60.82 -39.09 6.71
N ARG G 113 -61.35 -37.88 6.70
CA ARG G 113 -60.54 -36.70 7.06
C ARG G 113 -61.06 -36.11 8.38
N ARG G 114 -62.26 -36.50 8.79
CA ARG G 114 -62.79 -36.04 10.10
C ARG G 114 -62.32 -36.94 11.24
N ARG G 115 -61.76 -36.34 12.29
CA ARG G 115 -61.18 -37.07 13.45
C ARG G 115 -62.31 -37.45 14.39
N VAL G 116 -62.73 -38.70 14.39
CA VAL G 116 -63.87 -39.14 15.24
C VAL G 116 -63.30 -39.59 16.58
N ARG G 117 -63.70 -38.90 17.65
CA ARG G 117 -63.31 -39.28 19.02
C ARG G 117 -64.16 -40.46 19.49
N MET G 118 -63.58 -41.31 20.33
CA MET G 118 -64.20 -42.55 20.82
C MET G 118 -64.07 -42.60 22.35
N PHE G 119 -65.09 -43.10 23.03
CA PHE G 119 -65.19 -43.12 24.51
C PHE G 119 -65.84 -44.43 24.94
N SER G 120 -65.44 -44.98 26.08
CA SER G 120 -66.12 -46.14 26.69
C SER G 120 -66.86 -45.66 27.95
N VAL G 121 -68.11 -46.08 28.13
CA VAL G 121 -68.99 -45.67 29.26
C VAL G 121 -69.29 -46.90 30.13
N ASP G 122 -69.01 -46.84 31.43
CA ASP G 122 -69.47 -47.88 32.38
C ASP G 122 -70.93 -47.53 32.65
N PRO G 123 -71.91 -48.32 32.15
CA PRO G 123 -73.31 -47.91 32.22
C PRO G 123 -73.79 -48.02 33.68
N ALA G 124 -73.06 -48.74 34.53
CA ALA G 124 -73.28 -48.79 36.00
C ALA G 124 -73.04 -47.42 36.64
N THR G 125 -71.94 -46.72 36.31
CA THR G 125 -71.49 -45.50 37.03
C THR G 125 -71.79 -44.26 36.19
N HIS G 126 -72.25 -44.40 34.94
CA HIS G 126 -72.41 -43.28 33.98
C HIS G 126 -71.11 -42.48 33.82
N LEU G 127 -69.96 -43.14 33.88
CA LEU G 127 -68.61 -42.52 33.78
C LEU G 127 -67.95 -42.96 32.48
N ALA G 128 -67.55 -42.00 31.65
CA ALA G 128 -66.94 -42.22 30.32
C ALA G 128 -65.46 -41.87 30.34
N ARG G 129 -64.64 -42.68 29.67
CA ARG G 129 -63.18 -42.40 29.52
C ARG G 129 -62.89 -42.36 28.02
N GLU G 130 -62.13 -41.38 27.52
CA GLU G 130 -61.81 -41.27 26.05
C GLU G 130 -60.79 -42.34 25.67
N ILE G 131 -61.00 -42.99 24.51
CA ILE G 131 -59.96 -43.81 23.87
C ILE G 131 -59.18 -42.89 22.95
N HIS G 132 -57.97 -42.44 23.34
CA HIS G 132 -57.21 -41.48 22.49
C HIS G 132 -56.47 -42.29 21.44
N PHE G 133 -56.34 -41.78 20.23
CA PHE G 133 -55.51 -42.43 19.21
C PHE G 133 -54.08 -42.56 19.74
N ARG G 134 -53.37 -43.64 19.34
CA ARG G 134 -51.94 -43.91 19.69
C ARG G 134 -51.44 -44.97 18.68
N PRO G 135 -50.21 -44.96 18.12
CA PRO G 135 -49.86 -45.96 17.11
C PRO G 135 -49.87 -47.38 17.71
N GLU G 136 -49.72 -47.51 19.03
CA GLU G 136 -49.66 -48.83 19.74
C GLU G 136 -50.98 -49.60 19.50
N LEU G 137 -52.06 -48.90 19.14
CA LEU G 137 -53.39 -49.52 18.92
C LEU G 137 -53.42 -50.23 17.56
N PHE G 138 -52.46 -49.94 16.68
CA PHE G 138 -52.46 -50.50 15.31
C PHE G 138 -51.17 -51.26 15.04
N LYS G 139 -51.17 -52.03 13.97
CA LYS G 139 -49.95 -52.66 13.41
C LYS G 139 -49.78 -52.09 11.99
N TYR G 140 -48.69 -51.38 11.75
CA TYR G 140 -48.50 -50.59 10.50
C TYR G 140 -47.86 -51.47 9.42
N ASN G 141 -47.09 -52.50 9.78
CA ASN G 141 -46.68 -53.57 8.83
C ASN G 141 -45.94 -52.97 7.62
N ASP G 142 -46.28 -53.44 6.41
CA ASP G 142 -45.62 -53.09 5.13
C ASP G 142 -45.84 -51.60 4.81
N ALA G 143 -46.59 -50.89 5.62
CA ALA G 143 -46.90 -49.47 5.34
C ALA G 143 -45.58 -48.68 5.47
N GLY G 144 -45.37 -47.68 4.61
CA GLY G 144 -44.27 -46.72 4.79
C GLY G 144 -44.72 -45.54 5.61
N VAL G 145 -45.48 -45.79 6.69
CA VAL G 145 -46.04 -44.67 7.51
C VAL G 145 -44.97 -44.12 8.47
N ASP G 146 -44.78 -42.80 8.54
CA ASP G 146 -43.83 -42.25 9.53
C ASP G 146 -44.54 -42.20 10.87
N THR G 147 -44.57 -43.33 11.55
CA THR G 147 -45.26 -43.43 12.86
C THR G 147 -44.71 -42.35 13.80
N LYS G 148 -43.43 -41.98 13.68
CA LYS G 148 -42.90 -41.02 14.67
C LYS G 148 -43.75 -39.75 14.60
N GLN G 149 -44.17 -39.33 13.41
CA GLN G 149 -44.90 -38.04 13.34
C GLN G 149 -46.34 -38.24 13.85
N LEU G 150 -46.78 -39.47 14.11
CA LEU G 150 -48.19 -39.71 14.54
C LEU G 150 -48.22 -39.86 16.05
N GLU G 151 -47.11 -39.69 16.72
CA GLU G 151 -47.04 -39.99 18.17
C GLU G 151 -48.03 -39.17 18.98
N GLY G 152 -47.69 -37.94 19.37
CA GLY G 152 -48.57 -37.18 20.27
C GLY G 152 -49.83 -36.70 19.58
N GLN G 153 -50.25 -37.39 18.53
CA GLN G 153 -51.48 -37.01 17.79
C GLN G 153 -52.66 -37.67 18.49
N SER G 154 -52.79 -37.44 19.80
CA SER G 154 -53.88 -38.06 20.59
C SER G 154 -55.21 -37.39 20.28
N ASP G 155 -55.18 -36.36 19.45
CA ASP G 155 -56.40 -35.59 19.13
C ASP G 155 -56.97 -36.21 17.84
N LEU G 156 -56.22 -37.16 17.25
CA LEU G 156 -56.39 -37.63 15.85
C LEU G 156 -57.57 -38.61 15.73
N GLY G 157 -57.87 -39.33 16.79
CA GLY G 157 -59.01 -40.24 16.79
C GLY G 157 -58.97 -41.22 15.63
N PHE G 158 -60.15 -41.64 15.21
CA PHE G 158 -60.32 -42.79 14.30
C PHE G 158 -61.30 -42.37 13.22
N ALA G 159 -61.33 -43.14 12.12
CA ALA G 159 -62.19 -42.90 10.95
C ALA G 159 -63.61 -43.38 11.23
N GLY G 160 -63.73 -44.40 12.08
CA GLY G 160 -64.99 -45.09 12.39
C GLY G 160 -64.71 -46.38 13.13
N PHE G 161 -65.67 -47.32 13.15
CA PHE G 161 -65.55 -48.55 13.97
C PHE G 161 -66.38 -49.68 13.36
N ARG G 162 -66.06 -50.91 13.76
CA ARG G 162 -66.81 -52.11 13.34
C ARG G 162 -66.98 -53.01 14.55
N VAL G 163 -68.12 -53.67 14.63
CA VAL G 163 -68.45 -54.60 15.72
C VAL G 163 -68.48 -56.01 15.15
N PHE G 164 -67.82 -56.94 15.84
CA PHE G 164 -67.83 -58.35 15.44
C PHE G 164 -68.77 -59.09 16.39
N LYS G 165 -69.14 -60.31 16.03
CA LYS G 165 -70.07 -61.11 16.84
C LYS G 165 -69.56 -62.55 16.90
N ALA G 166 -69.78 -63.24 18.01
CA ALA G 166 -69.40 -64.66 18.11
C ALA G 166 -70.27 -65.48 17.17
N PRO G 167 -69.74 -66.48 16.44
CA PRO G 167 -68.45 -67.11 16.81
C PRO G 167 -67.12 -66.45 16.37
N GLU G 168 -67.17 -65.33 15.66
CA GLU G 168 -65.94 -64.68 15.12
C GLU G 168 -65.86 -63.24 15.65
N LEU G 169 -64.99 -62.98 16.61
CA LEU G 169 -64.91 -61.67 17.33
C LEU G 169 -63.85 -60.77 16.71
N ALA G 170 -63.19 -61.22 15.64
CA ALA G 170 -62.15 -60.42 14.99
C ALA G 170 -62.12 -60.68 13.47
N ARG G 171 -63.20 -61.21 12.90
CA ARG G 171 -63.11 -61.59 11.47
C ARG G 171 -64.25 -61.05 10.61
N ARG G 172 -65.50 -61.49 10.79
CA ARG G 172 -66.51 -60.98 9.81
C ARG G 172 -67.44 -59.99 10.49
N ASP G 173 -67.26 -58.71 10.23
CA ASP G 173 -67.97 -57.64 10.97
C ASP G 173 -69.42 -57.60 10.52
N VAL G 174 -70.32 -57.24 11.44
CA VAL G 174 -71.80 -57.22 11.25
C VAL G 174 -72.33 -55.78 11.33
N VAL G 175 -71.59 -54.88 11.96
CA VAL G 175 -71.95 -53.44 12.01
C VAL G 175 -70.73 -52.57 11.74
N SER G 176 -70.91 -51.56 10.89
CA SER G 176 -69.82 -50.63 10.46
C SER G 176 -70.32 -49.18 10.39
N PHE G 177 -69.86 -48.33 11.30
CA PHE G 177 -69.93 -46.86 11.19
C PHE G 177 -68.57 -46.35 10.71
N LEU G 178 -68.55 -45.81 9.49
CA LEU G 178 -67.33 -45.36 8.78
C LEU G 178 -67.81 -44.50 7.64
N GLY G 179 -67.39 -43.24 7.63
CA GLY G 179 -67.88 -42.32 6.59
C GLY G 179 -68.09 -40.96 7.17
N ALA G 180 -69.26 -40.38 6.97
CA ALA G 180 -69.58 -39.10 7.62
C ALA G 180 -70.59 -39.45 8.68
N SER G 181 -71.87 -39.47 8.33
CA SER G 181 -72.94 -39.93 9.24
C SER G 181 -73.34 -41.29 8.68
N TYR G 182 -72.48 -41.89 7.87
CA TYR G 182 -72.79 -43.15 7.12
C TYR G 182 -72.55 -44.37 8.01
N PHE G 183 -73.39 -45.38 7.82
CA PHE G 183 -73.25 -46.65 8.57
C PHE G 183 -73.89 -47.78 7.77
N ARG G 184 -73.53 -49.02 8.08
CA ARG G 184 -74.02 -50.20 7.32
C ARG G 184 -74.12 -51.41 8.25
N ALA G 185 -74.80 -52.47 7.81
CA ALA G 185 -74.91 -53.72 8.59
C ALA G 185 -75.30 -54.90 7.70
N VAL G 186 -75.27 -56.11 8.22
CA VAL G 186 -75.49 -57.40 7.48
C VAL G 186 -76.40 -58.33 8.31
N ASP G 187 -77.15 -59.18 7.59
CA ASP G 187 -77.95 -60.30 8.16
C ASP G 187 -77.10 -61.58 8.10
N ASP G 188 -77.72 -62.75 8.20
CA ASP G 188 -76.95 -64.03 8.39
C ASP G 188 -76.14 -64.38 7.13
N THR G 189 -76.23 -63.62 6.03
CA THR G 189 -75.31 -63.77 4.86
C THR G 189 -73.92 -63.14 5.07
N TYR G 190 -73.78 -62.18 5.99
CA TYR G 190 -72.54 -61.42 6.30
C TYR G 190 -72.07 -60.55 5.12
N GLN G 191 -72.86 -60.32 4.07
CA GLN G 191 -72.44 -59.49 2.92
C GLN G 191 -72.99 -58.08 3.05
N TYR G 192 -72.10 -57.09 3.11
CA TYR G 192 -72.44 -55.66 3.28
C TYR G 192 -73.07 -55.20 1.98
N GLY G 193 -74.04 -54.27 2.06
CA GLY G 193 -74.63 -53.70 0.85
C GLY G 193 -75.00 -52.23 0.99
N LEU G 194 -76.31 -52.01 0.98
CA LEU G 194 -76.84 -50.64 1.11
C LEU G 194 -76.36 -49.97 2.38
N SER G 195 -76.51 -48.66 2.44
CA SER G 195 -76.00 -47.81 3.54
C SER G 195 -77.15 -47.04 4.18
N ALA G 196 -77.00 -46.70 5.45
CA ALA G 196 -77.83 -45.70 6.15
C ALA G 196 -76.96 -44.50 6.48
N ARG G 197 -77.58 -43.38 6.86
CA ARG G 197 -76.84 -42.24 7.45
C ARG G 197 -77.62 -41.66 8.62
N GLY G 198 -76.92 -40.90 9.46
CA GLY G 198 -77.50 -40.18 10.61
C GLY G 198 -78.46 -39.11 10.13
N LEU G 199 -78.16 -38.54 8.96
CA LEU G 199 -78.91 -37.34 8.46
C LEU G 199 -78.47 -37.02 7.04
N ALA G 200 -79.36 -36.41 6.28
CA ALA G 200 -79.06 -35.85 4.95
C ALA G 200 -79.49 -34.40 4.95
N ILE G 201 -78.71 -33.55 4.30
CA ILE G 201 -78.99 -32.09 4.18
C ILE G 201 -78.76 -31.70 2.73
N ASP G 202 -79.80 -31.15 2.08
CA ASP G 202 -79.70 -30.49 0.76
C ASP G 202 -79.24 -31.51 -0.28
N THR G 203 -79.77 -32.74 -0.21
CA THR G 203 -79.39 -33.84 -1.15
C THR G 203 -79.81 -33.45 -2.59
N TYR G 204 -80.85 -32.61 -2.72
CA TYR G 204 -81.46 -32.15 -3.99
C TYR G 204 -81.99 -30.71 -3.83
N THR G 205 -81.24 -29.69 -4.31
CA THR G 205 -81.63 -28.23 -4.28
C THR G 205 -80.67 -27.34 -5.08
N ASP G 206 -80.99 -26.05 -5.20
CA ASP G 206 -80.15 -24.99 -5.86
C ASP G 206 -78.67 -25.09 -5.44
N SER G 207 -78.36 -25.48 -4.19
CA SER G 207 -76.98 -25.56 -3.61
C SER G 207 -76.42 -26.99 -3.63
N LYS G 208 -75.11 -27.12 -3.44
CA LYS G 208 -74.40 -28.41 -3.25
C LYS G 208 -74.86 -29.04 -1.92
N GLU G 209 -74.86 -30.38 -1.84
CA GLU G 209 -75.34 -31.19 -0.69
C GLU G 209 -74.35 -31.01 0.44
N GLU G 210 -74.80 -31.02 1.70
CA GLU G 210 -73.95 -30.94 2.92
C GLU G 210 -74.04 -32.27 3.69
N PHE G 211 -72.88 -32.77 4.11
CA PHE G 211 -72.66 -34.11 4.69
C PHE G 211 -72.27 -33.94 6.16
N PRO G 212 -73.29 -34.02 7.05
CA PRO G 212 -73.02 -33.98 8.46
C PRO G 212 -72.04 -35.09 8.81
N ASP G 213 -71.31 -34.92 9.90
CA ASP G 213 -70.32 -35.93 10.32
C ASP G 213 -70.64 -36.39 11.73
N PHE G 214 -70.37 -37.64 12.04
CA PHE G 214 -70.46 -38.12 13.44
C PHE G 214 -69.08 -37.81 13.98
N THR G 215 -68.96 -36.91 14.95
CA THR G 215 -67.65 -36.43 15.42
C THR G 215 -67.22 -37.10 16.71
N ALA G 216 -68.06 -37.99 17.24
CA ALA G 216 -67.74 -38.71 18.49
C ALA G 216 -68.73 -39.84 18.74
N PHE G 217 -68.26 -40.91 19.39
CA PHE G 217 -69.07 -42.08 19.76
C PHE G 217 -68.78 -42.49 21.21
N TRP G 218 -69.82 -42.71 22.00
CA TRP G 218 -69.71 -43.26 23.37
C TRP G 218 -70.32 -44.65 23.37
N PHE G 219 -69.51 -45.65 23.71
CA PHE G 219 -69.86 -47.08 23.75
C PHE G 219 -70.05 -47.55 25.18
N ASP G 220 -71.28 -47.86 25.58
CA ASP G 220 -71.57 -48.63 26.82
C ASP G 220 -70.83 -49.97 26.74
N THR G 221 -70.00 -50.27 27.73
CA THR G 221 -69.30 -51.57 27.87
C THR G 221 -70.30 -52.72 27.75
N VAL G 222 -70.15 -53.62 26.78
CA VAL G 222 -71.11 -54.76 26.63
C VAL G 222 -71.17 -55.51 27.95
N LYS G 223 -72.29 -56.18 28.15
CA LYS G 223 -72.42 -57.07 29.30
C LYS G 223 -72.05 -58.47 28.84
N PRO G 224 -71.49 -59.31 29.73
CA PRO G 224 -71.12 -60.68 29.41
C PRO G 224 -72.41 -61.33 28.89
N GLY G 225 -72.32 -62.12 27.81
CA GLY G 225 -73.45 -62.87 27.25
C GLY G 225 -74.28 -62.10 26.23
N ALA G 226 -74.24 -60.78 26.22
CA ALA G 226 -75.13 -59.91 25.40
C ALA G 226 -74.64 -59.86 23.95
N THR G 227 -75.63 -59.84 23.06
CA THR G 227 -75.50 -59.56 21.61
C THR G 227 -76.22 -58.24 21.31
N THR G 228 -76.52 -57.50 22.36
CA THR G 228 -77.01 -56.10 22.24
C THR G 228 -75.92 -55.19 22.79
N PHE G 229 -75.67 -54.08 22.09
CA PHE G 229 -74.70 -53.07 22.55
C PHE G 229 -75.35 -51.70 22.41
N THR G 230 -74.93 -50.72 23.20
CA THR G 230 -75.41 -49.32 23.08
C THR G 230 -74.27 -48.37 22.68
N VAL G 231 -74.49 -47.56 21.66
CA VAL G 231 -73.49 -46.54 21.22
C VAL G 231 -74.23 -45.21 20.96
N TYR G 232 -73.86 -44.19 21.71
CA TYR G 232 -74.32 -42.80 21.56
C TYR G 232 -73.36 -42.13 20.58
N ALA G 233 -73.86 -41.20 19.78
CA ALA G 233 -73.06 -40.44 18.79
C ALA G 233 -73.44 -38.95 18.76
N LEU G 234 -72.42 -38.11 18.56
CA LEU G 234 -72.57 -36.65 18.39
C LEU G 234 -72.50 -36.36 16.90
N LEU G 235 -73.51 -35.69 16.36
CA LEU G 235 -73.56 -35.28 14.94
C LEU G 235 -73.27 -33.78 14.89
N ASP G 236 -72.40 -33.35 13.99
CA ASP G 236 -71.95 -31.94 13.84
C ASP G 236 -71.83 -31.65 12.34
N SER G 237 -72.16 -30.43 11.94
CA SER G 237 -72.33 -30.02 10.52
C SER G 237 -72.56 -28.52 10.48
N ALA G 238 -72.19 -27.88 9.36
CA ALA G 238 -72.38 -26.42 9.19
C ALA G 238 -73.78 -26.01 9.66
N SER G 239 -74.82 -26.76 9.29
CA SER G 239 -76.22 -26.29 9.48
C SER G 239 -76.89 -26.87 10.71
N ILE G 240 -76.33 -27.87 11.38
CA ILE G 240 -77.13 -28.65 12.36
C ILE G 240 -76.21 -29.53 13.20
N THR G 241 -76.60 -29.70 14.48
CA THR G 241 -75.96 -30.65 15.43
C THR G 241 -77.02 -31.65 15.83
N GLY G 242 -76.60 -32.80 16.36
CA GLY G 242 -77.51 -33.83 16.90
C GLY G 242 -76.86 -34.67 18.00
N ALA G 243 -77.71 -35.18 18.89
CA ALA G 243 -77.38 -36.24 19.85
C ALA G 243 -78.13 -37.49 19.40
N TYR G 244 -77.42 -38.61 19.24
CA TYR G 244 -78.01 -39.90 18.80
C TYR G 244 -77.73 -40.97 19.86
N LYS G 245 -78.71 -41.84 20.09
CA LYS G 245 -78.54 -43.11 20.83
C LYS G 245 -78.93 -44.24 19.89
N PHE G 246 -78.08 -45.26 19.81
CA PHE G 246 -78.26 -46.47 18.98
C PHE G 246 -78.20 -47.66 19.93
N THR G 247 -79.34 -48.30 20.14
CA THR G 247 -79.36 -49.60 20.86
C THR G 247 -79.39 -50.64 19.73
N ILE G 248 -78.31 -51.42 19.59
CA ILE G 248 -78.08 -52.33 18.42
C ILE G 248 -78.12 -53.81 18.85
N HIS G 249 -79.03 -54.57 18.26
CA HIS G 249 -79.27 -56.02 18.52
C HIS G 249 -78.72 -56.84 17.37
N CYS G 250 -77.60 -57.51 17.60
CA CYS G 250 -77.02 -58.48 16.63
C CYS G 250 -77.72 -59.82 16.84
N GLU G 251 -78.98 -59.88 16.40
CA GLU G 251 -79.89 -61.08 16.49
C GLU G 251 -79.34 -62.14 15.52
N LYS G 252 -79.86 -63.36 15.60
CA LYS G 252 -79.34 -64.51 14.81
C LYS G 252 -79.55 -64.24 13.33
N SER G 253 -80.72 -63.79 12.92
CA SER G 253 -81.04 -63.71 11.48
C SER G 253 -80.77 -62.33 10.90
N GLN G 254 -80.50 -61.32 11.72
CA GLN G 254 -80.47 -59.89 11.28
C GLN G 254 -79.90 -58.97 12.36
N VAL G 255 -79.68 -57.71 11.98
CA VAL G 255 -79.34 -56.59 12.91
C VAL G 255 -80.54 -55.64 12.99
N ILE G 256 -81.00 -55.39 14.23
CA ILE G 256 -82.04 -54.37 14.54
C ILE G 256 -81.41 -53.22 15.32
N MET G 257 -81.67 -51.99 14.89
CA MET G 257 -81.14 -50.77 15.51
C MET G 257 -82.31 -49.91 16.01
N ASP G 258 -82.44 -49.77 17.33
CA ASP G 258 -83.37 -48.82 17.99
C ASP G 258 -82.67 -47.46 18.04
N VAL G 259 -83.01 -46.56 17.13
CA VAL G 259 -82.38 -45.21 17.00
C VAL G 259 -83.27 -44.18 17.68
N GLU G 260 -82.70 -43.32 18.52
CA GLU G 260 -83.36 -42.08 19.00
C GLU G 260 -82.44 -40.91 18.71
N ASN G 261 -82.97 -39.83 18.12
CA ASN G 261 -82.14 -38.62 17.87
C ASN G 261 -82.87 -37.35 18.34
N HIS G 262 -82.06 -36.30 18.50
CA HIS G 262 -82.38 -34.92 18.96
C HIS G 262 -81.53 -34.00 18.09
N LEU G 263 -82.16 -33.16 17.29
CA LEU G 263 -81.46 -32.33 16.26
C LEU G 263 -81.61 -30.87 16.65
N TYR G 264 -80.58 -30.06 16.38
CA TYR G 264 -80.53 -28.63 16.75
C TYR G 264 -80.00 -27.86 15.55
N ALA G 265 -80.89 -27.22 14.82
CA ALA G 265 -80.53 -26.47 13.60
C ALA G 265 -79.79 -25.19 13.99
N ARG G 266 -78.70 -24.94 13.29
CA ARG G 266 -77.86 -23.73 13.46
C ARG G 266 -78.44 -22.65 12.54
N LYS G 267 -78.71 -23.01 11.29
CA LYS G 267 -79.20 -22.10 10.22
C LYS G 267 -80.56 -22.58 9.72
N ASP G 268 -81.24 -21.73 8.95
CA ASP G 268 -82.28 -22.17 7.98
C ASP G 268 -81.67 -23.30 7.15
N ILE G 269 -82.44 -24.34 6.86
CA ILE G 269 -82.04 -25.52 6.04
C ILE G 269 -83.07 -25.70 4.92
N LYS G 270 -82.64 -25.74 3.66
CA LYS G 270 -83.52 -25.99 2.49
C LYS G 270 -84.08 -27.42 2.52
N GLN G 271 -83.26 -28.45 2.77
CA GLN G 271 -83.76 -29.85 2.77
C GLN G 271 -83.15 -30.64 3.93
N LEU G 272 -84.01 -31.06 4.86
CA LEU G 272 -83.68 -31.94 6.00
C LEU G 272 -84.13 -33.36 5.65
N GLY G 273 -83.24 -34.35 5.76
CA GLY G 273 -83.58 -35.76 5.47
C GLY G 273 -83.40 -36.63 6.71
N ILE G 274 -84.51 -37.09 7.29
CA ILE G 274 -84.52 -37.97 8.50
C ILE G 274 -84.40 -39.41 8.03
N ALA G 275 -83.73 -40.25 8.83
CA ALA G 275 -83.53 -41.72 8.62
C ALA G 275 -83.10 -42.02 7.18
N PRO G 276 -82.16 -41.26 6.58
CA PRO G 276 -81.77 -41.50 5.20
C PRO G 276 -81.12 -42.86 4.96
N MET G 277 -81.33 -43.33 3.73
CA MET G 277 -80.78 -44.58 3.17
C MET G 277 -80.06 -44.22 1.87
N THR G 278 -79.04 -45.01 1.53
CA THR G 278 -78.29 -44.85 0.26
C THR G 278 -78.04 -46.25 -0.32
N SER G 279 -78.52 -46.49 -1.53
CA SER G 279 -78.34 -47.79 -2.25
C SER G 279 -77.82 -47.54 -3.67
N MET G 280 -77.69 -48.62 -4.43
CA MET G 280 -77.32 -48.54 -5.86
C MET G 280 -78.29 -49.37 -6.70
N PHE G 281 -78.67 -48.83 -7.88
CA PHE G 281 -79.46 -49.56 -8.90
C PHE G 281 -78.94 -49.20 -10.28
N SER G 282 -78.32 -50.14 -10.97
CA SER G 282 -77.71 -49.91 -12.33
C SER G 282 -78.54 -50.59 -13.42
N CYS G 283 -78.92 -51.86 -13.19
CA CYS G 283 -79.58 -52.78 -14.15
C CYS G 283 -80.52 -53.73 -13.42
N GLY G 284 -81.84 -53.55 -13.60
CA GLY G 284 -82.87 -54.45 -13.05
C GLY G 284 -83.75 -55.03 -14.15
N THR G 285 -84.95 -55.46 -13.80
CA THR G 285 -85.87 -56.07 -14.79
C THR G 285 -86.62 -54.94 -15.50
N ASN G 286 -86.58 -53.74 -14.92
CA ASN G 286 -87.34 -52.58 -15.46
C ASN G 286 -86.46 -51.72 -16.38
N GLU G 287 -87.04 -51.23 -17.48
CA GLU G 287 -86.32 -50.37 -18.46
C GLU G 287 -84.82 -50.66 -18.43
N ARG G 288 -84.41 -51.77 -19.04
CA ARG G 288 -82.99 -52.21 -18.98
C ARG G 288 -82.13 -51.45 -19.98
N ARG G 289 -81.89 -50.17 -19.72
CA ARG G 289 -81.03 -49.33 -20.58
C ARG G 289 -79.55 -49.34 -20.16
N MET G 290 -79.11 -50.16 -19.21
CA MET G 290 -77.67 -50.14 -18.78
C MET G 290 -77.27 -51.52 -18.29
N CYS G 291 -77.23 -52.45 -19.23
CA CYS G 291 -77.32 -53.90 -18.94
C CYS G 291 -76.41 -54.65 -19.88
N ASP G 292 -75.32 -54.00 -20.26
CA ASP G 292 -74.32 -54.57 -21.17
C ASP G 292 -73.11 -54.98 -20.36
N THR G 293 -73.33 -55.74 -19.29
CA THR G 293 -72.23 -56.45 -18.57
C THR G 293 -72.49 -57.95 -18.64
N ILE G 294 -71.62 -58.79 -18.09
CA ILE G 294 -71.86 -60.24 -17.99
C ILE G 294 -72.94 -60.52 -16.94
N HIS G 295 -73.51 -59.49 -16.31
CA HIS G 295 -74.40 -59.62 -15.12
C HIS G 295 -75.83 -59.33 -15.55
N PRO G 296 -76.75 -60.33 -15.50
CA PRO G 296 -78.13 -60.09 -15.88
C PRO G 296 -78.72 -58.88 -15.16
N GLN G 297 -78.35 -58.71 -13.87
CA GLN G 297 -78.83 -57.60 -12.99
C GLN G 297 -77.67 -57.07 -12.14
N ILE G 298 -77.64 -55.77 -11.90
CA ILE G 298 -76.66 -55.14 -10.95
C ILE G 298 -77.42 -54.10 -10.13
N HIS G 299 -77.59 -54.36 -8.84
CA HIS G 299 -78.23 -53.42 -7.87
C HIS G 299 -78.06 -53.94 -6.44
N ASP G 300 -77.97 -53.00 -5.50
CA ASP G 300 -77.87 -53.25 -4.03
C ASP G 300 -79.27 -53.37 -3.44
N SER G 301 -80.22 -52.74 -4.12
CA SER G 301 -81.66 -52.61 -3.77
C SER G 301 -82.45 -52.53 -5.09
N ASP G 302 -83.69 -53.01 -5.14
CA ASP G 302 -84.44 -53.04 -6.42
C ASP G 302 -85.72 -52.21 -6.32
N ARG G 303 -86.18 -51.91 -5.12
CA ARG G 303 -87.49 -51.23 -4.99
C ARG G 303 -87.57 -50.40 -3.73
N LEU G 304 -88.53 -49.47 -3.69
CA LEU G 304 -88.81 -48.72 -2.45
C LEU G 304 -90.17 -49.21 -1.94
N SER G 305 -90.20 -49.77 -0.74
CA SER G 305 -91.50 -50.17 -0.14
C SER G 305 -91.96 -49.08 0.82
N MET G 306 -93.21 -48.68 0.70
CA MET G 306 -93.79 -47.71 1.65
C MET G 306 -95.05 -48.30 2.29
N TRP G 307 -95.12 -48.31 3.62
CA TRP G 307 -96.37 -48.53 4.38
C TRP G 307 -96.86 -47.17 4.84
N ARG G 308 -97.96 -46.68 4.29
CA ARG G 308 -98.38 -45.27 4.52
C ARG G 308 -99.23 -45.14 5.79
N GLY G 309 -99.42 -43.87 6.19
CA GLY G 309 -100.11 -43.49 7.44
C GLY G 309 -101.48 -44.12 7.50
N ASN G 310 -102.14 -44.19 6.34
CA ASN G 310 -103.51 -44.75 6.17
C ASN G 310 -103.54 -46.25 5.83
N GLY G 311 -102.45 -47.01 5.94
CA GLY G 311 -102.50 -48.48 5.80
C GLY G 311 -102.20 -48.96 4.38
N GLU G 312 -102.33 -48.07 3.38
CA GLU G 312 -102.01 -48.34 1.97
C GLU G 312 -100.53 -48.74 1.84
N TRP G 313 -100.22 -49.84 1.17
CA TRP G 313 -98.83 -50.29 0.84
C TRP G 313 -98.47 -49.87 -0.59
N ILE G 314 -97.19 -49.67 -0.85
CA ILE G 314 -96.69 -49.21 -2.17
C ILE G 314 -95.36 -49.88 -2.52
N CYS G 315 -95.29 -50.35 -3.75
CA CYS G 315 -94.05 -50.88 -4.32
C CYS G 315 -93.67 -49.96 -5.46
N ARG G 316 -92.59 -49.20 -5.27
CA ARG G 316 -92.04 -48.31 -6.33
C ARG G 316 -90.70 -48.88 -6.81
N PRO G 317 -90.71 -49.72 -7.87
CA PRO G 317 -89.48 -50.21 -8.46
C PRO G 317 -88.59 -49.02 -8.81
N LEU G 318 -87.32 -49.12 -8.45
CA LEU G 318 -86.25 -48.14 -8.70
C LEU G 318 -85.84 -48.19 -10.17
N ASN G 319 -85.42 -47.03 -10.66
CA ASN G 319 -84.90 -46.83 -12.04
C ASN G 319 -83.42 -46.46 -12.02
N ASN G 320 -82.76 -46.70 -13.14
CA ASN G 320 -81.48 -46.06 -13.53
C ASN G 320 -81.84 -45.15 -14.70
N PRO G 321 -82.43 -43.97 -14.44
CA PRO G 321 -82.88 -43.06 -15.48
C PRO G 321 -81.67 -42.34 -16.10
N GLN G 322 -81.79 -41.84 -17.31
CA GLN G 322 -80.66 -41.14 -17.95
C GLN G 322 -80.64 -39.68 -17.50
N LYS G 323 -81.75 -39.20 -16.91
CA LYS G 323 -81.80 -37.85 -16.31
C LYS G 323 -82.11 -37.94 -14.81
N LEU G 324 -81.33 -37.23 -14.00
CA LEU G 324 -81.55 -37.17 -12.52
C LEU G 324 -83.01 -36.81 -12.21
N GLN G 325 -83.65 -37.68 -11.43
CA GLN G 325 -85.02 -37.53 -10.90
C GLN G 325 -85.01 -37.45 -9.37
N PHE G 326 -85.71 -36.46 -8.84
CA PHE G 326 -86.24 -36.48 -7.45
C PHE G 326 -87.76 -36.76 -7.51
N ASN G 327 -88.28 -37.60 -6.61
CA ASN G 327 -89.73 -37.80 -6.36
C ASN G 327 -90.03 -37.62 -4.87
N ALA G 328 -91.17 -37.03 -4.53
CA ALA G 328 -91.60 -36.81 -3.13
C ALA G 328 -92.99 -37.44 -2.94
N TYR G 329 -93.06 -38.59 -2.27
CA TYR G 329 -94.31 -39.30 -1.93
C TYR G 329 -94.87 -38.67 -0.65
N THR G 330 -95.91 -37.84 -0.80
CA THR G 330 -96.63 -37.22 0.33
C THR G 330 -97.13 -38.33 1.26
N ASP G 331 -97.14 -38.08 2.57
CA ASP G 331 -97.57 -39.06 3.59
C ASP G 331 -97.81 -38.28 4.88
N ASN G 332 -98.37 -38.96 5.88
CA ASN G 332 -98.65 -38.39 7.21
C ASN G 332 -98.63 -39.50 8.26
N ASN G 333 -97.69 -39.48 9.20
CA ASN G 333 -97.47 -40.56 10.21
C ASN G 333 -97.20 -41.86 9.47
N PRO G 334 -96.15 -41.87 8.61
CA PRO G 334 -95.78 -43.06 7.86
C PRO G 334 -95.51 -44.19 8.85
N LYS G 335 -95.87 -45.43 8.54
CA LYS G 335 -95.69 -46.58 9.47
C LYS G 335 -94.36 -47.27 9.17
N GLY G 336 -93.86 -47.12 7.95
CA GLY G 336 -92.64 -47.80 7.49
C GLY G 336 -92.23 -47.42 6.09
N PHE G 337 -90.94 -47.52 5.78
CA PHE G 337 -90.42 -47.45 4.38
C PHE G 337 -89.03 -48.07 4.35
N GLY G 338 -88.66 -48.64 3.21
CA GLY G 338 -87.39 -49.36 3.05
C GLY G 338 -86.92 -49.40 1.60
N LEU G 339 -85.62 -49.62 1.41
CA LEU G 339 -85.08 -50.06 0.13
C LEU G 339 -84.82 -51.56 0.25
N LEU G 340 -85.61 -52.35 -0.48
CA LEU G 340 -85.54 -53.83 -0.34
C LEU G 340 -84.74 -54.44 -1.50
N GLN G 341 -84.05 -55.55 -1.21
CA GLN G 341 -83.30 -56.41 -2.17
C GLN G 341 -83.95 -57.80 -2.12
N LEU G 342 -85.00 -57.98 -2.91
CA LEU G 342 -85.92 -59.14 -2.79
C LEU G 342 -85.55 -60.23 -3.79
N ASP G 343 -84.85 -59.92 -4.87
CA ASP G 343 -84.30 -60.95 -5.77
C ASP G 343 -83.10 -61.60 -5.09
N ARG G 344 -83.29 -62.77 -4.47
CA ARG G 344 -82.23 -63.46 -3.69
C ARG G 344 -81.41 -64.43 -4.52
N ASP G 345 -81.59 -64.47 -5.85
CA ASP G 345 -81.20 -65.59 -6.74
C ASP G 345 -79.87 -65.25 -7.40
N PHE G 346 -78.79 -65.91 -6.96
CA PHE G 346 -77.41 -65.69 -7.45
C PHE G 346 -77.39 -65.60 -8.98
N SER G 347 -78.11 -66.48 -9.68
CA SER G 347 -78.01 -66.66 -11.15
C SER G 347 -78.55 -65.41 -11.87
N HIS G 348 -79.37 -64.60 -11.20
CA HIS G 348 -79.87 -63.33 -11.77
C HIS G 348 -78.80 -62.21 -11.71
N TYR G 349 -77.64 -62.43 -11.08
CA TYR G 349 -76.62 -61.35 -10.93
C TYR G 349 -75.27 -61.85 -11.43
N GLN G 350 -74.88 -63.06 -11.06
CA GLN G 350 -73.61 -63.67 -11.52
C GLN G 350 -72.43 -62.89 -10.95
N ASP G 351 -72.57 -62.26 -9.77
CA ASP G 351 -71.48 -61.41 -9.22
C ASP G 351 -70.81 -62.18 -8.08
N ILE G 352 -69.57 -62.59 -8.32
CA ILE G 352 -68.76 -63.44 -7.38
C ILE G 352 -67.76 -62.54 -6.66
N MET G 353 -67.76 -61.25 -6.97
CA MET G 353 -67.01 -60.20 -6.22
C MET G 353 -67.88 -59.68 -5.07
N GLY G 354 -69.03 -59.08 -5.41
CA GLY G 354 -69.88 -58.31 -4.47
C GLY G 354 -71.13 -59.03 -3.97
N TRP G 355 -71.57 -60.12 -4.62
CA TRP G 355 -72.63 -61.00 -4.07
C TRP G 355 -73.91 -60.18 -3.84
N TYR G 356 -74.39 -59.47 -4.85
CA TYR G 356 -75.65 -58.67 -4.78
C TYR G 356 -76.81 -59.50 -4.20
N ASN G 357 -76.92 -60.75 -4.58
CA ASN G 357 -78.02 -61.66 -4.13
C ASN G 357 -77.98 -61.88 -2.61
N LYS G 358 -76.87 -61.59 -1.96
CA LYS G 358 -76.71 -61.81 -0.50
C LYS G 358 -76.91 -60.50 0.26
N ARG G 359 -77.02 -59.38 -0.45
CA ARG G 359 -77.00 -58.05 0.19
C ARG G 359 -78.38 -57.75 0.74
N PRO G 360 -78.47 -57.03 1.86
CA PRO G 360 -79.70 -56.95 2.61
C PRO G 360 -80.68 -55.87 2.13
N SER G 361 -81.84 -55.96 2.75
CA SER G 361 -82.91 -54.94 2.74
C SER G 361 -82.76 -54.07 4.01
N LEU G 362 -83.21 -52.82 3.94
CA LEU G 362 -83.23 -51.87 5.08
C LEU G 362 -84.66 -51.39 5.26
N TRP G 363 -85.22 -51.62 6.46
CA TRP G 363 -86.59 -51.16 6.81
C TRP G 363 -86.52 -50.11 7.93
N VAL G 364 -87.05 -48.92 7.65
CA VAL G 364 -87.17 -47.82 8.64
C VAL G 364 -88.58 -47.90 9.26
N GLU G 365 -88.68 -48.21 10.55
CA GLU G 365 -89.98 -48.19 11.26
C GLU G 365 -90.00 -46.99 12.22
N PRO G 366 -90.68 -45.88 11.85
CA PRO G 366 -90.89 -44.79 12.79
C PRO G 366 -91.50 -45.35 14.07
N ARG G 367 -91.01 -44.90 15.21
CA ARG G 367 -91.44 -45.34 16.56
C ARG G 367 -92.17 -44.21 17.27
N ASN G 368 -92.24 -43.04 16.65
CA ASN G 368 -93.15 -41.96 17.10
C ASN G 368 -93.90 -41.44 15.87
N LYS G 369 -94.99 -40.72 16.09
CA LYS G 369 -95.81 -40.17 14.99
C LYS G 369 -95.10 -38.95 14.36
N TRP G 370 -94.56 -39.12 13.15
CA TRP G 370 -93.70 -38.10 12.47
C TRP G 370 -94.58 -37.03 11.81
N GLY G 371 -95.89 -37.20 11.86
CA GLY G 371 -96.81 -36.21 11.28
C GLY G 371 -96.61 -36.11 9.78
N LYS G 372 -96.77 -34.91 9.22
CA LYS G 372 -96.95 -34.74 7.77
C LYS G 372 -95.63 -34.42 7.11
N GLY G 373 -95.44 -34.96 5.92
CA GLY G 373 -94.29 -34.61 5.09
C GLY G 373 -94.21 -35.49 3.88
N THR G 374 -93.00 -35.79 3.43
CA THR G 374 -92.78 -36.57 2.20
C THR G 374 -91.63 -37.57 2.37
N ILE G 375 -91.76 -38.71 1.70
CA ILE G 375 -90.63 -39.65 1.48
C ILE G 375 -89.96 -39.24 0.16
N GLY G 376 -88.71 -38.81 0.26
CA GLY G 376 -87.87 -38.38 -0.86
C GLY G 376 -87.14 -39.56 -1.46
N LEU G 377 -87.18 -39.66 -2.80
CA LEU G 377 -86.37 -40.64 -3.57
C LEU G 377 -85.64 -39.86 -4.64
N MET G 378 -84.32 -39.80 -4.53
CA MET G 378 -83.43 -39.29 -5.61
C MET G 378 -82.81 -40.49 -6.32
N GLU G 379 -82.96 -40.50 -7.64
CA GLU G 379 -82.39 -41.55 -8.47
C GLU G 379 -81.43 -40.85 -9.45
N ILE G 380 -80.14 -41.07 -9.28
CA ILE G 380 -79.12 -40.40 -10.12
C ILE G 380 -78.71 -41.33 -11.25
N PRO G 381 -78.40 -40.82 -12.46
CA PRO G 381 -77.89 -41.66 -13.53
C PRO G 381 -76.50 -42.28 -13.30
N THR G 382 -76.35 -43.60 -13.44
CA THR G 382 -75.07 -44.34 -13.32
C THR G 382 -74.85 -45.08 -14.64
N THR G 383 -73.65 -45.55 -14.82
CA THR G 383 -73.28 -46.39 -15.98
C THR G 383 -72.59 -47.66 -15.48
N GLY G 384 -72.71 -47.98 -14.18
CA GLY G 384 -71.98 -49.09 -13.53
C GLY G 384 -72.38 -49.29 -12.09
N GLU G 385 -71.46 -49.80 -11.28
CA GLU G 385 -71.78 -50.16 -9.89
C GLU G 385 -71.01 -49.29 -8.90
N THR G 386 -70.19 -48.36 -9.38
CA THR G 386 -69.32 -47.56 -8.47
C THR G 386 -70.09 -46.40 -7.86
N LEU G 387 -71.29 -46.11 -8.34
CA LEU G 387 -72.00 -44.91 -7.86
C LEU G 387 -73.23 -45.28 -7.04
N ASN G 388 -73.27 -44.82 -5.79
CA ASN G 388 -74.49 -44.98 -4.97
C ASN G 388 -75.39 -43.91 -5.54
N ASN G 389 -76.33 -44.31 -6.36
CA ASN G 389 -77.11 -43.41 -7.23
C ASN G 389 -78.56 -43.38 -6.75
N ILE G 390 -78.81 -43.95 -5.56
CA ILE G 390 -80.17 -44.05 -4.97
C ILE G 390 -80.11 -43.50 -3.56
N VAL G 391 -80.93 -42.51 -3.27
CA VAL G 391 -80.98 -41.89 -1.92
C VAL G 391 -82.44 -41.67 -1.55
N CYS G 392 -82.79 -42.05 -0.34
CA CYS G 392 -84.17 -42.05 0.17
C CYS G 392 -84.14 -41.55 1.60
N PHE G 393 -85.06 -40.67 1.94
CA PHE G 393 -85.20 -40.15 3.33
C PHE G 393 -86.59 -39.60 3.55
N TRP G 394 -86.86 -39.22 4.79
CA TRP G 394 -88.10 -38.55 5.25
C TRP G 394 -87.82 -37.06 5.42
N GLN G 395 -88.73 -36.21 4.95
CA GLN G 395 -88.56 -34.73 4.95
C GLN G 395 -89.83 -34.07 5.47
N PRO G 396 -89.81 -33.55 6.74
CA PRO G 396 -91.02 -33.00 7.36
C PRO G 396 -91.62 -31.93 6.44
N GLU G 397 -92.94 -31.80 6.44
CA GLU G 397 -93.64 -30.75 5.65
C GLU G 397 -93.01 -29.39 5.93
N LYS G 398 -92.82 -29.04 7.21
CA LYS G 398 -92.55 -27.66 7.67
C LYS G 398 -91.11 -27.22 7.31
N ALA G 399 -90.98 -26.02 6.75
CA ALA G 399 -89.67 -25.39 6.47
C ALA G 399 -88.82 -25.39 7.74
N VAL G 400 -87.55 -25.76 7.62
CA VAL G 400 -86.57 -25.79 8.76
C VAL G 400 -85.95 -24.39 8.89
N LYS G 401 -86.14 -23.77 10.05
CA LYS G 401 -85.59 -22.41 10.33
C LYS G 401 -84.52 -22.52 11.43
N ALA G 402 -83.53 -21.63 11.41
CA ALA G 402 -82.50 -21.55 12.48
C ALA G 402 -83.16 -21.67 13.86
N GLY G 403 -82.65 -22.53 14.73
CA GLY G 403 -83.14 -22.61 16.11
C GLY G 403 -84.14 -23.72 16.29
N ASP G 404 -84.65 -24.27 15.19
CA ASP G 404 -85.62 -25.38 15.28
C ASP G 404 -84.97 -26.57 15.98
N GLU G 405 -85.75 -27.29 16.78
CA GLU G 405 -85.30 -28.54 17.44
C GLU G 405 -86.24 -29.63 16.97
N PHE G 406 -85.78 -30.87 16.99
CA PHE G 406 -86.52 -32.06 16.52
C PHE G 406 -86.10 -33.26 17.35
N ALA G 407 -86.98 -34.24 17.48
CA ALA G 407 -86.67 -35.57 18.02
C ALA G 407 -87.43 -36.61 17.20
N PHE G 408 -86.70 -37.55 16.64
CA PHE G 408 -87.25 -38.74 15.97
C PHE G 408 -86.70 -39.98 16.64
N GLN G 409 -87.57 -40.98 16.76
CA GLN G 409 -87.25 -42.37 17.16
C GLN G 409 -87.62 -43.28 15.99
N TYR G 410 -86.80 -44.29 15.69
CA TYR G 410 -87.06 -45.24 14.58
C TYR G 410 -86.23 -46.51 14.77
N ARG G 411 -86.85 -47.66 14.47
CA ARG G 411 -86.16 -48.97 14.34
C ARG G 411 -85.69 -49.15 12.89
N LEU G 412 -84.42 -49.53 12.72
CA LEU G 412 -83.87 -49.97 11.41
C LEU G 412 -83.70 -51.48 11.48
N TYR G 413 -84.20 -52.20 10.47
CA TYR G 413 -83.98 -53.65 10.33
C TYR G 413 -83.12 -53.90 9.09
N TRP G 414 -81.90 -54.37 9.33
CA TRP G 414 -80.93 -54.85 8.32
C TRP G 414 -81.14 -56.35 8.13
N SER G 415 -81.84 -56.73 7.05
CA SER G 415 -82.26 -58.13 6.81
C SER G 415 -82.66 -58.36 5.35
N ALA G 416 -82.47 -59.56 4.83
CA ALA G 416 -82.94 -59.95 3.48
C ALA G 416 -84.40 -59.56 3.31
N GLN G 417 -85.28 -60.18 4.12
CA GLN G 417 -86.74 -59.88 4.06
C GLN G 417 -87.05 -58.76 5.03
N PRO G 418 -87.89 -57.75 4.69
CA PRO G 418 -88.27 -56.74 5.68
C PRO G 418 -89.06 -57.42 6.80
N PRO G 419 -89.17 -56.80 8.00
CA PRO G 419 -89.93 -57.39 9.09
C PRO G 419 -91.44 -57.33 8.84
N VAL G 420 -91.92 -56.45 7.98
CA VAL G 420 -93.38 -56.37 7.68
C VAL G 420 -93.54 -56.23 6.16
N HIS G 421 -94.66 -56.73 5.63
CA HIS G 421 -95.01 -56.65 4.17
C HIS G 421 -96.54 -56.60 4.01
N CYS G 422 -97.00 -56.12 2.87
CA CYS G 422 -98.46 -56.07 2.58
C CYS G 422 -99.10 -57.38 2.97
N PRO G 423 -100.24 -57.40 3.72
CA PRO G 423 -100.93 -58.66 3.99
C PRO G 423 -101.74 -59.05 2.75
N LEU G 424 -101.55 -58.38 1.62
CA LEU G 424 -102.38 -58.65 0.43
C LEU G 424 -101.44 -59.14 -0.68
N ALA G 425 -101.91 -59.16 -1.93
CA ALA G 425 -101.04 -59.55 -3.05
C ALA G 425 -99.87 -58.59 -3.08
N ARG G 426 -98.69 -59.13 -3.35
CA ARG G 426 -97.48 -58.28 -3.33
C ARG G 426 -96.79 -58.36 -4.70
N VAL G 427 -96.32 -57.22 -5.19
CA VAL G 427 -95.53 -57.18 -6.45
C VAL G 427 -94.27 -58.01 -6.23
N MET G 428 -93.97 -58.94 -7.13
CA MET G 428 -92.76 -59.78 -6.98
C MET G 428 -91.67 -59.22 -7.88
N ALA G 429 -92.03 -58.56 -8.98
CA ALA G 429 -91.08 -58.23 -10.08
C ALA G 429 -91.79 -57.45 -11.17
N THR G 430 -91.10 -56.46 -11.76
CA THR G 430 -91.67 -55.51 -12.73
C THR G 430 -90.81 -55.57 -13.99
N ARG G 431 -91.21 -56.40 -14.93
CA ARG G 431 -90.44 -56.58 -16.19
C ARG G 431 -91.03 -55.59 -17.21
N THR G 432 -90.17 -55.02 -18.05
CA THR G 432 -90.61 -54.09 -19.13
C THR G 432 -89.89 -54.50 -20.42
N GLY G 433 -90.49 -54.20 -21.57
CA GLY G 433 -89.86 -54.51 -22.86
C GLY G 433 -90.75 -54.11 -24.02
N MET G 434 -90.38 -54.51 -25.25
CA MET G 434 -91.17 -54.19 -26.46
C MET G 434 -92.56 -54.81 -26.34
N GLY G 435 -93.57 -54.10 -26.84
CA GLY G 435 -94.86 -54.68 -27.18
C GLY G 435 -95.28 -54.38 -28.60
N GLY G 436 -96.57 -54.54 -28.90
CA GLY G 436 -97.06 -54.33 -30.27
C GLY G 436 -97.17 -55.67 -30.97
N PHE G 437 -97.26 -56.74 -30.18
CA PHE G 437 -97.31 -58.10 -30.75
C PHE G 437 -97.99 -59.02 -29.74
N SER G 438 -98.04 -60.30 -30.06
CA SER G 438 -98.73 -61.27 -29.18
C SER G 438 -97.69 -62.01 -28.35
N GLU G 439 -97.92 -62.06 -27.05
CA GLU G 439 -96.96 -62.72 -26.13
C GLU G 439 -96.79 -64.14 -26.64
N GLY G 440 -95.56 -64.48 -27.02
CA GLY G 440 -95.16 -65.82 -27.48
C GLY G 440 -94.98 -65.88 -28.97
N TRP G 441 -95.44 -64.87 -29.70
CA TRP G 441 -95.30 -64.77 -31.18
C TRP G 441 -94.63 -63.44 -31.57
N ALA G 442 -93.56 -63.06 -30.88
CA ALA G 442 -92.73 -61.88 -31.25
C ALA G 442 -92.22 -62.15 -32.66
N PRO G 443 -92.46 -61.28 -33.65
CA PRO G 443 -92.12 -61.58 -35.04
C PRO G 443 -90.61 -61.69 -35.20
N GLY G 444 -90.18 -62.62 -36.07
CA GLY G 444 -88.77 -63.00 -36.27
C GLY G 444 -88.17 -62.34 -37.49
N GLU G 445 -89.01 -61.99 -38.46
CA GLU G 445 -88.58 -61.57 -39.82
C GLU G 445 -88.63 -60.06 -39.95
N HIS G 446 -89.57 -59.44 -39.25
CA HIS G 446 -89.73 -57.97 -39.13
C HIS G 446 -89.82 -57.63 -37.64
N TYR G 447 -89.52 -56.37 -37.28
CA TYR G 447 -89.82 -55.80 -35.94
C TYR G 447 -91.33 -55.62 -35.84
N PRO G 448 -91.89 -55.32 -34.66
CA PRO G 448 -93.32 -55.05 -34.55
C PRO G 448 -93.81 -53.87 -35.39
N GLU G 449 -95.08 -54.00 -35.77
CA GLU G 449 -95.85 -53.12 -36.69
C GLU G 449 -95.82 -51.70 -36.11
N LYS G 450 -96.48 -51.52 -34.95
CA LYS G 450 -96.59 -50.25 -34.20
C LYS G 450 -95.61 -50.23 -33.02
N TRP G 451 -95.28 -49.03 -32.53
CA TRP G 451 -94.41 -48.92 -31.33
C TRP G 451 -95.27 -48.87 -30.06
N ALA G 452 -94.95 -49.74 -29.09
CA ALA G 452 -95.53 -49.69 -27.73
C ALA G 452 -94.47 -50.15 -26.71
N ARG G 453 -94.72 -49.95 -25.41
CA ARG G 453 -93.84 -50.49 -24.34
C ARG G 453 -94.64 -51.46 -23.47
N ARG G 454 -94.17 -52.72 -23.35
CA ARG G 454 -94.87 -53.78 -22.60
C ARG G 454 -94.46 -53.67 -21.13
N PHE G 455 -95.42 -53.84 -20.22
CA PHE G 455 -95.20 -53.92 -18.77
C PHE G 455 -95.76 -55.26 -18.26
N ALA G 456 -94.91 -56.00 -17.59
CA ALA G 456 -95.33 -57.23 -16.90
C ALA G 456 -95.06 -57.05 -15.40
N VAL G 457 -96.10 -57.24 -14.58
CA VAL G 457 -96.04 -57.05 -13.11
C VAL G 457 -96.53 -58.34 -12.46
N ASP G 458 -95.63 -59.22 -12.08
CA ASP G 458 -95.97 -60.48 -11.38
C ASP G 458 -96.37 -60.11 -9.94
N PHE G 459 -97.46 -60.72 -9.45
CA PHE G 459 -97.99 -60.59 -8.07
C PHE G 459 -98.09 -61.98 -7.44
N VAL G 460 -97.70 -62.10 -6.17
CA VAL G 460 -97.81 -63.34 -5.35
C VAL G 460 -98.55 -62.99 -4.06
N GLY G 461 -99.13 -63.97 -3.35
CA GLY G 461 -99.70 -63.81 -1.99
C GLY G 461 -101.12 -63.25 -1.98
N GLY G 462 -101.79 -63.29 -0.82
CA GLY G 462 -103.01 -62.49 -0.51
C GLY G 462 -104.27 -62.91 -1.25
N ASP G 463 -104.89 -64.03 -0.88
CA ASP G 463 -106.22 -64.43 -1.42
C ASP G 463 -106.26 -64.31 -2.95
N LEU G 464 -105.11 -64.33 -3.64
CA LEU G 464 -105.10 -64.29 -5.11
C LEU G 464 -105.73 -65.59 -5.62
N LYS G 465 -105.46 -66.69 -4.91
CA LYS G 465 -105.95 -68.03 -5.29
C LYS G 465 -107.48 -68.02 -5.24
N ALA G 466 -108.04 -67.69 -4.06
CA ALA G 466 -109.49 -67.64 -3.78
C ALA G 466 -110.18 -66.54 -4.61
N ALA G 467 -109.47 -65.47 -4.94
CA ALA G 467 -110.03 -64.31 -5.66
C ALA G 467 -110.10 -64.54 -7.16
N ALA G 468 -109.34 -65.51 -7.69
CA ALA G 468 -109.12 -65.69 -9.15
C ALA G 468 -110.44 -66.09 -9.83
N PRO G 469 -111.11 -67.19 -9.40
CA PRO G 469 -112.44 -67.53 -9.90
C PRO G 469 -113.44 -66.35 -9.85
N LYS G 470 -113.44 -65.56 -8.77
CA LYS G 470 -114.40 -64.45 -8.57
C LYS G 470 -114.10 -63.32 -9.56
N GLY G 471 -112.88 -63.27 -10.10
CA GLY G 471 -112.51 -62.29 -11.15
C GLY G 471 -111.65 -61.16 -10.61
N ILE G 472 -110.37 -61.17 -11.02
CA ILE G 472 -109.34 -60.15 -10.75
C ILE G 472 -109.28 -59.16 -11.92
N GLU G 473 -109.46 -57.86 -11.64
CA GLU G 473 -109.39 -56.82 -12.68
C GLU G 473 -108.29 -55.87 -12.24
N PRO G 474 -107.23 -55.69 -13.04
CA PRO G 474 -106.23 -54.69 -12.76
C PRO G 474 -106.82 -53.30 -12.98
N VAL G 475 -106.66 -52.39 -12.03
CA VAL G 475 -107.02 -50.96 -12.20
C VAL G 475 -105.72 -50.22 -12.50
N ILE G 476 -105.58 -49.77 -13.75
CA ILE G 476 -104.37 -49.06 -14.24
C ILE G 476 -104.73 -47.58 -14.37
N THR G 477 -103.78 -46.72 -14.06
CA THR G 477 -103.92 -45.25 -14.05
C THR G 477 -102.64 -44.72 -14.66
N LEU G 478 -102.74 -43.89 -15.69
CA LEU G 478 -101.56 -43.33 -16.40
C LEU G 478 -101.68 -41.81 -16.45
N SER G 479 -100.60 -41.11 -16.18
CA SER G 479 -100.51 -39.64 -16.32
C SER G 479 -100.67 -39.30 -17.79
N SER G 480 -100.30 -40.20 -18.67
CA SER G 480 -100.29 -39.97 -20.13
C SER G 480 -100.28 -41.34 -20.84
N GLY G 481 -100.69 -41.39 -22.11
CA GLY G 481 -100.66 -42.66 -22.87
C GLY G 481 -101.89 -43.49 -22.59
N GLU G 482 -102.03 -44.63 -23.27
CA GLU G 482 -103.21 -45.53 -23.15
C GLU G 482 -102.71 -46.95 -22.85
N ALA G 483 -103.34 -47.60 -21.87
CA ALA G 483 -103.09 -49.02 -21.55
C ALA G 483 -103.88 -49.88 -22.54
N LYS G 484 -103.25 -50.82 -23.23
CA LYS G 484 -103.91 -51.73 -24.19
C LYS G 484 -103.37 -53.15 -24.04
N GLN G 485 -104.06 -54.11 -24.62
CA GLN G 485 -103.70 -55.55 -24.56
C GLN G 485 -103.51 -55.91 -23.08
N ILE G 486 -104.38 -55.42 -22.20
CA ILE G 486 -104.33 -55.79 -20.77
C ILE G 486 -104.57 -57.30 -20.66
N GLU G 487 -103.69 -58.04 -19.99
CA GLU G 487 -103.83 -59.50 -19.83
C GLU G 487 -103.60 -59.89 -18.36
N ILE G 488 -104.27 -60.93 -17.88
CA ILE G 488 -104.09 -61.54 -16.54
C ILE G 488 -103.73 -63.00 -16.81
N LEU G 489 -102.60 -63.50 -16.34
CA LEU G 489 -102.11 -64.83 -16.77
C LEU G 489 -101.62 -65.57 -15.55
N TYR G 490 -101.97 -66.82 -15.38
CA TYR G 490 -101.44 -67.60 -14.23
C TYR G 490 -99.98 -67.93 -14.52
N ILE G 491 -99.12 -67.86 -13.48
CA ILE G 491 -97.69 -68.26 -13.51
C ILE G 491 -97.47 -69.39 -12.50
N GLU G 492 -97.66 -70.64 -12.94
CA GLU G 492 -97.48 -71.84 -12.07
C GLU G 492 -96.21 -71.71 -11.24
N PRO G 493 -95.00 -71.44 -11.82
CA PRO G 493 -93.75 -71.67 -11.10
C PRO G 493 -93.60 -70.85 -9.80
N ILE G 494 -94.32 -69.73 -9.68
CA ILE G 494 -94.32 -68.84 -8.48
C ILE G 494 -95.75 -68.74 -7.90
N ASP G 495 -96.65 -69.60 -8.37
CA ASP G 495 -98.06 -69.68 -7.95
C ASP G 495 -98.68 -68.27 -7.87
N GLY G 496 -98.43 -67.41 -8.86
CA GLY G 496 -98.92 -66.03 -8.85
C GLY G 496 -99.64 -65.66 -10.13
N TYR G 497 -99.89 -64.35 -10.33
CA TYR G 497 -100.60 -63.81 -11.51
C TYR G 497 -99.78 -62.68 -12.13
N ARG G 498 -99.67 -62.68 -13.46
CA ARG G 498 -98.92 -61.63 -14.18
C ARG G 498 -99.95 -60.73 -14.84
N ILE G 499 -99.84 -59.43 -14.61
CA ILE G 499 -100.60 -58.41 -15.37
C ILE G 499 -99.66 -57.82 -16.40
N GLN G 500 -99.97 -58.02 -17.68
CA GLN G 500 -99.26 -57.38 -18.81
C GLN G 500 -100.18 -56.31 -19.36
N PHE G 501 -99.64 -55.17 -19.75
CA PHE G 501 -100.33 -54.18 -20.60
C PHE G 501 -99.27 -53.52 -21.48
N ASP G 502 -99.70 -53.08 -22.65
CA ASP G 502 -98.89 -52.28 -23.60
C ASP G 502 -99.28 -50.82 -23.46
N TRP G 503 -98.29 -49.98 -23.15
CA TRP G 503 -98.46 -48.51 -23.16
C TRP G 503 -98.30 -48.01 -24.59
N TYR G 504 -99.34 -47.40 -25.14
CA TYR G 504 -99.33 -46.65 -26.42
C TYR G 504 -99.27 -45.14 -26.11
N PRO G 505 -98.32 -44.37 -26.69
CA PRO G 505 -98.24 -42.94 -26.41
C PRO G 505 -99.44 -42.24 -27.05
N THR G 506 -99.82 -41.08 -26.51
CA THR G 506 -100.90 -40.24 -27.07
C THR G 506 -100.28 -38.91 -27.48
N SER G 507 -98.97 -38.75 -27.27
CA SER G 507 -98.35 -37.40 -27.36
C SER G 507 -96.90 -37.46 -27.85
N ASP G 508 -96.39 -36.32 -28.35
CA ASP G 508 -94.97 -36.16 -28.71
C ASP G 508 -94.11 -35.89 -27.46
N SER G 509 -94.71 -35.93 -26.27
CA SER G 509 -94.08 -35.51 -24.99
C SER G 509 -93.10 -36.59 -24.52
N THR G 510 -91.90 -36.19 -24.13
CA THR G 510 -90.88 -37.04 -23.41
C THR G 510 -91.02 -36.89 -21.88
N ASP G 511 -92.03 -36.15 -21.41
CA ASP G 511 -92.33 -36.01 -19.96
C ASP G 511 -92.53 -37.37 -19.32
N PRO G 512 -91.95 -37.57 -18.12
CA PRO G 512 -92.20 -38.74 -17.31
C PRO G 512 -93.68 -39.14 -17.31
N VAL G 513 -93.95 -40.44 -17.37
CA VAL G 513 -95.33 -40.99 -17.26
C VAL G 513 -95.45 -41.63 -15.87
N ASP G 514 -96.29 -41.07 -15.02
CA ASP G 514 -96.51 -41.63 -13.66
C ASP G 514 -97.60 -42.68 -13.80
N MET G 515 -97.24 -43.96 -13.64
CA MET G 515 -98.17 -45.12 -13.73
C MET G 515 -98.47 -45.68 -12.34
N ARG G 516 -99.72 -46.11 -12.17
CA ARG G 516 -100.25 -46.62 -10.89
C ARG G 516 -101.09 -47.87 -11.24
N MET G 517 -100.94 -48.99 -10.53
CA MET G 517 -101.74 -50.23 -10.73
C MET G 517 -102.01 -50.93 -9.39
N TYR G 518 -103.23 -51.41 -9.18
CA TYR G 518 -103.54 -52.44 -8.15
C TYR G 518 -104.56 -53.42 -8.70
N LEU G 519 -104.70 -54.56 -8.02
CA LEU G 519 -105.68 -55.62 -8.35
C LEU G 519 -106.97 -55.35 -7.57
N ARG G 520 -108.11 -55.51 -8.24
CA ARG G 520 -109.47 -55.38 -7.64
C ARG G 520 -110.26 -56.67 -7.85
N CYS G 521 -111.09 -57.02 -6.89
CA CYS G 521 -111.97 -58.20 -6.95
C CYS G 521 -113.28 -57.87 -6.24
N GLN G 522 -114.39 -57.83 -6.97
CA GLN G 522 -115.73 -57.46 -6.43
C GLN G 522 -115.61 -56.11 -5.71
N GLY G 523 -114.84 -55.17 -6.26
CA GLY G 523 -114.79 -53.77 -5.77
C GLY G 523 -113.72 -53.53 -4.71
N ASP G 524 -113.35 -54.52 -3.90
CA ASP G 524 -112.28 -54.40 -2.88
C ASP G 524 -110.89 -54.52 -3.56
N ALA G 525 -109.90 -53.76 -3.09
CA ALA G 525 -108.49 -53.95 -3.51
C ALA G 525 -107.92 -55.19 -2.81
N ILE G 526 -107.16 -56.03 -3.53
CA ILE G 526 -106.61 -57.33 -3.04
C ILE G 526 -105.08 -57.37 -3.23
N SER G 527 -104.48 -56.23 -3.57
CA SER G 527 -103.02 -56.08 -3.80
C SER G 527 -102.50 -54.76 -3.22
N GLU G 528 -101.20 -54.68 -2.96
CA GLU G 528 -100.49 -53.39 -2.75
C GLU G 528 -100.54 -52.60 -4.07
N THR G 529 -100.31 -51.31 -3.98
CA THR G 529 -100.27 -50.43 -5.17
C THR G 529 -98.86 -50.43 -5.75
N TRP G 530 -98.79 -50.47 -7.08
CA TRP G 530 -97.57 -50.39 -7.90
C TRP G 530 -97.43 -48.95 -8.42
N LEU G 531 -96.44 -48.16 -7.98
CA LEU G 531 -96.11 -46.89 -8.68
C LEU G 531 -94.92 -47.19 -9.57
N TYR G 532 -94.98 -46.74 -10.83
CA TYR G 532 -93.86 -46.86 -11.79
C TYR G 532 -93.65 -45.49 -12.43
N GLN G 533 -92.40 -45.18 -12.77
CA GLN G 533 -92.08 -43.93 -13.47
C GLN G 533 -91.36 -44.25 -14.79
N TYR G 534 -92.10 -44.10 -15.88
CA TYR G 534 -91.64 -44.41 -17.26
C TYR G 534 -91.12 -43.14 -17.92
N PHE G 535 -89.98 -43.24 -18.61
CA PHE G 535 -89.43 -42.19 -19.51
C PHE G 535 -89.63 -42.60 -20.96
N PRO G 536 -90.68 -42.09 -21.65
CA PRO G 536 -90.90 -42.42 -23.04
C PRO G 536 -89.71 -41.90 -23.84
N PRO G 537 -89.30 -42.65 -24.89
CA PRO G 537 -88.27 -42.17 -25.77
C PRO G 537 -88.77 -40.95 -26.54
N ALA G 538 -87.84 -40.19 -27.14
CA ALA G 538 -88.09 -39.14 -28.15
C ALA G 538 -88.95 -39.72 -29.28
N PRO G 539 -89.87 -38.96 -29.90
CA PRO G 539 -90.78 -39.53 -30.91
C PRO G 539 -90.04 -40.01 -32.15
N ASP G 540 -88.91 -39.39 -32.49
CA ASP G 540 -88.06 -39.85 -33.62
C ASP G 540 -87.52 -41.27 -33.31
N LYS G 541 -87.40 -41.66 -32.03
CA LYS G 541 -86.93 -43.02 -31.64
C LYS G 541 -88.08 -43.91 -31.18
N ARG G 542 -89.35 -43.63 -31.50
CA ARG G 542 -90.44 -44.61 -31.21
C ARG G 542 -90.68 -45.46 -32.46
N GLN G 543 -89.66 -46.23 -32.83
CA GLN G 543 -89.63 -47.10 -34.02
C GLN G 543 -88.33 -47.92 -33.99
N TYR G 544 -88.29 -49.03 -34.73
CA TYR G 544 -87.16 -49.99 -34.68
C TYR G 544 -86.40 -49.90 -36.01
N VAL G 545 -85.09 -50.05 -35.96
CA VAL G 545 -84.17 -49.91 -37.12
C VAL G 545 -83.73 -51.33 -37.50
N ASP G 546 -84.21 -51.87 -38.62
CA ASP G 546 -83.90 -53.27 -39.03
C ASP G 546 -82.61 -53.33 -39.84
N ASP G 547 -81.47 -53.64 -39.19
CA ASP G 547 -80.12 -53.53 -39.79
C ASP G 547 -79.61 -54.92 -40.25
N ARG G 548 -80.48 -55.92 -40.35
CA ARG G 548 -80.04 -57.33 -40.65
C ARG G 548 -79.54 -57.38 -42.10
N VAL G 549 -78.64 -58.32 -42.42
CA VAL G 549 -78.23 -58.64 -43.82
C VAL G 549 -78.29 -60.16 -44.01
N MET G 550 -78.73 -60.60 -45.20
CA MET G 550 -78.99 -62.02 -45.56
C MET G 550 -78.12 -62.38 -46.78
N SER G 551 -76.80 -62.57 -46.63
CA SER G 551 -75.84 -62.72 -47.76
C SER G 551 -74.95 -63.96 -47.65
N LEU G 552 -74.50 -64.45 -48.81
CA LEU G 552 -73.43 -65.48 -48.97
C LEU G 552 -72.04 -64.82 -48.86
N GLU G 553 -71.83 -63.92 -47.89
CA GLU G 553 -70.53 -63.23 -47.66
C GLU G 553 -69.77 -63.89 -46.50
N HIS G 554 -70.45 -64.67 -45.65
CA HIS G 554 -69.90 -65.27 -44.41
C HIS G 554 -70.14 -66.79 -44.39
N HIS G 555 -69.31 -67.55 -45.14
CA HIS G 555 -69.08 -69.02 -45.06
C HIS G 555 -67.71 -69.23 -44.39
N HIS G 556 -67.63 -70.11 -43.36
CA HIS G 556 -66.41 -70.45 -42.58
C HIS G 556 -66.19 -71.98 -42.59
N HIS G 557 -64.93 -72.45 -42.72
CA HIS G 557 -64.54 -73.88 -42.78
C HIS G 557 -63.41 -74.13 -41.75
N HIS G 558 -63.55 -75.13 -40.87
CA HIS G 558 -62.65 -75.44 -39.73
C HIS G 558 -62.19 -76.90 -39.81
N SER H 35 -113.96 -102.39 -38.12
CA SER H 35 -113.61 -101.63 -36.86
C SER H 35 -112.35 -100.77 -37.07
N ASP H 36 -111.21 -101.36 -37.45
CA ASP H 36 -109.94 -100.67 -37.83
C ASP H 36 -110.22 -99.65 -38.96
N ILE H 37 -109.46 -98.55 -39.03
CA ILE H 37 -109.67 -97.46 -40.03
C ILE H 37 -108.91 -97.81 -41.31
N ALA H 38 -107.98 -98.75 -41.25
CA ALA H 38 -107.19 -99.16 -42.44
C ALA H 38 -108.11 -99.93 -43.37
N ASP H 39 -108.51 -99.37 -44.51
CA ASP H 39 -109.46 -100.11 -45.36
C ASP H 39 -109.30 -99.85 -46.86
N GLY H 40 -108.08 -99.60 -47.34
CA GLY H 40 -107.74 -99.74 -48.77
C GLY H 40 -107.37 -101.19 -49.08
N GLN H 41 -106.71 -101.35 -50.22
CA GLN H 41 -106.35 -102.65 -50.81
C GLN H 41 -105.14 -103.24 -50.07
N THR H 42 -105.18 -104.51 -49.67
CA THR H 42 -104.01 -105.28 -49.14
C THR H 42 -102.83 -105.23 -50.12
N GLN H 43 -101.64 -104.82 -49.65
CA GLN H 43 -100.36 -104.77 -50.42
C GLN H 43 -99.22 -105.27 -49.51
N ARG H 44 -98.37 -106.16 -50.01
CA ARG H 44 -97.19 -106.61 -49.23
C ARG H 44 -96.27 -105.41 -48.99
N PHE H 45 -95.68 -105.33 -47.81
CA PHE H 45 -94.82 -104.20 -47.39
C PHE H 45 -93.80 -104.65 -46.35
N ASP H 46 -92.61 -104.10 -46.52
CA ASP H 46 -91.49 -104.27 -45.56
C ASP H 46 -90.43 -103.22 -45.94
N PHE H 47 -89.33 -103.15 -45.18
CA PHE H 47 -88.32 -102.09 -45.42
C PHE H 47 -87.74 -102.23 -46.83
N SER H 48 -87.47 -103.48 -47.26
CA SER H 48 -86.90 -103.76 -48.60
C SER H 48 -87.84 -103.20 -49.69
N ILE H 49 -89.14 -103.46 -49.55
CA ILE H 49 -90.15 -103.07 -50.56
C ILE H 49 -90.19 -101.54 -50.69
N LEU H 50 -89.98 -100.80 -49.61
CA LEU H 50 -90.02 -99.30 -49.65
C LEU H 50 -88.76 -98.78 -50.33
N GLN H 51 -87.61 -99.39 -50.02
CA GLN H 51 -86.34 -99.03 -50.68
C GLN H 51 -86.52 -99.21 -52.19
N SER H 52 -87.22 -100.26 -52.60
CA SER H 52 -87.53 -100.52 -54.03
C SER H 52 -88.42 -99.40 -54.58
N MET H 53 -89.47 -99.00 -53.85
CA MET H 53 -90.43 -97.94 -54.31
C MET H 53 -89.62 -96.68 -54.56
N ALA H 54 -88.73 -96.39 -53.62
CA ALA H 54 -87.99 -95.13 -53.53
C ALA H 54 -87.01 -95.06 -54.71
N HIS H 55 -86.23 -96.12 -54.88
CA HIS H 55 -85.20 -96.26 -55.94
C HIS H 55 -85.89 -96.26 -57.31
N ASP H 56 -87.02 -96.95 -57.43
CA ASP H 56 -87.83 -96.95 -58.68
C ASP H 56 -88.35 -95.54 -58.92
N LEU H 57 -88.85 -94.87 -57.89
CA LEU H 57 -89.39 -93.51 -58.00
C LEU H 57 -88.30 -92.56 -58.55
N ALA H 58 -87.06 -92.75 -58.10
CA ALA H 58 -85.89 -91.96 -58.53
C ALA H 58 -85.66 -92.07 -60.06
N GLN H 59 -85.86 -93.26 -60.63
CA GLN H 59 -85.70 -93.51 -62.09
C GLN H 59 -86.69 -92.64 -62.88
N THR H 60 -87.83 -92.30 -62.29
CA THR H 60 -88.87 -91.49 -62.98
C THR H 60 -88.63 -90.02 -62.65
N ALA H 61 -89.58 -89.14 -62.97
CA ALA H 61 -89.45 -87.70 -62.74
C ALA H 61 -90.23 -87.32 -61.48
N TRP H 62 -89.91 -86.17 -60.89
CA TRP H 62 -90.58 -85.69 -59.66
C TRP H 62 -92.08 -85.47 -59.91
N ARG H 63 -92.93 -86.05 -59.04
CA ARG H 63 -94.41 -85.81 -59.04
C ARG H 63 -94.73 -84.31 -59.13
N GLY H 64 -93.79 -83.43 -58.78
CA GLY H 64 -93.97 -81.96 -58.83
C GLY H 64 -94.71 -81.38 -57.62
N ALA H 65 -94.90 -80.05 -57.64
CA ALA H 65 -95.58 -79.28 -56.57
C ALA H 65 -97.00 -79.80 -56.37
N PRO H 66 -97.51 -79.86 -55.12
CA PRO H 66 -98.82 -80.45 -54.88
C PRO H 66 -99.94 -79.81 -55.73
N ARG H 67 -100.95 -80.61 -56.08
CA ARG H 67 -102.18 -80.10 -56.74
C ARG H 67 -102.90 -79.14 -55.77
N PRO H 68 -103.63 -78.12 -56.26
CA PRO H 68 -104.49 -77.31 -55.40
C PRO H 68 -105.43 -78.15 -54.53
N LEU H 69 -105.65 -77.77 -53.26
CA LEU H 69 -106.60 -78.48 -52.34
C LEU H 69 -108.04 -78.20 -52.75
N PRO H 70 -109.03 -79.00 -52.31
CA PRO H 70 -110.44 -78.65 -52.52
C PRO H 70 -110.69 -77.22 -52.02
N ASP H 71 -111.60 -76.48 -52.66
CA ASP H 71 -111.73 -75.00 -52.53
C ASP H 71 -112.06 -74.60 -51.09
N THR H 72 -112.78 -75.47 -50.37
CA THR H 72 -113.18 -75.23 -48.95
C THR H 72 -111.93 -75.14 -48.07
N LEU H 73 -110.82 -75.81 -48.42
CA LEU H 73 -109.62 -75.91 -47.53
C LEU H 73 -108.58 -74.88 -47.94
N ALA H 74 -108.63 -74.43 -49.19
CA ALA H 74 -107.66 -73.47 -49.77
C ALA H 74 -107.92 -72.08 -49.20
N THR H 75 -109.16 -71.80 -48.82
CA THR H 75 -109.64 -70.44 -48.46
C THR H 75 -110.08 -70.40 -47.01
N MET H 76 -109.24 -70.90 -46.09
CA MET H 76 -109.74 -71.15 -44.71
C MET H 76 -108.95 -70.31 -43.71
N THR H 77 -109.68 -69.79 -42.74
CA THR H 77 -109.17 -69.06 -41.55
C THR H 77 -108.48 -70.06 -40.62
N PRO H 78 -107.37 -69.68 -39.95
CA PRO H 78 -106.81 -70.52 -38.90
C PRO H 78 -107.83 -70.98 -37.87
N GLN H 79 -108.87 -70.18 -37.58
CA GLN H 79 -109.98 -70.58 -36.67
C GLN H 79 -110.59 -71.87 -37.23
N ALA H 80 -111.00 -71.80 -38.51
CA ALA H 80 -111.77 -72.85 -39.22
C ALA H 80 -110.98 -74.17 -39.19
N TYR H 81 -109.68 -74.10 -39.53
CA TYR H 81 -108.74 -75.25 -39.48
C TYR H 81 -108.65 -75.78 -38.05
N ASN H 82 -108.46 -74.89 -37.09
CA ASN H 82 -108.22 -75.25 -35.67
C ASN H 82 -109.45 -75.90 -35.03
N SER H 83 -110.64 -75.70 -35.59
CA SER H 83 -111.89 -76.29 -35.04
C SER H 83 -112.19 -77.62 -35.76
N ILE H 84 -111.27 -78.09 -36.61
CA ILE H 84 -111.23 -79.50 -37.12
C ILE H 84 -110.45 -80.34 -36.10
N GLN H 85 -111.06 -81.41 -35.58
CA GLN H 85 -110.51 -82.35 -34.58
C GLN H 85 -110.62 -83.75 -35.15
N TYR H 86 -109.50 -84.45 -35.34
CA TYR H 86 -109.54 -85.91 -35.62
C TYR H 86 -110.47 -86.51 -34.56
N ASP H 87 -111.23 -87.57 -34.86
CA ASP H 87 -112.16 -88.18 -33.87
C ASP H 87 -111.39 -89.29 -33.12
N ALA H 88 -111.05 -89.06 -31.86
CA ALA H 88 -110.22 -89.93 -30.99
C ALA H 88 -110.74 -91.37 -30.93
N GLU H 89 -112.01 -91.57 -31.32
CA GLU H 89 -112.65 -92.92 -31.35
C GLU H 89 -112.35 -93.62 -32.68
N LYS H 90 -111.73 -92.92 -33.62
CA LYS H 90 -111.20 -93.49 -34.89
C LYS H 90 -109.67 -93.42 -34.87
N SER H 91 -109.05 -93.46 -33.68
CA SER H 91 -107.56 -93.44 -33.57
C SER H 91 -106.96 -94.69 -34.25
N LEU H 92 -105.75 -94.56 -34.80
CA LEU H 92 -105.02 -95.61 -35.57
C LEU H 92 -105.03 -96.98 -34.86
N TRP H 93 -104.87 -97.03 -33.54
CA TRP H 93 -104.68 -98.30 -32.78
C TRP H 93 -105.80 -98.46 -31.76
N HIS H 94 -107.00 -97.93 -32.06
CA HIS H 94 -108.20 -98.00 -31.18
C HIS H 94 -108.56 -99.45 -30.83
N ASN H 95 -108.23 -100.43 -31.69
CA ASN H 95 -108.58 -101.87 -31.54
C ASN H 95 -107.58 -102.62 -30.65
N VAL H 96 -106.37 -102.12 -30.44
CA VAL H 96 -105.33 -102.88 -29.68
C VAL H 96 -105.63 -102.81 -28.17
N GLU H 97 -105.53 -103.94 -27.47
CA GLU H 97 -105.81 -104.01 -26.01
C GLU H 97 -104.52 -103.74 -25.23
N ASN H 98 -104.63 -103.00 -24.11
CA ASN H 98 -103.48 -102.61 -23.25
C ASN H 98 -102.62 -101.63 -24.08
N ARG H 99 -103.22 -101.03 -25.08
CA ARG H 99 -102.57 -100.00 -25.92
C ARG H 99 -101.84 -98.97 -25.03
N GLN H 100 -100.50 -98.95 -25.04
CA GLN H 100 -99.74 -97.93 -24.27
C GLN H 100 -99.46 -96.73 -25.20
N LEU H 101 -99.82 -96.84 -26.48
CA LEU H 101 -99.56 -95.79 -27.50
C LEU H 101 -100.79 -95.66 -28.37
N ASP H 102 -101.04 -94.52 -28.97
CA ASP H 102 -102.10 -94.43 -29.99
C ASP H 102 -101.73 -93.25 -30.88
N ALA H 103 -102.44 -93.06 -31.98
CA ALA H 103 -102.08 -92.00 -32.95
C ALA H 103 -103.31 -91.47 -33.65
N GLN H 104 -103.18 -90.24 -34.14
CA GLN H 104 -104.23 -89.48 -34.85
C GLN H 104 -103.56 -88.71 -35.98
N PHE H 105 -104.35 -88.15 -36.90
CA PHE H 105 -103.87 -87.51 -38.16
C PHE H 105 -104.26 -86.03 -38.14
N PHE H 106 -103.39 -85.19 -38.69
CA PHE H 106 -103.67 -83.75 -38.92
C PHE H 106 -104.35 -83.63 -40.28
N HIS H 107 -105.34 -82.75 -40.35
CA HIS H 107 -106.12 -82.53 -41.58
C HIS H 107 -105.32 -81.69 -42.57
N MET H 108 -105.70 -81.76 -43.83
CA MET H 108 -105.03 -80.97 -44.87
C MET H 108 -105.58 -79.56 -44.82
N GLY H 109 -104.75 -78.57 -45.15
CA GLY H 109 -105.17 -77.17 -45.07
C GLY H 109 -104.00 -76.30 -44.65
N MET H 110 -104.11 -75.00 -44.84
CA MET H 110 -103.03 -74.07 -44.42
C MET H 110 -101.73 -74.43 -45.17
N GLY H 111 -100.60 -74.46 -44.46
CA GLY H 111 -99.31 -74.70 -45.12
C GLY H 111 -99.12 -76.16 -45.41
N PHE H 112 -100.20 -76.92 -45.23
CA PHE H 112 -100.16 -78.36 -45.51
C PHE H 112 -100.79 -78.56 -46.88
N ARG H 113 -99.95 -78.64 -47.92
CA ARG H 113 -100.47 -78.74 -49.30
C ARG H 113 -100.06 -80.08 -49.92
N ARG H 114 -99.06 -80.76 -49.36
CA ARG H 114 -98.68 -82.12 -49.84
C ARG H 114 -99.61 -83.16 -49.20
N ARG H 115 -100.15 -84.06 -49.99
CA ARG H 115 -101.09 -85.08 -49.48
C ARG H 115 -100.31 -86.28 -48.99
N VAL H 116 -100.11 -86.40 -47.69
CA VAL H 116 -99.38 -87.54 -47.11
C VAL H 116 -100.37 -88.70 -47.04
N ARG H 117 -99.98 -89.84 -47.61
CA ARG H 117 -100.78 -91.08 -47.57
C ARG H 117 -100.35 -91.86 -46.34
N MET H 118 -101.31 -92.48 -45.66
CA MET H 118 -101.06 -93.23 -44.41
C MET H 118 -101.52 -94.69 -44.58
N PHE H 119 -100.76 -95.64 -44.03
CA PHE H 119 -101.02 -97.09 -44.15
C PHE H 119 -100.88 -97.72 -42.78
N SER H 120 -101.57 -98.83 -42.56
CA SER H 120 -101.34 -99.69 -41.37
C SER H 120 -100.77 -101.01 -41.86
N VAL H 121 -99.65 -101.45 -41.27
CA VAL H 121 -98.98 -102.75 -41.58
C VAL H 121 -99.25 -103.73 -40.43
N ASP H 122 -99.61 -104.98 -40.76
CA ASP H 122 -99.49 -106.14 -39.84
C ASP H 122 -98.07 -106.69 -39.94
N PRO H 123 -97.18 -106.47 -38.95
CA PRO H 123 -95.80 -106.94 -39.07
C PRO H 123 -95.70 -108.48 -39.13
N ALA H 124 -96.71 -109.21 -38.62
CA ALA H 124 -96.80 -110.70 -38.65
C ALA H 124 -96.85 -111.19 -40.08
N THR H 125 -97.70 -110.58 -40.90
CA THR H 125 -98.03 -111.06 -42.27
C THR H 125 -97.42 -110.17 -43.36
N HIS H 126 -96.77 -109.08 -43.00
CA HIS H 126 -96.07 -108.17 -43.96
C HIS H 126 -97.10 -107.58 -44.95
N LEU H 127 -98.36 -107.48 -44.55
CA LEU H 127 -99.45 -106.89 -45.39
C LEU H 127 -99.86 -105.52 -44.87
N ALA H 128 -100.05 -104.59 -45.80
CA ALA H 128 -100.28 -103.16 -45.52
C ALA H 128 -101.56 -102.70 -46.20
N ARG H 129 -102.43 -102.04 -45.45
CA ARG H 129 -103.71 -101.52 -45.99
C ARG H 129 -103.66 -100.00 -45.86
N GLU H 130 -104.00 -99.27 -46.92
CA GLU H 130 -104.04 -97.79 -46.88
C GLU H 130 -105.17 -97.33 -45.95
N ILE H 131 -104.93 -96.23 -45.22
CA ILE H 131 -105.99 -95.45 -44.51
C ILE H 131 -106.32 -94.27 -45.43
N HIS H 132 -107.39 -94.39 -46.20
CA HIS H 132 -107.82 -93.34 -47.15
C HIS H 132 -108.48 -92.23 -46.35
N PHE H 133 -108.22 -90.99 -46.75
CA PHE H 133 -108.94 -89.84 -46.16
C PHE H 133 -110.45 -90.00 -46.38
N ARG H 134 -111.21 -89.79 -45.31
CA ARG H 134 -112.70 -89.86 -45.26
C ARG H 134 -113.14 -88.78 -44.27
N PRO H 135 -114.12 -87.89 -44.58
CA PRO H 135 -114.48 -86.82 -43.64
C PRO H 135 -114.97 -87.35 -42.28
N GLU H 136 -115.44 -88.59 -42.25
CA GLU H 136 -115.95 -89.29 -41.05
C GLU H 136 -114.84 -89.48 -39.99
N LEU H 137 -113.57 -89.24 -40.33
CA LEU H 137 -112.43 -89.45 -39.37
C LEU H 137 -112.26 -88.16 -38.55
N PHE H 138 -113.06 -87.15 -38.89
CA PHE H 138 -112.93 -85.78 -38.35
C PHE H 138 -114.30 -85.28 -37.85
N LYS H 139 -114.26 -84.55 -36.73
CA LYS H 139 -115.33 -83.62 -36.25
C LYS H 139 -114.99 -82.21 -36.76
N TYR H 140 -115.87 -81.60 -37.54
CA TYR H 140 -115.58 -80.33 -38.26
C TYR H 140 -116.06 -79.12 -37.44
N ASN H 141 -117.07 -79.30 -36.57
CA ASN H 141 -117.46 -78.34 -35.51
C ASN H 141 -117.76 -76.95 -36.09
N ASP H 142 -117.18 -75.90 -35.49
CA ASP H 142 -117.37 -74.48 -35.87
C ASP H 142 -116.85 -74.29 -37.30
N ALA H 143 -115.93 -75.15 -37.76
CA ALA H 143 -115.30 -75.07 -39.10
C ALA H 143 -116.38 -74.72 -40.13
N GLY H 144 -116.15 -73.65 -40.90
CA GLY H 144 -117.03 -73.24 -42.02
C GLY H 144 -116.62 -73.97 -43.28
N VAL H 145 -116.68 -75.30 -43.26
CA VAL H 145 -116.10 -76.21 -44.30
C VAL H 145 -117.26 -76.94 -44.97
N ASP H 146 -117.33 -76.91 -46.30
CA ASP H 146 -118.35 -77.68 -47.08
C ASP H 146 -117.93 -79.16 -47.10
N THR H 147 -118.30 -79.90 -46.06
CA THR H 147 -118.07 -81.36 -45.95
C THR H 147 -118.35 -82.05 -47.30
N LYS H 148 -119.38 -81.62 -48.03
CA LYS H 148 -119.84 -82.37 -49.23
C LYS H 148 -118.77 -82.37 -50.34
N GLN H 149 -117.84 -81.39 -50.39
CA GLN H 149 -116.77 -81.38 -51.43
C GLN H 149 -115.51 -82.13 -50.93
N LEU H 150 -115.56 -82.72 -49.74
CA LEU H 150 -114.47 -83.56 -49.19
C LEU H 150 -114.89 -85.04 -49.20
N GLU H 151 -116.13 -85.32 -49.58
CA GLU H 151 -116.69 -86.69 -49.49
C GLU H 151 -115.83 -87.71 -50.22
N GLY H 152 -115.71 -87.61 -51.53
CA GLY H 152 -114.93 -88.64 -52.23
C GLY H 152 -113.46 -88.30 -52.36
N GLN H 153 -112.86 -87.52 -51.49
CA GLN H 153 -111.45 -87.13 -51.72
C GLN H 153 -110.54 -88.16 -51.03
N SER H 154 -110.54 -89.39 -51.51
CA SER H 154 -109.75 -90.51 -50.90
C SER H 154 -108.27 -90.34 -51.17
N ASP H 155 -107.91 -89.45 -52.08
CA ASP H 155 -106.49 -89.20 -52.42
C ASP H 155 -106.00 -87.98 -51.66
N LEU H 156 -106.81 -87.48 -50.73
CA LEU H 156 -106.49 -86.20 -50.04
C LEU H 156 -105.45 -86.47 -48.96
N GLY H 157 -105.50 -87.68 -48.40
CA GLY H 157 -104.73 -88.07 -47.20
C GLY H 157 -104.74 -86.98 -46.15
N PHE H 158 -103.59 -86.77 -45.53
CA PHE H 158 -103.47 -85.96 -44.30
C PHE H 158 -102.16 -85.18 -44.37
N ALA H 159 -102.02 -84.21 -43.48
CA ALA H 159 -100.81 -83.36 -43.39
C ALA H 159 -99.71 -84.06 -42.62
N GLY H 160 -100.08 -84.95 -41.70
CA GLY H 160 -99.14 -85.50 -40.73
C GLY H 160 -99.83 -86.40 -39.72
N PHE H 161 -99.09 -86.80 -38.68
CA PHE H 161 -99.60 -87.68 -37.60
C PHE H 161 -98.94 -87.31 -36.30
N ARG H 162 -99.56 -87.71 -35.20
CA ARG H 162 -98.97 -87.60 -33.85
C ARG H 162 -99.33 -88.84 -33.05
N VAL H 163 -98.47 -89.19 -32.09
CA VAL H 163 -98.59 -90.35 -31.17
C VAL H 163 -98.80 -89.80 -29.76
N PHE H 164 -99.68 -90.47 -29.03
CA PHE H 164 -99.95 -90.11 -27.62
C PHE H 164 -99.56 -91.32 -26.80
N LYS H 165 -99.10 -91.08 -25.58
CA LYS H 165 -98.66 -92.17 -24.69
C LYS H 165 -99.58 -92.21 -23.49
N ALA H 166 -99.79 -93.39 -22.92
CA ALA H 166 -100.61 -93.50 -21.71
C ALA H 166 -99.87 -92.82 -20.56
N PRO H 167 -100.56 -92.07 -19.68
CA PRO H 167 -101.97 -92.26 -19.41
C PRO H 167 -102.90 -91.32 -20.18
N GLU H 168 -102.39 -90.65 -21.20
CA GLU H 168 -103.21 -89.71 -22.01
C GLU H 168 -103.05 -90.08 -23.47
N LEU H 169 -103.94 -90.90 -24.02
CA LEU H 169 -103.80 -91.42 -25.41
C LEU H 169 -104.63 -90.60 -26.39
N ALA H 170 -105.22 -89.49 -25.94
CA ALA H 170 -105.99 -88.63 -26.86
C ALA H 170 -105.66 -87.17 -26.57
N ARG H 171 -104.64 -86.93 -25.75
CA ARG H 171 -104.20 -85.55 -25.44
C ARG H 171 -102.72 -85.60 -25.05
N ARG H 172 -102.01 -84.49 -25.18
CA ARG H 172 -100.60 -84.44 -24.72
C ARG H 172 -99.78 -85.40 -25.59
N ASP H 173 -99.58 -85.03 -26.84
CA ASP H 173 -98.84 -85.91 -27.79
C ASP H 173 -97.37 -85.92 -27.41
N VAL H 174 -96.66 -86.99 -27.76
CA VAL H 174 -95.19 -87.06 -27.45
C VAL H 174 -94.36 -87.04 -28.74
N VAL H 175 -94.95 -87.45 -29.86
CA VAL H 175 -94.26 -87.46 -31.19
C VAL H 175 -95.19 -86.82 -32.22
N SER H 176 -94.63 -86.08 -33.16
CA SER H 176 -95.41 -85.40 -34.22
C SER H 176 -94.54 -85.22 -35.47
N PHE H 177 -94.90 -85.91 -36.55
CA PHE H 177 -94.42 -85.67 -37.95
C PHE H 177 -95.49 -84.84 -38.66
N LEU H 178 -95.12 -83.64 -39.06
CA LEU H 178 -96.06 -82.65 -39.67
C LEU H 178 -95.21 -81.50 -40.19
N GLY H 179 -95.36 -81.20 -41.47
CA GLY H 179 -94.45 -80.26 -42.11
C GLY H 179 -94.05 -80.82 -43.44
N ALA H 180 -92.76 -80.90 -43.73
CA ALA H 180 -92.31 -81.43 -45.03
C ALA H 180 -91.58 -82.74 -44.74
N SER H 181 -90.27 -82.71 -44.47
CA SER H 181 -89.52 -83.82 -43.81
C SER H 181 -89.49 -83.59 -42.29
N TYR H 182 -90.32 -82.68 -41.74
CA TYR H 182 -90.21 -82.12 -40.35
C TYR H 182 -90.94 -83.00 -39.34
N PHE H 183 -90.28 -83.31 -38.22
CA PHE H 183 -90.87 -84.00 -37.04
C PHE H 183 -90.27 -83.42 -35.76
N ARG H 184 -90.90 -83.69 -34.61
CA ARG H 184 -90.29 -83.40 -33.29
C ARG H 184 -90.90 -84.27 -32.19
N ALA H 185 -90.23 -84.38 -31.06
CA ALA H 185 -90.71 -85.13 -29.88
C ALA H 185 -90.37 -84.36 -28.61
N VAL H 186 -90.74 -84.95 -27.47
CA VAL H 186 -90.71 -84.32 -26.11
C VAL H 186 -90.19 -85.32 -25.07
N ASP H 187 -89.44 -84.82 -24.07
CA ASP H 187 -89.10 -85.60 -22.84
C ASP H 187 -90.27 -85.53 -21.87
N ASP H 188 -90.01 -85.94 -20.61
CA ASP H 188 -91.03 -86.05 -19.55
C ASP H 188 -91.55 -84.66 -19.16
N THR H 189 -91.06 -83.56 -19.76
CA THR H 189 -91.70 -82.23 -19.59
C THR H 189 -92.88 -82.08 -20.54
N TYR H 190 -92.98 -82.91 -21.57
CA TYR H 190 -94.10 -82.95 -22.55
C TYR H 190 -94.19 -81.63 -23.32
N GLN H 191 -93.18 -80.77 -23.24
CA GLN H 191 -93.17 -79.49 -24.00
C GLN H 191 -92.38 -79.65 -25.29
N TYR H 192 -93.04 -79.28 -26.40
CA TYR H 192 -92.47 -79.32 -27.77
C TYR H 192 -91.47 -78.14 -27.90
N GLY H 193 -90.34 -78.35 -28.58
CA GLY H 193 -89.41 -77.24 -28.87
C GLY H 193 -88.77 -77.37 -30.24
N LEU H 194 -87.46 -77.65 -30.26
CA LEU H 194 -86.74 -77.70 -31.56
C LEU H 194 -87.25 -78.87 -32.38
N SER H 195 -86.92 -78.82 -33.67
CA SER H 195 -87.40 -79.72 -34.75
C SER H 195 -86.25 -80.52 -35.35
N ALA H 196 -86.56 -81.68 -35.92
CA ALA H 196 -85.63 -82.47 -36.76
C ALA H 196 -86.21 -82.49 -38.19
N ARG H 197 -85.45 -83.03 -39.14
CA ARG H 197 -85.99 -83.41 -40.46
C ARG H 197 -85.40 -84.75 -40.91
N GLY H 198 -86.05 -85.30 -41.94
CA GLY H 198 -85.53 -86.45 -42.69
C GLY H 198 -84.27 -86.04 -43.43
N LEU H 199 -84.36 -84.88 -44.08
CA LEU H 199 -83.26 -84.42 -44.97
C LEU H 199 -83.31 -82.91 -45.15
N ALA H 200 -82.13 -82.31 -45.34
CA ALA H 200 -81.96 -80.90 -45.81
C ALA H 200 -81.27 -80.89 -47.18
N ILE H 201 -81.78 -80.07 -48.11
CA ILE H 201 -81.24 -79.88 -49.49
C ILE H 201 -81.01 -78.39 -49.75
N ASP H 202 -79.76 -78.00 -49.92
CA ASP H 202 -79.41 -76.63 -50.41
C ASP H 202 -79.81 -75.57 -49.38
N THR H 203 -79.59 -75.81 -48.09
CA THR H 203 -79.99 -74.86 -47.02
C THR H 203 -79.24 -73.54 -47.21
N TYR H 204 -78.00 -73.58 -47.73
CA TYR H 204 -77.05 -72.44 -47.88
C TYR H 204 -76.22 -72.57 -49.17
N THR H 205 -76.66 -71.91 -50.26
CA THR H 205 -75.99 -71.93 -51.59
C THR H 205 -76.53 -70.88 -52.58
N ASP H 206 -75.95 -70.73 -53.79
CA ASP H 206 -76.37 -69.84 -54.91
C ASP H 206 -77.89 -69.95 -55.11
N SER H 207 -78.44 -71.17 -55.15
CA SER H 207 -79.90 -71.42 -55.37
C SER H 207 -80.66 -71.24 -54.05
N LYS H 208 -82.00 -71.28 -54.16
CA LYS H 208 -82.94 -71.30 -53.01
C LYS H 208 -82.97 -72.73 -52.44
N GLU H 209 -83.33 -72.86 -51.16
CA GLU H 209 -83.45 -74.14 -50.45
C GLU H 209 -84.63 -74.95 -51.04
N GLU H 210 -84.45 -76.27 -51.09
CA GLU H 210 -85.41 -77.32 -51.50
C GLU H 210 -85.86 -78.12 -50.27
N PHE H 211 -87.17 -78.28 -50.14
CA PHE H 211 -87.82 -78.92 -48.98
C PHE H 211 -88.45 -80.24 -49.38
N PRO H 212 -87.71 -81.37 -49.25
CA PRO H 212 -88.29 -82.68 -49.46
C PRO H 212 -89.52 -82.82 -48.55
N ASP H 213 -90.51 -83.57 -49.05
CA ASP H 213 -91.71 -84.05 -48.32
C ASP H 213 -91.53 -85.54 -48.00
N PHE H 214 -91.97 -85.92 -46.80
CA PHE H 214 -92.50 -87.26 -46.47
C PHE H 214 -93.90 -87.30 -47.05
N THR H 215 -94.14 -88.21 -48.00
CA THR H 215 -95.38 -88.25 -48.82
C THR H 215 -96.20 -89.46 -48.43
N ALA H 216 -95.62 -90.34 -47.63
CA ALA H 216 -96.29 -91.56 -47.17
C ALA H 216 -95.62 -92.04 -45.89
N PHE H 217 -96.45 -92.62 -45.00
CA PHE H 217 -96.03 -93.28 -43.74
C PHE H 217 -96.73 -94.63 -43.65
N TRP H 218 -96.00 -95.63 -43.19
CA TRP H 218 -96.51 -96.98 -42.93
C TRP H 218 -96.28 -97.22 -41.44
N PHE H 219 -97.30 -97.70 -40.74
CA PHE H 219 -97.30 -97.85 -39.27
C PHE H 219 -97.46 -99.33 -38.89
N ASP H 220 -96.39 -100.00 -38.45
CA ASP H 220 -96.55 -101.32 -37.78
C ASP H 220 -97.59 -101.08 -36.68
N THR H 221 -98.70 -101.82 -36.68
CA THR H 221 -99.61 -101.99 -35.52
C THR H 221 -98.81 -102.27 -34.25
N VAL H 222 -99.01 -101.46 -33.19
CA VAL H 222 -98.36 -101.62 -31.84
C VAL H 222 -98.81 -102.91 -31.18
N LYS H 223 -97.88 -103.53 -30.48
CA LYS H 223 -98.18 -104.70 -29.64
C LYS H 223 -98.93 -104.18 -28.41
N PRO H 224 -99.85 -104.99 -27.83
CA PRO H 224 -100.33 -104.74 -26.48
C PRO H 224 -99.14 -104.49 -25.54
N GLY H 225 -99.23 -103.44 -24.71
CA GLY H 225 -98.27 -103.16 -23.63
C GLY H 225 -97.05 -102.41 -24.09
N ALA H 226 -96.83 -102.28 -25.41
CA ALA H 226 -95.57 -101.75 -25.96
C ALA H 226 -95.65 -100.22 -26.03
N THR H 227 -94.52 -99.60 -25.65
CA THR H 227 -94.21 -98.15 -25.77
C THR H 227 -93.23 -97.89 -26.91
N THR H 228 -92.76 -98.94 -27.60
CA THR H 228 -92.00 -98.82 -28.88
C THR H 228 -93.00 -98.98 -30.03
N PHE H 229 -92.91 -98.13 -31.05
CA PHE H 229 -93.63 -98.35 -32.33
C PHE H 229 -92.68 -98.03 -33.48
N THR H 230 -93.07 -98.50 -34.67
CA THR H 230 -92.21 -98.50 -35.88
C THR H 230 -92.99 -97.85 -37.01
N VAL H 231 -92.43 -96.81 -37.61
CA VAL H 231 -93.13 -96.08 -38.72
C VAL H 231 -92.12 -95.96 -39.85
N TYR H 232 -92.45 -96.45 -41.04
CA TYR H 232 -91.62 -96.33 -42.26
C TYR H 232 -92.12 -95.07 -42.97
N ALA H 233 -91.27 -94.42 -43.75
CA ALA H 233 -91.62 -93.15 -44.43
C ALA H 233 -90.93 -93.07 -45.80
N LEU H 234 -91.70 -92.60 -46.79
CA LEU H 234 -91.18 -92.30 -48.15
C LEU H 234 -90.93 -90.79 -48.29
N LEU H 235 -89.68 -90.46 -48.59
CA LEU H 235 -89.24 -89.08 -48.88
C LEU H 235 -89.21 -88.92 -50.39
N ASP H 236 -89.69 -87.77 -50.86
CA ASP H 236 -89.78 -87.45 -52.29
C ASP H 236 -89.52 -85.94 -52.46
N SER H 237 -88.59 -85.59 -53.34
CA SER H 237 -88.23 -84.18 -53.62
C SER H 237 -87.77 -84.04 -55.07
N ALA H 238 -87.72 -82.83 -55.59
CA ALA H 238 -87.21 -82.58 -56.97
C ALA H 238 -85.88 -83.34 -57.18
N SER H 239 -84.99 -83.32 -56.20
CA SER H 239 -83.57 -83.70 -56.39
C SER H 239 -83.29 -85.12 -55.89
N ILE H 240 -84.21 -85.72 -55.13
CA ILE H 240 -83.87 -86.94 -54.34
C ILE H 240 -85.13 -87.62 -53.84
N THR H 241 -85.05 -88.96 -53.70
CA THR H 241 -86.03 -89.83 -53.00
C THR H 241 -85.35 -90.55 -51.84
N GLY H 242 -86.14 -91.09 -50.90
CA GLY H 242 -85.57 -91.89 -49.80
C GLY H 242 -86.55 -92.85 -49.16
N ALA H 243 -86.03 -93.91 -48.57
CA ALA H 243 -86.77 -94.83 -47.71
C ALA H 243 -86.22 -94.73 -46.29
N TYR H 244 -87.11 -94.47 -45.34
CA TYR H 244 -86.80 -94.21 -43.92
C TYR H 244 -87.50 -95.25 -43.08
N LYS H 245 -86.78 -95.86 -42.13
CA LYS H 245 -87.37 -96.62 -41.00
C LYS H 245 -87.13 -95.86 -39.69
N PHE H 246 -88.18 -95.62 -38.93
CA PHE H 246 -88.09 -95.02 -37.58
C PHE H 246 -88.59 -96.04 -36.55
N THR H 247 -87.69 -96.64 -35.77
CA THR H 247 -88.10 -97.43 -34.57
C THR H 247 -88.04 -96.46 -33.39
N ILE H 248 -89.20 -95.99 -32.93
CA ILE H 248 -89.35 -94.89 -31.93
C ILE H 248 -89.75 -95.48 -30.57
N HIS H 249 -88.84 -95.38 -29.59
CA HIS H 249 -89.04 -95.78 -28.18
C HIS H 249 -89.46 -94.59 -27.31
N CYS H 250 -90.73 -94.55 -26.90
CA CYS H 250 -91.23 -93.57 -25.91
C CYS H 250 -90.92 -94.04 -24.49
N GLU H 251 -89.66 -93.92 -24.06
CA GLU H 251 -89.19 -94.30 -22.70
C GLU H 251 -89.86 -93.39 -21.65
N LYS H 252 -89.63 -93.67 -20.36
CA LYS H 252 -90.26 -92.91 -19.25
C LYS H 252 -89.80 -91.46 -19.30
N SER H 253 -88.49 -91.23 -19.48
CA SER H 253 -87.82 -89.92 -19.29
C SER H 253 -87.49 -89.21 -20.61
N GLN H 254 -87.71 -89.85 -21.77
CA GLN H 254 -87.29 -89.29 -23.10
C GLN H 254 -87.93 -90.08 -24.25
N VAL H 255 -87.65 -89.67 -25.49
CA VAL H 255 -88.00 -90.40 -26.75
C VAL H 255 -86.68 -90.70 -27.47
N ILE H 256 -86.38 -91.98 -27.68
CA ILE H 256 -85.23 -92.43 -28.52
C ILE H 256 -85.81 -92.90 -29.87
N MET H 257 -85.20 -92.45 -30.97
CA MET H 257 -85.56 -92.88 -32.35
C MET H 257 -84.33 -93.54 -32.99
N ASP H 258 -84.42 -94.84 -33.28
CA ASP H 258 -83.50 -95.54 -34.21
C ASP H 258 -83.97 -95.19 -35.61
N VAL H 259 -83.09 -94.59 -36.42
CA VAL H 259 -83.39 -94.10 -37.78
C VAL H 259 -82.42 -94.77 -38.74
N GLU H 260 -82.97 -95.38 -39.78
CA GLU H 260 -82.26 -95.89 -40.97
C GLU H 260 -82.90 -95.24 -42.19
N ASN H 261 -82.07 -94.77 -43.12
CA ASN H 261 -82.54 -94.28 -44.43
C ASN H 261 -81.68 -94.85 -45.58
N HIS H 262 -82.25 -94.82 -46.77
CA HIS H 262 -81.62 -95.09 -48.09
C HIS H 262 -82.03 -93.94 -49.01
N LEU H 263 -81.07 -93.32 -49.68
CA LEU H 263 -81.31 -92.06 -50.41
C LEU H 263 -80.86 -92.25 -51.85
N TYR H 264 -81.70 -91.82 -52.79
CA TYR H 264 -81.50 -92.08 -54.23
C TYR H 264 -81.52 -90.73 -54.94
N ALA H 265 -80.35 -90.24 -55.35
CA ALA H 265 -80.19 -88.89 -55.94
C ALA H 265 -80.68 -88.87 -57.39
N ARG H 266 -81.65 -88.00 -57.69
CA ARG H 266 -82.18 -87.80 -59.06
C ARG H 266 -81.31 -86.80 -59.83
N LYS H 267 -80.77 -85.80 -59.14
CA LYS H 267 -79.91 -84.75 -59.76
C LYS H 267 -78.62 -84.63 -58.98
N ASP H 268 -77.61 -84.02 -59.62
CA ASP H 268 -76.50 -83.32 -58.92
C ASP H 268 -77.14 -82.46 -57.82
N ILE H 269 -76.59 -82.50 -56.61
CA ILE H 269 -77.10 -81.74 -55.44
C ILE H 269 -75.94 -80.95 -54.83
N LYS H 270 -76.13 -79.64 -54.66
CA LYS H 270 -75.05 -78.72 -54.24
C LYS H 270 -74.69 -78.95 -52.78
N GLN H 271 -75.71 -79.09 -51.92
CA GLN H 271 -75.57 -79.32 -50.46
C GLN H 271 -76.60 -80.36 -49.97
N LEU H 272 -76.09 -81.53 -49.57
CA LEU H 272 -76.89 -82.62 -48.96
C LEU H 272 -76.63 -82.59 -47.45
N GLY H 273 -77.70 -82.40 -46.66
CA GLY H 273 -77.67 -82.37 -45.19
C GLY H 273 -78.36 -83.56 -44.54
N ILE H 274 -77.59 -84.39 -43.86
CA ILE H 274 -78.08 -85.64 -43.20
C ILE H 274 -78.48 -85.32 -41.76
N ALA H 275 -79.49 -86.01 -41.24
CA ALA H 275 -79.90 -85.97 -39.81
C ALA H 275 -80.07 -84.53 -39.35
N PRO H 276 -80.61 -83.62 -40.18
CA PRO H 276 -80.68 -82.21 -39.84
C PRO H 276 -81.54 -81.94 -38.60
N MET H 277 -81.23 -80.80 -37.99
CA MET H 277 -81.97 -80.23 -36.83
C MET H 277 -82.36 -78.79 -37.18
N THR H 278 -83.46 -78.33 -36.60
CA THR H 278 -83.91 -76.93 -36.76
C THR H 278 -84.36 -76.41 -35.42
N SER H 279 -83.63 -75.41 -34.89
CA SER H 279 -83.96 -74.74 -33.60
C SER H 279 -84.09 -73.23 -33.79
N MET H 280 -84.13 -72.52 -32.67
CA MET H 280 -84.26 -71.04 -32.62
C MET H 280 -83.37 -70.50 -31.49
N PHE H 281 -82.77 -69.34 -31.71
CA PHE H 281 -81.91 -68.65 -30.72
C PHE H 281 -81.99 -67.17 -31.00
N SER H 282 -82.72 -66.46 -30.14
CA SER H 282 -83.01 -65.01 -30.25
C SER H 282 -82.12 -64.21 -29.29
N CYS H 283 -82.08 -64.64 -28.03
CA CYS H 283 -81.42 -63.90 -26.93
C CYS H 283 -80.93 -64.89 -25.88
N GLY H 284 -79.62 -65.00 -25.68
CA GLY H 284 -79.05 -65.82 -24.58
C GLY H 284 -78.18 -64.99 -23.65
N THR H 285 -77.07 -65.54 -23.21
CA THR H 285 -76.12 -64.83 -22.32
C THR H 285 -75.01 -64.24 -23.17
N ASN H 286 -74.94 -64.61 -24.45
CA ASN H 286 -73.84 -64.20 -25.35
C ASN H 286 -74.28 -63.09 -26.29
N GLU H 287 -73.48 -62.04 -26.40
CA GLU H 287 -73.78 -60.91 -27.32
C GLU H 287 -75.29 -60.62 -27.34
N ARG H 288 -75.80 -60.04 -26.25
CA ARG H 288 -77.26 -59.80 -26.09
C ARG H 288 -77.65 -58.58 -26.93
N ARG H 289 -77.65 -58.73 -28.24
CA ARG H 289 -77.98 -57.63 -29.19
C ARG H 289 -79.47 -57.61 -29.52
N MET H 290 -80.27 -58.60 -29.07
CA MET H 290 -81.73 -58.63 -29.37
C MET H 290 -82.50 -59.17 -28.16
N CYS H 291 -82.46 -58.40 -27.07
CA CYS H 291 -82.82 -58.87 -25.71
C CYS H 291 -83.77 -57.86 -25.05
N ASP H 292 -84.46 -57.07 -25.86
CA ASP H 292 -85.32 -55.99 -25.35
C ASP H 292 -86.75 -56.50 -25.30
N THR H 293 -86.99 -57.62 -24.66
CA THR H 293 -88.35 -58.10 -24.32
C THR H 293 -88.41 -58.19 -22.80
N ILE H 294 -89.49 -58.74 -22.27
CA ILE H 294 -89.64 -58.94 -20.81
C ILE H 294 -88.91 -60.22 -20.41
N HIS H 295 -88.35 -60.96 -21.38
CA HIS H 295 -87.74 -62.30 -21.14
C HIS H 295 -86.23 -62.14 -21.12
N PRO H 296 -85.54 -62.43 -20.01
CA PRO H 296 -84.09 -62.36 -19.97
C PRO H 296 -83.42 -63.16 -21.09
N GLN H 297 -84.01 -64.29 -21.47
CA GLN H 297 -83.50 -65.20 -22.52
C GLN H 297 -84.67 -65.74 -23.36
N ILE H 298 -84.48 -65.88 -24.66
CA ILE H 298 -85.46 -66.50 -25.61
C ILE H 298 -84.70 -67.40 -26.57
N HIS H 299 -84.87 -68.71 -26.46
CA HIS H 299 -84.23 -69.72 -27.36
C HIS H 299 -84.79 -71.12 -27.09
N ASP H 300 -84.77 -71.99 -28.12
CA ASP H 300 -85.24 -73.40 -28.06
C ASP H 300 -84.03 -74.32 -27.83
N SER H 301 -82.84 -73.73 -28.01
CA SER H 301 -81.50 -74.34 -27.91
C SER H 301 -80.48 -73.21 -27.66
N ASP H 302 -79.32 -73.54 -27.08
CA ASP H 302 -78.32 -72.51 -26.71
C ASP H 302 -76.95 -72.85 -27.29
N ARG H 303 -76.72 -74.10 -27.67
CA ARG H 303 -75.36 -74.50 -28.08
C ARG H 303 -75.41 -75.62 -29.13
N LEU H 304 -74.37 -75.69 -29.95
CA LEU H 304 -74.02 -76.90 -30.74
C LEU H 304 -73.01 -77.72 -29.92
N SER H 305 -73.34 -78.95 -29.55
CA SER H 305 -72.38 -79.88 -28.90
C SER H 305 -71.89 -80.87 -29.94
N MET H 306 -70.58 -81.06 -30.05
CA MET H 306 -69.96 -82.01 -31.01
C MET H 306 -68.98 -82.90 -30.24
N TRP H 307 -69.08 -84.20 -30.45
CA TRP H 307 -68.13 -85.25 -30.04
C TRP H 307 -67.46 -85.73 -31.34
N ARG H 308 -66.20 -85.38 -31.55
CA ARG H 308 -65.57 -85.60 -32.88
C ARG H 308 -64.97 -87.01 -32.99
N GLY H 309 -64.60 -87.41 -34.22
CA GLY H 309 -64.00 -88.73 -34.51
C GLY H 309 -62.78 -89.00 -33.66
N ASN H 310 -61.91 -88.00 -33.47
CA ASN H 310 -60.69 -88.12 -32.63
C ASN H 310 -61.00 -88.20 -31.12
N GLY H 311 -62.23 -87.90 -30.64
CA GLY H 311 -62.63 -88.01 -29.21
C GLY H 311 -62.73 -86.64 -28.52
N GLU H 312 -62.32 -85.58 -29.21
CA GLU H 312 -62.42 -84.16 -28.76
C GLU H 312 -63.88 -83.72 -28.66
N TRP H 313 -64.20 -82.96 -27.63
CA TRP H 313 -65.58 -82.47 -27.35
C TRP H 313 -65.64 -80.97 -27.64
N ILE H 314 -66.72 -80.50 -28.25
CA ILE H 314 -66.81 -79.05 -28.58
C ILE H 314 -68.15 -78.47 -28.17
N CYS H 315 -68.08 -77.29 -27.54
CA CYS H 315 -69.25 -76.51 -27.12
C CYS H 315 -69.22 -75.20 -27.88
N ARG H 316 -70.05 -75.09 -28.90
CA ARG H 316 -70.13 -73.86 -29.72
C ARG H 316 -71.44 -73.18 -29.33
N PRO H 317 -71.41 -72.16 -28.45
CA PRO H 317 -72.60 -71.38 -28.18
C PRO H 317 -73.16 -70.77 -29.46
N LEU H 318 -74.49 -70.81 -29.60
CA LEU H 318 -75.24 -70.29 -30.77
C LEU H 318 -75.26 -68.76 -30.72
N ASN H 319 -75.27 -68.12 -31.89
CA ASN H 319 -75.35 -66.64 -32.03
C ASN H 319 -76.69 -66.30 -32.66
N ASN H 320 -77.25 -65.13 -32.33
CA ASN H 320 -78.29 -64.45 -33.16
C ASN H 320 -77.57 -63.29 -33.80
N PRO H 321 -76.89 -63.56 -34.94
CA PRO H 321 -76.00 -62.60 -35.58
C PRO H 321 -76.81 -61.55 -36.37
N GLN H 322 -76.24 -60.37 -36.60
CA GLN H 322 -76.94 -59.33 -37.38
C GLN H 322 -76.76 -59.63 -38.87
N LYS H 323 -75.79 -60.51 -39.19
CA LYS H 323 -75.53 -61.00 -40.57
C LYS H 323 -75.57 -62.53 -40.61
N LEU H 324 -76.29 -63.08 -41.60
CA LEU H 324 -76.40 -64.53 -41.86
C LEU H 324 -75.01 -65.16 -41.95
N GLN H 325 -74.81 -66.22 -41.13
CA GLN H 325 -73.55 -66.99 -41.04
C GLN H 325 -73.80 -68.45 -41.40
N PHE H 326 -72.87 -69.08 -42.12
CA PHE H 326 -72.70 -70.55 -42.20
C PHE H 326 -71.33 -70.92 -41.62
N ASN H 327 -71.25 -72.01 -40.86
CA ASN H 327 -69.96 -72.55 -40.39
C ASN H 327 -69.99 -74.05 -40.67
N ALA H 328 -68.85 -74.61 -41.08
CA ALA H 328 -68.62 -76.03 -41.39
C ALA H 328 -67.47 -76.58 -40.55
N TYR H 329 -67.79 -77.46 -39.60
CA TYR H 329 -66.83 -78.07 -38.65
C TYR H 329 -66.43 -79.37 -39.33
N THR H 330 -65.22 -79.39 -39.85
CA THR H 330 -64.61 -80.60 -40.46
C THR H 330 -64.61 -81.71 -39.42
N ASP H 331 -64.80 -82.95 -39.84
CA ASP H 331 -64.76 -84.11 -38.93
C ASP H 331 -64.67 -85.37 -39.78
N ASN H 332 -64.39 -86.48 -39.13
CA ASN H 332 -64.24 -87.80 -39.77
C ASN H 332 -64.78 -88.81 -38.77
N ASN H 333 -65.83 -89.56 -39.13
CA ASN H 333 -66.48 -90.52 -38.20
C ASN H 333 -66.91 -89.78 -36.93
N PRO H 334 -67.75 -88.75 -37.11
CA PRO H 334 -68.28 -87.99 -35.98
C PRO H 334 -68.98 -88.95 -35.02
N LYS H 335 -68.70 -88.84 -33.71
CA LYS H 335 -69.21 -89.75 -32.65
C LYS H 335 -70.61 -89.31 -32.23
N GLY H 336 -70.86 -88.00 -32.30
CA GLY H 336 -72.18 -87.44 -31.99
C GLY H 336 -72.24 -85.95 -32.23
N PHE H 337 -73.44 -85.40 -32.29
CA PHE H 337 -73.64 -83.94 -32.27
C PHE H 337 -75.13 -83.66 -32.04
N GLY H 338 -75.42 -82.47 -31.50
CA GLY H 338 -76.79 -82.07 -31.11
C GLY H 338 -76.93 -80.57 -30.86
N LEU H 339 -78.17 -80.08 -30.85
CA LEU H 339 -78.51 -78.75 -30.34
C LEU H 339 -79.11 -78.91 -28.95
N LEU H 340 -78.37 -78.48 -27.93
CA LEU H 340 -78.73 -78.70 -26.51
C LEU H 340 -79.46 -77.45 -25.96
N GLN H 341 -80.44 -77.65 -25.09
CA GLN H 341 -81.07 -76.58 -24.29
C GLN H 341 -80.71 -76.88 -22.81
N LEU H 342 -79.56 -76.40 -22.35
CA LEU H 342 -79.03 -76.84 -21.04
C LEU H 342 -79.37 -75.88 -19.91
N ASP H 343 -79.98 -74.72 -20.18
CA ASP H 343 -80.45 -73.77 -19.13
C ASP H 343 -81.89 -74.11 -18.82
N ARG H 344 -82.11 -74.87 -17.74
CA ARG H 344 -83.42 -75.48 -17.39
C ARG H 344 -84.26 -74.55 -16.53
N ASP H 345 -83.79 -73.32 -16.32
CA ASP H 345 -84.21 -72.45 -15.21
C ASP H 345 -85.28 -71.46 -15.72
N PHE H 346 -86.55 -71.76 -15.40
CA PHE H 346 -87.74 -70.93 -15.74
C PHE H 346 -87.44 -69.44 -15.58
N SER H 347 -86.82 -69.03 -14.47
CA SER H 347 -86.65 -67.58 -14.13
C SER H 347 -85.77 -66.84 -15.16
N HIS H 348 -84.99 -67.56 -15.96
CA HIS H 348 -84.05 -67.00 -16.96
C HIS H 348 -84.75 -66.74 -18.29
N TYR H 349 -86.01 -67.16 -18.39
CA TYR H 349 -86.80 -67.04 -19.64
C TYR H 349 -88.11 -66.33 -19.32
N GLN H 350 -88.79 -66.72 -18.24
CA GLN H 350 -90.04 -66.03 -17.82
C GLN H 350 -91.13 -66.23 -18.89
N ASP H 351 -91.04 -67.27 -19.73
CA ASP H 351 -92.03 -67.51 -20.81
C ASP H 351 -93.00 -68.59 -20.34
N ILE H 352 -94.27 -68.22 -20.24
CA ILE H 352 -95.39 -69.04 -19.66
C ILE H 352 -96.36 -69.41 -20.78
N MET H 353 -96.04 -69.00 -22.02
CA MET H 353 -96.70 -69.43 -23.27
C MET H 353 -95.93 -70.63 -23.83
N GLY H 354 -94.64 -70.46 -24.08
CA GLY H 354 -93.81 -71.46 -24.80
C GLY H 354 -92.98 -72.35 -23.89
N TRP H 355 -92.71 -71.91 -22.65
CA TRP H 355 -91.99 -72.71 -21.62
C TRP H 355 -90.61 -73.17 -22.14
N TYR H 356 -89.84 -72.25 -22.69
CA TYR H 356 -88.48 -72.54 -23.23
C TYR H 356 -87.67 -73.43 -22.27
N ASN H 357 -87.76 -73.17 -20.97
CA ASN H 357 -87.00 -73.93 -19.93
C ASN H 357 -87.35 -75.43 -19.98
N LYS H 358 -88.49 -75.82 -20.56
CA LYS H 358 -88.95 -77.23 -20.56
C LYS H 358 -88.57 -77.91 -21.89
N ARG H 359 -88.16 -77.11 -22.87
CA ARG H 359 -87.93 -77.61 -24.25
C ARG H 359 -86.66 -78.45 -24.24
N PRO H 360 -86.59 -79.49 -25.09
CA PRO H 360 -85.49 -80.45 -25.02
C PRO H 360 -84.26 -80.17 -25.87
N SER H 361 -83.21 -80.89 -25.49
CA SER H 361 -81.98 -81.09 -26.28
C SER H 361 -82.26 -82.19 -27.31
N LEU H 362 -81.59 -82.16 -28.46
CA LEU H 362 -81.62 -83.24 -29.46
C LEU H 362 -80.19 -83.71 -29.72
N TRP H 363 -79.92 -85.00 -29.55
CA TRP H 363 -78.61 -85.65 -29.82
C TRP H 363 -78.72 -86.57 -31.05
N VAL H 364 -77.84 -86.38 -32.04
CA VAL H 364 -77.66 -87.30 -33.20
C VAL H 364 -76.44 -88.18 -32.92
N GLU H 365 -76.65 -89.50 -32.84
CA GLU H 365 -75.57 -90.50 -32.66
C GLU H 365 -75.46 -91.33 -33.94
N PRO H 366 -74.52 -91.00 -34.86
CA PRO H 366 -74.25 -91.89 -35.98
C PRO H 366 -74.04 -93.33 -35.48
N ARG H 367 -74.68 -94.31 -36.12
CA ARG H 367 -74.60 -95.75 -35.72
C ARG H 367 -73.62 -96.50 -36.62
N ASN H 368 -73.06 -95.79 -37.58
CA ASN H 368 -72.00 -96.37 -38.42
C ASN H 368 -70.93 -95.31 -38.57
N LYS H 369 -69.80 -95.68 -39.15
CA LYS H 369 -68.68 -94.71 -39.37
C LYS H 369 -69.03 -93.77 -40.54
N TRP H 370 -69.41 -92.51 -40.34
CA TRP H 370 -69.87 -91.69 -41.51
C TRP H 370 -68.70 -91.14 -42.35
N GLY H 371 -67.45 -91.43 -41.99
CA GLY H 371 -66.32 -90.96 -42.80
C GLY H 371 -66.25 -89.43 -42.87
N LYS H 372 -65.56 -88.89 -43.88
CA LYS H 372 -65.14 -87.47 -43.87
C LYS H 372 -66.27 -86.56 -44.37
N GLY H 373 -66.42 -85.43 -43.69
CA GLY H 373 -67.27 -84.32 -44.14
C GLY H 373 -67.30 -83.19 -43.14
N THR H 374 -68.41 -82.46 -43.11
CA THR H 374 -68.56 -81.29 -42.18
C THR H 374 -69.92 -81.30 -41.46
N ILE H 375 -69.91 -80.95 -40.18
CA ILE H 375 -71.13 -80.51 -39.45
C ILE H 375 -71.32 -79.03 -39.77
N GLY H 376 -72.42 -78.71 -40.45
CA GLY H 376 -72.72 -77.35 -40.91
C GLY H 376 -73.74 -76.69 -40.00
N LEU H 377 -73.51 -75.43 -39.67
CA LEU H 377 -74.35 -74.65 -38.73
C LEU H 377 -74.70 -73.34 -39.42
N MET H 378 -75.98 -73.10 -39.68
CA MET H 378 -76.41 -71.82 -40.28
C MET H 378 -77.16 -71.01 -39.23
N GLU H 379 -76.68 -69.81 -38.95
CA GLU H 379 -77.32 -68.94 -37.96
C GLU H 379 -77.89 -67.75 -38.72
N ILE H 380 -79.22 -67.65 -38.78
CA ILE H 380 -79.90 -66.57 -39.54
C ILE H 380 -80.34 -65.49 -38.56
N PRO H 381 -80.30 -64.20 -38.95
CA PRO H 381 -80.80 -63.15 -38.08
C PRO H 381 -82.31 -63.12 -37.76
N THR H 382 -82.69 -63.10 -36.48
CA THR H 382 -84.10 -62.95 -35.98
C THR H 382 -84.19 -61.69 -35.11
N THR H 383 -85.41 -61.23 -34.89
CA THR H 383 -85.75 -60.06 -34.06
C THR H 383 -86.87 -60.48 -33.09
N GLY H 384 -87.06 -61.79 -32.90
CA GLY H 384 -88.15 -62.42 -32.14
C GLY H 384 -88.02 -63.93 -32.06
N GLU H 385 -89.15 -64.62 -31.85
CA GLU H 385 -89.18 -66.07 -31.52
C GLU H 385 -89.78 -66.85 -32.70
N THR H 386 -90.42 -66.15 -33.63
CA THR H 386 -91.23 -66.79 -34.71
C THR H 386 -90.42 -67.42 -35.86
N LEU H 387 -89.16 -67.06 -36.02
CA LEU H 387 -88.36 -67.56 -37.16
C LEU H 387 -87.35 -68.54 -36.59
N ASN H 388 -87.38 -69.79 -37.07
CA ASN H 388 -86.41 -70.84 -36.68
C ASN H 388 -85.17 -70.44 -37.43
N ASN H 389 -84.18 -69.94 -36.71
CA ASN H 389 -83.04 -69.24 -37.37
C ASN H 389 -81.75 -70.06 -37.17
N ILE H 390 -81.86 -71.29 -36.69
CA ILE H 390 -80.73 -72.24 -36.49
C ILE H 390 -81.04 -73.52 -37.30
N VAL H 391 -80.14 -73.86 -38.22
CA VAL H 391 -80.17 -75.17 -38.91
C VAL H 391 -78.78 -75.78 -38.75
N CYS H 392 -78.75 -77.08 -38.46
CA CYS H 392 -77.51 -77.85 -38.30
C CYS H 392 -77.72 -79.23 -38.97
N PHE H 393 -76.67 -79.76 -39.60
CA PHE H 393 -76.72 -81.09 -40.28
C PHE H 393 -75.32 -81.58 -40.56
N TRP H 394 -75.21 -82.87 -40.85
CA TRP H 394 -73.98 -83.51 -41.40
C TRP H 394 -74.00 -83.41 -42.93
N GLN H 395 -72.86 -83.11 -43.54
CA GLN H 395 -72.77 -82.92 -45.00
C GLN H 395 -71.52 -83.62 -45.50
N PRO H 396 -71.65 -84.79 -46.18
CA PRO H 396 -70.50 -85.63 -46.52
C PRO H 396 -69.55 -84.86 -47.45
N GLU H 397 -68.25 -85.16 -47.33
CA GLU H 397 -67.16 -84.49 -48.09
C GLU H 397 -67.47 -84.52 -49.59
N LYS H 398 -67.89 -85.69 -50.07
CA LYS H 398 -68.06 -86.04 -51.50
C LYS H 398 -69.27 -85.31 -52.11
N ALA H 399 -69.03 -84.60 -53.21
CA ALA H 399 -70.05 -83.88 -54.00
C ALA H 399 -71.09 -84.87 -54.49
N VAL H 400 -72.37 -84.57 -54.33
CA VAL H 400 -73.49 -85.48 -54.68
C VAL H 400 -73.82 -85.29 -56.16
N LYS H 401 -73.74 -86.36 -56.96
CA LYS H 401 -74.07 -86.36 -58.41
C LYS H 401 -75.28 -87.27 -58.63
N ALA H 402 -76.00 -87.12 -59.75
CA ALA H 402 -77.22 -87.93 -60.04
C ALA H 402 -76.85 -89.41 -60.04
N GLY H 403 -77.78 -90.26 -59.58
CA GLY H 403 -77.62 -91.72 -59.52
C GLY H 403 -77.09 -92.16 -58.18
N ASP H 404 -76.38 -91.28 -57.48
CA ASP H 404 -75.70 -91.61 -56.19
C ASP H 404 -76.73 -92.23 -55.23
N GLU H 405 -76.26 -93.19 -54.43
CA GLU H 405 -77.10 -93.86 -53.41
C GLU H 405 -76.37 -93.72 -52.08
N PHE H 406 -77.11 -93.46 -51.01
CA PHE H 406 -76.55 -93.29 -49.65
C PHE H 406 -77.32 -94.15 -48.68
N ALA H 407 -76.69 -94.49 -47.56
CA ALA H 407 -77.34 -95.18 -46.42
C ALA H 407 -76.79 -94.62 -45.10
N PHE H 408 -77.63 -93.96 -44.28
CA PHE H 408 -77.27 -93.53 -42.90
C PHE H 408 -78.14 -94.25 -41.88
N GLN H 409 -77.52 -94.59 -40.74
CA GLN H 409 -78.21 -95.04 -39.52
C GLN H 409 -77.80 -94.11 -38.37
N TYR H 410 -78.77 -93.54 -37.66
CA TYR H 410 -78.50 -92.74 -36.44
C TYR H 410 -79.61 -92.85 -35.40
N ARG H 411 -79.19 -92.82 -34.13
CA ARG H 411 -80.11 -92.69 -32.97
C ARG H 411 -80.33 -91.20 -32.74
N LEU H 412 -81.59 -90.82 -32.51
CA LEU H 412 -82.02 -89.49 -31.99
C LEU H 412 -82.50 -89.63 -30.54
N TYR H 413 -81.92 -88.83 -29.65
CA TYR H 413 -82.34 -88.70 -28.23
C TYR H 413 -82.98 -87.31 -28.04
N TRP H 414 -84.30 -87.26 -27.95
CA TRP H 414 -85.09 -86.10 -27.50
C TRP H 414 -85.14 -86.12 -25.97
N SER H 415 -84.35 -85.28 -25.31
CA SER H 415 -84.38 -85.16 -23.83
C SER H 415 -83.59 -83.94 -23.38
N ALA H 416 -84.00 -83.32 -22.27
CA ALA H 416 -83.34 -82.18 -21.60
C ALA H 416 -81.82 -82.36 -21.63
N GLN H 417 -81.30 -83.43 -21.00
CA GLN H 417 -79.85 -83.74 -21.05
C GLN H 417 -79.58 -84.68 -22.23
N PRO H 418 -78.50 -84.47 -23.02
CA PRO H 418 -78.08 -85.48 -23.99
C PRO H 418 -77.75 -86.77 -23.26
N PRO H 419 -77.66 -87.94 -23.94
CA PRO H 419 -77.26 -89.19 -23.29
C PRO H 419 -75.76 -89.27 -22.97
N VAL H 420 -74.94 -88.42 -23.59
CA VAL H 420 -73.47 -88.47 -23.33
C VAL H 420 -72.98 -87.03 -23.36
N HIS H 421 -71.85 -86.78 -22.71
CA HIS H 421 -71.25 -85.42 -22.52
C HIS H 421 -69.77 -85.58 -22.18
N CYS H 422 -69.02 -84.49 -22.18
CA CYS H 422 -67.56 -84.58 -21.93
C CYS H 422 -67.30 -85.23 -20.58
N PRO H 423 -66.34 -86.16 -20.43
CA PRO H 423 -66.00 -86.68 -19.11
C PRO H 423 -65.07 -85.66 -18.44
N LEU H 424 -64.90 -84.47 -19.00
CA LEU H 424 -63.98 -83.46 -18.43
C LEU H 424 -64.78 -82.23 -18.01
N ALA H 425 -64.12 -81.09 -17.82
CA ALA H 425 -64.81 -79.84 -17.44
C ALA H 425 -65.70 -79.38 -18.61
N ARG H 426 -67.01 -79.22 -18.35
CA ARG H 426 -67.96 -78.78 -19.41
C ARG H 426 -68.23 -77.28 -19.28
N VAL H 427 -68.30 -76.60 -20.40
CA VAL H 427 -68.84 -75.23 -20.44
C VAL H 427 -70.26 -75.30 -19.91
N MET H 428 -70.68 -74.46 -18.98
CA MET H 428 -72.09 -74.47 -18.54
C MET H 428 -72.76 -73.19 -19.00
N ALA H 429 -72.00 -72.11 -19.22
CA ALA H 429 -72.53 -70.85 -19.80
C ALA H 429 -71.44 -69.90 -20.30
N THR H 430 -71.77 -69.16 -21.36
CA THR H 430 -70.83 -68.20 -21.99
C THR H 430 -71.47 -66.83 -21.94
N ARG H 431 -70.92 -65.94 -21.12
CA ARG H 431 -71.49 -64.60 -20.95
C ARG H 431 -70.56 -63.54 -21.57
N THR H 432 -71.11 -62.49 -22.16
CA THR H 432 -70.30 -61.44 -22.81
C THR H 432 -70.86 -60.06 -22.45
N GLY H 433 -69.99 -59.06 -22.32
CA GLY H 433 -70.41 -57.69 -22.01
C GLY H 433 -69.26 -56.72 -22.07
N MET H 434 -69.41 -55.56 -21.46
CA MET H 434 -68.37 -54.50 -21.51
C MET H 434 -67.13 -54.92 -20.75
N GLY H 435 -65.97 -54.39 -21.16
CA GLY H 435 -64.71 -54.66 -20.45
C GLY H 435 -63.91 -53.39 -20.39
N GLY H 436 -62.72 -53.45 -19.80
CA GLY H 436 -61.89 -52.26 -19.65
C GLY H 436 -61.99 -51.72 -18.24
N PHE H 437 -62.57 -52.51 -17.35
CA PHE H 437 -62.75 -52.10 -15.94
C PHE H 437 -62.40 -53.29 -15.06
N SER H 438 -62.23 -53.04 -13.76
CA SER H 438 -61.94 -54.13 -12.80
C SER H 438 -63.25 -54.80 -12.43
N GLU H 439 -63.26 -56.13 -12.39
CA GLU H 439 -64.55 -56.81 -12.12
C GLU H 439 -65.08 -56.38 -10.75
N GLY H 440 -66.34 -55.97 -10.71
CA GLY H 440 -67.04 -55.56 -9.47
C GLY H 440 -66.89 -54.07 -9.19
N TRP H 441 -66.12 -53.36 -10.01
CA TRP H 441 -65.85 -51.92 -9.82
C TRP H 441 -66.14 -51.19 -11.15
N ALA H 442 -67.19 -51.60 -11.85
CA ALA H 442 -67.57 -50.96 -13.13
C ALA H 442 -67.93 -49.50 -12.87
N PRO H 443 -67.20 -48.54 -13.48
CA PRO H 443 -67.39 -47.12 -13.16
C PRO H 443 -68.84 -46.63 -13.30
N GLY H 444 -69.26 -45.78 -12.36
CA GLY H 444 -70.65 -45.28 -12.27
C GLY H 444 -70.80 -43.89 -12.86
N GLU H 445 -69.75 -43.06 -12.76
CA GLU H 445 -69.77 -41.61 -13.12
C GLU H 445 -69.31 -41.39 -14.56
N HIS H 446 -68.49 -42.31 -15.08
CA HIS H 446 -67.97 -42.34 -16.47
C HIS H 446 -68.12 -43.77 -16.99
N TYR H 447 -68.16 -43.92 -18.30
CA TYR H 447 -67.97 -45.22 -19.00
C TYR H 447 -66.49 -45.60 -18.95
N PRO H 448 -66.11 -46.85 -19.30
CA PRO H 448 -64.70 -47.22 -19.30
C PRO H 448 -63.86 -46.40 -20.29
N GLU H 449 -62.62 -46.18 -19.90
CA GLU H 449 -61.71 -45.36 -20.73
C GLU H 449 -61.44 -46.08 -22.03
N LYS H 450 -60.99 -47.32 -21.94
CA LYS H 450 -60.65 -48.03 -23.20
C LYS H 450 -61.77 -48.99 -23.62
N TRP H 451 -61.98 -49.20 -24.93
CA TRP H 451 -62.99 -50.15 -25.47
C TRP H 451 -62.44 -51.58 -25.59
N ALA H 452 -63.17 -52.54 -25.02
CA ALA H 452 -62.84 -53.99 -25.05
C ALA H 452 -64.11 -54.82 -24.76
N ARG H 453 -64.10 -56.09 -25.18
CA ARG H 453 -65.26 -56.99 -24.94
C ARG H 453 -64.90 -58.07 -23.92
N ARG H 454 -65.64 -58.12 -22.81
CA ARG H 454 -65.46 -59.15 -21.76
C ARG H 454 -66.14 -60.46 -22.17
N PHE H 455 -65.42 -61.58 -22.00
CA PHE H 455 -65.91 -62.97 -22.16
C PHE H 455 -65.77 -63.68 -20.83
N ALA H 456 -66.86 -64.29 -20.38
CA ALA H 456 -66.87 -65.11 -19.15
C ALA H 456 -67.43 -66.49 -19.48
N VAL H 457 -66.57 -67.50 -19.49
CA VAL H 457 -66.93 -68.92 -19.75
C VAL H 457 -66.88 -69.64 -18.40
N ASP H 458 -68.01 -70.14 -17.92
CA ASP H 458 -68.09 -70.88 -16.65
C ASP H 458 -67.94 -72.36 -16.98
N PHE H 459 -67.12 -73.05 -16.20
CA PHE H 459 -66.88 -74.49 -16.42
C PHE H 459 -67.28 -75.26 -15.18
N VAL H 460 -68.08 -76.29 -15.37
CA VAL H 460 -68.45 -77.20 -14.25
C VAL H 460 -67.92 -78.54 -14.72
N GLY H 461 -67.31 -79.35 -13.86
CA GLY H 461 -66.73 -80.57 -14.40
C GLY H 461 -65.74 -81.24 -13.50
N GLY H 462 -64.99 -82.21 -14.03
CA GLY H 462 -64.15 -83.03 -13.16
C GLY H 462 -62.69 -82.63 -13.01
N ASP H 463 -62.12 -82.92 -11.86
CA ASP H 463 -60.69 -82.65 -11.58
C ASP H 463 -60.44 -81.14 -11.50
N LEU H 464 -61.46 -80.32 -11.66
CA LEU H 464 -61.25 -78.86 -11.52
C LEU H 464 -60.88 -78.55 -10.08
N LYS H 465 -61.49 -79.22 -9.12
CA LYS H 465 -61.16 -79.01 -7.67
C LYS H 465 -59.72 -79.50 -7.44
N ALA H 466 -59.41 -80.72 -7.84
CA ALA H 466 -58.08 -81.37 -7.69
C ALA H 466 -57.02 -80.60 -8.50
N ALA H 467 -57.39 -80.01 -9.63
CA ALA H 467 -56.43 -79.37 -10.59
C ALA H 467 -56.14 -77.93 -10.20
N ALA H 468 -57.01 -77.29 -9.41
CA ALA H 468 -56.89 -75.83 -9.12
C ALA H 468 -55.54 -75.57 -8.46
N PRO H 469 -55.16 -76.26 -7.34
CA PRO H 469 -53.85 -76.12 -6.70
C PRO H 469 -52.66 -76.40 -7.61
N LYS H 470 -52.79 -77.35 -8.54
CA LYS H 470 -51.74 -77.77 -9.51
C LYS H 470 -51.54 -76.64 -10.52
N GLY H 471 -52.60 -75.93 -10.88
CA GLY H 471 -52.52 -74.74 -11.76
C GLY H 471 -53.27 -74.97 -13.05
N ILE H 472 -54.38 -74.24 -13.24
CA ILE H 472 -55.31 -74.38 -14.39
C ILE H 472 -54.95 -73.30 -15.40
N GLU H 473 -54.36 -73.67 -16.55
CA GLU H 473 -53.92 -72.71 -17.61
C GLU H 473 -54.99 -72.64 -18.68
N PRO H 474 -55.71 -71.51 -18.86
CA PRO H 474 -56.64 -71.40 -19.96
C PRO H 474 -55.80 -71.11 -21.20
N VAL H 475 -55.88 -71.99 -22.20
CA VAL H 475 -55.27 -71.79 -23.54
C VAL H 475 -56.31 -71.11 -24.42
N ILE H 476 -56.05 -69.86 -24.80
CA ILE H 476 -56.97 -69.05 -25.65
C ILE H 476 -56.36 -68.88 -27.03
N THR H 477 -57.14 -69.07 -28.08
CA THR H 477 -56.67 -68.97 -29.50
C THR H 477 -57.56 -67.95 -30.18
N LEU H 478 -57.02 -66.93 -30.82
CA LEU H 478 -57.85 -65.84 -31.38
C LEU H 478 -57.49 -65.64 -32.84
N SER H 479 -58.48 -65.69 -33.74
CA SER H 479 -58.32 -65.35 -35.17
C SER H 479 -57.67 -63.97 -35.29
N SER H 480 -58.14 -63.00 -34.49
CA SER H 480 -57.69 -61.58 -34.50
C SER H 480 -57.72 -61.07 -33.05
N GLY H 481 -57.10 -59.91 -32.77
CA GLY H 481 -57.24 -59.25 -31.45
C GLY H 481 -56.38 -59.95 -30.40
N GLU H 482 -56.41 -59.47 -29.16
CA GLU H 482 -55.59 -60.05 -28.06
C GLU H 482 -56.45 -60.21 -26.81
N ALA H 483 -56.17 -61.28 -26.07
CA ALA H 483 -56.85 -61.61 -24.80
C ALA H 483 -56.09 -60.95 -23.66
N LYS H 484 -56.62 -59.90 -23.06
CA LYS H 484 -56.00 -59.23 -21.89
C LYS H 484 -56.85 -59.48 -20.64
N GLN H 485 -56.25 -59.28 -19.46
CA GLN H 485 -56.91 -59.40 -18.12
C GLN H 485 -57.48 -60.82 -17.98
N ILE H 486 -56.70 -61.85 -18.34
CA ILE H 486 -57.18 -63.25 -18.23
C ILE H 486 -57.30 -63.62 -16.74
N GLU H 487 -58.46 -64.03 -16.26
CA GLU H 487 -58.67 -64.39 -14.82
C GLU H 487 -59.38 -65.74 -14.66
N ILE H 488 -59.03 -66.46 -13.60
CA ILE H 488 -59.58 -67.79 -13.21
C ILE H 488 -60.23 -67.63 -11.84
N LEU H 489 -61.55 -67.59 -11.74
CA LEU H 489 -62.26 -67.25 -10.48
C LEU H 489 -63.16 -68.41 -10.06
N TYR H 490 -63.05 -68.87 -8.82
CA TYR H 490 -63.91 -69.93 -8.25
C TYR H 490 -65.33 -69.38 -8.11
N ILE H 491 -66.34 -70.19 -8.42
CA ILE H 491 -67.78 -69.80 -8.39
C ILE H 491 -68.49 -70.78 -7.47
N GLU H 492 -68.59 -70.46 -6.17
CA GLU H 492 -69.09 -71.40 -5.13
C GLU H 492 -70.45 -71.97 -5.56
N PRO H 493 -71.41 -71.13 -6.01
CA PRO H 493 -72.79 -71.59 -6.23
C PRO H 493 -72.98 -72.70 -7.28
N ILE H 494 -72.01 -72.93 -8.17
CA ILE H 494 -72.08 -74.03 -9.17
C ILE H 494 -70.82 -74.90 -9.06
N ASP H 495 -70.13 -74.80 -7.94
CA ASP H 495 -68.87 -75.54 -7.66
C ASP H 495 -67.99 -75.53 -8.91
N GLY H 496 -67.82 -74.38 -9.55
CA GLY H 496 -67.16 -74.26 -10.85
C GLY H 496 -66.06 -73.21 -10.88
N TYR H 497 -65.47 -72.98 -12.06
CA TYR H 497 -64.44 -71.95 -12.30
C TYR H 497 -64.87 -71.09 -13.51
N ARG H 498 -64.75 -69.78 -13.33
CA ARG H 498 -65.06 -68.83 -14.41
C ARG H 498 -63.77 -68.30 -15.01
N ILE H 499 -63.62 -68.48 -16.31
CA ILE H 499 -62.47 -67.88 -17.04
C ILE H 499 -63.01 -66.63 -17.71
N GLN H 500 -62.48 -65.46 -17.34
CA GLN H 500 -62.77 -64.16 -17.99
C GLN H 500 -61.56 -63.70 -18.79
N PHE H 501 -61.79 -63.04 -19.91
CA PHE H 501 -60.77 -62.25 -20.62
C PHE H 501 -61.44 -61.05 -21.27
N ASP H 502 -60.75 -59.91 -21.28
CA ASP H 502 -61.10 -58.80 -22.20
C ASP H 502 -60.45 -59.05 -23.56
N TRP H 503 -61.25 -58.98 -24.62
CA TRP H 503 -60.77 -58.96 -26.02
C TRP H 503 -60.55 -57.52 -26.46
N TYR H 504 -59.29 -57.14 -26.75
CA TYR H 504 -58.93 -55.87 -27.42
C TYR H 504 -58.66 -56.12 -28.89
N PRO H 505 -59.23 -55.29 -29.78
CA PRO H 505 -58.99 -55.42 -31.21
C PRO H 505 -57.53 -55.09 -31.49
N THR H 506 -56.99 -55.68 -32.56
CA THR H 506 -55.67 -55.26 -33.10
C THR H 506 -55.92 -54.58 -34.45
N SER H 507 -57.12 -54.74 -35.03
CA SER H 507 -57.39 -54.32 -36.43
C SER H 507 -58.70 -53.53 -36.54
N ASP H 508 -58.81 -52.67 -37.55
CA ASP H 508 -60.07 -51.94 -37.89
C ASP H 508 -61.05 -52.88 -38.59
N SER H 509 -60.65 -54.13 -38.84
CA SER H 509 -61.49 -55.16 -39.51
C SER H 509 -62.81 -55.37 -38.75
N THR H 510 -63.94 -55.54 -39.45
CA THR H 510 -65.19 -56.16 -38.89
C THR H 510 -65.30 -57.64 -39.29
N ASP H 511 -64.20 -58.32 -39.62
CA ASP H 511 -64.30 -59.77 -39.98
C ASP H 511 -64.58 -60.54 -38.70
N PRO H 512 -65.52 -61.51 -38.74
CA PRO H 512 -65.69 -62.46 -37.64
C PRO H 512 -64.36 -62.91 -37.06
N VAL H 513 -64.34 -63.12 -35.74
CA VAL H 513 -63.16 -63.54 -34.94
C VAL H 513 -63.46 -64.94 -34.43
N ASP H 514 -62.67 -65.93 -34.80
CA ASP H 514 -62.87 -67.31 -34.31
C ASP H 514 -62.04 -67.47 -33.06
N MET H 515 -62.72 -67.67 -31.93
CA MET H 515 -62.07 -67.87 -30.63
C MET H 515 -62.21 -69.33 -30.24
N ARG H 516 -61.22 -69.84 -29.50
CA ARG H 516 -61.08 -71.26 -29.15
C ARG H 516 -60.46 -71.23 -27.75
N MET H 517 -61.02 -71.96 -26.77
CA MET H 517 -60.47 -72.01 -25.40
C MET H 517 -60.63 -73.42 -24.86
N TYR H 518 -59.60 -73.95 -24.19
CA TYR H 518 -59.71 -75.15 -23.32
C TYR H 518 -58.86 -74.92 -22.06
N LEU H 519 -59.12 -75.69 -21.00
CA LEU H 519 -58.32 -75.64 -19.75
C LEU H 519 -57.21 -76.68 -19.82
N ARG H 520 -55.99 -76.27 -19.51
CA ARG H 520 -54.83 -77.18 -19.41
C ARG H 520 -54.31 -77.25 -17.98
N CYS H 521 -53.97 -78.43 -17.52
CA CYS H 521 -53.24 -78.61 -16.24
C CYS H 521 -52.11 -79.60 -16.51
N GLN H 522 -50.85 -79.16 -16.33
CA GLN H 522 -49.65 -80.04 -16.40
C GLN H 522 -49.60 -80.76 -17.75
N GLY H 523 -49.70 -80.02 -18.86
CA GLY H 523 -49.58 -80.59 -20.22
C GLY H 523 -50.88 -81.23 -20.72
N ASP H 524 -51.80 -81.63 -19.84
CA ASP H 524 -53.09 -82.30 -20.22
C ASP H 524 -54.27 -81.30 -20.31
N ALA H 525 -55.12 -81.48 -21.32
CA ALA H 525 -56.42 -80.80 -21.44
C ALA H 525 -57.35 -81.41 -20.39
N ILE H 526 -58.02 -80.57 -19.61
CA ILE H 526 -58.89 -81.00 -18.49
C ILE H 526 -60.30 -80.48 -18.72
N SER H 527 -60.56 -79.91 -19.89
CA SER H 527 -61.93 -79.44 -20.28
C SER H 527 -62.24 -79.74 -21.76
N GLU H 528 -63.53 -79.66 -22.11
CA GLU H 528 -63.96 -79.66 -23.52
C GLU H 528 -63.47 -78.36 -24.14
N THR H 529 -63.48 -78.25 -25.46
CA THR H 529 -63.00 -77.05 -26.18
C THR H 529 -64.21 -76.17 -26.41
N TRP H 530 -64.08 -74.87 -26.13
CA TRP H 530 -65.12 -73.85 -26.34
C TRP H 530 -64.82 -73.15 -27.66
N LEU H 531 -65.70 -73.24 -28.67
CA LEU H 531 -65.59 -72.48 -29.94
C LEU H 531 -66.58 -71.35 -29.88
N TYR H 532 -66.12 -70.12 -30.09
CA TYR H 532 -66.98 -68.92 -30.10
C TYR H 532 -66.72 -68.20 -31.42
N GLN H 533 -67.74 -67.51 -31.94
CA GLN H 533 -67.57 -66.61 -33.10
C GLN H 533 -68.13 -65.24 -32.72
N TYR H 534 -67.22 -64.24 -32.70
CA TYR H 534 -67.50 -62.86 -32.23
C TYR H 534 -67.57 -61.94 -33.46
N PHE H 535 -68.52 -61.02 -33.46
CA PHE H 535 -68.71 -59.97 -34.51
C PHE H 535 -68.26 -58.63 -33.93
N PRO H 536 -67.03 -58.18 -34.19
CA PRO H 536 -66.59 -56.89 -33.71
C PRO H 536 -67.51 -55.84 -34.30
N PRO H 537 -67.76 -54.76 -33.54
CA PRO H 537 -68.45 -53.60 -34.08
C PRO H 537 -67.52 -52.76 -34.95
N ALA H 538 -68.14 -51.93 -35.79
CA ALA H 538 -67.47 -50.98 -36.71
C ALA H 538 -66.58 -50.04 -35.90
N PRO H 539 -65.40 -49.60 -36.41
CA PRO H 539 -64.41 -48.97 -35.55
C PRO H 539 -64.96 -47.70 -34.87
N ASP H 540 -65.83 -46.98 -35.57
CA ASP H 540 -66.48 -45.73 -35.08
C ASP H 540 -67.41 -46.01 -33.88
N LYS H 541 -67.77 -47.27 -33.61
CA LYS H 541 -68.60 -47.63 -32.43
C LYS H 541 -67.81 -48.45 -31.40
N ARG H 542 -66.48 -48.46 -31.42
CA ARG H 542 -65.65 -49.08 -30.35
C ARG H 542 -65.35 -47.97 -29.34
N GLN H 543 -66.43 -47.44 -28.78
CA GLN H 543 -66.46 -46.29 -27.84
C GLN H 543 -67.89 -46.11 -27.32
N TYR H 544 -68.09 -45.43 -26.18
CA TYR H 544 -69.41 -45.36 -25.50
C TYR H 544 -69.93 -43.91 -25.51
N VAL H 545 -71.21 -43.70 -25.83
CA VAL H 545 -71.81 -42.34 -25.90
C VAL H 545 -72.43 -42.00 -24.55
N ASP H 546 -71.94 -40.94 -23.88
CA ASP H 546 -72.38 -40.59 -22.50
C ASP H 546 -73.50 -39.52 -22.52
N ASP H 547 -74.76 -39.99 -22.58
CA ASP H 547 -75.96 -39.13 -22.79
C ASP H 547 -76.63 -38.74 -21.46
N ARG H 548 -75.97 -38.99 -20.33
CA ARG H 548 -76.61 -38.73 -19.00
C ARG H 548 -76.86 -37.21 -18.89
N VAL H 549 -77.83 -36.79 -18.06
CA VAL H 549 -77.98 -35.35 -17.67
C VAL H 549 -78.31 -35.27 -16.16
N MET H 550 -77.56 -34.39 -15.48
CA MET H 550 -77.61 -34.10 -14.02
C MET H 550 -78.23 -32.70 -13.83
N SER H 551 -79.57 -32.61 -13.85
CA SER H 551 -80.33 -31.31 -13.78
C SER H 551 -81.48 -31.40 -12.76
N LEU H 552 -81.81 -30.22 -12.20
CA LEU H 552 -82.92 -30.00 -11.23
C LEU H 552 -84.26 -29.92 -11.99
N GLU H 553 -84.29 -30.24 -13.29
CA GLU H 553 -85.49 -30.12 -14.17
C GLU H 553 -86.60 -31.10 -13.78
N HIS H 554 -86.31 -32.25 -13.15
CA HIS H 554 -87.30 -33.36 -12.95
C HIS H 554 -87.49 -33.66 -11.45
N HIS H 555 -88.18 -32.76 -10.72
CA HIS H 555 -88.75 -32.88 -9.34
C HIS H 555 -90.26 -33.16 -9.44
N HIS H 556 -90.79 -34.18 -8.73
CA HIS H 556 -92.21 -34.66 -8.79
C HIS H 556 -92.78 -34.84 -7.38
N HIS H 557 -93.95 -34.26 -7.09
CA HIS H 557 -94.62 -34.27 -5.75
C HIS H 557 -95.94 -35.07 -5.86
N HIS H 558 -96.14 -36.10 -5.01
CA HIS H 558 -97.32 -37.02 -4.99
C HIS H 558 -98.02 -36.97 -3.63
N SER I 35 89.23 98.42 -49.68
CA SER I 35 88.85 97.71 -48.41
C SER I 35 88.45 96.24 -48.70
N ASP I 36 87.39 96.03 -49.50
CA ASP I 36 87.03 94.72 -50.10
C ASP I 36 88.25 94.19 -50.86
N ILE I 37 88.53 92.90 -50.78
CA ILE I 37 89.70 92.25 -51.45
C ILE I 37 89.43 92.03 -52.95
N ALA I 38 88.20 92.25 -53.45
CA ALA I 38 87.85 92.13 -54.89
C ALA I 38 88.44 93.32 -55.66
N ASP I 39 89.41 93.06 -56.54
CA ASP I 39 90.27 94.08 -57.18
C ASP I 39 90.12 94.02 -58.70
N GLY I 40 89.45 93.00 -59.22
CA GLY I 40 89.47 92.68 -60.67
C GLY I 40 88.47 93.51 -61.44
N GLN I 41 88.29 93.18 -62.71
CA GLN I 41 87.30 93.85 -63.60
C GLN I 41 85.88 93.38 -63.23
N THR I 42 84.94 94.33 -63.13
CA THR I 42 83.46 94.13 -63.06
C THR I 42 82.99 93.35 -64.30
N GLN I 43 82.11 92.39 -64.09
CA GLN I 43 81.51 91.50 -65.13
C GLN I 43 80.15 91.03 -64.62
N ARG I 44 79.13 91.10 -65.47
CA ARG I 44 77.78 90.63 -65.11
C ARG I 44 77.87 89.14 -64.78
N PHE I 45 77.19 88.70 -63.72
CA PHE I 45 77.22 87.29 -63.26
C PHE I 45 75.90 86.91 -62.57
N ASP I 46 75.43 85.72 -62.95
CA ASP I 46 74.29 85.04 -62.31
C ASP I 46 74.31 83.59 -62.79
N PHE I 47 73.37 82.77 -62.34
CA PHE I 47 73.47 81.29 -62.52
C PHE I 47 73.34 80.95 -64.00
N SER I 48 72.52 81.74 -64.70
CA SER I 48 72.38 81.68 -66.19
C SER I 48 73.73 81.94 -66.85
N ILE I 49 74.38 83.01 -66.45
CA ILE I 49 75.64 83.40 -67.12
C ILE I 49 76.64 82.26 -66.89
N LEU I 50 76.61 81.61 -65.73
CA LEU I 50 77.53 80.48 -65.45
C LEU I 50 77.17 79.28 -66.34
N GLN I 51 75.89 79.04 -66.62
CA GLN I 51 75.47 77.91 -67.48
C GLN I 51 75.97 78.11 -68.90
N SER I 52 75.91 79.34 -69.41
CA SER I 52 76.46 79.72 -70.73
C SER I 52 77.99 79.54 -70.73
N MET I 53 78.71 80.05 -69.72
CA MET I 53 80.20 79.97 -69.63
C MET I 53 80.59 78.51 -69.77
N ALA I 54 79.79 77.64 -69.15
CA ALA I 54 80.08 76.20 -69.09
C ALA I 54 79.72 75.53 -70.42
N HIS I 55 78.51 75.77 -70.93
CA HIS I 55 78.02 75.13 -72.19
C HIS I 55 78.90 75.58 -73.37
N ASP I 56 79.28 76.86 -73.39
CA ASP I 56 80.28 77.46 -74.31
C ASP I 56 81.62 76.76 -74.12
N LEU I 57 82.08 76.65 -72.87
CA LEU I 57 83.38 76.00 -72.59
C LEU I 57 83.38 74.57 -73.16
N ALA I 58 82.23 73.90 -73.14
CA ALA I 58 82.05 72.50 -73.59
C ALA I 58 82.28 72.43 -75.08
N GLN I 59 82.04 73.53 -75.80
CA GLN I 59 82.11 73.58 -77.28
C GLN I 59 83.58 73.58 -77.71
N THR I 60 84.49 73.96 -76.83
CA THR I 60 85.95 74.03 -77.12
C THR I 60 86.69 72.81 -76.52
N ALA I 61 87.90 72.53 -77.01
CA ALA I 61 88.89 71.57 -76.45
C ALA I 61 89.17 71.90 -74.97
N TRP I 62 89.14 70.88 -74.11
CA TRP I 62 89.55 70.97 -72.68
C TRP I 62 90.85 71.77 -72.51
N ARG I 63 90.89 72.69 -71.56
CA ARG I 63 92.08 73.54 -71.25
C ARG I 63 93.35 72.75 -70.95
N GLY I 64 93.24 71.47 -70.61
CA GLY I 64 94.40 70.63 -70.25
C GLY I 64 94.91 70.80 -68.82
N ALA I 65 95.83 69.92 -68.44
CA ALA I 65 96.52 69.83 -67.14
C ALA I 65 97.10 71.18 -66.77
N PRO I 66 97.08 71.56 -65.48
CA PRO I 66 97.61 72.84 -65.03
C PRO I 66 99.04 73.09 -65.52
N ARG I 67 99.37 74.31 -65.94
CA ARG I 67 100.77 74.73 -66.17
C ARG I 67 101.54 74.60 -64.85
N PRO I 68 102.88 74.40 -64.91
CA PRO I 68 103.68 74.23 -63.68
C PRO I 68 103.59 75.41 -62.73
N LEU I 69 103.76 75.20 -61.44
CA LEU I 69 103.67 76.30 -60.45
C LEU I 69 104.99 77.05 -60.43
N PRO I 70 105.06 78.31 -59.95
CA PRO I 70 106.35 78.95 -59.68
C PRO I 70 107.30 77.99 -58.94
N ASP I 71 108.59 78.03 -59.21
CA ASP I 71 109.59 77.08 -58.63
C ASP I 71 109.55 77.09 -57.10
N THR I 72 109.35 78.24 -56.47
CA THR I 72 109.31 78.34 -54.98
C THR I 72 108.16 77.45 -54.44
N LEU I 73 107.11 77.21 -55.22
CA LEU I 73 105.87 76.48 -54.79
C LEU I 73 105.87 75.05 -55.32
N ALA I 74 106.37 74.81 -56.54
CA ALA I 74 106.36 73.48 -57.19
C ALA I 74 107.09 72.53 -56.26
N THR I 75 108.02 73.11 -55.51
CA THR I 75 109.06 72.39 -54.71
C THR I 75 108.94 72.75 -53.23
N MET I 76 108.00 72.14 -52.50
CA MET I 76 107.67 72.66 -51.15
C MET I 76 107.68 71.54 -50.10
N THR I 77 108.52 71.66 -49.06
CA THR I 77 108.34 70.86 -47.81
C THR I 77 106.95 71.20 -47.29
N PRO I 78 106.14 70.17 -46.92
CA PRO I 78 104.94 70.38 -46.10
C PRO I 78 105.07 71.38 -44.94
N GLN I 79 106.17 71.37 -44.20
CA GLN I 79 106.51 72.41 -43.17
C GLN I 79 106.34 73.79 -43.82
N ALA I 80 107.02 74.00 -44.95
CA ALA I 80 106.97 75.25 -45.75
C ALA I 80 105.50 75.60 -46.02
N TYR I 81 104.78 74.77 -46.77
CA TYR I 81 103.36 75.03 -47.14
C TYR I 81 102.57 75.39 -45.87
N ASN I 82 102.69 74.59 -44.80
CA ASN I 82 101.79 74.66 -43.63
C ASN I 82 102.13 75.87 -42.76
N SER I 83 103.19 76.61 -43.09
CA SER I 83 103.54 77.88 -42.40
C SER I 83 102.93 79.08 -43.17
N ILE I 84 102.41 78.86 -44.39
CA ILE I 84 101.66 79.92 -45.14
C ILE I 84 100.25 80.01 -44.55
N GLN I 85 99.82 81.22 -44.18
CA GLN I 85 98.57 81.49 -43.42
C GLN I 85 97.75 82.61 -44.08
N TYR I 86 96.58 82.31 -44.64
CA TYR I 86 95.73 83.41 -45.14
C TYR I 86 95.65 84.46 -44.02
N ASP I 87 95.72 85.75 -44.35
CA ASP I 87 95.69 86.88 -43.40
C ASP I 87 94.22 87.13 -43.03
N ALA I 88 93.86 86.77 -41.79
CA ALA I 88 92.49 86.85 -41.21
C ALA I 88 91.88 88.23 -41.46
N GLU I 89 92.71 89.26 -41.58
CA GLU I 89 92.25 90.67 -41.69
C GLU I 89 91.91 91.00 -43.14
N LYS I 90 92.19 90.08 -44.07
CA LYS I 90 91.78 90.23 -45.49
C LYS I 90 90.77 89.12 -45.81
N SER I 91 89.92 88.75 -44.85
CA SER I 91 88.91 87.68 -45.08
C SER I 91 87.89 88.18 -46.11
N LEU I 92 87.26 87.24 -46.82
CA LEU I 92 86.36 87.54 -47.96
C LEU I 92 85.37 88.63 -47.54
N TRP I 93 84.71 88.46 -46.40
CA TRP I 93 83.57 89.33 -46.00
C TRP I 93 83.96 90.18 -44.78
N HIS I 94 85.23 90.56 -44.67
CA HIS I 94 85.76 91.39 -43.55
C HIS I 94 84.91 92.65 -43.30
N ASN I 95 84.38 93.29 -44.36
CA ASN I 95 83.64 94.58 -44.32
C ASN I 95 82.16 94.44 -43.98
N VAL I 96 81.60 93.22 -43.94
CA VAL I 96 80.14 93.04 -43.71
C VAL I 96 79.88 93.16 -42.21
N GLU I 97 78.94 94.01 -41.78
CA GLU I 97 78.66 94.25 -40.34
C GLU I 97 77.72 93.17 -39.82
N ASN I 98 77.93 92.72 -38.58
CA ASN I 98 77.08 91.72 -37.88
C ASN I 98 77.14 90.41 -38.68
N ARG I 99 78.27 90.22 -39.33
CA ARG I 99 78.70 88.97 -40.00
C ARG I 99 78.60 87.75 -39.09
N GLN I 100 77.84 86.72 -39.49
CA GLN I 100 77.86 85.39 -38.84
C GLN I 100 78.78 84.40 -39.56
N LEU I 101 79.24 84.71 -40.77
CA LEU I 101 80.10 83.80 -41.58
C LEU I 101 81.28 84.61 -42.10
N ASP I 102 82.42 83.99 -42.29
CA ASP I 102 83.50 84.61 -43.09
C ASP I 102 84.23 83.48 -43.83
N ALA I 103 85.14 83.84 -44.72
CA ALA I 103 85.85 82.84 -45.55
C ALA I 103 87.27 83.29 -45.77
N GLN I 104 88.16 82.32 -45.96
CA GLN I 104 89.59 82.53 -46.30
C GLN I 104 89.94 81.59 -47.44
N PHE I 105 91.06 81.85 -48.11
CA PHE I 105 91.54 81.07 -49.28
C PHE I 105 92.76 80.28 -48.85
N PHE I 106 92.96 79.09 -49.43
CA PHE I 106 94.17 78.25 -49.24
C PHE I 106 95.17 78.54 -50.36
N HIS I 107 96.45 78.71 -50.03
CA HIS I 107 97.53 79.01 -51.00
C HIS I 107 97.63 77.88 -52.03
N MET I 108 98.11 78.20 -53.23
CA MET I 108 98.50 77.20 -54.26
C MET I 108 99.76 76.54 -53.71
N GLY I 109 99.99 75.28 -54.05
CA GLY I 109 101.16 74.56 -53.54
C GLY I 109 100.83 73.09 -53.39
N MET I 110 101.83 72.28 -53.05
CA MET I 110 101.65 70.85 -52.69
C MET I 110 100.83 70.14 -53.78
N GLY I 111 99.82 69.37 -53.34
CA GLY I 111 98.96 68.55 -54.22
C GLY I 111 98.13 69.43 -55.12
N PHE I 112 97.93 70.68 -54.72
CA PHE I 112 97.01 71.63 -55.38
C PHE I 112 97.77 72.33 -56.50
N ARG I 113 97.49 71.97 -57.74
CA ARG I 113 98.25 72.51 -58.90
C ARG I 113 97.31 73.31 -59.80
N ARG I 114 96.04 72.94 -59.86
CA ARG I 114 95.01 73.74 -60.60
C ARG I 114 94.78 75.10 -59.93
N ARG I 115 94.87 76.17 -60.71
CA ARG I 115 94.70 77.56 -60.22
C ARG I 115 93.21 77.90 -60.18
N VAL I 116 92.61 77.92 -58.99
CA VAL I 116 91.16 78.18 -58.87
C VAL I 116 90.95 79.69 -58.81
N ARG I 117 90.16 80.23 -59.74
CA ARG I 117 89.85 81.68 -59.75
C ARG I 117 88.67 81.95 -58.81
N MET I 118 88.62 83.12 -58.22
CA MET I 118 87.84 83.40 -57.00
C MET I 118 87.18 84.78 -57.15
N PHE I 119 85.85 84.84 -57.23
CA PHE I 119 85.09 86.09 -57.49
C PHE I 119 84.13 86.40 -56.33
N SER I 120 83.93 87.71 -56.14
CA SER I 120 82.90 88.32 -55.26
C SER I 120 81.77 88.87 -56.13
N VAL I 121 80.54 88.40 -55.91
CA VAL I 121 79.31 88.86 -56.60
C VAL I 121 78.55 89.79 -55.67
N ASP I 122 78.04 90.93 -56.16
CA ASP I 122 76.95 91.68 -55.47
C ASP I 122 75.61 91.13 -55.93
N PRO I 123 74.83 90.42 -55.09
CA PRO I 123 73.61 89.78 -55.58
C PRO I 123 72.56 90.83 -55.97
N ALA I 124 72.65 92.03 -55.39
CA ALA I 124 71.81 93.21 -55.71
C ALA I 124 71.96 93.55 -57.19
N THR I 125 73.19 93.73 -57.66
CA THR I 125 73.51 94.40 -58.94
C THR I 125 73.97 93.39 -60.00
N HIS I 126 74.05 92.12 -59.64
CA HIS I 126 74.45 91.01 -60.54
C HIS I 126 75.85 91.27 -61.12
N LEU I 127 76.70 92.02 -60.41
CA LEU I 127 78.09 92.35 -60.85
C LEU I 127 79.14 91.64 -59.98
N ALA I 128 79.98 90.85 -60.64
CA ALA I 128 81.05 90.07 -59.98
C ALA I 128 82.40 90.71 -60.27
N ARG I 129 83.28 90.78 -59.28
CA ARG I 129 84.69 91.22 -59.47
C ARG I 129 85.64 90.10 -59.04
N GLU I 130 86.63 89.75 -59.84
CA GLU I 130 87.65 88.72 -59.50
C GLU I 130 88.44 89.21 -58.28
N ILE I 131 88.79 88.29 -57.38
CA ILE I 131 89.85 88.47 -56.35
C ILE I 131 91.11 87.83 -56.94
N HIS I 132 92.06 88.63 -57.41
CA HIS I 132 93.32 88.12 -58.02
C HIS I 132 94.23 87.66 -56.89
N PHE I 133 94.89 86.53 -57.04
CA PHE I 133 95.95 86.17 -56.07
C PHE I 133 96.98 87.28 -55.96
N ARG I 134 97.41 87.55 -54.74
CA ARG I 134 98.58 88.41 -54.45
C ARG I 134 99.13 88.06 -53.07
N PRO I 135 100.45 88.19 -52.86
CA PRO I 135 101.07 87.71 -51.62
C PRO I 135 100.68 88.55 -50.39
N GLU I 136 100.16 89.76 -50.59
CA GLU I 136 99.70 90.63 -49.46
C GLU I 136 98.54 89.93 -48.77
N LEU I 137 97.97 88.87 -49.39
CA LEU I 137 96.74 88.18 -48.92
C LEU I 137 97.12 87.10 -47.89
N PHE I 138 98.38 86.69 -47.88
CA PHE I 138 98.87 85.61 -47.01
C PHE I 138 100.02 86.13 -46.15
N LYS I 139 100.21 85.47 -45.00
CA LYS I 139 101.38 85.73 -44.13
C LYS I 139 102.28 84.51 -44.32
N TYR I 140 103.41 84.66 -45.03
CA TYR I 140 104.28 83.52 -45.38
C TYR I 140 105.35 83.35 -44.31
N ASN I 141 104.94 83.31 -43.05
CA ASN I 141 105.88 83.22 -41.91
C ASN I 141 106.82 82.03 -42.13
N ASP I 142 107.97 82.02 -41.45
CA ASP I 142 108.93 80.88 -41.45
C ASP I 142 108.75 80.03 -42.70
N ALA I 143 108.89 80.64 -43.87
CA ALA I 143 108.80 79.84 -45.11
C ALA I 143 109.78 80.42 -46.13
N GLY I 144 110.69 79.59 -46.62
CA GLY I 144 111.64 80.00 -47.67
C GLY I 144 110.94 79.97 -49.00
N VAL I 145 109.78 80.65 -49.07
CA VAL I 145 109.01 80.90 -50.32
C VAL I 145 109.50 82.25 -50.84
N ASP I 146 109.99 82.30 -52.08
CA ASP I 146 110.47 83.56 -52.68
C ASP I 146 109.25 84.41 -53.03
N THR I 147 108.78 85.21 -52.07
CA THR I 147 107.67 86.17 -52.26
C THR I 147 107.84 86.87 -53.62
N LYS I 148 109.07 87.26 -53.96
CA LYS I 148 109.35 88.05 -55.18
C LYS I 148 108.81 87.35 -56.43
N GLN I 149 108.97 86.04 -56.56
CA GLN I 149 108.50 85.39 -57.81
C GLN I 149 107.00 85.06 -57.70
N LEU I 150 106.29 85.65 -56.72
CA LEU I 150 104.80 85.63 -56.65
C LEU I 150 104.23 87.02 -56.96
N GLU I 151 105.04 88.07 -57.04
CA GLU I 151 104.58 89.50 -57.15
C GLU I 151 103.66 89.68 -58.35
N GLY I 152 104.08 89.19 -59.52
CA GLY I 152 103.41 89.52 -60.79
C GLY I 152 102.26 88.60 -61.10
N GLN I 153 101.91 87.69 -60.18
CA GLN I 153 101.22 86.41 -60.51
C GLN I 153 99.71 86.49 -60.22
N SER I 154 98.99 87.32 -60.97
CA SER I 154 97.52 87.57 -60.85
C SER I 154 96.70 86.35 -61.26
N ASP I 155 97.30 85.49 -62.07
CA ASP I 155 96.64 84.35 -62.75
C ASP I 155 96.81 83.08 -61.91
N LEU I 156 97.60 83.13 -60.83
CA LEU I 156 97.91 81.99 -59.93
C LEU I 156 96.67 81.53 -59.16
N GLY I 157 95.81 82.47 -58.77
CA GLY I 157 94.63 82.12 -57.97
C GLY I 157 94.96 81.37 -56.68
N PHE I 158 94.03 80.50 -56.26
CA PHE I 158 94.07 79.79 -54.96
C PHE I 158 93.64 78.33 -55.13
N ALA I 159 93.98 77.53 -54.14
CA ALA I 159 93.76 76.07 -54.15
C ALA I 159 92.33 75.74 -53.75
N GLY I 160 91.70 76.65 -53.01
CA GLY I 160 90.32 76.45 -52.53
C GLY I 160 89.98 77.46 -51.45
N PHE I 161 88.91 77.21 -50.70
CA PHE I 161 88.42 78.14 -49.66
C PHE I 161 87.87 77.35 -48.47
N ARG I 162 87.70 78.02 -47.35
CA ARG I 162 86.91 77.50 -46.22
C ARG I 162 86.06 78.64 -45.64
N VAL I 163 84.97 78.28 -44.98
CA VAL I 163 84.04 79.25 -44.37
C VAL I 163 84.00 79.02 -42.85
N PHE I 164 84.05 80.09 -42.08
CA PHE I 164 84.01 79.99 -40.61
C PHE I 164 82.67 80.55 -40.14
N LYS I 165 82.19 80.08 -39.00
CA LYS I 165 80.90 80.55 -38.45
C LYS I 165 81.14 81.12 -37.07
N ALA I 166 80.40 82.17 -36.73
CA ALA I 166 80.51 82.76 -35.38
C ALA I 166 80.09 81.72 -34.34
N PRO I 167 80.72 81.70 -33.16
CA PRO I 167 81.56 82.79 -32.67
C PRO I 167 83.01 82.75 -33.16
N GLU I 168 83.38 81.75 -33.95
CA GLU I 168 84.79 81.58 -34.39
C GLU I 168 84.88 81.84 -35.89
N LEU I 169 85.29 83.05 -36.30
CA LEU I 169 85.30 83.44 -37.73
C LEU I 169 86.71 83.35 -38.31
N ALA I 170 87.70 82.96 -37.51
CA ALA I 170 89.08 82.74 -38.02
C ALA I 170 89.64 81.40 -37.55
N ARG I 171 88.80 80.53 -36.97
CA ARG I 171 89.24 79.22 -36.42
C ARG I 171 88.10 78.22 -36.58
N ARG I 172 88.40 76.91 -36.61
CA ARG I 172 87.28 75.95 -36.68
C ARG I 172 86.40 76.21 -37.91
N ASP I 173 86.93 75.98 -39.11
CA ASP I 173 86.11 76.12 -40.34
C ASP I 173 85.05 75.04 -40.30
N VAL I 174 83.91 75.27 -40.96
CA VAL I 174 82.72 74.38 -40.95
C VAL I 174 82.44 73.85 -42.35
N VAL I 175 82.90 74.57 -43.39
CA VAL I 175 82.81 74.20 -44.83
C VAL I 175 84.18 74.46 -45.46
N SER I 176 84.57 73.56 -46.36
CA SER I 176 85.90 73.52 -47.00
C SER I 176 85.80 72.86 -48.39
N PHE I 177 85.98 73.65 -49.44
CA PHE I 177 86.21 73.20 -50.84
C PHE I 177 87.72 73.27 -51.07
N LEU I 178 88.35 72.14 -51.35
CA LEU I 178 89.83 72.04 -51.55
C LEU I 178 90.17 70.69 -52.18
N GLY I 179 90.72 70.74 -53.40
CA GLY I 179 91.19 69.60 -54.23
C GLY I 179 90.17 69.21 -55.27
N ALA I 180 90.47 69.38 -56.56
CA ALA I 180 89.59 68.90 -57.64
C ALA I 180 88.16 69.44 -57.46
N SER I 181 87.15 68.53 -57.45
CA SER I 181 85.70 68.81 -57.26
C SER I 181 85.32 68.54 -55.80
N TYR I 182 86.31 68.31 -54.94
CA TYR I 182 86.13 67.77 -53.55
C TYR I 182 85.78 68.87 -52.54
N PHE I 183 84.90 68.53 -51.61
CA PHE I 183 84.50 69.44 -50.52
C PHE I 183 83.97 68.64 -49.34
N ARG I 184 83.96 69.28 -48.18
CA ARG I 184 83.38 68.62 -46.99
C ARG I 184 82.89 69.65 -45.98
N ALA I 185 82.14 69.19 -44.97
CA ALA I 185 81.62 70.09 -43.93
C ALA I 185 81.63 69.37 -42.58
N VAL I 186 81.36 70.10 -41.49
CA VAL I 186 81.36 69.49 -40.13
C VAL I 186 79.98 69.69 -39.48
N ASP I 187 79.73 69.03 -38.36
CA ASP I 187 78.46 69.25 -37.61
C ASP I 187 78.78 69.92 -36.27
N ASP I 188 77.92 69.75 -35.27
CA ASP I 188 78.15 70.43 -33.97
C ASP I 188 79.38 69.83 -33.31
N THR I 189 79.99 68.83 -33.93
CA THR I 189 81.23 68.21 -33.42
C THR I 189 82.42 68.99 -33.98
N TYR I 190 82.18 69.81 -35.00
CA TYR I 190 83.25 70.58 -35.68
C TYR I 190 84.42 69.70 -36.15
N GLN I 191 84.21 68.39 -36.34
CA GLN I 191 85.27 67.44 -36.75
C GLN I 191 84.99 66.94 -38.17
N TYR I 192 85.92 67.23 -39.08
CA TYR I 192 85.80 66.84 -40.50
C TYR I 192 86.00 65.34 -40.60
N GLY I 193 85.22 64.69 -41.45
CA GLY I 193 85.45 63.28 -41.80
C GLY I 193 85.35 63.05 -43.29
N LEU I 194 84.22 62.48 -43.68
CA LEU I 194 83.96 62.12 -45.09
C LEU I 194 83.92 63.30 -46.03
N SER I 195 84.10 63.01 -47.30
CA SER I 195 84.15 64.00 -48.42
C SER I 195 82.98 63.81 -49.38
N ALA I 196 82.61 64.91 -50.01
CA ALA I 196 81.74 64.93 -51.20
C ALA I 196 82.57 65.40 -52.39
N ARG I 197 82.04 65.23 -53.60
CA ARG I 197 82.61 65.84 -54.83
C ARG I 197 81.47 66.44 -55.64
N GLY I 198 81.82 67.32 -56.57
CA GLY I 198 80.91 67.84 -57.59
C GLY I 198 80.54 66.73 -58.54
N LEU I 199 81.55 65.97 -58.97
CA LEU I 199 81.34 64.91 -59.99
C LEU I 199 82.36 63.78 -59.85
N ALA I 200 81.97 62.60 -60.33
CA ALA I 200 82.87 61.44 -60.46
C ALA I 200 82.86 61.00 -61.92
N ILE I 201 84.01 60.66 -62.51
CA ILE I 201 84.08 60.14 -63.92
C ILE I 201 84.95 58.90 -63.87
N ASP I 202 84.44 57.77 -64.38
CA ASP I 202 85.29 56.59 -64.72
C ASP I 202 86.04 56.14 -63.45
N THR I 203 85.32 56.01 -62.32
CA THR I 203 85.89 55.64 -60.99
C THR I 203 86.26 54.16 -61.02
N TYR I 204 85.57 53.39 -61.87
CA TYR I 204 85.68 51.91 -61.98
C TYR I 204 85.38 51.48 -63.44
N THR I 205 86.44 51.21 -64.23
CA THR I 205 86.38 50.76 -65.66
C THR I 205 87.73 50.42 -66.31
N ASP I 206 87.69 50.00 -67.60
CA ASP I 206 88.86 49.64 -68.47
C ASP I 206 89.96 50.72 -68.30
N SER I 207 89.63 52.02 -68.29
CA SER I 207 90.59 53.15 -68.26
C SER I 207 90.82 53.65 -66.82
N LYS I 208 91.76 54.56 -66.64
CA LYS I 208 92.08 55.27 -65.36
C LYS I 208 90.97 56.28 -65.02
N GLU I 209 90.90 56.70 -63.76
CA GLU I 209 89.84 57.60 -63.21
C GLU I 209 90.16 59.03 -63.66
N GLU I 210 89.12 59.77 -64.06
CA GLU I 210 89.15 61.23 -64.39
C GLU I 210 88.66 62.02 -63.16
N PHE I 211 89.40 63.06 -62.80
CA PHE I 211 89.13 63.97 -61.68
C PHE I 211 88.82 65.37 -62.21
N PRO I 212 87.54 65.70 -62.46
CA PRO I 212 87.14 67.09 -62.70
C PRO I 212 87.57 68.00 -61.55
N ASP I 213 87.94 69.23 -61.91
CA ASP I 213 88.32 70.37 -61.01
C ASP I 213 87.17 71.39 -60.96
N PHE I 214 86.94 71.90 -59.78
CA PHE I 214 86.32 73.22 -59.61
C PHE I 214 87.43 74.19 -60.01
N THR I 215 87.25 74.91 -61.11
CA THR I 215 88.27 75.84 -61.65
C THR I 215 87.94 77.27 -61.26
N ALA I 216 86.76 77.53 -60.71
CA ALA I 216 86.41 78.90 -60.31
C ALA I 216 85.22 78.86 -59.37
N PHE I 217 85.19 79.82 -58.42
CA PHE I 217 84.10 80.01 -57.43
C PHE I 217 83.68 81.49 -57.37
N TRP I 218 82.38 81.73 -57.47
CA TRP I 218 81.74 83.05 -57.29
C TRP I 218 80.95 83.03 -55.98
N PHE I 219 81.22 83.98 -55.08
CA PHE I 219 80.66 84.09 -53.71
C PHE I 219 79.70 85.28 -53.57
N ASP I 220 78.38 85.04 -53.55
CA ASP I 220 77.43 86.12 -53.17
C ASP I 220 77.89 86.72 -51.83
N THR I 221 78.00 88.04 -51.73
CA THR I 221 78.35 88.73 -50.47
C THR I 221 77.31 88.39 -49.41
N VAL I 222 77.75 87.98 -48.23
CA VAL I 222 76.87 87.47 -47.13
C VAL I 222 76.06 88.63 -46.55
N LYS I 223 74.78 88.37 -46.27
CA LYS I 223 73.91 89.38 -45.62
C LYS I 223 74.33 89.45 -44.14
N PRO I 224 74.28 90.67 -43.52
CA PRO I 224 74.46 90.82 -42.08
C PRO I 224 73.41 89.97 -41.39
N GLY I 225 73.82 89.20 -40.37
CA GLY I 225 72.94 88.31 -39.60
C GLY I 225 72.85 86.90 -40.17
N ALA I 226 73.21 86.69 -41.44
CA ALA I 226 72.89 85.44 -42.16
C ALA I 226 73.98 84.39 -41.90
N THR I 227 73.50 83.14 -41.79
CA THR I 227 74.28 81.88 -41.68
C THR I 227 74.05 80.99 -42.92
N THR I 228 73.36 81.52 -43.94
CA THR I 228 73.33 80.99 -45.31
C THR I 228 74.24 81.85 -46.19
N PHE I 229 75.01 81.18 -47.05
CA PHE I 229 75.84 81.85 -48.09
C PHE I 229 75.63 81.06 -49.38
N THR I 230 75.74 81.74 -50.52
CA THR I 230 75.61 81.15 -51.86
C THR I 230 76.99 81.22 -52.52
N VAL I 231 77.46 80.10 -53.06
CA VAL I 231 78.73 80.03 -53.85
C VAL I 231 78.38 79.26 -55.12
N TYR I 232 78.72 79.83 -56.29
CA TYR I 232 78.59 79.18 -57.63
C TYR I 232 79.97 78.63 -57.99
N ALA I 233 80.00 77.61 -58.84
CA ALA I 233 81.28 76.95 -59.22
C ALA I 233 81.26 76.46 -60.65
N LEU I 234 82.37 76.70 -61.33
CA LEU I 234 82.62 76.18 -62.69
C LEU I 234 83.37 74.85 -62.53
N LEU I 235 82.88 73.81 -63.18
CA LEU I 235 83.54 72.47 -63.21
C LEU I 235 84.08 72.25 -64.63
N ASP I 236 85.35 71.88 -64.72
CA ASP I 236 86.06 71.68 -66.02
C ASP I 236 86.89 70.40 -65.92
N SER I 237 86.64 69.47 -66.84
CA SER I 237 87.36 68.20 -66.99
C SER I 237 87.54 67.91 -68.48
N ALA I 238 88.41 66.96 -68.81
CA ALA I 238 88.65 66.55 -70.22
C ALA I 238 87.33 66.21 -70.90
N SER I 239 86.40 65.55 -70.20
CA SER I 239 85.18 64.95 -70.82
C SER I 239 83.94 65.76 -70.48
N ILE I 240 84.00 66.70 -69.54
CA ILE I 240 82.72 67.31 -69.08
C ILE I 240 82.95 68.68 -68.44
N THR I 241 82.06 69.62 -68.74
CA THR I 241 82.01 70.94 -68.06
C THR I 241 80.73 70.96 -67.24
N GLY I 242 80.64 71.87 -66.28
CA GLY I 242 79.42 72.03 -65.49
C GLY I 242 79.30 73.38 -64.82
N ALA I 243 78.06 73.82 -64.63
CA ALA I 243 77.70 74.99 -63.80
C ALA I 243 77.04 74.45 -62.54
N TYR I 244 77.44 74.97 -61.38
CA TYR I 244 77.01 74.47 -60.05
C TYR I 244 76.62 75.65 -59.19
N LYS I 245 75.46 75.53 -58.56
CA LYS I 245 75.03 76.44 -57.47
C LYS I 245 74.85 75.65 -56.17
N PHE I 246 75.54 76.12 -55.13
CA PHE I 246 75.47 75.66 -53.72
C PHE I 246 74.80 76.76 -52.87
N THR I 247 73.56 76.55 -52.45
CA THR I 247 72.98 77.35 -51.32
C THR I 247 73.28 76.61 -50.00
N ILE I 248 74.20 77.14 -49.18
CA ILE I 248 74.77 76.46 -47.98
C ILE I 248 74.26 77.12 -46.70
N HIS I 249 73.44 76.37 -45.96
CA HIS I 249 72.85 76.74 -44.65
C HIS I 249 73.68 76.16 -43.50
N CYS I 250 74.49 77.00 -42.86
CA CYS I 250 75.25 76.64 -41.65
C CYS I 250 74.32 76.80 -40.45
N GLU I 251 73.38 75.84 -40.31
CA GLU I 251 72.38 75.70 -39.20
C GLU I 251 73.15 75.38 -37.90
N LYS I 252 72.42 75.33 -36.78
CA LYS I 252 72.99 75.17 -35.41
C LYS I 252 73.58 73.78 -35.21
N SER I 253 72.93 72.75 -35.74
CA SER I 253 73.25 71.33 -35.45
C SER I 253 73.87 70.66 -36.69
N GLN I 254 73.77 71.26 -37.86
CA GLN I 254 74.31 70.66 -39.12
C GLN I 254 74.59 71.74 -40.18
N VAL I 255 75.17 71.32 -41.29
CA VAL I 255 75.30 72.11 -42.54
C VAL I 255 74.41 71.46 -43.59
N ILE I 256 73.45 72.21 -44.15
CA ILE I 256 72.64 71.72 -45.29
C ILE I 256 73.12 72.48 -46.51
N MET I 257 73.29 71.77 -47.62
CA MET I 257 73.63 72.36 -48.93
C MET I 257 72.51 72.03 -49.91
N ASP I 258 71.81 73.05 -50.39
CA ASP I 258 70.91 72.97 -51.56
C ASP I 258 71.81 73.05 -52.79
N VAL I 259 71.93 71.96 -53.55
CA VAL I 259 72.82 71.88 -54.75
C VAL I 259 71.99 71.78 -56.03
N GLU I 260 72.41 72.55 -57.04
CA GLU I 260 71.88 72.51 -58.44
C GLU I 260 73.10 72.44 -59.35
N ASN I 261 73.05 71.60 -60.39
CA ASN I 261 74.11 71.56 -61.42
C ASN I 261 73.45 71.42 -62.80
N HIS I 262 74.15 71.97 -63.81
CA HIS I 262 74.00 71.65 -65.25
C HIS I 262 75.31 71.14 -65.82
N LEU I 263 75.28 69.97 -66.47
CA LEU I 263 76.50 69.28 -66.97
C LEU I 263 76.43 69.21 -68.49
N TYR I 264 77.57 69.39 -69.15
CA TYR I 264 77.72 69.49 -70.62
C TYR I 264 78.86 68.56 -71.03
N ALA I 265 78.50 67.44 -71.64
CA ALA I 265 79.45 66.33 -71.94
C ALA I 265 80.27 66.69 -73.18
N ARG I 266 81.60 66.83 -73.02
CA ARG I 266 82.50 67.01 -74.19
C ARG I 266 82.66 65.72 -75.01
N LYS I 267 82.89 64.58 -74.38
CA LYS I 267 83.14 63.29 -75.08
C LYS I 267 82.08 62.28 -74.63
N ASP I 268 82.05 61.11 -75.24
CA ASP I 268 81.47 59.90 -74.61
C ASP I 268 82.13 59.70 -73.23
N ILE I 269 81.36 59.22 -72.26
CA ILE I 269 81.88 58.93 -70.89
C ILE I 269 81.44 57.52 -70.48
N LYS I 270 82.39 56.65 -70.15
CA LYS I 270 82.10 55.27 -69.69
C LYS I 270 81.29 55.26 -68.37
N GLN I 271 81.59 56.10 -67.39
CA GLN I 271 80.90 56.06 -66.07
C GLN I 271 80.74 57.48 -65.50
N LEU I 272 79.50 57.99 -65.50
CA LEU I 272 79.13 59.30 -64.93
C LEU I 272 78.59 59.10 -63.51
N GLY I 273 79.23 59.73 -62.53
CA GLY I 273 78.88 59.65 -61.10
C GLY I 273 78.30 60.92 -60.54
N ILE I 274 76.99 60.96 -60.33
CA ILE I 274 76.27 62.14 -59.75
C ILE I 274 76.33 62.11 -58.21
N ALA I 275 76.51 63.28 -57.59
CA ALA I 275 76.40 63.47 -56.13
C ALA I 275 77.31 62.51 -55.38
N PRO I 276 78.56 62.34 -55.84
CA PRO I 276 79.47 61.38 -55.24
C PRO I 276 79.85 61.74 -53.81
N MET I 277 80.12 60.68 -53.05
CA MET I 277 80.71 60.70 -51.67
C MET I 277 81.98 59.83 -51.64
N THR I 278 82.88 60.14 -50.73
CA THR I 278 84.18 59.44 -50.57
C THR I 278 84.50 59.35 -49.08
N SER I 279 84.49 58.14 -48.53
CA SER I 279 84.76 57.91 -47.09
C SER I 279 85.89 56.90 -46.97
N MET I 280 86.16 56.49 -45.73
CA MET I 280 87.17 55.46 -45.39
C MET I 280 86.53 54.44 -44.45
N PHE I 281 86.87 53.18 -44.62
CA PHE I 281 86.42 52.09 -43.71
C PHE I 281 87.53 51.05 -43.69
N SER I 282 88.23 50.97 -42.56
CA SER I 282 89.40 50.07 -42.37
C SER I 282 88.98 48.85 -41.54
N CYS I 283 88.37 49.12 -40.38
CA CYS I 283 88.04 48.12 -39.34
C CYS I 283 86.72 48.49 -38.63
N GLY I 284 85.68 47.70 -38.82
CA GLY I 284 84.39 47.83 -38.10
C GLY I 284 84.05 46.56 -37.36
N THR I 285 82.77 46.26 -37.16
CA THR I 285 82.33 45.05 -36.41
C THR I 285 82.21 43.87 -37.38
N ASN I 286 82.31 44.13 -38.68
CA ASN I 286 82.09 43.10 -39.72
C ASN I 286 83.40 42.60 -40.35
N GLU I 287 83.52 41.30 -40.59
CA GLU I 287 84.73 40.67 -41.19
C GLU I 287 85.99 41.46 -40.83
N ARG I 288 86.40 41.37 -39.58
CA ARG I 288 87.55 42.16 -39.07
C ARG I 288 88.89 41.59 -39.51
N ARG I 289 89.35 41.93 -40.71
CA ARG I 289 90.62 41.40 -41.27
C ARG I 289 91.74 42.42 -41.18
N MET I 290 91.41 43.68 -40.88
CA MET I 290 92.46 44.73 -40.69
C MET I 290 92.19 45.44 -39.37
N CYS I 291 92.36 44.74 -38.26
CA CYS I 291 91.95 45.31 -36.95
C CYS I 291 93.09 45.14 -35.95
N ASP I 292 94.32 45.10 -36.41
CA ASP I 292 95.49 44.82 -35.53
C ASP I 292 96.11 46.15 -35.11
N THR I 293 95.30 47.15 -34.77
CA THR I 293 95.81 48.43 -34.16
C THR I 293 95.33 48.47 -32.71
N ILE I 294 95.55 49.58 -32.00
CA ILE I 294 95.08 49.79 -30.59
C ILE I 294 93.65 50.31 -30.59
N HIS I 295 93.03 50.41 -31.77
CA HIS I 295 91.69 51.00 -31.97
C HIS I 295 90.69 49.91 -32.30
N PRO I 296 89.70 49.63 -31.45
CA PRO I 296 88.72 48.60 -31.73
C PRO I 296 88.09 48.74 -33.13
N GLN I 297 87.90 49.98 -33.59
CA GLN I 297 87.30 50.31 -34.90
C GLN I 297 87.99 51.53 -35.50
N ILE I 298 88.13 51.55 -36.83
CA ILE I 298 88.67 52.71 -37.60
C ILE I 298 87.85 52.84 -38.88
N HIS I 299 87.05 53.92 -38.96
CA HIS I 299 86.26 54.29 -40.16
C HIS I 299 85.68 55.69 -40.00
N ASP I 300 85.51 56.38 -41.14
CA ASP I 300 84.82 57.69 -41.27
C ASP I 300 83.32 57.48 -41.48
N SER I 301 82.96 56.26 -41.87
CA SER I 301 81.59 55.81 -42.24
C SER I 301 81.53 54.29 -42.02
N ASP I 302 80.37 53.73 -41.65
CA ASP I 302 80.24 52.26 -41.40
C ASP I 302 79.26 51.63 -42.40
N ARG I 303 78.45 52.43 -43.10
CA ARG I 303 77.35 51.84 -43.90
C ARG I 303 76.92 52.75 -45.04
N LEU I 304 76.34 52.15 -46.07
CA LEU I 304 75.53 52.89 -47.07
C LEU I 304 74.05 52.70 -46.71
N SER I 305 73.30 53.79 -46.52
CA SER I 305 71.84 53.71 -46.37
C SER I 305 71.20 54.15 -47.69
N MET I 306 70.31 53.35 -48.24
CA MET I 306 69.52 53.75 -49.44
C MET I 306 68.04 53.70 -49.09
N TRP I 307 67.32 54.76 -49.47
CA TRP I 307 65.84 54.86 -49.48
C TRP I 307 65.34 54.89 -50.92
N ARG I 308 64.87 53.75 -51.41
CA ARG I 308 64.62 53.55 -52.85
C ARG I 308 63.27 54.14 -53.23
N GLY I 309 63.00 54.26 -54.53
CA GLY I 309 61.72 54.73 -55.11
C GLY I 309 60.52 53.87 -54.76
N ASN I 310 60.66 52.55 -54.56
CA ASN I 310 59.56 51.70 -54.02
C ASN I 310 59.31 52.00 -52.52
N GLY I 311 60.06 52.87 -51.84
CA GLY I 311 59.96 53.13 -50.38
C GLY I 311 60.72 52.12 -49.52
N GLU I 312 61.35 51.11 -50.11
CA GLU I 312 62.15 50.09 -49.37
C GLU I 312 63.40 50.75 -48.79
N TRP I 313 63.71 50.50 -47.52
CA TRP I 313 64.98 50.98 -46.91
C TRP I 313 66.01 49.87 -46.97
N ILE I 314 67.26 50.24 -47.20
CA ILE I 314 68.41 49.31 -47.23
C ILE I 314 69.51 49.86 -46.35
N CYS I 315 70.15 48.94 -45.63
CA CYS I 315 71.37 49.16 -44.82
C CYS I 315 72.42 48.17 -45.32
N ARG I 316 73.40 48.66 -46.06
CA ARG I 316 74.54 47.85 -46.60
C ARG I 316 75.77 48.26 -45.81
N PRO I 317 76.19 47.47 -44.81
CA PRO I 317 77.41 47.79 -44.07
C PRO I 317 78.62 47.61 -44.99
N LEU I 318 79.52 48.59 -44.91
CA LEU I 318 80.71 48.72 -45.77
C LEU I 318 81.72 47.64 -45.40
N ASN I 319 82.50 47.17 -46.37
CA ASN I 319 83.60 46.19 -46.12
C ASN I 319 84.94 46.88 -46.30
N ASN I 320 85.99 46.29 -45.73
CA ASN I 320 87.39 46.49 -46.17
C ASN I 320 87.82 45.19 -46.81
N PRO I 321 87.52 44.96 -48.10
CA PRO I 321 87.76 43.66 -48.74
C PRO I 321 89.24 43.46 -49.08
N GLN I 322 89.67 42.21 -49.25
CA GLN I 322 91.07 41.99 -49.66
C GLN I 322 91.15 42.18 -51.18
N LYS I 323 90.02 42.14 -51.89
CA LYS I 323 89.99 42.39 -53.35
C LYS I 323 89.00 43.51 -53.71
N LEU I 324 89.45 44.47 -54.51
CA LEU I 324 88.64 45.61 -55.00
C LEU I 324 87.30 45.06 -55.50
N GLN I 325 86.23 45.64 -54.97
CA GLN I 325 84.81 45.31 -55.26
C GLN I 325 84.04 46.56 -55.69
N PHE I 326 83.22 46.43 -56.72
CA PHE I 326 82.25 47.46 -57.14
C PHE I 326 80.87 46.82 -57.13
N ASN I 327 79.92 47.44 -56.43
CA ASN I 327 78.50 46.99 -56.45
C ASN I 327 77.66 48.13 -57.01
N ALA I 328 76.71 47.79 -57.90
CA ALA I 328 75.67 48.71 -58.42
C ALA I 328 74.28 48.23 -57.98
N TYR I 329 73.58 49.06 -57.20
CA TYR I 329 72.22 48.78 -56.65
C TYR I 329 71.22 49.44 -57.58
N THR I 330 70.46 48.63 -58.30
CA THR I 330 69.46 49.17 -59.25
C THR I 330 68.37 49.90 -58.48
N ASP I 331 67.98 51.08 -58.95
CA ASP I 331 66.90 51.91 -58.33
C ASP I 331 66.21 52.68 -59.47
N ASN I 332 65.07 53.27 -59.15
CA ASN I 332 64.28 54.13 -60.06
C ASN I 332 63.66 55.24 -59.21
N ASN I 333 64.09 56.48 -59.42
CA ASN I 333 63.60 57.66 -58.67
C ASN I 333 63.96 57.51 -57.19
N PRO I 334 65.28 57.35 -56.91
CA PRO I 334 65.76 57.22 -55.55
C PRO I 334 65.33 58.45 -54.75
N LYS I 335 64.94 58.22 -53.49
CA LYS I 335 64.44 59.23 -52.54
C LYS I 335 65.61 59.77 -51.71
N GLY I 336 66.58 58.91 -51.42
CA GLY I 336 67.76 59.30 -50.64
C GLY I 336 68.78 58.19 -50.60
N PHE I 337 70.04 58.54 -50.32
CA PHE I 337 71.13 57.58 -50.08
C PHE I 337 72.29 58.30 -49.39
N GLY I 338 72.99 57.63 -48.49
CA GLY I 338 74.02 58.26 -47.65
C GLY I 338 75.10 57.30 -47.16
N LEU I 339 76.27 57.84 -46.80
CA LEU I 339 77.32 57.11 -46.06
C LEU I 339 77.24 57.62 -44.63
N LEU I 340 76.73 56.78 -43.73
CA LEU I 340 76.45 57.17 -42.31
C LEU I 340 77.56 56.69 -41.36
N GLN I 341 77.79 57.47 -40.31
CA GLN I 341 78.71 57.14 -39.18
C GLN I 341 77.83 57.09 -37.92
N LEU I 342 77.16 55.96 -37.71
CA LEU I 342 76.12 55.84 -36.65
C LEU I 342 76.74 55.36 -35.34
N ASP I 343 77.98 54.87 -35.31
CA ASP I 343 78.57 54.47 -34.00
C ASP I 343 79.21 55.73 -33.39
N ARG I 344 78.51 56.37 -32.47
CA ARG I 344 78.97 57.68 -31.93
C ARG I 344 79.83 57.51 -30.66
N ASP I 345 80.30 56.30 -30.36
CA ASP I 345 80.86 55.95 -29.03
C ASP I 345 82.41 55.97 -29.05
N PHE I 346 83.01 56.94 -28.36
CA PHE I 346 84.47 57.18 -28.33
C PHE I 346 85.21 55.85 -28.13
N SER I 347 84.79 55.14 -27.08
CA SER I 347 85.47 53.93 -26.56
C SER I 347 85.55 52.82 -27.61
N HIS I 348 84.75 52.86 -28.68
CA HIS I 348 84.81 51.88 -29.79
C HIS I 348 85.91 52.26 -30.78
N TYR I 349 86.46 53.47 -30.69
CA TYR I 349 87.46 53.97 -31.65
C TYR I 349 88.78 54.28 -30.94
N GLN I 350 88.71 54.98 -29.81
CA GLN I 350 89.90 55.34 -28.99
C GLN I 350 90.87 56.21 -29.77
N ASP I 351 90.44 56.93 -30.82
CA ASP I 351 91.32 57.82 -31.62
C ASP I 351 91.22 59.26 -31.10
N ILE I 352 92.30 59.77 -30.51
CA ILE I 352 92.37 61.16 -29.95
C ILE I 352 93.14 62.07 -30.92
N MET I 353 93.52 61.54 -32.08
CA MET I 353 94.05 62.31 -33.22
C MET I 353 92.85 62.80 -34.02
N GLY I 354 92.15 61.88 -34.72
CA GLY I 354 91.13 62.16 -35.76
C GLY I 354 89.69 62.11 -35.25
N TRP I 355 89.47 61.54 -34.08
CA TRP I 355 88.17 61.57 -33.39
C TRP I 355 87.07 60.97 -34.24
N TYR I 356 87.26 59.76 -34.74
CA TYR I 356 86.32 59.08 -35.66
C TYR I 356 84.87 59.17 -35.15
N ASN I 357 84.67 59.02 -33.85
CA ASN I 357 83.33 59.05 -33.20
C ASN I 357 82.59 60.38 -33.47
N LYS I 358 83.32 61.49 -33.72
CA LYS I 358 82.70 62.83 -33.94
C LYS I 358 82.43 63.12 -35.44
N ARG I 359 82.98 62.31 -36.33
CA ARG I 359 82.86 62.51 -37.80
C ARG I 359 81.42 62.31 -38.27
N PRO I 360 80.94 63.15 -39.21
CA PRO I 360 79.52 63.17 -39.56
C PRO I 360 79.13 62.06 -40.55
N SER I 361 77.81 61.87 -40.65
CA SER I 361 77.12 61.23 -41.81
C SER I 361 76.91 62.27 -42.93
N LEU I 362 76.68 61.79 -44.14
CA LEU I 362 76.26 62.56 -45.32
C LEU I 362 75.03 61.88 -45.95
N TRP I 363 73.92 62.62 -46.05
CA TRP I 363 72.68 62.21 -46.77
C TRP I 363 72.53 63.01 -48.08
N VAL I 364 72.38 62.32 -49.22
CA VAL I 364 71.99 62.92 -50.53
C VAL I 364 70.47 62.76 -50.71
N GLU I 365 69.73 63.87 -50.74
CA GLU I 365 68.28 63.90 -51.08
C GLU I 365 68.06 64.47 -52.49
N PRO I 366 67.86 63.62 -53.54
CA PRO I 366 67.43 64.14 -54.83
C PRO I 366 66.21 65.06 -54.63
N ARG I 367 66.15 66.14 -55.39
CA ARG I 367 65.04 67.15 -55.33
C ARG I 367 64.12 67.05 -56.55
N ASN I 368 64.52 66.22 -57.48
CA ASN I 368 63.64 65.93 -58.63
C ASN I 368 63.67 64.43 -58.77
N LYS I 369 62.81 63.89 -59.61
CA LYS I 369 62.78 62.43 -59.90
C LYS I 369 63.97 62.08 -60.79
N TRP I 370 65.00 61.33 -60.36
CA TRP I 370 66.22 61.08 -61.18
C TRP I 370 66.05 59.92 -62.18
N GLY I 371 64.87 59.30 -62.17
CA GLY I 371 64.54 58.10 -62.96
C GLY I 371 65.47 56.94 -62.72
N LYS I 372 65.75 56.20 -63.78
CA LYS I 372 66.37 54.84 -63.70
C LYS I 372 67.88 54.95 -63.71
N GLY I 373 68.51 54.07 -62.94
CA GLY I 373 69.98 53.99 -62.85
C GLY I 373 70.38 53.15 -61.67
N THR I 374 71.59 53.34 -61.18
CA THR I 374 72.13 52.51 -60.09
C THR I 374 72.88 53.37 -59.08
N ILE I 375 72.82 52.99 -57.80
CA ILE I 375 73.71 53.54 -56.76
C ILE I 375 74.99 52.71 -56.74
N GLY I 376 76.12 53.35 -57.03
CA GLY I 376 77.41 52.67 -57.17
C GLY I 376 78.17 52.76 -55.86
N LEU I 377 78.76 51.63 -55.46
CA LEU I 377 79.67 51.55 -54.29
C LEU I 377 80.94 50.80 -54.70
N MET I 378 82.09 51.48 -54.56
CA MET I 378 83.40 50.82 -54.79
C MET I 378 84.08 50.71 -53.44
N GLU I 379 84.51 49.50 -53.09
CA GLU I 379 85.23 49.27 -51.82
C GLU I 379 86.65 48.87 -52.17
N ILE I 380 87.63 49.67 -51.77
CA ILE I 380 89.05 49.42 -52.12
C ILE I 380 89.75 48.80 -50.91
N PRO I 381 90.57 47.76 -51.11
CA PRO I 381 91.34 47.21 -50.00
C PRO I 381 92.24 48.24 -49.29
N THR I 382 92.16 48.33 -47.96
CA THR I 382 93.06 49.22 -47.17
C THR I 382 93.76 48.42 -46.06
N THR I 383 94.81 48.97 -45.47
CA THR I 383 95.59 48.32 -44.38
C THR I 383 95.75 49.33 -43.24
N GLY I 384 95.18 50.52 -43.41
CA GLY I 384 95.10 51.58 -42.38
C GLY I 384 94.05 52.64 -42.69
N GLU I 385 94.34 53.89 -42.34
CA GLU I 385 93.36 54.99 -42.43
C GLU I 385 93.75 56.08 -43.41
N THR I 386 94.91 56.00 -44.04
CA THR I 386 95.40 57.11 -44.90
C THR I 386 94.68 57.09 -46.25
N LEU I 387 94.02 55.99 -46.61
CA LEU I 387 93.41 55.88 -47.96
C LEU I 387 91.89 55.95 -47.86
N ASN I 388 91.29 56.85 -48.61
CA ASN I 388 89.81 56.88 -48.69
C ASN I 388 89.48 55.75 -49.65
N ASN I 389 88.98 54.65 -49.13
CA ASN I 389 88.83 53.37 -49.85
C ASN I 389 87.34 53.12 -50.14
N ILE I 390 86.47 54.10 -49.88
CA ILE I 390 85.00 54.02 -50.10
C ILE I 390 84.54 55.20 -50.97
N VAL I 391 83.92 54.89 -52.10
CA VAL I 391 83.31 55.86 -53.06
C VAL I 391 81.88 55.44 -53.41
N CYS I 392 80.92 56.35 -53.29
CA CYS I 392 79.52 56.09 -53.67
C CYS I 392 78.99 57.26 -54.52
N PHE I 393 78.13 56.95 -55.49
CA PHE I 393 77.54 57.94 -56.43
C PHE I 393 76.33 57.33 -57.14
N TRP I 394 75.55 58.20 -57.80
CA TRP I 394 74.37 57.83 -58.60
C TRP I 394 74.80 57.81 -60.05
N GLN I 395 74.44 56.76 -60.78
CA GLN I 395 74.82 56.60 -62.21
C GLN I 395 73.57 56.41 -63.04
N PRO I 396 73.17 57.39 -63.87
CA PRO I 396 71.95 57.25 -64.66
C PRO I 396 72.08 56.04 -65.60
N GLU I 397 70.93 55.45 -65.91
CA GLU I 397 70.87 54.17 -66.66
C GLU I 397 71.53 54.42 -68.00
N LYS I 398 71.21 55.55 -68.65
CA LYS I 398 71.57 55.76 -70.08
C LYS I 398 73.08 55.95 -70.22
N ALA I 399 73.68 55.32 -71.23
CA ALA I 399 75.10 55.56 -71.63
C ALA I 399 75.25 57.04 -71.98
N VAL I 400 76.31 57.68 -71.50
CA VAL I 400 76.55 59.15 -71.69
C VAL I 400 77.36 59.38 -72.95
N LYS I 401 76.80 60.15 -73.89
CA LYS I 401 77.43 60.43 -75.21
C LYS I 401 77.81 61.91 -75.29
N ALA I 402 78.69 62.25 -76.25
CA ALA I 402 79.18 63.63 -76.48
C ALA I 402 77.99 64.54 -76.79
N GLY I 403 77.96 65.70 -76.15
CA GLY I 403 76.90 66.72 -76.34
C GLY I 403 75.71 66.52 -75.43
N ASP I 404 75.68 65.43 -74.67
CA ASP I 404 74.60 65.19 -73.68
C ASP I 404 74.61 66.35 -72.66
N GLU I 405 73.43 66.77 -72.23
CA GLU I 405 73.21 67.82 -71.21
C GLU I 405 72.42 67.26 -70.05
N PHE I 406 72.89 67.47 -68.83
CA PHE I 406 72.24 66.96 -67.59
C PHE I 406 71.96 68.12 -66.65
N ALA I 407 70.98 67.96 -65.78
CA ALA I 407 70.65 68.86 -64.64
C ALA I 407 70.21 68.03 -63.42
N PHE I 408 70.90 68.19 -62.31
CA PHE I 408 70.53 67.48 -61.08
C PHE I 408 70.38 68.51 -59.98
N GLN I 409 69.34 68.34 -59.16
CA GLN I 409 69.14 69.12 -57.92
C GLN I 409 69.14 68.09 -56.80
N TYR I 410 69.88 68.36 -55.71
CA TYR I 410 69.97 67.45 -54.54
C TYR I 410 70.31 68.25 -53.27
N ARG I 411 69.73 67.87 -52.13
CA ARG I 411 70.12 68.39 -50.78
C ARG I 411 71.14 67.44 -50.13
N LEU I 412 72.27 67.98 -49.66
CA LEU I 412 73.31 67.30 -48.85
C LEU I 412 73.15 67.70 -47.39
N TYR I 413 72.95 66.72 -46.52
CA TYR I 413 72.93 66.93 -45.05
C TYR I 413 74.20 66.38 -44.43
N TRP I 414 75.01 67.30 -43.90
CA TRP I 414 76.27 67.06 -43.17
C TRP I 414 75.93 67.05 -41.68
N SER I 415 75.54 65.90 -41.14
CA SER I 415 75.21 65.78 -39.69
C SER I 415 75.39 64.33 -39.27
N ALA I 416 75.56 64.10 -37.97
CA ALA I 416 75.79 62.77 -37.35
C ALA I 416 74.64 61.86 -37.73
N GLN I 417 73.42 62.30 -37.44
CA GLN I 417 72.19 61.56 -37.80
C GLN I 417 71.70 62.02 -39.16
N PRO I 418 71.37 61.13 -40.11
CA PRO I 418 70.75 61.57 -41.35
C PRO I 418 69.44 62.25 -40.99
N PRO I 419 68.82 63.04 -41.89
CA PRO I 419 67.57 63.74 -41.57
C PRO I 419 66.37 62.78 -41.64
N VAL I 420 66.51 61.64 -42.32
CA VAL I 420 65.45 60.59 -42.48
C VAL I 420 66.08 59.20 -42.34
N HIS I 421 65.24 58.23 -42.02
CA HIS I 421 65.65 56.84 -41.69
C HIS I 421 64.41 55.94 -41.69
N CYS I 422 64.58 54.63 -41.86
CA CYS I 422 63.42 53.70 -41.88
C CYS I 422 62.45 54.02 -40.75
N PRO I 423 61.11 54.05 -40.99
CA PRO I 423 60.17 54.23 -39.90
C PRO I 423 59.94 52.86 -39.24
N LEU I 424 60.71 51.85 -39.60
CA LEU I 424 60.48 50.50 -39.04
C LEU I 424 61.68 50.09 -38.21
N ALA I 425 61.85 48.79 -37.94
CA ALA I 425 63.05 48.32 -37.22
C ALA I 425 64.29 48.62 -38.05
N ARG I 426 65.34 49.15 -37.42
CA ARG I 426 66.55 49.53 -38.14
C ARG I 426 67.78 48.77 -37.65
N VAL I 427 68.57 48.25 -38.58
CA VAL I 427 69.89 47.66 -38.22
C VAL I 427 70.69 48.69 -37.43
N MET I 428 71.35 48.33 -36.35
CA MET I 428 72.21 49.28 -35.62
C MET I 428 73.66 48.78 -35.59
N ALA I 429 73.89 47.49 -35.81
CA ALA I 429 75.25 46.91 -35.99
C ALA I 429 75.20 45.52 -36.62
N THR I 430 76.22 45.23 -37.43
CA THR I 430 76.41 43.93 -38.12
C THR I 430 77.74 43.34 -37.66
N ARG I 431 77.67 42.35 -36.77
CA ARG I 431 78.88 41.71 -36.17
C ARG I 431 79.09 40.36 -36.83
N THR I 432 80.34 39.97 -37.10
CA THR I 432 80.66 38.65 -37.72
C THR I 432 81.81 38.00 -36.96
N GLY I 433 81.85 36.68 -36.93
CA GLY I 433 82.89 35.93 -36.21
C GLY I 433 82.73 34.43 -36.37
N MET I 434 83.44 33.64 -35.55
CA MET I 434 83.42 32.17 -35.65
C MET I 434 82.08 31.61 -35.24
N GLY I 435 81.64 30.54 -35.91
CA GLY I 435 80.39 29.87 -35.54
C GLY I 435 80.63 28.37 -35.45
N GLY I 436 79.57 27.59 -35.37
CA GLY I 436 79.71 26.13 -35.28
C GLY I 436 79.69 25.70 -33.84
N PHE I 437 79.35 26.62 -32.96
CA PHE I 437 79.32 26.31 -31.51
C PHE I 437 78.06 26.92 -30.92
N SER I 438 77.87 26.73 -29.62
CA SER I 438 76.69 27.28 -28.93
C SER I 438 77.05 28.64 -28.33
N GLU I 439 76.21 29.64 -28.56
CA GLU I 439 76.54 31.01 -28.07
C GLU I 439 76.69 30.96 -26.56
N GLY I 440 77.87 31.35 -26.07
CA GLY I 440 78.13 31.37 -24.62
C GLY I 440 78.98 30.20 -24.20
N TRP I 441 79.25 29.30 -25.13
CA TRP I 441 80.04 28.08 -24.82
C TRP I 441 81.04 27.82 -25.93
N ALA I 442 81.81 28.85 -26.29
CA ALA I 442 82.85 28.68 -27.30
C ALA I 442 83.94 27.80 -26.71
N PRO I 443 84.25 26.67 -27.35
CA PRO I 443 85.20 25.73 -26.79
C PRO I 443 86.54 26.39 -26.43
N GLY I 444 87.10 26.05 -25.28
CA GLY I 444 88.39 26.62 -24.85
C GLY I 444 89.54 25.64 -24.99
N GLU I 445 89.27 24.35 -25.06
CA GLU I 445 90.33 23.31 -25.15
C GLU I 445 90.65 23.01 -26.61
N HIS I 446 89.62 23.04 -27.45
CA HIS I 446 89.70 22.81 -28.92
C HIS I 446 88.96 23.95 -29.63
N TYR I 447 89.28 24.19 -30.90
CA TYR I 447 88.48 25.08 -31.77
C TYR I 447 87.14 24.39 -32.05
N PRO I 448 86.15 25.10 -32.63
CA PRO I 448 84.92 24.43 -33.10
C PRO I 448 85.32 23.37 -34.14
N GLU I 449 84.55 22.31 -34.22
CA GLU I 449 84.81 21.12 -35.08
C GLU I 449 84.38 21.42 -36.54
N LYS I 450 83.12 21.79 -36.77
CA LYS I 450 82.59 22.20 -38.10
C LYS I 450 82.99 23.67 -38.39
N TRP I 451 83.32 24.00 -39.64
CA TRP I 451 83.61 25.41 -40.01
C TRP I 451 82.33 26.11 -40.48
N ALA I 452 82.09 27.31 -39.95
CA ALA I 452 80.92 28.16 -40.29
C ALA I 452 81.21 29.61 -39.87
N ARG I 453 80.48 30.54 -40.48
CA ARG I 453 80.67 31.98 -40.16
C ARG I 453 79.41 32.53 -39.51
N ARG I 454 79.56 33.20 -38.36
CA ARG I 454 78.42 33.67 -37.54
C ARG I 454 78.15 35.11 -37.96
N PHE I 455 76.87 35.40 -38.19
CA PHE I 455 76.39 36.78 -38.43
C PHE I 455 75.44 37.13 -37.30
N ALA I 456 75.70 38.25 -36.63
CA ALA I 456 74.77 38.84 -35.64
C ALA I 456 74.32 40.21 -36.13
N VAL I 457 73.04 40.35 -36.48
CA VAL I 457 72.46 41.68 -36.85
C VAL I 457 71.57 42.14 -35.70
N ASP I 458 71.86 43.30 -35.12
CA ASP I 458 71.11 43.86 -33.98
C ASP I 458 70.12 44.87 -34.56
N PHE I 459 68.83 44.65 -34.33
CA PHE I 459 67.79 45.61 -34.77
C PHE I 459 67.27 46.34 -33.55
N VAL I 460 67.03 47.62 -33.70
CA VAL I 460 66.42 48.53 -32.70
C VAL I 460 65.35 49.26 -33.49
N GLY I 461 64.21 49.64 -32.92
CA GLY I 461 63.21 50.27 -33.80
C GLY I 461 61.80 49.80 -33.54
N GLY I 462 60.86 50.27 -34.37
CA GLY I 462 59.43 50.34 -34.00
C GLY I 462 58.73 49.00 -34.08
N ASP I 463 58.00 48.66 -33.02
CA ASP I 463 57.02 47.54 -32.94
C ASP I 463 57.74 46.20 -32.77
N LEU I 464 59.08 46.17 -32.69
CA LEU I 464 59.74 44.89 -32.34
C LEU I 464 59.20 44.41 -30.98
N LYS I 465 58.91 45.33 -30.05
CA LYS I 465 58.28 45.02 -28.74
C LYS I 465 56.93 44.31 -28.93
N ALA I 466 56.00 44.93 -29.68
CA ALA I 466 54.65 44.40 -29.95
C ALA I 466 54.75 43.17 -30.86
N ALA I 467 55.72 43.13 -31.76
CA ALA I 467 55.83 42.09 -32.81
C ALA I 467 56.36 40.79 -32.22
N ALA I 468 57.14 40.89 -31.15
CA ALA I 468 57.85 39.72 -30.56
C ALA I 468 56.83 38.64 -30.17
N PRO I 469 55.85 38.94 -29.30
CA PRO I 469 54.79 37.97 -29.00
C PRO I 469 53.99 37.47 -30.21
N LYS I 470 53.82 38.27 -31.26
CA LYS I 470 53.12 37.80 -32.49
C LYS I 470 54.06 36.89 -33.31
N GLY I 471 55.38 36.99 -33.13
CA GLY I 471 56.34 36.08 -33.78
C GLY I 471 57.10 36.76 -34.89
N ILE I 472 58.38 37.03 -34.68
CA ILE I 472 59.33 37.77 -35.57
C ILE I 472 60.12 36.76 -36.42
N GLU I 473 59.77 36.59 -37.71
CA GLU I 473 60.50 35.66 -38.64
C GLU I 473 61.61 36.42 -39.33
N PRO I 474 62.89 35.99 -39.22
CA PRO I 474 63.92 36.47 -40.13
C PRO I 474 63.69 35.83 -41.51
N VAL I 475 63.69 36.64 -42.57
CA VAL I 475 63.67 36.13 -43.97
C VAL I 475 65.07 36.34 -44.52
N ILE I 476 65.83 35.26 -44.66
CA ILE I 476 67.27 35.33 -45.01
C ILE I 476 67.43 34.78 -46.44
N THR I 477 67.94 35.59 -47.36
CA THR I 477 68.19 35.15 -48.75
C THR I 477 69.71 35.07 -48.92
N LEU I 478 70.24 33.99 -49.49
CA LEU I 478 71.70 33.80 -49.68
C LEU I 478 72.00 33.43 -51.14
N SER I 479 72.98 34.05 -51.76
CA SER I 479 73.37 33.74 -53.16
C SER I 479 73.95 32.32 -53.22
N SER I 480 74.63 31.91 -52.14
CA SER I 480 75.27 30.59 -51.96
C SER I 480 75.28 30.23 -50.46
N GLY I 481 75.50 28.97 -50.14
CA GLY I 481 75.60 28.57 -48.72
C GLY I 481 74.23 28.37 -48.09
N GLU I 482 74.22 27.91 -46.84
CA GLU I 482 72.99 27.61 -46.07
C GLU I 482 73.01 28.43 -44.77
N ALA I 483 71.87 28.95 -44.34
CA ALA I 483 71.70 29.61 -43.01
C ALA I 483 71.24 28.57 -41.99
N LYS I 484 72.05 28.32 -40.95
CA LYS I 484 71.73 27.33 -39.90
C LYS I 484 71.80 27.97 -38.51
N GLN I 485 71.16 27.34 -37.52
CA GLN I 485 71.21 27.75 -36.09
C GLN I 485 70.71 29.18 -36.01
N ILE I 486 69.66 29.49 -36.76
CA ILE I 486 69.08 30.87 -36.78
C ILE I 486 68.47 31.14 -35.40
N GLU I 487 68.81 32.27 -34.75
CA GLU I 487 68.30 32.61 -33.38
C GLU I 487 67.82 34.07 -33.30
N ILE I 488 66.71 34.33 -32.60
CA ILE I 488 66.18 35.71 -32.35
C ILE I 488 66.33 35.98 -30.84
N LEU I 489 67.09 37.00 -30.43
CA LEU I 489 67.51 37.14 -29.02
C LEU I 489 67.32 38.57 -28.54
N TYR I 490 66.55 38.78 -27.49
CA TYR I 490 66.32 40.14 -26.93
C TYR I 490 67.64 40.68 -26.36
N ILE I 491 67.96 41.96 -26.61
CA ILE I 491 69.18 42.65 -26.11
C ILE I 491 68.73 43.77 -25.17
N GLU I 492 68.59 43.49 -23.88
CA GLU I 492 68.02 44.47 -22.90
C GLU I 492 68.72 45.82 -23.07
N PRO I 493 70.07 45.89 -23.09
CA PRO I 493 70.75 47.16 -23.04
C PRO I 493 70.44 48.07 -24.24
N ILE I 494 69.94 47.56 -25.37
CA ILE I 494 69.50 48.46 -26.48
C ILE I 494 68.01 48.29 -26.77
N ASP I 495 67.28 47.60 -25.88
CA ASP I 495 65.82 47.36 -26.03
C ASP I 495 65.57 47.01 -27.51
N GLY I 496 66.36 46.04 -28.03
CA GLY I 496 66.33 45.57 -29.42
C GLY I 496 66.34 44.05 -29.52
N TYR I 497 66.45 43.50 -30.72
CA TYR I 497 66.58 42.04 -30.97
C TYR I 497 67.78 41.72 -31.87
N ARG I 498 68.48 40.65 -31.49
CA ARG I 498 69.65 40.16 -32.27
C ARG I 498 69.27 38.93 -33.07
N ILE I 499 69.47 38.98 -34.36
CA ILE I 499 69.29 37.84 -35.29
C ILE I 499 70.67 37.30 -35.62
N GLN I 500 70.98 36.09 -35.16
CA GLN I 500 72.25 35.41 -35.44
C GLN I 500 71.94 34.26 -36.39
N PHE I 501 72.83 34.00 -37.34
CA PHE I 501 72.82 32.72 -38.08
C PHE I 501 74.26 32.34 -38.41
N ASP I 502 74.47 31.03 -38.53
CA ASP I 502 75.75 30.44 -38.99
C ASP I 502 75.62 30.15 -40.47
N TRP I 503 76.51 30.74 -41.28
CA TRP I 503 76.61 30.44 -42.72
C TRP I 503 77.51 29.23 -42.90
N TYR I 504 76.98 28.15 -43.46
CA TYR I 504 77.75 26.95 -43.89
C TYR I 504 77.94 26.97 -45.40
N PRO I 505 79.19 26.82 -45.91
CA PRO I 505 79.42 26.78 -47.35
C PRO I 505 78.75 25.53 -47.91
N THR I 506 78.11 25.64 -49.07
CA THR I 506 77.65 24.46 -49.86
C THR I 506 78.70 24.15 -50.93
N SER I 507 79.50 25.15 -51.33
CA SER I 507 80.43 25.04 -52.48
C SER I 507 81.86 25.42 -52.13
N ASP I 508 82.83 24.90 -52.90
CA ASP I 508 84.26 25.29 -52.87
C ASP I 508 84.46 26.72 -53.36
N SER I 509 83.44 27.35 -53.92
CA SER I 509 83.59 28.66 -54.60
C SER I 509 84.02 29.73 -53.59
N THR I 510 85.05 30.50 -53.91
CA THR I 510 85.42 31.74 -53.17
C THR I 510 84.64 32.94 -53.74
N ASP I 511 83.57 32.71 -54.49
CA ASP I 511 82.76 33.82 -55.05
C ASP I 511 82.16 34.60 -53.89
N PRO I 512 82.13 35.95 -53.99
CA PRO I 512 81.35 36.76 -53.06
C PRO I 512 80.00 36.09 -52.84
N VAL I 513 79.48 36.18 -51.63
CA VAL I 513 78.12 35.69 -51.29
C VAL I 513 77.27 36.91 -50.98
N ASP I 514 76.25 37.19 -51.78
CA ASP I 514 75.30 38.29 -51.54
C ASP I 514 74.29 37.77 -50.52
N MET I 515 74.07 38.49 -49.41
CA MET I 515 73.12 38.10 -48.33
C MET I 515 72.06 39.18 -48.19
N ARG I 516 70.84 38.76 -47.88
CA ARG I 516 69.68 39.67 -47.81
C ARG I 516 68.88 39.18 -46.59
N MET I 517 68.56 40.07 -45.64
CA MET I 517 67.71 39.75 -44.44
C MET I 517 66.74 40.90 -44.15
N TYR I 518 65.47 40.57 -43.91
CA TYR I 518 64.50 41.47 -43.23
C TYR I 518 63.64 40.68 -42.24
N LEU I 519 62.96 41.40 -41.36
CA LEU I 519 62.13 40.84 -40.27
C LEU I 519 60.66 40.90 -40.72
N ARG I 520 59.97 39.75 -40.68
CA ARG I 520 58.56 39.62 -41.09
C ARG I 520 57.74 39.22 -39.87
N CYS I 521 56.58 39.86 -39.67
CA CYS I 521 55.62 39.51 -38.60
C CYS I 521 54.24 39.46 -39.24
N GLN I 522 53.61 38.30 -39.24
CA GLN I 522 52.32 38.08 -39.94
C GLN I 522 52.39 38.65 -41.35
N GLY I 523 53.30 38.15 -42.19
CA GLY I 523 53.33 38.46 -43.63
C GLY I 523 53.66 39.91 -43.98
N ASP I 524 53.89 40.77 -42.99
CA ASP I 524 54.33 42.17 -43.21
C ASP I 524 55.79 42.35 -42.82
N ALA I 525 56.54 43.08 -43.62
CA ALA I 525 57.93 43.45 -43.28
C ALA I 525 57.90 44.52 -42.20
N ILE I 526 58.67 44.34 -41.13
CA ILE I 526 58.69 45.21 -39.93
C ILE I 526 60.11 45.71 -39.66
N SER I 527 61.01 45.54 -40.63
CA SER I 527 62.40 46.10 -40.58
C SER I 527 62.89 46.53 -41.98
N GLU I 528 63.93 47.38 -41.99
CA GLU I 528 64.67 47.78 -43.22
C GLU I 528 65.41 46.55 -43.73
N THR I 529 65.76 46.50 -45.00
CA THR I 529 66.46 45.32 -45.58
C THR I 529 67.95 45.42 -45.29
N TRP I 530 68.54 44.32 -44.84
CA TRP I 530 70.00 44.23 -44.59
C TRP I 530 70.63 43.53 -45.79
N LEU I 531 71.45 44.23 -46.57
CA LEU I 531 72.32 43.64 -47.62
C LEU I 531 73.73 43.47 -47.06
N TYR I 532 74.29 42.26 -47.15
CA TYR I 532 75.70 41.97 -46.76
C TYR I 532 76.39 41.33 -47.97
N GLN I 533 77.65 41.67 -48.21
CA GLN I 533 78.53 40.94 -49.16
C GLN I 533 79.68 40.27 -48.38
N TYR I 534 79.65 38.93 -48.37
CA TYR I 534 80.60 38.07 -47.63
C TYR I 534 81.65 37.49 -48.61
N PHE I 535 82.89 37.37 -48.16
CA PHE I 535 83.98 36.71 -48.93
C PHE I 535 84.37 35.41 -48.23
N PRO I 536 83.86 34.25 -48.67
CA PRO I 536 84.24 32.99 -48.05
C PRO I 536 85.72 32.81 -48.28
N PRO I 537 86.45 32.29 -47.26
CA PRO I 537 87.85 31.94 -47.43
C PRO I 537 87.98 30.72 -48.36
N ALA I 538 89.20 30.56 -48.90
CA ALA I 538 89.70 29.42 -49.69
C ALA I 538 89.32 28.13 -48.97
N PRO I 539 88.95 27.03 -49.68
CA PRO I 539 88.46 25.83 -49.02
C PRO I 539 89.55 25.27 -48.08
N ASP I 540 90.84 25.50 -48.39
CA ASP I 540 92.00 25.01 -47.60
C ASP I 540 92.14 25.82 -46.29
N LYS I 541 91.46 26.98 -46.16
CA LYS I 541 91.42 27.77 -44.91
C LYS I 541 90.02 27.71 -44.27
N ARG I 542 89.15 26.79 -44.66
CA ARG I 542 87.87 26.58 -43.94
C ARG I 542 88.12 25.58 -42.82
N GLN I 543 88.97 25.97 -41.88
CA GLN I 543 89.48 25.11 -40.78
C GLN I 543 90.32 25.98 -39.84
N TYR I 544 90.58 25.53 -38.60
CA TYR I 544 91.39 26.33 -37.64
C TYR I 544 92.73 25.60 -37.37
N VAL I 545 93.81 26.34 -37.18
CA VAL I 545 95.15 25.77 -36.87
C VAL I 545 95.44 26.01 -35.39
N ASP I 546 95.45 24.94 -34.59
CA ASP I 546 95.65 24.98 -33.11
C ASP I 546 97.15 24.96 -32.77
N ASP I 547 97.77 26.13 -32.63
CA ASP I 547 99.25 26.25 -32.44
C ASP I 547 99.60 26.30 -30.94
N ARG I 548 98.63 26.03 -30.05
CA ARG I 548 98.85 26.15 -28.57
C ARG I 548 99.97 25.16 -28.19
N VAL I 549 100.60 25.40 -27.05
CA VAL I 549 101.62 24.50 -26.42
C VAL I 549 101.37 24.50 -24.89
N MET I 550 101.43 23.32 -24.26
CA MET I 550 101.25 23.24 -22.80
C MET I 550 102.55 22.71 -22.19
N SER I 551 103.56 23.58 -22.07
CA SER I 551 104.88 23.16 -21.57
C SER I 551 105.17 23.81 -20.23
N LEU I 552 105.80 23.07 -19.31
CA LEU I 552 106.18 23.66 -18.02
C LEU I 552 107.54 24.33 -18.21
N GLU I 553 107.73 24.97 -19.37
CA GLU I 553 109.01 25.64 -19.68
C GLU I 553 108.89 27.14 -19.52
N HIS I 554 107.72 27.62 -19.06
CA HIS I 554 107.48 29.08 -18.96
C HIS I 554 107.21 29.48 -17.51
N HIS I 555 108.23 29.37 -16.66
CA HIS I 555 108.17 29.76 -15.22
C HIS I 555 109.06 31.00 -15.01
N HIS I 556 108.48 32.09 -14.51
CA HIS I 556 109.17 33.39 -14.25
C HIS I 556 109.04 33.77 -12.76
N HIS I 557 110.11 34.25 -12.17
CA HIS I 557 110.20 34.62 -10.72
C HIS I 557 110.62 36.09 -10.61
N HIS I 558 109.89 36.87 -9.83
CA HIS I 558 110.14 38.33 -9.72
C HIS I 558 110.43 38.71 -8.27
N SER J 35 59.74 19.04 11.32
CA SER J 35 59.78 20.18 10.35
C SER J 35 61.23 20.50 9.91
N ASP J 36 62.10 21.00 10.80
CA ASP J 36 63.49 21.39 10.46
C ASP J 36 64.15 20.18 9.80
N ILE J 37 64.80 20.34 8.64
CA ILE J 37 65.34 19.18 7.85
C ILE J 37 66.57 18.57 8.53
N ALA J 38 67.16 19.29 9.48
CA ALA J 38 68.34 18.85 10.25
C ALA J 38 67.90 17.97 11.43
N ASP J 39 67.60 16.71 11.16
CA ASP J 39 67.02 15.78 12.16
C ASP J 39 67.90 14.54 12.33
N GLY J 40 69.21 14.62 12.03
CA GLY J 40 70.18 13.54 12.34
C GLY J 40 70.49 13.48 13.83
N GLN J 41 71.35 12.53 14.21
CA GLN J 41 71.86 12.33 15.59
C GLN J 41 72.51 13.65 16.03
N THR J 42 72.10 14.17 17.19
CA THR J 42 72.71 15.37 17.86
C THR J 42 74.13 15.08 18.34
N GLN J 43 75.06 16.02 18.16
CA GLN J 43 76.49 15.85 18.50
C GLN J 43 77.08 17.21 18.87
N ARG J 44 78.05 17.27 19.78
CA ARG J 44 78.70 18.57 20.06
C ARG J 44 79.51 18.96 18.81
N PHE J 45 79.49 20.25 18.45
CA PHE J 45 80.32 20.81 17.36
C PHE J 45 80.67 22.27 17.69
N ASP J 46 81.93 22.60 17.44
CA ASP J 46 82.45 23.99 17.32
C ASP J 46 83.73 23.97 16.48
N PHE J 47 84.31 25.14 16.19
CA PHE J 47 85.46 25.29 15.26
C PHE J 47 86.62 24.42 15.77
N SER J 48 86.75 24.42 17.09
CA SER J 48 87.74 23.62 17.86
C SER J 48 87.63 22.11 17.57
N ILE J 49 86.47 21.51 17.82
CA ILE J 49 86.20 20.09 17.45
C ILE J 49 86.58 19.86 15.97
N LEU J 50 86.13 20.74 15.06
CA LEU J 50 86.43 20.62 13.60
C LEU J 50 87.95 20.60 13.38
N GLN J 51 88.71 21.46 14.07
CA GLN J 51 90.20 21.51 13.94
C GLN J 51 90.79 20.14 14.32
N SER J 52 90.36 19.56 15.44
CA SER J 52 90.66 18.15 15.78
C SER J 52 90.22 17.20 14.65
N MET J 53 88.94 17.16 14.26
CA MET J 53 88.50 16.17 13.23
C MET J 53 89.57 16.17 12.14
N ALA J 54 89.99 17.37 11.72
CA ALA J 54 90.82 17.62 10.51
C ALA J 54 92.27 17.22 10.80
N HIS J 55 92.76 17.57 11.99
CA HIS J 55 94.10 17.16 12.47
C HIS J 55 94.16 15.61 12.49
N ASP J 56 93.20 14.99 13.18
CA ASP J 56 93.12 13.52 13.38
C ASP J 56 92.98 12.88 12.01
N LEU J 57 92.22 13.50 11.13
CA LEU J 57 91.94 12.91 9.80
C LEU J 57 93.25 12.83 9.00
N ALA J 58 94.14 13.81 9.14
CA ALA J 58 95.45 13.87 8.43
C ALA J 58 96.38 12.77 8.94
N GLN J 59 96.21 12.32 10.19
CA GLN J 59 96.99 11.22 10.81
C GLN J 59 96.61 9.87 10.16
N THR J 60 95.36 9.69 9.71
CA THR J 60 94.90 8.43 9.06
C THR J 60 95.10 8.49 7.54
N ALA J 61 94.85 7.40 6.83
CA ALA J 61 95.08 7.31 5.37
C ALA J 61 93.93 8.04 4.70
N TRP J 62 94.20 8.69 3.57
CA TRP J 62 93.17 9.41 2.78
C TRP J 62 92.04 8.44 2.46
N ARG J 63 90.81 8.92 2.58
CA ARG J 63 89.60 8.14 2.23
C ARG J 63 89.59 7.70 0.76
N GLY J 64 90.39 8.34 -0.10
CA GLY J 64 90.49 8.02 -1.55
C GLY J 64 89.33 8.56 -2.38
N ALA J 65 89.39 8.36 -3.69
CA ALA J 65 88.35 8.80 -4.67
C ALA J 65 86.98 8.29 -4.21
N PRO J 66 85.86 8.93 -4.61
CA PRO J 66 84.52 8.52 -4.15
C PRO J 66 84.06 7.17 -4.69
N ARG J 67 83.33 6.39 -3.89
CA ARG J 67 82.62 5.16 -4.36
C ARG J 67 81.72 5.56 -5.53
N PRO J 68 81.47 4.67 -6.52
CA PRO J 68 80.60 5.04 -7.66
C PRO J 68 79.21 5.37 -7.11
N LEU J 69 78.54 6.35 -7.72
CA LEU J 69 77.16 6.73 -7.33
C LEU J 69 76.22 5.56 -7.63
N PRO J 70 74.99 5.55 -7.08
CA PRO J 70 73.94 4.66 -7.53
C PRO J 70 73.77 4.73 -9.05
N ASP J 71 73.46 3.60 -9.69
CA ASP J 71 73.36 3.50 -11.16
C ASP J 71 72.45 4.58 -11.77
N THR J 72 71.27 4.81 -11.19
CA THR J 72 70.28 5.76 -11.75
C THR J 72 70.89 7.16 -11.88
N LEU J 73 71.90 7.49 -11.06
CA LEU J 73 72.58 8.81 -11.09
C LEU J 73 73.86 8.76 -11.91
N ALA J 74 74.50 7.60 -11.95
CA ALA J 74 75.83 7.42 -12.59
C ALA J 74 75.70 7.56 -14.12
N THR J 75 74.48 7.40 -14.65
CA THR J 75 74.21 7.27 -16.11
C THR J 75 73.03 8.19 -16.44
N MET J 76 73.16 9.47 -16.11
CA MET J 76 72.11 10.51 -16.25
C MET J 76 72.47 11.43 -17.42
N THR J 77 71.56 11.65 -18.35
CA THR J 77 71.66 12.77 -19.33
C THR J 77 71.66 14.07 -18.52
N PRO J 78 72.33 15.15 -18.98
CA PRO J 78 72.15 16.45 -18.32
C PRO J 78 70.65 16.78 -18.13
N GLN J 79 69.77 16.54 -19.11
CA GLN J 79 68.33 16.95 -19.05
C GLN J 79 67.69 16.33 -17.81
N ALA J 80 68.02 15.05 -17.59
CA ALA J 80 67.56 14.26 -16.42
C ALA J 80 68.04 14.95 -15.13
N TYR J 81 69.35 15.24 -15.03
CA TYR J 81 69.95 15.97 -13.87
C TYR J 81 69.25 17.32 -13.65
N ASN J 82 69.03 18.05 -14.75
CA ASN J 82 68.58 19.46 -14.70
C ASN J 82 67.09 19.49 -14.38
N SER J 83 66.42 18.35 -14.35
CA SER J 83 64.96 18.34 -14.08
C SER J 83 64.74 17.97 -12.61
N ILE J 84 65.81 17.57 -11.90
CA ILE J 84 65.81 17.39 -10.40
C ILE J 84 65.88 18.78 -9.76
N GLN J 85 64.94 19.12 -8.90
CA GLN J 85 64.88 20.47 -8.26
C GLN J 85 64.71 20.27 -6.75
N TYR J 86 65.60 20.82 -5.94
CA TYR J 86 65.45 20.83 -4.46
C TYR J 86 64.06 21.42 -4.15
N ASP J 87 63.37 20.91 -3.15
CA ASP J 87 61.98 21.35 -2.85
C ASP J 87 62.11 22.60 -1.98
N ALA J 88 61.68 23.75 -2.50
CA ALA J 88 61.88 25.08 -1.90
C ALA J 88 61.27 25.14 -0.51
N GLU J 89 60.32 24.23 -0.24
CA GLU J 89 59.56 24.22 1.04
C GLU J 89 60.33 23.44 2.12
N LYS J 90 61.40 22.75 1.77
CA LYS J 90 62.27 22.08 2.76
C LYS J 90 63.65 22.76 2.67
N SER J 91 63.66 24.09 2.51
CA SER J 91 64.90 24.90 2.54
C SER J 91 65.52 24.79 3.94
N LEU J 92 66.81 25.07 4.04
CA LEU J 92 67.59 24.88 5.29
C LEU J 92 66.96 25.65 6.45
N TRP J 93 66.48 26.87 6.25
CA TRP J 93 66.11 27.77 7.37
C TRP J 93 64.63 28.13 7.25
N HIS J 94 63.83 27.20 6.68
CA HIS J 94 62.39 27.40 6.37
C HIS J 94 61.58 27.71 7.63
N ASN J 95 62.10 27.40 8.82
CA ASN J 95 61.40 27.62 10.11
C ASN J 95 61.81 28.95 10.75
N VAL J 96 62.85 29.60 10.26
CA VAL J 96 63.36 30.84 10.92
C VAL J 96 62.53 32.02 10.45
N GLU J 97 61.80 32.67 11.33
CA GLU J 97 60.92 33.81 10.98
C GLU J 97 61.76 35.07 10.82
N ASN J 98 61.31 35.99 9.96
CA ASN J 98 62.01 37.25 9.60
C ASN J 98 63.36 36.87 8.96
N ARG J 99 63.45 35.61 8.51
CA ARG J 99 64.62 35.10 7.74
C ARG J 99 64.99 36.11 6.66
N GLN J 100 66.27 36.48 6.53
CA GLN J 100 66.72 37.36 5.41
C GLN J 100 67.61 36.58 4.42
N LEU J 101 67.93 35.33 4.75
CA LEU J 101 68.71 34.42 3.89
C LEU J 101 68.07 33.05 3.97
N ASP J 102 68.23 32.23 2.96
CA ASP J 102 67.84 30.82 3.06
C ASP J 102 68.81 30.05 2.16
N ALA J 103 68.67 28.74 2.07
CA ALA J 103 69.66 27.87 1.42
C ALA J 103 69.01 26.61 0.86
N GLN J 104 69.56 26.12 -0.23
CA GLN J 104 69.12 24.84 -0.84
C GLN J 104 70.35 24.05 -1.26
N PHE J 105 70.16 22.76 -1.49
CA PHE J 105 71.24 21.82 -1.77
C PHE J 105 71.14 21.42 -3.23
N PHE J 106 72.29 21.17 -3.85
CA PHE J 106 72.43 20.58 -5.21
C PHE J 106 72.45 19.06 -5.11
N HIS J 107 71.81 18.36 -6.04
CA HIS J 107 71.72 16.88 -6.05
C HIS J 107 73.06 16.27 -6.50
N MET J 108 73.42 15.11 -5.95
CA MET J 108 74.56 14.33 -6.47
C MET J 108 74.24 13.95 -7.92
N GLY J 109 75.26 13.88 -8.78
CA GLY J 109 75.11 13.59 -10.21
C GLY J 109 76.07 14.39 -11.08
N MET J 110 76.17 14.03 -12.37
CA MET J 110 77.06 14.72 -13.33
C MET J 110 78.48 14.71 -12.77
N GLY J 111 79.20 15.83 -12.84
CA GLY J 111 80.59 15.92 -12.38
C GLY J 111 80.71 15.84 -10.87
N PHE J 112 79.61 15.90 -10.12
CA PHE J 112 79.69 15.92 -8.63
C PHE J 112 79.69 14.48 -8.15
N ARG J 113 80.87 13.94 -7.88
CA ARG J 113 80.98 12.51 -7.52
C ARG J 113 81.32 12.35 -6.04
N ARG J 114 81.68 13.44 -5.38
CA ARG J 114 82.02 13.39 -3.93
C ARG J 114 80.77 13.72 -3.11
N ARG J 115 80.43 12.85 -2.18
CA ARG J 115 79.26 13.00 -1.28
C ARG J 115 79.59 14.02 -0.20
N VAL J 116 79.01 15.22 -0.28
CA VAL J 116 79.28 16.29 0.72
C VAL J 116 78.20 16.21 1.77
N ARG J 117 78.59 15.87 2.99
CA ARG J 117 77.66 15.82 4.13
C ARG J 117 77.32 17.25 4.55
N MET J 118 76.11 17.48 5.04
CA MET J 118 75.60 18.81 5.43
C MET J 118 74.98 18.75 6.81
N PHE J 119 75.36 19.65 7.70
CA PHE J 119 74.87 19.67 9.10
C PHE J 119 74.33 21.07 9.42
N SER J 120 73.43 21.17 10.38
CA SER J 120 72.93 22.49 10.87
C SER J 120 73.34 22.61 12.34
N VAL J 121 74.04 23.66 12.72
CA VAL J 121 74.47 23.87 14.13
C VAL J 121 73.54 24.90 14.79
N ASP J 122 73.15 24.62 16.04
CA ASP J 122 72.58 25.61 16.97
C ASP J 122 73.75 26.30 17.67
N PRO J 123 74.00 27.60 17.39
CA PRO J 123 75.21 28.25 17.90
C PRO J 123 75.06 28.53 19.41
N ALA J 124 73.80 28.59 19.90
CA ALA J 124 73.44 28.77 21.35
C ALA J 124 73.96 27.59 22.18
N THR J 125 73.74 26.36 21.69
CA THR J 125 73.97 25.11 22.45
C THR J 125 75.21 24.36 21.95
N HIS J 126 75.86 24.78 20.87
CA HIS J 126 77.04 24.08 20.27
C HIS J 126 76.69 22.63 19.90
N LEU J 127 75.49 22.42 19.38
CA LEU J 127 74.94 21.09 19.04
C LEU J 127 74.58 21.08 17.57
N ALA J 128 75.04 20.06 16.85
CA ALA J 128 74.94 19.92 15.39
C ALA J 128 74.16 18.66 15.02
N ARG J 129 73.18 18.78 14.13
CA ARG J 129 72.38 17.64 13.62
C ARG J 129 72.60 17.51 12.12
N GLU J 130 72.83 16.30 11.60
CA GLU J 130 73.06 16.06 10.16
C GLU J 130 71.75 16.15 9.38
N ILE J 131 71.83 16.78 8.21
CA ILE J 131 70.79 16.73 7.17
C ILE J 131 71.18 15.55 6.31
N HIS J 132 70.58 14.36 6.53
CA HIS J 132 70.90 13.18 5.68
C HIS J 132 70.20 13.36 4.34
N PHE J 133 70.85 13.01 3.23
CA PHE J 133 70.16 12.93 1.92
C PHE J 133 68.89 12.10 2.08
N ARG J 134 67.85 12.40 1.27
CA ARG J 134 66.55 11.66 1.21
C ARG J 134 65.81 12.15 -0.04
N PRO J 135 65.14 11.33 -0.90
CA PRO J 135 64.52 11.86 -2.11
C PRO J 135 63.39 12.86 -1.80
N GLU J 136 62.84 12.82 -0.59
CA GLU J 136 61.74 13.72 -0.17
C GLU J 136 62.23 15.17 -0.21
N LEU J 137 63.52 15.42 0.02
CA LEU J 137 64.12 16.79 -0.06
C LEU J 137 64.10 17.30 -1.50
N PHE J 138 63.99 16.45 -2.51
CA PHE J 138 64.02 16.92 -3.92
C PHE J 138 62.68 16.62 -4.59
N LYS J 139 62.38 17.35 -5.66
CA LYS J 139 61.28 17.07 -6.63
C LYS J 139 61.92 16.56 -7.94
N TYR J 140 61.92 15.25 -8.17
CA TYR J 140 62.41 14.64 -9.44
C TYR J 140 61.25 14.76 -10.44
N ASN J 141 61.45 15.30 -11.64
CA ASN J 141 60.27 15.60 -12.49
C ASN J 141 60.32 14.67 -13.70
N ASP J 142 60.28 15.22 -14.91
CA ASP J 142 60.44 14.45 -16.17
C ASP J 142 61.72 13.60 -16.09
N ALA J 143 62.62 13.89 -15.16
CA ALA J 143 63.72 12.96 -14.81
C ALA J 143 63.12 11.54 -14.73
N GLY J 144 63.82 10.55 -15.29
CA GLY J 144 63.41 9.14 -15.12
C GLY J 144 64.40 8.49 -14.18
N VAL J 145 64.42 8.91 -12.92
CA VAL J 145 65.45 8.45 -11.95
C VAL J 145 64.80 7.39 -11.03
N ASP J 146 65.49 6.28 -10.82
CA ASP J 146 64.95 5.24 -9.89
C ASP J 146 65.08 5.73 -8.45
N THR J 147 64.21 6.64 -8.07
CA THR J 147 64.14 7.25 -6.73
C THR J 147 64.05 6.13 -5.70
N LYS J 148 63.70 4.94 -6.16
CA LYS J 148 63.60 3.78 -5.25
C LYS J 148 65.00 3.26 -4.98
N GLN J 149 65.92 3.41 -5.93
CA GLN J 149 67.30 2.95 -5.58
C GLN J 149 68.02 4.06 -4.76
N LEU J 150 67.38 5.22 -4.55
CA LEU J 150 67.95 6.28 -3.68
C LEU J 150 67.45 6.15 -2.23
N GLU J 151 66.50 5.25 -1.95
CA GLU J 151 65.71 5.25 -0.70
C GLU J 151 66.63 5.10 0.51
N GLY J 152 67.38 4.02 0.59
CA GLY J 152 68.12 3.75 1.84
C GLY J 152 69.35 4.63 2.01
N GLN J 153 69.61 5.49 1.01
CA GLN J 153 70.94 5.99 0.61
C GLN J 153 71.26 7.27 1.39
N SER J 154 71.27 7.19 2.73
CA SER J 154 71.33 8.37 3.63
C SER J 154 72.74 8.94 3.76
N ASP J 155 73.72 8.34 3.09
CA ASP J 155 75.15 8.73 3.13
C ASP J 155 75.52 9.46 1.83
N LEU J 156 74.53 9.67 0.96
CA LEU J 156 74.73 10.20 -0.41
C LEU J 156 75.04 11.70 -0.34
N GLY J 157 74.53 12.36 0.70
CA GLY J 157 74.60 13.83 0.85
C GLY J 157 74.27 14.56 -0.43
N PHE J 158 75.02 15.64 -0.69
CA PHE J 158 74.68 16.67 -1.70
C PHE J 158 75.96 17.03 -2.44
N ALA J 159 75.82 17.70 -3.58
CA ALA J 159 76.99 18.17 -4.36
C ALA J 159 77.50 19.48 -3.77
N GLY J 160 76.62 20.22 -3.12
CA GLY J 160 76.94 21.59 -2.74
C GLY J 160 75.71 22.22 -2.18
N PHE J 161 75.77 23.54 -2.00
CA PHE J 161 74.63 24.37 -1.53
C PHE J 161 74.67 25.74 -2.19
N ARG J 162 73.56 26.45 -2.14
CA ARG J 162 73.53 27.87 -2.57
C ARG J 162 72.67 28.60 -1.57
N VAL J 163 73.03 29.85 -1.30
CA VAL J 163 72.31 30.73 -0.34
C VAL J 163 71.57 31.80 -1.15
N PHE J 164 70.35 32.12 -0.74
CA PHE J 164 69.51 33.14 -1.37
C PHE J 164 69.31 34.25 -0.35
N LYS J 165 68.97 35.44 -0.79
CA LYS J 165 68.82 36.60 0.11
C LYS J 165 67.58 37.38 -0.31
N ALA J 166 66.82 37.88 0.66
CA ALA J 166 65.60 38.63 0.36
C ALA J 166 65.95 39.85 -0.47
N PRO J 167 65.11 40.32 -1.40
CA PRO J 167 63.68 40.00 -1.42
C PRO J 167 63.35 38.61 -1.99
N GLU J 168 64.29 37.98 -2.68
CA GLU J 168 64.05 36.67 -3.32
C GLU J 168 64.79 35.57 -2.55
N LEU J 169 64.09 34.84 -1.68
CA LEU J 169 64.67 33.79 -0.80
C LEU J 169 64.70 32.42 -1.49
N ALA J 170 64.25 32.31 -2.73
CA ALA J 170 64.34 31.00 -3.42
C ALA J 170 64.56 31.15 -4.92
N ARG J 171 65.19 32.23 -5.41
CA ARG J 171 65.29 32.43 -6.87
C ARG J 171 66.71 32.87 -7.25
N ARG J 172 67.22 34.03 -6.83
CA ARG J 172 68.55 34.41 -7.42
C ARG J 172 69.58 34.21 -6.33
N ASP J 173 70.32 33.12 -6.41
CA ASP J 173 71.30 32.78 -5.36
C ASP J 173 72.46 33.78 -5.46
N VAL J 174 73.01 34.15 -4.31
CA VAL J 174 74.12 35.13 -4.15
C VAL J 174 75.42 34.42 -3.77
N VAL J 175 75.33 33.20 -3.25
CA VAL J 175 76.52 32.40 -2.84
C VAL J 175 76.30 30.96 -3.30
N SER J 176 77.35 30.32 -3.78
CA SER J 176 77.29 28.93 -4.28
C SER J 176 78.64 28.24 -4.00
N PHE J 177 78.61 27.16 -3.22
CA PHE J 177 79.74 26.20 -3.06
C PHE J 177 79.33 24.92 -3.79
N LEU J 178 80.07 24.55 -4.82
CA LEU J 178 79.70 23.39 -5.66
C LEU J 178 80.91 23.02 -6.49
N GLY J 179 81.46 21.83 -6.26
CA GLY J 179 82.63 21.30 -6.97
C GLY J 179 83.92 21.39 -6.16
N ALA J 180 84.53 20.26 -5.84
CA ALA J 180 85.81 20.19 -5.10
C ALA J 180 85.82 21.19 -3.91
N SER J 181 86.77 22.12 -3.90
CA SER J 181 86.90 23.18 -2.86
C SER J 181 86.42 24.50 -3.44
N TYR J 182 85.66 24.45 -4.54
CA TYR J 182 85.31 25.62 -5.39
C TYR J 182 84.01 26.29 -4.90
N PHE J 183 84.05 27.62 -4.84
CA PHE J 183 82.88 28.44 -4.45
C PHE J 183 82.86 29.73 -5.27
N ARG J 184 81.71 30.39 -5.34
CA ARG J 184 81.60 31.68 -6.06
C ARG J 184 80.51 32.54 -5.43
N ALA J 185 80.51 33.83 -5.72
CA ALA J 185 79.44 34.73 -5.23
C ALA J 185 79.20 35.89 -6.21
N VAL J 186 78.25 36.77 -5.93
CA VAL J 186 77.83 37.86 -6.83
C VAL J 186 77.65 39.16 -6.03
N ASP J 187 77.81 40.29 -6.72
CA ASP J 187 77.44 41.61 -6.18
C ASP J 187 76.03 41.95 -6.66
N ASP J 188 75.67 43.24 -6.66
CA ASP J 188 74.27 43.68 -6.82
C ASP J 188 73.83 43.52 -8.29
N THR J 189 74.69 42.97 -9.16
CA THR J 189 74.35 42.59 -10.56
C THR J 189 73.74 41.19 -10.61
N TYR J 190 74.01 40.37 -9.60
CA TYR J 190 73.47 39.00 -9.39
C TYR J 190 74.07 38.01 -10.38
N GLN J 191 75.04 38.45 -11.19
CA GLN J 191 75.68 37.63 -12.23
C GLN J 191 76.95 36.98 -11.67
N TYR J 192 77.00 35.66 -11.72
CA TYR J 192 78.14 34.82 -11.27
C TYR J 192 79.24 34.93 -12.33
N GLY J 193 80.49 34.92 -11.87
CA GLY J 193 81.63 34.92 -12.80
C GLY J 193 82.77 34.10 -12.27
N LEU J 194 83.82 34.81 -11.86
CA LEU J 194 85.04 34.16 -11.37
C LEU J 194 84.78 33.28 -10.15
N SER J 195 85.70 32.38 -9.88
CA SER J 195 85.62 31.38 -8.78
C SER J 195 86.73 31.60 -7.76
N ALA J 196 86.48 31.20 -6.53
CA ALA J 196 87.51 31.05 -5.49
C ALA J 196 87.64 29.56 -5.19
N ARG J 197 88.64 29.15 -4.41
CA ARG J 197 88.76 27.75 -3.91
C ARG J 197 89.23 27.74 -2.45
N GLY J 198 89.02 26.62 -1.76
CA GLY J 198 89.52 26.47 -0.39
C GLY J 198 91.02 26.44 -0.43
N LEU J 199 91.53 25.76 -1.46
CA LEU J 199 92.96 25.40 -1.60
C LEU J 199 93.23 24.92 -3.03
N ALA J 200 94.47 25.11 -3.46
CA ALA J 200 95.02 24.57 -4.71
C ALA J 200 96.29 23.81 -4.34
N ILE J 201 96.54 22.69 -5.03
CA ILE J 201 97.69 21.78 -4.76
C ILE J 201 98.27 21.39 -6.11
N ASP J 202 99.56 21.69 -6.33
CA ASP J 202 100.27 21.20 -7.54
C ASP J 202 99.55 21.71 -8.80
N THR J 203 99.14 22.98 -8.84
CA THR J 203 98.48 23.56 -10.05
C THR J 203 99.48 23.55 -11.21
N TYR J 204 100.76 23.77 -10.95
CA TYR J 204 101.85 23.87 -11.96
C TYR J 204 103.12 23.16 -11.43
N THR J 205 103.39 21.90 -11.84
CA THR J 205 104.67 21.14 -11.58
C THR J 205 104.78 19.88 -12.45
N ASP J 206 105.84 19.08 -12.24
CA ASP J 206 106.12 17.77 -12.89
C ASP J 206 104.84 16.90 -12.84
N SER J 207 104.25 16.75 -11.66
CA SER J 207 103.04 15.88 -11.44
C SER J 207 101.75 16.56 -11.94
N LYS J 208 100.63 15.84 -11.92
CA LYS J 208 99.29 16.35 -12.26
C LYS J 208 98.72 17.09 -11.03
N GLU J 209 97.70 17.97 -11.22
CA GLU J 209 97.12 18.85 -10.15
C GLU J 209 96.22 18.01 -9.24
N GLU J 210 96.28 18.23 -7.93
CA GLU J 210 95.37 17.60 -6.94
C GLU J 210 94.31 18.63 -6.54
N PHE J 211 93.04 18.20 -6.60
CA PHE J 211 91.81 18.99 -6.30
C PHE J 211 91.21 18.54 -4.97
N PRO J 212 91.56 19.20 -3.86
CA PRO J 212 90.89 18.94 -2.59
C PRO J 212 89.37 19.14 -2.73
N ASP J 213 88.65 18.44 -1.88
CA ASP J 213 87.19 18.51 -1.88
C ASP J 213 86.71 18.99 -0.52
N PHE J 214 85.65 19.79 -0.47
CA PHE J 214 85.01 20.12 0.82
C PHE J 214 84.11 18.92 1.05
N THR J 215 84.31 18.15 2.11
CA THR J 215 83.60 16.87 2.31
C THR J 215 82.42 17.04 3.25
N ALA J 216 82.36 18.17 3.94
CA ALA J 216 81.22 18.45 4.84
C ALA J 216 81.18 19.94 5.09
N PHE J 217 79.98 20.42 5.43
CA PHE J 217 79.65 21.82 5.79
C PHE J 217 78.71 21.80 6.98
N TRP J 218 79.02 22.62 7.98
CA TRP J 218 78.20 22.84 9.19
C TRP J 218 77.72 24.27 9.13
N PHE J 219 76.41 24.49 9.20
CA PHE J 219 75.73 25.78 9.01
C PHE J 219 75.10 26.23 10.31
N ASP J 220 75.65 27.25 10.98
CA ASP J 220 74.97 27.92 12.12
C ASP J 220 73.58 28.30 11.62
N THR J 221 72.53 28.11 12.43
CA THR J 221 71.16 28.59 12.10
C THR J 221 71.18 30.12 11.98
N VAL J 222 70.66 30.65 10.88
CA VAL J 222 70.65 32.12 10.65
C VAL J 222 69.73 32.75 11.70
N LYS J 223 70.11 33.93 12.19
CA LYS J 223 69.27 34.72 13.10
C LYS J 223 68.20 35.45 12.30
N PRO J 224 67.02 35.67 12.92
CA PRO J 224 65.98 36.50 12.34
C PRO J 224 66.58 37.87 12.01
N GLY J 225 66.35 38.34 10.78
CA GLY J 225 66.72 39.70 10.35
C GLY J 225 68.16 39.79 9.88
N ALA J 226 68.99 38.79 10.14
CA ALA J 226 70.43 38.81 9.78
C ALA J 226 70.63 38.50 8.30
N THR J 227 71.62 39.20 7.72
CA THR J 227 72.16 38.97 6.35
C THR J 227 73.60 38.41 6.48
N THR J 228 74.07 38.11 7.69
CA THR J 228 75.31 37.33 7.91
C THR J 228 74.94 35.87 8.27
N PHE J 229 75.61 34.92 7.65
CA PHE J 229 75.54 33.50 8.06
C PHE J 229 76.95 32.97 8.26
N THR J 230 77.08 31.95 9.09
CA THR J 230 78.38 31.28 9.33
C THR J 230 78.30 29.82 8.89
N VAL J 231 79.23 29.39 8.06
CA VAL J 231 79.31 27.97 7.58
C VAL J 231 80.74 27.48 7.80
N TYR J 232 80.89 26.39 8.57
CA TYR J 232 82.17 25.65 8.72
C TYR J 232 82.29 24.62 7.60
N ALA J 233 83.53 24.24 7.26
CA ALA J 233 83.82 23.29 6.17
C ALA J 233 85.02 22.42 6.54
N LEU J 234 84.89 21.13 6.27
CA LEU J 234 86.01 20.15 6.36
C LEU J 234 86.55 19.97 4.95
N LEU J 235 87.85 20.22 4.75
CA LEU J 235 88.58 19.97 3.48
C LEU J 235 89.39 18.68 3.67
N ASP J 236 89.46 17.86 2.63
CA ASP J 236 90.07 16.51 2.68
C ASP J 236 90.58 16.19 1.28
N SER J 237 91.84 15.77 1.20
CA SER J 237 92.56 15.56 -0.08
C SER J 237 93.74 14.62 0.18
N ALA J 238 94.18 13.88 -0.84
CA ALA J 238 95.31 12.91 -0.74
C ALA J 238 96.42 13.52 0.13
N SER J 239 96.86 14.73 -0.20
CA SER J 239 98.03 15.39 0.43
C SER J 239 97.68 16.15 1.71
N ILE J 240 96.43 16.54 1.97
CA ILE J 240 96.18 17.59 3.02
C ILE J 240 94.73 17.54 3.49
N THR J 241 94.52 17.85 4.76
CA THR J 241 93.17 18.12 5.33
C THR J 241 93.14 19.57 5.78
N GLY J 242 91.94 20.13 5.94
CA GLY J 242 91.79 21.45 6.57
C GLY J 242 90.46 21.63 7.27
N ALA J 243 90.46 22.55 8.23
CA ALA J 243 89.25 23.05 8.91
C ALA J 243 89.08 24.53 8.52
N TYR J 244 87.90 24.89 8.04
CA TYR J 244 87.56 26.24 7.51
C TYR J 244 86.32 26.79 8.23
N LYS J 245 86.35 28.08 8.56
CA LYS J 245 85.17 28.84 9.04
C LYS J 245 84.95 30.03 8.11
N PHE J 246 83.82 30.07 7.42
CA PHE J 246 83.38 31.20 6.57
C PHE J 246 82.31 31.97 7.32
N THR J 247 82.57 33.25 7.58
CA THR J 247 81.58 34.23 8.12
C THR J 247 81.19 35.10 6.93
N ILE J 248 79.98 34.91 6.42
CA ILE J 248 79.63 35.40 5.05
C ILE J 248 78.57 36.49 5.22
N HIS J 249 78.93 37.69 4.81
CA HIS J 249 78.12 38.93 4.91
C HIS J 249 77.52 39.28 3.56
N CYS J 250 76.21 39.09 3.41
CA CYS J 250 75.45 39.45 2.19
C CYS J 250 75.00 40.89 2.37
N GLU J 251 75.94 41.80 2.11
CA GLU J 251 75.80 43.27 2.20
C GLU J 251 74.95 43.72 0.99
N LYS J 252 74.53 44.99 0.99
CA LYS J 252 73.63 45.55 -0.05
C LYS J 252 74.29 45.47 -1.43
N SER J 253 75.52 45.95 -1.55
CA SER J 253 76.17 46.10 -2.88
C SER J 253 77.16 44.98 -3.19
N GLN J 254 77.46 44.11 -2.21
CA GLN J 254 78.50 43.05 -2.36
C GLN J 254 78.31 41.93 -1.32
N VAL J 255 79.02 40.83 -1.56
CA VAL J 255 79.27 39.74 -0.57
C VAL J 255 80.71 39.86 -0.09
N ILE J 256 80.89 39.87 1.22
CA ILE J 256 82.19 39.82 1.93
C ILE J 256 82.24 38.53 2.74
N MET J 257 83.27 37.72 2.52
CA MET J 257 83.52 36.47 3.30
C MET J 257 84.78 36.67 4.15
N ASP J 258 84.62 36.62 5.46
CA ASP J 258 85.73 36.40 6.43
C ASP J 258 86.07 34.91 6.44
N VAL J 259 87.27 34.52 6.00
CA VAL J 259 87.73 33.09 5.97
C VAL J 259 88.79 32.91 7.05
N GLU J 260 88.60 31.95 7.95
CA GLU J 260 89.68 31.40 8.80
C GLU J 260 89.93 29.93 8.43
N ASN J 261 91.18 29.51 8.20
CA ASN J 261 91.46 28.08 7.92
C ASN J 261 92.62 27.58 8.80
N HIS J 262 92.67 26.26 8.94
CA HIS J 262 93.71 25.44 9.60
C HIS J 262 93.99 24.25 8.71
N LEU J 263 95.23 24.15 8.23
CA LEU J 263 95.67 23.13 7.25
C LEU J 263 96.65 22.14 7.91
N TYR J 264 96.62 20.89 7.48
CA TYR J 264 97.33 19.75 8.11
C TYR J 264 97.90 18.88 6.98
N ALA J 265 99.19 19.03 6.68
CA ALA J 265 99.84 18.30 5.58
C ALA J 265 99.96 16.83 5.97
N ARG J 266 99.34 15.97 5.17
CA ARG J 266 99.55 14.48 5.20
C ARG J 266 100.94 14.13 4.68
N LYS J 267 101.26 14.58 3.46
CA LYS J 267 102.51 14.30 2.72
C LYS J 267 103.31 15.58 2.46
N ASP J 268 104.50 15.39 1.91
CA ASP J 268 105.25 16.41 1.14
C ASP J 268 104.35 16.94 0.02
N ILE J 269 104.40 18.23 -0.24
CA ILE J 269 103.60 18.90 -1.31
C ILE J 269 104.52 19.81 -2.12
N LYS J 270 104.60 19.60 -3.43
CA LYS J 270 105.41 20.44 -4.34
C LYS J 270 104.86 21.88 -4.36
N GLN J 271 103.54 22.09 -4.44
CA GLN J 271 102.96 23.46 -4.55
C GLN J 271 101.67 23.59 -3.72
N LEU J 272 101.73 24.39 -2.66
CA LEU J 272 100.56 24.78 -1.83
C LEU J 272 100.08 26.15 -2.27
N GLY J 273 98.81 26.27 -2.69
CA GLY J 273 98.17 27.57 -3.03
C GLY J 273 97.16 28.04 -1.97
N ILE J 274 97.42 29.14 -1.28
CA ILE J 274 96.46 29.74 -0.30
C ILE J 274 95.51 30.68 -1.04
N ALA J 275 94.25 30.70 -0.62
CA ALA J 275 93.22 31.69 -1.06
C ALA J 275 93.15 31.77 -2.59
N PRO J 276 93.23 30.64 -3.31
CA PRO J 276 93.17 30.68 -4.76
C PRO J 276 91.90 31.30 -5.34
N MET J 277 92.08 31.69 -6.61
CA MET J 277 91.08 32.26 -7.52
C MET J 277 91.25 31.53 -8.85
N THR J 278 90.13 31.38 -9.56
CA THR J 278 90.07 30.82 -10.92
C THR J 278 89.13 31.72 -11.74
N SER J 279 89.60 32.20 -12.88
CA SER J 279 88.85 33.12 -13.77
C SER J 279 89.11 32.69 -15.21
N MET J 280 88.66 33.51 -16.15
CA MET J 280 88.86 33.23 -17.60
C MET J 280 89.27 34.51 -18.31
N PHE J 281 90.16 34.39 -19.30
CA PHE J 281 90.56 35.53 -20.17
C PHE J 281 90.83 35.00 -21.58
N SER J 282 89.97 35.32 -22.53
CA SER J 282 90.03 34.81 -23.93
C SER J 282 90.51 35.92 -24.86
N CYS J 283 89.87 37.08 -24.76
CA CYS J 283 90.10 38.24 -25.64
C CYS J 283 89.93 39.52 -24.83
N GLY J 284 90.99 40.34 -24.74
CA GLY J 284 90.92 41.68 -24.13
C GLY J 284 91.37 42.75 -25.11
N THR J 285 91.89 43.85 -24.58
CA THR J 285 92.42 44.96 -25.39
C THR J 285 93.90 44.70 -25.70
N ASN J 286 94.53 43.77 -24.97
CA ASN J 286 96.00 43.50 -25.04
C ASN J 286 96.32 42.19 -25.77
N GLU J 287 97.02 42.31 -26.90
CA GLU J 287 97.59 41.19 -27.71
C GLU J 287 96.42 40.32 -28.11
N ARG J 288 95.56 40.90 -28.95
CA ARG J 288 94.26 40.31 -29.33
C ARG J 288 94.54 39.18 -30.33
N ARG J 289 95.10 38.04 -29.90
CA ARG J 289 95.34 36.88 -30.82
C ARG J 289 94.15 35.90 -30.90
N MET J 290 93.12 36.01 -30.06
CA MET J 290 92.00 35.04 -30.04
C MET J 290 90.67 35.79 -29.97
N CYS J 291 90.42 36.64 -30.98
CA CYS J 291 89.33 37.64 -30.96
C CYS J 291 88.47 37.50 -32.20
N ASP J 292 88.37 36.30 -32.74
CA ASP J 292 87.60 36.09 -33.99
C ASP J 292 86.18 35.60 -33.63
N THR J 293 85.49 36.30 -32.72
CA THR J 293 84.05 36.08 -32.38
C THR J 293 83.30 37.38 -32.62
N ILE J 294 81.98 37.40 -32.42
CA ILE J 294 81.13 38.62 -32.54
C ILE J 294 81.36 39.52 -31.32
N HIS J 295 82.12 39.06 -30.34
CA HIS J 295 82.35 39.79 -29.07
C HIS J 295 83.66 40.56 -29.12
N PRO J 296 83.62 41.91 -29.03
CA PRO J 296 84.86 42.68 -29.02
C PRO J 296 85.83 42.16 -27.93
N GLN J 297 85.28 41.69 -26.80
CA GLN J 297 86.04 41.15 -25.63
C GLN J 297 85.26 40.00 -24.98
N ILE J 298 86.02 39.03 -24.44
CA ILE J 298 85.53 37.83 -23.70
C ILE J 298 86.49 37.62 -22.53
N HIS J 299 86.06 37.88 -21.30
CA HIS J 299 86.86 37.59 -20.08
C HIS J 299 85.98 37.71 -18.84
N ASP J 300 86.28 36.90 -17.80
CA ASP J 300 85.60 36.96 -16.47
C ASP J 300 86.32 37.95 -15.56
N SER J 301 87.59 38.19 -15.89
CA SER J 301 88.52 39.11 -15.18
C SER J 301 89.50 39.65 -16.23
N ASP J 302 90.08 40.84 -16.01
CA ASP J 302 90.99 41.46 -17.03
C ASP J 302 92.39 41.66 -16.47
N ARG J 303 92.59 41.59 -15.15
CA ARG J 303 93.91 41.91 -14.60
C ARG J 303 94.15 41.24 -13.26
N LEU J 304 95.41 40.96 -12.92
CA LEU J 304 95.83 40.68 -11.51
C LEU J 304 96.22 42.03 -10.91
N SER J 305 95.63 42.40 -9.79
CA SER J 305 96.04 43.61 -9.03
C SER J 305 96.64 43.20 -7.70
N MET J 306 97.75 43.83 -7.30
CA MET J 306 98.53 43.42 -6.12
C MET J 306 98.85 44.67 -5.30
N TRP J 307 98.49 44.63 -4.02
CA TRP J 307 99.00 45.54 -2.97
C TRP J 307 100.13 44.81 -2.27
N ARG J 308 101.36 45.31 -2.43
CA ARG J 308 102.57 44.61 -1.90
C ARG J 308 102.79 45.02 -0.44
N GLY J 309 103.63 44.29 0.28
CA GLY J 309 103.87 44.52 1.73
C GLY J 309 104.50 45.87 1.98
N ASN J 310 105.27 46.37 1.01
CA ASN J 310 105.94 47.68 1.09
C ASN J 310 105.01 48.83 0.64
N GLY J 311 103.75 48.57 0.27
CA GLY J 311 102.77 49.60 -0.13
C GLY J 311 102.65 49.81 -1.64
N GLU J 312 103.54 49.23 -2.45
CA GLU J 312 103.54 49.39 -3.93
C GLU J 312 102.28 48.73 -4.52
N TRP J 313 101.72 49.30 -5.56
CA TRP J 313 100.52 48.75 -6.24
C TRP J 313 100.93 48.21 -7.59
N ILE J 314 100.39 47.08 -8.02
CA ILE J 314 100.74 46.55 -9.36
C ILE J 314 99.46 46.24 -10.10
N CYS J 315 99.49 46.54 -11.40
CA CYS J 315 98.44 46.17 -12.38
C CYS J 315 99.09 45.26 -13.40
N ARG J 316 98.70 43.99 -13.40
CA ARG J 316 99.25 43.01 -14.37
C ARG J 316 98.08 42.61 -15.25
N PRO J 317 97.90 43.22 -16.43
CA PRO J 317 96.89 42.73 -17.38
C PRO J 317 97.16 41.26 -17.65
N LEU J 318 96.09 40.45 -17.61
CA LEU J 318 96.08 39.00 -17.93
C LEU J 318 96.28 38.80 -19.44
N ASN J 319 96.93 37.71 -19.85
CA ASN J 319 97.12 37.39 -21.28
C ASN J 319 96.39 36.08 -21.55
N ASN J 320 95.99 35.85 -22.80
CA ASN J 320 95.66 34.52 -23.37
C ASN J 320 96.84 34.16 -24.28
N PRO J 321 97.92 33.58 -23.71
CA PRO J 321 99.18 33.34 -24.42
C PRO J 321 99.13 32.07 -25.27
N GLN J 322 99.96 31.93 -26.31
CA GLN J 322 99.86 30.72 -27.19
C GLN J 322 100.51 29.53 -26.46
N LYS J 323 101.33 29.79 -25.45
CA LYS J 323 102.01 28.74 -24.63
C LYS J 323 101.73 28.95 -23.14
N LEU J 324 101.57 27.85 -22.41
CA LEU J 324 101.26 27.87 -20.97
C LEU J 324 102.39 28.58 -20.25
N GLN J 325 102.03 29.56 -19.43
CA GLN J 325 102.92 30.43 -18.61
C GLN J 325 102.55 30.29 -17.14
N PHE J 326 103.55 30.44 -16.27
CA PHE J 326 103.40 30.57 -14.81
C PHE J 326 104.30 31.71 -14.33
N ASN J 327 103.76 32.62 -13.53
CA ASN J 327 104.50 33.81 -13.03
C ASN J 327 104.39 33.83 -11.51
N ALA J 328 105.51 34.00 -10.83
CA ALA J 328 105.57 34.09 -9.37
C ALA J 328 106.01 35.49 -8.97
N TYR J 329 105.09 36.31 -8.44
CA TYR J 329 105.41 37.68 -7.98
C TYR J 329 105.89 37.61 -6.52
N THR J 330 107.20 37.73 -6.30
CA THR J 330 107.77 37.74 -4.93
C THR J 330 107.13 38.84 -4.10
N ASP J 331 106.83 38.57 -2.83
CA ASP J 331 106.24 39.58 -1.92
C ASP J 331 106.47 39.12 -0.48
N ASN J 332 106.17 39.99 0.45
CA ASN J 332 106.39 39.74 1.87
C ASN J 332 105.35 40.50 2.68
N ASN J 333 104.42 39.73 3.25
CA ASN J 333 103.25 40.23 4.00
C ASN J 333 102.36 41.01 3.05
N PRO J 334 101.88 40.34 1.97
CA PRO J 334 101.01 40.97 0.99
C PRO J 334 99.84 41.63 1.71
N LYS J 335 99.50 42.87 1.34
CA LYS J 335 98.36 43.62 1.92
C LYS J 335 97.06 43.17 1.25
N GLY J 336 97.14 42.77 -0.04
CA GLY J 336 95.96 42.37 -0.83
C GLY J 336 96.33 42.01 -2.24
N PHE J 337 95.48 41.25 -2.90
CA PHE J 337 95.68 40.87 -4.32
C PHE J 337 94.33 40.35 -4.81
N GLY J 338 94.05 40.50 -6.10
CA GLY J 338 92.73 40.20 -6.68
C GLY J 338 92.76 40.04 -8.19
N LEU J 339 91.78 39.30 -8.70
CA LEU J 339 91.46 39.23 -10.13
C LEU J 339 90.23 40.11 -10.33
N LEU J 340 90.45 41.24 -11.02
CA LEU J 340 89.46 42.33 -11.21
C LEU J 340 88.89 42.31 -12.65
N GLN J 341 87.59 42.64 -12.72
CA GLN J 341 86.85 42.90 -13.98
C GLN J 341 86.45 44.37 -13.96
N LEU J 342 87.31 45.26 -14.50
CA LEU J 342 87.10 46.74 -14.36
C LEU J 342 86.48 47.36 -15.63
N ASP J 343 86.33 46.59 -16.72
CA ASP J 343 85.55 47.04 -17.91
C ASP J 343 84.09 46.66 -17.70
N ARG J 344 83.25 47.63 -17.32
CA ARG J 344 81.84 47.39 -16.89
C ARG J 344 80.85 47.60 -18.05
N ASP J 345 81.36 47.79 -19.26
CA ASP J 345 80.63 48.42 -20.39
C ASP J 345 80.18 47.31 -21.33
N PHE J 346 78.87 47.10 -21.40
CA PHE J 346 78.22 46.02 -22.16
C PHE J 346 78.68 46.04 -23.63
N SER J 347 78.84 47.23 -24.22
CA SER J 347 79.11 47.35 -25.68
C SER J 347 80.47 46.72 -26.05
N HIS J 348 81.32 46.51 -25.04
CA HIS J 348 82.71 46.01 -25.16
C HIS J 348 82.75 44.48 -25.23
N TYR J 349 81.68 43.81 -24.83
CA TYR J 349 81.60 42.33 -24.78
C TYR J 349 80.43 41.81 -25.63
N GLN J 350 79.29 42.50 -25.59
CA GLN J 350 78.12 42.18 -26.44
C GLN J 350 77.64 40.77 -26.10
N ASP J 351 77.88 40.26 -24.88
CA ASP J 351 77.46 38.89 -24.49
C ASP J 351 76.15 38.98 -23.72
N ILE J 352 75.07 38.45 -24.29
CA ILE J 352 73.70 38.47 -23.71
C ILE J 352 73.36 37.11 -23.08
N MET J 353 74.24 36.11 -23.22
CA MET J 353 74.17 34.82 -22.50
C MET J 353 74.75 34.97 -21.09
N GLY J 354 76.03 35.34 -20.97
CA GLY J 354 76.80 35.31 -19.71
C GLY J 354 77.15 36.68 -19.12
N TRP J 355 76.78 37.78 -19.77
CA TRP J 355 76.85 39.15 -19.20
C TRP J 355 78.22 39.40 -18.54
N TYR J 356 79.31 39.25 -19.29
CA TYR J 356 80.71 39.45 -18.82
C TYR J 356 80.86 40.78 -18.09
N ASN J 357 80.10 41.79 -18.52
CA ASN J 357 80.20 43.20 -18.04
C ASN J 357 79.67 43.33 -16.60
N LYS J 358 78.81 42.39 -16.20
CA LYS J 358 78.19 42.37 -14.85
C LYS J 358 78.97 41.47 -13.88
N ARG J 359 79.96 40.72 -14.38
CA ARG J 359 80.72 39.73 -13.57
C ARG J 359 81.67 40.44 -12.61
N PRO J 360 81.80 39.92 -11.38
CA PRO J 360 82.46 40.67 -10.32
C PRO J 360 83.98 40.58 -10.38
N SER J 361 84.56 41.45 -9.55
CA SER J 361 85.98 41.38 -9.13
C SER J 361 86.04 40.57 -7.84
N LEU J 362 87.22 40.02 -7.56
CA LEU J 362 87.51 39.30 -6.31
C LEU J 362 88.75 39.89 -5.68
N TRP J 363 88.66 40.33 -4.43
CA TRP J 363 89.80 40.90 -3.66
C TRP J 363 90.08 40.03 -2.43
N VAL J 364 91.34 39.58 -2.31
CA VAL J 364 91.83 38.77 -1.16
C VAL J 364 92.55 39.72 -0.20
N GLU J 365 92.03 39.90 1.02
CA GLU J 365 92.69 40.74 2.05
C GLU J 365 93.17 39.83 3.16
N PRO J 366 94.48 39.50 3.17
CA PRO J 366 95.07 38.84 4.32
C PRO J 366 94.73 39.62 5.59
N ARG J 367 94.37 38.89 6.64
CA ARG J 367 94.02 39.49 7.96
C ARG J 367 95.13 39.24 8.96
N ASN J 368 95.98 38.24 8.73
CA ASN J 368 97.25 38.02 9.48
C ASN J 368 98.42 38.30 8.53
N LYS J 369 99.63 38.40 9.06
CA LYS J 369 100.82 38.67 8.22
C LYS J 369 101.31 37.33 7.67
N TRP J 370 101.31 37.18 6.35
CA TRP J 370 101.57 35.87 5.68
C TRP J 370 103.05 35.70 5.38
N GLY J 371 103.88 36.69 5.73
CA GLY J 371 105.34 36.63 5.55
C GLY J 371 105.78 36.40 4.12
N LYS J 372 106.92 35.71 3.95
CA LYS J 372 107.62 35.68 2.64
C LYS J 372 106.95 34.63 1.79
N GLY J 373 106.80 34.91 0.50
CA GLY J 373 106.23 33.97 -0.47
C GLY J 373 106.15 34.57 -1.85
N THR J 374 105.29 34.03 -2.69
CA THR J 374 105.07 34.53 -4.06
C THR J 374 103.58 34.46 -4.37
N ILE J 375 103.09 35.42 -5.15
CA ILE J 375 101.75 35.36 -5.79
C ILE J 375 101.97 34.68 -7.14
N GLY J 376 101.40 33.50 -7.28
CA GLY J 376 101.46 32.68 -8.49
C GLY J 376 100.32 33.05 -9.41
N LEU J 377 100.63 33.20 -10.69
CA LEU J 377 99.63 33.44 -11.72
C LEU J 377 99.91 32.47 -12.86
N MET J 378 99.04 31.48 -13.01
CA MET J 378 99.10 30.54 -14.17
C MET J 378 98.08 30.99 -15.21
N GLU J 379 98.57 31.17 -16.43
CA GLU J 379 97.72 31.58 -17.57
C GLU J 379 97.81 30.45 -18.60
N ILE J 380 96.72 29.72 -18.79
CA ILE J 380 96.69 28.59 -19.75
C ILE J 380 96.11 29.10 -21.06
N PRO J 381 96.56 28.60 -22.22
CA PRO J 381 95.96 28.96 -23.50
C PRO J 381 94.52 28.48 -23.77
N THR J 382 93.58 29.38 -24.06
CA THR J 382 92.19 29.07 -24.45
C THR J 382 91.99 29.48 -25.90
N THR J 383 90.95 28.91 -26.50
CA THR J 383 90.45 29.25 -27.85
C THR J 383 89.00 29.73 -27.75
N GLY J 384 88.53 30.08 -26.54
CA GLY J 384 87.15 30.55 -26.30
C GLY J 384 86.84 30.73 -24.82
N GLU J 385 85.60 30.48 -24.43
CA GLU J 385 85.21 30.82 -23.04
C GLU J 385 85.00 29.61 -22.13
N THR J 386 85.07 28.39 -22.67
CA THR J 386 84.72 27.17 -21.89
C THR J 386 85.80 26.80 -20.86
N LEU J 387 87.02 27.30 -21.03
CA LEU J 387 88.13 26.87 -20.13
C LEU J 387 88.49 27.98 -19.16
N ASN J 388 88.43 27.68 -17.87
CA ASN J 388 88.91 28.64 -16.85
C ASN J 388 90.41 28.51 -16.99
N ASN J 389 91.04 29.50 -17.60
CA ASN J 389 92.44 29.39 -18.08
C ASN J 389 93.32 30.35 -17.27
N ILE J 390 92.80 30.87 -16.15
CA ILE J 390 93.53 31.82 -15.25
C ILE J 390 93.42 31.28 -13.82
N VAL J 391 94.55 30.97 -13.19
CA VAL J 391 94.59 30.56 -11.75
C VAL J 391 95.57 31.45 -11.02
N CYS J 392 95.18 31.93 -9.84
CA CYS J 392 96.04 32.79 -9.00
C CYS J 392 95.89 32.39 -7.53
N PHE J 393 96.98 32.39 -6.78
CA PHE J 393 97.03 31.95 -5.35
C PHE J 393 98.31 32.48 -4.72
N TRP J 394 98.34 32.52 -3.38
CA TRP J 394 99.55 32.75 -2.54
C TRP J 394 100.23 31.42 -2.27
N GLN J 395 101.55 31.40 -2.45
CA GLN J 395 102.37 30.20 -2.16
C GLN J 395 103.48 30.58 -1.19
N PRO J 396 103.48 30.06 0.06
CA PRO J 396 104.55 30.35 1.02
C PRO J 396 105.92 29.94 0.48
N GLU J 397 106.91 30.78 0.73
CA GLU J 397 108.34 30.56 0.38
C GLU J 397 108.83 29.15 0.80
N LYS J 398 108.50 28.75 2.03
CA LYS J 398 108.95 27.50 2.69
C LYS J 398 108.25 26.26 2.11
N ALA J 399 109.03 25.32 1.58
CA ALA J 399 108.57 24.02 1.03
C ALA J 399 107.77 23.29 2.09
N VAL J 400 106.68 22.65 1.67
CA VAL J 400 105.70 22.01 2.57
C VAL J 400 106.03 20.54 2.72
N LYS J 401 106.20 20.10 3.97
CA LYS J 401 106.63 18.73 4.34
C LYS J 401 105.53 18.12 5.20
N ALA J 402 105.35 16.78 5.14
CA ALA J 402 104.38 16.01 5.95
C ALA J 402 104.44 16.46 7.41
N GLY J 403 103.29 16.71 8.03
CA GLY J 403 103.17 17.13 9.44
C GLY J 403 103.07 18.63 9.59
N ASP J 404 103.33 19.39 8.52
CA ASP J 404 103.24 20.89 8.58
C ASP J 404 101.78 21.27 8.83
N GLU J 405 101.58 22.23 9.75
CA GLU J 405 100.29 22.85 10.10
C GLU J 405 100.37 24.32 9.69
N PHE J 406 99.27 24.88 9.21
CA PHE J 406 99.19 26.27 8.71
C PHE J 406 97.93 26.85 9.28
N ALA J 407 97.85 28.18 9.38
CA ALA J 407 96.59 28.93 9.66
C ALA J 407 96.62 30.27 8.94
N PHE J 408 95.68 30.48 8.02
CA PHE J 408 95.52 31.73 7.26
C PHE J 408 94.14 32.29 7.52
N GLN J 409 94.07 33.60 7.77
CA GLN J 409 92.80 34.35 7.84
C GLN J 409 92.79 35.33 6.67
N TYR J 410 91.71 35.40 5.92
CA TYR J 410 91.63 36.39 4.81
C TYR J 410 90.19 36.82 4.62
N ARG J 411 89.99 38.06 4.15
CA ARG J 411 88.65 38.56 3.79
C ARG J 411 88.55 38.42 2.27
N LEU J 412 87.50 37.79 1.74
CA LEU J 412 87.18 37.86 0.29
C LEU J 412 86.08 38.92 0.04
N TYR J 413 86.30 39.79 -0.95
CA TYR J 413 85.31 40.78 -1.43
C TYR J 413 84.90 40.41 -2.85
N TRP J 414 83.63 40.05 -2.97
CA TRP J 414 82.94 39.78 -4.27
C TRP J 414 82.21 41.06 -4.62
N SER J 415 82.79 41.88 -5.48
CA SER J 415 82.11 43.13 -5.93
C SER J 415 82.79 43.69 -7.18
N ALA J 416 82.03 44.35 -8.04
CA ALA J 416 82.57 44.98 -9.28
C ALA J 416 83.88 45.72 -8.96
N GLN J 417 83.85 46.61 -7.98
CA GLN J 417 85.02 47.44 -7.62
C GLN J 417 85.69 46.82 -6.40
N PRO J 418 87.02 46.62 -6.39
CA PRO J 418 87.68 46.08 -5.21
C PRO J 418 87.42 47.07 -4.09
N PRO J 419 87.57 46.70 -2.80
CA PRO J 419 87.32 47.65 -1.72
C PRO J 419 88.49 48.62 -1.51
N VAL J 420 89.61 48.38 -2.18
CA VAL J 420 90.83 49.23 -2.05
C VAL J 420 91.49 49.28 -3.40
N HIS J 421 92.10 50.43 -3.70
CA HIS J 421 92.78 50.69 -5.00
C HIS J 421 93.93 51.66 -4.76
N CYS J 422 94.82 51.82 -5.73
CA CYS J 422 95.95 52.78 -5.60
C CYS J 422 95.43 54.20 -5.33
N PRO J 423 95.97 54.93 -4.32
CA PRO J 423 95.57 56.33 -4.12
C PRO J 423 96.09 57.21 -5.26
N LEU J 424 97.03 56.71 -6.06
CA LEU J 424 97.65 57.51 -7.14
C LEU J 424 97.01 57.17 -8.48
N ALA J 425 97.69 57.48 -9.59
CA ALA J 425 97.17 57.15 -10.94
C ALA J 425 96.96 55.64 -11.06
N ARG J 426 95.91 55.23 -11.76
CA ARG J 426 95.59 53.79 -11.91
C ARG J 426 95.53 53.45 -13.39
N VAL J 427 96.08 52.30 -13.78
CA VAL J 427 95.97 51.84 -15.19
C VAL J 427 94.49 51.61 -15.50
N MET J 428 93.90 52.33 -16.44
CA MET J 428 92.50 52.03 -16.80
C MET J 428 92.46 50.94 -17.88
N ALA J 429 93.29 50.99 -18.93
CA ALA J 429 93.34 49.89 -19.94
C ALA J 429 94.74 49.74 -20.54
N THR J 430 95.00 48.57 -21.13
CA THR J 430 96.29 48.24 -21.80
C THR J 430 95.99 47.79 -23.23
N ARG J 431 96.29 48.67 -24.19
CA ARG J 431 95.98 48.41 -25.62
C ARG J 431 97.29 48.09 -26.34
N THR J 432 97.25 47.11 -27.23
CA THR J 432 98.45 46.76 -28.04
C THR J 432 98.05 46.67 -29.52
N GLY J 433 99.01 46.87 -30.42
CA GLY J 433 98.74 46.75 -31.86
C GLY J 433 99.93 47.09 -32.73
N MET J 434 99.75 47.09 -34.05
CA MET J 434 100.82 47.50 -35.00
C MET J 434 101.41 48.82 -34.54
N GLY J 435 102.74 48.93 -34.54
CA GLY J 435 103.41 50.23 -34.55
C GLY J 435 104.32 50.42 -35.74
N GLY J 436 105.08 51.52 -35.75
CA GLY J 436 105.99 51.79 -36.86
C GLY J 436 105.46 52.92 -37.72
N PHE J 437 104.48 53.66 -37.21
CA PHE J 437 103.87 54.76 -37.98
C PHE J 437 103.52 55.89 -37.03
N SER J 438 102.92 56.94 -37.60
CA SER J 438 102.53 58.13 -36.81
C SER J 438 101.05 58.00 -36.43
N GLU J 439 100.76 58.01 -35.13
CA GLU J 439 99.36 57.81 -34.70
C GLU J 439 98.45 58.73 -35.52
N GLY J 440 97.35 58.21 -36.00
CA GLY J 440 96.42 58.93 -36.86
C GLY J 440 96.70 58.70 -38.33
N TRP J 441 97.92 58.29 -38.70
CA TRP J 441 98.36 58.27 -40.12
C TRP J 441 98.88 56.87 -40.45
N ALA J 442 98.15 55.87 -39.99
CA ALA J 442 98.41 54.44 -40.31
C ALA J 442 98.25 54.30 -41.81
N PRO J 443 99.27 53.85 -42.57
CA PRO J 443 99.22 53.89 -44.03
C PRO J 443 98.19 52.94 -44.66
N GLY J 444 97.48 53.43 -45.66
CA GLY J 444 96.40 52.67 -46.31
C GLY J 444 96.91 51.82 -47.46
N GLU J 445 97.91 52.31 -48.19
CA GLU J 445 98.28 51.78 -49.52
C GLU J 445 99.34 50.69 -49.35
N HIS J 446 100.19 50.86 -48.34
CA HIS J 446 101.20 49.85 -47.91
C HIS J 446 101.01 49.57 -46.41
N TYR J 447 101.51 48.42 -45.95
CA TYR J 447 101.72 48.15 -44.49
C TYR J 447 102.88 49.02 -44.02
N PRO J 448 103.09 49.20 -42.70
CA PRO J 448 104.23 49.98 -42.22
C PRO J 448 105.57 49.33 -42.60
N GLU J 449 106.58 50.15 -42.90
CA GLU J 449 107.86 49.64 -43.46
C GLU J 449 108.67 48.92 -42.36
N LYS J 450 108.71 49.42 -41.12
CA LYS J 450 109.49 48.76 -40.05
C LYS J 450 108.55 47.97 -39.15
N TRP J 451 109.00 46.85 -38.60
CA TRP J 451 108.17 46.02 -37.67
C TRP J 451 108.41 46.47 -36.22
N ALA J 452 107.35 46.84 -35.52
CA ALA J 452 107.38 47.23 -34.09
C ALA J 452 106.02 46.95 -33.43
N ARG J 453 105.93 46.93 -32.09
CA ARG J 453 104.65 46.62 -31.41
C ARG J 453 104.23 47.80 -30.54
N ARG J 454 103.06 48.38 -30.84
CA ARG J 454 102.62 49.61 -30.15
C ARG J 454 101.97 49.18 -28.85
N PHE J 455 102.27 49.88 -27.76
CA PHE J 455 101.64 49.74 -26.43
C PHE J 455 101.02 51.08 -26.07
N ALA J 456 99.77 51.07 -25.64
CA ALA J 456 99.05 52.25 -25.14
C ALA J 456 98.43 51.91 -23.79
N VAL J 457 98.86 52.63 -22.75
CA VAL J 457 98.44 52.38 -21.34
C VAL J 457 97.76 53.66 -20.86
N ASP J 458 96.45 53.63 -20.70
CA ASP J 458 95.67 54.82 -20.29
C ASP J 458 95.71 54.84 -18.76
N PHE J 459 96.05 55.99 -18.18
CA PHE J 459 96.10 56.18 -16.71
C PHE J 459 95.02 57.17 -16.33
N VAL J 460 94.49 57.06 -15.12
CA VAL J 460 93.36 57.92 -14.66
C VAL J 460 93.51 58.17 -13.16
N GLY J 461 93.09 59.33 -12.66
CA GLY J 461 93.12 59.69 -11.23
C GLY J 461 94.47 60.15 -10.72
N GLY J 462 94.56 60.55 -9.46
CA GLY J 462 95.83 60.78 -8.73
C GLY J 462 96.65 61.97 -9.16
N ASP J 463 96.16 63.19 -8.99
CA ASP J 463 96.97 64.41 -9.23
C ASP J 463 97.62 64.39 -10.62
N LEU J 464 97.09 63.61 -11.55
CA LEU J 464 97.63 63.62 -12.93
C LEU J 464 97.38 65.04 -13.48
N LYS J 465 96.32 65.67 -13.01
CA LYS J 465 95.98 67.04 -13.47
C LYS J 465 97.06 68.00 -12.99
N ALA J 466 97.28 68.05 -11.69
CA ALA J 466 98.29 68.96 -11.10
C ALA J 466 99.67 68.67 -11.70
N ALA J 467 100.06 67.41 -11.75
CA ALA J 467 101.39 66.98 -12.23
C ALA J 467 101.60 67.30 -13.70
N ALA J 468 100.54 67.30 -14.50
CA ALA J 468 100.68 67.45 -15.97
C ALA J 468 101.58 68.64 -16.32
N PRO J 469 101.30 69.89 -15.84
CA PRO J 469 102.16 71.06 -16.06
C PRO J 469 103.61 70.98 -15.56
N LYS J 470 103.85 70.27 -14.45
CA LYS J 470 105.21 70.12 -13.85
C LYS J 470 106.04 69.10 -14.66
N GLY J 471 105.39 68.26 -15.47
CA GLY J 471 106.07 67.22 -16.27
C GLY J 471 105.77 65.82 -15.73
N ILE J 472 105.14 64.99 -16.57
CA ILE J 472 104.90 63.54 -16.32
C ILE J 472 105.84 62.69 -17.18
N GLU J 473 106.70 61.89 -16.54
CA GLU J 473 107.75 61.10 -17.26
C GLU J 473 107.37 59.62 -17.14
N PRO J 474 107.13 58.90 -18.25
CA PRO J 474 106.99 57.46 -18.19
C PRO J 474 108.37 56.84 -17.93
N VAL J 475 108.50 56.10 -16.84
CA VAL J 475 109.72 55.28 -16.59
C VAL J 475 109.45 53.86 -17.08
N ILE J 476 109.97 53.51 -18.26
CA ILE J 476 109.71 52.19 -18.89
C ILE J 476 110.95 51.32 -18.72
N THR J 477 110.78 50.08 -18.25
CA THR J 477 111.85 49.07 -18.06
C THR J 477 111.55 47.87 -18.96
N LEU J 478 112.56 47.30 -19.62
CA LEU J 478 112.35 46.17 -20.56
C LEU J 478 113.42 45.10 -20.34
N SER J 479 113.03 43.84 -20.19
CA SER J 479 113.96 42.68 -20.12
C SER J 479 114.74 42.62 -21.44
N SER J 480 114.13 43.02 -22.53
CA SER J 480 114.76 42.99 -23.88
C SER J 480 114.17 44.11 -24.73
N GLY J 481 114.82 44.50 -25.82
CA GLY J 481 114.23 45.47 -26.76
C GLY J 481 114.40 46.91 -26.31
N GLU J 482 113.85 47.81 -27.13
CA GLU J 482 113.93 49.29 -26.99
C GLU J 482 112.54 49.89 -27.08
N ALA J 483 112.22 50.77 -26.14
CA ALA J 483 111.01 51.60 -26.19
C ALA J 483 111.30 52.85 -27.01
N LYS J 484 110.70 52.98 -28.20
CA LYS J 484 110.85 54.17 -29.09
C LYS J 484 109.52 54.89 -29.29
N GLN J 485 109.56 56.11 -29.81
CA GLN J 485 108.38 56.95 -30.11
C GLN J 485 107.52 57.08 -28.84
N ILE J 486 108.12 57.34 -27.68
CA ILE J 486 107.35 57.46 -26.41
C ILE J 486 106.54 58.77 -26.42
N GLU J 487 105.21 58.70 -26.26
CA GLU J 487 104.33 59.90 -26.24
C GLU J 487 103.46 59.92 -24.98
N ILE J 488 103.15 61.11 -24.47
CA ILE J 488 102.21 61.31 -23.32
C ILE J 488 101.07 62.18 -23.85
N LEU J 489 99.88 61.59 -24.08
CA LEU J 489 98.73 62.27 -24.72
C LEU J 489 97.57 62.41 -23.71
N TYR J 490 96.90 63.55 -23.72
CA TYR J 490 95.71 63.79 -22.88
C TYR J 490 94.51 63.18 -23.59
N ILE J 491 93.65 62.53 -22.80
CA ILE J 491 92.43 61.84 -23.29
C ILE J 491 91.23 62.51 -22.64
N GLU J 492 90.59 63.44 -23.35
CA GLU J 492 89.46 64.21 -22.76
C GLU J 492 88.41 63.24 -22.23
N PRO J 493 87.93 62.27 -23.03
CA PRO J 493 86.77 61.46 -22.64
C PRO J 493 86.86 60.74 -21.28
N ILE J 494 88.05 60.41 -20.78
CA ILE J 494 88.24 59.75 -19.46
C ILE J 494 89.04 60.64 -18.50
N ASP J 495 89.40 61.86 -18.94
CA ASP J 495 90.13 62.85 -18.12
C ASP J 495 91.39 62.19 -17.57
N GLY J 496 92.09 61.46 -18.43
CA GLY J 496 93.37 60.84 -18.09
C GLY J 496 94.39 61.07 -19.17
N TYR J 497 95.48 60.29 -19.12
CA TYR J 497 96.68 60.41 -19.97
C TYR J 497 97.03 59.02 -20.49
N ARG J 498 97.26 58.93 -21.80
CA ARG J 498 97.73 57.69 -22.46
C ARG J 498 99.24 57.78 -22.64
N ILE J 499 99.98 56.78 -22.17
CA ILE J 499 101.40 56.59 -22.52
C ILE J 499 101.47 55.60 -23.67
N GLN J 500 101.97 56.04 -24.81
CA GLN J 500 102.16 55.15 -25.99
C GLN J 500 103.65 54.92 -26.13
N PHE J 501 104.06 53.70 -26.51
CA PHE J 501 105.45 53.43 -26.96
C PHE J 501 105.43 52.32 -28.02
N ASP J 502 106.26 52.44 -29.05
CA ASP J 502 106.60 51.34 -29.98
C ASP J 502 107.73 50.51 -29.34
N TRP J 503 107.62 49.17 -29.38
CA TRP J 503 108.69 48.26 -28.90
C TRP J 503 109.41 47.71 -30.13
N TYR J 504 110.71 47.93 -30.22
CA TYR J 504 111.56 47.41 -31.33
C TYR J 504 112.41 46.27 -30.79
N PRO J 505 112.44 45.12 -31.47
CA PRO J 505 113.22 43.97 -31.00
C PRO J 505 114.71 44.35 -31.10
N THR J 506 115.53 43.86 -30.17
CA THR J 506 117.02 43.92 -30.29
C THR J 506 117.58 42.51 -30.60
N SER J 507 116.71 41.49 -30.64
CA SER J 507 117.15 40.06 -30.72
C SER J 507 116.24 39.20 -31.60
N ASP J 508 116.77 38.09 -32.13
CA ASP J 508 115.97 37.02 -32.80
C ASP J 508 115.20 36.21 -31.76
N SER J 509 115.32 36.58 -30.48
CA SER J 509 114.75 35.80 -29.38
C SER J 509 113.23 35.90 -29.37
N THR J 510 112.54 34.74 -29.37
CA THR J 510 111.09 34.65 -28.99
C THR J 510 110.93 34.47 -27.48
N ASP J 511 111.95 34.73 -26.66
CA ASP J 511 111.79 34.74 -25.17
C ASP J 511 110.80 35.82 -24.72
N PRO J 512 109.88 35.48 -23.79
CA PRO J 512 109.05 36.47 -23.13
C PRO J 512 109.77 37.76 -22.73
N VAL J 513 109.13 38.90 -22.96
CA VAL J 513 109.64 40.24 -22.60
C VAL J 513 108.86 40.78 -21.39
N ASP J 514 109.56 41.03 -20.29
CA ASP J 514 108.94 41.53 -19.05
C ASP J 514 109.06 43.04 -19.11
N MET J 515 107.93 43.74 -19.29
CA MET J 515 107.88 45.22 -19.31
C MET J 515 107.37 45.72 -17.96
N ARG J 516 107.71 46.97 -17.63
CA ARG J 516 107.40 47.58 -16.33
C ARG J 516 107.25 49.06 -16.65
N MET J 517 106.22 49.75 -16.15
CA MET J 517 106.04 51.19 -16.40
C MET J 517 105.42 51.87 -15.19
N TYR J 518 105.96 52.99 -14.73
CA TYR J 518 105.24 53.92 -13.83
C TYR J 518 105.44 55.37 -14.27
N LEU J 519 104.64 56.25 -13.70
CA LEU J 519 104.62 57.68 -14.06
C LEU J 519 105.38 58.46 -12.99
N ARG J 520 106.44 59.14 -13.42
CA ARG J 520 107.27 59.98 -12.51
C ARG J 520 106.96 61.45 -12.74
N CYS J 521 106.91 62.21 -11.66
CA CYS J 521 106.78 63.69 -11.67
C CYS J 521 107.65 64.27 -10.57
N GLN J 522 108.72 64.99 -10.93
CA GLN J 522 109.67 65.60 -9.96
C GLN J 522 110.20 64.51 -9.02
N GLY J 523 110.83 63.47 -9.55
CA GLY J 523 111.54 62.47 -8.72
C GLY J 523 110.64 61.48 -8.01
N ASP J 524 109.32 61.74 -7.90
CA ASP J 524 108.32 60.88 -7.20
C ASP J 524 107.45 60.08 -8.18
N ALA J 525 107.06 58.87 -7.78
CA ALA J 525 106.12 58.01 -8.51
C ALA J 525 104.71 58.57 -8.28
N ILE J 526 103.92 58.75 -9.34
CA ILE J 526 102.54 59.34 -9.23
C ILE J 526 101.48 58.39 -9.80
N SER J 527 101.88 57.14 -10.06
CA SER J 527 101.01 56.05 -10.58
C SER J 527 101.40 54.70 -9.97
N GLU J 528 100.47 53.75 -9.99
CA GLU J 528 100.76 52.32 -9.70
C GLU J 528 101.75 51.85 -10.77
N THR J 529 102.34 50.67 -10.60
CA THR J 529 103.31 50.11 -11.58
C THR J 529 102.55 49.16 -12.49
N TRP J 530 102.70 49.35 -13.80
CA TRP J 530 102.19 48.45 -14.86
C TRP J 530 103.24 47.37 -15.14
N LEU J 531 102.94 46.08 -14.91
CA LEU J 531 103.77 44.90 -15.31
C LEU J 531 103.13 44.27 -16.54
N TYR J 532 103.86 44.11 -17.63
CA TYR J 532 103.31 43.42 -18.83
C TYR J 532 104.26 42.27 -19.18
N GLN J 533 103.71 41.22 -19.77
CA GLN J 533 104.52 40.11 -20.37
C GLN J 533 104.13 39.98 -21.84
N TYR J 534 105.03 40.41 -22.74
CA TYR J 534 104.85 40.39 -24.20
C TYR J 534 105.50 39.11 -24.77
N PHE J 535 104.94 38.51 -25.83
CA PHE J 535 105.50 37.33 -26.55
C PHE J 535 105.87 37.74 -27.97
N PRO J 536 107.15 38.12 -28.24
CA PRO J 536 107.54 38.55 -29.57
C PRO J 536 107.33 37.43 -30.56
N PRO J 537 106.86 37.72 -31.80
CA PRO J 537 106.67 36.67 -32.79
C PRO J 537 108.04 36.08 -33.14
N ALA J 538 108.02 34.93 -33.82
CA ALA J 538 109.19 34.38 -34.55
C ALA J 538 109.80 35.45 -35.46
N PRO J 539 111.14 35.49 -35.67
CA PRO J 539 111.76 36.51 -36.50
C PRO J 539 111.31 36.44 -37.97
N ASP J 540 110.96 35.24 -38.45
CA ASP J 540 110.44 35.06 -39.83
C ASP J 540 109.09 35.77 -39.95
N LYS J 541 108.39 36.02 -38.83
CA LYS J 541 107.04 36.65 -38.81
C LYS J 541 107.07 38.09 -38.27
N ARG J 542 108.21 38.79 -38.28
CA ARG J 542 108.26 40.23 -37.89
C ARG J 542 108.22 41.09 -39.16
N GLN J 543 107.12 40.97 -39.88
CA GLN J 543 106.86 41.63 -41.18
C GLN J 543 105.40 41.35 -41.52
N TYR J 544 104.80 42.10 -42.44
CA TYR J 544 103.36 41.95 -42.80
C TYR J 544 103.27 41.31 -44.19
N VAL J 545 102.25 40.47 -44.46
CA VAL J 545 102.00 39.91 -45.83
C VAL J 545 100.86 40.70 -46.48
N ASP J 546 101.09 41.33 -47.62
CA ASP J 546 100.10 42.20 -48.30
C ASP J 546 99.39 41.43 -49.43
N ASP J 547 98.30 40.75 -49.12
CA ASP J 547 97.62 39.88 -50.11
C ASP J 547 96.47 40.65 -50.78
N ARG J 548 96.47 41.99 -50.79
CA ARG J 548 95.41 42.80 -51.47
C ARG J 548 95.42 42.41 -52.97
N VAL J 549 94.31 42.60 -53.70
CA VAL J 549 94.30 42.56 -55.21
C VAL J 549 93.45 43.74 -55.70
N MET J 550 93.92 44.45 -56.73
CA MET J 550 93.20 45.63 -57.27
C MET J 550 92.78 45.31 -58.70
N SER J 551 91.78 44.44 -58.86
CA SER J 551 91.36 43.98 -60.21
C SER J 551 89.91 44.37 -60.49
N LEU J 552 89.52 44.26 -61.75
CA LEU J 552 88.13 44.59 -62.17
C LEU J 552 87.32 43.30 -62.30
N GLU J 553 87.62 42.29 -61.47
CA GLU J 553 86.94 40.98 -61.58
C GLU J 553 85.76 40.93 -60.63
N HIS J 554 85.42 42.03 -59.96
CA HIS J 554 84.37 41.97 -58.91
C HIS J 554 83.29 43.03 -59.08
N HIS J 555 82.78 43.24 -60.31
CA HIS J 555 81.52 44.03 -60.53
C HIS J 555 80.35 43.14 -60.04
N HIS J 556 79.27 43.74 -59.52
CA HIS J 556 78.00 43.06 -59.10
C HIS J 556 76.82 43.99 -59.41
N HIS J 557 75.81 43.51 -60.14
CA HIS J 557 74.55 44.26 -60.45
C HIS J 557 73.39 43.71 -59.57
N HIS J 558 72.51 44.59 -59.11
CA HIS J 558 71.42 44.16 -58.19
C HIS J 558 70.11 44.82 -58.62
N SER K 35 12.03 15.48 26.02
CA SER K 35 12.03 16.94 26.33
C SER K 35 11.69 17.73 25.06
N ASP K 36 12.48 17.57 24.00
CA ASP K 36 12.21 18.17 22.66
C ASP K 36 10.81 17.69 22.24
N ILE K 37 9.95 18.61 21.79
CA ILE K 37 8.54 18.30 21.40
C ILE K 37 8.53 17.37 20.18
N ALA K 38 9.51 17.43 19.29
CA ALA K 38 9.55 16.65 18.03
C ALA K 38 10.04 15.22 18.25
N ASP K 39 9.15 14.27 18.60
CA ASP K 39 9.51 12.87 19.01
C ASP K 39 8.77 11.83 18.15
N GLY K 40 8.47 12.15 16.91
CA GLY K 40 7.93 11.15 15.96
C GLY K 40 9.02 10.27 15.37
N GLN K 41 8.59 9.32 14.53
CA GLN K 41 9.43 8.44 13.69
C GLN K 41 10.51 9.34 13.08
N THR K 42 11.78 8.95 13.21
CA THR K 42 12.91 9.54 12.47
C THR K 42 12.83 9.17 10.98
N GLN K 43 13.05 10.15 10.11
CA GLN K 43 13.08 10.01 8.62
C GLN K 43 14.23 10.84 8.06
N ARG K 44 14.77 10.46 6.93
CA ARG K 44 15.80 11.32 6.29
C ARG K 44 15.08 12.47 5.61
N PHE K 45 15.62 13.68 5.73
CA PHE K 45 15.05 14.90 5.11
C PHE K 45 16.13 15.86 4.62
N ASP K 46 15.98 16.30 3.37
CA ASP K 46 16.76 17.40 2.77
C ASP K 46 15.89 18.04 1.69
N PHE K 47 16.36 19.13 1.08
CA PHE K 47 15.56 19.96 0.12
C PHE K 47 15.28 19.12 -1.13
N SER K 48 16.26 18.30 -1.46
CA SER K 48 16.19 17.24 -2.49
C SER K 48 14.95 16.34 -2.31
N ILE K 49 14.78 15.79 -1.10
CA ILE K 49 13.72 14.81 -0.76
C ILE K 49 12.34 15.49 -0.87
N LEU K 50 12.21 16.73 -0.37
CA LEU K 50 10.97 17.54 -0.48
C LEU K 50 10.61 17.79 -1.96
N GLN K 51 11.61 18.03 -2.82
CA GLN K 51 11.34 18.23 -4.26
C GLN K 51 10.76 16.94 -4.81
N SER K 52 11.32 15.81 -4.40
CA SER K 52 10.79 14.48 -4.80
C SER K 52 9.37 14.31 -4.24
N MET K 53 9.12 14.65 -2.96
CA MET K 53 7.77 14.48 -2.33
C MET K 53 6.75 15.25 -3.18
N ALA K 54 7.15 16.45 -3.59
CA ALA K 54 6.27 17.41 -4.29
C ALA K 54 6.06 16.95 -5.73
N HIS K 55 7.13 16.46 -6.36
CA HIS K 55 7.09 15.91 -7.73
C HIS K 55 6.19 14.68 -7.74
N ASP K 56 6.47 13.73 -6.84
CA ASP K 56 5.70 12.47 -6.75
C ASP K 56 4.23 12.85 -6.50
N LEU K 57 4.00 13.77 -5.55
CA LEU K 57 2.65 14.20 -5.12
C LEU K 57 1.84 14.71 -6.31
N ALA K 58 2.46 15.48 -7.21
CA ALA K 58 1.81 16.01 -8.43
C ALA K 58 1.35 14.87 -9.35
N GLN K 59 2.07 13.76 -9.41
CA GLN K 59 1.69 12.58 -10.23
C GLN K 59 0.40 11.91 -9.72
N THR K 60 0.00 12.08 -8.45
CA THR K 60 -1.25 11.46 -7.91
C THR K 60 -2.38 12.50 -7.86
N ALA K 61 -3.60 12.03 -7.65
CA ALA K 61 -4.81 12.88 -7.54
C ALA K 61 -4.67 13.74 -6.30
N TRP K 62 -5.08 15.00 -6.40
CA TRP K 62 -5.10 15.97 -5.28
C TRP K 62 -5.87 15.34 -4.14
N ARG K 63 -5.29 15.48 -2.94
CA ARG K 63 -5.84 14.98 -1.65
C ARG K 63 -7.24 15.52 -1.36
N GLY K 64 -7.56 16.69 -1.86
CA GLY K 64 -8.93 17.22 -1.78
C GLY K 64 -9.09 18.18 -0.63
N ALA K 65 -10.26 18.80 -0.51
CA ALA K 65 -10.62 19.72 0.60
C ALA K 65 -10.45 18.99 1.94
N PRO K 66 -10.12 19.70 3.04
CA PRO K 66 -9.87 19.03 4.33
C PRO K 66 -11.06 18.23 4.91
N ARG K 67 -10.80 17.10 5.57
CA ARG K 67 -11.82 16.40 6.43
C ARG K 67 -12.33 17.41 7.45
N PRO K 68 -13.61 17.34 7.84
CA PRO K 68 -14.14 18.23 8.87
C PRO K 68 -13.27 18.09 10.13
N LEU K 69 -13.25 19.11 10.97
CA LEU K 69 -12.49 19.09 12.25
C LEU K 69 -13.29 18.32 13.30
N PRO K 70 -12.65 17.86 14.39
CA PRO K 70 -13.40 17.39 15.55
C PRO K 70 -14.48 18.40 15.94
N ASP K 71 -15.64 17.90 16.32
CA ASP K 71 -16.86 18.69 16.63
C ASP K 71 -16.55 19.82 17.62
N THR K 72 -15.79 19.53 18.68
CA THR K 72 -15.44 20.54 19.72
C THR K 72 -14.82 21.76 19.04
N LEU K 73 -14.11 21.58 17.93
CA LEU K 73 -13.40 22.66 17.19
C LEU K 73 -14.28 23.25 16.07
N ALA K 74 -15.09 22.43 15.41
CA ALA K 74 -15.92 22.81 14.24
C ALA K 74 -16.86 23.96 14.61
N THR K 75 -17.23 24.06 15.89
CA THR K 75 -18.42 24.79 16.39
C THR K 75 -17.98 25.65 17.58
N MET K 76 -16.89 26.37 17.37
CA MET K 76 -16.19 27.13 18.42
C MET K 76 -16.59 28.60 18.29
N THR K 77 -16.92 29.26 19.40
CA THR K 77 -16.95 30.74 19.43
C THR K 77 -15.51 31.23 19.26
N PRO K 78 -15.27 32.35 18.55
CA PRO K 78 -13.98 33.03 18.64
C PRO K 78 -13.45 33.13 20.09
N GLN K 79 -14.27 33.55 21.06
CA GLN K 79 -13.83 33.65 22.49
C GLN K 79 -13.10 32.36 22.83
N ALA K 80 -13.72 31.21 22.51
CA ALA K 80 -13.29 29.86 22.94
C ALA K 80 -11.91 29.56 22.34
N TYR K 81 -11.77 29.73 21.01
CA TYR K 81 -10.51 29.56 20.25
C TYR K 81 -9.45 30.47 20.86
N ASN K 82 -9.80 31.73 21.08
CA ASN K 82 -8.85 32.79 21.51
C ASN K 82 -8.32 32.50 22.90
N SER K 83 -8.96 31.61 23.65
CA SER K 83 -8.52 31.32 25.04
C SER K 83 -7.73 30.02 25.05
N ILE K 84 -7.59 29.37 23.89
CA ILE K 84 -6.56 28.30 23.68
C ILE K 84 -5.21 29.01 23.52
N GLN K 85 -4.15 28.54 24.19
CA GLN K 85 -2.83 29.23 24.25
C GLN K 85 -1.74 28.18 24.16
N TYR K 86 -0.89 28.23 23.13
CA TYR K 86 0.27 27.30 23.01
C TYR K 86 1.03 27.40 24.33
N ASP K 87 1.59 26.30 24.86
CA ASP K 87 2.40 26.31 26.12
C ASP K 87 3.82 26.80 25.81
N ALA K 88 4.17 27.98 26.33
CA ALA K 88 5.44 28.69 26.07
C ALA K 88 6.64 27.83 26.48
N GLU K 89 6.44 26.92 27.42
CA GLU K 89 7.51 26.04 27.96
C GLU K 89 7.65 24.78 27.11
N LYS K 90 6.86 24.62 26.04
CA LYS K 90 6.98 23.52 25.04
C LYS K 90 7.24 24.10 23.64
N SER K 91 7.91 25.25 23.60
CA SER K 91 8.20 25.93 22.33
C SER K 91 9.14 25.02 21.53
N LEU K 92 9.22 25.26 20.23
CA LEU K 92 9.90 24.40 19.25
C LEU K 92 11.36 24.19 19.64
N TRP K 93 11.99 25.19 20.22
CA TRP K 93 13.47 25.28 20.39
C TRP K 93 13.77 25.59 21.86
N HIS K 94 12.90 25.14 22.76
CA HIS K 94 13.02 25.35 24.23
C HIS K 94 14.38 24.81 24.69
N ASN K 95 14.92 23.77 24.05
CA ASN K 95 16.14 23.06 24.50
C ASN K 95 17.43 23.72 24.00
N VAL K 96 17.39 24.64 23.05
CA VAL K 96 18.63 25.21 22.47
C VAL K 96 19.12 26.32 23.42
N GLU K 97 20.31 26.21 24.00
CA GLU K 97 20.94 27.25 24.85
C GLU K 97 21.41 28.43 23.99
N ASN K 98 21.34 29.64 24.56
CA ASN K 98 21.72 30.93 23.94
C ASN K 98 20.86 31.16 22.68
N ARG K 99 19.70 30.53 22.61
CA ARG K 99 18.81 30.68 21.44
C ARG K 99 18.41 32.16 21.36
N GLN K 100 18.38 32.69 20.14
CA GLN K 100 17.99 34.11 19.91
C GLN K 100 16.62 34.13 19.24
N LEU K 101 16.06 32.95 18.98
CA LEU K 101 14.74 32.81 18.31
C LEU K 101 14.07 31.60 18.93
N ASP K 102 12.75 31.62 19.03
CA ASP K 102 11.94 30.44 19.38
C ASP K 102 10.69 30.47 18.49
N ALA K 103 9.86 29.44 18.57
CA ALA K 103 8.65 29.37 17.73
C ALA K 103 7.55 28.64 18.48
N GLN K 104 6.31 29.01 18.19
CA GLN K 104 5.11 28.33 18.71
C GLN K 104 4.15 28.09 17.55
N PHE K 105 3.16 27.25 17.81
CA PHE K 105 2.17 26.75 16.82
C PHE K 105 0.78 27.31 17.16
N PHE K 106 -0.02 27.70 16.16
CA PHE K 106 -1.47 28.07 16.28
C PHE K 106 -2.35 26.81 16.27
N HIS K 107 -3.37 26.76 17.13
CA HIS K 107 -4.30 25.60 17.19
C HIS K 107 -5.17 25.56 15.93
N MET K 108 -5.46 24.35 15.42
CA MET K 108 -6.49 24.16 14.38
C MET K 108 -7.81 24.71 14.94
N GLY K 109 -8.66 25.26 14.08
CA GLY K 109 -9.92 25.92 14.46
C GLY K 109 -10.22 27.13 13.59
N MET K 110 -11.44 27.69 13.71
CA MET K 110 -11.89 28.88 12.94
C MET K 110 -11.74 28.59 11.44
N GLY K 111 -11.19 29.55 10.69
CA GLY K 111 -10.97 29.44 9.23
C GLY K 111 -9.79 28.53 8.87
N PHE K 112 -9.02 28.09 9.86
CA PHE K 112 -7.89 27.16 9.67
C PHE K 112 -8.46 25.75 9.66
N ARG K 113 -8.71 25.23 8.46
CA ARG K 113 -9.35 23.91 8.34
C ARG K 113 -8.37 22.89 7.77
N ARG K 114 -7.26 23.36 7.21
CA ARG K 114 -6.20 22.44 6.69
C ARG K 114 -5.23 22.08 7.82
N ARG K 115 -5.04 20.77 8.07
CA ARG K 115 -4.12 20.25 9.11
C ARG K 115 -2.68 20.36 8.62
N VAL K 116 -1.93 21.30 9.14
CA VAL K 116 -0.52 21.52 8.70
C VAL K 116 0.37 20.69 9.61
N ARG K 117 1.08 19.73 9.04
CA ARG K 117 2.09 18.92 9.77
C ARG K 117 3.36 19.73 9.98
N MET K 118 4.05 19.45 11.09
CA MET K 118 5.28 20.15 11.52
C MET K 118 6.36 19.13 11.92
N PHE K 119 7.59 19.41 11.52
CA PHE K 119 8.75 18.51 11.69
C PHE K 119 9.93 19.36 12.15
N SER K 120 10.79 18.81 12.97
CA SER K 120 12.09 19.43 13.31
C SER K 120 13.20 18.61 12.66
N VAL K 121 14.16 19.27 12.01
CA VAL K 121 15.29 18.64 11.26
C VAL K 121 16.61 18.96 11.98
N ASP K 122 17.42 17.94 12.27
CA ASP K 122 18.80 18.17 12.76
C ASP K 122 19.62 18.41 11.51
N PRO K 123 20.10 19.65 11.24
CA PRO K 123 20.72 19.94 9.96
C PRO K 123 22.09 19.26 9.86
N ALA K 124 22.67 18.88 11.01
CA ALA K 124 23.90 18.07 11.12
C ALA K 124 23.73 16.67 10.50
N THR K 125 22.59 15.99 10.74
CA THR K 125 22.39 14.55 10.37
C THR K 125 21.39 14.42 9.23
N HIS K 126 20.75 15.50 8.79
CA HIS K 126 19.64 15.47 7.79
C HIS K 126 18.48 14.55 8.23
N LEU K 127 18.20 14.47 9.54
CA LEU K 127 17.18 13.57 10.13
C LEU K 127 16.06 14.40 10.74
N ALA K 128 14.83 14.17 10.28
CA ALA K 128 13.62 14.91 10.66
C ALA K 128 12.71 14.06 11.54
N ARG K 129 12.10 14.67 12.56
CA ARG K 129 11.12 13.98 13.45
C ARG K 129 9.85 14.82 13.48
N GLU K 130 8.67 14.21 13.30
CA GLU K 130 7.37 14.96 13.26
C GLU K 130 7.00 15.44 14.66
N ILE K 131 6.53 16.68 14.76
CA ILE K 131 5.84 17.18 15.96
C ILE K 131 4.35 16.87 15.79
N HIS K 132 3.85 15.83 16.44
CA HIS K 132 2.42 15.44 16.26
C HIS K 132 1.60 16.35 17.18
N PHE K 133 0.43 16.78 16.73
CA PHE K 133 -0.50 17.48 17.63
C PHE K 133 -0.81 16.60 18.85
N ARG K 134 -0.99 17.25 20.01
CA ARG K 134 -1.36 16.62 21.30
C ARG K 134 -1.94 17.75 22.20
N PRO K 135 -2.97 17.56 23.06
CA PRO K 135 -3.48 18.70 23.84
C PRO K 135 -2.44 19.19 24.85
N GLU K 136 -1.46 18.35 25.21
CA GLU K 136 -0.43 18.70 26.24
C GLU K 136 0.37 19.91 25.75
N LEU K 137 0.34 20.20 24.45
CA LEU K 137 1.16 21.28 23.82
C LEU K 137 0.47 22.63 24.03
N PHE K 138 -0.81 22.61 24.36
CA PHE K 138 -1.61 23.85 24.49
C PHE K 138 -2.17 23.94 25.89
N LYS K 139 -2.69 25.11 26.22
CA LYS K 139 -3.39 25.38 27.50
C LYS K 139 -4.79 25.88 27.16
N TYR K 140 -5.78 25.02 27.31
CA TYR K 140 -7.19 25.38 27.01
C TYR K 140 -7.76 25.93 28.31
N ASN K 141 -7.94 27.23 28.37
CA ASN K 141 -8.32 27.84 29.67
C ASN K 141 -9.84 27.85 29.78
N ASP K 142 -10.44 29.03 29.80
CA ASP K 142 -11.91 29.18 29.91
C ASP K 142 -12.54 28.65 28.63
N ALA K 143 -11.82 27.80 27.92
CA ALA K 143 -12.32 27.25 26.65
C ALA K 143 -13.14 26.00 26.95
N GLY K 144 -14.31 25.87 26.32
CA GLY K 144 -15.15 24.68 26.53
C GLY K 144 -14.84 23.66 25.48
N VAL K 145 -13.56 23.32 25.35
CA VAL K 145 -13.13 22.37 24.30
C VAL K 145 -13.00 20.99 24.92
N ASP K 146 -13.67 19.99 24.35
CA ASP K 146 -13.56 18.60 24.86
C ASP K 146 -12.18 18.09 24.48
N THR K 147 -11.20 18.35 25.34
CA THR K 147 -9.82 17.90 25.08
C THR K 147 -9.81 16.37 25.01
N LYS K 148 -10.94 15.72 25.32
CA LYS K 148 -11.00 14.25 25.18
C LYS K 148 -11.24 13.90 23.71
N GLN K 149 -12.11 14.64 23.02
CA GLN K 149 -12.35 14.45 21.56
C GLN K 149 -11.01 14.54 20.83
N LEU K 150 -10.06 15.30 21.39
CA LEU K 150 -8.76 15.61 20.74
C LEU K 150 -7.71 14.53 21.06
N GLU K 151 -7.92 13.68 22.04
CA GLU K 151 -6.85 12.75 22.48
C GLU K 151 -6.01 12.19 21.32
N GLY K 152 -6.50 11.21 20.57
CA GLY K 152 -5.63 10.57 19.56
C GLY K 152 -5.57 11.29 18.24
N GLN K 153 -5.97 12.56 18.20
CA GLN K 153 -6.00 13.35 16.95
C GLN K 153 -4.58 13.82 16.65
N SER K 154 -3.65 12.87 16.47
CA SER K 154 -2.23 13.20 16.23
C SER K 154 -2.03 13.54 14.76
N ASP K 155 -3.05 13.29 13.95
CA ASP K 155 -3.00 13.59 12.51
C ASP K 155 -3.42 15.07 12.33
N LEU K 156 -3.87 15.72 13.42
CA LEU K 156 -4.55 17.05 13.42
C LEU K 156 -3.57 18.19 13.12
N GLY K 157 -2.30 18.02 13.45
CA GLY K 157 -1.30 19.08 13.28
C GLY K 157 -1.81 20.44 13.78
N PHE K 158 -1.43 21.49 13.08
CA PHE K 158 -1.60 22.88 13.56
C PHE K 158 -2.03 23.78 12.40
N ALA K 159 -2.47 24.99 12.72
CA ALA K 159 -2.97 26.00 11.75
C ALA K 159 -1.81 26.68 11.04
N GLY K 160 -0.70 26.81 11.75
CA GLY K 160 0.50 27.55 11.31
C GLY K 160 1.46 27.74 12.48
N PHE K 161 2.38 28.70 12.37
CA PHE K 161 3.44 28.91 13.38
C PHE K 161 3.85 30.38 13.40
N ARG K 162 4.53 30.77 14.48
CA ARG K 162 5.09 32.14 14.61
C ARG K 162 6.44 32.01 15.28
N VAL K 163 7.36 32.92 14.96
CA VAL K 163 8.75 32.90 15.47
C VAL K 163 8.94 34.18 16.26
N PHE K 164 9.53 34.08 17.45
CA PHE K 164 9.88 35.23 18.31
C PHE K 164 11.38 35.45 18.23
N LYS K 165 11.84 36.63 18.62
CA LYS K 165 13.29 36.94 18.62
C LYS K 165 13.60 37.67 19.91
N ALA K 166 14.78 37.42 20.48
CA ALA K 166 15.21 38.09 21.71
C ALA K 166 15.25 39.60 21.50
N PRO K 167 14.82 40.43 22.46
CA PRO K 167 14.85 40.09 23.87
C PRO K 167 13.59 39.40 24.40
N GLU K 168 12.58 39.23 23.55
CA GLU K 168 11.30 38.58 23.95
C GLU K 168 11.06 37.36 23.05
N LEU K 169 11.13 36.15 23.60
CA LEU K 169 11.07 34.90 22.80
C LEU K 169 9.73 34.21 22.97
N ALA K 170 8.76 34.90 23.56
CA ALA K 170 7.40 34.35 23.69
C ALA K 170 6.38 35.47 23.72
N ARG K 171 6.70 36.66 23.21
CA ARG K 171 5.71 37.77 23.36
C ARG K 171 5.47 38.54 22.06
N ARG K 172 6.46 39.15 21.42
CA ARG K 172 6.12 39.88 20.17
C ARG K 172 6.64 39.12 18.97
N ASP K 173 5.74 38.59 18.14
CA ASP K 173 6.18 37.74 17.01
C ASP K 173 6.71 38.62 15.88
N VAL K 174 7.63 38.09 15.08
CA VAL K 174 8.28 38.86 13.99
C VAL K 174 7.97 38.14 12.68
N VAL K 175 7.77 36.82 12.73
CA VAL K 175 7.37 36.03 11.53
C VAL K 175 6.14 35.18 11.83
N SER K 176 5.20 35.16 10.89
CA SER K 176 3.92 34.40 11.03
C SER K 176 3.54 33.73 9.69
N PHE K 177 3.61 32.40 9.64
CA PHE K 177 2.95 31.57 8.61
C PHE K 177 1.67 31.02 9.23
N LEU K 178 0.51 31.40 8.66
CA LEU K 178 -0.83 31.04 9.15
C LEU K 178 -1.86 31.34 8.06
N GLY K 179 -2.51 30.28 7.55
CA GLY K 179 -3.64 30.37 6.60
C GLY K 179 -3.20 30.13 5.17
N ALA K 180 -3.77 29.12 4.51
CA ALA K 180 -3.42 28.71 3.15
C ALA K 180 -1.90 28.75 2.94
N SER K 181 -1.41 29.53 1.95
CA SER K 181 0.03 29.76 1.62
C SER K 181 0.49 31.12 2.19
N TYR K 182 -0.36 31.76 3.00
CA TYR K 182 -0.18 33.16 3.48
C TYR K 182 0.83 33.20 4.62
N PHE K 183 1.70 34.19 4.60
CA PHE K 183 2.64 34.48 5.72
C PHE K 183 2.89 35.98 5.79
N ARG K 184 3.39 36.44 6.93
CA ARG K 184 3.65 37.87 7.17
C ARG K 184 4.86 38.06 8.10
N ALA K 185 5.41 39.28 8.17
CA ALA K 185 6.53 39.65 9.07
C ALA K 185 6.56 41.16 9.27
N VAL K 186 7.42 41.58 10.20
CA VAL K 186 7.49 42.96 10.78
C VAL K 186 8.95 43.41 10.86
N ASP K 187 9.16 44.73 10.73
CA ASP K 187 10.47 45.40 10.96
C ASP K 187 10.54 45.85 12.42
N ASP K 188 11.39 46.81 12.74
CA ASP K 188 11.66 47.16 14.16
C ASP K 188 10.46 47.88 14.77
N THR K 189 9.38 48.17 14.03
CA THR K 189 8.10 48.68 14.61
C THR K 189 7.30 47.57 15.28
N TYR K 190 7.53 46.31 14.93
CA TYR K 190 6.78 45.10 15.39
C TYR K 190 5.31 45.09 14.97
N GLN K 191 4.83 45.96 14.10
CA GLN K 191 3.40 46.03 13.68
C GLN K 191 3.23 45.24 12.38
N TYR K 192 2.36 44.24 12.41
CA TYR K 192 2.05 43.36 11.26
C TYR K 192 1.22 44.19 10.29
N GLY K 193 1.39 43.95 8.98
CA GLY K 193 0.54 44.61 7.98
C GLY K 193 0.26 43.75 6.79
N LEU K 194 0.84 44.15 5.67
CA LEU K 194 0.63 43.44 4.40
C LEU K 194 1.06 41.98 4.51
N SER K 195 0.63 41.19 3.55
CA SER K 195 0.83 39.71 3.54
C SER K 195 1.55 39.29 2.26
N ALA K 196 2.29 38.19 2.35
CA ALA K 196 2.80 37.43 1.19
C ALA K 196 2.10 36.08 1.11
N ARG K 197 2.17 35.43 -0.04
CA ARG K 197 1.78 34.00 -0.14
C ARG K 197 2.86 33.20 -0.86
N GLY K 198 2.82 31.87 -0.71
CA GLY K 198 3.66 30.92 -1.47
C GLY K 198 3.34 30.97 -2.96
N LEU K 199 2.09 31.26 -3.29
CA LEU K 199 1.59 31.14 -4.69
C LEU K 199 0.15 31.66 -4.80
N ALA K 200 -0.23 32.12 -5.98
CA ALA K 200 -1.61 32.55 -6.29
C ALA K 200 -2.03 31.83 -7.55
N ILE K 201 -3.29 31.39 -7.61
CA ILE K 201 -3.85 30.65 -8.77
C ILE K 201 -5.21 31.25 -9.13
N ASP K 202 -5.35 31.75 -10.36
CA ASP K 202 -6.66 32.15 -10.94
C ASP K 202 -7.25 33.28 -10.08
N THR K 203 -6.39 34.20 -9.61
CA THR K 203 -6.82 35.36 -8.78
C THR K 203 -7.80 36.24 -9.57
N TYR K 204 -7.67 36.26 -10.90
CA TYR K 204 -8.51 37.02 -11.86
C TYR K 204 -8.70 36.20 -13.17
N THR K 205 -9.85 35.50 -13.34
CA THR K 205 -10.32 34.83 -14.60
C THR K 205 -11.82 34.46 -14.54
N ASP K 206 -12.35 33.90 -15.64
CA ASP K 206 -13.73 33.32 -15.78
C ASP K 206 -14.10 32.47 -14.55
N SER K 207 -13.16 31.67 -14.01
CA SER K 207 -13.39 30.74 -12.87
C SER K 207 -13.08 31.42 -11.52
N LYS K 208 -13.44 30.77 -10.42
CA LYS K 208 -13.17 31.24 -9.04
C LYS K 208 -11.69 30.96 -8.74
N GLU K 209 -11.11 31.74 -7.82
CA GLU K 209 -9.68 31.72 -7.42
C GLU K 209 -9.45 30.46 -6.60
N GLU K 210 -8.29 29.82 -6.75
CA GLU K 210 -7.85 28.61 -6.00
C GLU K 210 -6.67 29.01 -5.11
N PHE K 211 -6.74 28.54 -3.86
CA PHE K 211 -5.83 28.93 -2.74
C PHE K 211 -5.04 27.70 -2.34
N PRO K 212 -3.84 27.51 -2.92
CA PRO K 212 -2.92 26.51 -2.42
C PRO K 212 -2.71 26.67 -0.92
N ASP K 213 -2.44 25.53 -0.28
CA ASP K 213 -2.19 25.51 1.16
C ASP K 213 -0.79 24.97 1.41
N PHE K 214 -0.14 25.42 2.47
CA PHE K 214 1.15 24.82 2.89
C PHE K 214 0.69 23.67 3.77
N THR K 215 1.00 22.43 3.40
CA THR K 215 0.46 21.25 4.10
C THR K 215 1.46 20.70 5.12
N ALA K 216 2.67 21.24 5.12
CA ALA K 216 3.73 20.75 6.03
C ALA K 216 4.91 21.72 6.06
N PHE K 217 5.60 21.78 7.20
CA PHE K 217 6.81 22.61 7.42
C PHE K 217 7.89 21.80 8.14
N TRP K 218 9.12 21.87 7.63
CA TRP K 218 10.32 21.26 8.26
C TRP K 218 11.23 22.40 8.71
N PHE K 219 11.47 22.47 10.02
CA PHE K 219 12.32 23.48 10.71
C PHE K 219 13.69 22.91 11.06
N ASP K 220 14.75 23.42 10.44
CA ASP K 220 16.14 23.19 10.92
C ASP K 220 16.24 23.75 12.32
N THR K 221 16.57 22.94 13.30
CA THR K 221 16.93 23.40 14.66
C THR K 221 17.83 24.64 14.59
N VAL K 222 17.45 25.76 15.21
CA VAL K 222 18.30 26.99 15.22
C VAL K 222 19.62 26.65 15.87
N LYS K 223 20.67 27.36 15.46
CA LYS K 223 21.99 27.34 16.13
C LYS K 223 21.99 28.33 17.30
N PRO K 224 22.71 27.97 18.38
CA PRO K 224 22.86 28.89 19.51
C PRO K 224 23.43 30.20 18.93
N GLY K 225 22.87 31.34 19.35
CA GLY K 225 23.31 32.68 18.95
C GLY K 225 22.72 33.19 17.64
N ALA K 226 22.09 32.35 16.81
CA ALA K 226 21.64 32.75 15.45
C ALA K 226 20.30 33.46 15.53
N THR K 227 20.14 34.41 14.61
CA THR K 227 18.87 35.14 14.29
C THR K 227 18.43 34.73 12.88
N THR K 228 19.15 33.79 12.27
CA THR K 228 18.73 33.15 11.00
C THR K 228 18.18 31.77 11.31
N PHE K 229 17.09 31.40 10.63
CA PHE K 229 16.46 30.08 10.77
C PHE K 229 16.06 29.63 9.39
N THR K 230 16.02 28.32 9.16
CA THR K 230 15.61 27.69 7.88
C THR K 230 14.34 26.87 8.09
N VAL K 231 13.36 27.08 7.23
CA VAL K 231 12.08 26.32 7.28
C VAL K 231 11.69 25.98 5.83
N TYR K 232 11.67 24.69 5.53
CA TYR K 232 11.21 24.10 4.24
C TYR K 232 9.70 23.95 4.40
N ALA K 233 8.95 24.04 3.30
CA ALA K 233 7.48 23.84 3.28
C ALA K 233 7.04 23.08 2.02
N LEU K 234 5.97 22.29 2.19
CA LEU K 234 5.34 21.54 1.09
C LEU K 234 4.08 22.29 0.71
N LEU K 235 3.96 22.68 -0.55
CA LEU K 235 2.74 23.35 -1.06
C LEU K 235 1.91 22.31 -1.83
N ASP K 236 0.60 22.26 -1.58
CA ASP K 236 -0.35 21.31 -2.21
C ASP K 236 -1.62 22.07 -2.55
N SER K 237 -2.21 21.73 -3.70
CA SER K 237 -3.40 22.40 -4.28
C SER K 237 -3.96 21.55 -5.41
N ALA K 238 -5.25 21.69 -5.72
CA ALA K 238 -5.90 21.00 -6.86
C ALA K 238 -4.99 21.07 -8.11
N SER K 239 -4.44 22.24 -8.39
CA SER K 239 -3.81 22.55 -9.71
C SER K 239 -2.31 22.29 -9.71
N ILE K 240 -1.68 22.15 -8.54
CA ILE K 240 -0.20 22.35 -8.43
C ILE K 240 0.28 22.01 -7.02
N THR K 241 1.47 21.40 -6.96
CA THR K 241 2.28 21.17 -5.73
C THR K 241 3.57 21.97 -5.83
N GLY K 242 4.25 22.18 -4.71
CA GLY K 242 5.58 22.81 -4.67
C GLY K 242 6.42 22.36 -3.47
N ALA K 243 7.74 22.43 -3.64
CA ALA K 243 8.76 22.36 -2.57
C ALA K 243 9.35 23.78 -2.37
N TYR K 244 9.35 24.27 -1.13
CA TYR K 244 9.84 25.62 -0.77
C TYR K 244 10.93 25.51 0.30
N LYS K 245 12.00 26.27 0.13
CA LYS K 245 12.99 26.53 1.20
C LYS K 245 12.99 28.03 1.50
N PHE K 246 12.84 28.36 2.77
CA PHE K 246 12.84 29.74 3.31
C PHE K 246 14.02 29.82 4.28
N THR K 247 15.02 30.64 3.94
CA THR K 247 16.14 30.96 4.86
C THR K 247 15.82 32.38 5.37
N ILE K 248 15.45 32.50 6.64
CA ILE K 248 14.82 33.74 7.21
C ILE K 248 15.78 34.42 8.23
N HIS K 249 16.15 35.67 7.92
CA HIS K 249 17.08 36.50 8.72
C HIS K 249 16.30 37.55 9.51
N CYS K 250 16.24 37.39 10.83
CA CYS K 250 15.57 38.33 11.74
C CYS K 250 16.62 39.38 12.13
N GLU K 251 16.97 40.22 11.16
CA GLU K 251 17.98 41.31 11.29
C GLU K 251 17.42 42.35 12.26
N LYS K 252 18.25 43.30 12.69
CA LYS K 252 17.87 44.33 13.68
C LYS K 252 16.80 45.24 13.09
N SER K 253 16.95 45.71 11.86
CA SER K 253 16.00 46.71 11.31
C SER K 253 14.84 46.05 10.56
N GLN K 254 14.92 44.77 10.19
CA GLN K 254 13.97 44.16 9.23
C GLN K 254 14.07 42.64 9.26
N VAL K 255 13.16 42.00 8.54
CA VAL K 255 13.24 40.55 8.22
C VAL K 255 13.52 40.40 6.72
N ILE K 256 14.61 39.70 6.39
CA ILE K 256 14.95 39.30 5.00
C ILE K 256 14.71 37.80 4.83
N MET K 257 14.00 37.40 3.78
CA MET K 257 13.68 35.99 3.51
C MET K 257 14.28 35.61 2.16
N ASP K 258 15.23 34.67 2.15
CA ASP K 258 15.78 34.03 0.92
C ASP K 258 14.86 32.85 0.55
N VAL K 259 14.00 33.03 -0.42
CA VAL K 259 13.01 32.00 -0.86
C VAL K 259 13.56 31.30 -2.08
N GLU K 260 13.48 29.97 -2.11
CA GLU K 260 13.69 29.16 -3.34
C GLU K 260 12.51 28.21 -3.44
N ASN K 261 11.87 28.13 -4.61
CA ASN K 261 10.75 27.18 -4.81
C ASN K 261 10.97 26.38 -6.12
N HIS K 262 10.23 25.26 -6.16
CA HIS K 262 10.16 24.23 -7.23
C HIS K 262 8.69 23.83 -7.32
N LEU K 263 8.05 24.06 -8.47
CA LEU K 263 6.59 23.94 -8.63
C LEU K 263 6.28 22.84 -9.65
N TYR K 264 5.24 22.07 -9.43
CA TYR K 264 4.88 20.93 -10.31
C TYR K 264 3.38 21.03 -10.60
N ALA K 265 3.05 21.49 -11.80
CA ALA K 265 1.65 21.61 -12.26
C ALA K 265 1.05 20.22 -12.45
N ARG K 266 -0.14 20.04 -11.89
CA ARG K 266 -0.97 18.83 -12.04
C ARG K 266 -1.80 18.98 -13.31
N LYS K 267 -2.39 20.16 -13.50
CA LYS K 267 -3.36 20.49 -14.58
C LYS K 267 -2.84 21.68 -15.38
N ASP K 268 -3.44 21.93 -16.55
CA ASP K 268 -3.41 23.29 -17.15
C ASP K 268 -3.90 24.26 -16.08
N ILE K 269 -3.27 25.43 -15.99
CA ILE K 269 -3.60 26.54 -15.05
C ILE K 269 -3.85 27.82 -15.86
N LYS K 270 -4.98 28.49 -15.64
CA LYS K 270 -5.29 29.78 -16.31
C LYS K 270 -4.36 30.90 -15.82
N GLN K 271 -4.11 31.05 -14.52
CA GLN K 271 -3.25 32.17 -14.04
C GLN K 271 -2.36 31.69 -12.89
N LEU K 272 -1.05 31.67 -13.13
CA LEU K 272 -0.05 31.34 -12.09
C LEU K 272 0.56 32.64 -11.57
N GLY K 273 0.57 32.83 -10.25
CA GLY K 273 1.11 34.05 -9.61
C GLY K 273 2.28 33.74 -8.70
N ILE K 274 3.48 34.14 -9.13
CA ILE K 274 4.76 33.86 -8.43
C ILE K 274 4.99 35.01 -7.46
N ALA K 275 5.53 34.71 -6.26
CA ALA K 275 5.92 35.73 -5.24
C ALA K 275 4.76 36.71 -5.00
N PRO K 276 3.51 36.23 -4.84
CA PRO K 276 2.39 37.12 -4.59
C PRO K 276 2.46 37.87 -3.25
N MET K 277 1.76 39.00 -3.23
CA MET K 277 1.63 39.92 -2.09
C MET K 277 0.15 40.28 -1.99
N THR K 278 -0.34 40.47 -0.77
CA THR K 278 -1.72 40.91 -0.53
C THR K 278 -1.69 42.06 0.49
N SER K 279 -2.24 43.21 0.10
CA SER K 279 -2.34 44.42 0.97
C SER K 279 -3.77 44.94 0.94
N MET K 280 -4.03 46.06 1.63
CA MET K 280 -5.29 46.81 1.34
C MET K 280 -5.01 48.31 1.27
N PHE K 281 -5.84 48.96 0.47
CA PHE K 281 -5.86 50.43 0.25
C PHE K 281 -7.33 50.86 0.17
N SER K 282 -7.77 51.71 1.10
CA SER K 282 -9.21 52.13 1.21
C SER K 282 -9.34 53.62 0.89
N CYS K 283 -8.44 54.42 1.49
CA CYS K 283 -8.41 55.91 1.42
C CYS K 283 -6.97 56.43 1.48
N GLY K 284 -6.53 57.09 0.41
CA GLY K 284 -5.21 57.71 0.40
C GLY K 284 -5.28 59.15 -0.07
N THR K 285 -4.23 59.63 -0.73
CA THR K 285 -4.19 61.03 -1.18
C THR K 285 -4.76 61.10 -2.58
N ASN K 286 -4.92 59.94 -3.23
CA ASN K 286 -5.39 59.89 -4.64
C ASN K 286 -6.88 59.54 -4.72
N GLU K 287 -7.64 60.32 -5.48
CA GLU K 287 -9.09 60.08 -5.70
C GLU K 287 -9.74 59.50 -4.45
N ARG K 288 -10.17 60.36 -3.53
CA ARG K 288 -10.73 59.92 -2.24
C ARG K 288 -12.24 59.72 -2.31
N ARG K 289 -12.70 58.48 -2.46
CA ARG K 289 -14.14 58.18 -2.57
C ARG K 289 -14.59 57.42 -1.32
N MET K 290 -13.65 56.83 -0.58
CA MET K 290 -14.00 56.16 0.69
C MET K 290 -13.14 56.79 1.79
N CYS K 291 -13.47 58.02 2.17
CA CYS K 291 -12.61 58.80 3.10
C CYS K 291 -13.47 59.43 4.19
N ASP K 292 -14.67 58.90 4.39
CA ASP K 292 -15.61 59.40 5.39
C ASP K 292 -15.49 58.58 6.68
N THR K 293 -14.27 58.45 7.22
CA THR K 293 -14.04 57.96 8.60
C THR K 293 -13.35 59.07 9.37
N ILE K 294 -12.99 58.86 10.63
CA ILE K 294 -12.19 59.84 11.41
C ILE K 294 -10.72 59.78 10.99
N HIS K 295 -10.38 58.96 9.99
CA HIS K 295 -8.96 58.69 9.60
C HIS K 295 -8.68 59.39 8.28
N PRO K 296 -7.72 60.34 8.26
CA PRO K 296 -7.33 61.01 7.03
C PRO K 296 -7.04 60.02 5.89
N GLN K 297 -6.29 58.96 6.23
CA GLN K 297 -5.86 57.88 5.30
C GLN K 297 -6.07 56.51 5.96
N ILE K 298 -6.39 55.50 5.16
CA ILE K 298 -6.50 54.08 5.63
C ILE K 298 -5.98 53.21 4.51
N HIS K 299 -4.82 52.59 4.74
CA HIS K 299 -4.16 51.65 3.80
C HIS K 299 -2.98 50.98 4.50
N ASP K 300 -2.72 49.72 4.13
CA ASP K 300 -1.57 48.90 4.60
C ASP K 300 -0.35 49.14 3.69
N SER K 301 -0.64 49.64 2.50
CA SER K 301 0.29 49.94 1.38
C SER K 301 -0.29 51.10 0.55
N ASP K 302 0.54 51.98 -0.04
CA ASP K 302 0.03 53.15 -0.84
C ASP K 302 0.41 53.03 -2.32
N ARG K 303 1.38 52.20 -2.69
CA ARG K 303 1.89 52.22 -4.08
C ARG K 303 2.47 50.87 -4.46
N LEU K 304 2.56 50.62 -5.75
CA LEU K 304 3.40 49.53 -6.29
C LEU K 304 4.66 50.16 -6.86
N SER K 305 5.83 49.81 -6.34
CA SER K 305 7.12 50.20 -6.97
C SER K 305 7.58 49.06 -7.87
N MET K 306 7.98 49.36 -9.10
CA MET K 306 8.59 48.36 -10.01
C MET K 306 9.96 48.86 -10.44
N TRP K 307 10.97 48.01 -10.34
CA TRP K 307 12.28 48.21 -10.99
C TRP K 307 12.39 47.24 -12.17
N ARG K 308 12.20 47.75 -13.39
CA ARG K 308 12.05 46.89 -14.61
C ARG K 308 13.42 46.35 -15.09
N GLY K 309 13.35 45.38 -16.02
CA GLY K 309 14.50 44.64 -16.56
C GLY K 309 15.49 45.58 -17.20
N ASN K 310 14.98 46.65 -17.84
CA ASN K 310 15.78 47.71 -18.52
C ASN K 310 16.22 48.84 -17.59
N GLY K 311 15.95 48.82 -16.28
CA GLY K 311 16.51 49.82 -15.35
C GLY K 311 15.53 50.94 -15.02
N GLU K 312 14.50 51.14 -15.86
CA GLU K 312 13.40 52.11 -15.61
C GLU K 312 12.75 51.80 -14.27
N TRP K 313 12.47 52.82 -13.44
CA TRP K 313 11.68 52.68 -12.19
C TRP K 313 10.26 53.20 -12.38
N ILE K 314 9.30 52.62 -11.67
CA ILE K 314 7.86 52.98 -11.80
C ILE K 314 7.21 53.09 -10.42
N CYS K 315 6.44 54.16 -10.25
CA CYS K 315 5.60 54.37 -9.05
C CYS K 315 4.15 54.36 -9.51
N ARG K 316 3.43 53.28 -9.21
CA ARG K 316 1.99 53.17 -9.52
C ARG K 316 1.22 53.30 -8.21
N PRO K 317 0.79 54.52 -7.84
CA PRO K 317 -0.07 54.70 -6.69
C PRO K 317 -1.34 53.86 -6.82
N LEU K 318 -1.66 53.13 -5.75
CA LEU K 318 -2.83 52.24 -5.62
C LEU K 318 -4.11 53.08 -5.50
N ASN K 319 -5.18 52.56 -6.10
CA ASN K 319 -6.55 53.09 -6.04
C ASN K 319 -7.43 52.15 -5.20
N ASN K 320 -8.52 52.70 -4.70
CA ASN K 320 -9.72 51.98 -4.25
C ASN K 320 -10.79 52.33 -5.27
N PRO K 321 -10.81 51.67 -6.45
CA PRO K 321 -11.76 51.99 -7.50
C PRO K 321 -13.18 51.48 -7.20
N GLN K 322 -14.18 52.08 -7.85
CA GLN K 322 -15.58 51.65 -7.61
C GLN K 322 -15.86 50.39 -8.43
N LYS K 323 -15.00 50.08 -9.40
CA LYS K 323 -15.10 48.86 -10.26
C LYS K 323 -13.81 48.04 -10.19
N LEU K 324 -13.93 46.73 -10.00
CA LEU K 324 -12.76 45.80 -9.99
C LEU K 324 -11.89 46.00 -11.25
N GLN K 325 -10.62 46.33 -11.00
CA GLN K 325 -9.55 46.49 -12.02
C GLN K 325 -8.50 45.39 -11.86
N PHE K 326 -8.09 44.79 -12.97
CA PHE K 326 -6.78 44.10 -13.11
C PHE K 326 -5.90 44.94 -14.04
N ASN K 327 -4.62 45.12 -13.72
CA ASN K 327 -3.58 45.69 -14.64
C ASN K 327 -2.40 44.72 -14.74
N ALA K 328 -1.85 44.53 -15.94
CA ALA K 328 -0.65 43.71 -16.19
C ALA K 328 0.46 44.59 -16.79
N TYR K 329 1.54 44.81 -16.03
CA TYR K 329 2.71 45.63 -16.46
C TYR K 329 3.71 44.67 -17.11
N THR K 330 3.76 44.69 -18.46
CA THR K 330 4.69 43.83 -19.24
C THR K 330 6.10 44.11 -18.75
N ASP K 331 6.95 43.08 -18.68
CA ASP K 331 8.35 43.22 -18.22
C ASP K 331 9.13 41.99 -18.68
N ASN K 332 10.44 42.01 -18.47
CA ASN K 332 11.34 40.91 -18.87
C ASN K 332 12.59 40.92 -17.98
N ASN K 333 12.78 39.90 -17.14
CA ASN K 333 13.87 39.85 -16.13
C ASN K 333 13.71 41.03 -15.19
N PRO K 334 12.53 41.16 -14.54
CA PRO K 334 12.28 42.24 -13.59
C PRO K 334 13.35 42.20 -12.50
N LYS K 335 13.86 43.34 -12.02
CA LYS K 335 14.92 43.40 -10.98
C LYS K 335 14.30 43.47 -9.59
N GLY K 336 13.06 43.93 -9.50
CA GLY K 336 12.40 44.17 -8.21
C GLY K 336 10.99 44.70 -8.37
N PHE K 337 10.12 44.41 -7.41
CA PHE K 337 8.78 45.04 -7.28
C PHE K 337 8.31 44.88 -5.84
N GLY K 338 7.48 45.80 -5.37
CA GLY K 338 7.01 45.81 -3.97
C GLY K 338 5.71 46.57 -3.78
N LEU K 339 5.02 46.30 -2.69
CA LEU K 339 3.94 47.17 -2.21
C LEU K 339 4.50 47.94 -1.01
N LEU K 340 4.72 49.24 -1.21
CA LEU K 340 5.42 50.05 -0.20
C LEU K 340 4.40 50.86 0.62
N GLN K 341 4.71 51.06 1.92
CA GLN K 341 3.98 51.95 2.86
C GLN K 341 4.94 53.07 3.28
N LEU K 342 4.97 54.15 2.52
CA LEU K 342 6.03 55.18 2.62
C LEU K 342 5.57 56.38 3.45
N ASP K 343 4.27 56.58 3.62
CA ASP K 343 3.75 57.59 4.55
C ASP K 343 3.88 57.03 5.97
N ARG K 344 4.92 57.45 6.68
CA ARG K 344 5.26 56.90 8.03
C ARG K 344 4.60 57.71 9.15
N ASP K 345 3.73 58.65 8.83
CA ASP K 345 3.35 59.79 9.71
C ASP K 345 2.02 59.47 10.40
N PHE K 346 2.10 59.16 11.70
CA PHE K 346 0.91 58.79 12.51
C PHE K 346 -0.28 59.71 12.20
N SER K 347 -0.05 61.02 12.07
CA SER K 347 -1.16 62.02 12.10
C SER K 347 -1.95 61.91 10.80
N HIS K 348 -1.35 61.34 9.74
CA HIS K 348 -2.03 61.11 8.45
C HIS K 348 -2.99 59.91 8.51
N TYR K 349 -3.05 59.18 9.61
CA TYR K 349 -3.90 57.96 9.71
C TYR K 349 -4.77 58.04 10.97
N GLN K 350 -4.18 58.41 12.11
CA GLN K 350 -4.93 58.58 13.38
C GLN K 350 -5.43 57.20 13.86
N ASP K 351 -4.80 56.10 13.46
CA ASP K 351 -5.29 54.75 13.80
C ASP K 351 -4.47 54.22 14.96
N ILE K 352 -5.13 54.08 16.11
CA ILE K 352 -4.52 53.64 17.40
C ILE K 352 -4.91 52.18 17.66
N MET K 353 -5.65 51.58 16.76
CA MET K 353 -5.95 50.12 16.76
C MET K 353 -4.87 49.40 15.94
N GLY K 354 -4.77 49.69 14.64
CA GLY K 354 -3.94 48.96 13.65
C GLY K 354 -2.58 49.62 13.33
N TRP K 355 -2.36 50.90 13.64
CA TRP K 355 -1.04 51.56 13.49
C TRP K 355 -0.56 51.48 12.04
N TYR K 356 -1.40 51.87 11.07
CA TYR K 356 -1.06 51.84 9.62
C TYR K 356 0.29 52.48 9.34
N ASN K 357 0.68 53.49 10.10
CA ASN K 357 1.93 54.25 9.89
C ASN K 357 3.16 53.42 10.29
N LYS K 358 2.97 52.33 11.00
CA LYS K 358 4.09 51.46 11.43
C LYS K 358 4.18 50.22 10.54
N ARG K 359 3.19 50.03 9.66
CA ARG K 359 3.09 48.76 8.91
C ARG K 359 4.12 48.80 7.80
N PRO K 360 4.72 47.66 7.44
CA PRO K 360 5.88 47.68 6.59
C PRO K 360 5.58 47.69 5.09
N SER K 361 6.69 47.92 4.38
CA SER K 361 6.81 47.66 2.93
C SER K 361 7.34 46.22 2.72
N LEU K 362 7.03 45.67 1.55
CA LEU K 362 7.47 44.32 1.09
C LEU K 362 8.15 44.53 -0.26
N TRP K 363 9.42 44.10 -0.37
CA TRP K 363 10.19 44.18 -1.65
C TRP K 363 10.56 42.76 -2.11
N VAL K 364 10.06 42.39 -3.28
CA VAL K 364 10.38 41.10 -3.96
C VAL K 364 11.57 41.35 -4.88
N GLU K 365 12.71 40.75 -4.57
CA GLU K 365 13.93 40.82 -5.41
C GLU K 365 14.15 39.46 -6.06
N PRO K 366 13.79 39.29 -7.35
CA PRO K 366 14.16 38.07 -8.08
C PRO K 366 15.66 37.83 -7.90
N ARG K 367 16.05 36.57 -7.71
CA ARG K 367 17.48 36.16 -7.56
C ARG K 367 17.91 35.26 -8.72
N ASN K 368 17.01 35.02 -9.67
CA ASN K 368 17.39 34.43 -10.98
C ASN K 368 16.66 35.23 -12.07
N LYS K 369 17.05 35.03 -13.31
CA LYS K 369 16.41 35.73 -14.45
C LYS K 369 15.07 35.06 -14.77
N TRP K 370 13.95 35.73 -14.42
CA TRP K 370 12.57 35.21 -14.61
C TRP K 370 12.12 35.37 -16.07
N GLY K 371 12.89 36.04 -16.90
CA GLY K 371 12.53 36.17 -18.32
C GLY K 371 11.22 36.92 -18.47
N LYS K 372 10.42 36.58 -19.48
CA LYS K 372 9.35 37.47 -19.96
C LYS K 372 8.07 37.21 -19.20
N GLY K 373 7.33 38.27 -18.91
CA GLY K 373 5.96 38.11 -18.40
C GLY K 373 5.40 39.42 -17.94
N THR K 374 4.49 39.38 -16.96
CA THR K 374 3.77 40.59 -16.48
C THR K 374 3.74 40.62 -14.95
N ILE K 375 3.71 41.84 -14.42
CA ILE K 375 3.41 42.08 -12.98
C ILE K 375 1.92 42.42 -12.89
N GLY K 376 1.17 41.54 -12.25
CA GLY K 376 -0.28 41.66 -12.07
C GLY K 376 -0.61 42.49 -10.85
N LEU K 377 -1.55 43.42 -11.01
CA LEU K 377 -2.14 44.19 -9.90
C LEU K 377 -3.65 44.11 -10.01
N MET K 378 -4.26 43.40 -9.07
CA MET K 378 -5.72 43.43 -8.87
C MET K 378 -6.04 44.41 -7.75
N GLU K 379 -6.93 45.33 -8.04
CA GLU K 379 -7.39 46.32 -7.04
C GLU K 379 -8.89 46.12 -6.94
N ILE K 380 -9.37 45.69 -5.77
CA ILE K 380 -10.81 45.35 -5.58
C ILE K 380 -11.52 46.49 -4.87
N PRO K 381 -12.79 46.78 -5.21
CA PRO K 381 -13.57 47.77 -4.46
C PRO K 381 -13.83 47.40 -3.00
N THR K 382 -13.48 48.27 -2.05
CA THR K 382 -13.72 48.13 -0.60
C THR K 382 -14.48 49.37 -0.14
N THR K 383 -15.02 49.30 1.06
CA THR K 383 -15.76 50.41 1.70
C THR K 383 -15.25 50.55 3.14
N GLY K 384 -14.04 50.05 3.41
CA GLY K 384 -13.46 50.02 4.76
C GLY K 384 -12.08 49.37 4.80
N GLU K 385 -11.76 48.71 5.90
CA GLU K 385 -10.40 48.17 6.11
C GLU K 385 -10.43 46.66 6.29
N THR K 386 -11.60 46.05 6.36
CA THR K 386 -11.71 44.60 6.67
C THR K 386 -11.39 43.74 5.43
N LEU K 387 -11.17 44.37 4.27
CA LEU K 387 -10.96 43.58 3.03
C LEU K 387 -9.57 43.84 2.46
N ASN K 388 -8.81 42.77 2.26
CA ASN K 388 -7.50 42.90 1.57
C ASN K 388 -7.92 43.01 0.12
N ASN K 389 -7.78 44.18 -0.45
CA ASN K 389 -8.43 44.46 -1.75
C ASN K 389 -7.31 44.72 -2.77
N ILE K 390 -6.07 44.45 -2.37
CA ILE K 390 -4.89 44.68 -3.23
C ILE K 390 -4.13 43.37 -3.29
N VAL K 391 -3.85 42.91 -4.50
CA VAL K 391 -3.12 41.64 -4.75
C VAL K 391 -2.22 41.88 -5.94
N CYS K 392 -0.98 41.43 -5.83
CA CYS K 392 0.12 41.70 -6.80
C CYS K 392 1.01 40.47 -6.86
N PHE K 393 1.39 40.07 -8.07
CA PHE K 393 2.23 38.88 -8.29
C PHE K 393 2.93 38.97 -9.64
N TRP K 394 3.79 38.00 -9.92
CA TRP K 394 4.48 37.82 -11.22
C TRP K 394 3.83 36.64 -11.96
N GLN K 395 3.54 36.81 -13.25
CA GLN K 395 2.87 35.80 -14.10
C GLN K 395 3.65 35.61 -15.39
N PRO K 396 4.34 34.45 -15.56
CA PRO K 396 5.16 34.20 -16.74
C PRO K 396 4.31 34.38 -17.99
N GLU K 397 4.96 34.88 -19.05
CA GLU K 397 4.34 35.01 -20.40
C GLU K 397 3.63 33.71 -20.79
N LYS K 398 4.34 32.58 -20.69
CA LYS K 398 3.91 31.28 -21.28
C LYS K 398 2.77 30.65 -20.48
N ALA K 399 1.81 30.05 -21.19
CA ALA K 399 0.66 29.36 -20.57
C ALA K 399 1.15 28.15 -19.76
N VAL K 400 0.56 27.96 -18.57
CA VAL K 400 0.89 26.81 -17.69
C VAL K 400 0.07 25.62 -18.18
N LYS K 401 0.75 24.57 -18.62
CA LYS K 401 0.09 23.33 -19.09
C LYS K 401 0.41 22.23 -18.06
N ALA K 402 -0.49 21.25 -17.91
CA ALA K 402 -0.25 20.08 -17.04
C ALA K 402 1.17 19.53 -17.26
N GLY K 403 1.89 19.26 -16.18
CA GLY K 403 3.21 18.60 -16.31
C GLY K 403 4.34 19.61 -16.26
N ASP K 404 4.02 20.89 -16.40
CA ASP K 404 5.08 21.94 -16.40
C ASP K 404 5.74 21.96 -15.03
N GLU K 405 7.03 22.28 -15.02
CA GLU K 405 7.84 22.43 -13.77
C GLU K 405 8.47 23.81 -13.80
N PHE K 406 8.69 24.40 -12.65
CA PHE K 406 9.25 25.76 -12.53
C PHE K 406 10.20 25.77 -11.33
N ALA K 407 11.15 26.71 -11.34
CA ALA K 407 12.01 27.02 -10.18
C ALA K 407 12.28 28.52 -10.15
N PHE K 408 11.79 29.20 -9.13
CA PHE K 408 12.04 30.62 -8.85
C PHE K 408 12.78 30.76 -7.54
N GLN K 409 13.80 31.62 -7.53
CA GLN K 409 14.48 32.13 -6.33
C GLN K 409 14.12 33.62 -6.15
N TYR K 410 13.89 34.08 -4.92
CA TYR K 410 13.64 35.52 -4.65
C TYR K 410 13.95 35.87 -3.19
N ARG K 411 14.45 37.09 -2.99
CA ARG K 411 14.59 37.69 -1.63
C ARG K 411 13.36 38.58 -1.36
N LEU K 412 12.75 38.41 -0.18
CA LEU K 412 11.67 39.30 0.32
C LEU K 412 12.25 40.15 1.44
N TYR K 413 12.09 41.48 1.36
CA TYR K 413 12.48 42.41 2.45
C TYR K 413 11.21 43.00 3.06
N TRP K 414 10.94 42.59 4.31
CA TRP K 414 9.90 43.12 5.22
C TRP K 414 10.48 44.29 6.01
N SER K 415 10.16 45.52 5.60
CA SER K 415 10.69 46.73 6.29
C SER K 415 10.01 48.02 5.81
N ALA K 416 10.05 49.05 6.64
CA ALA K 416 9.46 50.37 6.34
C ALA K 416 9.94 50.84 4.97
N GLN K 417 11.26 50.99 4.81
CA GLN K 417 11.85 51.48 3.53
C GLN K 417 12.31 50.30 2.70
N PRO K 418 12.01 50.22 1.38
CA PRO K 418 12.54 49.13 0.56
C PRO K 418 14.06 49.17 0.64
N PRO K 419 14.75 48.04 0.35
CA PRO K 419 16.21 48.05 0.32
C PRO K 419 16.78 48.78 -0.91
N VAL K 420 16.00 49.01 -1.96
CA VAL K 420 16.50 49.79 -3.13
C VAL K 420 15.39 50.74 -3.58
N HIS K 421 15.78 51.86 -4.21
CA HIS K 421 14.85 52.87 -4.76
C HIS K 421 15.50 53.61 -5.92
N CYS K 422 14.70 54.29 -6.72
CA CYS K 422 15.22 55.05 -7.89
C CYS K 422 16.39 55.90 -7.45
N PRO K 423 17.59 55.79 -8.07
CA PRO K 423 18.69 56.70 -7.73
C PRO K 423 18.35 58.10 -8.26
N LEU K 424 17.13 58.34 -8.72
CA LEU K 424 16.77 59.64 -9.32
C LEU K 424 15.66 60.28 -8.49
N ALA K 425 15.04 61.33 -9.00
CA ALA K 425 13.91 61.99 -8.29
C ALA K 425 12.76 60.99 -8.12
N ARG K 426 12.34 60.75 -6.88
CA ARG K 426 11.22 59.82 -6.60
C ARG K 426 9.92 60.56 -6.32
N VAL K 427 8.81 59.99 -6.75
CA VAL K 427 7.45 60.43 -6.39
C VAL K 427 7.28 60.24 -4.87
N MET K 428 6.90 61.28 -4.15
CA MET K 428 6.69 61.12 -2.70
C MET K 428 5.19 60.95 -2.42
N ALA K 429 4.32 61.53 -3.25
CA ALA K 429 2.87 61.55 -2.99
C ALA K 429 2.11 62.05 -4.23
N THR K 430 0.90 61.50 -4.44
CA THR K 430 0.06 61.78 -5.61
C THR K 430 -1.27 62.31 -5.09
N ARG K 431 -1.45 63.61 -5.12
CA ARG K 431 -2.69 64.22 -4.55
C ARG K 431 -3.61 64.54 -5.74
N THR K 432 -4.92 64.37 -5.56
CA THR K 432 -5.92 64.70 -6.61
C THR K 432 -7.06 65.47 -5.97
N GLY K 433 -7.72 66.33 -6.75
CA GLY K 433 -8.88 67.10 -6.28
C GLY K 433 -9.45 67.96 -7.38
N MET K 434 -10.29 68.93 -7.01
CA MET K 434 -10.95 69.81 -8.00
C MET K 434 -9.93 70.71 -8.69
N GLY K 435 -10.22 71.09 -9.93
CA GLY K 435 -9.37 72.02 -10.68
C GLY K 435 -10.24 73.01 -11.41
N GLY K 436 -9.66 73.79 -12.31
CA GLY K 436 -10.42 74.81 -13.05
C GLY K 436 -10.38 76.13 -12.33
N PHE K 437 -9.38 76.28 -11.47
CA PHE K 437 -9.24 77.52 -10.67
C PHE K 437 -7.77 77.74 -10.40
N SER K 438 -7.45 78.85 -9.74
CA SER K 438 -6.04 79.18 -9.46
C SER K 438 -5.68 78.68 -8.07
N GLU K 439 -4.60 77.93 -7.96
CA GLU K 439 -4.21 77.36 -6.65
C GLU K 439 -4.02 78.53 -5.69
N GLY K 440 -4.76 78.51 -4.59
CA GLY K 440 -4.66 79.59 -3.58
C GLY K 440 -5.88 80.45 -3.65
N TRP K 441 -6.67 80.27 -4.70
CA TRP K 441 -7.87 81.12 -4.90
C TRP K 441 -9.04 80.26 -5.35
N ALA K 442 -9.29 79.15 -4.66
CA ALA K 442 -10.48 78.34 -4.97
C ALA K 442 -11.67 79.22 -4.66
N PRO K 443 -12.64 79.39 -5.56
CA PRO K 443 -13.72 80.34 -5.32
C PRO K 443 -14.58 79.91 -4.12
N GLY K 444 -15.03 80.91 -3.35
CA GLY K 444 -15.75 80.72 -2.07
C GLY K 444 -17.25 80.84 -2.23
N GLU K 445 -17.71 81.59 -3.24
CA GLU K 445 -19.14 81.97 -3.37
C GLU K 445 -19.82 81.14 -4.47
N HIS K 446 -19.08 80.81 -5.51
CA HIS K 446 -19.48 79.80 -6.53
C HIS K 446 -18.47 78.65 -6.49
N TYR K 447 -18.84 77.50 -7.07
CA TYR K 447 -17.90 76.41 -7.48
C TYR K 447 -17.18 76.86 -8.73
N PRO K 448 -16.15 76.15 -9.21
CA PRO K 448 -15.52 76.50 -10.48
C PRO K 448 -16.43 76.39 -11.71
N GLU K 449 -16.12 77.23 -12.69
CA GLU K 449 -16.90 77.47 -13.93
C GLU K 449 -16.92 76.18 -14.77
N LYS K 450 -15.74 75.74 -15.19
CA LYS K 450 -15.54 74.50 -15.98
C LYS K 450 -15.20 73.32 -15.05
N TRP K 451 -15.52 72.10 -15.46
CA TRP K 451 -15.11 70.89 -14.71
C TRP K 451 -13.73 70.44 -15.17
N ALA K 452 -12.82 70.25 -14.21
CA ALA K 452 -11.51 69.57 -14.44
C ALA K 452 -11.07 68.80 -13.20
N ARG K 453 -10.09 67.90 -13.37
CA ARG K 453 -9.53 67.12 -12.24
C ARG K 453 -8.06 67.49 -12.05
N ARG K 454 -7.72 67.94 -10.83
CA ARG K 454 -6.33 68.43 -10.53
C ARG K 454 -5.48 67.27 -10.04
N PHE K 455 -4.28 67.16 -10.60
CA PHE K 455 -3.23 66.19 -10.17
C PHE K 455 -2.05 66.97 -9.61
N ALA K 456 -1.64 66.58 -8.42
CA ALA K 456 -0.43 67.13 -7.78
C ALA K 456 0.51 65.97 -7.45
N VAL K 457 1.68 65.92 -8.08
CA VAL K 457 2.69 64.85 -7.88
C VAL K 457 3.94 65.49 -7.30
N ASP K 458 4.19 65.29 -6.01
CA ASP K 458 5.39 65.85 -5.35
C ASP K 458 6.53 64.88 -5.63
N PHE K 459 7.67 65.43 -6.06
CA PHE K 459 8.91 64.69 -6.36
C PHE K 459 10.00 65.15 -5.38
N VAL K 460 10.77 64.22 -4.82
CA VAL K 460 11.92 64.50 -3.91
C VAL K 460 13.14 63.75 -4.44
N GLY K 461 14.34 64.12 -3.99
CA GLY K 461 15.61 63.40 -4.23
C GLY K 461 16.12 63.60 -5.65
N GLY K 462 17.18 62.88 -6.04
CA GLY K 462 17.75 62.96 -7.40
C GLY K 462 18.60 64.21 -7.53
N ASP K 463 18.84 64.70 -8.75
CA ASP K 463 19.62 65.94 -9.03
C ASP K 463 18.61 67.09 -9.17
N LEU K 464 17.46 67.03 -8.48
CA LEU K 464 16.36 68.03 -8.63
C LEU K 464 16.91 69.43 -8.38
N LYS K 465 17.79 69.57 -7.40
CA LYS K 465 18.32 70.89 -6.93
C LYS K 465 19.19 71.49 -8.04
N ALA K 466 20.22 70.77 -8.48
CA ALA K 466 21.16 71.17 -9.55
C ALA K 466 20.46 71.27 -10.92
N ALA K 467 19.39 70.50 -11.12
CA ALA K 467 18.63 70.47 -12.40
C ALA K 467 17.63 71.61 -12.47
N ALA K 468 17.19 72.12 -11.32
CA ALA K 468 16.11 73.14 -11.20
C ALA K 468 16.48 74.38 -12.03
N PRO K 469 17.65 75.01 -11.75
CA PRO K 469 18.07 76.19 -12.49
C PRO K 469 18.22 75.92 -14.01
N LYS K 470 18.48 74.69 -14.43
CA LYS K 470 18.75 74.33 -15.86
C LYS K 470 17.42 74.13 -16.59
N GLY K 471 16.33 73.89 -15.86
CA GLY K 471 14.98 73.73 -16.46
C GLY K 471 14.44 72.32 -16.34
N ILE K 472 13.39 72.16 -15.54
CA ILE K 472 12.65 70.88 -15.34
C ILE K 472 11.33 70.93 -16.10
N GLU K 473 11.14 70.08 -17.09
CA GLU K 473 9.89 70.03 -17.86
C GLU K 473 9.28 68.68 -17.55
N PRO K 474 8.04 68.63 -17.06
CA PRO K 474 7.33 67.37 -16.91
C PRO K 474 6.89 66.90 -18.30
N VAL K 475 7.09 65.63 -18.61
CA VAL K 475 6.55 64.99 -19.84
C VAL K 475 5.32 64.22 -19.37
N ILE K 476 4.15 64.64 -19.81
CA ILE K 476 2.85 64.00 -19.47
C ILE K 476 2.37 63.31 -20.74
N THR K 477 1.79 62.12 -20.58
CA THR K 477 1.18 61.27 -21.63
C THR K 477 -0.16 60.88 -21.06
N LEU K 478 -1.24 61.04 -21.83
CA LEU K 478 -2.62 60.65 -21.42
C LEU K 478 -3.25 59.78 -22.50
N SER K 479 -3.93 58.71 -22.10
CA SER K 479 -4.69 57.82 -23.00
C SER K 479 -5.85 58.61 -23.57
N SER K 480 -6.35 59.57 -22.80
CA SER K 480 -7.52 60.40 -23.18
C SER K 480 -7.39 61.72 -22.40
N GLY K 481 -8.09 62.78 -22.85
CA GLY K 481 -8.12 64.05 -22.10
C GLY K 481 -6.92 64.93 -22.41
N GLU K 482 -6.95 66.17 -21.94
CA GLU K 482 -5.89 67.18 -22.19
C GLU K 482 -5.32 67.61 -20.84
N ALA K 483 -4.00 67.64 -20.73
CA ALA K 483 -3.29 68.21 -19.57
C ALA K 483 -3.23 69.72 -19.76
N LYS K 484 -3.83 70.50 -18.86
CA LYS K 484 -3.78 71.99 -18.93
C LYS K 484 -3.27 72.53 -17.58
N GLN K 485 -2.98 73.82 -17.53
CA GLN K 485 -2.49 74.55 -16.33
C GLN K 485 -1.31 73.79 -15.74
N ILE K 486 -0.42 73.24 -16.56
CA ILE K 486 0.80 72.54 -16.06
C ILE K 486 1.60 73.54 -15.22
N GLU K 487 2.00 73.18 -14.01
CA GLU K 487 2.79 74.06 -13.11
C GLU K 487 3.92 73.26 -12.44
N ILE K 488 5.06 73.89 -12.20
CA ILE K 488 6.25 73.30 -11.51
C ILE K 488 6.57 74.24 -10.36
N LEU K 489 6.38 73.80 -9.12
CA LEU K 489 6.39 74.70 -7.94
C LEU K 489 7.36 74.14 -6.93
N TYR K 490 8.14 74.96 -6.28
CA TYR K 490 9.07 74.50 -5.24
C TYR K 490 8.29 74.34 -3.92
N ILE K 491 8.50 73.20 -3.23
CA ILE K 491 7.91 72.83 -1.91
C ILE K 491 9.02 72.79 -0.86
N GLU K 492 9.26 73.93 -0.20
CA GLU K 492 10.37 74.08 0.78
C GLU K 492 10.35 72.97 1.83
N PRO K 493 9.20 72.66 2.47
CA PRO K 493 9.20 71.82 3.68
C PRO K 493 9.73 70.40 3.45
N ILE K 494 9.69 69.88 2.22
CA ILE K 494 10.23 68.54 1.83
C ILE K 494 11.37 68.70 0.82
N ASP K 495 11.79 69.94 0.59
CA ASP K 495 12.88 70.29 -0.35
C ASP K 495 12.72 69.57 -1.69
N GLY K 496 11.52 69.52 -2.26
CA GLY K 496 11.29 68.92 -3.59
C GLY K 496 10.48 69.80 -4.50
N TYR K 497 9.84 69.22 -5.51
CA TYR K 497 9.10 69.94 -6.58
C TYR K 497 7.73 69.32 -6.80
N ARG K 498 6.68 70.13 -6.85
CA ARG K 498 5.32 69.62 -7.14
C ARG K 498 5.03 69.91 -8.60
N ILE K 499 4.61 68.90 -9.34
CA ILE K 499 3.97 69.09 -10.67
C ILE K 499 2.46 69.03 -10.45
N GLN K 500 1.77 70.10 -10.84
CA GLN K 500 0.29 70.12 -10.91
C GLN K 500 -0.09 70.21 -12.37
N PHE K 501 -1.13 69.47 -12.77
CA PHE K 501 -1.85 69.70 -14.05
C PHE K 501 -3.33 69.46 -13.80
N ASP K 502 -4.16 70.12 -14.58
CA ASP K 502 -5.62 69.91 -14.66
C ASP K 502 -5.92 69.02 -15.86
N TRP K 503 -6.57 67.89 -15.61
CA TRP K 503 -7.06 67.03 -16.71
C TRP K 503 -8.40 67.57 -17.15
N TYR K 504 -8.53 67.96 -18.42
CA TYR K 504 -9.82 68.26 -19.09
C TYR K 504 -10.22 67.08 -19.98
N PRO K 505 -11.48 66.57 -19.89
CA PRO K 505 -11.90 65.47 -20.74
C PRO K 505 -12.02 65.94 -22.20
N THR K 506 -11.93 65.00 -23.14
CA THR K 506 -12.16 65.27 -24.59
C THR K 506 -13.32 64.41 -25.06
N SER K 507 -13.96 63.69 -24.15
CA SER K 507 -14.90 62.61 -24.53
C SER K 507 -15.99 62.42 -23.47
N ASP K 508 -17.16 61.91 -23.87
CA ASP K 508 -18.20 61.44 -22.92
C ASP K 508 -17.80 60.11 -22.28
N SER K 509 -16.63 59.56 -22.62
CA SER K 509 -16.22 58.17 -22.27
C SER K 509 -15.84 58.11 -20.78
N THR K 510 -16.32 57.08 -20.07
CA THR K 510 -15.97 56.79 -18.66
C THR K 510 -14.81 55.77 -18.62
N ASP K 511 -14.26 55.43 -19.78
CA ASP K 511 -13.09 54.50 -19.90
C ASP K 511 -11.96 55.02 -19.03
N PRO K 512 -11.31 54.13 -18.27
CA PRO K 512 -10.08 54.46 -17.56
C PRO K 512 -9.13 55.32 -18.40
N VAL K 513 -8.42 56.22 -17.73
CA VAL K 513 -7.42 57.10 -18.37
C VAL K 513 -6.06 56.70 -17.82
N ASP K 514 -5.24 56.10 -18.66
CA ASP K 514 -3.87 55.67 -18.28
C ASP K 514 -2.99 56.90 -18.45
N MET K 515 -2.51 57.47 -17.34
CA MET K 515 -1.61 58.65 -17.35
C MET K 515 -0.19 58.22 -16.98
N ARG K 516 0.78 58.90 -17.56
CA ARG K 516 2.22 58.57 -17.44
C ARG K 516 2.93 59.92 -17.27
N MET K 517 3.86 60.07 -16.32
CA MET K 517 4.63 61.34 -16.15
C MET K 517 6.05 61.07 -15.65
N TYR K 518 7.04 61.75 -16.22
CA TYR K 518 8.41 61.86 -15.65
C TYR K 518 8.93 63.29 -15.81
N LEU K 519 10.06 63.57 -15.16
CA LEU K 519 10.76 64.87 -15.25
C LEU K 519 11.91 64.76 -16.26
N ARG K 520 11.98 65.72 -17.19
CA ARG K 520 13.09 65.85 -18.18
C ARG K 520 13.88 67.12 -17.87
N CYS K 521 15.15 67.11 -18.26
CA CYS K 521 16.08 68.24 -18.07
C CYS K 521 17.19 68.12 -19.10
N GLN K 522 17.11 68.95 -20.15
CA GLN K 522 18.08 68.94 -21.29
C GLN K 522 18.04 67.57 -21.94
N GLY K 523 16.84 67.02 -22.05
CA GLY K 523 16.56 65.81 -22.86
C GLY K 523 16.70 64.54 -22.05
N ASP K 524 17.52 64.52 -21.00
CA ASP K 524 17.70 63.35 -20.08
C ASP K 524 16.54 63.30 -19.06
N ALA K 525 16.02 62.11 -18.77
CA ALA K 525 15.05 61.88 -17.67
C ALA K 525 15.80 61.94 -16.34
N ILE K 526 15.20 62.58 -15.31
CA ILE K 526 15.82 62.84 -13.97
C ILE K 526 14.93 62.33 -12.83
N SER K 527 13.85 61.61 -13.17
CA SER K 527 12.85 61.08 -12.21
C SER K 527 12.46 59.65 -12.60
N GLU K 528 11.93 58.87 -11.65
CA GLU K 528 11.17 57.65 -11.95
C GLU K 528 9.90 58.03 -12.72
N THR K 529 9.32 57.05 -13.38
CA THR K 529 8.04 57.23 -14.11
C THR K 529 6.90 57.06 -13.12
N TRP K 530 5.85 57.84 -13.32
CA TRP K 530 4.64 57.79 -12.48
C TRP K 530 3.49 57.30 -13.34
N LEU K 531 3.03 56.07 -13.12
CA LEU K 531 1.82 55.57 -13.81
C LEU K 531 0.65 55.84 -12.88
N TYR K 532 -0.42 56.43 -13.42
CA TYR K 532 -1.70 56.62 -12.68
C TYR K 532 -2.84 56.09 -13.52
N GLN K 533 -3.89 55.63 -12.85
CA GLN K 533 -5.11 55.14 -13.52
C GLN K 533 -6.30 55.88 -12.94
N TYR K 534 -6.82 56.81 -13.75
CA TYR K 534 -7.92 57.73 -13.38
C TYR K 534 -9.25 57.17 -13.92
N PHE K 535 -10.33 57.29 -13.15
CA PHE K 535 -11.71 56.92 -13.57
C PHE K 535 -12.55 58.18 -13.69
N PRO K 536 -12.68 58.76 -14.91
CA PRO K 536 -13.46 59.96 -15.11
C PRO K 536 -14.89 59.62 -14.73
N PRO K 537 -15.58 60.57 -14.08
CA PRO K 537 -16.99 60.39 -13.74
C PRO K 537 -17.81 60.43 -15.03
N ALA K 538 -19.05 59.93 -14.93
CA ALA K 538 -20.12 60.02 -15.94
C ALA K 538 -20.25 61.47 -16.38
N PRO K 539 -20.54 61.78 -17.67
CA PRO K 539 -20.56 63.17 -18.14
C PRO K 539 -21.67 63.96 -17.42
N ASP K 540 -22.74 63.28 -17.01
CA ASP K 540 -23.82 63.96 -16.25
C ASP K 540 -23.28 64.46 -14.89
N LYS K 541 -22.28 63.81 -14.28
CA LYS K 541 -21.71 64.29 -12.99
C LYS K 541 -20.38 65.04 -13.20
N ARG K 542 -20.01 65.44 -14.42
CA ARG K 542 -18.82 66.32 -14.59
C ARG K 542 -19.22 67.78 -14.36
N GLN K 543 -19.67 68.09 -13.15
CA GLN K 543 -20.25 69.41 -12.77
C GLN K 543 -20.58 69.40 -11.28
N TYR K 544 -20.70 70.57 -10.63
CA TYR K 544 -20.86 70.68 -9.16
C TYR K 544 -22.28 71.17 -8.84
N VAL K 545 -22.89 70.60 -7.81
CA VAL K 545 -24.30 70.92 -7.40
C VAL K 545 -24.19 71.86 -6.20
N ASP K 546 -24.60 73.12 -6.35
CA ASP K 546 -24.45 74.16 -5.29
C ASP K 546 -25.70 74.25 -4.42
N ASP K 547 -25.75 73.51 -3.31
CA ASP K 547 -26.97 73.35 -2.48
C ASP K 547 -26.91 74.28 -1.24
N ARG K 548 -26.08 75.32 -1.26
CA ARG K 548 -25.91 76.20 -0.07
C ARG K 548 -27.25 76.93 0.14
N VAL K 549 -27.49 77.42 1.36
CA VAL K 549 -28.67 78.29 1.72
C VAL K 549 -28.17 79.43 2.63
N MET K 550 -28.58 80.67 2.33
CA MET K 550 -28.15 81.87 3.10
C MET K 550 -29.38 82.49 3.77
N SER K 551 -29.91 81.86 4.81
CA SER K 551 -31.18 82.33 5.44
C SER K 551 -30.94 82.70 6.92
N LEU K 552 -31.84 83.53 7.45
CA LEU K 552 -31.87 83.90 8.89
C LEU K 552 -32.80 82.95 9.64
N GLU K 553 -32.82 81.67 9.25
CA GLU K 553 -33.66 80.60 9.87
C GLU K 553 -32.90 79.93 11.02
N HIS K 554 -31.56 80.00 11.03
CA HIS K 554 -30.68 79.29 12.00
C HIS K 554 -29.90 80.29 12.84
N HIS K 555 -30.58 80.85 13.86
CA HIS K 555 -30.01 81.65 14.98
C HIS K 555 -30.17 80.85 16.28
N HIS K 556 -29.12 80.79 17.10
CA HIS K 556 -29.01 79.95 18.33
C HIS K 556 -28.49 80.81 19.50
N HIS K 557 -29.10 80.70 20.69
CA HIS K 557 -28.75 81.50 21.90
C HIS K 557 -28.46 80.54 23.09
N HIS K 558 -27.26 80.65 23.67
CA HIS K 558 -26.83 79.76 24.77
C HIS K 558 -26.56 80.59 26.02
N SER L 35 12.42 117.21 4.28
CA SER L 35 12.94 115.80 4.26
C SER L 35 11.84 114.81 4.70
N ASP L 36 11.20 115.05 5.85
CA ASP L 36 9.98 114.32 6.33
C ASP L 36 8.85 114.51 5.30
N ILE L 37 7.95 113.55 5.19
CA ILE L 37 6.85 113.54 4.18
C ILE L 37 5.67 114.36 4.72
N ALA L 38 5.59 114.60 6.03
CA ALA L 38 4.45 115.26 6.67
C ALA L 38 4.54 116.76 6.43
N ASP L 39 3.75 117.31 5.51
CA ASP L 39 3.93 118.72 5.15
C ASP L 39 2.61 119.50 5.10
N GLY L 40 1.55 119.00 5.75
CA GLY L 40 0.29 119.75 5.90
C GLY L 40 0.38 120.78 7.01
N GLN L 41 -0.75 121.42 7.30
CA GLN L 41 -0.86 122.50 8.32
C GLN L 41 -0.70 121.89 9.71
N THR L 42 0.14 122.50 10.55
CA THR L 42 0.35 122.12 11.98
C THR L 42 -0.93 122.30 12.78
N GLN L 43 -1.41 121.23 13.42
CA GLN L 43 -2.62 121.18 14.27
C GLN L 43 -2.31 120.42 15.56
N ARG L 44 -2.84 120.86 16.69
CA ARG L 44 -2.63 120.14 17.96
C ARG L 44 -3.45 118.85 18.01
N PHE L 45 -2.86 117.78 18.53
CA PHE L 45 -3.49 116.44 18.54
C PHE L 45 -3.11 115.65 19.79
N ASP L 46 -4.08 114.88 20.27
CA ASP L 46 -3.90 113.87 21.32
C ASP L 46 -5.18 113.02 21.38
N PHE L 47 -5.23 112.02 22.27
CA PHE L 47 -6.39 111.09 22.31
C PHE L 47 -7.70 111.86 22.62
N SER L 48 -7.65 112.80 23.57
CA SER L 48 -8.80 113.66 23.95
C SER L 48 -9.36 114.38 22.72
N ILE L 49 -8.48 114.99 21.94
CA ILE L 49 -8.88 115.80 20.76
C ILE L 49 -9.61 114.90 19.76
N LEU L 50 -9.21 113.64 19.62
CA LEU L 50 -9.83 112.71 18.62
C LEU L 50 -11.23 112.32 19.10
N GLN L 51 -11.34 112.01 20.39
CA GLN L 51 -12.65 111.78 21.07
C GLN L 51 -13.58 112.97 20.81
N SER L 52 -13.06 114.20 20.81
CA SER L 52 -13.86 115.41 20.51
C SER L 52 -14.26 115.40 19.03
N MET L 53 -13.33 115.12 18.10
CA MET L 53 -13.59 115.15 16.63
C MET L 53 -14.74 114.19 16.36
N ALA L 54 -14.66 113.04 17.03
CA ALA L 54 -15.51 111.87 16.82
C ALA L 54 -16.91 112.20 17.33
N HIS L 55 -16.97 112.70 18.56
CA HIS L 55 -18.23 113.01 19.28
C HIS L 55 -18.90 114.20 18.55
N ASP L 56 -18.10 115.15 18.09
CA ASP L 56 -18.62 116.28 17.29
C ASP L 56 -19.15 115.73 15.97
N LEU L 57 -18.38 114.86 15.32
CA LEU L 57 -18.75 114.28 14.01
C LEU L 57 -20.13 113.59 14.14
N ALA L 58 -20.38 112.98 15.30
CA ALA L 58 -21.62 112.23 15.62
C ALA L 58 -22.85 113.15 15.64
N GLN L 59 -22.65 114.41 16.01
CA GLN L 59 -23.73 115.43 16.05
C GLN L 59 -24.16 115.79 14.64
N THR L 60 -23.34 115.57 13.62
CA THR L 60 -23.69 115.99 12.24
C THR L 60 -24.12 114.73 11.46
N ALA L 61 -24.48 114.92 10.19
CA ALA L 61 -24.90 113.84 9.29
C ALA L 61 -23.65 113.03 8.93
N TRP L 62 -23.79 111.74 8.68
CA TRP L 62 -22.73 110.94 8.03
C TRP L 62 -22.31 111.63 6.71
N ARG L 63 -21.01 111.69 6.45
CA ARG L 63 -20.43 112.22 5.18
C ARG L 63 -20.90 111.42 3.96
N GLY L 64 -21.42 110.20 4.17
CA GLY L 64 -21.91 109.34 3.08
C GLY L 64 -20.80 108.61 2.31
N ALA L 65 -21.22 107.85 1.30
CA ALA L 65 -20.36 107.04 0.40
C ALA L 65 -19.27 107.90 -0.24
N PRO L 66 -18.05 107.36 -0.47
CA PRO L 66 -16.98 108.16 -1.06
C PRO L 66 -17.32 108.69 -2.46
N ARG L 67 -16.78 109.86 -2.83
CA ARG L 67 -16.88 110.39 -4.22
C ARG L 67 -16.16 109.45 -5.19
N PRO L 68 -16.58 109.42 -6.47
CA PRO L 68 -15.82 108.72 -7.51
C PRO L 68 -14.35 109.12 -7.46
N LEU L 69 -13.42 108.18 -7.55
CA LEU L 69 -11.95 108.45 -7.66
C LEU L 69 -11.65 109.15 -8.98
N PRO L 70 -10.45 109.74 -9.16
CA PRO L 70 -10.03 110.23 -10.49
C PRO L 70 -10.13 109.11 -11.54
N ASP L 71 -10.44 109.45 -12.80
CA ASP L 71 -10.82 108.44 -13.85
C ASP L 71 -9.68 107.44 -14.05
N THR L 72 -8.43 107.92 -13.98
CA THR L 72 -7.23 107.09 -14.21
C THR L 72 -7.24 105.90 -13.23
N LEU L 73 -7.83 106.03 -12.04
CA LEU L 73 -7.76 104.98 -10.97
C LEU L 73 -9.05 104.17 -10.93
N ALA L 74 -10.17 104.76 -11.34
CA ALA L 74 -11.53 104.15 -11.34
C ALA L 74 -11.54 102.93 -12.25
N THR L 75 -10.74 102.96 -13.32
CA THR L 75 -10.89 102.03 -14.48
C THR L 75 -9.58 101.25 -14.62
N MET L 76 -9.13 100.66 -13.51
CA MET L 76 -7.75 100.11 -13.36
C MET L 76 -7.77 98.58 -13.42
N THR L 77 -6.99 97.99 -14.33
CA THR L 77 -6.65 96.55 -14.29
C THR L 77 -5.89 96.27 -12.98
N PRO L 78 -6.13 95.15 -12.27
CA PRO L 78 -5.28 94.76 -11.15
C PRO L 78 -3.78 94.68 -11.46
N GLN L 79 -3.37 94.47 -12.72
CA GLN L 79 -1.94 94.59 -13.12
C GLN L 79 -1.51 96.02 -12.77
N ALA L 80 -2.23 96.99 -13.35
CA ALA L 80 -1.92 98.44 -13.33
C ALA L 80 -1.68 98.88 -11.88
N TYR L 81 -2.54 98.42 -10.98
CA TYR L 81 -2.55 98.82 -9.55
C TYR L 81 -1.32 98.24 -8.84
N ASN L 82 -1.05 96.96 -9.08
CA ASN L 82 0.07 96.21 -8.43
C ASN L 82 1.43 96.76 -8.86
N SER L 83 1.52 97.38 -10.03
CA SER L 83 2.80 97.93 -10.53
C SER L 83 3.04 99.33 -9.91
N ILE L 84 2.08 99.85 -9.10
CA ILE L 84 2.26 101.04 -8.21
C ILE L 84 2.95 100.58 -6.91
N GLN L 85 4.10 101.19 -6.58
CA GLN L 85 5.00 100.84 -5.45
C GLN L 85 5.33 102.12 -4.69
N TYR L 86 4.84 102.26 -3.48
CA TYR L 86 5.22 103.37 -2.57
C TYR L 86 6.76 103.48 -2.56
N ASP L 87 7.31 104.69 -2.69
CA ASP L 87 8.78 104.90 -2.72
C ASP L 87 9.38 104.74 -1.32
N ALA L 88 10.04 103.61 -1.04
CA ALA L 88 10.61 103.20 0.28
C ALA L 88 11.53 104.28 0.87
N GLU L 89 11.96 105.24 0.04
CA GLU L 89 12.87 106.34 0.46
C GLU L 89 12.05 107.54 0.98
N LYS L 90 10.75 107.55 0.70
CA LYS L 90 9.78 108.52 1.26
C LYS L 90 8.94 107.80 2.31
N SER L 91 9.51 106.81 2.99
CA SER L 91 8.80 106.07 4.07
C SER L 91 8.54 107.02 5.27
N LEU L 92 7.52 106.70 6.08
CA LEU L 92 6.99 107.58 7.17
C LEU L 92 8.10 108.01 8.14
N TRP L 93 8.95 107.10 8.57
CA TRP L 93 9.97 107.35 9.63
C TRP L 93 11.38 107.28 9.04
N HIS L 94 11.53 107.58 7.73
CA HIS L 94 12.84 107.58 7.01
C HIS L 94 13.89 108.41 7.76
N ASN L 95 13.49 109.46 8.48
CA ASN L 95 14.40 110.43 9.17
C ASN L 95 14.82 109.92 10.55
N VAL L 96 14.13 108.97 11.16
CA VAL L 96 14.46 108.56 12.56
C VAL L 96 15.73 107.68 12.59
N GLU L 97 16.73 108.06 13.36
CA GLU L 97 18.00 107.30 13.51
C GLU L 97 17.79 106.07 14.40
N ASN L 98 18.25 104.90 13.94
CA ASN L 98 18.19 103.59 14.65
C ASN L 98 16.74 103.09 14.57
N ARG L 99 16.04 103.50 13.53
CA ARG L 99 14.65 103.05 13.25
C ARG L 99 14.59 101.51 13.32
N GLN L 100 13.76 100.95 14.21
CA GLN L 100 13.48 99.49 14.22
C GLN L 100 12.15 99.23 13.53
N LEU L 101 11.39 100.27 13.22
CA LEU L 101 10.07 100.17 12.58
C LEU L 101 10.02 101.18 11.45
N ASP L 102 9.29 100.94 10.38
CA ASP L 102 9.02 102.02 9.39
C ASP L 102 7.64 101.72 8.84
N ALA L 103 7.12 102.58 7.97
CA ALA L 103 5.77 102.41 7.41
C ALA L 103 5.69 102.99 6.01
N GLN L 104 4.77 102.46 5.22
CA GLN L 104 4.49 102.89 3.84
C GLN L 104 2.98 102.92 3.69
N PHE L 105 2.47 103.55 2.64
CA PHE L 105 1.01 103.68 2.40
C PHE L 105 0.66 102.81 1.20
N PHE L 106 -0.62 102.48 1.10
CA PHE L 106 -1.25 101.80 -0.05
C PHE L 106 -1.96 102.88 -0.84
N HIS L 107 -1.80 102.83 -2.16
CA HIS L 107 -2.44 103.71 -3.15
C HIS L 107 -3.95 103.46 -3.18
N MET L 108 -4.69 104.53 -3.41
CA MET L 108 -6.15 104.42 -3.57
C MET L 108 -6.39 103.76 -4.92
N GLY L 109 -7.49 103.01 -5.02
CA GLY L 109 -7.79 102.28 -6.26
C GLY L 109 -8.54 100.99 -5.95
N MET L 110 -8.94 100.24 -6.98
CA MET L 110 -9.69 98.98 -6.79
C MET L 110 -10.81 99.23 -5.76
N GLY L 111 -10.95 98.33 -4.78
CA GLY L 111 -12.02 98.47 -3.77
C GLY L 111 -11.76 99.61 -2.82
N PHE L 112 -10.50 100.03 -2.70
CA PHE L 112 -10.15 101.18 -1.84
C PHE L 112 -10.70 102.47 -2.45
N ARG L 113 -11.82 102.93 -1.89
CA ARG L 113 -12.51 104.15 -2.37
C ARG L 113 -12.60 105.19 -1.25
N ARG L 114 -12.56 104.77 0.02
CA ARG L 114 -12.56 105.69 1.19
C ARG L 114 -11.21 106.39 1.27
N ARG L 115 -11.19 107.70 1.04
CA ARG L 115 -9.92 108.45 1.06
C ARG L 115 -9.46 108.53 2.50
N VAL L 116 -8.53 107.67 2.90
CA VAL L 116 -8.00 107.68 4.30
C VAL L 116 -6.90 108.73 4.38
N ARG L 117 -7.09 109.68 5.30
CA ARG L 117 -6.13 110.80 5.53
C ARG L 117 -5.11 110.33 6.55
N MET L 118 -3.85 110.69 6.35
CA MET L 118 -2.73 110.21 7.19
C MET L 118 -1.98 111.40 7.82
N PHE L 119 -1.68 111.32 9.11
CA PHE L 119 -1.05 112.41 9.88
C PHE L 119 0.18 111.88 10.58
N SER L 120 1.17 112.74 10.76
CA SER L 120 2.34 112.48 11.64
C SER L 120 2.25 113.36 12.88
N VAL L 121 2.32 112.76 14.07
CA VAL L 121 2.26 113.46 15.39
C VAL L 121 3.64 113.41 16.05
N ASP L 122 4.17 114.57 16.48
CA ASP L 122 5.32 114.64 17.44
C ASP L 122 4.75 114.48 18.85
N PRO L 123 4.96 113.33 19.53
CA PRO L 123 4.35 113.13 20.85
C PRO L 123 4.88 114.10 21.92
N ALA L 124 6.06 114.71 21.69
CA ALA L 124 6.68 115.72 22.60
C ALA L 124 5.81 116.99 22.65
N THR L 125 5.43 117.51 21.48
CA THR L 125 4.78 118.85 21.34
C THR L 125 3.26 118.73 21.19
N HIS L 126 2.76 117.53 20.96
CA HIS L 126 1.32 117.26 20.71
C HIS L 126 0.86 117.98 19.44
N LEU L 127 1.77 118.14 18.47
CA LEU L 127 1.46 118.76 17.16
C LEU L 127 1.46 117.70 16.08
N ALA L 128 0.54 117.83 15.13
CA ALA L 128 0.29 116.86 14.06
C ALA L 128 0.34 117.57 12.71
N ARG L 129 1.00 116.97 11.72
CA ARG L 129 0.95 117.50 10.34
C ARG L 129 0.32 116.43 9.44
N GLU L 130 -0.64 116.79 8.59
CA GLU L 130 -1.17 115.86 7.57
C GLU L 130 -0.04 115.48 6.59
N ILE L 131 -0.04 114.21 6.15
CA ILE L 131 0.67 113.73 4.94
C ILE L 131 -0.34 113.73 3.80
N HIS L 132 -0.34 114.77 2.97
CA HIS L 132 -1.25 114.85 1.80
C HIS L 132 -0.74 113.90 0.72
N PHE L 133 -1.66 113.23 0.05
CA PHE L 133 -1.30 112.43 -1.13
C PHE L 133 -0.59 113.35 -2.13
N ARG L 134 0.55 112.86 -2.63
CA ARG L 134 1.36 113.47 -3.69
C ARG L 134 1.85 112.31 -4.55
N PRO L 135 1.75 112.37 -5.90
CA PRO L 135 2.16 111.23 -6.72
C PRO L 135 3.65 110.91 -6.51
N GLU L 136 4.42 111.88 -6.02
CA GLU L 136 5.88 111.73 -5.85
C GLU L 136 6.19 110.72 -4.74
N LEU L 137 5.18 110.23 -4.04
CA LEU L 137 5.39 109.30 -2.90
C LEU L 137 5.32 107.88 -3.45
N PHE L 138 5.11 107.78 -4.76
CA PHE L 138 4.90 106.48 -5.43
C PHE L 138 5.74 106.41 -6.71
N LYS L 139 6.13 105.19 -7.05
CA LYS L 139 6.70 104.81 -8.39
C LYS L 139 5.56 104.13 -9.14
N TYR L 140 5.17 104.64 -10.31
CA TYR L 140 3.96 104.15 -11.01
C TYR L 140 4.34 103.02 -11.98
N ASN L 141 5.58 103.02 -12.49
CA ASN L 141 6.17 101.91 -13.29
C ASN L 141 5.30 101.59 -14.51
N ASP L 142 4.92 100.32 -14.69
CA ASP L 142 4.16 99.83 -15.87
C ASP L 142 2.68 100.20 -15.69
N ALA L 143 2.37 101.11 -14.75
CA ALA L 143 0.98 101.31 -14.24
C ALA L 143 0.05 101.66 -15.41
N GLY L 144 0.44 102.58 -16.28
CA GLY L 144 -0.47 103.16 -17.29
C GLY L 144 -1.52 104.02 -16.61
N VAL L 145 -1.06 104.98 -15.81
CA VAL L 145 -1.89 105.89 -14.97
C VAL L 145 -1.51 107.32 -15.37
N ASP L 146 -2.47 108.16 -15.75
CA ASP L 146 -2.20 109.60 -16.08
C ASP L 146 -1.87 110.33 -14.76
N THR L 147 -0.63 110.19 -14.31
CA THR L 147 -0.10 110.88 -13.11
C THR L 147 -0.58 112.33 -13.11
N LYS L 148 -0.76 112.92 -14.29
CA LYS L 148 -1.15 114.36 -14.40
C LYS L 148 -2.52 114.62 -13.76
N GLN L 149 -3.50 113.74 -13.90
CA GLN L 149 -4.83 113.97 -13.27
C GLN L 149 -4.79 113.54 -11.78
N LEU L 150 -3.61 113.19 -11.26
CA LEU L 150 -3.40 112.85 -9.82
C LEU L 150 -2.51 113.90 -9.14
N GLU L 151 -2.15 114.98 -9.84
CA GLU L 151 -1.14 115.92 -9.26
C GLU L 151 -1.70 116.74 -8.09
N GLY L 152 -2.69 117.59 -8.32
CA GLY L 152 -3.15 118.45 -7.22
C GLY L 152 -4.15 117.79 -6.29
N GLN L 153 -4.36 116.48 -6.44
CA GLN L 153 -5.32 115.74 -5.60
C GLN L 153 -4.74 115.56 -4.19
N SER L 154 -4.78 116.59 -3.36
CA SER L 154 -4.16 116.55 -2.01
C SER L 154 -5.09 115.87 -1.01
N ASP L 155 -6.33 115.63 -1.42
CA ASP L 155 -7.34 115.00 -0.54
C ASP L 155 -7.53 113.52 -0.95
N LEU L 156 -6.73 113.01 -1.90
CA LEU L 156 -6.91 111.62 -2.42
C LEU L 156 -6.68 110.68 -1.24
N GLY L 157 -5.70 111.05 -0.44
CA GLY L 157 -5.23 110.25 0.70
C GLY L 157 -4.69 108.93 0.23
N PHE L 158 -4.90 107.89 1.05
CA PHE L 158 -4.35 106.54 0.81
C PHE L 158 -5.38 105.52 1.25
N ALA L 159 -5.22 104.30 0.79
CA ALA L 159 -6.15 103.19 1.10
C ALA L 159 -5.91 102.68 2.51
N GLY L 160 -4.69 102.82 2.99
CA GLY L 160 -4.26 102.13 4.22
C GLY L 160 -2.77 102.30 4.46
N PHE L 161 -2.23 101.58 5.45
CA PHE L 161 -0.79 101.64 5.77
C PHE L 161 -0.33 100.27 6.24
N ARG L 162 0.98 100.05 6.10
CA ARG L 162 1.67 98.85 6.63
C ARG L 162 2.97 99.30 7.33
N VAL L 163 3.36 98.53 8.34
CA VAL L 163 4.57 98.73 9.19
C VAL L 163 5.54 97.56 8.94
N PHE L 164 6.83 97.86 8.74
CA PHE L 164 7.91 96.87 8.57
C PHE L 164 8.76 96.89 9.84
N LYS L 165 9.50 95.81 10.09
CA LYS L 165 10.32 95.69 11.32
C LYS L 165 11.72 95.30 10.88
N ALA L 166 12.71 95.71 11.64
CA ALA L 166 14.11 95.37 11.31
C ALA L 166 14.30 93.88 11.53
N PRO L 167 14.96 93.17 10.60
CA PRO L 167 15.95 93.77 9.71
C PRO L 167 15.43 94.01 8.29
N GLU L 168 14.13 94.00 8.09
CA GLU L 168 13.53 94.25 6.75
C GLU L 168 12.50 95.36 6.88
N LEU L 169 12.92 96.61 6.67
CA LEU L 169 12.01 97.77 6.88
C LEU L 169 11.38 98.21 5.58
N ALA L 170 11.61 97.49 4.48
CA ALA L 170 10.93 97.82 3.21
C ALA L 170 10.36 96.57 2.54
N ARG L 171 10.27 95.45 3.26
CA ARG L 171 9.59 94.22 2.77
C ARG L 171 9.18 93.37 3.98
N ARG L 172 8.33 92.38 3.79
CA ARG L 172 7.92 91.46 4.90
C ARG L 172 7.23 92.30 5.98
N ASP L 173 6.17 93.03 5.63
CA ASP L 173 5.46 93.91 6.61
C ASP L 173 4.87 93.05 7.71
N VAL L 174 4.76 93.57 8.94
CA VAL L 174 4.25 92.81 10.12
C VAL L 174 2.87 93.30 10.56
N VAL L 175 2.47 94.51 10.16
CA VAL L 175 1.13 95.09 10.47
C VAL L 175 0.58 95.75 9.22
N SER L 176 -0.70 95.59 8.98
CA SER L 176 -1.40 96.19 7.82
C SER L 176 -2.82 96.56 8.26
N PHE L 177 -3.15 97.85 8.24
CA PHE L 177 -4.54 98.38 8.28
C PHE L 177 -4.92 98.74 6.83
N LEU L 178 -5.89 98.06 6.25
CA LEU L 178 -6.30 98.31 4.84
C LEU L 178 -7.68 97.70 4.60
N GLY L 179 -8.64 98.50 4.11
CA GLY L 179 -10.03 98.08 3.89
C GLY L 179 -10.92 98.39 5.08
N ALA L 180 -11.87 99.30 4.91
CA ALA L 180 -12.87 99.71 5.92
C ALA L 180 -12.25 99.88 7.31
N SER L 181 -12.71 99.13 8.33
CA SER L 181 -12.18 99.10 9.73
C SER L 181 -11.22 97.92 9.93
N TYR L 182 -10.78 97.28 8.83
CA TYR L 182 -10.03 95.98 8.79
C TYR L 182 -8.52 96.21 8.93
N PHE L 183 -7.89 95.33 9.70
CA PHE L 183 -6.42 95.27 9.88
C PHE L 183 -6.00 93.84 10.22
N ARG L 184 -4.72 93.51 10.05
CA ARG L 184 -4.20 92.18 10.46
C ARG L 184 -2.70 92.28 10.78
N ALA L 185 -2.17 91.29 11.50
CA ALA L 185 -0.74 91.23 11.86
C ALA L 185 -0.25 89.79 11.84
N VAL L 186 1.06 89.61 12.02
CA VAL L 186 1.80 88.33 11.81
C VAL L 186 2.69 88.05 13.02
N ASP L 187 2.98 86.77 13.27
CA ASP L 187 3.96 86.32 14.30
C ASP L 187 5.31 86.07 13.63
N ASP L 188 6.21 85.34 14.32
CA ASP L 188 7.58 85.05 13.84
C ASP L 188 7.51 84.26 12.51
N THR L 189 6.35 83.73 12.11
CA THR L 189 6.20 83.11 10.76
C THR L 189 6.11 84.16 9.67
N TYR L 190 5.66 85.37 9.99
CA TYR L 190 5.55 86.47 9.01
C TYR L 190 4.52 86.12 7.95
N GLN L 191 3.62 85.19 8.27
CA GLN L 191 2.52 84.86 7.33
C GLN L 191 1.24 85.53 7.81
N TYR L 192 0.53 86.25 6.94
CA TYR L 192 -0.77 86.83 7.33
C TYR L 192 -1.83 85.72 7.30
N GLY L 193 -2.74 85.72 8.28
CA GLY L 193 -3.78 84.67 8.35
C GLY L 193 -5.18 85.26 8.45
N LEU L 194 -5.68 85.42 9.67
CA LEU L 194 -7.05 85.97 9.88
C LEU L 194 -6.98 87.50 9.97
N SER L 195 -8.13 88.17 10.07
CA SER L 195 -8.17 89.63 10.12
C SER L 195 -8.99 90.09 11.31
N ALA L 196 -8.88 91.36 11.66
CA ALA L 196 -9.69 91.93 12.75
C ALA L 196 -10.30 93.22 12.25
N ARG L 197 -11.29 93.74 12.95
CA ARG L 197 -11.82 95.08 12.57
C ARG L 197 -11.87 95.97 13.82
N GLY L 198 -12.00 97.28 13.58
CA GLY L 198 -12.35 98.27 14.62
C GLY L 198 -13.71 97.92 15.19
N LEU L 199 -14.66 97.64 14.29
CA LEU L 199 -16.10 97.50 14.65
C LEU L 199 -16.86 96.70 13.62
N ALA L 200 -17.90 96.01 14.07
CA ALA L 200 -18.90 95.31 13.22
C ALA L 200 -20.29 95.86 13.51
N ILE L 201 -21.07 96.14 12.46
CA ILE L 201 -22.47 96.69 12.51
C ILE L 201 -23.38 95.82 11.65
N ASP L 202 -24.37 95.16 12.27
CA ASP L 202 -25.48 94.50 11.55
C ASP L 202 -24.96 93.30 10.73
N THR L 203 -23.97 92.58 11.25
CA THR L 203 -23.39 91.40 10.55
C THR L 203 -24.49 90.37 10.26
N TYR L 204 -25.47 90.21 11.16
CA TYR L 204 -26.58 89.22 11.08
C TYR L 204 -27.91 89.86 11.55
N THR L 205 -28.73 90.40 10.61
CA THR L 205 -30.16 90.84 10.83
C THR L 205 -30.95 91.07 9.52
N ASP L 206 -32.22 91.50 9.65
CA ASP L 206 -33.20 91.80 8.55
C ASP L 206 -32.54 92.68 7.48
N SER L 207 -31.70 93.64 7.88
CA SER L 207 -31.03 94.58 6.95
C SER L 207 -29.66 94.02 6.54
N LYS L 208 -29.05 94.66 5.54
CA LYS L 208 -27.69 94.42 5.04
C LYS L 208 -26.66 94.89 6.10
N GLU L 209 -25.50 94.24 6.13
CA GLU L 209 -24.36 94.63 6.99
C GLU L 209 -23.85 96.01 6.56
N GLU L 210 -23.41 96.79 7.56
CA GLU L 210 -22.78 98.13 7.46
C GLU L 210 -21.29 98.02 7.84
N PHE L 211 -20.44 98.57 6.98
CA PHE L 211 -18.97 98.50 7.08
C PHE L 211 -18.39 99.88 7.39
N PRO L 212 -18.25 100.22 8.70
CA PRO L 212 -17.50 101.39 9.12
C PRO L 212 -16.10 101.41 8.49
N ASP L 213 -15.65 102.63 8.15
CA ASP L 213 -14.31 102.98 7.62
C ASP L 213 -13.52 103.66 8.75
N PHE L 214 -12.23 103.33 8.85
CA PHE L 214 -11.18 104.19 9.40
C PHE L 214 -10.86 105.17 8.28
N THR L 215 -11.10 106.46 8.53
CA THR L 215 -11.05 107.55 7.51
C THR L 215 -9.82 108.40 7.77
N ALA L 216 -9.13 108.16 8.88
CA ALA L 216 -7.93 108.92 9.28
C ALA L 216 -7.10 108.14 10.30
N PHE L 217 -5.78 108.26 10.18
CA PHE L 217 -4.78 107.66 11.09
C PHE L 217 -3.79 108.74 11.50
N TRP L 218 -3.42 108.70 12.76
CA TRP L 218 -2.45 109.65 13.34
C TRP L 218 -1.34 108.78 13.91
N PHE L 219 -0.11 109.01 13.48
CA PHE L 219 1.04 108.15 13.84
C PHE L 219 1.99 108.91 14.75
N ASP L 220 2.10 108.57 16.04
CA ASP L 220 3.22 109.07 16.88
C ASP L 220 4.53 108.64 16.17
N THR L 221 5.37 109.60 15.80
CA THR L 221 6.76 109.35 15.36
C THR L 221 7.44 108.36 16.31
N VAL L 222 8.10 107.33 15.76
CA VAL L 222 8.75 106.26 16.56
C VAL L 222 10.05 106.72 17.18
N LYS L 223 10.26 106.31 18.42
CA LYS L 223 11.52 106.61 19.11
C LYS L 223 12.62 105.80 18.42
N PRO L 224 13.85 106.35 18.37
CA PRO L 224 15.02 105.54 18.06
C PRO L 224 15.04 104.29 18.94
N GLY L 225 15.21 103.12 18.30
CA GLY L 225 15.46 101.85 18.97
C GLY L 225 14.21 101.10 19.33
N ALA L 226 13.04 101.73 19.19
CA ALA L 226 11.75 101.18 19.68
C ALA L 226 11.13 100.31 18.59
N THR L 227 10.47 99.26 19.08
CA THR L 227 9.61 98.29 18.35
C THR L 227 8.16 98.41 18.83
N THR L 228 7.85 99.40 19.67
CA THR L 228 6.45 99.85 19.93
C THR L 228 6.22 101.14 19.12
N PHE L 229 5.10 101.20 18.40
CA PHE L 229 4.60 102.45 17.80
C PHE L 229 3.16 102.62 18.28
N THR L 230 2.65 103.84 18.14
CA THR L 230 1.28 104.22 18.56
C THR L 230 0.58 104.90 17.40
N VAL L 231 -0.54 104.37 16.96
CA VAL L 231 -1.34 104.97 15.87
C VAL L 231 -2.75 105.17 16.41
N TYR L 232 -3.35 106.33 16.15
CA TYR L 232 -4.75 106.67 16.53
C TYR L 232 -5.57 106.58 15.24
N ALA L 233 -6.87 106.34 15.36
CA ALA L 233 -7.76 106.17 14.19
C ALA L 233 -9.13 106.76 14.49
N LEU L 234 -9.66 107.48 13.49
CA LEU L 234 -11.06 107.94 13.45
C LEU L 234 -11.90 106.93 12.65
N LEU L 235 -12.88 106.33 13.32
CA LEU L 235 -13.92 105.47 12.70
C LEU L 235 -15.12 106.36 12.37
N ASP L 236 -15.78 106.09 11.25
CA ASP L 236 -16.92 106.87 10.74
C ASP L 236 -17.80 105.97 9.89
N SER L 237 -19.09 105.95 10.17
CA SER L 237 -20.07 105.11 9.46
C SER L 237 -21.45 105.76 9.55
N ALA L 238 -22.37 105.42 8.64
CA ALA L 238 -23.77 105.90 8.71
C ALA L 238 -24.25 105.94 10.16
N SER L 239 -24.01 104.88 10.91
CA SER L 239 -24.73 104.61 12.18
C SER L 239 -23.93 105.06 13.40
N ILE L 240 -22.65 105.40 13.24
CA ILE L 240 -21.71 105.50 14.40
C ILE L 240 -20.37 106.11 14.00
N THR L 241 -19.75 106.81 14.97
CA THR L 241 -18.35 107.32 14.89
C THR L 241 -17.55 106.79 16.09
N GLY L 242 -16.22 106.79 15.99
CA GLY L 242 -15.36 106.35 17.11
C GLY L 242 -13.96 106.94 17.09
N ALA L 243 -13.33 106.97 18.26
CA ALA L 243 -11.92 107.37 18.43
C ALA L 243 -11.15 106.17 19.00
N TYR L 244 -10.18 105.70 18.23
CA TYR L 244 -9.39 104.49 18.54
C TYR L 244 -7.95 104.90 18.80
N LYS L 245 -7.35 104.32 19.85
CA LYS L 245 -5.89 104.34 20.08
C LYS L 245 -5.33 102.90 20.05
N PHE L 246 -4.39 102.66 19.17
CA PHE L 246 -3.65 101.39 19.07
C PHE L 246 -2.21 101.61 19.55
N THR L 247 -1.84 101.05 20.69
CA THR L 247 -0.42 100.96 21.11
C THR L 247 0.11 99.58 20.71
N ILE L 248 0.85 99.51 19.61
CA ILE L 248 1.21 98.22 18.95
C ILE L 248 2.67 97.85 19.26
N HIS L 249 2.88 96.74 19.97
CA HIS L 249 4.20 96.15 20.30
C HIS L 249 4.61 95.04 19.33
N CYS L 250 5.56 95.29 18.43
CA CYS L 250 6.13 94.26 17.53
C CYS L 250 7.24 93.50 18.27
N GLU L 251 6.84 92.65 19.21
CA GLU L 251 7.75 91.73 19.97
C GLU L 251 8.43 90.78 18.99
N LYS L 252 9.34 89.97 19.55
CA LYS L 252 10.19 89.03 18.78
C LYS L 252 9.31 87.92 18.22
N SER L 253 8.44 87.34 19.04
CA SER L 253 7.63 86.14 18.69
C SER L 253 6.18 86.47 18.32
N GLN L 254 5.72 87.72 18.41
CA GLN L 254 4.30 88.06 18.15
C GLN L 254 4.09 89.58 18.08
N VAL L 255 2.89 90.00 17.69
CA VAL L 255 2.42 91.41 17.78
C VAL L 255 1.36 91.47 18.87
N ILE L 256 1.56 92.35 19.86
CA ILE L 256 0.53 92.70 20.89
C ILE L 256 0.04 94.12 20.62
N MET L 257 -1.29 94.29 20.58
CA MET L 257 -1.98 95.59 20.39
C MET L 257 -2.80 95.90 21.64
N ASP L 258 -2.47 96.99 22.32
CA ASP L 258 -3.32 97.62 23.38
C ASP L 258 -4.26 98.56 22.64
N VAL L 259 -5.55 98.21 22.62
CA VAL L 259 -6.62 98.93 21.91
C VAL L 259 -7.51 99.59 22.96
N GLU L 260 -7.77 100.89 22.77
CA GLU L 260 -8.82 101.66 23.48
C GLU L 260 -9.63 102.37 22.41
N ASN L 261 -10.96 102.32 22.55
CA ASN L 261 -11.91 103.09 21.70
C ASN L 261 -12.94 103.82 22.57
N HIS L 262 -13.55 104.82 21.96
CA HIS L 262 -14.79 105.54 22.38
C HIS L 262 -15.72 105.58 21.18
N LEU L 263 -17.00 105.28 21.38
CA LEU L 263 -17.96 105.07 20.27
C LEU L 263 -19.17 105.95 20.54
N TYR L 264 -19.68 106.59 19.49
CA TYR L 264 -20.79 107.57 19.58
C TYR L 264 -21.83 107.18 18.54
N ALA L 265 -22.98 106.68 19.01
CA ALA L 265 -24.07 106.19 18.13
C ALA L 265 -24.82 107.37 17.52
N ARG L 266 -24.86 107.47 16.20
CA ARG L 266 -25.72 108.40 15.45
C ARG L 266 -27.16 107.88 15.41
N LYS L 267 -27.37 106.59 15.13
CA LYS L 267 -28.70 105.97 14.98
C LYS L 267 -28.85 104.87 16.04
N ASP L 268 -30.09 104.44 16.29
CA ASP L 268 -30.37 103.10 16.86
C ASP L 268 -29.55 102.08 16.04
N ILE L 269 -28.98 101.06 16.68
CA ILE L 269 -28.17 100.03 15.97
C ILE L 269 -28.70 98.65 16.37
N LYS L 270 -29.09 97.86 15.36
CA LYS L 270 -29.72 96.53 15.53
C LYS L 270 -28.70 95.60 16.17
N GLN L 271 -27.46 95.57 15.66
CA GLN L 271 -26.37 94.68 16.17
C GLN L 271 -25.02 95.40 16.20
N LEU L 272 -24.52 95.67 17.40
CA LEU L 272 -23.19 96.29 17.61
C LEU L 272 -22.18 95.21 18.04
N GLY L 273 -21.11 95.03 17.23
CA GLY L 273 -20.05 94.03 17.41
C GLY L 273 -18.71 94.65 17.78
N ILE L 274 -18.23 94.33 18.98
CA ILE L 274 -16.97 94.91 19.55
C ILE L 274 -15.80 93.95 19.32
N ALA L 275 -14.63 94.49 19.00
CA ALA L 275 -13.37 93.72 18.86
C ALA L 275 -13.57 92.55 17.90
N PRO L 276 -14.25 92.75 16.76
CA PRO L 276 -14.57 91.65 15.84
C PRO L 276 -13.32 91.02 15.23
N MET L 277 -13.51 89.77 14.83
CA MET L 277 -12.52 88.98 14.05
C MET L 277 -13.18 88.47 12.77
N THR L 278 -12.38 88.34 11.72
CA THR L 278 -12.84 87.72 10.45
C THR L 278 -11.80 86.71 10.00
N SER L 279 -12.22 85.43 9.92
CA SER L 279 -11.37 84.32 9.44
C SER L 279 -12.12 83.51 8.40
N MET L 280 -11.55 82.36 8.04
CA MET L 280 -12.25 81.42 7.16
C MET L 280 -11.91 79.98 7.53
N PHE L 281 -12.78 79.08 7.13
CA PHE L 281 -12.75 77.66 7.50
C PHE L 281 -13.56 76.92 6.44
N SER L 282 -12.85 76.23 5.54
CA SER L 282 -13.42 75.52 4.37
C SER L 282 -13.47 74.01 4.65
N CYS L 283 -12.34 73.44 5.08
CA CYS L 283 -12.21 71.98 5.29
C CYS L 283 -11.32 71.74 6.51
N GLY L 284 -11.81 71.03 7.51
CA GLY L 284 -10.96 70.66 8.66
C GLY L 284 -11.07 69.18 8.96
N THR L 285 -11.10 68.82 10.24
CA THR L 285 -11.19 67.41 10.65
C THR L 285 -12.64 67.08 10.98
N ASN L 286 -13.49 68.11 11.10
CA ASN L 286 -14.90 67.95 11.51
C ASN L 286 -15.83 68.08 10.31
N GLU L 287 -16.82 67.19 10.20
CA GLU L 287 -17.81 67.21 9.10
C GLU L 287 -17.17 67.72 7.81
N ARG L 288 -16.47 66.84 7.10
CA ARG L 288 -15.71 67.22 5.89
C ARG L 288 -16.59 67.20 4.65
N ARG L 289 -17.46 68.21 4.50
CA ARG L 289 -18.42 68.31 3.35
C ARG L 289 -17.77 69.04 2.18
N MET L 290 -16.71 69.85 2.38
CA MET L 290 -16.05 70.61 1.26
C MET L 290 -14.54 70.36 1.30
N CYS L 291 -14.12 69.16 0.91
CA CYS L 291 -12.72 68.68 1.14
C CYS L 291 -12.17 67.98 -0.10
N ASP L 292 -12.73 68.29 -1.25
CA ASP L 292 -12.37 67.65 -2.53
C ASP L 292 -11.36 68.54 -3.23
N THR L 293 -10.30 68.90 -2.55
CA THR L 293 -9.12 69.59 -3.14
C THR L 293 -7.90 68.72 -2.86
N ILE L 294 -6.71 69.16 -3.25
CA ILE L 294 -5.47 68.39 -3.01
C ILE L 294 -5.04 68.63 -1.56
N HIS L 295 -5.77 69.50 -0.86
CA HIS L 295 -5.39 69.93 0.51
C HIS L 295 -6.23 69.17 1.52
N PRO L 296 -5.62 68.36 2.41
CA PRO L 296 -6.35 67.65 3.45
C PRO L 296 -7.16 68.59 4.33
N GLN L 297 -6.64 69.81 4.54
CA GLN L 297 -7.30 70.87 5.36
C GLN L 297 -7.08 72.24 4.71
N ILE L 298 -8.12 73.06 4.72
CA ILE L 298 -8.08 74.49 4.25
C ILE L 298 -8.84 75.32 5.29
N HIS L 299 -8.12 76.10 6.09
CA HIS L 299 -8.69 77.08 7.04
C HIS L 299 -7.62 78.04 7.55
N ASP L 300 -8.03 79.24 7.98
CA ASP L 300 -7.15 80.30 8.55
C ASP L 300 -7.18 80.22 10.09
N SER L 301 -8.13 79.41 10.58
CA SER L 301 -8.53 79.24 12.00
C SER L 301 -9.37 77.97 12.08
N ASP L 302 -9.37 77.26 13.21
CA ASP L 302 -10.08 75.95 13.35
C ASP L 302 -11.07 75.97 14.52
N ARG L 303 -10.94 76.91 15.45
CA ARG L 303 -11.84 76.88 16.63
C ARG L 303 -12.12 78.29 17.15
N LEU L 304 -13.21 78.42 17.91
CA LEU L 304 -13.47 79.56 18.81
C LEU L 304 -13.07 79.15 20.23
N SER L 305 -12.09 79.83 20.81
CA SER L 305 -11.68 79.59 22.22
C SER L 305 -12.30 80.69 23.07
N MET L 306 -13.08 80.32 24.08
CA MET L 306 -13.70 81.29 25.02
C MET L 306 -13.23 80.94 26.42
N TRP L 307 -12.87 81.96 27.18
CA TRP L 307 -12.56 81.90 28.63
C TRP L 307 -13.63 82.77 29.30
N ARG L 308 -14.62 82.14 29.92
CA ARG L 308 -15.86 82.84 30.32
C ARG L 308 -15.64 83.53 31.67
N GLY L 309 -16.58 84.39 32.06
CA GLY L 309 -16.47 85.21 33.27
C GLY L 309 -16.37 84.36 34.52
N ASN L 310 -17.11 83.25 34.58
CA ASN L 310 -17.11 82.30 35.72
C ASN L 310 -15.81 81.47 35.81
N GLY L 311 -14.94 81.43 34.78
CA GLY L 311 -13.64 80.72 34.82
C GLY L 311 -13.60 79.50 33.88
N GLU L 312 -14.77 79.01 33.46
CA GLU L 312 -14.97 77.93 32.45
C GLU L 312 -14.27 78.29 31.13
N TRP L 313 -13.71 77.28 30.48
CA TRP L 313 -13.05 77.38 29.16
C TRP L 313 -13.90 76.64 28.14
N ILE L 314 -14.02 77.18 26.92
CA ILE L 314 -14.77 76.49 25.84
C ILE L 314 -13.94 76.41 24.56
N CYS L 315 -14.09 75.27 23.89
CA CYS L 315 -13.51 74.98 22.58
C CYS L 315 -14.66 74.64 21.64
N ARG L 316 -15.08 75.61 20.86
CA ARG L 316 -16.10 75.39 19.81
C ARG L 316 -15.35 75.27 18.50
N PRO L 317 -15.13 74.05 17.97
CA PRO L 317 -14.68 73.90 16.59
C PRO L 317 -15.62 74.58 15.59
N LEU L 318 -15.02 75.24 14.59
CA LEU L 318 -15.72 75.98 13.52
C LEU L 318 -16.30 75.00 12.51
N ASN L 319 -17.47 75.32 11.94
CA ASN L 319 -18.08 74.48 10.87
C ASN L 319 -18.01 75.26 9.55
N ASN L 320 -18.01 74.53 8.42
CA ASN L 320 -18.34 75.07 7.09
C ASN L 320 -19.71 74.46 6.77
N PRO L 321 -20.78 75.07 7.31
CA PRO L 321 -22.13 74.51 7.21
C PRO L 321 -22.75 74.71 5.82
N GLN L 322 -23.68 73.84 5.40
CA GLN L 322 -24.35 74.03 4.08
C GLN L 322 -25.37 75.17 4.23
N LYS L 323 -25.77 75.48 5.47
CA LYS L 323 -26.71 76.57 5.81
C LYS L 323 -26.05 77.61 6.72
N LEU L 324 -26.26 78.90 6.44
CA LEU L 324 -25.74 80.05 7.23
C LEU L 324 -26.23 79.96 8.67
N GLN L 325 -25.28 79.92 9.61
CA GLN L 325 -25.52 79.81 11.06
C GLN L 325 -25.06 81.06 11.80
N PHE L 326 -25.84 81.52 12.78
CA PHE L 326 -25.37 82.46 13.82
C PHE L 326 -25.50 81.80 15.19
N ASN L 327 -24.51 81.98 16.05
CA ASN L 327 -24.56 81.46 17.43
C ASN L 327 -24.12 82.58 18.36
N ALA L 328 -24.82 82.73 19.48
CA ALA L 328 -24.59 83.76 20.52
C ALA L 328 -24.36 83.05 21.85
N TYR L 329 -23.10 83.06 22.31
CA TYR L 329 -22.65 82.39 23.55
C TYR L 329 -22.76 83.46 24.61
N THR L 330 -23.83 83.38 25.39
CA THR L 330 -24.08 84.25 26.56
C THR L 330 -22.86 84.24 27.48
N ASP L 331 -22.57 85.38 28.12
CA ASP L 331 -21.43 85.49 29.06
C ASP L 331 -21.57 86.80 29.82
N ASN L 332 -20.77 86.98 30.84
CA ASN L 332 -20.76 88.17 31.72
C ASN L 332 -19.31 88.41 32.17
N ASN L 333 -18.72 89.54 31.79
CA ASN L 333 -17.29 89.86 32.06
C ASN L 333 -16.41 88.76 31.48
N PRO L 334 -16.47 88.57 30.15
CA PRO L 334 -15.65 87.59 29.47
C PRO L 334 -14.17 87.88 29.75
N LYS L 335 -13.38 86.85 30.01
CA LYS L 335 -11.94 86.99 30.34
C LYS L 335 -11.09 86.95 29.09
N GLY L 336 -11.58 86.28 28.05
CA GLY L 336 -10.93 86.27 26.74
C GLY L 336 -11.72 85.48 25.72
N PHE L 337 -11.36 85.65 24.46
CA PHE L 337 -11.89 84.82 23.36
C PHE L 337 -11.02 85.08 22.15
N GLY L 338 -10.95 84.11 21.24
CA GLY L 338 -10.09 84.15 20.04
C GLY L 338 -10.49 83.13 19.00
N LEU L 339 -10.18 83.41 17.75
CA LEU L 339 -10.10 82.39 16.69
C LEU L 339 -8.64 81.91 16.64
N LEU L 340 -8.42 80.65 17.01
CA LEU L 340 -7.07 80.00 17.08
C LEU L 340 -6.86 79.11 15.85
N GLN L 341 -5.64 79.14 15.29
CA GLN L 341 -5.15 78.18 14.28
C GLN L 341 -4.12 77.27 14.98
N LEU L 342 -4.58 76.18 15.58
CA LEU L 342 -3.71 75.36 16.44
C LEU L 342 -3.12 74.15 15.74
N ASP L 343 -3.48 73.85 14.48
CA ASP L 343 -2.81 72.77 13.70
C ASP L 343 -1.67 73.40 12.92
N ARG L 344 -0.44 73.20 13.37
CA ARG L 344 0.75 73.92 12.83
C ARG L 344 1.48 73.08 11.78
N ASP L 345 0.88 71.99 11.32
CA ASP L 345 1.55 70.91 10.57
C ASP L 345 1.35 71.12 9.06
N PHE L 346 2.40 71.58 8.35
CA PHE L 346 2.37 71.81 6.89
C PHE L 346 1.64 70.64 6.20
N SER L 347 1.96 69.40 6.56
CA SER L 347 1.50 68.20 5.81
C SER L 347 -0.03 68.04 5.88
N HIS L 348 -0.69 68.67 6.85
CA HIS L 348 -2.16 68.61 7.03
C HIS L 348 -2.88 69.59 6.11
N TYR L 349 -2.15 70.46 5.41
CA TYR L 349 -2.74 71.48 4.51
C TYR L 349 -2.11 71.44 3.11
N GLN L 350 -0.80 71.25 3.01
CA GLN L 350 -0.12 71.10 1.70
C GLN L 350 -0.24 72.39 0.89
N ASP L 351 -0.50 73.55 1.51
CA ASP L 351 -0.66 74.83 0.76
C ASP L 351 0.66 75.58 0.80
N ILE L 352 1.28 75.74 -0.38
CA ILE L 352 2.60 76.38 -0.59
C ILE L 352 2.39 77.76 -1.23
N MET L 353 1.13 78.12 -1.49
CA MET L 353 0.73 79.50 -1.89
C MET L 353 0.50 80.30 -0.61
N GLY L 354 -0.47 79.88 0.21
CA GLY L 354 -1.00 80.68 1.33
C GLY L 354 -0.44 80.30 2.69
N TRP L 355 0.17 79.11 2.81
CA TRP L 355 0.87 78.62 4.03
C TRP L 355 -0.07 78.64 5.26
N TYR L 356 -1.28 78.11 5.12
CA TYR L 356 -2.28 78.02 6.21
C TYR L 356 -1.62 77.60 7.54
N ASN L 357 -0.66 76.67 7.50
CA ASN L 357 0.01 76.17 8.74
C ASN L 357 0.76 77.27 9.50
N LYS L 358 1.16 78.35 8.84
CA LYS L 358 1.98 79.43 9.47
C LYS L 358 1.07 80.58 9.96
N ARG L 359 -0.16 80.61 9.46
CA ARG L 359 -1.14 81.68 9.77
C ARG L 359 -1.41 81.66 11.27
N PRO L 360 -1.63 82.83 11.91
CA PRO L 360 -1.70 82.90 13.36
C PRO L 360 -3.09 82.78 13.99
N SER L 361 -3.04 82.58 15.30
CA SER L 361 -4.20 82.70 16.24
C SER L 361 -4.36 84.17 16.62
N LEU L 362 -5.59 84.61 16.90
CA LEU L 362 -5.87 85.97 17.43
C LEU L 362 -6.63 85.82 18.75
N TRP L 363 -6.10 86.40 19.82
CA TRP L 363 -6.73 86.44 21.17
C TRP L 363 -7.15 87.86 21.55
N VAL L 364 -8.44 88.05 21.85
CA VAL L 364 -9.04 89.27 22.44
C VAL L 364 -9.09 89.11 23.96
N GLU L 365 -8.43 90.01 24.69
CA GLU L 365 -8.42 90.02 26.17
C GLU L 365 -9.07 91.31 26.66
N PRO L 366 -10.36 91.34 27.02
CA PRO L 366 -10.95 92.52 27.64
C PRO L 366 -10.04 93.04 28.77
N ARG L 367 -9.88 94.36 28.88
CA ARG L 367 -9.00 95.01 29.91
C ARG L 367 -9.86 95.60 31.02
N ASN L 368 -11.17 95.59 30.83
CA ASN L 368 -12.10 96.02 31.89
C ASN L 368 -13.23 95.01 31.93
N LYS L 369 -14.07 95.08 32.96
CA LYS L 369 -15.25 94.17 33.06
C LYS L 369 -16.29 94.54 32.00
N TRP L 370 -16.43 93.77 30.92
CA TRP L 370 -17.33 94.17 29.79
C TRP L 370 -18.81 93.92 30.14
N GLY L 371 -19.12 93.34 31.29
CA GLY L 371 -20.52 93.13 31.71
C GLY L 371 -21.25 92.10 30.86
N LYS L 372 -22.59 92.14 30.84
CA LYS L 372 -23.40 91.05 30.24
C LYS L 372 -23.58 91.29 28.73
N GLY L 373 -23.40 90.23 27.95
CA GLY L 373 -23.79 90.17 26.53
C GLY L 373 -23.49 88.81 25.94
N THR L 374 -23.30 88.76 24.63
CA THR L 374 -23.03 87.47 23.93
C THR L 374 -21.78 87.59 23.05
N ILE L 375 -20.98 86.54 23.02
CA ILE L 375 -19.98 86.31 21.94
C ILE L 375 -20.74 85.69 20.76
N GLY L 376 -20.75 86.39 19.63
CA GLY L 376 -21.49 85.99 18.43
C GLY L 376 -20.55 85.34 17.44
N LEU L 377 -21.00 84.25 16.84
CA LEU L 377 -20.19 83.51 15.86
C LEU L 377 -21.08 83.24 14.65
N MET L 378 -20.74 83.89 13.53
CA MET L 378 -21.48 83.65 12.28
C MET L 378 -20.62 82.76 11.39
N GLU L 379 -21.19 81.65 10.94
CA GLU L 379 -20.47 80.71 10.06
C GLU L 379 -21.23 80.66 8.75
N ILE L 380 -20.65 81.21 7.69
CA ILE L 380 -21.30 81.28 6.36
C ILE L 380 -20.81 80.13 5.51
N PRO L 381 -21.65 79.54 4.63
CA PRO L 381 -21.16 78.50 3.71
C PRO L 381 -20.09 78.95 2.71
N THR L 382 -19.08 78.11 2.46
CA THR L 382 -17.99 78.38 1.48
C THR L 382 -17.76 77.12 0.63
N THR L 383 -17.16 77.26 -0.55
CA THR L 383 -16.90 76.12 -1.46
C THR L 383 -15.43 76.18 -1.87
N GLY L 384 -14.62 76.86 -1.05
CA GLY L 384 -13.24 77.29 -1.35
C GLY L 384 -12.61 78.15 -0.26
N GLU L 385 -11.58 78.89 -0.65
CA GLU L 385 -10.68 79.64 0.28
C GLU L 385 -10.93 81.15 0.12
N THR L 386 -11.60 81.57 -0.95
CA THR L 386 -11.72 83.02 -1.31
C THR L 386 -12.69 83.84 -0.45
N LEU L 387 -13.58 83.21 0.30
CA LEU L 387 -14.64 83.97 1.02
C LEU L 387 -14.39 83.76 2.51
N ASN L 388 -14.16 84.86 3.24
CA ASN L 388 -13.95 84.84 4.71
C ASN L 388 -15.33 84.56 5.27
N ASN L 389 -15.54 83.33 5.71
CA ASN L 389 -16.91 82.84 6.03
C ASN L 389 -17.11 82.78 7.56
N ILE L 390 -16.18 83.31 8.34
CA ILE L 390 -16.23 83.27 9.83
C ILE L 390 -16.09 84.69 10.36
N VAL L 391 -17.09 85.14 11.11
CA VAL L 391 -17.05 86.43 11.80
C VAL L 391 -17.41 86.17 13.26
N CYS L 392 -16.63 86.77 14.14
CA CYS L 392 -16.83 86.64 15.61
C CYS L 392 -16.61 88.00 16.28
N PHE L 393 -17.45 88.31 17.27
CA PHE L 393 -17.40 89.61 17.98
C PHE L 393 -18.11 89.49 19.32
N TRP L 394 -17.86 90.46 20.20
CA TRP L 394 -18.65 90.69 21.43
C TRP L 394 -19.81 91.66 21.17
N GLN L 395 -20.99 91.34 21.65
CA GLN L 395 -22.21 92.18 21.43
C GLN L 395 -22.87 92.40 22.78
N PRO L 396 -22.83 93.64 23.34
CA PRO L 396 -23.32 93.90 24.69
C PRO L 396 -24.82 93.64 24.75
N GLU L 397 -25.31 93.24 25.93
CA GLU L 397 -26.73 92.84 26.18
C GLU L 397 -27.69 93.94 25.73
N LYS L 398 -27.39 95.18 26.12
CA LYS L 398 -28.31 96.33 25.99
C LYS L 398 -28.34 96.82 24.55
N ALA L 399 -29.57 96.99 24.03
CA ALA L 399 -29.90 97.54 22.70
C ALA L 399 -29.24 98.92 22.57
N VAL L 400 -28.60 99.15 21.42
CA VAL L 400 -27.89 100.42 21.12
C VAL L 400 -28.90 101.41 20.55
N LYS L 401 -29.10 102.54 21.24
CA LYS L 401 -30.01 103.63 20.79
C LYS L 401 -29.15 104.84 20.40
N ALA L 402 -29.67 105.70 19.52
CA ALA L 402 -29.00 106.96 19.12
C ALA L 402 -28.58 107.75 20.36
N GLY L 403 -27.38 108.35 20.32
CA GLY L 403 -26.82 109.14 21.42
C GLY L 403 -25.90 108.33 22.30
N ASP L 404 -26.13 107.02 22.38
CA ASP L 404 -25.38 106.10 23.29
C ASP L 404 -23.87 106.33 23.10
N GLU L 405 -23.11 106.26 24.19
CA GLU L 405 -21.64 106.39 24.15
C GLU L 405 -21.05 105.14 24.80
N PHE L 406 -20.05 104.55 24.17
CA PHE L 406 -19.37 103.34 24.70
C PHE L 406 -17.88 103.59 24.81
N ALA L 407 -17.22 102.79 25.63
CA ALA L 407 -15.74 102.77 25.79
C ALA L 407 -15.31 101.32 26.09
N PHE L 408 -14.48 100.73 25.22
CA PHE L 408 -13.84 99.40 25.42
C PHE L 408 -12.33 99.56 25.39
N GLN L 409 -11.66 98.82 26.26
CA GLN L 409 -10.20 98.56 26.18
C GLN L 409 -9.97 97.05 26.07
N TYR L 410 -9.17 96.62 25.09
CA TYR L 410 -8.83 95.19 24.90
C TYR L 410 -7.42 95.04 24.34
N ARG L 411 -6.76 93.97 24.76
CA ARG L 411 -5.47 93.57 24.18
C ARG L 411 -5.75 92.50 23.13
N LEU L 412 -5.15 92.68 21.94
CA LEU L 412 -5.06 91.68 20.85
C LEU L 412 -3.64 91.10 20.85
N TYR L 413 -3.55 89.76 20.82
CA TYR L 413 -2.32 88.97 20.63
C TYR L 413 -2.39 88.21 19.31
N TRP L 414 -1.67 88.70 18.30
CA TRP L 414 -1.44 88.00 17.02
C TRP L 414 -0.29 87.03 17.24
N SER L 415 -0.56 85.73 17.35
CA SER L 415 0.51 84.71 17.50
C SER L 415 -0.04 83.29 17.41
N ALA L 416 0.79 82.36 16.97
CA ALA L 416 0.43 80.94 16.73
C ALA L 416 -0.35 80.41 17.93
N GLN L 417 0.27 80.47 19.10
CA GLN L 417 -0.36 80.05 20.37
C GLN L 417 -0.99 81.27 21.03
N PRO L 418 -2.25 81.22 21.54
CA PRO L 418 -2.78 82.31 22.37
C PRO L 418 -1.88 82.50 23.59
N PRO L 419 -1.96 83.63 24.32
CA PRO L 419 -1.12 83.87 25.49
C PRO L 419 -1.62 83.11 26.73
N VAL L 420 -2.83 82.57 26.68
CA VAL L 420 -3.40 81.83 27.83
C VAL L 420 -4.30 80.74 27.25
N HIS L 421 -4.48 79.67 28.00
CA HIS L 421 -5.17 78.42 27.58
C HIS L 421 -5.64 77.66 28.82
N CYS L 422 -6.53 76.70 28.67
CA CYS L 422 -7.09 75.99 29.85
C CYS L 422 -5.94 75.44 30.71
N PRO L 423 -5.97 75.60 32.05
CA PRO L 423 -4.96 74.96 32.89
C PRO L 423 -5.34 73.48 33.04
N LEU L 424 -6.37 73.01 32.35
CA LEU L 424 -6.78 71.61 32.50
C LEU L 424 -6.55 70.88 31.18
N ALA L 425 -7.19 69.73 30.97
CA ALA L 425 -7.08 69.01 29.68
C ALA L 425 -7.69 69.88 28.57
N ARG L 426 -7.09 69.84 27.38
CA ARG L 426 -7.58 70.70 26.26
C ARG L 426 -7.89 69.87 25.03
N VAL L 427 -8.98 70.17 24.35
CA VAL L 427 -9.26 69.57 23.03
C VAL L 427 -8.04 69.83 22.15
N MET L 428 -7.41 68.82 21.57
CA MET L 428 -6.39 69.09 20.54
C MET L 428 -7.02 69.01 19.14
N ALA L 429 -8.02 68.15 18.91
CA ALA L 429 -8.73 68.04 17.61
C ALA L 429 -10.07 67.30 17.73
N THR L 430 -10.93 67.56 16.75
CA THR L 430 -12.34 67.08 16.69
C THR L 430 -12.51 66.39 15.35
N ARG L 431 -12.39 65.06 15.33
CA ARG L 431 -12.63 64.23 14.12
C ARG L 431 -14.07 63.72 14.08
N THR L 432 -14.66 63.70 12.89
CA THR L 432 -16.03 63.15 12.71
C THR L 432 -16.04 62.22 11.48
N GLY L 433 -16.86 61.19 11.50
CA GLY L 433 -16.99 60.28 10.35
C GLY L 433 -18.05 59.23 10.57
N MET L 434 -18.07 58.20 9.72
CA MET L 434 -19.06 57.10 9.84
C MET L 434 -18.88 56.42 11.19
N GLY L 435 -19.98 55.94 11.75
CA GLY L 435 -19.94 54.97 12.85
C GLY L 435 -20.85 53.79 12.57
N GLY L 436 -21.08 52.97 13.57
CA GLY L 436 -21.91 51.76 13.39
C GLY L 436 -21.04 50.55 13.13
N PHE L 437 -19.75 50.68 13.43
CA PHE L 437 -18.79 49.56 13.24
C PHE L 437 -17.82 49.60 14.41
N SER L 438 -17.05 48.52 14.59
CA SER L 438 -16.03 48.48 15.66
C SER L 438 -14.78 49.18 15.16
N GLU L 439 -14.17 50.02 15.99
CA GLU L 439 -13.01 50.79 15.51
C GLU L 439 -11.89 49.85 15.06
N GLY L 440 -11.38 50.07 13.86
CA GLY L 440 -10.28 49.28 13.25
C GLY L 440 -10.78 48.09 12.47
N TRP L 441 -12.09 47.95 12.33
CA TRP L 441 -12.74 46.81 11.61
C TRP L 441 -13.90 47.34 10.77
N ALA L 442 -13.73 48.52 10.19
CA ALA L 442 -14.72 49.09 9.27
C ALA L 442 -14.91 48.09 8.14
N PRO L 443 -16.13 47.54 7.93
CA PRO L 443 -16.35 46.53 6.90
C PRO L 443 -15.91 46.95 5.48
N GLY L 444 -15.33 45.98 4.75
CA GLY L 444 -14.82 46.17 3.38
C GLY L 444 -15.80 45.77 2.30
N GLU L 445 -16.61 44.73 2.56
CA GLU L 445 -17.47 44.01 1.57
C GLU L 445 -18.86 44.65 1.52
N HIS L 446 -19.32 45.14 2.66
CA HIS L 446 -20.57 45.91 2.84
C HIS L 446 -20.22 47.19 3.60
N TYR L 447 -21.07 48.20 3.49
CA TYR L 447 -21.16 49.37 4.40
C TYR L 447 -21.74 48.94 5.74
N PRO L 448 -21.71 49.80 6.78
CA PRO L 448 -22.32 49.45 8.05
C PRO L 448 -23.83 49.27 7.99
N GLU L 449 -24.33 48.33 8.78
CA GLU L 449 -25.78 48.00 8.76
C GLU L 449 -26.57 49.18 9.29
N LYS L 450 -26.12 49.74 10.41
CA LYS L 450 -26.90 50.85 11.01
C LYS L 450 -26.25 52.21 10.75
N TRP L 451 -27.05 53.26 10.59
CA TRP L 451 -26.54 54.64 10.39
C TRP L 451 -26.32 55.36 11.72
N ALA L 452 -25.10 55.86 11.91
CA ALA L 452 -24.69 56.69 13.06
C ALA L 452 -23.49 57.54 12.68
N ARG L 453 -23.31 58.66 13.39
CA ARG L 453 -22.14 59.55 13.15
C ARG L 453 -21.14 59.42 14.31
N ARG L 454 -19.91 59.02 13.99
CA ARG L 454 -18.78 58.92 14.93
C ARG L 454 -18.20 60.32 15.20
N PHE L 455 -17.94 60.62 16.48
CA PHE L 455 -17.26 61.83 17.00
C PHE L 455 -16.04 61.38 17.78
N ALA L 456 -14.87 61.92 17.46
CA ALA L 456 -13.62 61.59 18.17
C ALA L 456 -12.91 62.89 18.57
N VAL L 457 -12.95 63.18 19.86
CA VAL L 457 -12.36 64.41 20.48
C VAL L 457 -11.10 63.97 21.20
N ASP L 458 -9.94 64.39 20.73
CA ASP L 458 -8.65 64.06 21.38
C ASP L 458 -8.37 65.14 22.41
N PHE L 459 -8.05 64.75 23.64
CA PHE L 459 -7.67 65.68 24.74
C PHE L 459 -6.18 65.50 25.01
N VAL L 460 -5.47 66.60 25.19
CA VAL L 460 -4.04 66.59 25.58
C VAL L 460 -3.99 67.56 26.73
N GLY L 461 -3.49 67.18 27.89
CA GLY L 461 -3.58 68.13 29.00
C GLY L 461 -3.17 67.60 30.34
N GLY L 462 -3.55 68.29 31.41
CA GLY L 462 -3.04 67.93 32.74
C GLY L 462 -3.83 66.94 33.55
N ASP L 463 -3.12 66.16 34.37
CA ASP L 463 -3.76 65.19 35.29
C ASP L 463 -4.46 64.07 34.51
N LEU L 464 -4.47 64.11 33.18
CA LEU L 464 -5.09 62.98 32.47
C LEU L 464 -4.33 61.69 32.81
N LYS L 465 -3.00 61.76 32.87
CA LYS L 465 -2.19 60.55 33.17
C LYS L 465 -2.52 60.06 34.59
N ALA L 466 -2.45 60.97 35.57
CA ALA L 466 -2.76 60.71 37.00
C ALA L 466 -4.24 60.32 37.17
N ALA L 467 -5.14 60.88 36.36
CA ALA L 467 -6.61 60.70 36.50
C ALA L 467 -7.06 59.37 35.90
N ALA L 468 -6.31 58.77 34.96
CA ALA L 468 -6.79 57.62 34.17
C ALA L 468 -7.13 56.46 35.10
N PRO L 469 -6.20 56.02 35.99
CA PRO L 469 -6.44 54.95 36.96
C PRO L 469 -7.64 55.22 37.87
N LYS L 470 -7.89 56.49 38.20
CA LYS L 470 -8.99 56.91 39.09
C LYS L 470 -10.32 56.81 38.35
N GLY L 471 -10.33 57.01 37.03
CA GLY L 471 -11.53 56.81 36.20
C GLY L 471 -12.01 58.12 35.60
N ILE L 472 -11.88 58.25 34.28
CA ILE L 472 -12.18 59.48 33.48
C ILE L 472 -13.57 59.30 32.88
N GLU L 473 -14.60 59.96 33.42
CA GLU L 473 -15.99 59.90 32.86
C GLU L 473 -16.19 61.03 31.86
N PRO L 474 -16.47 60.73 30.58
CA PRO L 474 -16.89 61.77 29.66
C PRO L 474 -18.34 62.06 30.04
N VAL L 475 -18.66 63.32 30.28
CA VAL L 475 -20.06 63.80 30.42
C VAL L 475 -20.49 64.38 29.07
N ILE L 476 -21.39 63.70 28.39
CA ILE L 476 -21.91 64.11 27.05
C ILE L 476 -23.34 64.63 27.22
N THR L 477 -23.67 65.73 26.56
CA THR L 477 -25.00 66.40 26.66
C THR L 477 -25.46 66.61 25.23
N LEU L 478 -26.67 66.24 24.86
CA LEU L 478 -27.09 66.31 23.45
C LEU L 478 -28.44 67.02 23.40
N SER L 479 -28.58 67.99 22.50
CA SER L 479 -29.89 68.65 22.22
C SER L 479 -30.87 67.55 21.77
N SER L 480 -30.39 66.60 20.97
CA SER L 480 -31.20 65.51 20.37
C SER L 480 -30.35 64.24 20.23
N GLY L 481 -30.97 63.09 19.96
CA GLY L 481 -30.21 61.85 19.66
C GLY L 481 -29.58 61.31 20.94
N GLU L 482 -28.88 60.18 20.83
CA GLU L 482 -28.25 59.48 21.99
C GLU L 482 -26.81 59.16 21.60
N ALA L 483 -25.92 59.20 22.58
CA ALA L 483 -24.49 58.87 22.43
C ALA L 483 -24.27 57.40 22.77
N LYS L 484 -24.06 56.53 21.79
CA LYS L 484 -23.75 55.10 22.03
C LYS L 484 -22.26 54.82 21.77
N GLN L 485 -21.79 53.64 22.21
CA GLN L 485 -20.41 53.11 22.01
C GLN L 485 -19.40 54.14 22.53
N ILE L 486 -19.63 54.69 23.72
CA ILE L 486 -18.73 55.71 24.32
C ILE L 486 -17.43 55.01 24.70
N GLU L 487 -16.28 55.44 24.18
CA GLU L 487 -14.96 54.80 24.44
C GLU L 487 -13.91 55.85 24.86
N ILE L 488 -12.98 55.47 25.73
CA ILE L 488 -11.85 56.32 26.20
C ILE L 488 -10.55 55.61 25.84
N LEU L 489 -9.76 56.14 24.93
CA LEU L 489 -8.64 55.38 24.32
C LEU L 489 -7.36 56.19 24.46
N TYR L 490 -6.31 55.63 25.04
CA TYR L 490 -5.00 56.29 25.19
C TYR L 490 -4.39 56.44 23.79
N ILE L 491 -3.79 57.60 23.51
CA ILE L 491 -3.15 57.93 22.20
C ILE L 491 -1.67 58.24 22.47
N GLU L 492 -0.81 57.23 22.34
CA GLU L 492 0.64 57.34 22.71
C GLU L 492 1.29 58.54 22.00
N PRO L 493 1.10 58.73 20.68
CA PRO L 493 1.87 59.73 19.93
C PRO L 493 1.67 61.20 20.36
N ILE L 494 0.58 61.55 21.04
CA ILE L 494 0.35 62.94 21.56
C ILE L 494 0.15 62.88 23.08
N ASP L 495 0.46 61.74 23.68
CA ASP L 495 0.36 61.48 25.13
C ASP L 495 -0.98 62.00 25.66
N GLY L 496 -2.08 61.64 25.00
CA GLY L 496 -3.43 62.12 25.35
C GLY L 496 -4.47 61.01 25.37
N TYR L 497 -5.75 61.38 25.37
CA TYR L 497 -6.91 60.44 25.41
C TYR L 497 -7.96 60.85 24.36
N ARG L 498 -8.41 59.85 23.61
CA ARG L 498 -9.46 60.07 22.61
C ARG L 498 -10.79 59.57 23.14
N ILE L 499 -11.74 60.47 23.23
CA ILE L 499 -13.14 60.09 23.57
C ILE L 499 -13.88 59.98 22.24
N GLN L 500 -14.36 58.78 21.93
CA GLN L 500 -15.22 58.50 20.76
C GLN L 500 -16.64 58.23 21.26
N PHE L 501 -17.63 58.69 20.51
CA PHE L 501 -19.03 58.21 20.66
C PHE L 501 -19.67 58.17 19.28
N ASP L 502 -20.55 57.18 19.09
CA ASP L 502 -21.50 57.18 17.96
C ASP L 502 -22.74 57.94 18.38
N TRP L 503 -23.15 58.91 17.56
CA TRP L 503 -24.44 59.61 17.69
C TRP L 503 -25.46 58.87 16.85
N TYR L 504 -26.52 58.34 17.47
CA TYR L 504 -27.74 57.83 16.81
C TYR L 504 -28.86 58.88 16.88
N PRO L 505 -29.56 59.14 15.76
CA PRO L 505 -30.68 60.07 15.76
C PRO L 505 -31.78 59.45 16.61
N THR L 506 -32.66 60.28 17.17
CA THR L 506 -33.92 59.81 17.80
C THR L 506 -35.08 60.44 17.03
N SER L 507 -34.81 61.30 16.05
CA SER L 507 -35.87 62.12 15.41
C SER L 507 -35.64 62.18 13.91
N ASP L 508 -36.72 62.33 13.12
CA ASP L 508 -36.64 62.60 11.66
C ASP L 508 -36.19 64.04 11.43
N SER L 509 -35.98 64.83 12.51
CA SER L 509 -35.64 66.27 12.44
C SER L 509 -34.25 66.46 11.80
N THR L 510 -34.11 67.50 10.95
CA THR L 510 -32.81 68.04 10.47
C THR L 510 -32.41 69.26 11.32
N ASP L 511 -32.97 69.46 12.50
CA ASP L 511 -32.62 70.65 13.33
C ASP L 511 -31.21 70.46 13.89
N PRO L 512 -30.37 71.51 13.82
CA PRO L 512 -29.07 71.53 14.50
C PRO L 512 -29.12 70.87 15.88
N VAL L 513 -28.05 70.13 16.19
CA VAL L 513 -27.87 69.37 17.46
C VAL L 513 -26.74 70.04 18.21
N ASP L 514 -27.03 70.65 19.35
CA ASP L 514 -25.98 71.27 20.18
C ASP L 514 -25.44 70.13 21.03
N MET L 515 -24.15 69.85 20.91
CA MET L 515 -23.48 68.83 21.74
C MET L 515 -22.47 69.52 22.64
N ARG L 516 -22.19 68.89 23.77
CA ARG L 516 -21.44 69.51 24.89
C ARG L 516 -20.77 68.34 25.64
N MET L 517 -19.45 68.39 25.82
CA MET L 517 -18.70 67.29 26.49
C MET L 517 -17.57 67.89 27.33
N TYR L 518 -17.41 67.39 28.56
CA TYR L 518 -16.19 67.62 29.38
C TYR L 518 -15.81 66.34 30.11
N LEU L 519 -14.54 66.22 30.50
CA LEU L 519 -14.02 65.05 31.23
C LEU L 519 -14.20 65.27 32.72
N ARG L 520 -14.84 64.30 33.38
CA ARG L 520 -15.00 64.34 34.86
C ARG L 520 -14.15 63.25 35.50
N CYS L 521 -13.57 63.55 36.64
CA CYS L 521 -12.91 62.53 37.50
C CYS L 521 -13.21 62.85 38.97
N GLN L 522 -13.94 61.95 39.64
CA GLN L 522 -14.26 62.04 41.10
C GLN L 522 -15.00 63.36 41.38
N GLY L 523 -16.06 63.64 40.61
CA GLY L 523 -16.93 64.81 40.86
C GLY L 523 -16.35 66.11 40.30
N ASP L 524 -15.07 66.16 39.94
CA ASP L 524 -14.37 67.38 39.40
C ASP L 524 -14.17 67.34 37.88
N ALA L 525 -14.37 68.48 37.23
CA ALA L 525 -14.04 68.67 35.80
C ALA L 525 -12.52 68.68 35.70
N ILE L 526 -11.98 68.02 34.68
CA ILE L 526 -10.52 67.93 34.45
C ILE L 526 -10.23 68.34 33.01
N SER L 527 -11.23 68.81 32.26
CA SER L 527 -10.99 69.35 30.89
C SER L 527 -11.77 70.65 30.67
N GLU L 528 -11.43 71.37 29.58
CA GLU L 528 -12.27 72.47 29.06
C GLU L 528 -13.54 71.82 28.52
N THR L 529 -14.58 72.61 28.30
CA THR L 529 -15.83 72.09 27.71
C THR L 529 -15.68 72.15 26.19
N TRP L 530 -16.05 71.06 25.51
CA TRP L 530 -16.15 71.00 24.03
C TRP L 530 -17.60 71.33 23.68
N LEU L 531 -17.79 72.31 22.80
CA LEU L 531 -19.12 72.65 22.27
C LEU L 531 -19.05 72.37 20.78
N TYR L 532 -19.93 71.50 20.29
CA TYR L 532 -19.99 71.15 18.86
C TYR L 532 -21.41 71.44 18.40
N GLN L 533 -21.57 71.81 17.12
CA GLN L 533 -22.91 71.89 16.47
C GLN L 533 -22.92 70.97 15.25
N TYR L 534 -23.78 69.94 15.29
CA TYR L 534 -23.91 68.91 14.23
C TYR L 534 -25.16 69.18 13.40
N PHE L 535 -25.06 69.06 12.08
CA PHE L 535 -26.18 69.14 11.11
C PHE L 535 -26.53 67.74 10.61
N PRO L 536 -27.52 67.04 11.23
CA PRO L 536 -27.91 65.73 10.77
C PRO L 536 -28.38 65.86 9.33
N PRO L 537 -28.17 64.79 8.54
CA PRO L 537 -28.72 64.73 7.19
C PRO L 537 -30.21 64.41 7.21
N ALA L 538 -30.86 64.74 6.09
CA ALA L 538 -32.26 64.37 5.76
C ALA L 538 -32.46 62.88 5.98
N PRO L 539 -33.62 62.43 6.50
CA PRO L 539 -33.76 61.03 6.94
C PRO L 539 -33.51 60.04 5.78
N ASP L 540 -33.90 60.42 4.55
CA ASP L 540 -33.71 59.61 3.32
C ASP L 540 -32.22 59.44 3.00
N LYS L 541 -31.31 60.21 3.61
CA LYS L 541 -29.84 60.04 3.40
C LYS L 541 -29.14 59.56 4.67
N ARG L 542 -29.84 58.90 5.60
CA ARG L 542 -29.19 58.28 6.79
C ARG L 542 -29.06 56.78 6.49
N GLN L 543 -28.38 56.51 5.39
CA GLN L 543 -28.15 55.16 4.83
C GLN L 543 -27.07 55.31 3.74
N TYR L 544 -26.41 54.22 3.32
CA TYR L 544 -25.27 54.30 2.35
C TYR L 544 -25.64 53.65 0.99
N VAL L 545 -25.18 54.24 -0.11
CA VAL L 545 -25.50 53.72 -1.47
C VAL L 545 -24.33 52.86 -1.95
N ASP L 546 -24.54 51.55 -2.08
CA ASP L 546 -23.46 50.60 -2.44
C ASP L 546 -23.39 50.40 -3.96
N ASP L 547 -22.61 51.25 -4.65
CA ASP L 547 -22.54 51.30 -6.15
C ASP L 547 -21.28 50.59 -6.68
N ARG L 548 -20.73 49.65 -5.92
CA ARG L 548 -19.52 48.93 -6.37
C ARG L 548 -19.92 48.02 -7.53
N VAL L 549 -18.96 47.61 -8.37
CA VAL L 549 -19.17 46.51 -9.36
C VAL L 549 -17.93 45.59 -9.36
N MET L 550 -18.19 44.27 -9.39
CA MET L 550 -17.21 43.16 -9.39
C MET L 550 -17.30 42.40 -10.73
N SER L 551 -16.69 42.94 -11.80
CA SER L 551 -16.75 42.39 -13.18
C SER L 551 -15.35 42.28 -13.79
N LEU L 552 -15.19 41.30 -14.67
CA LEU L 552 -13.99 41.07 -15.51
C LEU L 552 -13.90 42.11 -16.64
N GLU L 553 -14.78 43.14 -16.66
CA GLU L 553 -14.93 44.14 -17.76
C GLU L 553 -13.68 45.02 -17.91
N HIS L 554 -12.79 45.12 -16.91
CA HIS L 554 -11.68 46.12 -16.87
C HIS L 554 -10.31 45.45 -16.57
N HIS L 555 -9.81 44.65 -17.53
CA HIS L 555 -8.42 44.09 -17.64
C HIS L 555 -7.59 45.00 -18.56
N HIS L 556 -6.34 45.36 -18.19
CA HIS L 556 -5.43 46.27 -18.96
C HIS L 556 -3.99 45.71 -19.01
N HIS L 557 -3.42 45.60 -20.21
CA HIS L 557 -2.06 45.04 -20.48
C HIS L 557 -1.14 46.21 -20.95
N HIS L 558 0.08 46.36 -20.38
CA HIS L 558 1.04 47.47 -20.67
C HIS L 558 2.42 46.92 -21.07
#